data_9B3J
#
_entry.id   9B3J
#
_cell.length_a   1.00
_cell.length_b   1.00
_cell.length_c   1.00
_cell.angle_alpha   90.00
_cell.angle_beta   90.00
_cell.angle_gamma   90.00
#
_symmetry.space_group_name_H-M   'P 1'
#
loop_
_entity.id
_entity.type
_entity.pdbx_description
1 polymer 'ATP synthase subunit c'
2 polymer 'ATP synthase subunit alpha'
3 polymer 'ATP synthase subunit beta'
4 polymer 'ATP synthase subunit gamma'
5 polymer 'ATP synthase subunit delta'
6 polymer 'ATP synthase subunit epsilon'
7 polymer 'ATP synthase subunit b'
8 polymer 'ATP synthase coupling factor 6, F6'
9 polymer 'ATP synthase subunit d'
10 polymer 'ATP synthase subunit a'
11 polymer 'ATP synthase subunit OSCP'
12 polymer 'ATP synthase subunit 6.8PL'
13 polymer 'ATP synthase protein 8'
14 polymer 'ATP synthase subunit f'
15 polymer 'ATP synthase subunit g'
16 polymer 'ATP synthase subunit e'
17 non-polymer "ADENOSINE-5'-TRIPHOSPHATE"
18 non-polymer 'MAGNESIUM ION'
19 non-polymer CARDIOLIPIN
#
loop_
_entity_poly.entity_id
_entity_poly.type
_entity_poly.pdbx_seq_one_letter_code
_entity_poly.pdbx_strand_id
1 'polypeptide(L)'
;MYTIARIATRAAVSQGSQAYLRPVSSAVLSQKVIVEAPVATQARSLQTSAVQRDIDSAAKFIGAGAATVGVAGSGAGIGS
VFGSLIIGYARNPSLKQQLFSYAILGFALSEAMGLFCLMMAFLLLFAF
;
1,2,3,4,5,6,7,8
2 'polypeptide(L)'
;MALSTARIVSTVARQLPRGVQKVAARTAPVATIAARKLHVSSANNAAEISAVLEEKILGAAPKENLEETGRVLSIGDGIA
RVYGLKNIQAEEMVEFSSGLKGMALNLEPDNVGIVVFGNDKHIKEGDIVKRTGAIVDVPVGEELLGRVVDALGNPIDGKG
PIGSKTRQRVGVKAPGIIPRVSVREPMQTGMKAVDSLVPIGRGQRELIIGDRQTGKTAIAIDAIINQKRFNDAQDEKKKL
YCVYVAIGQKRSTVAQIVKRLTDTDAMRYTIVVSATASDAAPLQYLAPYSGCAMGEFFRDNGKHALIIYDDLSKQAVAYR
QMSLLLRRPPGREAYPGDVFYLHSRLLERAAKMSESNGGGSLTALPVIETQAGDVSAYIPTNVISITDGQIFLETELFYK
GIRPAINVGLSVSRVGSAAQTRAMKQVAGSMKLELAQYREVAAFAQFGSDLDASTQQLLSRGVRLTELLKQGQYVPMAIE
DQVAIIYCGVRGHLDKVEPSKITKFEKEFSQHIKTSHRDILDTIAKEGQISPDTDAKLKKVVTDFLSTFQA
;
A,B,C
3 'polypeptide(L)'
;MLGAVGRASLKVLTASKPSIELTKAVPAALSSRSVHAGQVDSAAAAAKAQAAANTSNGQITAVIGAVVDVQFEDQLPPIL
NALEVQGRSPRLILEVAQHLGENTVRTIAMDGTEGLVRGQNVLDTGAPIKIPVGPETLGRIMNVIGEPIDERGPIVTDKF
AAIHADAPEFVEMSVQQEILVTGIKVVDLLAPYAKGGKIGLFGGAGVGKTVLIMELINNVAKAHGGYSVFAGVGERTREG
NDLYHEMIESGVISLKDKTSKVALVYGQMNEPPGARARVALTGLTVAEYFRDQEGQDVLLFIDNIFRFTQAGSEVSALLG
RIPSAVGYQPTLATDMGTMQERITTTKKGSITSVQAIYVPADDLTDPAPATTFAHLDATTVLSRAIAELGIYPAVDPLDS
TSRILDPNIIGEEHYNIARGVQKILQDYKSLQDIIAILGMDELSEEDKLIVSRARKIQRFLSQPFQVAEVFTGHAGKLVP
IKDTIKGFKMILNGELDHLPEVAFYMVGPIEEVVAKAEKIAESQ
;
D,E,F
4 'polypeptide(L)'
;MFGRTSVLVLSQCNAAEQVRGMATLKAVSIRLKSVKNIQKITQSMKMVSAAKYTKAERELRVAKPYGQGAMKFYEKTELK
GKEEKPSQLIIAISSDRGLCGAVHSSVGRQLKADLAANPDTMVICVGDKIRNILQRLYGNNLAMVCNDFGRRPPVFEDAT
KVARAVLESGMEFTNGKIVYNAFRSVVSFRTTDIPVFSKNAIESADSIAAYDSLDSDVIQSYVEYSLASLIYYTMKENAT
SEQSSRMTAMDNASKNAGEMIDKLTMTFNRTRQAVITRELIEIISGASAL
;
G
5 'polypeptide(L)'
;MVSLTGDVSTVVGPTEVDSAEVGFADVSSAWDNQMAFTFAAPSQVFYNNANIRQVDVPSFSGSFGILPAHVATLAVLKPG
VVTVYQEDGSTKKYFVSSGTVTVNDDSSVQVLAEEAVPVENLDLQAARDILSKAQSDVTSAGADMLKLAEGQIAVEVGEA
LVKAAEGQL
;
H
6 'polypeptide(L)' VRSNFASISGSGRRGRHVDFGASVDFEVHMMRRALKPELRNEAIKREESLLKVTPWKDGKPVKAAQ I
7 'polypeptide(L)'
;MLSRIAVQSARPIAALQSVRPVQTSSTKTSEVASASVAPVVQFKGPNEGVERDHVGFPRPLRPVNPGKVRVGFVPEEWFT
FFYNKTGVTGPYVLGAGALTFLLSKEIYVVEHEFYTGVAIAIMGTYGVKKFGKQIADYADKGIGEIEQSFKEYQDSSKIG
FEEAITLEERAQKSAEAQIMLFQAKRENVQFQLEAAYRARLHHVNNEIKKRLDYHLETERAQRQIKQKNMVDWIVRNVMK
SITPEQERLMLSKCISDLKAMSIKA
;
K
8 'polypeptide(L)'
;MLAPRISVALRRSFSTSLPVVQKAVDPIQKLFLDKIKEYDQKSKAAGGKLLEASTEIQRELDAELDKLKKMYGGDTADLS
KFPSFHFEDPVVDPINMQK
;
L
9 'polypeptide(L)'
;MASKRIARSSIDWAKMAESVPESQKAMYNQFKAKSDGYIRKALSYPEQPSPINWEHYRKSLTNPAMVDAFKKQYEALKVP
YPEDKVSSQIDAQEAEAKKEITKFIQESRGRIENYKAELGKLGQMIPFEHMTLEDFFEAFPEKVLNPDPPSPNVKKKPFK
NNSWHLIQKIPNHFGLILKKTLWNSKRRNSGNLEMNTIKSILLLDIIFKSFIGIKMCKL
;
M
10 'polypeptide(L)'
;MMASLFSVFDPTSSFLSNWLSMLIPLLFMVMSFWLIPSRPQFLAKSVLMGLNREMSLLMGPASFGANILVIALFLFILFN
NFIGLFPYIFTATSHLAVTLSLAVPLWISFILYTWIKETTNALAHLVPLGTPAPLMPFMVLMEIISNMIRPITLSVRLAA
NMIAGHLLLTLLGAQGTLENLYVTSIVVFSQIILLMLEFSVAIIQSYVFMTLMTLYASE
;
N
11 'polypeptide(L)'
;MNDVSQAARQFSTTSAATQLVKAPIQVFGIEGRYATALYSAAVKQKKLEAVEKDLVQLNASLKKFPRLGELLKNPTLSRQ
LKKDAIGSMLKEQKAVDLTSNFLDLLTENNRLKMVDGVINAFKTIMAAHRGEVICEVTSAKPLDEAARKDLEVALKGFLK
PGQNIKLTLKTDPAIIGGLVVSIGDRFVDMSIGTKIKRYTAALKTAV
;
O
12 'polypeptide(L)'
;(UNK)(UNK)(UNK)(UNK)(UNK)(UNK)(UNK)(UNK)(UNK)(UNK)(UNK)(UNK)(UNK)(UNK)(UNK)(UNK)
(UNK)(UNK)(UNK)(UNK)(UNK)(UNK)(UNK)(UNK)(UNK)(UNK)(UNK)(UNK)(UNK)(UNK)(UNK)(UNK)
(UNK)(UNK)(UNK)(UNK)(UNK)(UNK)(UNK)(UNK)(UNK)(UNK)(UNK)(UNK)
;
P
13 'polypeptide(L)' MPQMMPLPWIMVFLVSMALLWAIMTMVFFLYQPRSVSSAKGFSDRTVYLNWKW Q
14 'polypeptide(L)'
;MGFGDYPAEYNPKVHGPYDPARFYGKADVPLGQVKLGELSQWLGRRNKNPQAVAAAVSRGWWRWQHKYVLPRKGGIAPYI
QLIVGCSIFFYAINYGKMVAHRQRKYHCRKTHSISHSNI
;
R
15 'polypeptide(L)'
;MSALAKKIATSGPVVLKNTIAVTRPKLATFLKYAKVELTPPGPADVPKIQEGIQNLIHSAKTGKWKQVSVREAWLNTLIV
TEIAMWFFVGECIGKGSVIGYRV
;
S
16 'polypeptide(L)'
;MSFAPPVNVSPLIRAGRYGALVVGIVYGSYRFGSLQKRENEWRVEEARRKVIRDALNAENKAKATREEMLYLAKETGVKV
PENF
;
T
#
loop_
_chem_comp.id
_chem_comp.type
_chem_comp.name
_chem_comp.formula
ATP non-polymer ADENOSINE-5'-TRIPHOSPHATE 'C10 H16 N5 O13 P3'
CDL non-polymer CARDIOLIPIN 'C81 H156 O17 P2 -2'
MG non-polymer 'MAGNESIUM ION' 'Mg 2'
#
# COMPACT_ATOMS: atom_id res chain seq x y z
N ASP A 54 3.20 -10.96 116.50
CA ASP A 54 2.70 -12.23 117.01
C ASP A 54 2.08 -13.04 115.89
N ILE A 55 0.79 -12.83 115.67
CA ILE A 55 0.03 -13.53 114.64
C ILE A 55 -0.37 -12.58 113.52
N ASP A 56 -0.92 -11.42 113.88
CA ASP A 56 -1.27 -10.42 112.88
C ASP A 56 -0.02 -9.84 112.22
N SER A 57 1.02 -9.59 113.02
CA SER A 57 2.26 -9.06 112.46
C SER A 57 2.99 -10.10 111.62
N ALA A 58 2.88 -11.38 111.99
CA ALA A 58 3.58 -12.41 111.24
C ALA A 58 2.93 -12.66 109.89
N ALA A 59 1.61 -12.75 109.85
CA ALA A 59 0.94 -13.11 108.60
C ALA A 59 0.99 -12.01 107.55
N LYS A 60 1.41 -10.80 107.90
CA LYS A 60 1.60 -9.76 106.90
C LYS A 60 2.77 -10.07 105.97
N PHE A 61 3.75 -10.84 106.45
CA PHE A 61 4.81 -11.30 105.56
C PHE A 61 4.28 -12.27 104.52
N ILE A 62 3.38 -13.16 104.92
CA ILE A 62 2.80 -14.12 103.99
C ILE A 62 1.91 -13.42 102.98
N GLY A 63 1.17 -12.40 103.43
CA GLY A 63 0.35 -11.64 102.51
C GLY A 63 1.17 -10.87 101.48
N ALA A 64 2.26 -10.24 101.92
CA ALA A 64 3.10 -9.49 101.00
C ALA A 64 3.82 -10.40 100.01
N GLY A 65 4.34 -11.54 100.49
CA GLY A 65 5.01 -12.46 99.59
C GLY A 65 4.07 -13.09 98.58
N ALA A 66 2.83 -13.37 98.99
CA ALA A 66 1.86 -13.90 98.04
C ALA A 66 1.36 -12.83 97.09
N ALA A 67 1.37 -11.56 97.50
CA ALA A 67 1.02 -10.51 96.56
C ALA A 67 2.16 -10.19 95.60
N THR A 68 3.38 -10.61 95.93
CA THR A 68 4.53 -10.41 95.03
C THR A 68 4.43 -11.24 93.76
N VAL A 69 3.65 -12.33 93.77
CA VAL A 69 3.53 -13.17 92.59
C VAL A 69 2.81 -12.45 91.45
N GLY A 70 2.09 -11.38 91.75
CA GLY A 70 1.35 -10.71 90.70
C GLY A 70 2.19 -9.92 89.72
N VAL A 71 3.49 -9.75 89.99
CA VAL A 71 4.37 -9.10 89.02
C VAL A 71 4.95 -10.10 88.02
N ALA A 72 4.64 -11.39 88.18
CA ALA A 72 4.96 -12.35 87.14
C ALA A 72 4.19 -12.05 85.87
N GLY A 73 2.94 -11.61 86.01
CA GLY A 73 2.17 -11.24 84.85
C GLY A 73 2.70 -10.00 84.16
N SER A 74 3.31 -9.10 84.92
CA SER A 74 4.00 -7.97 84.29
C SER A 74 5.22 -8.45 83.51
N GLY A 75 5.98 -9.39 84.07
CA GLY A 75 7.14 -9.90 83.34
C GLY A 75 6.77 -10.64 82.07
N ALA A 76 5.69 -11.42 82.12
CA ALA A 76 5.23 -12.12 80.92
C ALA A 76 4.67 -11.15 79.89
N GLY A 77 3.93 -10.13 80.34
CA GLY A 77 3.36 -9.18 79.40
C GLY A 77 4.41 -8.33 78.72
N ILE A 78 5.43 -7.92 79.46
CA ILE A 78 6.55 -7.17 78.88
C ILE A 78 7.29 -8.02 77.86
N GLY A 79 7.53 -9.30 78.19
CA GLY A 79 8.21 -10.18 77.25
C GLY A 79 7.41 -10.43 75.98
N SER A 80 6.08 -10.55 76.10
CA SER A 80 5.26 -10.73 74.92
C SER A 80 5.21 -9.47 74.07
N VAL A 81 5.18 -8.30 74.71
CA VAL A 81 5.12 -7.05 73.95
C VAL A 81 6.42 -6.81 73.18
N PHE A 82 7.57 -6.95 73.85
CA PHE A 82 8.83 -6.69 73.18
C PHE A 82 9.21 -7.80 72.20
N GLY A 83 8.78 -9.04 72.46
CA GLY A 83 8.97 -10.07 71.46
C GLY A 83 8.20 -9.78 70.18
N SER A 84 6.93 -9.39 70.34
CA SER A 84 6.16 -9.06 69.15
C SER A 84 6.61 -7.76 68.51
N LEU A 85 7.28 -6.87 69.24
CA LEU A 85 7.91 -5.71 68.62
C LEU A 85 9.05 -6.12 67.72
N ILE A 86 9.80 -7.16 68.11
CA ILE A 86 10.82 -7.73 67.23
C ILE A 86 10.19 -8.27 65.96
N ILE A 87 9.07 -8.99 66.10
CA ILE A 87 8.37 -9.53 64.93
C ILE A 87 7.79 -8.41 64.08
N GLY A 88 7.22 -7.39 64.71
CA GLY A 88 6.66 -6.28 63.96
C GLY A 88 7.72 -5.48 63.22
N TYR A 89 8.89 -5.30 63.84
CA TYR A 89 9.99 -4.61 63.17
C TYR A 89 10.52 -5.44 62.00
N ALA A 90 10.67 -6.74 62.20
CA ALA A 90 11.17 -7.59 61.11
C ALA A 90 10.19 -7.66 59.95
N ARG A 91 8.90 -7.55 60.24
CA ARG A 91 7.90 -7.54 59.18
C ARG A 91 7.95 -6.23 58.40
N ASN A 92 7.98 -5.10 59.10
CA ASN A 92 7.85 -3.79 58.49
C ASN A 92 8.82 -2.81 59.14
N PRO A 93 10.09 -2.85 58.75
CA PRO A 93 11.11 -2.03 59.43
C PRO A 93 10.94 -0.53 59.23
N SER A 94 10.16 -0.10 58.23
CA SER A 94 10.03 1.34 57.99
C SER A 94 9.22 2.04 59.05
N LEU A 95 8.45 1.31 59.85
CA LEU A 95 7.61 1.91 60.88
C LEU A 95 8.19 1.69 62.27
N LYS A 96 9.51 1.49 62.38
CA LYS A 96 10.10 1.20 63.69
C LYS A 96 9.95 2.35 64.70
N GLN A 97 9.72 3.58 64.23
CA GLN A 97 9.46 4.66 65.17
C GLN A 97 8.04 4.59 65.73
N GLN A 98 7.09 4.09 64.94
CA GLN A 98 5.72 3.97 65.43
C GLN A 98 5.46 2.62 66.08
N LEU A 99 6.20 1.58 65.68
CA LEU A 99 6.11 0.30 66.37
C LEU A 99 6.63 0.42 67.80
N PHE A 100 7.76 1.11 67.98
CA PHE A 100 8.33 1.27 69.30
C PHE A 100 7.43 2.12 70.19
N SER A 101 6.60 2.99 69.59
CA SER A 101 5.77 3.84 70.44
C SER A 101 4.60 3.05 71.01
N TYR A 102 4.10 2.07 70.24
CA TYR A 102 2.99 1.30 70.77
C TYR A 102 3.48 0.22 71.73
N ALA A 103 4.71 -0.25 71.54
CA ALA A 103 5.27 -1.23 72.45
C ALA A 103 5.59 -0.63 73.81
N ILE A 104 5.96 0.66 73.83
CA ILE A 104 6.16 1.35 75.09
C ILE A 104 4.84 1.45 75.85
N LEU A 105 3.73 1.63 75.13
CA LEU A 105 2.43 1.68 75.79
C LEU A 105 2.10 0.33 76.42
N GLY A 106 2.41 -0.76 75.70
CA GLY A 106 2.13 -2.07 76.25
C GLY A 106 3.04 -2.38 77.43
N PHE A 107 4.29 -1.91 77.36
CA PHE A 107 5.20 -2.10 78.46
C PHE A 107 4.75 -1.29 79.67
N ALA A 108 4.15 -0.11 79.41
CA ALA A 108 3.72 0.72 80.51
C ALA A 108 2.51 0.11 81.20
N LEU A 109 1.61 -0.51 80.41
CA LEU A 109 0.41 -1.03 81.04
C LEU A 109 0.70 -2.33 81.79
N SER A 110 1.61 -3.13 81.25
CA SER A 110 2.09 -4.30 82.00
C SER A 110 2.79 -3.87 83.28
N GLU A 111 3.61 -2.80 83.20
CA GLU A 111 4.25 -2.29 84.40
C GLU A 111 3.21 -1.80 85.39
N ALA A 112 2.10 -1.25 84.86
CA ALA A 112 1.06 -0.72 85.72
C ALA A 112 0.39 -1.85 86.51
N MET A 113 0.18 -3.00 85.86
CA MET A 113 -0.43 -4.11 86.59
C MET A 113 0.54 -4.65 87.62
N GLY A 114 1.82 -4.77 87.24
CA GLY A 114 2.79 -5.35 88.15
C GLY A 114 3.06 -4.45 89.33
N LEU A 115 3.11 -3.14 89.08
CA LEU A 115 3.29 -2.21 90.17
C LEU A 115 2.07 -2.15 91.07
N PHE A 116 0.87 -2.42 90.52
CA PHE A 116 -0.30 -2.50 91.37
C PHE A 116 -0.18 -3.68 92.33
N CYS A 117 0.36 -4.80 91.83
CA CYS A 117 0.55 -5.95 92.71
C CYS A 117 1.63 -5.65 93.74
N LEU A 118 2.69 -4.92 93.33
CA LEU A 118 3.73 -4.59 94.28
C LEU A 118 3.23 -3.57 95.27
N MET A 119 2.27 -2.72 94.83
CA MET A 119 1.67 -1.76 95.75
C MET A 119 0.89 -2.49 96.83
N MET A 120 0.14 -3.53 96.44
CA MET A 120 -0.61 -4.29 97.42
C MET A 120 0.33 -5.06 98.33
N ALA A 121 1.48 -5.50 97.79
CA ALA A 121 2.44 -6.22 98.62
C ALA A 121 3.01 -5.28 99.67
N PHE A 122 3.37 -4.07 99.24
CA PHE A 122 3.94 -3.13 100.19
C PHE A 122 2.87 -2.64 101.15
N LEU A 123 1.61 -2.63 100.69
CA LEU A 123 0.52 -2.19 101.55
C LEU A 123 0.35 -3.17 102.70
N LEU A 124 0.33 -4.47 102.37
CA LEU A 124 0.15 -5.46 103.43
C LEU A 124 1.37 -5.52 104.31
N LEU A 125 2.53 -5.15 103.76
CA LEU A 125 3.75 -5.32 104.53
C LEU A 125 3.91 -4.18 105.52
N PHE A 126 3.43 -2.98 105.16
CA PHE A 126 3.80 -1.86 106.03
C PHE A 126 2.62 -1.00 106.44
N ALA A 127 1.65 -0.79 105.53
CA ALA A 127 0.61 0.19 105.75
C ALA A 127 -0.43 -0.25 106.78
N PHE A 128 -0.40 -1.50 107.21
CA PHE A 128 -1.33 -1.93 108.26
C PHE A 128 -0.59 -2.18 109.56
N ASP B 54 9.96 -17.81 117.54
CA ASP B 54 10.45 -17.27 116.28
C ASP B 54 9.42 -17.49 115.18
N ILE B 55 8.15 -17.25 115.52
CA ILE B 55 7.09 -17.41 114.55
C ILE B 55 7.16 -16.33 113.47
N ASP B 56 7.54 -15.10 113.85
CA ASP B 56 7.63 -14.01 112.88
C ASP B 56 8.72 -14.27 111.85
N SER B 57 9.86 -14.81 112.28
CA SER B 57 10.89 -15.22 111.34
C SER B 57 10.40 -16.35 110.45
N ALA B 58 9.61 -17.27 111.02
CA ALA B 58 9.05 -18.36 110.24
C ALA B 58 8.10 -17.84 109.17
N ALA B 59 7.28 -16.85 109.51
CA ALA B 59 6.39 -16.28 108.52
C ALA B 59 7.14 -15.46 107.49
N LYS B 60 8.30 -14.91 107.86
CA LYS B 60 9.14 -14.25 106.87
C LYS B 60 9.66 -15.24 105.84
N PHE B 61 9.99 -16.45 106.28
CA PHE B 61 10.51 -17.44 105.34
C PHE B 61 9.42 -17.93 104.40
N ILE B 62 8.19 -18.09 104.90
CA ILE B 62 7.08 -18.44 104.01
C ILE B 62 6.79 -17.29 103.04
N GLY B 63 6.84 -16.05 103.51
CA GLY B 63 6.63 -14.91 102.63
C GLY B 63 7.70 -14.77 101.57
N ALA B 64 8.95 -15.05 101.92
CA ALA B 64 10.01 -15.03 100.92
C ALA B 64 9.83 -16.13 99.88
N GLY B 65 9.48 -17.34 100.34
CA GLY B 65 9.21 -18.42 99.40
C GLY B 65 8.03 -18.14 98.50
N ALA B 66 7.03 -17.43 99.02
CA ALA B 66 5.90 -17.04 98.18
C ALA B 66 6.26 -15.89 97.27
N ALA B 67 7.24 -15.06 97.63
CA ALA B 67 7.61 -13.93 96.80
C ALA B 67 8.60 -14.29 95.71
N THR B 68 9.20 -15.47 95.77
CA THR B 68 10.14 -15.88 94.74
C THR B 68 9.49 -16.45 93.50
N VAL B 69 8.17 -16.61 93.47
CA VAL B 69 7.51 -17.15 92.29
C VAL B 69 7.42 -16.11 91.17
N GLY B 70 7.62 -14.83 91.47
CA GLY B 70 7.52 -13.81 90.45
C GLY B 70 8.60 -13.88 89.39
N VAL B 71 9.67 -14.64 89.63
CA VAL B 71 10.67 -14.86 88.59
C VAL B 71 10.15 -15.78 87.50
N ALA B 72 9.06 -16.49 87.74
CA ALA B 72 8.46 -17.30 86.69
C ALA B 72 7.97 -16.44 85.54
N GLY B 73 7.40 -15.28 85.86
CA GLY B 73 6.99 -14.36 84.80
C GLY B 73 8.16 -13.79 84.02
N SER B 74 9.30 -13.58 84.68
CA SER B 74 10.50 -13.19 83.95
C SER B 74 10.97 -14.32 83.05
N GLY B 75 10.87 -15.58 83.51
CA GLY B 75 11.28 -16.70 82.70
C GLY B 75 10.41 -16.88 81.46
N ALA B 76 9.11 -16.63 81.60
CA ALA B 76 8.21 -16.72 80.44
C ALA B 76 8.39 -15.55 79.50
N GLY B 77 8.63 -14.34 80.05
CA GLY B 77 8.87 -13.19 79.20
C GLY B 77 10.17 -13.28 78.41
N ILE B 78 11.20 -13.84 79.03
CA ILE B 78 12.46 -14.08 78.32
C ILE B 78 12.27 -15.10 77.21
N GLY B 79 11.52 -16.17 77.49
CA GLY B 79 11.24 -17.14 76.45
C GLY B 79 10.47 -16.56 75.29
N SER B 80 9.50 -15.70 75.57
CA SER B 80 8.74 -15.07 74.49
C SER B 80 9.60 -14.11 73.68
N VAL B 81 10.49 -13.37 74.34
CA VAL B 81 11.34 -12.40 73.65
C VAL B 81 12.29 -13.10 72.69
N PHE B 82 12.98 -14.14 73.17
CA PHE B 82 13.97 -14.79 72.32
C PHE B 82 13.34 -15.77 71.34
N GLY B 83 12.19 -16.33 71.67
CA GLY B 83 11.46 -17.10 70.67
C GLY B 83 10.99 -16.23 69.52
N SER B 84 10.50 -15.03 69.84
CA SER B 84 10.12 -14.13 68.76
C SER B 84 11.32 -13.51 68.07
N LEU B 85 12.47 -13.44 68.72
CA LEU B 85 13.70 -13.05 68.04
C LEU B 85 14.08 -14.09 67.00
N ILE B 86 13.84 -15.37 67.30
CA ILE B 86 14.11 -16.42 66.32
C ILE B 86 13.25 -16.24 65.09
N ILE B 87 11.96 -16.00 65.28
CA ILE B 87 11.06 -15.81 64.14
C ILE B 87 11.41 -14.54 63.36
N GLY B 88 11.70 -13.45 64.08
CA GLY B 88 12.02 -12.21 63.42
C GLY B 88 13.31 -12.26 62.61
N TYR B 89 14.34 -12.90 63.15
CA TYR B 89 15.56 -13.09 62.38
C TYR B 89 15.34 -14.05 61.22
N ALA B 90 14.44 -15.02 61.37
CA ALA B 90 14.13 -15.92 60.25
C ALA B 90 13.47 -15.15 59.12
N ARG B 91 12.58 -14.22 59.43
CA ARG B 91 11.87 -13.51 58.37
C ARG B 91 12.77 -12.49 57.69
N ASN B 92 13.51 -11.71 58.48
CA ASN B 92 14.26 -10.55 57.98
C ASN B 92 15.68 -10.60 58.50
N PRO B 93 16.52 -11.48 57.96
CA PRO B 93 17.88 -11.64 58.48
C PRO B 93 18.85 -10.55 58.09
N SER B 94 18.39 -9.43 57.54
CA SER B 94 19.24 -8.32 57.16
C SER B 94 19.18 -7.17 58.16
N LEU B 95 18.60 -7.41 59.34
CA LEU B 95 18.48 -6.36 60.35
C LEU B 95 18.81 -6.89 61.73
N LYS B 96 19.69 -7.88 61.82
CA LYS B 96 19.88 -8.63 63.07
C LYS B 96 20.52 -7.80 64.17
N GLN B 97 21.13 -6.67 63.84
CA GLN B 97 21.67 -5.82 64.90
C GLN B 97 20.56 -5.09 65.64
N GLN B 98 19.56 -4.59 64.92
CA GLN B 98 18.43 -3.96 65.60
C GLN B 98 17.51 -4.98 66.26
N LEU B 99 17.39 -6.18 65.68
CA LEU B 99 16.62 -7.23 66.33
C LEU B 99 17.28 -7.65 67.63
N PHE B 100 18.61 -7.78 67.63
CA PHE B 100 19.30 -8.13 68.87
C PHE B 100 19.28 -6.98 69.87
N SER B 101 19.20 -5.75 69.38
CA SER B 101 19.05 -4.61 70.28
C SER B 101 17.70 -4.64 70.98
N TYR B 102 16.62 -4.91 70.24
CA TYR B 102 15.31 -5.00 70.85
C TYR B 102 15.18 -6.22 71.75
N ALA B 103 15.84 -7.33 71.40
CA ALA B 103 15.84 -8.51 72.25
C ALA B 103 16.57 -8.24 73.55
N ILE B 104 17.67 -7.50 73.50
CA ILE B 104 18.40 -7.15 74.72
C ILE B 104 17.57 -6.22 75.58
N LEU B 105 16.89 -5.25 74.97
CA LEU B 105 16.02 -4.36 75.74
C LEU B 105 14.87 -5.11 76.39
N GLY B 106 14.25 -6.03 75.65
CA GLY B 106 13.16 -6.81 76.23
C GLY B 106 13.62 -7.76 77.32
N PHE B 107 14.77 -8.40 77.12
CA PHE B 107 15.33 -9.27 78.14
C PHE B 107 15.72 -8.49 79.38
N ALA B 108 16.24 -7.28 79.21
CA ALA B 108 16.61 -6.45 80.34
C ALA B 108 15.39 -6.01 81.13
N LEU B 109 14.30 -5.65 80.45
CA LEU B 109 13.10 -5.22 81.17
C LEU B 109 12.41 -6.38 81.88
N SER B 110 12.33 -7.54 81.22
CA SER B 110 11.74 -8.70 81.87
C SER B 110 12.58 -9.18 83.05
N GLU B 111 13.91 -9.21 82.89
CA GLU B 111 14.77 -9.58 84.01
C GLU B 111 14.73 -8.52 85.10
N ALA B 112 14.43 -7.27 84.75
CA ALA B 112 14.26 -6.25 85.79
C ALA B 112 13.03 -6.49 86.62
N MET B 113 11.93 -6.94 85.99
CA MET B 113 10.75 -7.30 86.77
C MET B 113 11.00 -8.53 87.64
N GLY B 114 11.74 -9.50 87.10
CA GLY B 114 12.10 -10.67 87.90
C GLY B 114 13.01 -10.33 89.08
N LEU B 115 13.94 -9.41 88.87
CA LEU B 115 14.78 -8.97 89.98
C LEU B 115 14.03 -8.08 90.94
N PHE B 116 12.98 -7.38 90.48
CA PHE B 116 12.12 -6.65 91.40
C PHE B 116 11.37 -7.60 92.32
N CYS B 117 10.92 -8.74 91.78
CA CYS B 117 10.31 -9.77 92.63
C CYS B 117 11.33 -10.38 93.58
N LEU B 118 12.56 -10.58 93.12
CA LEU B 118 13.59 -11.11 94.01
C LEU B 118 14.01 -10.08 95.06
N MET B 119 13.98 -8.80 94.71
CA MET B 119 14.28 -7.74 95.67
C MET B 119 13.22 -7.66 96.74
N MET B 120 11.95 -7.81 96.38
CA MET B 120 10.90 -7.88 97.39
C MET B 120 11.00 -9.16 98.21
N ALA B 121 11.48 -10.25 97.60
CA ALA B 121 11.65 -11.50 98.33
C ALA B 121 12.79 -11.43 99.33
N PHE B 122 13.74 -10.50 99.13
CA PHE B 122 14.81 -10.29 100.10
C PHE B 122 14.56 -9.13 101.03
N LEU B 123 13.74 -8.16 100.63
CA LEU B 123 13.49 -6.98 101.47
C LEU B 123 12.64 -7.34 102.67
N LEU B 124 11.60 -8.14 102.49
CA LEU B 124 10.82 -8.63 103.62
C LEU B 124 11.48 -9.83 104.29
N LEU B 125 12.55 -10.37 103.74
CA LEU B 125 13.19 -11.51 104.39
C LEU B 125 14.17 -11.03 105.46
N PHE B 126 15.15 -10.21 105.07
CA PHE B 126 16.20 -9.79 105.97
C PHE B 126 16.01 -8.35 106.46
N ALA B 127 15.73 -7.42 105.56
CA ALA B 127 15.70 -6.01 105.94
C ALA B 127 14.50 -5.68 106.83
N PHE B 128 13.32 -6.14 106.44
CA PHE B 128 12.12 -5.77 107.18
C PHE B 128 11.27 -6.98 107.51
N ASP C 54 10.87 -26.25 115.67
CA ASP C 54 9.93 -27.13 114.98
C ASP C 54 9.11 -26.36 113.98
N ILE C 55 8.58 -25.22 114.43
CA ILE C 55 7.79 -24.36 113.55
C ILE C 55 8.68 -23.76 112.45
N ASP C 56 9.95 -23.47 112.78
CA ASP C 56 10.83 -22.85 111.79
C ASP C 56 11.18 -23.81 110.67
N SER C 57 11.41 -25.09 110.99
CA SER C 57 11.66 -26.08 109.95
C SER C 57 10.43 -26.33 109.10
N ALA C 58 9.25 -26.24 109.72
CA ALA C 58 8.00 -26.35 108.97
C ALA C 58 7.83 -25.20 108.00
N ALA C 59 8.12 -23.98 108.44
CA ALA C 59 7.99 -22.83 107.56
C ALA C 59 9.05 -22.83 106.47
N LYS C 60 10.22 -23.40 106.74
CA LYS C 60 11.21 -23.57 105.68
C LYS C 60 10.74 -24.57 104.63
N PHE C 61 10.06 -25.64 105.06
CA PHE C 61 9.47 -26.57 104.10
C PHE C 61 8.43 -25.88 103.22
N ILE C 62 7.58 -25.06 103.84
CA ILE C 62 6.51 -24.38 103.10
C ILE C 62 7.09 -23.36 102.13
N GLY C 63 8.08 -22.59 102.57
CA GLY C 63 8.71 -21.64 101.68
C GLY C 63 9.47 -22.28 100.55
N ALA C 64 10.09 -23.44 100.80
CA ALA C 64 10.79 -24.15 99.74
C ALA C 64 9.83 -24.67 98.68
N GLY C 65 8.66 -25.16 99.09
CA GLY C 65 7.65 -25.54 98.12
C GLY C 65 7.14 -24.36 97.32
N ALA C 66 6.86 -23.24 97.99
CA ALA C 66 6.36 -22.07 97.31
C ALA C 66 7.39 -21.47 96.37
N ALA C 67 8.68 -21.61 96.67
CA ALA C 67 9.70 -21.11 95.76
C ALA C 67 9.88 -22.04 94.57
N THR C 68 9.76 -23.36 94.78
CA THR C 68 9.87 -24.30 93.67
C THR C 68 8.68 -24.23 92.73
N VAL C 69 7.61 -23.53 93.10
CA VAL C 69 6.57 -23.19 92.13
C VAL C 69 7.16 -22.44 90.94
N GLY C 70 8.13 -21.57 91.20
CA GLY C 70 8.60 -20.57 90.26
C GLY C 70 9.38 -21.08 89.08
N VAL C 71 9.66 -22.37 88.98
CA VAL C 71 10.26 -22.93 87.76
C VAL C 71 9.21 -23.19 86.70
N ALA C 72 7.94 -22.92 86.98
CA ALA C 72 6.89 -23.11 86.00
C ALA C 72 7.05 -22.15 84.83
N GLY C 73 7.28 -20.86 85.12
CA GLY C 73 7.43 -19.90 84.05
C GLY C 73 8.70 -20.10 83.25
N SER C 74 9.74 -20.67 83.86
CA SER C 74 10.91 -21.05 83.10
C SER C 74 10.60 -22.19 82.14
N GLY C 75 9.79 -23.15 82.59
CA GLY C 75 9.37 -24.22 81.69
C GLY C 75 8.54 -23.72 80.53
N ALA C 76 7.71 -22.70 80.79
CA ALA C 76 6.89 -22.12 79.73
C ALA C 76 7.75 -21.34 78.74
N GLY C 77 8.76 -20.61 79.25
CA GLY C 77 9.63 -19.87 78.36
C GLY C 77 10.50 -20.76 77.50
N ILE C 78 10.99 -21.86 78.06
CA ILE C 78 11.74 -22.85 77.28
C ILE C 78 10.86 -23.46 76.21
N GLY C 79 9.59 -23.73 76.53
CA GLY C 79 8.67 -24.26 75.54
C GLY C 79 8.36 -23.26 74.43
N SER C 80 8.25 -21.98 74.78
CA SER C 80 8.01 -20.98 73.75
C SER C 80 9.22 -20.79 72.85
N VAL C 81 10.42 -20.83 73.43
CA VAL C 81 11.65 -20.67 72.66
C VAL C 81 11.81 -21.81 71.67
N PHE C 82 11.60 -23.04 72.12
CA PHE C 82 11.85 -24.15 71.22
C PHE C 82 10.73 -24.31 70.19
N GLY C 83 9.50 -23.99 70.55
CA GLY C 83 8.45 -23.98 69.55
C GLY C 83 8.65 -22.91 68.50
N SER C 84 9.07 -21.72 68.94
CA SER C 84 9.31 -20.64 67.99
C SER C 84 10.58 -20.87 67.16
N LEU C 85 11.52 -21.65 67.68
CA LEU C 85 12.63 -22.12 66.85
C LEU C 85 12.13 -23.05 65.76
N ILE C 86 11.17 -23.92 66.08
CA ILE C 86 10.58 -24.81 65.07
C ILE C 86 9.92 -24.00 63.96
N ILE C 87 9.15 -22.98 64.34
CA ILE C 87 8.45 -22.16 63.35
C ILE C 87 9.44 -21.37 62.50
N GLY C 88 10.44 -20.76 63.13
CA GLY C 88 11.39 -19.95 62.39
C GLY C 88 12.25 -20.76 61.45
N TYR C 89 12.64 -21.97 61.86
CA TYR C 89 13.36 -22.85 60.95
C TYR C 89 12.46 -23.34 59.83
N ALA C 90 11.16 -23.51 60.10
CA ALA C 90 10.24 -23.91 59.05
C ALA C 90 10.07 -22.83 57.99
N ARG C 91 9.99 -21.56 58.41
CA ARG C 91 9.82 -20.49 57.44
C ARG C 91 11.11 -20.09 56.74
N ASN C 92 12.27 -20.59 57.19
CA ASN C 92 13.55 -20.21 56.60
C ASN C 92 14.63 -21.23 56.93
N PRO C 93 14.65 -22.38 56.26
CA PRO C 93 15.56 -23.47 56.66
C PRO C 93 17.02 -23.24 56.33
N SER C 94 17.38 -22.11 55.73
CA SER C 94 18.77 -21.79 55.44
C SER C 94 19.49 -21.13 56.61
N LEU C 95 18.79 -20.87 57.71
CA LEU C 95 19.37 -20.24 58.90
C LEU C 95 19.23 -21.12 60.12
N LYS C 96 19.36 -22.44 59.95
CA LYS C 96 19.16 -23.36 61.06
C LYS C 96 20.31 -23.33 62.07
N GLN C 97 21.42 -22.66 61.77
CA GLN C 97 22.51 -22.59 62.72
C GLN C 97 22.44 -21.33 63.58
N GLN C 98 22.00 -20.21 63.01
CA GLN C 98 21.88 -18.99 63.80
C GLN C 98 20.66 -19.03 64.69
N LEU C 99 19.55 -19.61 64.20
CA LEU C 99 18.35 -19.73 65.01
C LEU C 99 18.55 -20.68 66.18
N PHE C 100 19.27 -21.78 65.95
CA PHE C 100 19.56 -22.70 67.05
C PHE C 100 20.42 -22.04 68.11
N SER C 101 21.34 -21.17 67.70
CA SER C 101 22.13 -20.39 68.65
C SER C 101 21.25 -19.44 69.44
N TYR C 102 20.29 -18.79 68.77
CA TYR C 102 19.34 -17.94 69.48
C TYR C 102 18.44 -18.76 70.41
N ALA C 103 18.10 -19.99 70.01
CA ALA C 103 17.32 -20.86 70.87
C ALA C 103 18.12 -21.29 72.08
N ILE C 104 19.42 -21.55 71.90
CA ILE C 104 20.28 -21.88 73.02
C ILE C 104 20.40 -20.70 73.97
N LEU C 105 20.52 -19.48 73.43
CA LEU C 105 20.60 -18.29 74.27
C LEU C 105 19.30 -18.06 75.05
N GLY C 106 18.14 -18.23 74.37
CA GLY C 106 16.87 -18.04 75.06
C GLY C 106 16.63 -19.10 76.13
N PHE C 107 16.94 -20.36 75.82
CA PHE C 107 16.77 -21.42 76.79
C PHE C 107 17.73 -21.27 77.96
N ALA C 108 18.96 -20.81 77.70
CA ALA C 108 19.90 -20.62 78.79
C ALA C 108 19.44 -19.53 79.74
N LEU C 109 18.87 -18.45 79.21
CA LEU C 109 18.40 -17.37 80.09
C LEU C 109 17.15 -17.76 80.87
N SER C 110 16.23 -18.49 80.22
CA SER C 110 15.03 -18.94 80.94
C SER C 110 15.38 -19.98 81.99
N GLU C 111 16.27 -20.93 81.66
CA GLU C 111 16.70 -21.88 82.66
C GLU C 111 17.53 -21.23 83.75
N ALA C 112 18.18 -20.09 83.45
CA ALA C 112 18.86 -19.36 84.51
C ALA C 112 17.87 -18.76 85.50
N MET C 113 16.75 -18.23 85.00
CA MET C 113 15.70 -17.74 85.91
C MET C 113 15.09 -18.89 86.72
N GLY C 114 14.87 -20.03 86.09
CA GLY C 114 14.35 -21.18 86.81
C GLY C 114 15.32 -21.73 87.85
N LEU C 115 16.61 -21.72 87.52
CA LEU C 115 17.60 -22.11 88.51
C LEU C 115 17.77 -21.06 89.59
N PHE C 116 17.43 -19.80 89.32
CA PHE C 116 17.44 -18.79 90.37
C PHE C 116 16.30 -19.01 91.37
N CYS C 117 15.13 -19.43 90.87
CA CYS C 117 14.06 -19.84 91.78
C CYS C 117 14.45 -21.06 92.59
N LEU C 118 15.07 -22.05 91.93
CA LEU C 118 15.50 -23.25 92.65
C LEU C 118 16.60 -22.93 93.66
N MET C 119 17.48 -21.98 93.32
CA MET C 119 18.50 -21.53 94.26
C MET C 119 17.88 -20.86 95.47
N MET C 120 16.88 -20.00 95.25
CA MET C 120 16.18 -19.38 96.39
C MET C 120 15.42 -20.40 97.21
N ALA C 121 14.93 -21.46 96.56
CA ALA C 121 14.27 -22.54 97.30
C ALA C 121 15.27 -23.26 98.21
N PHE C 122 16.45 -23.58 97.69
CA PHE C 122 17.44 -24.27 98.51
C PHE C 122 18.02 -23.37 99.58
N LEU C 123 18.15 -22.07 99.30
CA LEU C 123 18.63 -21.14 100.32
C LEU C 123 17.65 -21.01 101.46
N LEU C 124 16.35 -20.89 101.15
CA LEU C 124 15.36 -20.81 102.23
C LEU C 124 15.20 -22.13 102.94
N LEU C 125 15.47 -23.24 102.27
CA LEU C 125 15.36 -24.53 102.92
C LEU C 125 16.52 -24.80 103.86
N PHE C 126 17.73 -24.33 103.52
CA PHE C 126 18.92 -24.64 104.31
C PHE C 126 19.61 -23.42 104.89
N ALA C 127 19.87 -22.39 104.08
CA ALA C 127 20.76 -21.32 104.50
C ALA C 127 20.12 -20.41 105.53
N PHE C 128 18.85 -20.05 105.34
CA PHE C 128 18.17 -19.21 106.30
C PHE C 128 16.67 -19.46 106.32
N ASP D 54 3.27 -33.26 115.07
CA ASP D 54 3.45 -33.73 113.71
C ASP D 54 3.41 -32.58 112.73
N ILE D 55 3.83 -31.39 113.17
CA ILE D 55 3.81 -30.23 112.30
C ILE D 55 4.91 -30.32 111.24
N ASP D 56 5.98 -31.08 111.50
CA ASP D 56 7.05 -31.22 110.51
C ASP D 56 6.60 -32.03 109.31
N SER D 57 5.95 -33.17 109.55
CA SER D 57 5.36 -33.93 108.45
C SER D 57 4.18 -33.19 107.85
N ALA D 58 3.52 -32.35 108.64
CA ALA D 58 2.39 -31.57 108.12
C ALA D 58 2.83 -30.60 107.04
N ALA D 59 3.86 -29.81 107.34
CA ALA D 59 4.36 -28.90 106.33
C ALA D 59 5.17 -29.59 105.25
N LYS D 60 5.63 -30.83 105.50
CA LYS D 60 6.15 -31.63 104.40
C LYS D 60 5.08 -31.90 103.35
N PHE D 61 3.88 -32.25 103.80
CA PHE D 61 2.77 -32.46 102.86
C PHE D 61 2.37 -31.17 102.17
N ILE D 62 2.29 -30.07 102.93
CA ILE D 62 1.91 -28.78 102.33
C ILE D 62 2.98 -28.28 101.36
N GLY D 63 4.25 -28.40 101.74
CA GLY D 63 5.32 -27.97 100.86
C GLY D 63 5.41 -28.83 99.61
N ALA D 64 5.13 -30.12 99.73
CA ALA D 64 5.10 -30.98 98.55
C ALA D 64 3.94 -30.60 97.63
N GLY D 65 2.78 -30.30 98.22
CA GLY D 65 1.64 -29.88 97.41
C GLY D 65 1.88 -28.56 96.70
N ALA D 66 2.62 -27.65 97.33
CA ALA D 66 2.99 -26.42 96.63
C ALA D 66 4.02 -26.69 95.55
N ALA D 67 4.97 -27.58 95.80
CA ALA D 67 6.01 -27.86 94.82
C ALA D 67 5.48 -28.59 93.59
N THR D 68 4.31 -29.21 93.70
CA THR D 68 3.70 -29.87 92.54
C THR D 68 2.96 -28.92 91.61
N VAL D 69 2.92 -27.62 91.92
CA VAL D 69 2.36 -26.66 90.97
C VAL D 69 3.32 -26.45 89.80
N GLY D 70 4.61 -26.77 89.98
CA GLY D 70 5.58 -26.56 88.92
C GLY D 70 5.36 -27.40 87.68
N VAL D 71 4.55 -28.46 87.78
CA VAL D 71 4.23 -29.26 86.61
C VAL D 71 3.36 -28.49 85.63
N ALA D 72 2.69 -27.42 86.08
CA ALA D 72 1.86 -26.63 85.19
C ALA D 72 2.69 -25.97 84.11
N GLY D 73 3.86 -25.45 84.46
CA GLY D 73 4.71 -24.81 83.47
C GLY D 73 5.22 -25.77 82.42
N SER D 74 5.50 -27.00 82.83
CA SER D 74 5.84 -28.04 81.86
C SER D 74 4.67 -28.33 80.95
N GLY D 75 3.46 -28.37 81.50
CA GLY D 75 2.28 -28.64 80.68
C GLY D 75 2.01 -27.56 79.64
N ALA D 76 2.20 -26.30 80.02
CA ALA D 76 2.03 -25.23 79.05
C ALA D 76 3.19 -25.17 78.06
N GLY D 77 4.40 -25.51 78.49
CA GLY D 77 5.53 -25.51 77.58
C GLY D 77 5.42 -26.60 76.53
N ILE D 78 4.97 -27.78 76.93
CA ILE D 78 4.79 -28.86 75.97
C ILE D 78 3.66 -28.52 75.01
N GLY D 79 2.58 -27.91 75.52
CA GLY D 79 1.51 -27.50 74.63
C GLY D 79 1.95 -26.47 73.61
N SER D 80 2.81 -25.53 74.01
CA SER D 80 3.28 -24.52 73.06
C SER D 80 4.27 -25.10 72.07
N VAL D 81 5.11 -26.04 72.49
CA VAL D 81 6.03 -26.71 71.58
C VAL D 81 5.25 -27.46 70.51
N PHE D 82 4.30 -28.29 70.93
CA PHE D 82 3.56 -29.08 69.95
C PHE D 82 2.56 -28.26 69.17
N GLY D 83 2.12 -27.13 69.73
CA GLY D 83 1.33 -26.21 68.94
C GLY D 83 2.13 -25.61 67.80
N SER D 84 3.35 -25.15 68.10
CA SER D 84 4.18 -24.59 67.06
C SER D 84 4.70 -25.65 66.11
N LEU D 85 4.76 -26.91 66.55
CA LEU D 85 5.10 -28.00 65.64
C LEU D 85 4.01 -28.19 64.59
N ILE D 86 2.75 -28.05 65.00
CA ILE D 86 1.63 -28.11 64.05
C ILE D 86 1.75 -27.01 63.00
N ILE D 87 1.98 -25.77 63.45
CA ILE D 87 2.09 -24.66 62.50
C ILE D 87 3.33 -24.80 61.61
N GLY D 88 4.47 -25.13 62.21
CA GLY D 88 5.69 -25.28 61.43
C GLY D 88 5.65 -26.44 60.46
N TYR D 89 4.85 -27.47 60.76
CA TYR D 89 4.61 -28.51 59.79
C TYR D 89 3.65 -28.05 58.70
N ALA D 90 2.68 -27.22 59.07
CA ALA D 90 1.72 -26.75 58.07
C ALA D 90 2.36 -25.83 57.05
N ARG D 91 3.38 -25.07 57.45
CA ARG D 91 3.98 -24.12 56.51
C ARG D 91 4.97 -24.80 55.58
N ASN D 92 5.88 -25.59 56.13
CA ASN D 92 6.92 -26.26 55.34
C ASN D 92 6.93 -27.75 55.70
N PRO D 93 6.04 -28.54 55.10
CA PRO D 93 5.99 -29.97 55.41
C PRO D 93 7.04 -30.82 54.69
N SER D 94 8.05 -30.21 54.10
CA SER D 94 9.06 -30.97 53.37
C SER D 94 10.24 -31.40 54.23
N LEU D 95 10.31 -30.93 55.48
CA LEU D 95 11.39 -31.27 56.39
C LEU D 95 10.84 -31.77 57.71
N LYS D 96 9.71 -32.48 57.65
CA LYS D 96 8.86 -32.68 58.82
C LYS D 96 9.57 -33.43 59.93
N GLN D 97 10.29 -34.50 59.59
CA GLN D 97 10.96 -35.30 60.61
C GLN D 97 12.07 -34.50 61.28
N GLN D 98 12.74 -33.61 60.53
CA GLN D 98 13.71 -32.72 61.14
C GLN D 98 13.04 -31.78 62.12
N LEU D 99 11.87 -31.25 61.73
CA LEU D 99 11.08 -30.45 62.65
C LEU D 99 10.64 -31.29 63.85
N PHE D 100 10.32 -32.56 63.60
CA PHE D 100 9.87 -33.45 64.67
C PHE D 100 10.99 -33.65 65.69
N SER D 101 12.25 -33.69 65.21
CA SER D 101 13.36 -33.90 66.13
C SER D 101 13.49 -32.72 67.09
N TYR D 102 13.26 -31.50 66.58
CA TYR D 102 13.32 -30.34 67.46
C TYR D 102 12.19 -30.37 68.47
N ALA D 103 11.03 -30.90 68.08
CA ALA D 103 9.90 -30.97 68.99
C ALA D 103 10.22 -31.93 70.14
N ILE D 104 10.91 -33.03 69.82
CA ILE D 104 11.30 -33.97 70.87
C ILE D 104 12.25 -33.29 71.83
N LEU D 105 13.17 -32.47 71.29
CA LEU D 105 14.14 -31.79 72.13
C LEU D 105 13.44 -30.78 73.02
N GLY D 106 12.40 -30.11 72.50
CA GLY D 106 11.63 -29.21 73.34
C GLY D 106 10.91 -29.97 74.44
N PHE D 107 10.34 -31.13 74.08
CA PHE D 107 9.73 -31.99 75.08
C PHE D 107 10.77 -32.50 76.05
N ALA D 108 11.98 -32.80 75.55
CA ALA D 108 13.04 -33.31 76.39
C ALA D 108 13.56 -32.25 77.35
N LEU D 109 13.17 -30.98 77.16
CA LEU D 109 13.47 -29.95 78.15
C LEU D 109 12.26 -29.59 78.98
N SER D 110 11.09 -29.47 78.34
CA SER D 110 9.98 -28.80 79.01
C SER D 110 9.42 -29.69 80.13
N GLU D 111 9.15 -30.95 79.80
CA GLU D 111 8.74 -31.92 80.82
C GLU D 111 9.81 -32.06 81.91
N ALA D 112 11.08 -31.96 81.50
CA ALA D 112 12.17 -32.14 82.46
C ALA D 112 12.13 -31.04 83.53
N MET D 113 11.78 -29.82 83.13
CA MET D 113 11.67 -28.74 84.10
C MET D 113 10.58 -29.04 85.12
N GLY D 114 9.42 -29.51 84.64
CA GLY D 114 8.35 -29.87 85.55
C GLY D 114 8.72 -31.06 86.40
N LEU D 115 9.50 -31.99 85.83
CA LEU D 115 9.91 -33.14 86.61
C LEU D 115 10.85 -32.73 87.74
N PHE D 116 11.62 -31.66 87.53
CA PHE D 116 12.49 -31.18 88.60
C PHE D 116 11.67 -30.66 89.76
N CYS D 117 10.56 -29.98 89.47
CA CYS D 117 9.66 -29.55 90.55
C CYS D 117 9.06 -30.77 91.24
N LEU D 118 8.72 -31.80 90.46
CA LEU D 118 8.23 -33.03 91.05
C LEU D 118 9.31 -33.69 91.89
N MET D 119 10.57 -33.56 91.46
CA MET D 119 11.66 -34.12 92.24
C MET D 119 11.77 -33.41 93.59
N MET D 120 11.54 -32.09 93.59
CA MET D 120 11.58 -31.35 94.85
C MET D 120 10.47 -31.76 95.78
N ALA D 121 9.34 -32.24 95.22
CA ALA D 121 8.28 -32.75 96.08
C ALA D 121 8.76 -34.00 96.81
N PHE D 122 9.49 -34.87 96.11
CA PHE D 122 10.05 -36.03 96.78
C PHE D 122 11.13 -35.63 97.77
N LEU D 123 11.85 -34.54 97.48
CA LEU D 123 12.85 -34.08 98.44
C LEU D 123 12.20 -33.49 99.68
N LEU D 124 10.95 -33.03 99.57
CA LEU D 124 10.17 -32.59 100.70
C LEU D 124 9.33 -33.70 101.31
N LEU D 125 9.49 -34.92 100.86
CA LEU D 125 8.66 -35.99 101.38
C LEU D 125 9.44 -37.18 101.88
N PHE D 126 10.53 -37.56 101.20
CA PHE D 126 11.26 -38.76 101.57
C PHE D 126 12.77 -38.56 101.55
N ALA D 127 13.24 -37.33 101.60
CA ALA D 127 14.68 -37.09 101.59
C ALA D 127 15.15 -36.19 102.71
N PHE D 128 14.35 -35.20 103.10
CA PHE D 128 14.75 -34.27 104.14
C PHE D 128 13.92 -34.48 105.40
N ASP E 54 -3.74 -35.71 114.08
CA ASP E 54 -4.92 -34.87 113.88
C ASP E 54 -4.65 -33.83 112.82
N ILE E 55 -3.40 -33.38 112.74
CA ILE E 55 -3.01 -32.40 111.73
C ILE E 55 -2.54 -33.06 110.44
N ASP E 56 -2.36 -34.38 110.44
CA ASP E 56 -2.01 -35.08 109.21
C ASP E 56 -3.15 -35.02 108.20
N SER E 57 -4.40 -35.11 108.67
CA SER E 57 -5.54 -34.96 107.78
C SER E 57 -5.62 -33.56 107.20
N ALA E 58 -5.30 -32.55 108.01
CA ALA E 58 -5.23 -31.18 107.51
C ALA E 58 -4.13 -31.02 106.48
N ALA E 59 -2.98 -31.66 106.72
CA ALA E 59 -1.88 -31.59 105.78
C ALA E 59 -2.21 -32.25 104.45
N LYS E 60 -2.90 -33.39 104.51
CA LYS E 60 -3.29 -34.06 103.28
C LYS E 60 -4.28 -33.21 102.48
N PHE E 61 -5.22 -32.54 103.17
CA PHE E 61 -6.20 -31.73 102.46
C PHE E 61 -5.57 -30.52 101.79
N ILE E 62 -4.69 -29.82 102.52
CA ILE E 62 -4.04 -28.65 101.93
C ILE E 62 -3.07 -29.05 100.83
N GLY E 63 -2.36 -30.17 101.02
CA GLY E 63 -1.42 -30.61 100.01
C GLY E 63 -2.08 -31.05 98.72
N ALA E 64 -3.22 -31.76 98.82
CA ALA E 64 -3.97 -32.12 97.64
C ALA E 64 -4.58 -30.88 96.98
N GLY E 65 -5.05 -29.93 97.78
CA GLY E 65 -5.60 -28.71 97.23
C GLY E 65 -4.56 -27.88 96.51
N ALA E 66 -3.33 -27.85 97.02
CA ALA E 66 -2.26 -27.15 96.33
C ALA E 66 -1.76 -27.94 95.13
N ALA E 67 -1.77 -29.27 95.19
CA ALA E 67 -1.32 -30.08 94.07
C ALA E 67 -2.29 -30.03 92.90
N THR E 68 -3.53 -29.64 93.13
CA THR E 68 -4.51 -29.56 92.06
C THR E 68 -4.46 -28.27 91.27
N VAL E 69 -3.35 -27.55 91.30
CA VAL E 69 -3.16 -26.39 90.44
C VAL E 69 -2.29 -26.74 89.23
N GLY E 70 -1.49 -27.79 89.31
CA GLY E 70 -0.62 -28.17 88.22
C GLY E 70 -1.34 -28.65 86.97
N VAL E 71 -2.64 -28.91 87.05
CA VAL E 71 -3.42 -29.22 85.85
C VAL E 71 -3.93 -27.98 85.14
N ALA E 72 -3.79 -26.79 85.73
CA ALA E 72 -4.10 -25.57 84.99
C ALA E 72 -3.15 -25.39 83.82
N GLY E 73 -1.86 -25.66 84.03
CA GLY E 73 -0.92 -25.58 82.92
C GLY E 73 -1.20 -26.62 81.86
N SER E 74 -1.71 -27.79 82.26
CA SER E 74 -2.13 -28.78 81.28
C SER E 74 -3.31 -28.29 80.47
N GLY E 75 -4.25 -27.59 81.13
CA GLY E 75 -5.37 -27.01 80.41
C GLY E 75 -4.95 -25.93 79.43
N ALA E 76 -3.95 -25.15 79.81
CA ALA E 76 -3.45 -24.12 78.89
C ALA E 76 -2.69 -24.73 77.71
N GLY E 77 -1.96 -25.81 77.96
CA GLY E 77 -1.28 -26.49 76.88
C GLY E 77 -2.25 -27.14 75.90
N ILE E 78 -3.33 -27.74 76.41
CA ILE E 78 -4.35 -28.32 75.54
C ILE E 78 -5.01 -27.23 74.71
N GLY E 79 -5.29 -26.08 75.33
CA GLY E 79 -5.84 -24.97 74.57
C GLY E 79 -4.90 -24.45 73.51
N SER E 80 -3.59 -24.44 73.80
CA SER E 80 -2.63 -23.96 72.80
C SER E 80 -2.48 -24.96 71.65
N VAL E 81 -2.51 -26.25 71.96
CA VAL E 81 -2.38 -27.27 70.92
C VAL E 81 -3.56 -27.21 69.96
N PHE E 82 -4.78 -27.16 70.50
CA PHE E 82 -5.94 -27.13 69.62
C PHE E 82 -6.11 -25.80 68.92
N GLY E 83 -5.62 -24.71 69.53
CA GLY E 83 -5.59 -23.45 68.82
C GLY E 83 -4.65 -23.49 67.63
N SER E 84 -3.46 -24.04 67.82
CA SER E 84 -2.54 -24.10 66.70
C SER E 84 -2.92 -25.17 65.69
N LEU E 85 -3.70 -26.18 66.09
CA LEU E 85 -4.29 -27.09 65.13
C LEU E 85 -5.25 -26.37 64.21
N ILE E 86 -6.03 -25.44 64.77
CA ILE E 86 -6.94 -24.63 63.96
C ILE E 86 -6.18 -23.82 62.93
N ILE E 87 -5.11 -23.14 63.37
CA ILE E 87 -4.35 -22.29 62.45
C ILE E 87 -3.64 -23.12 61.38
N GLY E 88 -3.01 -24.23 61.78
CA GLY E 88 -2.32 -25.08 60.84
C GLY E 88 -3.23 -25.80 59.88
N TYR E 89 -4.50 -26.00 60.24
CA TYR E 89 -5.45 -26.54 59.30
C TYR E 89 -5.98 -25.46 58.36
N ALA E 90 -6.13 -24.23 58.85
CA ALA E 90 -6.57 -23.14 57.98
C ALA E 90 -5.52 -22.85 56.92
N ARG E 91 -4.24 -22.87 57.30
CA ARG E 91 -3.18 -22.61 56.33
C ARG E 91 -3.06 -23.72 55.30
N ASN E 92 -2.99 -24.96 55.75
CA ASN E 92 -2.67 -26.10 54.90
C ASN E 92 -3.67 -27.23 55.16
N PRO E 93 -4.88 -27.12 54.64
CA PRO E 93 -5.91 -28.13 54.95
C PRO E 93 -5.69 -29.47 54.28
N SER E 94 -4.66 -29.63 53.45
CA SER E 94 -4.47 -30.89 52.74
C SER E 94 -3.93 -31.99 53.65
N LEU E 95 -3.21 -31.62 54.72
CA LEU E 95 -2.56 -32.59 55.59
C LEU E 95 -3.29 -32.73 56.93
N LYS E 96 -4.62 -32.66 56.88
CA LYS E 96 -5.44 -32.69 58.10
C LYS E 96 -5.21 -33.95 58.92
N GLN E 97 -5.21 -35.11 58.27
CA GLN E 97 -5.01 -36.35 58.99
C GLN E 97 -3.59 -36.53 59.50
N GLN E 98 -2.66 -35.66 59.10
CA GLN E 98 -1.35 -35.64 59.75
C GLN E 98 -1.30 -34.65 60.90
N LEU E 99 -2.02 -33.52 60.77
CA LEU E 99 -2.04 -32.53 61.84
C LEU E 99 -2.69 -33.08 63.09
N PHE E 100 -3.84 -33.74 62.93
CA PHE E 100 -4.47 -34.44 64.04
C PHE E 100 -3.57 -35.54 64.56
N SER E 101 -2.78 -36.17 63.68
CA SER E 101 -1.88 -37.23 64.10
C SER E 101 -0.77 -36.71 65.00
N TYR E 102 -0.49 -35.40 64.98
CA TYR E 102 0.42 -34.82 65.94
C TYR E 102 -0.31 -34.14 67.10
N ALA E 103 -1.49 -33.58 66.84
CA ALA E 103 -2.14 -32.75 67.85
C ALA E 103 -2.62 -33.59 69.02
N ILE E 104 -3.21 -34.74 68.74
CA ILE E 104 -3.61 -35.67 69.79
C ILE E 104 -2.39 -36.17 70.55
N LEU E 105 -1.29 -36.42 69.82
CA LEU E 105 -0.03 -36.77 70.48
C LEU E 105 0.44 -35.62 71.35
N GLY E 106 0.34 -34.39 70.84
CA GLY E 106 0.66 -33.24 71.64
C GLY E 106 -0.27 -33.12 72.83
N PHE E 107 -1.56 -33.41 72.61
CA PHE E 107 -2.54 -33.33 73.68
C PHE E 107 -2.24 -34.36 74.77
N ALA E 108 -1.78 -35.55 74.37
CA ALA E 108 -1.42 -36.54 75.35
C ALA E 108 -0.23 -36.07 76.16
N LEU E 109 0.76 -35.49 75.49
CA LEU E 109 1.92 -35.00 76.19
C LEU E 109 1.66 -33.67 76.87
N SER E 110 0.55 -33.01 76.53
CA SER E 110 0.12 -31.84 77.29
C SER E 110 -0.71 -32.22 78.51
N GLU E 111 -1.06 -33.49 78.67
CA GLU E 111 -1.85 -33.93 79.80
C GLU E 111 -1.19 -35.03 80.62
N ALA E 112 -0.21 -35.73 80.07
CA ALA E 112 0.52 -36.74 80.84
C ALA E 112 1.23 -36.11 82.03
N MET E 113 1.76 -34.90 81.86
CA MET E 113 2.30 -34.17 83.00
C MET E 113 1.20 -33.68 83.93
N GLY E 114 0.07 -33.25 83.35
CA GLY E 114 -1.00 -32.69 84.17
C GLY E 114 -1.62 -33.73 85.10
N LEU E 115 -1.89 -34.92 84.57
CA LEU E 115 -2.40 -35.99 85.41
C LEU E 115 -1.38 -36.42 86.44
N PHE E 116 -0.08 -36.26 86.15
CA PHE E 116 0.93 -36.54 87.19
C PHE E 116 0.76 -35.65 88.41
N CYS E 117 0.45 -34.36 88.19
CA CYS E 117 0.13 -33.50 89.33
C CYS E 117 -1.14 -33.97 90.04
N LEU E 118 -2.16 -34.37 89.28
CA LEU E 118 -3.36 -34.95 89.90
C LEU E 118 -3.07 -36.30 90.58
N MET E 119 -2.05 -37.01 90.10
CA MET E 119 -1.61 -38.22 90.76
C MET E 119 -1.07 -37.88 92.14
N MET E 120 -0.33 -36.78 92.26
CA MET E 120 0.11 -36.33 93.57
C MET E 120 -1.06 -35.89 94.43
N ALA E 121 -2.11 -35.35 93.82
CA ALA E 121 -3.31 -34.98 94.56
C ALA E 121 -4.04 -36.17 95.18
N PHE E 122 -3.71 -37.38 94.73
CA PHE E 122 -4.11 -38.58 95.47
C PHE E 122 -2.98 -39.18 96.31
N LEU E 123 -1.74 -39.10 95.86
CA LEU E 123 -0.63 -39.69 96.59
C LEU E 123 -0.35 -38.95 97.89
N LEU E 124 -0.49 -37.63 97.87
CA LEU E 124 -0.39 -36.87 99.11
C LEU E 124 -1.62 -37.07 99.99
N LEU E 125 -2.72 -37.51 99.41
CA LEU E 125 -4.01 -37.49 100.09
C LEU E 125 -4.38 -38.84 100.71
N PHE E 126 -4.02 -39.95 100.09
CA PHE E 126 -4.40 -41.25 100.62
C PHE E 126 -3.21 -42.20 100.69
N ALA E 127 -2.23 -42.00 99.82
CA ALA E 127 -1.10 -42.93 99.78
C ALA E 127 0.01 -42.57 100.76
N PHE E 128 0.17 -41.29 101.08
CA PHE E 128 1.21 -40.87 102.01
C PHE E 128 0.61 -40.16 103.22
N ASP F 54 -12.80 -29.92 113.66
CA ASP F 54 -12.72 -28.46 113.54
C ASP F 54 -11.61 -28.08 112.58
N ILE F 55 -10.40 -28.59 112.84
CA ILE F 55 -9.28 -28.30 111.96
C ILE F 55 -9.44 -29.00 110.61
N ASP F 56 -10.10 -30.16 110.59
CA ASP F 56 -10.29 -30.90 109.34
C ASP F 56 -11.23 -30.16 108.40
N SER F 57 -12.34 -29.62 108.94
CA SER F 57 -13.25 -28.84 108.11
C SER F 57 -12.63 -27.54 107.64
N ALA F 58 -11.81 -26.93 108.50
CA ALA F 58 -11.10 -25.71 108.12
C ALA F 58 -10.10 -25.98 106.99
N ALA F 59 -9.34 -27.08 107.10
CA ALA F 59 -8.39 -27.39 106.05
C ALA F 59 -9.08 -27.91 104.80
N LYS F 60 -10.29 -28.46 104.91
CA LYS F 60 -11.07 -28.77 103.71
C LYS F 60 -11.45 -27.49 102.98
N PHE F 61 -11.75 -26.43 103.73
CA PHE F 61 -12.00 -25.15 103.07
C PHE F 61 -10.74 -24.60 102.41
N ILE F 62 -9.58 -24.81 103.04
CA ILE F 62 -8.33 -24.33 102.45
C ILE F 62 -7.98 -25.12 101.18
N GLY F 63 -8.13 -26.45 101.24
CA GLY F 63 -7.84 -27.27 100.09
C GLY F 63 -8.80 -27.05 98.93
N ALA F 64 -10.07 -26.77 99.24
CA ALA F 64 -11.02 -26.47 98.17
C ALA F 64 -10.72 -25.13 97.52
N GLY F 65 -10.28 -24.14 98.31
CA GLY F 65 -9.88 -22.87 97.72
C GLY F 65 -8.62 -22.99 96.87
N ALA F 66 -7.67 -23.81 97.32
CA ALA F 66 -6.44 -23.98 96.55
C ALA F 66 -6.66 -24.84 95.33
N ALA F 67 -7.67 -25.73 95.33
CA ALA F 67 -7.96 -26.52 94.15
C ALA F 67 -8.69 -25.70 93.09
N THR F 68 -9.46 -24.70 93.50
CA THR F 68 -10.17 -23.88 92.53
C THR F 68 -9.30 -22.93 91.73
N VAL F 69 -7.98 -22.96 91.90
CA VAL F 69 -7.12 -22.19 91.03
C VAL F 69 -7.08 -22.80 89.63
N GLY F 70 -7.20 -24.12 89.55
CA GLY F 70 -6.99 -24.86 88.32
C GLY F 70 -7.95 -24.55 87.20
N VAL F 71 -9.06 -23.88 87.49
CA VAL F 71 -9.95 -23.44 86.42
C VAL F 71 -9.39 -22.24 85.67
N ALA F 72 -8.32 -21.62 86.18
CA ALA F 72 -7.65 -20.56 85.43
C ALA F 72 -7.02 -21.11 84.16
N GLY F 73 -6.39 -22.27 84.24
CA GLY F 73 -5.78 -22.85 83.05
C GLY F 73 -6.80 -23.25 82.00
N SER F 74 -7.97 -23.73 82.45
CA SER F 74 -9.05 -24.00 81.52
C SER F 74 -9.55 -22.73 80.88
N GLY F 75 -9.61 -21.63 81.64
CA GLY F 75 -10.00 -20.35 81.07
C GLY F 75 -9.01 -19.82 80.04
N ALA F 76 -7.71 -20.01 80.31
CA ALA F 76 -6.70 -19.56 79.36
C ALA F 76 -6.67 -20.43 78.11
N GLY F 77 -6.86 -21.75 78.27
CA GLY F 77 -6.90 -22.62 77.11
C GLY F 77 -8.10 -22.34 76.23
N ILE F 78 -9.25 -22.04 76.83
CA ILE F 78 -10.42 -21.64 76.06
C ILE F 78 -10.16 -20.36 75.29
N GLY F 79 -9.48 -19.39 75.93
CA GLY F 79 -9.15 -18.16 75.22
C GLY F 79 -8.18 -18.37 74.07
N SER F 80 -7.20 -19.25 74.24
CA SER F 80 -6.28 -19.51 73.15
C SER F 80 -6.95 -20.24 71.99
N VAL F 81 -7.87 -21.15 72.31
CA VAL F 81 -8.60 -21.87 71.27
C VAL F 81 -9.46 -20.92 70.45
N PHE F 82 -10.23 -20.07 71.13
CA PHE F 82 -11.12 -19.19 70.39
C PHE F 82 -10.38 -18.03 69.74
N GLY F 83 -9.25 -17.62 70.30
CA GLY F 83 -8.43 -16.65 69.61
C GLY F 83 -7.88 -17.20 68.31
N SER F 84 -7.34 -18.41 68.36
CA SER F 84 -6.82 -18.97 67.12
C SER F 84 -7.93 -19.39 66.16
N LEU F 85 -9.14 -19.61 66.64
CA LEU F 85 -10.27 -19.76 65.72
C LEU F 85 -10.54 -18.46 64.96
N ILE F 86 -10.40 -17.32 65.63
CA ILE F 86 -10.51 -16.04 64.94
C ILE F 86 -9.41 -15.90 63.88
N ILE F 87 -8.20 -16.34 64.21
CA ILE F 87 -7.10 -16.25 63.26
C ILE F 87 -7.31 -17.19 62.07
N GLY F 88 -7.71 -18.43 62.36
CA GLY F 88 -7.86 -19.41 61.30
C GLY F 88 -9.01 -19.11 60.36
N TYR F 89 -10.13 -18.61 60.91
CA TYR F 89 -11.25 -18.21 60.07
C TYR F 89 -10.88 -17.03 59.21
N ALA F 90 -9.98 -16.16 59.66
CA ALA F 90 -9.60 -15.03 58.82
C ALA F 90 -8.76 -15.41 57.61
N ARG F 91 -8.27 -16.65 57.54
CA ARG F 91 -7.55 -17.11 56.35
C ARG F 91 -8.44 -17.88 55.39
N ASN F 92 -9.15 -18.90 55.87
CA ASN F 92 -10.04 -19.69 55.05
C ASN F 92 -11.44 -19.66 55.65
N PRO F 93 -12.21 -18.61 55.38
CA PRO F 93 -13.59 -18.56 55.86
C PRO F 93 -14.47 -19.67 55.30
N SER F 94 -14.08 -20.29 54.19
CA SER F 94 -14.84 -21.42 53.67
C SER F 94 -14.77 -22.64 54.58
N LEU F 95 -13.81 -22.68 55.51
CA LEU F 95 -13.72 -23.75 56.49
C LEU F 95 -14.41 -23.40 57.81
N LYS F 96 -15.36 -22.46 57.80
CA LYS F 96 -15.92 -21.92 59.03
C LYS F 96 -16.68 -22.93 59.85
N GLN F 97 -17.01 -24.10 59.29
CA GLN F 97 -17.55 -25.17 60.09
C GLN F 97 -16.44 -26.06 60.65
N GLN F 98 -15.48 -26.43 59.81
CA GLN F 98 -14.47 -27.42 60.20
C GLN F 98 -13.51 -26.86 61.25
N LEU F 99 -13.11 -25.59 61.09
CA LEU F 99 -12.34 -24.93 62.13
C LEU F 99 -13.14 -24.85 63.42
N PHE F 100 -14.42 -24.51 63.30
CA PHE F 100 -15.30 -24.40 64.46
C PHE F 100 -15.47 -25.74 65.16
N SER F 101 -15.46 -26.83 64.40
CA SER F 101 -15.49 -28.16 65.01
C SER F 101 -14.25 -28.40 65.86
N TYR F 102 -13.08 -28.01 65.34
CA TYR F 102 -11.86 -28.08 66.15
C TYR F 102 -11.93 -27.17 67.37
N ALA F 103 -12.49 -25.96 67.21
CA ALA F 103 -12.61 -25.03 68.32
C ALA F 103 -13.52 -25.56 69.41
N ILE F 104 -14.64 -26.17 69.03
CA ILE F 104 -15.51 -26.83 69.98
C ILE F 104 -14.78 -27.99 70.64
N LEU F 105 -13.99 -28.75 69.86
CA LEU F 105 -13.24 -29.87 70.42
C LEU F 105 -12.21 -29.40 71.43
N GLY F 106 -11.57 -28.27 71.14
CA GLY F 106 -10.65 -27.69 72.10
C GLY F 106 -11.34 -27.28 73.38
N PHE F 107 -12.48 -26.59 73.25
CA PHE F 107 -13.29 -26.23 74.41
C PHE F 107 -13.81 -27.46 75.16
N ALA F 108 -14.20 -28.49 74.42
CA ALA F 108 -14.67 -29.74 75.00
C ALA F 108 -13.58 -30.49 75.72
N LEU F 109 -12.31 -30.14 75.52
CA LEU F 109 -11.24 -30.64 76.38
C LEU F 109 -10.72 -29.61 77.39
N SER F 110 -10.74 -28.33 77.02
CA SER F 110 -10.19 -27.29 77.88
C SER F 110 -10.99 -27.16 79.15
N GLU F 111 -12.32 -27.00 79.04
CA GLU F 111 -13.14 -26.91 80.23
C GLU F 111 -13.17 -28.21 81.00
N ALA F 112 -12.84 -29.33 80.36
CA ALA F 112 -12.78 -30.61 81.07
C ALA F 112 -11.69 -30.61 82.10
N MET F 113 -10.56 -29.94 81.81
CA MET F 113 -9.56 -29.74 82.86
C MET F 113 -10.10 -28.89 84.01
N GLY F 114 -10.85 -27.84 83.69
CA GLY F 114 -11.57 -27.12 84.74
C GLY F 114 -12.58 -28.00 85.46
N LEU F 115 -13.26 -28.86 84.72
CA LEU F 115 -14.20 -29.80 85.30
C LEU F 115 -13.50 -30.87 86.10
N PHE F 116 -12.19 -30.99 86.00
CA PHE F 116 -11.44 -31.78 86.97
C PHE F 116 -11.19 -30.98 88.23
N CYS F 117 -10.66 -29.76 88.08
CA CYS F 117 -10.18 -29.01 89.23
C CYS F 117 -11.32 -28.54 90.13
N LEU F 118 -12.41 -28.03 89.56
CA LEU F 118 -13.56 -27.67 90.39
C LEU F 118 -14.18 -28.90 91.03
N MET F 119 -14.16 -30.02 90.33
CA MET F 119 -14.52 -31.29 90.94
C MET F 119 -13.57 -31.64 92.08
N MET F 120 -12.27 -31.43 91.89
CA MET F 120 -11.27 -31.67 92.93
C MET F 120 -11.35 -30.63 94.04
N ALA F 121 -12.13 -29.58 93.87
CA ALA F 121 -12.52 -28.77 95.01
C ALA F 121 -13.59 -29.47 95.82
N PHE F 122 -14.73 -29.77 95.19
CA PHE F 122 -15.88 -30.28 95.94
C PHE F 122 -15.65 -31.70 96.45
N LEU F 123 -14.93 -32.52 95.71
CA LEU F 123 -14.58 -33.84 96.21
C LEU F 123 -13.64 -33.73 97.40
N LEU F 124 -12.74 -32.75 97.37
CA LEU F 124 -11.91 -32.50 98.54
C LEU F 124 -12.70 -31.82 99.64
N LEU F 125 -13.72 -31.05 99.28
CA LEU F 125 -14.50 -30.30 100.24
C LEU F 125 -15.45 -31.21 101.01
N PHE F 126 -16.00 -32.21 100.36
CA PHE F 126 -16.94 -33.11 101.01
C PHE F 126 -16.50 -34.57 101.03
N ALA F 127 -16.18 -35.14 99.87
CA ALA F 127 -16.04 -36.58 99.76
C ALA F 127 -14.75 -37.08 100.40
N PHE F 128 -13.63 -36.42 100.12
CA PHE F 128 -12.34 -36.91 100.58
C PHE F 128 -12.18 -36.61 102.06
N ASP G 54 -12.81 -20.81 115.96
CA ASP G 54 -12.80 -19.61 115.13
C ASP G 54 -11.85 -19.79 113.95
N ILE G 55 -11.19 -20.96 113.91
CA ILE G 55 -10.35 -21.28 112.77
C ILE G 55 -11.19 -21.55 111.53
N ASP G 56 -12.48 -21.86 111.71
CA ASP G 56 -13.34 -22.16 110.57
C ASP G 56 -13.56 -20.94 109.70
N SER G 57 -13.89 -19.80 110.32
CA SER G 57 -14.08 -18.58 109.56
C SER G 57 -12.76 -18.10 108.95
N ALA G 58 -11.66 -18.29 109.68
CA ALA G 58 -10.36 -17.89 109.17
C ALA G 58 -9.98 -18.68 107.93
N ALA G 59 -10.20 -19.99 107.95
CA ALA G 59 -9.88 -20.82 106.80
C ALA G 59 -10.84 -20.61 105.65
N LYS G 60 -12.07 -20.17 105.94
CA LYS G 60 -12.93 -19.71 104.85
C LYS G 60 -12.34 -18.51 104.15
N PHE G 61 -11.71 -17.61 104.92
CA PHE G 61 -11.07 -16.44 104.30
C PHE G 61 -9.85 -16.85 103.47
N ILE G 62 -9.08 -17.82 103.96
CA ILE G 62 -7.94 -18.34 103.19
C ILE G 62 -8.42 -19.05 101.93
N GLY G 63 -9.47 -19.86 102.05
CA GLY G 63 -9.99 -20.55 100.89
C GLY G 63 -10.56 -19.60 99.85
N ALA G 64 -11.20 -18.52 100.29
CA ALA G 64 -11.72 -17.52 99.35
C ALA G 64 -10.59 -16.78 98.66
N GLY G 65 -9.53 -16.47 99.40
CA GLY G 65 -8.38 -15.83 98.78
C GLY G 65 -7.69 -16.72 97.76
N ALA G 66 -7.54 -17.99 98.08
CA ALA G 66 -6.94 -18.91 97.14
C ALA G 66 -7.87 -19.24 95.99
N ALA G 67 -9.18 -19.08 96.15
CA ALA G 67 -10.11 -19.31 95.06
C ALA G 67 -10.10 -18.16 94.06
N THR G 68 -9.75 -16.96 94.51
CA THR G 68 -9.74 -15.82 93.59
C THR G 68 -8.60 -15.84 92.59
N VAL G 69 -7.64 -16.77 92.71
CA VAL G 69 -6.53 -16.84 91.76
C VAL G 69 -7.00 -17.35 90.40
N GLY G 70 -8.18 -17.96 90.32
CA GLY G 70 -8.62 -18.51 89.05
C GLY G 70 -9.04 -17.49 88.02
N VAL G 71 -9.26 -16.23 88.41
CA VAL G 71 -9.66 -15.22 87.43
C VAL G 71 -8.50 -14.75 86.58
N ALA G 72 -7.27 -15.06 86.97
CA ALA G 72 -6.10 -14.71 86.16
C ALA G 72 -6.15 -15.40 84.81
N GLY G 73 -6.45 -16.70 84.80
CA GLY G 73 -6.49 -17.43 83.55
C GLY G 73 -7.59 -16.95 82.62
N SER G 74 -8.70 -16.50 83.17
CA SER G 74 -9.72 -15.87 82.35
C SER G 74 -9.21 -14.56 81.75
N GLY G 75 -8.44 -13.80 82.53
CA GLY G 75 -7.84 -12.59 81.98
C GLY G 75 -6.83 -12.87 80.87
N ALA G 76 -6.07 -13.95 81.02
CA ALA G 76 -5.10 -14.32 79.98
C ALA G 76 -5.81 -14.87 78.74
N GLY G 77 -6.90 -15.60 78.93
CA GLY G 77 -7.66 -16.08 77.80
C GLY G 77 -8.35 -14.95 77.04
N ILE G 78 -8.84 -13.94 77.76
CA ILE G 78 -9.44 -12.77 77.13
C ILE G 78 -8.38 -12.01 76.34
N GLY G 79 -7.17 -11.90 76.90
CA GLY G 79 -6.10 -11.25 76.18
C GLY G 79 -5.72 -11.97 74.89
N SER G 80 -5.68 -13.30 74.93
CA SER G 80 -5.37 -14.07 73.72
C SER G 80 -6.47 -13.94 72.67
N VAL G 81 -7.73 -13.91 73.11
CA VAL G 81 -8.85 -13.77 72.17
C VAL G 81 -8.79 -12.45 71.44
N PHE G 82 -8.64 -11.35 72.18
CA PHE G 82 -8.71 -10.05 71.51
C PHE G 82 -7.41 -9.68 70.82
N GLY G 83 -6.27 -10.18 71.30
CA GLY G 83 -5.05 -10.04 70.53
C GLY G 83 -5.13 -10.76 69.20
N SER G 84 -5.65 -11.98 69.20
CA SER G 84 -5.85 -12.67 67.95
C SER G 84 -6.93 -12.02 67.10
N LEU G 85 -7.87 -11.29 67.71
CA LEU G 85 -8.81 -10.51 66.93
C LEU G 85 -8.10 -9.41 66.16
N ILE G 86 -7.07 -8.81 66.77
CA ILE G 86 -6.25 -7.83 66.06
C ILE G 86 -5.57 -8.47 64.85
N ILE G 87 -4.99 -9.65 65.07
CA ILE G 87 -4.26 -10.32 63.98
C ILE G 87 -5.22 -10.77 62.87
N GLY G 88 -6.36 -11.34 63.24
CA GLY G 88 -7.32 -11.78 62.25
C GLY G 88 -7.93 -10.64 61.46
N TYR G 89 -8.19 -9.51 62.12
CA TYR G 89 -8.72 -8.35 61.43
C TYR G 89 -7.67 -7.68 60.55
N ALA G 90 -6.38 -7.91 60.83
CA ALA G 90 -5.35 -7.34 59.98
C ALA G 90 -5.31 -7.98 58.59
N ARG G 91 -5.86 -9.17 58.42
CA ARG G 91 -5.79 -9.85 57.14
C ARG G 91 -7.11 -9.95 56.40
N ASN G 92 -8.24 -9.78 57.07
CA ASN G 92 -9.55 -9.85 56.42
C ASN G 92 -10.52 -8.94 57.15
N PRO G 93 -10.46 -7.63 56.90
CA PRO G 93 -11.37 -6.71 57.60
C PRO G 93 -12.83 -6.88 57.23
N SER G 94 -13.13 -7.40 56.04
CA SER G 94 -14.52 -7.53 55.62
C SER G 94 -15.25 -8.61 56.39
N LEU G 95 -14.54 -9.52 57.04
CA LEU G 95 -15.16 -10.55 57.85
C LEU G 95 -15.35 -10.13 59.30
N LYS G 96 -15.02 -8.87 59.63
CA LYS G 96 -14.78 -8.48 61.03
C LYS G 96 -15.99 -8.72 61.92
N GLN G 97 -17.20 -8.60 61.38
CA GLN G 97 -18.39 -8.75 62.20
C GLN G 97 -18.52 -10.18 62.72
N GLN G 98 -18.31 -11.16 61.84
CA GLN G 98 -18.32 -12.54 62.32
C GLN G 98 -17.07 -12.81 63.16
N LEU G 99 -15.96 -12.14 62.84
CA LEU G 99 -14.78 -12.22 63.68
C LEU G 99 -15.07 -11.66 65.06
N PHE G 100 -15.76 -10.51 65.09
CA PHE G 100 -16.11 -9.90 66.36
C PHE G 100 -17.01 -10.84 67.15
N SER G 101 -17.92 -11.53 66.42
CA SER G 101 -18.86 -12.42 67.10
C SER G 101 -18.14 -13.58 67.75
N TYR G 102 -17.06 -14.05 67.11
CA TYR G 102 -16.31 -15.16 67.70
C TYR G 102 -15.61 -14.70 68.97
N ALA G 103 -15.13 -13.46 69.00
CA ALA G 103 -14.55 -12.91 70.21
C ALA G 103 -15.61 -12.83 71.30
N ILE G 104 -16.81 -12.35 70.94
CA ILE G 104 -17.89 -12.25 71.91
C ILE G 104 -18.40 -13.63 72.26
N LEU G 105 -18.12 -14.63 71.42
CA LEU G 105 -18.33 -16.00 71.89
C LEU G 105 -17.21 -16.40 72.84
N GLY G 106 -15.96 -16.26 72.40
CA GLY G 106 -14.84 -16.85 73.14
C GLY G 106 -14.62 -16.19 74.48
N PHE G 107 -14.66 -14.86 74.53
CA PHE G 107 -14.52 -14.16 75.79
C PHE G 107 -15.66 -14.51 76.74
N ALA G 108 -16.87 -14.73 76.21
CA ALA G 108 -17.98 -15.06 77.07
C ALA G 108 -17.84 -16.44 77.67
N LEU G 109 -16.98 -17.29 77.11
CA LEU G 109 -16.69 -18.54 77.78
C LEU G 109 -15.57 -18.37 78.80
N SER G 110 -14.52 -17.63 78.41
CA SER G 110 -13.32 -17.57 79.24
C SER G 110 -13.59 -16.79 80.52
N GLU G 111 -14.19 -15.61 80.40
CA GLU G 111 -14.57 -14.82 81.56
C GLU G 111 -15.50 -15.59 82.47
N ALA G 112 -16.37 -16.43 81.88
CA ALA G 112 -17.31 -17.19 82.69
C ALA G 112 -16.58 -18.18 83.58
N MET G 113 -15.49 -18.79 83.07
CA MET G 113 -14.69 -19.68 83.91
C MET G 113 -14.07 -18.91 85.06
N GLY G 114 -13.59 -17.69 84.80
CA GLY G 114 -13.06 -16.88 85.86
C GLY G 114 -14.14 -16.50 86.87
N LEU G 115 -15.35 -16.24 86.38
CA LEU G 115 -16.44 -15.89 87.30
C LEU G 115 -16.83 -17.08 88.15
N PHE G 116 -16.61 -18.30 87.64
CA PHE G 116 -16.87 -19.48 88.46
C PHE G 116 -15.96 -19.50 89.67
N CYS G 117 -14.69 -19.13 89.47
CA CYS G 117 -13.79 -19.01 90.60
C CYS G 117 -14.18 -17.82 91.48
N LEU G 118 -14.63 -16.73 90.85
CA LEU G 118 -15.11 -15.61 91.64
C LEU G 118 -16.41 -15.97 92.35
N MET G 119 -17.18 -16.92 91.79
CA MET G 119 -18.36 -17.38 92.50
C MET G 119 -17.96 -18.17 93.73
N MET G 120 -16.83 -18.89 93.67
CA MET G 120 -16.33 -19.56 94.86
C MET G 120 -15.86 -18.58 95.91
N ALA G 121 -15.49 -17.35 95.50
CA ALA G 121 -15.16 -16.32 96.47
C ALA G 121 -16.40 -15.85 97.22
N PHE G 122 -17.60 -16.17 96.73
CA PHE G 122 -18.84 -15.95 97.45
C PHE G 122 -19.61 -17.24 97.68
N LEU G 123 -18.93 -18.38 97.59
CA LEU G 123 -19.52 -19.68 97.91
C LEU G 123 -18.75 -20.44 98.97
N LEU G 124 -17.43 -20.33 98.98
CA LEU G 124 -16.62 -20.87 100.07
C LEU G 124 -16.50 -19.87 101.21
N LEU G 125 -17.01 -18.66 101.03
CA LEU G 125 -16.95 -17.61 102.04
C LEU G 125 -18.25 -17.49 102.84
N PHE G 126 -19.40 -17.69 102.20
CA PHE G 126 -20.69 -17.52 102.86
C PHE G 126 -21.41 -18.85 103.05
N ALA G 127 -21.65 -19.60 101.98
CA ALA G 127 -22.49 -20.77 102.07
C ALA G 127 -21.77 -21.97 102.66
N PHE G 128 -20.45 -21.94 102.73
CA PHE G 128 -19.68 -23.07 103.23
C PHE G 128 -18.77 -22.64 104.35
N ASP H 54 -6.01 -13.76 117.53
CA ASP H 54 -6.66 -13.16 116.37
C ASP H 54 -6.29 -13.90 115.10
N ILE H 55 -6.81 -15.12 114.95
CA ILE H 55 -6.57 -15.88 113.73
C ILE H 55 -7.32 -15.28 112.56
N ASP H 56 -8.42 -14.58 112.83
CA ASP H 56 -9.28 -14.08 111.75
C ASP H 56 -8.58 -13.00 110.93
N SER H 57 -7.97 -12.03 111.61
CA SER H 57 -7.28 -10.95 110.90
C SER H 57 -6.02 -11.45 110.19
N ALA H 58 -5.33 -12.41 110.80
CA ALA H 58 -4.13 -12.97 110.18
C ALA H 58 -4.46 -13.73 108.91
N ALA H 59 -5.52 -14.56 108.95
CA ALA H 59 -5.93 -15.26 107.75
C ALA H 59 -6.60 -14.34 106.74
N LYS H 60 -7.13 -13.20 107.17
CA LYS H 60 -7.59 -12.20 106.21
C LYS H 60 -6.44 -11.58 105.44
N PHE H 61 -5.31 -11.33 106.12
CA PHE H 61 -4.12 -10.86 105.42
C PHE H 61 -3.59 -11.90 104.45
N ILE H 62 -3.53 -13.16 104.87
CA ILE H 62 -3.07 -14.23 103.99
C ILE H 62 -4.05 -14.43 102.82
N GLY H 63 -5.34 -14.28 103.09
CA GLY H 63 -6.32 -14.40 102.02
C GLY H 63 -6.23 -13.29 101.01
N ALA H 64 -6.01 -12.05 101.47
CA ALA H 64 -5.85 -10.93 100.53
C ALA H 64 -4.55 -11.06 99.75
N GLY H 65 -3.50 -11.54 100.39
CA GLY H 65 -2.24 -11.76 99.68
C GLY H 65 -2.35 -12.87 98.65
N ALA H 66 -3.06 -13.94 98.98
CA ALA H 66 -3.24 -15.04 98.04
C ALA H 66 -4.13 -14.64 96.88
N ALA H 67 -5.11 -13.77 97.13
CA ALA H 67 -5.99 -13.32 96.06
C ALA H 67 -5.33 -12.33 95.14
N THR H 68 -4.27 -11.66 95.58
CA THR H 68 -3.61 -10.68 94.72
C THR H 68 -2.78 -11.30 93.60
N VAL H 69 -2.60 -12.62 93.58
CA VAL H 69 -1.92 -13.28 92.47
C VAL H 69 -2.74 -13.16 91.19
N GLY H 70 -4.06 -13.01 91.30
CA GLY H 70 -4.95 -13.06 90.15
C GLY H 70 -4.81 -11.93 89.17
N VAL H 71 -4.05 -10.88 89.50
CA VAL H 71 -3.80 -9.80 88.53
C VAL H 71 -2.66 -10.12 87.59
N ALA H 72 -1.95 -11.24 87.81
CA ALA H 72 -0.90 -11.65 86.89
C ALA H 72 -1.50 -12.05 85.55
N GLY H 73 -2.67 -12.68 85.55
CA GLY H 73 -3.30 -13.05 84.30
C GLY H 73 -3.73 -11.84 83.50
N SER H 74 -4.18 -10.79 84.17
CA SER H 74 -4.51 -9.56 83.47
C SER H 74 -3.26 -8.93 82.87
N GLY H 75 -2.15 -8.97 83.59
CA GLY H 75 -0.90 -8.44 83.04
C GLY H 75 -0.42 -9.19 81.81
N ALA H 76 -0.54 -10.52 81.85
CA ALA H 76 -0.18 -11.32 80.68
C ALA H 76 -1.14 -11.08 79.52
N GLY H 77 -2.43 -10.93 79.81
CA GLY H 77 -3.40 -10.69 78.76
C GLY H 77 -3.22 -9.34 78.09
N ILE H 78 -2.90 -8.32 78.89
CA ILE H 78 -2.63 -6.98 78.34
C ILE H 78 -1.38 -7.02 77.48
N GLY H 79 -0.35 -7.74 77.92
CA GLY H 79 0.85 -7.87 77.12
C GLY H 79 0.61 -8.60 75.80
N SER H 80 -0.21 -9.64 75.81
CA SER H 80 -0.51 -10.35 74.58
C SER H 80 -1.37 -9.51 73.64
N VAL H 81 -2.28 -8.71 74.21
CA VAL H 81 -3.11 -7.83 73.38
C VAL H 81 -2.25 -6.78 72.68
N PHE H 82 -1.36 -6.13 73.43
CA PHE H 82 -0.54 -5.10 72.81
C PHE H 82 0.56 -5.68 71.93
N GLY H 83 0.99 -6.91 72.20
CA GLY H 83 1.90 -7.57 71.30
C GLY H 83 1.26 -7.88 69.95
N SER H 84 0.04 -8.41 69.99
CA SER H 84 -0.64 -8.67 68.73
C SER H 84 -1.16 -7.40 68.09
N LEU H 85 -1.27 -6.31 68.84
CA LEU H 85 -1.50 -5.01 68.21
C LEU H 85 -0.28 -4.56 67.41
N ILE H 86 0.92 -4.81 67.94
CA ILE H 86 2.14 -4.51 67.20
C ILE H 86 2.18 -5.28 65.89
N ILE H 87 1.88 -6.58 65.96
CA ILE H 87 1.89 -7.42 64.76
C ILE H 87 0.83 -6.95 63.75
N GLY H 88 -0.39 -6.68 64.23
CA GLY H 88 -1.45 -6.27 63.34
C GLY H 88 -1.21 -4.92 62.70
N TYR H 89 -0.58 -3.99 63.42
CA TYR H 89 -0.26 -2.71 62.83
C TYR H 89 0.89 -2.83 61.84
N ALA H 90 1.87 -3.69 62.13
CA ALA H 90 2.98 -3.85 61.21
C ALA H 90 2.61 -4.63 59.96
N ARG H 91 1.53 -5.41 60.01
CA ARG H 91 1.10 -6.14 58.82
C ARG H 91 0.17 -5.32 57.95
N ASN H 92 -0.78 -4.62 58.55
CA ASN H 92 -1.77 -3.83 57.81
C ASN H 92 -1.86 -2.44 58.41
N PRO H 93 -0.90 -1.57 58.11
CA PRO H 93 -0.89 -0.24 58.74
C PRO H 93 -1.95 0.71 58.24
N SER H 94 -2.82 0.29 57.32
CA SER H 94 -3.89 1.15 56.85
C SER H 94 -5.06 1.24 57.83
N LEU H 95 -5.12 0.35 58.82
CA LEU H 95 -6.19 0.31 59.79
C LEU H 95 -5.66 0.58 61.20
N LYS H 96 -4.66 1.48 61.29
CA LYS H 96 -3.92 1.66 62.53
C LYS H 96 -4.80 2.13 63.67
N GLN H 97 -5.83 2.93 63.38
CA GLN H 97 -6.75 3.33 64.43
C GLN H 97 -7.68 2.18 64.81
N GLN H 98 -8.19 1.47 63.81
CA GLN H 98 -9.27 0.52 64.07
C GLN H 98 -8.79 -0.69 64.83
N LEU H 99 -7.61 -1.21 64.47
CA LEU H 99 -6.97 -2.26 65.26
C LEU H 99 -6.72 -1.77 66.68
N PHE H 100 -6.25 -0.51 66.81
CA PHE H 100 -5.96 0.04 68.11
C PHE H 100 -7.21 0.13 68.96
N SER H 101 -8.36 0.36 68.33
CA SER H 101 -9.60 0.43 69.08
C SER H 101 -9.92 -0.92 69.70
N TYR H 102 -9.79 -1.99 68.91
CA TYR H 102 -10.02 -3.32 69.47
C TYR H 102 -8.91 -3.71 70.43
N ALA H 103 -7.72 -3.14 70.23
CA ALA H 103 -6.63 -3.37 71.18
C ALA H 103 -6.94 -2.70 72.51
N ILE H 104 -7.56 -1.52 72.46
CA ILE H 104 -8.00 -0.88 73.70
C ILE H 104 -9.11 -1.72 74.32
N LEU H 105 -9.97 -2.30 73.49
CA LEU H 105 -10.99 -3.21 74.00
C LEU H 105 -10.34 -4.45 74.58
N GLY H 106 -9.23 -4.89 73.98
CA GLY H 106 -8.50 -6.00 74.55
C GLY H 106 -7.79 -5.66 75.83
N PHE H 107 -7.52 -4.37 76.05
CA PHE H 107 -6.98 -3.93 77.34
C PHE H 107 -8.05 -3.91 78.42
N ALA H 108 -9.32 -3.78 78.02
CA ALA H 108 -10.36 -3.55 79.01
C ALA H 108 -10.74 -4.84 79.73
N LEU H 109 -11.26 -5.81 78.98
CA LEU H 109 -11.95 -6.95 79.59
C LEU H 109 -10.98 -7.83 80.37
N SER H 110 -9.75 -8.00 79.86
CA SER H 110 -8.75 -8.76 80.61
C SER H 110 -8.40 -8.08 81.92
N GLU H 111 -8.28 -6.75 81.90
CA GLU H 111 -8.02 -6.00 83.13
C GLU H 111 -9.21 -6.09 84.08
N ALA H 112 -10.42 -6.23 83.51
CA ALA H 112 -11.61 -6.37 84.34
C ALA H 112 -11.61 -7.70 85.09
N MET H 113 -10.76 -8.65 84.70
CA MET H 113 -10.60 -9.87 85.47
C MET H 113 -9.59 -9.68 86.59
N GLY H 114 -8.44 -9.06 86.27
CA GLY H 114 -7.38 -8.97 87.26
C GLY H 114 -7.72 -8.05 88.40
N LEU H 115 -8.30 -6.89 88.09
CA LEU H 115 -8.72 -5.96 89.11
C LEU H 115 -9.88 -6.51 89.94
N PHE H 116 -10.60 -7.51 89.40
CA PHE H 116 -11.62 -8.18 90.20
C PHE H 116 -10.99 -8.89 91.39
N CYS H 117 -9.83 -9.50 91.17
CA CYS H 117 -9.08 -10.07 92.30
C CYS H 117 -8.60 -8.97 93.22
N LEU H 118 -8.23 -7.81 92.65
CA LEU H 118 -7.83 -6.69 93.48
C LEU H 118 -9.02 -6.14 94.26
N MET H 119 -10.25 -6.37 93.79
CA MET H 119 -11.42 -5.99 94.57
C MET H 119 -11.48 -6.80 95.86
N MET H 120 -11.18 -8.10 95.77
CA MET H 120 -11.14 -8.93 96.97
C MET H 120 -9.99 -8.51 97.88
N ALA H 121 -8.94 -7.93 97.29
CA ALA H 121 -7.81 -7.45 98.09
C ALA H 121 -8.20 -6.24 98.94
N PHE H 122 -9.33 -5.61 98.65
CA PHE H 122 -9.93 -4.65 99.56
C PHE H 122 -11.10 -5.25 100.34
N LEU H 123 -11.79 -6.23 99.75
CA LEU H 123 -13.01 -6.76 100.36
C LEU H 123 -12.68 -7.50 101.65
N LEU H 124 -11.60 -8.28 101.65
CA LEU H 124 -11.21 -8.96 102.87
C LEU H 124 -10.61 -8.01 103.91
N LEU H 125 -10.34 -6.76 103.56
CA LEU H 125 -9.69 -5.83 104.48
C LEU H 125 -10.62 -4.72 104.96
N PHE H 126 -11.23 -3.97 104.04
CA PHE H 126 -12.05 -2.81 104.40
C PHE H 126 -13.54 -3.08 104.23
N ALA H 127 -13.93 -4.32 103.97
CA ALA H 127 -15.35 -4.66 103.88
C ALA H 127 -15.69 -5.84 104.76
N PHE H 128 -14.78 -6.79 104.90
CA PHE H 128 -15.00 -7.93 105.78
C PHE H 128 -14.10 -7.83 107.00
N GLU I 48 -42.58 38.87 -51.43
CA GLU I 48 -41.45 38.58 -50.56
C GLU I 48 -40.55 37.51 -51.17
N ILE I 49 -41.09 36.31 -51.35
CA ILE I 49 -40.31 35.20 -51.86
C ILE I 49 -39.96 35.41 -53.34
N SER I 50 -40.89 35.99 -54.10
CA SER I 50 -40.67 36.19 -55.53
C SER I 50 -39.53 37.17 -55.80
N ALA I 51 -39.37 38.18 -54.96
CA ALA I 51 -38.24 39.09 -55.11
C ALA I 51 -36.91 38.39 -54.88
N VAL I 52 -36.86 37.49 -53.89
CA VAL I 52 -35.65 36.72 -53.64
C VAL I 52 -35.37 35.78 -54.80
N LEU I 53 -36.42 35.18 -55.37
CA LEU I 53 -36.25 34.31 -56.54
C LEU I 53 -35.71 35.09 -57.74
N GLU I 54 -36.22 36.30 -57.95
CA GLU I 54 -35.73 37.15 -59.05
C GLU I 54 -34.27 37.54 -58.82
N GLU I 55 -33.91 37.87 -57.58
CA GLU I 55 -32.52 38.23 -57.28
C GLU I 55 -31.58 37.04 -57.48
N LYS I 56 -32.01 35.85 -57.11
CA LYS I 56 -31.17 34.66 -57.32
C LYS I 56 -31.05 34.30 -58.79
N ILE I 57 -32.12 34.51 -59.56
CA ILE I 57 -32.06 34.22 -61.00
C ILE I 57 -31.16 35.21 -61.72
N LEU I 58 -31.31 36.50 -61.41
CA LEU I 58 -30.50 37.53 -62.05
C LEU I 58 -29.03 37.41 -61.68
N GLY I 59 -28.74 37.00 -60.44
CA GLY I 59 -27.35 36.82 -60.04
C GLY I 59 -26.70 35.53 -60.53
N ALA I 60 -27.47 34.62 -61.09
CA ALA I 60 -26.94 33.34 -61.58
C ALA I 60 -26.63 33.43 -63.07
N ALA I 61 -25.77 34.37 -63.41
CA ALA I 61 -25.34 34.53 -64.81
C ALA I 61 -24.29 33.48 -65.13
N PRO I 62 -24.50 32.63 -66.14
CA PRO I 62 -23.50 31.60 -66.45
C PRO I 62 -22.20 32.17 -67.03
N LYS I 63 -22.33 33.08 -68.01
CA LYS I 63 -21.20 33.71 -68.70
C LYS I 63 -20.25 32.68 -69.29
N GLU I 64 -20.78 31.87 -70.20
CA GLU I 64 -20.02 30.77 -70.80
C GLU I 64 -19.23 31.30 -71.99
N ASN I 65 -18.05 31.85 -71.69
CA ASN I 65 -17.15 32.35 -72.72
C ASN I 65 -15.73 31.89 -72.42
N LEU I 66 -14.94 31.74 -73.49
CA LEU I 66 -13.56 31.27 -73.45
C LEU I 66 -13.47 29.93 -72.72
N GLU I 67 -13.10 29.98 -71.44
CA GLU I 67 -13.17 28.85 -70.51
C GLU I 67 -12.32 27.67 -70.98
N GLU I 68 -11.01 27.89 -70.91
CA GLU I 68 -10.05 26.80 -71.09
C GLU I 68 -10.30 25.71 -70.06
N THR I 69 -10.51 24.48 -70.53
CA THR I 69 -11.00 23.40 -69.67
C THR I 69 -10.15 22.15 -69.85
N GLY I 70 -10.49 21.14 -69.05
CA GLY I 70 -9.89 19.83 -69.19
C GLY I 70 -10.90 18.74 -68.92
N ARG I 71 -10.52 17.51 -69.22
CA ARG I 71 -11.38 16.35 -69.07
C ARG I 71 -10.86 15.44 -67.97
N VAL I 72 -11.77 14.92 -67.15
CA VAL I 72 -11.41 14.00 -66.07
C VAL I 72 -11.09 12.65 -66.69
N LEU I 73 -9.82 12.24 -66.60
CA LEU I 73 -9.45 10.92 -67.09
C LEU I 73 -9.95 9.82 -66.17
N SER I 74 -9.79 10.00 -64.86
CA SER I 74 -10.21 9.00 -63.89
C SER I 74 -10.48 9.69 -62.57
N ILE I 75 -11.45 9.16 -61.83
CA ILE I 75 -11.84 9.71 -60.53
C ILE I 75 -11.77 8.58 -59.50
N GLY I 76 -11.15 8.86 -58.37
CA GLY I 76 -11.04 7.89 -57.31
C GLY I 76 -10.07 8.32 -56.24
N ASP I 77 -10.33 7.92 -55.00
CA ASP I 77 -9.48 8.22 -53.83
C ASP I 77 -9.30 9.72 -53.61
N GLY I 78 -10.30 10.52 -54.00
CA GLY I 78 -10.26 11.95 -53.75
C GLY I 78 -9.30 12.74 -54.61
N ILE I 79 -8.69 12.12 -55.61
CA ILE I 79 -7.75 12.78 -56.51
C ILE I 79 -8.26 12.60 -57.93
N ALA I 80 -8.36 13.70 -58.66
CA ALA I 80 -8.83 13.68 -60.04
C ALA I 80 -7.68 13.99 -60.98
N ARG I 81 -7.48 13.14 -61.98
CA ARG I 81 -6.52 13.41 -63.05
C ARG I 81 -7.25 14.11 -64.18
N VAL I 82 -6.70 15.23 -64.64
CA VAL I 82 -7.34 16.07 -65.65
C VAL I 82 -6.42 16.17 -66.85
N TYR I 83 -6.92 15.79 -68.02
CA TYR I 83 -6.20 15.95 -69.27
C TYR I 83 -6.58 17.30 -69.88
N GLY I 84 -5.59 18.16 -70.07
CA GLY I 84 -5.85 19.51 -70.53
C GLY I 84 -5.33 20.55 -69.56
N LEU I 85 -5.86 21.77 -69.64
CA LEU I 85 -5.50 22.90 -68.78
C LEU I 85 -3.99 23.20 -68.89
N LYS I 86 -3.60 23.63 -70.09
CA LYS I 86 -2.19 23.86 -70.38
C LYS I 86 -1.62 25.02 -69.57
N ASN I 87 -2.38 26.10 -69.43
CA ASN I 87 -1.87 27.32 -68.82
C ASN I 87 -2.26 27.45 -67.35
N ILE I 88 -2.61 26.34 -66.70
CA ILE I 88 -3.01 26.39 -65.29
C ILE I 88 -1.77 26.57 -64.41
N GLN I 89 -1.97 27.20 -63.25
CA GLN I 89 -0.90 27.44 -62.31
C GLN I 89 -0.91 26.38 -61.20
N ALA I 90 0.19 26.32 -60.46
CA ALA I 90 0.26 25.43 -59.31
C ALA I 90 -0.61 25.97 -58.18
N GLU I 91 -1.28 25.06 -57.48
CA GLU I 91 -2.18 25.35 -56.36
C GLU I 91 -3.33 26.27 -56.77
N GLU I 92 -3.74 26.18 -58.03
CA GLU I 92 -4.82 27.02 -58.55
C GLU I 92 -6.16 26.35 -58.32
N MET I 93 -7.14 27.15 -57.90
CA MET I 93 -8.49 26.63 -57.69
C MET I 93 -9.18 26.40 -59.03
N VAL I 94 -9.84 25.24 -59.15
CA VAL I 94 -10.63 24.88 -60.32
C VAL I 94 -12.04 24.56 -59.88
N GLU I 95 -12.95 24.54 -60.84
CA GLU I 95 -14.34 24.16 -60.61
C GLU I 95 -14.70 23.00 -61.50
N PHE I 96 -15.38 22.01 -60.92
CA PHE I 96 -15.85 20.86 -61.68
C PHE I 96 -17.23 21.15 -62.27
N SER I 97 -17.70 20.22 -63.11
CA SER I 97 -18.99 20.39 -63.76
C SER I 97 -20.16 20.24 -62.80
N SER I 98 -19.97 19.54 -61.68
CA SER I 98 -21.03 19.33 -60.71
C SER I 98 -21.12 20.44 -59.68
N GLY I 99 -20.29 21.48 -59.78
CA GLY I 99 -20.27 22.56 -58.84
C GLY I 99 -19.22 22.44 -57.76
N LEU I 100 -18.51 21.32 -57.68
CA LEU I 100 -17.45 21.17 -56.72
C LEU I 100 -16.25 22.03 -57.10
N LYS I 101 -15.35 22.21 -56.14
CA LYS I 101 -14.12 22.94 -56.38
C LYS I 101 -12.93 22.09 -55.95
N GLY I 102 -11.77 22.41 -56.54
CA GLY I 102 -10.58 21.65 -56.26
C GLY I 102 -9.35 22.52 -56.35
N MET I 103 -8.21 21.95 -55.97
CA MET I 103 -6.93 22.61 -56.03
C MET I 103 -5.99 21.80 -56.91
N ALA I 104 -5.40 22.46 -57.91
CA ALA I 104 -4.45 21.82 -58.82
C ALA I 104 -3.15 21.59 -58.08
N LEU I 105 -2.92 20.36 -57.64
CA LEU I 105 -1.75 20.05 -56.83
C LEU I 105 -0.53 19.74 -57.67
N ASN I 106 -0.64 18.78 -58.59
CA ASN I 106 0.49 18.28 -59.35
C ASN I 106 0.41 18.76 -60.79
N LEU I 107 1.47 19.42 -61.27
CA LEU I 107 1.56 19.85 -62.65
C LEU I 107 2.45 18.88 -63.45
N GLU I 108 1.89 17.71 -63.72
CA GLU I 108 2.56 16.71 -64.53
C GLU I 108 2.48 17.11 -66.01
N PRO I 109 3.33 16.53 -66.87
CA PRO I 109 3.25 16.88 -68.30
C PRO I 109 1.94 16.54 -68.97
N ASP I 110 1.50 15.29 -68.89
CA ASP I 110 0.34 14.84 -69.63
C ASP I 110 -0.98 14.99 -68.87
N ASN I 111 -0.94 15.37 -67.59
CA ASN I 111 -2.16 15.51 -66.80
C ASN I 111 -1.89 16.45 -65.65
N VAL I 112 -2.98 16.85 -64.98
CA VAL I 112 -2.92 17.67 -63.78
C VAL I 112 -3.63 16.92 -62.66
N GLY I 113 -2.94 16.75 -61.53
CA GLY I 113 -3.55 16.11 -60.38
C GLY I 113 -4.23 17.14 -59.49
N ILE I 114 -5.51 16.95 -59.25
CA ILE I 114 -6.36 17.93 -58.58
C ILE I 114 -6.96 17.30 -57.33
N VAL I 115 -6.83 17.99 -56.20
CA VAL I 115 -7.36 17.55 -54.93
C VAL I 115 -8.78 18.12 -54.77
N VAL I 116 -9.75 17.24 -54.62
CA VAL I 116 -11.16 17.62 -54.68
C VAL I 116 -11.65 18.02 -53.29
N PHE I 117 -12.27 19.19 -53.20
CA PHE I 117 -12.85 19.67 -51.94
C PHE I 117 -14.32 19.23 -51.86
N GLY I 118 -14.50 17.94 -51.67
CA GLY I 118 -15.84 17.38 -51.55
C GLY I 118 -15.82 15.89 -51.77
N ASN I 119 -17.02 15.33 -51.87
CA ASN I 119 -17.17 13.90 -52.11
C ASN I 119 -16.85 13.56 -53.55
N ASP I 120 -16.37 12.32 -53.76
CA ASP I 120 -15.96 11.88 -55.07
C ASP I 120 -17.07 11.15 -55.83
N LYS I 121 -18.27 11.05 -55.26
CA LYS I 121 -19.39 10.44 -55.97
C LYS I 121 -20.09 11.41 -56.90
N HIS I 122 -19.79 12.71 -56.80
CA HIS I 122 -20.38 13.72 -57.67
C HIS I 122 -19.57 13.96 -58.93
N ILE I 123 -18.44 13.28 -59.09
CA ILE I 123 -17.55 13.47 -60.23
C ILE I 123 -17.42 12.14 -60.95
N LYS I 124 -17.67 12.13 -62.25
CA LYS I 124 -17.57 10.94 -63.08
C LYS I 124 -16.43 11.11 -64.09
N GLU I 125 -16.16 10.03 -64.81
CA GLU I 125 -15.13 10.05 -65.83
C GLU I 125 -15.58 10.90 -67.02
N GLY I 126 -14.71 11.78 -67.48
CA GLY I 126 -15.01 12.62 -68.61
C GLY I 126 -15.69 13.93 -68.28
N ASP I 127 -15.72 14.33 -67.02
CA ASP I 127 -16.32 15.60 -66.66
C ASP I 127 -15.43 16.76 -67.09
N ILE I 128 -16.02 17.95 -67.10
CA ILE I 128 -15.35 19.16 -67.58
C ILE I 128 -14.88 19.95 -66.38
N VAL I 129 -13.59 20.26 -66.36
CA VAL I 129 -12.96 20.99 -65.27
C VAL I 129 -12.56 22.35 -65.79
N LYS I 130 -13.05 23.41 -65.16
CA LYS I 130 -12.78 24.77 -65.55
C LYS I 130 -11.83 25.42 -64.55
N ARG I 131 -10.83 26.13 -65.07
CA ARG I 131 -9.92 26.85 -64.20
C ARG I 131 -10.50 28.20 -63.81
N THR I 132 -10.24 28.62 -62.58
CA THR I 132 -10.73 29.90 -62.07
C THR I 132 -9.72 31.03 -62.25
N GLY I 133 -8.46 30.70 -62.53
CA GLY I 133 -7.45 31.73 -62.71
C GLY I 133 -6.87 32.28 -61.42
N ALA I 134 -7.19 31.69 -60.28
CA ALA I 134 -6.74 32.20 -59.00
C ALA I 134 -6.21 31.07 -58.13
N ILE I 135 -5.08 31.32 -57.46
CA ILE I 135 -4.59 30.41 -56.45
C ILE I 135 -5.59 30.38 -55.30
N VAL I 136 -5.64 29.24 -54.59
CA VAL I 136 -6.73 28.91 -53.67
C VAL I 136 -6.86 29.97 -52.58
N ASP I 137 -8.03 30.62 -52.55
CA ASP I 137 -8.26 31.75 -51.68
C ASP I 137 -9.66 31.65 -51.08
N VAL I 138 -9.84 32.32 -49.95
CA VAL I 138 -11.12 32.32 -49.24
C VAL I 138 -11.54 33.76 -49.02
N PRO I 139 -12.83 34.06 -48.91
CA PRO I 139 -13.23 35.43 -48.57
C PRO I 139 -12.81 35.79 -47.15
N VAL I 140 -12.41 37.04 -46.97
CA VAL I 140 -12.02 37.55 -45.66
C VAL I 140 -12.74 38.87 -45.43
N GLY I 141 -12.80 39.27 -44.17
CA GLY I 141 -13.39 40.54 -43.83
C GLY I 141 -14.16 40.53 -42.53
N GLU I 142 -14.79 41.65 -42.21
CA GLU I 142 -15.69 41.73 -41.07
C GLU I 142 -17.08 41.23 -41.39
N GLU I 143 -17.32 40.85 -42.64
CA GLU I 143 -18.60 40.25 -43.02
C GLU I 143 -18.74 38.83 -42.50
N LEU I 144 -17.63 38.17 -42.17
CA LEU I 144 -17.66 36.82 -41.66
C LEU I 144 -17.91 36.75 -40.17
N LEU I 145 -17.98 37.88 -39.48
CA LEU I 145 -18.26 37.87 -38.06
C LEU I 145 -19.72 37.51 -37.83
N GLY I 146 -19.96 36.53 -36.96
CA GLY I 146 -21.30 36.03 -36.73
C GLY I 146 -21.73 34.93 -37.67
N ARG I 147 -20.80 34.33 -38.41
CA ARG I 147 -21.13 33.39 -39.47
C ARG I 147 -20.43 32.06 -39.25
N VAL I 148 -21.10 31.00 -39.67
CA VAL I 148 -20.53 29.66 -39.73
C VAL I 148 -20.33 29.32 -41.20
N VAL I 149 -19.07 29.11 -41.59
CA VAL I 149 -18.71 28.82 -42.96
C VAL I 149 -18.01 27.47 -43.00
N ASP I 150 -17.87 26.93 -44.19
CA ASP I 150 -17.14 25.69 -44.37
C ASP I 150 -15.67 26.02 -44.64
N ALA I 151 -14.91 25.02 -45.10
CA ALA I 151 -13.49 25.26 -45.37
C ALA I 151 -13.28 26.18 -46.55
N LEU I 152 -14.22 26.21 -47.49
CA LEU I 152 -14.09 27.06 -48.66
C LEU I 152 -14.66 28.46 -48.46
N GLY I 153 -15.32 28.71 -47.33
CA GLY I 153 -15.94 30.00 -47.07
C GLY I 153 -17.41 30.07 -47.41
N ASN I 154 -18.01 28.99 -47.87
CA ASN I 154 -19.44 28.98 -48.14
C ASN I 154 -20.22 28.87 -46.84
N PRO I 155 -21.19 29.75 -46.59
CA PRO I 155 -21.92 29.70 -45.32
C PRO I 155 -22.81 28.47 -45.23
N ILE I 156 -22.80 27.84 -44.07
CA ILE I 156 -23.60 26.65 -43.80
C ILE I 156 -24.62 26.87 -42.71
N ASP I 157 -24.75 28.08 -42.20
CA ASP I 157 -25.71 28.39 -41.15
C ASP I 157 -27.06 28.85 -41.68
N GLY I 158 -27.19 29.01 -43.00
CA GLY I 158 -28.45 29.44 -43.58
C GLY I 158 -28.77 30.90 -43.43
N LYS I 159 -27.80 31.74 -43.06
CA LYS I 159 -28.05 33.16 -42.86
C LYS I 159 -28.01 33.97 -44.15
N GLY I 160 -27.69 33.34 -45.28
CA GLY I 160 -27.61 34.04 -46.53
C GLY I 160 -26.18 34.19 -47.02
N PRO I 161 -25.99 34.92 -48.11
CA PRO I 161 -24.63 35.13 -48.64
C PRO I 161 -23.84 36.06 -47.74
N ILE I 162 -22.52 35.91 -47.81
CA ILE I 162 -21.60 36.82 -47.13
C ILE I 162 -21.21 37.92 -48.10
N GLY I 163 -21.39 39.17 -47.69
CA GLY I 163 -21.09 40.29 -48.55
C GLY I 163 -19.63 40.68 -48.52
N SER I 164 -18.75 39.71 -48.78
CA SER I 164 -17.32 39.95 -48.69
C SER I 164 -16.83 40.80 -49.85
N LYS I 165 -15.85 41.65 -49.57
CA LYS I 165 -15.27 42.51 -50.58
C LYS I 165 -13.86 42.09 -50.99
N THR I 166 -13.18 41.31 -50.15
CA THR I 166 -11.81 40.92 -50.41
C THR I 166 -11.66 39.42 -50.17
N ARG I 167 -10.76 38.81 -50.92
CA ARG I 167 -10.38 37.43 -50.73
C ARG I 167 -8.88 37.36 -50.51
N GLN I 168 -8.45 36.41 -49.69
CA GLN I 168 -7.03 36.20 -49.43
C GLN I 168 -6.67 34.74 -49.63
N ARG I 169 -5.47 34.51 -50.13
CA ARG I 169 -5.00 33.16 -50.39
C ARG I 169 -4.67 32.45 -49.09
N VAL I 170 -4.71 31.12 -49.13
CA VAL I 170 -4.45 30.35 -47.92
C VAL I 170 -2.98 29.96 -47.78
N GLY I 171 -2.24 29.90 -48.87
CA GLY I 171 -0.81 29.65 -48.82
C GLY I 171 0.04 30.90 -48.83
N VAL I 172 0.03 31.65 -47.73
CA VAL I 172 0.78 32.90 -47.62
C VAL I 172 1.93 32.67 -46.65
N LYS I 173 3.10 33.19 -47.00
CA LYS I 173 4.28 33.06 -46.16
C LYS I 173 4.14 33.92 -44.90
N ALA I 174 4.86 33.52 -43.86
CA ALA I 174 4.84 34.19 -42.58
C ALA I 174 5.75 35.42 -42.59
N PRO I 175 5.51 36.38 -41.70
CA PRO I 175 6.40 37.54 -41.60
C PRO I 175 7.79 37.17 -41.11
N GLY I 176 8.75 38.03 -41.45
CA GLY I 176 10.15 37.82 -41.11
C GLY I 176 10.54 38.44 -39.79
N ILE I 177 11.86 38.57 -39.60
CA ILE I 177 12.39 39.06 -38.33
C ILE I 177 12.06 40.53 -38.13
N ILE I 178 12.28 41.34 -39.18
CA ILE I 178 12.07 42.79 -39.09
C ILE I 178 10.61 43.18 -38.85
N PRO I 179 9.60 42.63 -39.57
CA PRO I 179 8.22 43.04 -39.26
C PRO I 179 7.64 42.44 -37.99
N ARG I 180 8.47 41.82 -37.15
CA ARG I 180 8.03 41.23 -35.89
C ARG I 180 8.64 41.98 -34.72
N VAL I 181 7.86 42.08 -33.65
CA VAL I 181 8.29 42.69 -32.40
C VAL I 181 7.94 41.72 -31.27
N SER I 182 8.52 41.97 -30.09
CA SER I 182 8.27 41.12 -28.94
C SER I 182 6.81 41.17 -28.51
N VAL I 183 6.30 40.03 -28.03
CA VAL I 183 4.93 39.96 -27.55
C VAL I 183 4.85 40.64 -26.19
N ARG I 184 4.03 41.68 -26.10
CA ARG I 184 3.93 42.48 -24.88
C ARG I 184 2.51 42.74 -24.42
N GLU I 185 1.50 42.45 -25.24
CA GLU I 185 0.13 42.69 -24.83
C GLU I 185 -0.50 41.42 -24.28
N PRO I 186 -1.29 41.52 -23.21
CA PRO I 186 -1.86 40.31 -22.60
C PRO I 186 -3.08 39.80 -23.36
N MET I 187 -3.16 38.47 -23.45
CA MET I 187 -4.34 37.78 -23.97
C MET I 187 -5.09 37.20 -22.78
N GLN I 188 -6.29 37.70 -22.54
CA GLN I 188 -7.05 37.36 -21.34
C GLN I 188 -8.07 36.29 -21.68
N THR I 189 -7.77 35.05 -21.32
CA THR I 189 -8.70 33.94 -21.52
C THR I 189 -9.78 33.88 -20.45
N GLY I 190 -9.58 34.54 -19.31
CA GLY I 190 -10.53 34.51 -18.23
C GLY I 190 -10.40 33.32 -17.29
N MET I 191 -9.50 32.39 -17.60
CA MET I 191 -9.22 31.27 -16.71
C MET I 191 -8.16 31.69 -15.71
N LYS I 192 -8.43 31.46 -14.42
CA LYS I 192 -7.54 31.92 -13.37
C LYS I 192 -6.18 31.21 -13.44
N ALA I 193 -6.19 29.91 -13.71
CA ALA I 193 -4.94 29.16 -13.78
C ALA I 193 -4.12 29.56 -14.99
N VAL I 194 -4.76 29.81 -16.13
CA VAL I 194 -4.04 30.23 -17.31
C VAL I 194 -3.52 31.65 -17.16
N ASP I 195 -4.36 32.56 -16.66
CA ASP I 195 -3.95 33.95 -16.56
C ASP I 195 -2.89 34.16 -15.48
N SER I 196 -2.78 33.25 -14.51
CA SER I 196 -1.76 33.38 -13.47
C SER I 196 -0.49 32.60 -13.80
N LEU I 197 -0.62 31.32 -14.10
CA LEU I 197 0.54 30.43 -14.17
C LEU I 197 1.09 30.25 -15.57
N VAL I 198 0.23 30.11 -16.58
CA VAL I 198 0.68 29.91 -17.96
C VAL I 198 0.14 31.05 -18.81
N PRO I 199 0.68 32.27 -18.68
CA PRO I 199 0.05 33.42 -19.35
C PRO I 199 0.23 33.37 -20.86
N ILE I 200 -0.74 33.97 -21.55
CA ILE I 200 -0.77 34.01 -23.01
C ILE I 200 -0.74 35.46 -23.46
N GLY I 201 0.14 35.77 -24.40
CA GLY I 201 0.19 37.11 -24.96
C GLY I 201 -0.38 37.16 -26.35
N ARG I 202 -0.67 38.35 -26.84
CA ARG I 202 -1.24 38.49 -28.17
C ARG I 202 -0.13 38.35 -29.21
N GLY I 203 -0.28 37.38 -30.11
CA GLY I 203 0.75 36.95 -31.02
C GLY I 203 1.42 35.66 -30.64
N GLN I 204 1.23 35.20 -29.41
CA GLN I 204 1.83 33.96 -28.96
C GLN I 204 1.08 32.77 -29.54
N ARG I 205 1.78 31.64 -29.64
CA ARG I 205 1.18 30.36 -30.00
C ARG I 205 1.23 29.47 -28.77
N GLU I 206 0.06 29.17 -28.21
CA GLU I 206 -0.06 28.40 -26.99
C GLU I 206 -0.87 27.14 -27.25
N LEU I 207 -0.31 25.99 -26.92
CA LEU I 207 -0.91 24.70 -27.23
C LEU I 207 -1.83 24.25 -26.11
N ILE I 208 -3.00 23.71 -26.48
CA ILE I 208 -3.90 23.07 -25.53
C ILE I 208 -3.85 21.58 -25.83
N ILE I 209 -3.16 20.82 -24.98
CA ILE I 209 -2.87 19.42 -25.28
C ILE I 209 -3.39 18.56 -24.13
N GLY I 210 -4.08 17.49 -24.48
CA GLY I 210 -4.56 16.56 -23.46
C GLY I 210 -5.35 15.44 -24.09
N ASP I 211 -5.78 14.50 -23.25
CA ASP I 211 -6.56 13.37 -23.73
C ASP I 211 -7.99 13.81 -24.07
N ARG I 212 -8.77 12.87 -24.57
CA ARG I 212 -10.15 13.17 -24.91
C ARG I 212 -11.00 13.34 -23.65
N GLN I 213 -11.97 14.25 -23.73
CA GLN I 213 -12.87 14.59 -22.64
C GLN I 213 -12.11 15.05 -21.40
N THR I 214 -11.27 16.07 -21.61
CA THR I 214 -10.51 16.68 -20.53
C THR I 214 -10.73 18.18 -20.42
N GLY I 215 -11.50 18.77 -21.33
CA GLY I 215 -11.82 20.18 -21.24
C GLY I 215 -11.02 21.10 -22.15
N LYS I 216 -10.48 20.58 -23.25
CA LYS I 216 -9.73 21.43 -24.18
C LYS I 216 -10.65 22.41 -24.90
N THR I 217 -11.77 21.90 -25.42
CA THR I 217 -12.73 22.78 -26.08
C THR I 217 -13.38 23.75 -25.10
N ALA I 218 -13.56 23.32 -23.85
CA ALA I 218 -14.13 24.20 -22.84
C ALA I 218 -13.24 25.40 -22.56
N ILE I 219 -11.92 25.18 -22.48
CA ILE I 219 -10.97 26.27 -22.26
C ILE I 219 -10.99 27.21 -23.47
N ALA I 220 -11.01 26.65 -24.68
CA ALA I 220 -11.01 27.48 -25.88
C ALA I 220 -12.27 28.32 -26.00
N ILE I 221 -13.43 27.74 -25.72
CA ILE I 221 -14.69 28.48 -25.82
C ILE I 221 -14.78 29.52 -24.71
N ASP I 222 -14.26 29.23 -23.52
CA ASP I 222 -14.22 30.25 -22.47
C ASP I 222 -13.30 31.40 -22.83
N ALA I 223 -12.20 31.11 -23.52
CA ALA I 223 -11.33 32.17 -24.02
C ALA I 223 -12.06 33.05 -25.04
N ILE I 224 -12.88 32.44 -25.89
CA ILE I 224 -13.68 33.20 -26.85
C ILE I 224 -14.70 34.07 -26.13
N ILE I 225 -15.39 33.50 -25.13
CA ILE I 225 -16.45 34.21 -24.43
C ILE I 225 -15.91 35.37 -23.61
N ASN I 226 -14.70 35.21 -23.05
CA ASN I 226 -14.12 36.23 -22.18
C ASN I 226 -13.86 37.55 -22.89
N GLN I 227 -13.78 37.56 -24.21
CA GLN I 227 -13.44 38.78 -24.93
C GLN I 227 -14.63 39.70 -25.12
N LYS I 228 -15.81 39.35 -24.58
CA LYS I 228 -16.98 40.20 -24.71
C LYS I 228 -16.81 41.51 -23.97
N ARG I 229 -16.14 41.49 -22.82
CA ARG I 229 -15.91 42.72 -22.07
C ARG I 229 -14.99 43.67 -22.80
N PHE I 230 -14.00 43.14 -23.52
CA PHE I 230 -13.12 43.99 -24.31
C PHE I 230 -13.81 44.48 -25.57
N ASN I 231 -14.60 43.61 -26.21
CA ASN I 231 -15.27 43.98 -27.45
C ASN I 231 -16.39 44.97 -27.22
N ASP I 232 -17.08 44.89 -26.08
CA ASP I 232 -18.15 45.83 -25.79
C ASP I 232 -17.63 47.17 -25.29
N ALA I 233 -16.35 47.27 -24.94
CA ALA I 233 -15.80 48.50 -24.40
C ALA I 233 -15.49 49.47 -25.54
N GLN I 234 -14.82 50.57 -25.22
CA GLN I 234 -14.50 51.60 -26.20
C GLN I 234 -13.07 51.50 -26.71
N ASP I 235 -12.17 50.86 -25.97
CA ASP I 235 -10.78 50.74 -26.38
C ASP I 235 -10.69 49.77 -27.56
N GLU I 236 -10.44 50.32 -28.76
CA GLU I 236 -10.34 49.50 -29.95
C GLU I 236 -9.06 48.66 -29.98
N LYS I 237 -8.03 49.10 -29.25
CA LYS I 237 -6.78 48.35 -29.21
C LYS I 237 -6.94 47.03 -28.45
N LYS I 238 -7.81 47.00 -27.45
CA LYS I 238 -8.02 45.80 -26.65
C LYS I 238 -9.09 44.88 -27.21
N LYS I 239 -9.80 45.29 -28.26
CA LYS I 239 -10.78 44.40 -28.87
C LYS I 239 -10.08 43.27 -29.61
N LEU I 240 -10.70 42.10 -29.59
CA LEU I 240 -10.12 40.90 -30.16
C LEU I 240 -11.18 40.15 -30.94
N TYR I 241 -10.81 39.64 -32.10
CA TYR I 241 -11.73 38.94 -32.99
C TYR I 241 -11.36 37.47 -33.01
N CYS I 242 -12.32 36.61 -32.72
CA CYS I 242 -12.04 35.19 -32.54
C CYS I 242 -12.41 34.40 -33.77
N VAL I 243 -11.64 33.35 -34.04
CA VAL I 243 -11.91 32.39 -35.10
C VAL I 243 -11.84 31.00 -34.50
N TYR I 244 -12.89 30.21 -34.67
CA TYR I 244 -12.92 28.84 -34.20
C TYR I 244 -12.98 27.91 -35.41
N VAL I 245 -12.01 27.02 -35.51
CA VAL I 245 -11.92 26.10 -36.64
C VAL I 245 -12.19 24.71 -36.11
N ALA I 246 -13.35 24.15 -36.45
CA ALA I 246 -13.73 22.82 -36.02
C ALA I 246 -13.35 21.81 -37.11
N ILE I 247 -12.43 20.92 -36.79
CA ILE I 247 -11.87 19.98 -37.76
C ILE I 247 -12.16 18.57 -37.28
N GLY I 248 -12.93 17.82 -38.04
CA GLY I 248 -13.16 16.42 -37.76
C GLY I 248 -14.11 16.14 -36.63
N GLN I 249 -14.77 17.15 -36.07
CA GLN I 249 -15.71 16.95 -34.99
C GLN I 249 -17.06 16.50 -35.54
N LYS I 250 -17.95 16.12 -34.63
CA LYS I 250 -19.31 15.80 -35.02
C LYS I 250 -20.10 17.08 -35.25
N ARG I 251 -21.09 17.00 -36.14
CA ARG I 251 -21.88 18.17 -36.49
C ARG I 251 -22.74 18.63 -35.33
N SER I 252 -23.22 17.71 -34.50
CA SER I 252 -23.99 18.08 -33.32
C SER I 252 -23.13 18.88 -32.34
N THR I 253 -21.86 18.50 -32.19
CA THR I 253 -20.96 19.22 -31.30
C THR I 253 -20.73 20.66 -31.78
N VAL I 254 -20.58 20.85 -33.09
CA VAL I 254 -20.38 22.18 -33.62
C VAL I 254 -21.66 23.02 -33.48
N ALA I 255 -22.82 22.37 -33.64
CA ALA I 255 -24.09 23.07 -33.45
C ALA I 255 -24.27 23.52 -31.99
N GLN I 256 -23.88 22.66 -31.05
CA GLN I 256 -23.93 23.04 -29.64
C GLN I 256 -22.97 24.17 -29.32
N ILE I 257 -21.77 24.15 -29.92
CA ILE I 257 -20.79 25.22 -29.70
C ILE I 257 -21.32 26.55 -30.23
N VAL I 258 -21.94 26.53 -31.41
CA VAL I 258 -22.48 27.75 -32.00
C VAL I 258 -23.64 28.28 -31.15
N LYS I 259 -24.48 27.39 -30.62
CA LYS I 259 -25.55 27.83 -29.73
C LYS I 259 -25.00 28.43 -28.44
N ARG I 260 -23.94 27.83 -27.88
CA ARG I 260 -23.32 28.36 -26.67
C ARG I 260 -22.71 29.73 -26.91
N LEU I 261 -22.10 29.92 -28.08
CA LEU I 261 -21.56 31.24 -28.42
C LEU I 261 -22.67 32.25 -28.69
N THR I 262 -23.81 31.79 -29.20
CA THR I 262 -24.91 32.71 -29.46
C THR I 262 -25.61 33.13 -28.17
N ASP I 263 -25.71 32.21 -27.21
CA ASP I 263 -26.35 32.54 -25.93
C ASP I 263 -25.52 33.53 -25.13
N THR I 264 -24.20 33.39 -25.16
CA THR I 264 -23.30 34.29 -24.45
C THR I 264 -22.98 35.55 -25.25
N ASP I 265 -23.53 35.69 -26.45
CA ASP I 265 -23.33 36.82 -27.35
C ASP I 265 -21.85 36.98 -27.73
N ALA I 266 -21.12 35.88 -27.74
CA ALA I 266 -19.75 35.86 -28.23
C ALA I 266 -19.69 35.61 -29.73
N MET I 267 -20.83 35.42 -30.37
CA MET I 267 -20.86 35.12 -31.79
C MET I 267 -20.62 36.36 -32.64
N ARG I 268 -20.87 37.55 -32.09
CA ARG I 268 -20.76 38.79 -32.86
C ARG I 268 -19.35 39.09 -33.32
N TYR I 269 -18.35 38.51 -32.67
CA TYR I 269 -16.95 38.69 -33.06
C TYR I 269 -16.28 37.36 -33.34
N THR I 270 -17.04 36.34 -33.69
CA THR I 270 -16.49 35.01 -33.89
C THR I 270 -16.88 34.48 -35.26
N ILE I 271 -15.92 33.86 -35.92
CA ILE I 271 -16.14 33.16 -37.19
C ILE I 271 -15.90 31.68 -36.91
N VAL I 272 -16.89 30.86 -37.23
CA VAL I 272 -16.77 29.42 -37.03
C VAL I 272 -16.53 28.79 -38.39
N VAL I 273 -15.34 28.22 -38.58
CA VAL I 273 -15.01 27.45 -39.77
C VAL I 273 -15.21 25.98 -39.43
N SER I 274 -16.11 25.32 -40.15
CA SER I 274 -16.53 23.97 -39.81
C SER I 274 -16.11 22.99 -40.89
N ALA I 275 -15.41 21.94 -40.49
CA ALA I 275 -15.08 20.81 -41.35
C ALA I 275 -15.31 19.57 -40.50
N THR I 276 -16.53 19.04 -40.56
CA THR I 276 -16.96 18.03 -39.61
C THR I 276 -16.42 16.66 -39.97
N ALA I 277 -16.85 15.64 -39.22
CA ALA I 277 -16.35 14.29 -39.41
C ALA I 277 -16.92 13.62 -40.63
N SER I 278 -18.06 14.09 -41.14
CA SER I 278 -18.65 13.55 -42.35
C SER I 278 -18.15 14.21 -43.62
N ASP I 279 -17.38 15.28 -43.49
CA ASP I 279 -16.82 15.97 -44.64
C ASP I 279 -15.61 15.21 -45.17
N ALA I 280 -15.17 15.61 -46.36
CA ALA I 280 -14.01 14.99 -46.99
C ALA I 280 -12.73 15.41 -46.29
N ALA I 281 -11.71 14.56 -46.39
CA ALA I 281 -10.40 14.89 -45.83
C ALA I 281 -9.76 16.16 -46.39
N PRO I 282 -9.82 16.48 -47.70
CA PRO I 282 -9.27 17.77 -48.15
C PRO I 282 -9.92 18.98 -47.51
N LEU I 283 -11.22 18.92 -47.20
CA LEU I 283 -11.88 20.03 -46.52
C LEU I 283 -11.35 20.19 -45.09
N GLN I 284 -11.11 19.07 -44.41
CA GLN I 284 -10.54 19.14 -43.07
C GLN I 284 -9.11 19.66 -43.09
N TYR I 285 -8.36 19.33 -44.15
CA TYR I 285 -7.02 19.88 -44.30
C TYR I 285 -7.05 21.38 -44.62
N LEU I 286 -8.00 21.81 -45.45
CA LEU I 286 -8.03 23.20 -45.88
C LEU I 286 -8.54 24.14 -44.81
N ALA I 287 -9.44 23.67 -43.94
CA ALA I 287 -10.08 24.55 -42.96
C ALA I 287 -9.15 25.32 -42.02
N PRO I 288 -8.07 24.73 -41.44
CA PRO I 288 -7.17 25.57 -40.63
C PRO I 288 -6.52 26.70 -41.41
N TYR I 289 -6.21 26.49 -42.69
CA TYR I 289 -5.60 27.54 -43.48
C TYR I 289 -6.60 28.60 -43.88
N SER I 290 -7.86 28.21 -44.11
CA SER I 290 -8.91 29.19 -44.39
C SER I 290 -9.18 30.07 -43.18
N GLY I 291 -9.24 29.46 -42.00
CA GLY I 291 -9.41 30.26 -40.79
C GLY I 291 -8.21 31.13 -40.50
N CYS I 292 -7.01 30.62 -40.78
CA CYS I 292 -5.80 31.41 -40.57
C CYS I 292 -5.77 32.62 -41.51
N ALA I 293 -6.25 32.46 -42.74
CA ALA I 293 -6.36 33.60 -43.64
C ALA I 293 -7.37 34.61 -43.14
N MET I 294 -8.49 34.14 -42.57
CA MET I 294 -9.47 35.06 -41.99
C MET I 294 -8.92 35.79 -40.78
N GLY I 295 -8.09 35.12 -39.98
CA GLY I 295 -7.42 35.82 -38.89
C GLY I 295 -6.29 36.71 -39.36
N GLU I 296 -5.63 36.34 -40.46
CA GLU I 296 -4.58 37.17 -41.04
C GLU I 296 -5.13 38.46 -41.63
N PHE I 297 -6.42 38.49 -41.96
CA PHE I 297 -7.03 39.74 -42.37
C PHE I 297 -6.97 40.77 -41.23
N PHE I 298 -7.40 40.37 -40.03
CA PHE I 298 -7.32 41.26 -38.88
C PHE I 298 -5.89 41.51 -38.45
N ARG I 299 -5.02 40.52 -38.64
CA ARG I 299 -3.61 40.69 -38.28
C ARG I 299 -2.95 41.79 -39.11
N ASP I 300 -3.25 41.82 -40.41
CA ASP I 300 -2.59 42.76 -41.31
C ASP I 300 -3.28 44.11 -41.37
N ASN I 301 -4.43 44.27 -40.70
CA ASN I 301 -5.18 45.52 -40.71
C ASN I 301 -5.10 46.25 -39.37
N GLY I 302 -4.12 45.93 -38.54
CA GLY I 302 -3.97 46.61 -37.27
C GLY I 302 -4.86 46.13 -36.17
N LYS I 303 -5.67 45.11 -36.41
CA LYS I 303 -6.54 44.53 -35.40
C LYS I 303 -5.86 43.32 -34.79
N HIS I 304 -6.51 42.73 -33.80
CA HIS I 304 -5.97 41.58 -33.08
C HIS I 304 -6.94 40.42 -33.17
N ALA I 305 -6.42 39.26 -33.52
CA ALA I 305 -7.26 38.09 -33.73
C ALA I 305 -6.72 36.90 -32.94
N LEU I 306 -7.63 36.14 -32.37
CA LEU I 306 -7.33 34.90 -31.67
C LEU I 306 -7.96 33.75 -32.43
N ILE I 307 -7.16 32.75 -32.77
CA ILE I 307 -7.66 31.64 -33.58
C ILE I 307 -7.40 30.33 -32.85
N ILE I 308 -8.38 29.44 -32.91
CA ILE I 308 -8.33 28.15 -32.23
C ILE I 308 -8.57 27.06 -33.27
N TYR I 309 -7.68 26.08 -33.31
CA TYR I 309 -7.79 24.95 -34.21
C TYR I 309 -8.12 23.72 -33.38
N ASP I 310 -9.40 23.33 -33.40
CA ASP I 310 -9.88 22.20 -32.59
C ASP I 310 -10.35 21.10 -33.54
N ASP I 311 -9.53 20.08 -33.76
CA ASP I 311 -8.17 19.99 -33.23
C ASP I 311 -7.21 19.65 -34.35
N LEU I 312 -5.93 19.99 -34.17
CA LEU I 312 -4.96 19.78 -35.24
C LEU I 312 -4.58 18.32 -35.42
N SER I 313 -4.86 17.46 -34.44
CA SER I 313 -4.58 16.05 -34.62
C SER I 313 -5.51 15.42 -35.64
N LYS I 314 -6.76 15.88 -35.71
CA LYS I 314 -7.69 15.38 -36.73
C LYS I 314 -7.35 15.93 -38.11
N GLN I 315 -6.80 17.15 -38.18
CA GLN I 315 -6.32 17.67 -39.44
C GLN I 315 -5.14 16.87 -39.95
N ALA I 316 -4.25 16.46 -39.04
CA ALA I 316 -3.12 15.63 -39.44
C ALA I 316 -3.56 14.23 -39.86
N VAL I 317 -4.66 13.72 -39.28
CA VAL I 317 -5.20 12.44 -39.72
C VAL I 317 -5.79 12.56 -41.13
N ALA I 318 -6.48 13.66 -41.40
CA ALA I 318 -7.02 13.90 -42.74
C ALA I 318 -5.91 14.06 -43.77
N TYR I 319 -4.85 14.78 -43.42
CA TYR I 319 -3.71 14.93 -44.32
C TYR I 319 -2.96 13.62 -44.52
N ARG I 320 -2.91 12.77 -43.49
CA ARG I 320 -2.34 11.44 -43.64
C ARG I 320 -3.16 10.59 -44.60
N GLN I 321 -4.49 10.72 -44.54
CA GLN I 321 -5.34 10.01 -45.49
C GLN I 321 -5.11 10.49 -46.92
N MET I 322 -4.97 11.81 -47.08
CA MET I 322 -4.70 12.38 -48.41
C MET I 322 -3.37 11.89 -48.96
N SER I 323 -2.35 11.83 -48.11
CA SER I 323 -1.03 11.41 -48.57
C SER I 323 -0.98 9.91 -48.86
N LEU I 324 -1.69 9.10 -48.06
CA LEU I 324 -1.70 7.67 -48.31
C LEU I 324 -2.51 7.32 -49.54
N LEU I 325 -3.50 8.14 -49.88
CA LEU I 325 -4.22 7.96 -51.14
C LEU I 325 -3.44 8.52 -52.33
N LEU I 326 -2.42 9.33 -52.09
CA LEU I 326 -1.50 9.80 -53.12
C LEU I 326 -0.28 8.92 -53.27
N ARG I 327 -0.24 7.79 -52.58
CA ARG I 327 0.86 6.82 -52.62
C ARG I 327 2.19 7.42 -52.18
N ARG I 328 2.14 8.45 -51.34
CA ARG I 328 3.35 9.05 -50.80
C ARG I 328 3.96 8.15 -49.72
N PRO I 329 5.28 8.19 -49.54
CA PRO I 329 5.92 7.29 -48.58
C PRO I 329 5.58 7.66 -47.15
N PRO I 330 5.10 6.70 -46.36
CA PRO I 330 4.80 6.97 -44.95
C PRO I 330 6.05 6.99 -44.10
N GLY I 331 5.99 7.76 -43.01
CA GLY I 331 7.11 7.88 -42.11
C GLY I 331 6.82 7.37 -40.72
N ARG I 332 6.91 8.26 -39.72
CA ARG I 332 6.65 7.90 -38.34
C ARG I 332 5.14 7.78 -38.12
N GLU I 333 4.70 6.61 -37.65
CA GLU I 333 3.29 6.27 -37.44
C GLU I 333 2.49 6.43 -38.72
N ALA I 334 3.09 6.06 -39.85
CA ALA I 334 2.51 6.11 -41.19
C ALA I 334 2.07 7.53 -41.59
N TYR I 335 2.73 8.55 -41.04
CA TYR I 335 2.45 9.92 -41.40
C TYR I 335 3.43 10.40 -42.46
N PRO I 336 3.03 11.35 -43.32
CA PRO I 336 3.97 11.92 -44.27
C PRO I 336 5.02 12.78 -43.58
N GLY I 337 6.15 12.95 -44.25
CA GLY I 337 7.28 13.65 -43.68
C GLY I 337 7.19 15.16 -43.65
N ASP I 338 6.13 15.74 -44.21
CA ASP I 338 5.95 17.19 -44.20
C ASP I 338 4.82 17.62 -43.28
N VAL I 339 4.38 16.73 -42.38
CA VAL I 339 3.32 17.12 -41.43
C VAL I 339 3.86 18.12 -40.42
N PHE I 340 5.17 18.07 -40.11
CA PHE I 340 5.79 19.14 -39.34
C PHE I 340 5.75 20.45 -40.10
N TYR I 341 6.02 20.41 -41.41
CA TYR I 341 5.94 21.62 -42.21
C TYR I 341 4.50 22.11 -42.34
N LEU I 342 3.54 21.18 -42.35
CA LEU I 342 2.12 21.54 -42.40
C LEU I 342 1.72 22.37 -41.19
N HIS I 343 2.06 21.90 -39.99
CA HIS I 343 1.72 22.65 -38.79
C HIS I 343 2.59 23.89 -38.63
N SER I 344 3.84 23.85 -39.09
CA SER I 344 4.73 25.00 -38.91
C SER I 344 4.35 26.14 -39.84
N ARG I 345 3.96 25.84 -41.08
CA ARG I 345 3.51 26.89 -41.97
C ARG I 345 2.12 27.39 -41.57
N LEU I 346 1.32 26.58 -40.89
CA LEU I 346 0.07 27.10 -40.35
C LEU I 346 0.31 28.03 -39.17
N LEU I 347 1.14 27.61 -38.23
CA LEU I 347 1.27 28.34 -36.97
C LEU I 347 2.28 29.48 -37.01
N GLU I 348 3.14 29.54 -38.03
CA GLU I 348 4.05 30.68 -38.12
C GLU I 348 3.34 31.95 -38.54
N ARG I 349 2.15 31.84 -39.12
CA ARG I 349 1.39 33.02 -39.51
C ARG I 349 0.75 33.72 -38.32
N ALA I 350 0.75 33.10 -37.16
CA ALA I 350 0.32 33.73 -35.91
C ALA I 350 1.53 34.38 -35.26
N ALA I 351 1.60 35.70 -35.29
CA ALA I 351 2.75 36.42 -34.76
C ALA I 351 2.33 37.84 -34.42
N LYS I 352 3.23 38.54 -33.73
CA LYS I 352 3.00 39.93 -33.35
C LYS I 352 3.75 40.83 -34.34
N MET I 353 3.00 41.68 -35.03
CA MET I 353 3.60 42.57 -36.01
C MET I 353 4.21 43.79 -35.33
N SER I 354 4.99 44.53 -36.11
CA SER I 354 5.62 45.75 -35.61
C SER I 354 4.69 46.95 -35.82
N GLU I 355 5.10 48.09 -35.26
CA GLU I 355 4.29 49.30 -35.39
C GLU I 355 4.26 49.81 -36.82
N SER I 356 5.31 49.55 -37.59
CA SER I 356 5.34 49.94 -39.00
C SER I 356 4.47 49.03 -39.87
N ASN I 357 4.03 47.90 -39.36
CA ASN I 357 3.14 46.99 -40.07
C ASN I 357 1.70 47.10 -39.60
N GLY I 358 1.37 48.12 -38.81
CA GLY I 358 0.04 48.30 -38.31
C GLY I 358 -0.16 47.91 -36.86
N GLY I 359 0.82 47.23 -36.27
CA GLY I 359 0.69 46.82 -34.88
C GLY I 359 -0.27 45.68 -34.66
N GLY I 360 -0.60 44.93 -35.69
CA GLY I 360 -1.54 43.85 -35.57
C GLY I 360 -0.95 42.63 -34.92
N SER I 361 -1.78 41.62 -34.73
CA SER I 361 -1.36 40.40 -34.07
C SER I 361 -2.33 39.28 -34.42
N LEU I 362 -1.82 38.05 -34.38
CA LEU I 362 -2.65 36.87 -34.51
C LEU I 362 -2.21 35.87 -33.46
N THR I 363 -3.15 35.42 -32.64
CA THR I 363 -2.87 34.50 -31.55
C THR I 363 -3.47 33.14 -31.87
N ALA I 364 -2.66 32.10 -31.77
CA ALA I 364 -3.09 30.75 -32.08
C ALA I 364 -3.24 29.93 -30.80
N LEU I 365 -4.29 29.12 -30.74
CA LEU I 365 -4.48 28.14 -29.68
C LEU I 365 -4.74 26.78 -30.32
N PRO I 366 -3.70 26.09 -30.79
CA PRO I 366 -3.89 24.75 -31.33
C PRO I 366 -4.31 23.76 -30.25
N VAL I 367 -5.06 22.74 -30.68
CA VAL I 367 -5.57 21.71 -29.79
C VAL I 367 -5.04 20.37 -30.27
N ILE I 368 -4.49 19.58 -29.35
CA ILE I 368 -3.93 18.27 -29.66
C ILE I 368 -4.56 17.25 -28.72
N GLU I 369 -5.09 16.18 -29.29
CA GLU I 369 -5.66 15.08 -28.53
C GLU I 369 -4.65 13.93 -28.47
N THR I 370 -4.20 13.60 -27.26
CA THR I 370 -3.22 12.56 -27.05
C THR I 370 -3.88 11.24 -26.69
N GLN I 371 -3.11 10.17 -26.78
CA GLN I 371 -3.56 8.84 -26.37
C GLN I 371 -2.82 8.44 -25.11
N ALA I 372 -3.57 8.21 -24.04
CA ALA I 372 -3.05 7.81 -22.72
C ALA I 372 -2.04 8.81 -22.17
N GLY I 373 -2.23 10.08 -22.48
CA GLY I 373 -1.39 11.13 -21.92
C GLY I 373 0.04 11.18 -22.42
N ASP I 374 0.30 10.61 -23.59
CA ASP I 374 1.66 10.56 -24.13
C ASP I 374 1.96 11.86 -24.87
N VAL I 375 2.88 12.66 -24.32
CA VAL I 375 3.39 13.83 -25.02
C VAL I 375 4.66 13.52 -25.77
N SER I 376 5.06 12.25 -25.79
CA SER I 376 6.25 11.81 -26.51
C SER I 376 5.93 11.33 -27.92
N ALA I 377 4.70 11.47 -28.36
CA ALA I 377 4.31 11.06 -29.70
C ALA I 377 4.86 12.06 -30.73
N TYR I 378 4.60 11.77 -32.00
CA TYR I 378 5.21 12.55 -33.08
C TYR I 378 4.55 13.93 -33.22
N ILE I 379 3.22 13.93 -33.40
CA ILE I 379 2.51 15.20 -33.59
C ILE I 379 2.56 16.11 -32.36
N PRO I 380 2.33 15.62 -31.12
CA PRO I 380 2.50 16.54 -29.97
C PRO I 380 3.89 17.12 -29.83
N THR I 381 4.93 16.34 -30.13
CA THR I 381 6.29 16.88 -30.04
C THR I 381 6.56 17.91 -31.13
N ASN I 382 5.94 17.73 -32.31
CA ASN I 382 6.05 18.73 -33.37
C ASN I 382 5.43 20.05 -32.95
N VAL I 383 4.19 20.00 -32.45
CA VAL I 383 3.50 21.24 -32.09
C VAL I 383 4.14 21.90 -30.86
N ILE I 384 4.70 21.10 -29.95
CA ILE I 384 5.44 21.66 -28.82
C ILE I 384 6.68 22.40 -29.31
N SER I 385 7.41 21.82 -30.26
CA SER I 385 8.59 22.49 -30.80
C SER I 385 8.22 23.73 -31.60
N ILE I 386 7.04 23.77 -32.21
CA ILE I 386 6.62 24.94 -32.98
C ILE I 386 6.18 26.06 -32.06
N THR I 387 5.25 25.78 -31.15
CA THR I 387 4.59 26.81 -30.36
C THR I 387 5.51 27.31 -29.24
N ASP I 388 5.04 28.35 -28.56
CA ASP I 388 5.77 29.00 -27.49
C ASP I 388 5.48 28.43 -26.10
N GLY I 389 4.52 27.52 -25.99
CA GLY I 389 4.17 26.94 -24.71
C GLY I 389 2.96 26.07 -24.86
N GLN I 390 2.66 25.33 -23.79
CA GLN I 390 1.54 24.40 -23.80
C GLN I 390 0.74 24.53 -22.51
N ILE I 391 -0.49 24.07 -22.56
CA ILE I 391 -1.38 23.96 -21.41
C ILE I 391 -1.84 22.51 -21.39
N PHE I 392 -1.19 21.71 -20.54
CA PHE I 392 -1.46 20.29 -20.49
C PHE I 392 -2.66 20.02 -19.57
N LEU I 393 -3.55 19.16 -20.04
CA LEU I 393 -4.74 18.78 -19.27
C LEU I 393 -4.63 17.31 -18.88
N GLU I 394 -4.83 17.04 -17.60
CA GLU I 394 -4.65 15.72 -17.03
C GLU I 394 -5.97 14.99 -16.90
N THR I 395 -5.99 13.72 -17.32
CA THR I 395 -7.16 12.88 -17.11
C THR I 395 -7.34 12.55 -15.63
N GLU I 396 -6.23 12.35 -14.92
CA GLU I 396 -6.29 12.03 -13.50
C GLU I 396 -6.89 13.17 -12.69
N LEU I 397 -6.49 14.40 -12.97
CA LEU I 397 -7.09 15.55 -12.30
C LEU I 397 -8.53 15.76 -12.74
N PHE I 398 -8.86 15.39 -13.98
CA PHE I 398 -10.22 15.55 -14.47
C PHE I 398 -11.17 14.56 -13.80
N TYR I 399 -10.69 13.35 -13.50
CA TYR I 399 -11.51 12.37 -12.79
C TYR I 399 -11.74 12.73 -11.34
N LYS I 400 -10.85 13.54 -10.75
CA LYS I 400 -10.99 13.94 -9.35
C LYS I 400 -11.82 15.20 -9.18
N GLY I 401 -12.37 15.75 -10.26
CA GLY I 401 -13.21 16.93 -10.17
C GLY I 401 -12.47 18.25 -10.27
N ILE I 402 -11.14 18.23 -10.37
CA ILE I 402 -10.36 19.45 -10.54
C ILE I 402 -10.57 19.95 -11.96
N ARG I 403 -11.37 21.00 -12.12
CA ARG I 403 -11.67 21.56 -13.43
C ARG I 403 -11.41 23.06 -13.39
N PRO I 404 -10.55 23.61 -14.26
CA PRO I 404 -9.79 22.94 -15.34
C PRO I 404 -8.62 22.10 -14.85
N ALA I 405 -8.40 20.95 -15.48
CA ALA I 405 -7.43 19.98 -15.01
C ALA I 405 -6.03 20.30 -15.53
N ILE I 406 -5.57 21.51 -15.28
CA ILE I 406 -4.30 21.98 -15.83
C ILE I 406 -3.16 21.47 -14.98
N ASN I 407 -2.21 20.79 -15.62
CA ASN I 407 -1.00 20.34 -14.96
C ASN I 407 -0.03 21.52 -14.89
N VAL I 408 0.19 22.04 -13.67
CA VAL I 408 1.04 23.21 -13.50
C VAL I 408 2.51 22.86 -13.76
N GLY I 409 2.92 21.64 -13.40
CA GLY I 409 4.30 21.25 -13.57
C GLY I 409 4.71 21.05 -15.02
N LEU I 410 3.75 20.84 -15.91
CA LEU I 410 4.05 20.60 -17.32
C LEU I 410 3.68 21.76 -18.23
N SER I 411 2.74 22.62 -17.83
CA SER I 411 2.28 23.72 -18.66
C SER I 411 3.11 24.95 -18.35
N VAL I 412 3.89 25.39 -19.34
CA VAL I 412 4.74 26.58 -19.21
C VAL I 412 4.47 27.50 -20.38
N SER I 413 4.96 28.73 -20.26
CA SER I 413 4.87 29.72 -21.32
C SER I 413 6.19 30.46 -21.40
N ARG I 414 6.81 30.43 -22.58
CA ARG I 414 8.14 31.02 -22.75
C ARG I 414 8.12 32.54 -22.73
N VAL I 415 6.97 33.16 -23.01
CA VAL I 415 6.87 34.62 -22.97
C VAL I 415 6.89 35.10 -21.53
N GLY I 416 5.91 34.67 -20.74
CA GLY I 416 5.91 34.92 -19.31
C GLY I 416 5.52 36.32 -18.90
N SER I 417 6.46 37.03 -18.27
CA SER I 417 6.17 38.30 -17.62
C SER I 417 5.76 39.40 -18.60
N ALA I 418 6.12 39.28 -19.88
CA ALA I 418 5.71 40.27 -20.86
C ALA I 418 4.25 40.11 -21.28
N ALA I 419 3.61 39.00 -20.92
CA ALA I 419 2.23 38.74 -21.32
C ALA I 419 1.25 38.99 -20.19
N GLN I 420 1.66 39.65 -19.11
CA GLN I 420 0.83 39.85 -17.94
C GLN I 420 0.79 41.33 -17.58
N THR I 421 -0.26 41.71 -16.86
CA THR I 421 -0.32 43.02 -16.23
C THR I 421 0.58 43.03 -14.99
N ARG I 422 0.77 44.22 -14.43
CA ARG I 422 1.72 44.36 -13.33
C ARG I 422 1.21 43.70 -12.06
N ALA I 423 -0.07 43.91 -11.72
CA ALA I 423 -0.63 43.34 -10.50
C ALA I 423 -0.75 41.82 -10.60
N MET I 424 -1.16 41.33 -11.78
CA MET I 424 -1.26 39.88 -11.98
C MET I 424 0.11 39.23 -11.90
N LYS I 425 1.14 39.85 -12.50
CA LYS I 425 2.48 39.30 -12.44
C LYS I 425 3.03 39.32 -11.01
N GLN I 426 2.72 40.39 -10.27
CA GLN I 426 3.20 40.53 -8.90
C GLN I 426 2.61 39.46 -8.00
N VAL I 427 1.33 39.12 -8.19
CA VAL I 427 0.73 38.08 -7.37
C VAL I 427 0.98 36.67 -7.92
N ALA I 428 1.23 36.53 -9.22
CA ALA I 428 1.45 35.21 -9.79
C ALA I 428 2.85 34.69 -9.53
N GLY I 429 3.83 35.58 -9.37
CA GLY I 429 5.15 35.12 -8.96
C GLY I 429 5.15 34.48 -7.59
N SER I 430 4.44 35.09 -6.64
CA SER I 430 4.29 34.50 -5.32
C SER I 430 3.45 33.24 -5.36
N MET I 431 2.40 33.21 -6.19
CA MET I 431 1.60 32.01 -6.34
C MET I 431 2.40 30.86 -6.94
N LYS I 432 3.22 31.15 -7.95
CA LYS I 432 4.05 30.13 -8.57
C LYS I 432 5.10 29.59 -7.61
N LEU I 433 5.71 30.47 -6.81
CA LEU I 433 6.67 30.02 -5.82
C LEU I 433 6.01 29.18 -4.73
N GLU I 434 4.82 29.58 -4.28
CA GLU I 434 4.14 28.81 -3.24
C GLU I 434 3.65 27.46 -3.75
N LEU I 435 3.19 27.41 -5.00
CA LEU I 435 2.81 26.12 -5.58
C LEU I 435 4.02 25.23 -5.84
N ALA I 436 5.17 25.82 -6.17
CA ALA I 436 6.39 25.04 -6.29
C ALA I 436 6.82 24.47 -4.94
N GLN I 437 6.71 25.26 -3.87
CA GLN I 437 7.01 24.76 -2.54
C GLN I 437 6.04 23.67 -2.12
N TYR I 438 4.75 23.84 -2.45
CA TYR I 438 3.75 22.83 -2.13
C TYR I 438 4.01 21.52 -2.87
N ARG I 439 4.37 21.61 -4.15
CA ARG I 439 4.69 20.41 -4.91
C ARG I 439 5.99 19.77 -4.44
N GLU I 440 6.90 20.56 -3.86
CA GLU I 440 8.11 19.98 -3.31
C GLU I 440 7.84 19.25 -2.00
N VAL I 441 6.94 19.77 -1.18
CA VAL I 441 6.69 19.15 0.13
C VAL I 441 5.60 18.07 0.09
N ALA I 442 4.72 18.08 -0.90
CA ALA I 442 3.70 17.06 -1.01
C ALA I 442 4.18 15.81 -1.75
N ALA I 443 5.35 15.89 -2.40
CA ALA I 443 5.89 14.71 -3.08
C ALA I 443 6.41 13.68 -2.09
N PHE I 444 6.97 14.14 -0.97
CA PHE I 444 7.52 13.24 0.04
C PHE I 444 6.52 12.93 1.15
N ALA I 445 5.63 13.87 1.47
CA ALA I 445 4.65 13.68 2.54
C ALA I 445 3.42 12.95 2.01
N GLN I 446 3.61 11.65 1.77
CA GLN I 446 2.54 10.80 1.28
C GLN I 446 2.45 9.51 2.11
N LEU I 451 3.96 15.73 11.37
CA LEU I 451 4.93 16.44 10.54
C LEU I 451 5.26 17.80 11.13
N ASP I 452 6.11 18.55 10.43
CA ASP I 452 6.52 19.87 10.90
C ASP I 452 5.37 20.87 10.73
N ALA I 453 5.39 21.90 11.58
CA ALA I 453 4.36 22.94 11.51
C ALA I 453 4.48 23.76 10.23
N SER I 454 5.73 24.04 9.80
CA SER I 454 5.94 24.76 8.55
C SER I 454 5.51 23.92 7.35
N THR I 455 5.80 22.62 7.39
CA THR I 455 5.40 21.73 6.29
C THR I 455 3.88 21.62 6.20
N GLN I 456 3.20 21.52 7.35
CA GLN I 456 1.74 21.51 7.36
C GLN I 456 1.16 22.83 6.89
N GLN I 457 1.83 23.94 7.21
CA GLN I 457 1.38 25.24 6.72
C GLN I 457 1.52 25.34 5.20
N LEU I 458 2.64 24.85 4.65
CA LEU I 458 2.83 24.85 3.20
C LEU I 458 1.82 23.95 2.51
N LEU I 459 1.53 22.78 3.12
CA LEU I 459 0.55 21.87 2.55
C LEU I 459 -0.84 22.49 2.56
N SER I 460 -1.22 23.15 3.65
CA SER I 460 -2.51 23.82 3.73
C SER I 460 -2.60 24.97 2.74
N ARG I 461 -1.52 25.74 2.59
CA ARG I 461 -1.51 26.83 1.63
C ARG I 461 -1.64 26.31 0.20
N GLY I 462 -0.92 25.24 -0.13
CA GLY I 462 -1.03 24.68 -1.47
C GLY I 462 -2.38 24.08 -1.76
N VAL I 463 -3.01 23.46 -0.75
CA VAL I 463 -4.37 22.94 -0.92
C VAL I 463 -5.36 24.09 -1.16
N ARG I 464 -5.21 25.18 -0.41
CA ARG I 464 -6.11 26.32 -0.58
C ARG I 464 -5.91 27.01 -1.93
N LEU I 465 -4.66 27.09 -2.41
CA LEU I 465 -4.42 27.66 -3.73
C LEU I 465 -4.97 26.76 -4.83
N THR I 466 -4.85 25.44 -4.67
CA THR I 466 -5.39 24.51 -5.66
C THR I 466 -6.91 24.60 -5.73
N GLU I 467 -7.58 24.67 -4.58
CA GLU I 467 -9.02 24.89 -4.58
C GLU I 467 -9.40 26.28 -5.05
N LEU I 468 -8.48 27.24 -4.95
CA LEU I 468 -8.75 28.59 -5.42
C LEU I 468 -8.72 28.66 -6.94
N LEU I 469 -7.82 27.91 -7.57
CA LEU I 469 -7.66 27.94 -9.02
C LEU I 469 -8.77 27.21 -9.76
N LYS I 470 -9.61 26.45 -9.06
CA LYS I 470 -10.74 25.77 -9.70
C LYS I 470 -11.77 26.78 -10.15
N GLN I 471 -12.28 26.59 -11.35
CA GLN I 471 -13.21 27.54 -11.95
C GLN I 471 -14.30 26.77 -12.70
N GLY I 472 -15.52 27.28 -12.64
CA GLY I 472 -16.61 26.66 -13.36
C GLY I 472 -16.55 26.93 -14.85
N GLN I 473 -17.29 26.13 -15.60
CA GLN I 473 -17.32 26.25 -17.05
C GLN I 473 -18.19 27.41 -17.49
N TYR I 474 -17.80 28.03 -18.61
CA TYR I 474 -18.52 29.08 -19.32
C TYR I 474 -18.68 30.37 -18.54
N VAL I 475 -17.97 30.52 -17.42
CA VAL I 475 -18.02 31.77 -16.64
C VAL I 475 -16.61 32.29 -16.45
N PRO I 476 -16.03 32.98 -17.44
CA PRO I 476 -14.72 33.60 -17.24
C PRO I 476 -14.83 34.85 -16.39
N MET I 477 -13.68 35.25 -15.83
CA MET I 477 -13.61 36.38 -14.91
C MET I 477 -12.75 37.49 -15.48
N ALA I 478 -13.08 38.72 -15.10
CA ALA I 478 -12.24 39.86 -15.44
C ALA I 478 -10.93 39.80 -14.67
N ILE I 479 -9.93 40.50 -15.19
CA ILE I 479 -8.58 40.38 -14.65
C ILE I 479 -8.50 40.95 -13.24
N GLU I 480 -9.33 41.94 -12.92
CA GLU I 480 -9.33 42.52 -11.58
C GLU I 480 -9.88 41.53 -10.55
N ASP I 481 -10.92 40.77 -10.92
CA ASP I 481 -11.46 39.76 -10.02
C ASP I 481 -10.47 38.63 -9.78
N GLN I 482 -9.76 38.21 -10.83
CA GLN I 482 -8.73 37.19 -10.67
C GLN I 482 -7.58 37.71 -9.81
N VAL I 483 -7.18 38.97 -10.00
CA VAL I 483 -6.09 39.54 -9.21
C VAL I 483 -6.47 39.59 -7.73
N ALA I 484 -7.70 40.00 -7.43
CA ALA I 484 -8.17 40.03 -6.04
C ALA I 484 -8.25 38.63 -5.45
N ILE I 485 -8.71 37.65 -6.24
CA ILE I 485 -8.87 36.28 -5.75
C ILE I 485 -7.51 35.66 -5.43
N ILE I 486 -6.55 35.81 -6.33
CA ILE I 486 -5.22 35.26 -6.10
C ILE I 486 -4.52 36.02 -4.97
N TYR I 487 -4.79 37.33 -4.83
CA TYR I 487 -4.25 38.10 -3.71
C TYR I 487 -4.76 37.57 -2.37
N CYS I 488 -6.06 37.27 -2.30
CA CYS I 488 -6.61 36.72 -1.06
C CYS I 488 -6.03 35.34 -0.77
N GLY I 489 -5.85 34.53 -1.81
CA GLY I 489 -5.27 33.21 -1.60
C GLY I 489 -3.81 33.24 -1.18
N VAL I 490 -3.02 34.11 -1.81
CA VAL I 490 -1.58 34.12 -1.60
C VAL I 490 -1.23 34.71 -0.23
N ARG I 491 -1.86 35.81 0.14
CA ARG I 491 -1.52 36.55 1.35
C ARG I 491 -1.98 35.87 2.65
N GLY I 492 -2.43 34.62 2.66
CA GLY I 492 -2.83 33.98 3.89
C GLY I 492 -4.19 34.38 4.40
N HIS I 493 -5.02 35.01 3.58
CA HIS I 493 -6.36 35.39 4.01
C HIS I 493 -7.31 34.20 4.09
N LEU I 494 -6.93 33.06 3.53
CA LEU I 494 -7.76 31.85 3.55
C LEU I 494 -7.25 30.82 4.54
N ASP I 495 -6.41 31.22 5.49
CA ASP I 495 -5.80 30.28 6.41
C ASP I 495 -6.83 29.68 7.37
N LYS I 496 -7.84 30.46 7.76
CA LYS I 496 -8.88 29.96 8.64
C LYS I 496 -10.08 29.41 7.87
N VAL I 497 -10.04 29.43 6.54
CA VAL I 497 -11.16 29.04 5.72
C VAL I 497 -10.96 27.60 5.27
N GLU I 498 -12.01 26.80 5.39
CA GLU I 498 -11.96 25.41 4.94
C GLU I 498 -11.87 25.37 3.41
N PRO I 499 -11.19 24.37 2.84
CA PRO I 499 -11.09 24.29 1.38
C PRO I 499 -12.41 24.05 0.68
N SER I 500 -13.43 23.53 1.37
CA SER I 500 -14.72 23.33 0.75
C SER I 500 -15.52 24.62 0.65
N LYS I 501 -15.17 25.66 1.41
CA LYS I 501 -15.90 26.92 1.40
C LYS I 501 -15.17 28.03 0.67
N ILE I 502 -14.10 27.70 -0.05
CA ILE I 502 -13.33 28.72 -0.77
C ILE I 502 -14.16 29.28 -1.92
N THR I 503 -14.90 28.42 -2.62
CA THR I 503 -15.73 28.87 -3.73
C THR I 503 -16.85 29.79 -3.25
N LYS I 504 -17.52 29.44 -2.16
CA LYS I 504 -18.56 30.30 -1.60
C LYS I 504 -17.97 31.62 -1.12
N PHE I 505 -16.77 31.57 -0.51
CA PHE I 505 -16.12 32.80 -0.08
C PHE I 505 -15.77 33.66 -1.28
N GLU I 506 -15.33 33.00 -2.36
CA GLU I 506 -14.93 33.73 -3.56
C GLU I 506 -16.13 34.44 -4.17
N LYS I 507 -17.29 33.78 -4.17
CA LYS I 507 -18.46 34.40 -4.77
C LYS I 507 -18.95 35.55 -3.89
N GLU I 508 -18.92 35.34 -2.57
CA GLU I 508 -19.46 36.36 -1.68
C GLU I 508 -18.51 37.55 -1.59
N PHE I 509 -17.21 37.29 -1.65
CA PHE I 509 -16.24 38.38 -1.65
C PHE I 509 -16.33 39.18 -2.93
N SER I 510 -16.59 38.49 -4.07
CA SER I 510 -16.76 39.22 -5.32
C SER I 510 -17.99 40.09 -5.25
N GLN I 511 -19.06 39.56 -4.63
CA GLN I 511 -20.28 40.35 -4.50
C GLN I 511 -20.04 41.53 -3.58
N HIS I 512 -19.26 41.31 -2.50
CA HIS I 512 -19.03 42.39 -1.54
C HIS I 512 -18.18 43.48 -2.16
N ILE I 513 -17.21 43.09 -2.99
CA ILE I 513 -16.34 44.10 -3.60
C ILE I 513 -17.14 44.90 -4.62
N LYS I 514 -18.02 44.21 -5.35
CA LYS I 514 -18.80 44.91 -6.37
C LYS I 514 -19.94 45.71 -5.74
N THR I 515 -20.23 45.48 -4.45
CA THR I 515 -21.38 46.14 -3.84
C THR I 515 -21.00 47.47 -3.23
N SER I 516 -20.07 47.47 -2.28
CA SER I 516 -19.73 48.67 -1.54
C SER I 516 -18.21 48.87 -1.46
N HIS I 517 -17.48 48.37 -2.46
CA HIS I 517 -16.04 48.60 -2.55
C HIS I 517 -15.65 48.90 -3.99
N ARG I 518 -16.42 49.76 -4.65
CA ARG I 518 -16.09 50.17 -6.01
C ARG I 518 -14.87 51.10 -6.04
N ASP I 519 -14.65 51.85 -4.95
CA ASP I 519 -13.49 52.72 -4.87
C ASP I 519 -12.18 51.92 -4.83
N ILE I 520 -12.23 50.71 -4.27
CA ILE I 520 -11.05 49.84 -4.28
C ILE I 520 -10.69 49.44 -5.71
N LEU I 521 -11.70 49.08 -6.51
CA LEU I 521 -11.44 48.73 -7.90
C LEU I 521 -10.99 49.94 -8.71
N ASP I 522 -11.52 51.13 -8.39
CA ASP I 522 -11.07 52.35 -9.05
C ASP I 522 -9.61 52.65 -8.71
N THR I 523 -9.22 52.45 -7.45
CA THR I 523 -7.84 52.67 -7.05
C THR I 523 -6.90 51.65 -7.71
N ILE I 524 -7.35 50.39 -7.80
CA ILE I 524 -6.55 49.37 -8.46
C ILE I 524 -6.36 49.67 -9.94
N ALA I 525 -7.44 50.10 -10.61
CA ALA I 525 -7.35 50.44 -12.03
C ALA I 525 -6.47 51.67 -12.25
N LYS I 526 -6.53 52.64 -11.33
CA LYS I 526 -5.73 53.85 -11.50
C LYS I 526 -4.25 53.58 -11.25
N GLU I 527 -3.91 52.83 -10.20
CA GLU I 527 -2.51 52.53 -9.91
C GLU I 527 -1.94 51.46 -10.83
N GLY I 528 -2.77 50.50 -11.26
CA GLY I 528 -2.30 49.41 -12.09
C GLY I 528 -1.59 48.30 -11.35
N GLN I 529 -1.49 48.38 -10.03
CA GLN I 529 -0.81 47.39 -9.22
C GLN I 529 -1.40 47.44 -7.82
N ILE I 530 -0.71 46.82 -6.86
CA ILE I 530 -1.12 46.84 -5.46
C ILE I 530 0.00 47.47 -4.66
N SER I 531 -0.20 48.70 -4.20
CA SER I 531 0.75 49.36 -3.33
C SER I 531 0.64 48.78 -1.92
N PRO I 532 1.72 48.86 -1.13
CA PRO I 532 1.65 48.37 0.26
C PRO I 532 0.61 49.07 1.12
N ASP I 533 0.31 50.34 0.86
CA ASP I 533 -0.76 51.01 1.58
C ASP I 533 -2.12 50.42 1.20
N THR I 534 -2.35 50.24 -0.10
CA THR I 534 -3.57 49.56 -0.54
C THR I 534 -3.56 48.09 -0.17
N ASP I 535 -2.37 47.50 -0.04
CA ASP I 535 -2.28 46.14 0.49
C ASP I 535 -2.77 46.06 1.93
N ALA I 536 -2.38 47.02 2.76
CA ALA I 536 -2.84 47.05 4.14
C ALA I 536 -4.33 47.34 4.23
N LYS I 537 -4.84 48.23 3.36
CA LYS I 537 -6.27 48.48 3.31
C LYS I 537 -7.04 47.24 2.88
N LEU I 538 -6.51 46.50 1.90
CA LEU I 538 -7.17 45.28 1.46
C LEU I 538 -7.15 44.22 2.54
N LYS I 539 -6.05 44.11 3.29
CA LYS I 539 -5.99 43.16 4.39
C LYS I 539 -7.01 43.51 5.47
N LYS I 540 -7.16 44.81 5.76
CA LYS I 540 -8.14 45.22 6.77
C LYS I 540 -9.57 44.94 6.33
N VAL I 541 -9.90 45.21 5.06
CA VAL I 541 -11.28 44.99 4.63
C VAL I 541 -11.56 43.51 4.43
N VAL I 542 -10.54 42.70 4.13
CA VAL I 542 -10.71 41.25 4.10
C VAL I 542 -10.98 40.72 5.49
N THR I 543 -10.21 41.20 6.49
CA THR I 543 -10.44 40.80 7.88
C THR I 543 -11.82 41.22 8.36
N ASP I 544 -12.26 42.43 7.99
CA ASP I 544 -13.60 42.88 8.33
C ASP I 544 -14.67 42.02 7.67
N PHE I 545 -14.44 41.61 6.42
CA PHE I 545 -15.43 40.80 5.71
C PHE I 545 -15.54 39.40 6.31
N LEU I 546 -14.41 38.78 6.65
CA LEU I 546 -14.45 37.44 7.21
C LEU I 546 -15.00 37.46 8.64
N SER I 547 -14.75 38.53 9.39
CA SER I 547 -15.37 38.66 10.71
C SER I 547 -16.87 38.93 10.60
N THR I 548 -17.29 39.65 9.56
CA THR I 548 -18.71 39.92 9.38
C THR I 548 -19.48 38.68 8.96
N PHE I 549 -18.86 37.84 8.12
CA PHE I 549 -19.52 36.63 7.65
C PHE I 549 -19.74 35.64 8.79
N GLN I 550 -18.76 35.48 9.67
CA GLN I 550 -18.87 34.56 10.79
C GLN I 550 -18.21 35.16 12.02
N ALA I 551 -18.94 35.17 13.13
CA ALA I 551 -18.43 35.72 14.38
C ALA I 551 -19.16 35.09 15.56
N ALA J 47 17.66 -0.92 -76.58
CA ALA J 47 17.88 0.53 -76.48
C ALA J 47 17.08 1.27 -77.53
N GLU J 48 16.09 2.05 -77.09
CA GLU J 48 15.22 2.81 -77.99
C GLU J 48 15.25 4.28 -77.58
N ILE J 49 16.24 5.00 -78.11
CA ILE J 49 16.33 6.43 -77.96
C ILE J 49 16.13 7.06 -79.33
N SER J 50 15.92 8.38 -79.34
CA SER J 50 15.59 9.08 -80.59
C SER J 50 16.72 8.99 -81.60
N ALA J 51 17.98 9.07 -81.13
CA ALA J 51 19.12 8.94 -82.03
C ALA J 51 19.24 7.54 -82.59
N VAL J 52 19.00 6.51 -81.77
CA VAL J 52 19.08 5.14 -82.22
C VAL J 52 17.95 4.83 -83.21
N LEU J 53 16.73 5.31 -82.93
CA LEU J 53 15.63 5.11 -83.86
C LEU J 53 15.86 5.86 -85.17
N GLU J 54 16.48 7.04 -85.10
CA GLU J 54 16.77 7.79 -86.31
C GLU J 54 17.81 7.08 -87.17
N GLU J 55 18.86 6.54 -86.55
CA GLU J 55 19.90 5.86 -87.31
C GLU J 55 19.51 4.45 -87.72
N LYS J 56 18.44 3.89 -87.14
CA LYS J 56 17.99 2.55 -87.54
C LYS J 56 16.89 2.60 -88.60
N ILE J 57 16.08 3.66 -88.64
CA ILE J 57 15.13 3.80 -89.73
C ILE J 57 15.87 4.11 -91.04
N LEU J 58 16.85 5.00 -90.99
CA LEU J 58 17.60 5.39 -92.18
C LEU J 58 18.71 4.42 -92.53
N GLY J 59 19.04 3.48 -91.64
CA GLY J 59 20.15 2.58 -91.88
C GLY J 59 21.49 3.28 -91.92
N ALA J 60 21.73 4.17 -90.94
CA ALA J 60 22.92 4.99 -90.96
C ALA J 60 24.18 4.17 -90.71
N ALA J 61 24.10 3.16 -89.82
CA ALA J 61 25.21 2.33 -89.35
C ALA J 61 26.35 3.20 -88.85
N PRO J 62 26.22 3.78 -87.65
CA PRO J 62 27.18 4.78 -87.19
C PRO J 62 28.58 4.20 -86.98
N LYS J 63 29.58 5.06 -87.19
CA LYS J 63 30.98 4.64 -87.18
C LYS J 63 31.57 4.53 -85.79
N GLU J 64 30.83 4.91 -84.75
CA GLU J 64 31.32 4.80 -83.38
C GLU J 64 31.25 3.35 -82.94
N ASN J 65 32.42 2.71 -82.84
CA ASN J 65 32.49 1.31 -82.40
C ASN J 65 32.32 1.29 -80.89
N LEU J 66 31.10 1.01 -80.44
CA LEU J 66 30.78 0.99 -79.02
C LEU J 66 31.13 -0.31 -78.34
N GLU J 67 31.98 -1.13 -78.95
CA GLU J 67 32.40 -2.37 -78.32
C GLU J 67 33.38 -2.12 -77.18
N GLU J 68 34.32 -1.20 -77.40
CA GLU J 68 35.34 -0.88 -76.39
C GLU J 68 35.13 0.49 -75.77
N THR J 69 34.00 1.15 -76.04
CA THR J 69 33.71 2.45 -75.47
C THR J 69 32.20 2.61 -75.38
N GLY J 70 31.76 3.72 -74.82
CA GLY J 70 30.33 3.95 -74.65
C GLY J 70 30.05 5.39 -74.34
N ARG J 71 28.77 5.73 -74.35
CA ARG J 71 28.29 7.07 -74.03
C ARG J 71 27.29 6.99 -72.89
N VAL J 72 27.25 8.04 -72.08
CA VAL J 72 26.42 8.05 -70.87
C VAL J 72 24.98 8.35 -71.24
N LEU J 73 24.07 7.41 -70.95
CA LEU J 73 22.65 7.69 -71.09
C LEU J 73 22.15 8.61 -69.99
N SER J 74 22.54 8.33 -68.75
CA SER J 74 22.08 9.12 -67.62
C SER J 74 23.10 9.02 -66.49
N ILE J 75 23.17 10.06 -65.69
CA ILE J 75 24.08 10.09 -64.54
C ILE J 75 23.34 10.72 -63.36
N GLY J 76 23.43 10.08 -62.21
CA GLY J 76 22.80 10.62 -61.02
C GLY J 76 23.19 9.89 -59.75
N ASP J 77 23.62 10.66 -58.75
CA ASP J 77 23.95 10.18 -57.41
C ASP J 77 25.00 9.06 -57.45
N GLY J 78 25.98 9.21 -58.32
CA GLY J 78 27.05 8.23 -58.43
C GLY J 78 26.71 7.00 -59.23
N ILE J 79 25.54 6.96 -59.87
CA ILE J 79 25.15 5.85 -60.73
C ILE J 79 25.06 6.39 -62.15
N ALA J 80 25.79 5.76 -63.07
CA ALA J 80 25.78 6.15 -64.47
C ALA J 80 25.23 4.99 -65.29
N ARG J 81 24.19 5.26 -66.06
CA ARG J 81 23.70 4.32 -67.07
C ARG J 81 24.37 4.69 -68.39
N VAL J 82 25.08 3.72 -68.97
CA VAL J 82 25.95 3.96 -70.12
C VAL J 82 25.48 3.10 -71.28
N TYR J 83 25.27 3.73 -72.43
CA TYR J 83 24.97 3.03 -73.66
C TYR J 83 26.27 2.68 -74.38
N GLY J 84 26.38 1.43 -74.79
CA GLY J 84 27.61 0.97 -75.41
C GLY J 84 28.33 -0.02 -74.53
N LEU J 85 29.66 -0.06 -74.65
CA LEU J 85 30.52 -1.00 -73.92
C LEU J 85 30.05 -2.44 -74.12
N LYS J 86 30.05 -2.85 -75.38
CA LYS J 86 29.51 -4.15 -75.74
C LYS J 86 30.41 -5.29 -75.27
N ASN J 87 31.73 -5.07 -75.26
CA ASN J 87 32.69 -6.06 -74.82
C ASN J 87 33.10 -5.88 -73.36
N ILE J 88 32.33 -5.13 -72.58
CA ILE J 88 32.63 -4.97 -71.18
C ILE J 88 32.27 -6.25 -70.42
N GLN J 89 32.91 -6.42 -69.26
CA GLN J 89 32.69 -7.56 -68.40
C GLN J 89 32.24 -7.08 -67.03
N ALA J 90 31.68 -8.01 -66.25
CA ALA J 90 31.16 -7.67 -64.94
C ALA J 90 32.30 -7.33 -63.99
N GLU J 91 32.05 -6.34 -63.11
CA GLU J 91 33.02 -5.85 -62.12
C GLU J 91 34.31 -5.38 -62.76
N GLU J 92 34.19 -4.62 -63.83
CA GLU J 92 35.34 -4.10 -64.58
C GLU J 92 35.44 -2.59 -64.41
N MET J 93 36.68 -2.10 -64.35
CA MET J 93 36.94 -0.69 -64.19
C MET J 93 36.82 0.04 -65.52
N VAL J 94 36.25 1.24 -65.49
CA VAL J 94 36.12 2.09 -66.67
C VAL J 94 36.61 3.48 -66.30
N GLU J 95 36.92 4.26 -67.34
CA GLU J 95 37.41 5.61 -67.18
C GLU J 95 36.49 6.56 -67.93
N PHE J 96 36.10 7.65 -67.27
CA PHE J 96 35.26 8.65 -67.89
C PHE J 96 36.11 9.71 -68.58
N SER J 97 35.43 10.59 -69.32
CA SER J 97 36.13 11.64 -70.07
C SER J 97 36.77 12.68 -69.15
N SER J 98 36.27 12.83 -67.93
CA SER J 98 36.85 13.76 -66.97
C SER J 98 37.98 13.16 -66.16
N GLY J 99 38.37 11.92 -66.45
CA GLY J 99 39.43 11.26 -65.72
C GLY J 99 38.97 10.45 -64.53
N LEU J 100 37.68 10.50 -64.19
CA LEU J 100 37.18 9.73 -63.08
C LEU J 100 37.08 8.25 -63.46
N LYS J 101 37.08 7.40 -62.45
CA LYS J 101 36.99 5.97 -62.62
C LYS J 101 35.62 5.48 -62.19
N GLY J 102 35.27 4.29 -62.65
CA GLY J 102 33.99 3.70 -62.33
C GLY J 102 34.09 2.20 -62.44
N MET J 103 33.07 1.52 -61.93
CA MET J 103 33.03 0.06 -61.97
C MET J 103 31.67 -0.38 -62.51
N ALA J 104 31.69 -1.38 -63.39
CA ALA J 104 30.46 -1.89 -64.00
C ALA J 104 29.87 -2.96 -63.11
N LEU J 105 28.72 -2.68 -62.51
CA LEU J 105 28.07 -3.64 -61.62
C LEU J 105 26.84 -4.30 -62.22
N ASN J 106 26.11 -3.60 -63.09
CA ASN J 106 24.92 -4.15 -63.73
C ASN J 106 25.17 -4.25 -65.23
N LEU J 107 25.04 -5.45 -65.78
CA LEU J 107 25.12 -5.68 -67.22
C LEU J 107 23.73 -6.04 -67.71
N GLU J 108 22.95 -5.06 -67.99
CA GLU J 108 21.62 -5.15 -68.53
C GLU J 108 21.68 -5.22 -70.05
N PRO J 109 20.68 -5.83 -70.70
CA PRO J 109 20.66 -5.85 -72.17
C PRO J 109 20.50 -4.48 -72.81
N ASP J 110 20.03 -3.48 -72.08
CA ASP J 110 19.84 -2.15 -72.62
C ASP J 110 21.05 -1.25 -72.39
N ASN J 111 21.54 -1.20 -71.15
CA ASN J 111 22.65 -0.31 -70.81
C ASN J 111 23.53 -0.99 -69.76
N VAL J 112 24.53 -0.25 -69.30
CA VAL J 112 25.49 -0.72 -68.31
C VAL J 112 25.39 0.20 -67.09
N GLY J 113 25.28 -0.40 -65.91
CA GLY J 113 25.26 0.38 -64.68
C GLY J 113 26.63 0.54 -64.06
N ILE J 114 27.08 1.78 -63.92
CA ILE J 114 28.42 2.11 -63.45
C ILE J 114 28.29 2.82 -62.11
N VAL J 115 29.05 2.36 -61.12
CA VAL J 115 29.19 3.07 -59.86
C VAL J 115 30.39 4.01 -59.98
N VAL J 116 30.19 5.27 -59.63
CA VAL J 116 31.18 6.32 -59.89
C VAL J 116 32.09 6.47 -58.69
N PHE J 117 33.41 6.40 -58.93
CA PHE J 117 34.41 6.54 -57.88
C PHE J 117 34.79 8.01 -57.72
N GLY J 118 33.84 8.81 -57.30
CA GLY J 118 34.08 10.21 -57.10
C GLY J 118 32.80 11.00 -57.22
N ASN J 119 32.97 12.33 -57.26
CA ASN J 119 31.83 13.23 -57.40
C ASN J 119 31.21 13.08 -58.79
N ASP J 120 29.89 12.99 -58.84
CA ASP J 120 29.19 12.81 -60.10
C ASP J 120 28.95 14.11 -60.84
N LYS J 121 29.41 15.24 -60.30
CA LYS J 121 29.30 16.52 -61.00
C LYS J 121 30.18 16.55 -62.24
N HIS J 122 31.29 15.81 -62.24
CA HIS J 122 32.18 15.77 -63.38
C HIS J 122 31.65 14.91 -64.53
N ILE J 123 30.62 14.10 -64.28
CA ILE J 123 30.06 13.22 -65.30
C ILE J 123 28.84 13.89 -65.90
N LYS J 124 28.73 13.85 -67.23
CA LYS J 124 27.60 14.44 -67.94
C LYS J 124 26.98 13.39 -68.84
N GLU J 125 25.74 13.65 -69.25
CA GLU J 125 25.05 12.76 -70.18
C GLU J 125 25.70 12.86 -71.56
N GLY J 126 26.01 11.70 -72.15
CA GLY J 126 26.63 11.64 -73.45
C GLY J 126 28.14 11.71 -73.44
N ASP J 127 28.77 11.74 -72.27
CA ASP J 127 30.23 11.73 -72.20
C ASP J 127 30.77 10.35 -72.54
N ILE J 128 32.01 10.33 -73.02
CA ILE J 128 32.63 9.10 -73.50
C ILE J 128 33.23 8.34 -72.33
N VAL J 129 32.91 7.05 -72.25
CA VAL J 129 33.43 6.14 -71.23
C VAL J 129 34.24 5.07 -71.93
N LYS J 130 35.47 4.87 -71.49
CA LYS J 130 36.37 3.88 -72.06
C LYS J 130 36.63 2.78 -71.05
N ARG J 131 36.44 1.54 -71.47
CA ARG J 131 36.73 0.42 -70.57
C ARG J 131 38.23 0.23 -70.44
N THR J 132 38.68 0.02 -69.20
CA THR J 132 40.09 -0.23 -68.94
C THR J 132 40.51 -1.64 -69.34
N GLY J 133 39.57 -2.58 -69.30
CA GLY J 133 39.87 -3.95 -69.64
C GLY J 133 40.28 -4.83 -68.48
N ALA J 134 40.41 -4.26 -67.29
CA ALA J 134 40.83 -5.01 -66.12
C ALA J 134 39.92 -4.68 -64.94
N ILE J 135 39.80 -5.62 -64.01
CA ILE J 135 39.07 -5.41 -62.77
C ILE J 135 39.96 -4.61 -61.83
N VAL J 136 39.39 -4.12 -60.73
CA VAL J 136 40.10 -3.23 -59.83
C VAL J 136 41.24 -3.97 -59.15
N ASP J 137 42.41 -3.31 -59.10
CA ASP J 137 43.58 -3.87 -58.42
C ASP J 137 44.22 -2.76 -57.60
N VAL J 138 44.93 -3.17 -56.54
CA VAL J 138 45.61 -2.24 -55.65
C VAL J 138 47.05 -2.67 -55.50
N PRO J 139 47.99 -1.74 -55.28
CA PRO J 139 49.38 -2.14 -55.07
C PRO J 139 49.56 -2.82 -53.72
N VAL J 140 50.46 -3.81 -53.70
CA VAL J 140 50.79 -4.53 -52.49
C VAL J 140 52.31 -4.59 -52.35
N GLY J 141 52.76 -4.79 -51.14
CA GLY J 141 54.18 -4.87 -50.87
C GLY J 141 54.51 -4.36 -49.49
N GLU J 142 55.79 -4.45 -49.15
CA GLU J 142 56.28 -3.89 -47.89
C GLU J 142 56.35 -2.37 -47.94
N GLU J 143 56.23 -1.76 -49.12
CA GLU J 143 56.34 -0.31 -49.25
C GLU J 143 55.10 0.40 -48.71
N LEU J 144 54.01 -0.31 -48.51
CA LEU J 144 52.81 0.31 -47.97
C LEU J 144 52.83 0.42 -46.45
N LEU J 145 53.76 -0.24 -45.79
CA LEU J 145 53.88 -0.12 -44.33
C LEU J 145 54.34 1.28 -43.96
N GLY J 146 53.60 1.93 -43.07
CA GLY J 146 53.88 3.29 -42.70
C GLY J 146 53.15 4.34 -43.51
N ARG J 147 52.46 3.94 -44.57
CA ARG J 147 51.80 4.87 -45.46
C ARG J 147 50.30 4.88 -45.19
N VAL J 148 49.69 6.04 -45.38
CA VAL J 148 48.24 6.19 -45.30
C VAL J 148 47.72 6.29 -46.71
N VAL J 149 46.92 5.30 -47.12
CA VAL J 149 46.43 5.20 -48.48
C VAL J 149 44.91 5.28 -48.47
N ASP J 150 44.33 5.49 -49.65
CA ASP J 150 42.89 5.47 -49.81
C ASP J 150 42.45 4.07 -50.25
N ALA J 151 41.20 3.95 -50.68
CA ALA J 151 40.67 2.64 -51.09
C ALA J 151 41.32 2.10 -52.35
N LEU J 152 41.92 2.95 -53.18
CA LEU J 152 42.53 2.54 -54.43
C LEU J 152 44.05 2.45 -54.33
N GLY J 153 44.62 2.63 -53.14
CA GLY J 153 46.06 2.56 -52.97
C GLY J 153 46.81 3.85 -53.15
N ASN J 154 46.13 4.95 -53.49
CA ASN J 154 46.80 6.22 -53.67
C ASN J 154 47.16 6.81 -52.30
N PRO J 155 48.41 7.21 -52.09
CA PRO J 155 48.79 7.77 -50.79
C PRO J 155 48.16 9.14 -50.55
N ILE J 156 47.70 9.36 -49.32
CA ILE J 156 47.08 10.61 -48.93
C ILE J 156 47.80 11.28 -47.77
N ASP J 157 48.90 10.71 -47.29
CA ASP J 157 49.67 11.33 -46.22
C ASP J 157 50.62 12.40 -46.72
N GLY J 158 50.81 12.55 -48.02
CA GLY J 158 51.70 13.56 -48.55
C GLY J 158 53.16 13.20 -48.51
N LYS J 159 53.49 11.93 -48.30
CA LYS J 159 54.88 11.48 -48.22
C LYS J 159 55.41 10.96 -49.54
N GLY J 160 54.87 11.44 -50.66
CA GLY J 160 55.33 11.02 -51.96
C GLY J 160 54.62 9.76 -52.45
N PRO J 161 55.17 9.15 -53.50
CA PRO J 161 54.54 7.97 -54.09
C PRO J 161 54.90 6.70 -53.30
N ILE J 162 54.45 5.57 -53.82
CA ILE J 162 54.73 4.26 -53.25
C ILE J 162 55.44 3.43 -54.31
N GLY J 163 56.61 2.90 -53.97
CA GLY J 163 57.37 2.10 -54.90
C GLY J 163 57.01 0.63 -54.88
N SER J 164 55.75 0.32 -55.15
CA SER J 164 55.28 -1.06 -55.12
C SER J 164 55.45 -1.70 -56.48
N LYS J 165 56.11 -2.86 -56.51
CA LYS J 165 56.38 -3.56 -57.76
C LYS J 165 55.34 -4.60 -58.11
N THR J 166 54.37 -4.85 -57.22
CA THR J 166 53.34 -5.84 -57.45
C THR J 166 51.98 -5.24 -57.13
N ARG J 167 50.97 -5.66 -57.90
CA ARG J 167 49.59 -5.26 -57.67
C ARG J 167 48.71 -6.49 -57.67
N GLN J 168 47.73 -6.51 -56.78
CA GLN J 168 46.79 -7.62 -56.65
C GLN J 168 45.38 -7.13 -56.87
N ARG J 169 44.59 -7.93 -57.58
CA ARG J 169 43.19 -7.63 -57.75
C ARG J 169 42.45 -7.83 -56.42
N VAL J 170 41.28 -7.20 -56.30
CA VAL J 170 40.54 -7.27 -55.06
C VAL J 170 39.55 -8.45 -55.03
N GLY J 171 39.08 -8.89 -56.18
CA GLY J 171 38.16 -10.02 -56.22
C GLY J 171 38.85 -11.35 -56.38
N VAL J 172 39.56 -11.80 -55.36
CA VAL J 172 40.26 -13.08 -55.38
C VAL J 172 39.43 -14.10 -54.62
N LYS J 173 39.38 -15.33 -55.16
CA LYS J 173 38.67 -16.41 -54.49
C LYS J 173 39.38 -16.81 -53.20
N ALA J 174 38.59 -17.12 -52.18
CA ALA J 174 39.12 -17.53 -50.89
C ALA J 174 39.77 -18.91 -51.00
N PRO J 175 40.76 -19.21 -50.15
CA PRO J 175 41.35 -20.54 -50.15
C PRO J 175 40.33 -21.61 -49.73
N GLY J 176 40.51 -22.81 -50.26
CA GLY J 176 39.59 -23.89 -50.02
C GLY J 176 39.88 -24.60 -48.70
N ILE J 177 39.22 -25.75 -48.54
CA ILE J 177 39.38 -26.53 -47.31
C ILE J 177 40.77 -27.15 -47.23
N ILE J 178 41.35 -27.51 -48.37
CA ILE J 178 42.65 -28.17 -48.41
C ILE J 178 43.82 -27.25 -48.04
N PRO J 179 44.03 -26.06 -48.63
CA PRO J 179 45.28 -25.32 -48.36
C PRO J 179 45.38 -24.74 -46.96
N ARG J 180 44.29 -24.67 -46.19
CA ARG J 180 44.35 -24.09 -44.86
C ARG J 180 44.45 -25.18 -43.79
N VAL J 181 44.97 -24.77 -42.62
CA VAL J 181 45.22 -25.68 -41.51
C VAL J 181 44.59 -25.06 -40.27
N SER J 182 44.49 -25.89 -39.21
CA SER J 182 43.84 -25.47 -37.98
C SER J 182 44.62 -24.34 -37.30
N VAL J 183 43.88 -23.44 -36.66
CA VAL J 183 44.45 -22.25 -36.04
C VAL J 183 44.98 -22.62 -34.67
N ARG J 184 46.28 -22.39 -34.45
CA ARG J 184 46.87 -22.61 -33.14
C ARG J 184 47.85 -21.54 -32.68
N GLU J 185 48.31 -20.66 -33.56
CA GLU J 185 49.24 -19.60 -33.15
C GLU J 185 48.47 -18.48 -32.45
N PRO J 186 48.93 -18.02 -31.29
CA PRO J 186 48.21 -16.97 -30.56
C PRO J 186 48.40 -15.61 -31.22
N MET J 187 47.30 -14.90 -31.41
CA MET J 187 47.33 -13.51 -31.81
C MET J 187 47.03 -12.69 -30.57
N GLN J 188 48.08 -12.15 -29.95
CA GLN J 188 47.96 -11.54 -28.62
C GLN J 188 47.49 -10.10 -28.77
N THR J 189 46.26 -9.85 -28.34
CA THR J 189 45.72 -8.50 -28.32
C THR J 189 46.45 -7.61 -27.32
N GLY J 190 46.90 -8.19 -26.21
CA GLY J 190 47.57 -7.45 -25.18
C GLY J 190 46.69 -7.02 -24.02
N MET J 191 45.42 -7.41 -24.02
CA MET J 191 44.49 -7.06 -22.95
C MET J 191 44.04 -8.32 -22.23
N LYS J 192 43.99 -8.23 -20.90
CA LYS J 192 43.75 -9.41 -20.07
C LYS J 192 42.35 -9.98 -20.28
N ALA J 193 41.36 -9.11 -20.48
CA ALA J 193 39.98 -9.56 -20.62
C ALA J 193 39.75 -10.32 -21.91
N VAL J 194 40.59 -10.12 -22.93
CA VAL J 194 40.41 -10.79 -24.20
C VAL J 194 41.47 -11.87 -24.46
N ASP J 195 42.71 -11.68 -23.99
CA ASP J 195 43.72 -12.72 -24.21
C ASP J 195 43.51 -13.94 -23.34
N SER J 196 42.59 -13.90 -22.38
CA SER J 196 42.31 -15.02 -21.51
C SER J 196 40.93 -15.62 -21.74
N LEU J 197 39.90 -14.79 -21.83
CA LEU J 197 38.53 -15.28 -21.91
C LEU J 197 38.06 -15.50 -23.34
N VAL J 198 38.41 -14.60 -24.25
CA VAL J 198 38.00 -14.71 -25.65
C VAL J 198 39.25 -14.71 -26.51
N PRO J 199 40.07 -15.76 -26.48
CA PRO J 199 41.36 -15.71 -27.17
C PRO J 199 41.23 -15.72 -28.68
N ILE J 200 42.14 -15.01 -29.34
CA ILE J 200 42.14 -14.82 -30.78
C ILE J 200 43.39 -15.47 -31.34
N GLY J 201 43.22 -16.34 -32.34
CA GLY J 201 44.35 -17.00 -32.96
C GLY J 201 44.66 -16.45 -34.33
N ARG J 202 45.87 -16.72 -34.82
CA ARG J 202 46.29 -16.21 -36.11
C ARG J 202 45.60 -16.98 -37.23
N GLY J 203 44.76 -16.29 -37.98
CA GLY J 203 43.93 -16.91 -38.99
C GLY J 203 42.48 -17.03 -38.62
N GLN J 204 42.03 -16.34 -37.58
CA GLN J 204 40.67 -16.43 -37.09
C GLN J 204 39.93 -15.12 -37.33
N ARG J 205 38.68 -15.23 -37.73
CA ARG J 205 37.81 -14.07 -37.89
C ARG J 205 37.09 -13.84 -36.58
N GLU J 206 37.53 -12.86 -35.81
CA GLU J 206 36.97 -12.55 -34.50
C GLU J 206 36.25 -11.22 -34.57
N LEU J 207 34.96 -11.22 -34.23
CA LEU J 207 34.13 -10.04 -34.34
C LEU J 207 34.23 -9.19 -33.07
N ILE J 208 34.31 -7.89 -33.26
CA ILE J 208 34.21 -6.91 -32.18
C ILE J 208 32.89 -6.16 -32.41
N ILE J 209 31.89 -6.47 -31.61
CA ILE J 209 30.53 -5.96 -31.83
C ILE J 209 30.08 -5.24 -30.57
N GLY J 210 29.50 -4.06 -30.76
CA GLY J 210 29.03 -3.30 -29.62
C GLY J 210 28.28 -2.07 -30.05
N ASP J 211 27.90 -1.26 -29.07
CA ASP J 211 27.18 -0.03 -29.33
C ASP J 211 28.17 1.10 -29.61
N ARG J 212 27.67 2.32 -29.71
CA ARG J 212 28.55 3.46 -29.94
C ARG J 212 29.26 3.85 -28.65
N GLN J 213 30.50 4.32 -28.83
CA GLN J 213 31.34 4.85 -27.74
C GLN J 213 31.55 3.83 -26.62
N THR J 214 31.74 2.57 -27.00
CA THR J 214 31.99 1.51 -26.02
C THR J 214 33.43 1.02 -26.01
N GLY J 215 34.20 1.23 -27.08
CA GLY J 215 35.60 0.88 -27.07
C GLY J 215 36.02 -0.18 -28.06
N LYS J 216 35.30 -0.31 -29.18
CA LYS J 216 35.71 -1.27 -30.21
C LYS J 216 36.99 -0.82 -30.91
N THR J 217 37.07 0.47 -31.23
CA THR J 217 38.29 1.01 -31.83
C THR J 217 39.45 0.95 -30.85
N ALA J 218 39.18 1.10 -29.55
CA ALA J 218 40.21 0.99 -28.55
C ALA J 218 40.81 -0.42 -28.50
N ILE J 219 39.97 -1.44 -28.63
CA ILE J 219 40.45 -2.82 -28.67
C ILE J 219 41.32 -3.05 -29.89
N ALA J 220 40.87 -2.54 -31.05
CA ALA J 220 41.62 -2.75 -32.29
C ALA J 220 42.96 -2.03 -32.28
N ILE J 221 42.98 -0.77 -31.84
CA ILE J 221 44.21 0.00 -31.82
C ILE J 221 45.19 -0.57 -30.81
N ASP J 222 44.68 -1.04 -29.66
CA ASP J 222 45.54 -1.68 -28.67
C ASP J 222 46.12 -2.99 -29.19
N ALA J 223 45.35 -3.72 -30.01
CA ALA J 223 45.89 -4.93 -30.63
C ALA J 223 46.98 -4.60 -31.65
N ILE J 224 46.83 -3.49 -32.38
CA ILE J 224 47.86 -3.06 -33.31
C ILE J 224 49.12 -2.62 -32.56
N ILE J 225 48.95 -1.87 -31.48
CA ILE J 225 50.06 -1.33 -30.71
C ILE J 225 50.82 -2.46 -30.01
N ASN J 226 50.13 -3.52 -29.58
CA ASN J 226 50.76 -4.60 -28.85
C ASN J 226 51.82 -5.34 -29.64
N GLN J 227 51.77 -5.31 -30.97
CA GLN J 227 52.67 -6.10 -31.78
C GLN J 227 54.06 -5.48 -31.92
N LYS J 228 54.27 -4.30 -31.34
CA LYS J 228 55.60 -3.71 -31.34
C LYS J 228 56.58 -4.53 -30.50
N ARG J 229 56.07 -5.28 -29.53
CA ARG J 229 56.92 -6.15 -28.74
C ARG J 229 57.53 -7.26 -29.58
N PHE J 230 56.76 -7.76 -30.56
CA PHE J 230 57.22 -8.86 -31.39
C PHE J 230 57.92 -8.39 -32.66
N ASN J 231 57.53 -7.22 -33.19
CA ASN J 231 58.15 -6.73 -34.40
C ASN J 231 59.54 -6.17 -34.14
N ASP J 232 59.81 -5.73 -32.91
CA ASP J 232 61.13 -5.27 -32.53
C ASP J 232 62.06 -6.39 -32.09
N ALA J 233 61.55 -7.60 -31.93
CA ALA J 233 62.36 -8.73 -31.52
C ALA J 233 63.02 -9.37 -32.74
N GLN J 234 63.72 -10.48 -32.53
CA GLN J 234 64.44 -11.16 -33.59
C GLN J 234 63.72 -12.38 -34.14
N ASP J 235 62.75 -12.92 -33.40
CA ASP J 235 62.00 -14.07 -33.86
C ASP J 235 61.06 -13.66 -34.99
N GLU J 236 61.28 -14.23 -36.17
CA GLU J 236 60.56 -13.81 -37.37
C GLU J 236 59.12 -14.31 -37.40
N LYS J 237 58.85 -15.50 -36.86
CA LYS J 237 57.51 -16.06 -36.93
C LYS J 237 56.52 -15.37 -36.00
N LYS J 238 57.01 -14.62 -35.02
CA LYS J 238 56.14 -13.95 -34.06
C LYS J 238 55.69 -12.58 -34.52
N LYS J 239 56.25 -12.06 -35.61
CA LYS J 239 55.91 -10.75 -36.11
C LYS J 239 54.49 -10.73 -36.67
N LEU J 240 53.88 -9.55 -36.64
CA LEU J 240 52.50 -9.41 -37.12
C LEU J 240 52.37 -8.02 -37.72
N TYR J 241 52.19 -7.95 -39.04
CA TYR J 241 51.99 -6.68 -39.73
C TYR J 241 50.51 -6.34 -39.71
N CYS J 242 50.20 -5.08 -39.45
CA CYS J 242 48.83 -4.68 -39.22
C CYS J 242 48.29 -3.88 -40.41
N VAL J 243 46.99 -4.01 -40.64
CA VAL J 243 46.25 -3.22 -41.61
C VAL J 243 45.02 -2.68 -40.90
N TYR J 244 44.83 -1.37 -40.95
CA TYR J 244 43.65 -0.74 -40.37
C TYR J 244 42.86 -0.12 -41.51
N VAL J 245 41.60 -0.48 -41.63
CA VAL J 245 40.72 0.02 -42.68
C VAL J 245 39.66 0.86 -41.99
N ALA J 246 39.75 2.18 -42.16
CA ALA J 246 38.74 3.09 -41.64
C ALA J 246 37.70 3.33 -42.72
N ILE J 247 36.44 3.07 -42.39
CA ILE J 247 35.34 3.15 -43.34
C ILE J 247 34.32 4.14 -42.80
N GLY J 248 34.15 5.26 -43.50
CA GLY J 248 33.11 6.21 -43.19
C GLY J 248 33.41 7.17 -42.06
N GLN J 249 34.59 7.09 -41.44
CA GLN J 249 34.92 7.96 -40.33
C GLN J 249 35.32 9.35 -40.83
N LYS J 250 35.25 10.33 -39.92
CA LYS J 250 35.70 11.66 -40.28
C LYS J 250 37.23 11.71 -40.39
N ARG J 251 37.73 12.76 -41.03
CA ARG J 251 39.17 12.85 -41.28
C ARG J 251 39.93 13.19 -40.00
N SER J 252 39.30 13.88 -39.06
CA SER J 252 39.96 14.18 -37.79
C SER J 252 40.18 12.90 -36.98
N THR J 253 39.24 11.96 -37.03
CA THR J 253 39.40 10.69 -36.34
C THR J 253 40.54 9.87 -36.93
N VAL J 254 40.65 9.83 -38.25
CA VAL J 254 41.75 9.10 -38.88
C VAL J 254 43.08 9.79 -38.63
N ALA J 255 43.09 11.12 -38.59
CA ALA J 255 44.30 11.85 -38.23
C ALA J 255 44.73 11.55 -36.80
N GLN J 256 43.75 11.43 -35.89
CA GLN J 256 44.07 11.08 -34.51
C GLN J 256 44.59 9.65 -34.39
N ILE J 257 44.04 8.74 -35.20
CA ILE J 257 44.53 7.35 -35.20
C ILE J 257 45.96 7.27 -35.72
N VAL J 258 46.25 8.01 -36.79
CA VAL J 258 47.60 8.02 -37.35
C VAL J 258 48.56 8.68 -36.38
N LYS J 259 48.11 9.73 -35.68
CA LYS J 259 48.95 10.37 -34.66
C LYS J 259 49.23 9.42 -33.50
N ARG J 260 48.23 8.64 -33.09
CA ARG J 260 48.42 7.67 -32.01
C ARG J 260 49.38 6.57 -32.42
N LEU J 261 49.30 6.11 -33.66
CA LEU J 261 50.21 5.06 -34.12
C LEU J 261 51.61 5.60 -34.36
N THR J 262 51.74 6.87 -34.72
CA THR J 262 53.06 7.46 -34.93
C THR J 262 53.75 7.73 -33.59
N ASP J 263 52.99 8.17 -32.59
CA ASP J 263 53.57 8.44 -31.28
C ASP J 263 54.02 7.17 -30.58
N THR J 264 53.36 6.05 -30.84
CA THR J 264 53.69 4.78 -30.21
C THR J 264 54.59 3.92 -31.08
N ASP J 265 55.06 4.46 -32.20
CA ASP J 265 55.94 3.78 -33.17
C ASP J 265 55.32 2.52 -33.75
N ALA J 266 53.99 2.43 -33.74
CA ALA J 266 53.30 1.29 -34.33
C ALA J 266 52.98 1.50 -35.79
N MET J 267 53.27 2.68 -36.33
CA MET J 267 52.99 2.96 -37.73
C MET J 267 53.98 2.27 -38.66
N ARG J 268 55.16 1.91 -38.18
CA ARG J 268 56.21 1.36 -39.03
C ARG J 268 55.84 0.01 -39.63
N TYR J 269 54.91 -0.72 -39.02
CA TYR J 269 54.46 -2.01 -39.54
C TYR J 269 52.97 -2.00 -39.85
N THR J 270 52.37 -0.82 -40.01
CA THR J 270 50.94 -0.68 -40.15
C THR J 270 50.61 0.03 -41.46
N ILE J 271 49.60 -0.48 -42.16
CA ILE J 271 49.01 0.17 -43.31
C ILE J 271 47.64 0.70 -42.91
N VAL J 272 47.37 1.95 -43.19
CA VAL J 272 46.06 2.54 -42.93
C VAL J 272 45.37 2.80 -44.26
N VAL J 273 44.26 2.11 -44.49
CA VAL J 273 43.42 2.31 -45.66
C VAL J 273 42.24 3.17 -45.22
N SER J 274 42.11 4.34 -45.83
CA SER J 274 41.13 5.32 -45.38
C SER J 274 40.08 5.53 -46.46
N ALA J 275 38.81 5.33 -46.10
CA ALA J 275 37.66 5.68 -46.93
C ALA J 275 36.76 6.50 -46.02
N THR J 276 36.91 7.82 -46.08
CA THR J 276 36.29 8.69 -45.09
C THR J 276 34.81 8.90 -45.41
N ALA J 277 34.19 9.78 -44.61
CA ALA J 277 32.77 10.05 -44.76
C ALA J 277 32.47 10.82 -46.04
N SER J 278 33.38 11.70 -46.45
CA SER J 278 33.18 12.50 -47.64
C SER J 278 33.55 11.76 -48.93
N ASP J 279 34.09 10.55 -48.81
CA ASP J 279 34.43 9.77 -49.99
C ASP J 279 33.18 9.15 -50.61
N ALA J 280 33.35 8.61 -51.80
CA ALA J 280 32.24 8.00 -52.53
C ALA J 280 31.88 6.65 -51.93
N ALA J 281 30.62 6.28 -52.11
CA ALA J 281 30.16 4.96 -51.67
C ALA J 281 30.90 3.78 -52.30
N PRO J 282 31.26 3.78 -53.60
CA PRO J 282 32.12 2.67 -54.08
C PRO J 282 33.46 2.59 -53.39
N LEU J 283 34.04 3.72 -52.99
CA LEU J 283 35.31 3.69 -52.27
C LEU J 283 35.15 3.06 -50.89
N GLN J 284 34.06 3.40 -50.19
CA GLN J 284 33.80 2.80 -48.88
C GLN J 284 33.44 1.34 -49.00
N TYR J 285 32.82 0.93 -50.11
CA TYR J 285 32.51 -0.47 -50.32
C TYR J 285 33.76 -1.27 -50.66
N LEU J 286 34.68 -0.68 -51.41
CA LEU J 286 35.84 -1.39 -51.89
C LEU J 286 37.04 -1.34 -50.96
N ALA J 287 37.01 -0.45 -49.96
CA ALA J 287 38.13 -0.34 -49.04
C ALA J 287 38.42 -1.61 -48.23
N PRO J 288 37.45 -2.35 -47.68
CA PRO J 288 37.80 -3.63 -47.04
C PRO J 288 38.46 -4.64 -47.97
N TYR J 289 38.06 -4.68 -49.24
CA TYR J 289 38.64 -5.64 -50.16
C TYR J 289 40.08 -5.27 -50.52
N SER J 290 40.36 -3.97 -50.65
CA SER J 290 41.72 -3.54 -50.92
C SER J 290 42.62 -3.78 -49.72
N GLY J 291 42.12 -3.51 -48.51
CA GLY J 291 42.88 -3.84 -47.30
C GLY J 291 43.09 -5.34 -47.13
N CYS J 292 42.11 -6.14 -47.55
CA CYS J 292 42.27 -7.59 -47.49
C CYS J 292 43.31 -8.07 -48.47
N ALA J 293 43.37 -7.46 -49.66
CA ALA J 293 44.41 -7.82 -50.63
C ALA J 293 45.80 -7.42 -50.12
N MET J 294 45.90 -6.27 -49.46
CA MET J 294 47.16 -5.87 -48.86
C MET J 294 47.60 -6.84 -47.77
N GLY J 295 46.65 -7.32 -46.96
CA GLY J 295 46.97 -8.33 -45.96
C GLY J 295 47.22 -9.70 -46.56
N GLU J 296 46.59 -10.00 -47.70
CA GLU J 296 46.82 -11.27 -48.37
C GLU J 296 48.19 -11.35 -49.00
N PHE J 297 48.82 -10.21 -49.28
CA PHE J 297 50.22 -10.25 -49.70
C PHE J 297 51.12 -10.81 -48.60
N PHE J 298 50.90 -10.37 -47.36
CA PHE J 298 51.70 -10.88 -46.26
C PHE J 298 51.34 -12.32 -45.94
N ARG J 299 50.05 -12.67 -46.06
CA ARG J 299 49.62 -14.04 -45.78
C ARG J 299 50.19 -15.03 -46.80
N ASP J 300 50.25 -14.64 -48.08
CA ASP J 300 50.74 -15.54 -49.10
C ASP J 300 52.24 -15.59 -49.19
N ASN J 301 52.96 -14.70 -48.48
CA ASN J 301 54.42 -14.75 -48.47
C ASN J 301 55.00 -15.34 -47.19
N GLY J 302 54.23 -16.11 -46.44
CA GLY J 302 54.72 -16.73 -45.23
C GLY J 302 54.75 -15.85 -44.01
N LYS J 303 54.20 -14.64 -44.10
CA LYS J 303 54.16 -13.72 -42.98
C LYS J 303 52.74 -13.66 -42.41
N HIS J 304 52.63 -13.02 -41.25
CA HIS J 304 51.37 -12.98 -40.51
C HIS J 304 50.85 -11.56 -40.48
N ALA J 305 49.60 -11.39 -40.88
CA ALA J 305 48.98 -10.07 -40.97
C ALA J 305 47.68 -10.05 -40.17
N LEU J 306 47.38 -8.88 -39.61
CA LEU J 306 46.16 -8.65 -38.86
C LEU J 306 45.42 -7.47 -39.47
N ILE J 307 44.16 -7.67 -39.82
CA ILE J 307 43.36 -6.66 -40.50
C ILE J 307 42.19 -6.29 -39.60
N ILE J 308 41.98 -4.98 -39.43
CA ILE J 308 40.84 -4.45 -38.71
C ILE J 308 39.98 -3.70 -39.70
N TYR J 309 38.69 -4.03 -39.75
CA TYR J 309 37.71 -3.30 -40.55
C TYR J 309 36.87 -2.48 -39.60
N ASP J 310 37.07 -1.17 -39.57
CA ASP J 310 36.39 -0.28 -38.64
C ASP J 310 35.63 0.75 -39.47
N ASP J 311 34.36 0.49 -39.79
CA ASP J 311 33.66 -0.73 -39.39
C ASP J 311 32.86 -1.27 -40.56
N LEU J 312 32.54 -2.57 -40.52
CA LEU J 312 31.82 -3.21 -41.61
C LEU J 312 30.37 -2.75 -41.73
N SER J 313 29.83 -2.08 -40.71
CA SER J 313 28.48 -1.54 -40.80
C SER J 313 28.42 -0.41 -41.82
N LYS J 314 29.47 0.41 -41.90
CA LYS J 314 29.50 1.49 -42.87
C LYS J 314 29.65 0.96 -44.29
N GLN J 315 30.39 -0.14 -44.46
CA GLN J 315 30.50 -0.77 -45.77
C GLN J 315 29.17 -1.37 -46.20
N ALA J 316 28.42 -1.94 -45.25
CA ALA J 316 27.10 -2.46 -45.57
C ALA J 316 26.12 -1.35 -45.94
N VAL J 317 26.22 -0.20 -45.26
CA VAL J 317 25.38 0.94 -45.60
C VAL J 317 25.73 1.46 -46.99
N ALA J 318 27.02 1.54 -47.32
CA ALA J 318 27.44 2.02 -48.63
C ALA J 318 27.00 1.07 -49.75
N TYR J 319 27.14 -0.23 -49.52
CA TYR J 319 26.69 -1.21 -50.50
C TYR J 319 25.17 -1.20 -50.63
N ARG J 320 24.45 -0.94 -49.53
CA ARG J 320 23.00 -0.81 -49.59
C ARG J 320 22.59 0.39 -50.43
N GLN J 321 23.31 1.51 -50.29
CA GLN J 321 23.02 2.68 -51.11
C GLN J 321 23.28 2.42 -52.59
N MET J 322 24.39 1.74 -52.91
CA MET J 322 24.68 1.42 -54.30
C MET J 322 23.66 0.45 -54.88
N SER J 323 23.21 -0.53 -54.08
CA SER J 323 22.23 -1.49 -54.58
C SER J 323 20.85 -0.86 -54.73
N LEU J 324 20.49 0.06 -53.83
CA LEU J 324 19.19 0.71 -53.95
C LEU J 324 19.16 1.68 -55.12
N LEU J 325 20.28 2.35 -55.39
CA LEU J 325 20.33 3.25 -56.53
C LEU J 325 20.53 2.53 -57.86
N LEU J 326 20.83 1.23 -57.83
CA LEU J 326 20.89 0.40 -59.03
C LEU J 326 19.59 -0.36 -59.26
N ARG J 327 18.53 -0.02 -58.52
CA ARG J 327 17.19 -0.61 -58.66
C ARG J 327 17.18 -2.12 -58.43
N ARG J 328 18.10 -2.60 -57.61
CA ARG J 328 18.04 -3.99 -57.19
C ARG J 328 16.97 -4.18 -56.11
N PRO J 329 16.33 -5.35 -56.05
CA PRO J 329 15.21 -5.53 -55.12
C PRO J 329 15.68 -5.55 -53.67
N PRO J 330 15.14 -4.68 -52.83
CA PRO J 330 15.53 -4.66 -51.42
C PRO J 330 14.86 -5.78 -50.63
N GLY J 331 15.36 -6.00 -49.43
CA GLY J 331 14.81 -7.00 -48.54
C GLY J 331 14.55 -6.50 -47.14
N ARG J 332 15.08 -7.21 -46.15
CA ARG J 332 14.88 -6.82 -44.76
C ARG J 332 15.75 -5.61 -44.42
N GLU J 333 15.12 -4.58 -43.84
CA GLU J 333 15.77 -3.31 -43.50
C GLU J 333 16.43 -2.66 -44.72
N ALA J 334 15.76 -2.78 -45.87
CA ALA J 334 16.18 -2.21 -47.16
C ALA J 334 17.52 -2.75 -47.64
N TYR J 335 17.99 -3.88 -47.11
CA TYR J 335 19.25 -4.45 -47.55
C TYR J 335 19.03 -5.44 -48.69
N PRO J 336 19.97 -5.55 -49.61
CA PRO J 336 19.84 -6.52 -50.71
C PRO J 336 20.06 -7.94 -50.21
N GLY J 337 19.68 -8.90 -51.05
CA GLY J 337 19.85 -10.30 -50.71
C GLY J 337 21.28 -10.80 -50.75
N ASP J 338 22.20 -10.01 -51.30
CA ASP J 338 23.60 -10.38 -51.38
C ASP J 338 24.44 -9.74 -50.29
N VAL J 339 23.81 -9.10 -49.30
CA VAL J 339 24.57 -8.45 -48.25
C VAL J 339 25.15 -9.48 -47.28
N PHE J 340 24.58 -10.68 -47.22
CA PHE J 340 25.25 -11.76 -46.50
C PHE J 340 26.43 -12.29 -47.31
N TYR J 341 26.24 -12.45 -48.61
CA TYR J 341 27.30 -12.96 -49.48
C TYR J 341 28.47 -11.99 -49.56
N LEU J 342 28.19 -10.69 -49.41
CA LEU J 342 29.24 -9.66 -49.44
C LEU J 342 30.22 -9.85 -48.28
N HIS J 343 29.70 -9.97 -47.07
CA HIS J 343 30.57 -10.11 -45.90
C HIS J 343 31.16 -11.51 -45.80
N SER J 344 30.44 -12.53 -46.25
CA SER J 344 30.99 -13.88 -46.23
C SER J 344 32.15 -14.02 -47.21
N ARG J 345 32.03 -13.42 -48.39
CA ARG J 345 33.11 -13.44 -49.37
C ARG J 345 34.32 -12.65 -48.86
N LEU J 346 34.08 -11.54 -48.15
CA LEU J 346 35.19 -10.76 -47.60
C LEU J 346 35.91 -11.53 -46.50
N LEU J 347 35.16 -12.10 -45.56
CA LEU J 347 35.74 -12.69 -44.36
C LEU J 347 36.20 -14.13 -44.55
N GLU J 348 35.85 -14.78 -45.66
CA GLU J 348 36.33 -16.14 -45.89
C GLU J 348 37.80 -16.18 -46.33
N ARG J 349 38.39 -15.04 -46.66
CA ARG J 349 39.77 -14.98 -47.10
C ARG J 349 40.74 -14.79 -45.95
N ALA J 350 40.25 -14.75 -44.71
CA ALA J 350 41.11 -14.60 -43.54
C ALA J 350 41.30 -15.98 -42.93
N ALA J 351 42.47 -16.56 -43.15
CA ALA J 351 42.77 -17.89 -42.63
C ALA J 351 44.28 -18.06 -42.56
N LYS J 352 44.70 -19.10 -41.85
CA LYS J 352 46.11 -19.48 -41.80
C LYS J 352 46.38 -20.57 -42.82
N MET J 353 47.37 -20.36 -43.67
CA MET J 353 47.71 -21.34 -44.68
C MET J 353 48.52 -22.47 -44.07
N SER J 354 48.56 -23.59 -44.78
CA SER J 354 49.34 -24.74 -44.33
C SER J 354 50.83 -24.47 -44.52
N GLU J 355 51.65 -25.37 -43.97
CA GLU J 355 53.09 -25.25 -44.10
C GLU J 355 53.57 -25.44 -45.53
N SER J 356 52.78 -26.12 -46.37
CA SER J 356 53.12 -26.24 -47.78
C SER J 356 52.81 -24.98 -48.57
N ASN J 357 52.00 -24.08 -48.02
CA ASN J 357 51.65 -22.82 -48.68
C ASN J 357 52.41 -21.64 -48.10
N GLY J 358 53.51 -21.90 -47.40
CA GLY J 358 54.32 -20.86 -46.79
C GLY J 358 54.09 -20.67 -45.32
N GLY J 359 52.95 -21.11 -44.79
CA GLY J 359 52.66 -20.99 -43.38
C GLY J 359 52.16 -19.64 -42.93
N GLY J 360 51.88 -18.71 -43.85
CA GLY J 360 51.41 -17.41 -43.45
C GLY J 360 49.97 -17.43 -42.99
N SER J 361 49.58 -16.36 -42.29
CA SER J 361 48.25 -16.29 -41.73
C SER J 361 47.65 -14.92 -41.99
N LEU J 362 46.33 -14.84 -41.87
CA LEU J 362 45.60 -13.59 -41.99
C LEU J 362 44.44 -13.64 -41.01
N THR J 363 44.55 -12.86 -39.93
CA THR J 363 43.49 -12.79 -38.93
C THR J 363 42.76 -11.47 -39.10
N ALA J 364 41.44 -11.53 -39.11
CA ALA J 364 40.59 -10.37 -39.34
C ALA J 364 39.83 -10.02 -38.07
N LEU J 365 39.66 -8.73 -37.83
CA LEU J 365 38.90 -8.23 -36.69
C LEU J 365 37.84 -7.25 -37.19
N PRO J 366 36.73 -7.76 -37.72
CA PRO J 366 35.65 -6.86 -38.13
C PRO J 366 35.01 -6.17 -36.93
N VAL J 367 34.53 -4.96 -37.16
CA VAL J 367 33.87 -4.17 -36.14
C VAL J 367 32.43 -3.94 -36.59
N ILE J 368 31.49 -4.16 -35.68
CA ILE J 368 30.07 -3.96 -35.93
C ILE J 368 29.52 -3.02 -34.87
N GLU J 369 28.86 -1.96 -35.33
CA GLU J 369 28.15 -1.06 -34.43
C GLU J 369 26.71 -1.52 -34.29
N THR J 370 26.22 -1.58 -33.07
CA THR J 370 24.89 -2.07 -32.77
C THR J 370 24.05 -0.93 -32.22
N GLN J 371 22.82 -0.80 -32.72
CA GLN J 371 21.91 0.25 -32.28
C GLN J 371 21.11 -0.24 -31.09
N ALA J 372 21.38 0.35 -29.92
CA ALA J 372 20.68 0.06 -28.66
C ALA J 372 20.76 -1.42 -28.27
N GLY J 373 21.88 -2.07 -28.58
CA GLY J 373 22.09 -3.43 -28.15
C GLY J 373 21.30 -4.49 -28.89
N ASP J 374 20.65 -4.14 -30.00
CA ASP J 374 19.85 -5.09 -30.75
C ASP J 374 20.77 -5.88 -31.68
N VAL J 375 21.22 -7.05 -31.20
CA VAL J 375 22.03 -7.94 -32.02
C VAL J 375 21.20 -8.84 -32.90
N SER J 376 19.87 -8.67 -32.91
CA SER J 376 18.99 -9.44 -33.76
C SER J 376 18.75 -8.79 -35.11
N ALA J 377 19.43 -7.67 -35.40
CA ALA J 377 19.29 -7.02 -36.68
C ALA J 377 19.96 -7.85 -37.77
N TYR J 378 19.79 -7.40 -39.02
CA TYR J 378 20.20 -8.22 -40.17
C TYR J 378 21.71 -8.35 -40.26
N ILE J 379 22.41 -7.21 -40.32
CA ILE J 379 23.86 -7.21 -40.48
C ILE J 379 24.58 -7.80 -39.26
N PRO J 380 24.22 -7.48 -38.00
CA PRO J 380 24.84 -8.21 -36.89
C PRO J 380 24.60 -9.72 -36.91
N THR J 381 23.41 -10.18 -37.31
CA THR J 381 23.15 -11.62 -37.39
C THR J 381 24.01 -12.27 -38.45
N ASN J 382 24.18 -11.60 -39.60
CA ASN J 382 25.00 -12.15 -40.67
C ASN J 382 26.45 -12.28 -40.25
N VAL J 383 27.02 -11.21 -39.70
CA VAL J 383 28.44 -11.23 -39.32
C VAL J 383 28.69 -12.19 -38.16
N ILE J 384 27.74 -12.32 -37.23
CA ILE J 384 27.86 -13.30 -36.16
C ILE J 384 27.85 -14.72 -36.73
N SER J 385 26.96 -15.00 -37.68
CA SER J 385 26.91 -16.32 -38.29
C SER J 385 28.11 -16.60 -39.20
N ILE J 386 28.85 -15.56 -39.60
CA ILE J 386 30.03 -15.76 -40.44
C ILE J 386 31.28 -15.99 -39.60
N THR J 387 31.51 -15.14 -38.60
CA THR J 387 32.77 -15.12 -37.88
C THR J 387 32.88 -16.30 -36.93
N ASP J 388 34.11 -16.50 -36.43
CA ASP J 388 34.43 -17.59 -35.52
C ASP J 388 34.31 -17.20 -34.07
N GLY J 389 33.46 -16.25 -33.74
CA GLY J 389 33.30 -15.78 -32.38
C GLY J 389 33.13 -14.27 -32.35
N GLN J 390 32.66 -13.77 -31.21
CA GLN J 390 32.37 -12.35 -31.06
C GLN J 390 32.92 -11.85 -29.74
N ILE J 391 33.17 -10.55 -29.69
CA ILE J 391 33.53 -9.84 -28.48
C ILE J 391 32.47 -8.75 -28.30
N PHE J 392 31.68 -8.85 -27.24
CA PHE J 392 30.54 -7.97 -27.05
C PHE J 392 30.87 -6.90 -26.02
N LEU J 393 30.58 -5.65 -26.35
CA LEU J 393 30.83 -4.51 -25.49
C LEU J 393 29.51 -3.87 -25.09
N GLU J 394 29.39 -3.51 -23.82
CA GLU J 394 28.14 -2.99 -23.26
C GLU J 394 28.39 -1.63 -22.61
N THR J 395 27.45 -0.71 -22.81
CA THR J 395 27.59 0.64 -22.27
C THR J 395 27.47 0.64 -20.74
N GLU J 396 26.61 -0.23 -20.21
CA GLU J 396 26.42 -0.31 -18.76
C GLU J 396 27.68 -0.79 -18.07
N LEU J 397 28.36 -1.79 -18.64
CA LEU J 397 29.64 -2.22 -18.08
C LEU J 397 30.72 -1.16 -18.26
N PHE J 398 30.63 -0.35 -19.30
CA PHE J 398 31.63 0.69 -19.53
C PHE J 398 31.54 1.79 -18.49
N TYR J 399 30.32 2.25 -18.19
CA TYR J 399 30.16 3.32 -17.20
C TYR J 399 30.18 2.81 -15.77
N LYS J 400 30.18 1.49 -15.57
CA LYS J 400 30.32 0.90 -14.24
C LYS J 400 31.77 0.83 -13.78
N GLY J 401 32.71 1.23 -14.63
CA GLY J 401 34.12 1.15 -14.34
C GLY J 401 34.83 0.00 -15.00
N ILE J 402 34.09 -1.00 -15.49
CA ILE J 402 34.68 -2.18 -16.12
C ILE J 402 35.09 -1.80 -17.53
N ARG J 403 36.36 -1.44 -17.72
CA ARG J 403 36.89 -1.11 -19.02
C ARG J 403 38.12 -1.99 -19.27
N PRO J 404 38.18 -2.75 -20.38
CA PRO J 404 37.21 -2.87 -21.48
C PRO J 404 35.93 -3.59 -21.10
N ALA J 405 34.81 -3.15 -21.66
CA ALA J 405 33.48 -3.58 -21.20
C ALA J 405 33.05 -4.88 -21.88
N ILE J 406 33.89 -5.89 -21.75
CA ILE J 406 33.66 -7.16 -22.44
C ILE J 406 32.63 -7.97 -21.66
N ASN J 407 31.50 -8.24 -22.29
CA ASN J 407 30.50 -9.13 -21.71
C ASN J 407 30.98 -10.57 -21.84
N VAL J 408 31.39 -11.16 -20.72
CA VAL J 408 32.04 -12.47 -20.74
C VAL J 408 31.06 -13.55 -21.14
N GLY J 409 29.80 -13.45 -20.69
CA GLY J 409 28.83 -14.48 -21.00
C GLY J 409 28.47 -14.55 -22.47
N LEU J 410 28.38 -13.41 -23.14
CA LEU J 410 27.96 -13.35 -24.54
C LEU J 410 29.11 -13.39 -25.52
N SER J 411 30.35 -13.42 -25.05
CA SER J 411 31.52 -13.41 -25.92
C SER J 411 32.08 -14.82 -26.04
N VAL J 412 32.17 -15.32 -27.27
CA VAL J 412 32.63 -16.68 -27.55
C VAL J 412 33.87 -16.60 -28.42
N SER J 413 34.75 -17.59 -28.26
CA SER J 413 35.87 -17.81 -29.17
C SER J 413 35.85 -19.29 -29.55
N ARG J 414 35.55 -19.58 -30.81
CA ARG J 414 35.35 -20.96 -31.21
C ARG J 414 36.66 -21.74 -31.27
N VAL J 415 37.78 -21.07 -31.52
CA VAL J 415 39.06 -21.76 -31.46
C VAL J 415 39.42 -22.12 -30.02
N GLY J 416 39.15 -21.21 -29.08
CA GLY J 416 39.30 -21.54 -27.67
C GLY J 416 40.76 -21.63 -27.24
N SER J 417 41.03 -22.64 -26.40
CA SER J 417 42.34 -22.80 -25.78
C SER J 417 43.45 -23.11 -26.78
N ALA J 418 43.11 -23.52 -28.00
CA ALA J 418 44.12 -23.70 -29.04
C ALA J 418 44.78 -22.40 -29.42
N ALA J 419 44.12 -21.27 -29.21
CA ALA J 419 44.65 -19.95 -29.52
C ALA J 419 45.35 -19.32 -28.32
N GLN J 420 45.89 -20.12 -27.41
CA GLN J 420 46.53 -19.63 -26.20
C GLN J 420 47.84 -20.36 -25.99
N THR J 421 48.75 -19.71 -25.28
CA THR J 421 49.93 -20.41 -24.82
C THR J 421 49.58 -21.25 -23.60
N ARG J 422 50.52 -22.10 -23.18
CA ARG J 422 50.22 -23.10 -22.15
C ARG J 422 49.96 -22.46 -20.79
N ALA J 423 50.74 -21.44 -20.42
CA ALA J 423 50.55 -20.79 -19.13
C ALA J 423 49.24 -20.01 -19.08
N MET J 424 48.93 -19.28 -20.16
CA MET J 424 47.67 -18.54 -20.23
C MET J 424 46.48 -19.48 -20.22
N LYS J 425 46.60 -20.62 -20.91
CA LYS J 425 45.53 -21.62 -20.91
C LYS J 425 45.32 -22.19 -19.53
N GLN J 426 46.41 -22.43 -18.80
CA GLN J 426 46.32 -22.99 -17.44
C GLN J 426 45.59 -22.04 -16.50
N VAL J 427 45.89 -20.75 -16.56
CA VAL J 427 45.24 -19.83 -15.64
C VAL J 427 43.83 -19.44 -16.11
N ALA J 428 43.60 -19.37 -17.42
CA ALA J 428 42.29 -18.97 -17.91
C ALA J 428 41.26 -20.07 -17.80
N GLY J 429 41.68 -21.34 -17.80
CA GLY J 429 40.73 -22.42 -17.59
C GLY J 429 40.07 -22.36 -16.22
N SER J 430 40.86 -22.06 -15.18
CA SER J 430 40.29 -21.85 -13.87
C SER J 430 39.55 -20.52 -13.78
N MET J 431 40.05 -19.50 -14.50
CA MET J 431 39.46 -18.17 -14.39
C MET J 431 38.04 -18.13 -14.97
N LYS J 432 37.83 -18.79 -16.12
CA LYS J 432 36.50 -18.76 -16.72
C LYS J 432 35.49 -19.55 -15.90
N LEU J 433 35.94 -20.62 -15.24
CA LEU J 433 35.05 -21.38 -14.36
C LEU J 433 34.68 -20.56 -13.12
N GLU J 434 35.66 -19.86 -12.54
CA GLU J 434 35.37 -19.04 -11.36
C GLU J 434 34.48 -17.86 -11.72
N LEU J 435 34.66 -17.28 -12.91
CA LEU J 435 33.79 -16.21 -13.36
C LEU J 435 32.37 -16.72 -13.61
N ALA J 436 32.24 -17.92 -14.17
CA ALA J 436 30.91 -18.50 -14.38
C ALA J 436 30.22 -18.81 -13.06
N GLN J 437 30.97 -19.32 -12.08
CA GLN J 437 30.40 -19.57 -10.76
C GLN J 437 30.00 -18.26 -10.08
N TYR J 438 30.82 -17.21 -10.24
CA TYR J 438 30.47 -15.91 -9.68
C TYR J 438 29.21 -15.35 -10.31
N ARG J 439 29.06 -15.49 -11.62
CA ARG J 439 27.84 -15.04 -12.29
C ARG J 439 26.62 -15.82 -11.83
N GLU J 440 26.78 -17.13 -11.63
CA GLU J 440 25.66 -17.95 -11.16
C GLU J 440 25.26 -17.59 -9.74
N VAL J 441 26.22 -17.34 -8.86
CA VAL J 441 25.86 -17.01 -7.47
C VAL J 441 25.45 -15.56 -7.30
N ALA J 442 25.85 -14.66 -8.21
CA ALA J 442 25.43 -13.27 -8.12
C ALA J 442 24.10 -13.02 -8.84
N ALA J 443 23.59 -14.00 -9.59
CA ALA J 443 22.26 -13.87 -10.17
C ALA J 443 21.18 -13.86 -9.09
N PHE J 444 21.46 -14.48 -7.95
CA PHE J 444 20.56 -14.52 -6.80
C PHE J 444 21.28 -14.04 -5.54
N ALA J 445 21.96 -12.89 -5.65
CA ALA J 445 22.64 -12.32 -4.49
C ALA J 445 22.41 -10.82 -4.37
N GLN J 446 21.39 -10.27 -5.05
CA GLN J 446 21.12 -8.84 -4.95
C GLN J 446 20.54 -8.48 -3.58
N PHE J 447 19.56 -9.25 -3.12
CA PHE J 447 18.95 -9.02 -1.81
C PHE J 447 19.56 -9.88 -0.72
N GLY J 448 20.49 -10.77 -1.06
CA GLY J 448 21.06 -11.68 -0.09
C GLY J 448 22.12 -11.05 0.79
N SER J 449 21.90 -11.08 2.10
CA SER J 449 22.86 -10.57 3.07
C SER J 449 23.47 -11.66 3.95
N ASP J 450 22.64 -12.58 4.45
CA ASP J 450 23.13 -13.69 5.27
C ASP J 450 23.39 -14.92 4.40
N LEU J 451 24.34 -14.75 3.48
CA LEU J 451 24.67 -15.80 2.54
C LEU J 451 25.58 -16.85 3.18
N ASP J 452 25.79 -17.94 2.45
CA ASP J 452 26.68 -19.00 2.89
C ASP J 452 28.14 -18.52 2.82
N ALA J 453 29.00 -19.22 3.56
CA ALA J 453 30.43 -18.90 3.54
C ALA J 453 31.04 -19.20 2.19
N SER J 454 30.65 -20.31 1.56
CA SER J 454 31.16 -20.65 0.23
C SER J 454 30.63 -19.68 -0.82
N THR J 455 29.36 -19.26 -0.69
CA THR J 455 28.80 -18.28 -1.60
C THR J 455 29.50 -16.93 -1.46
N GLN J 456 29.81 -16.52 -0.23
CA GLN J 456 30.55 -15.28 -0.01
C GLN J 456 31.96 -15.37 -0.56
N GLN J 457 32.60 -16.53 -0.43
CA GLN J 457 33.94 -16.72 -0.99
C GLN J 457 33.92 -16.65 -2.52
N LEU J 458 32.90 -17.26 -3.14
CA LEU J 458 32.77 -17.20 -4.59
C LEU J 458 32.48 -15.77 -5.05
N LEU J 459 31.63 -15.06 -4.32
CA LEU J 459 31.33 -13.67 -4.67
C LEU J 459 32.56 -12.78 -4.52
N SER J 460 33.35 -13.00 -3.46
CA SER J 460 34.56 -12.21 -3.27
C SER J 460 35.60 -12.52 -4.33
N ARG J 461 35.74 -13.79 -4.70
CA ARG J 461 36.68 -14.17 -5.76
C ARG J 461 36.26 -13.57 -7.10
N GLY J 462 34.96 -13.57 -7.38
CA GLY J 462 34.48 -12.95 -8.61
C GLY J 462 34.68 -11.45 -8.65
N VAL J 463 34.57 -10.79 -7.50
CA VAL J 463 34.87 -9.36 -7.43
C VAL J 463 36.34 -9.10 -7.69
N ARG J 464 37.22 -9.93 -7.13
CA ARG J 464 38.65 -9.80 -7.38
C ARG J 464 38.98 -10.03 -8.86
N LEU J 465 38.35 -11.01 -9.48
CA LEU J 465 38.62 -11.29 -10.89
C LEU J 465 38.05 -10.19 -11.79
N THR J 466 36.89 -9.65 -11.45
CA THR J 466 36.32 -8.55 -12.23
C THR J 466 37.19 -7.31 -12.15
N GLU J 467 37.73 -7.00 -10.97
CA GLU J 467 38.70 -5.92 -10.86
C GLU J 467 40.03 -6.27 -11.52
N LEU J 468 40.32 -7.56 -11.67
CA LEU J 468 41.56 -7.96 -12.32
C LEU J 468 41.49 -7.75 -13.83
N LEU J 469 40.32 -7.96 -14.43
CA LEU J 469 40.16 -7.87 -15.87
C LEU J 469 40.17 -6.43 -16.39
N LYS J 470 40.03 -5.44 -15.51
CA LYS J 470 40.03 -4.05 -15.95
C LYS J 470 41.42 -3.63 -16.39
N GLN J 471 41.48 -2.81 -17.44
CA GLN J 471 42.74 -2.40 -18.03
C GLN J 471 42.56 -1.00 -18.62
N GLY J 472 43.59 -0.17 -18.47
CA GLY J 472 43.55 1.17 -19.02
C GLY J 472 43.75 1.19 -20.51
N GLN J 473 43.49 2.36 -21.10
CA GLN J 473 43.61 2.52 -22.54
C GLN J 473 45.05 2.78 -22.94
N TYR J 474 45.39 2.32 -24.15
CA TYR J 474 46.68 2.55 -24.81
C TYR J 474 47.86 1.92 -24.06
N VAL J 475 47.59 0.97 -23.17
CA VAL J 475 48.65 0.27 -22.44
C VAL J 475 48.46 -1.23 -22.62
N PRO J 476 48.89 -1.81 -23.75
CA PRO J 476 48.83 -3.27 -23.87
C PRO J 476 49.84 -3.93 -22.95
N MET J 477 49.53 -5.16 -22.56
CA MET J 477 50.34 -5.89 -21.59
C MET J 477 51.00 -7.10 -22.25
N ALA J 478 52.19 -7.43 -21.76
CA ALA J 478 52.87 -8.62 -22.23
C ALA J 478 52.16 -9.87 -21.73
N ILE J 479 52.44 -11.00 -22.38
CA ILE J 479 51.77 -12.24 -22.03
C ILE J 479 52.21 -12.73 -20.66
N GLU J 480 53.47 -12.52 -20.29
CA GLU J 480 53.97 -12.97 -19.00
C GLU J 480 53.34 -12.18 -17.86
N ASP J 481 53.15 -10.87 -18.07
CA ASP J 481 52.49 -10.04 -17.07
C ASP J 481 51.03 -10.44 -16.87
N GLN J 482 50.34 -10.74 -17.97
CA GLN J 482 48.96 -11.21 -17.87
C GLN J 482 48.87 -12.56 -17.16
N VAL J 483 49.79 -13.46 -17.47
CA VAL J 483 49.80 -14.79 -16.84
C VAL J 483 50.05 -14.65 -15.35
N ALA J 484 51.04 -13.83 -14.97
CA ALA J 484 51.38 -13.66 -13.56
C ALA J 484 50.22 -13.02 -12.78
N ILE J 485 49.59 -12.00 -13.35
CA ILE J 485 48.53 -11.29 -12.64
C ILE J 485 47.28 -12.15 -12.52
N ILE J 486 46.92 -12.88 -13.59
CA ILE J 486 45.76 -13.75 -13.52
C ILE J 486 46.02 -14.92 -12.58
N TYR J 487 47.25 -15.43 -12.55
CA TYR J 487 47.60 -16.51 -11.62
C TYR J 487 47.47 -16.05 -10.17
N CYS J 488 47.89 -14.81 -9.88
CA CYS J 488 47.68 -14.28 -8.54
C CYS J 488 46.20 -14.10 -8.24
N GLY J 489 45.41 -13.73 -9.24
CA GLY J 489 43.97 -13.55 -9.01
C GLY J 489 43.24 -14.84 -8.71
N VAL J 490 43.56 -15.92 -9.44
CA VAL J 490 42.79 -17.15 -9.35
C VAL J 490 43.33 -18.14 -8.33
N ARG J 491 44.47 -17.86 -7.71
CA ARG J 491 45.03 -18.73 -6.69
C ARG J 491 44.69 -18.28 -5.28
N GLY J 492 43.82 -17.30 -5.14
CA GLY J 492 43.40 -16.82 -3.84
C GLY J 492 44.33 -15.81 -3.20
N HIS J 493 45.32 -15.31 -3.94
CA HIS J 493 46.27 -14.36 -3.37
C HIS J 493 45.66 -12.98 -3.13
N LEU J 494 44.53 -12.68 -3.78
CA LEU J 494 43.90 -11.37 -3.66
C LEU J 494 42.60 -11.41 -2.86
N ASP J 495 42.30 -12.52 -2.19
CA ASP J 495 41.09 -12.58 -1.39
C ASP J 495 41.22 -11.75 -0.12
N LYS J 496 42.44 -11.56 0.38
CA LYS J 496 42.67 -10.72 1.55
C LYS J 496 43.05 -9.30 1.19
N VAL J 497 43.05 -8.96 -0.10
CA VAL J 497 43.43 -7.65 -0.58
C VAL J 497 42.16 -6.89 -0.97
N GLU J 498 42.10 -5.62 -0.61
CA GLU J 498 40.99 -4.77 -1.02
C GLU J 498 40.99 -4.62 -2.53
N PRO J 499 39.83 -4.74 -3.20
CA PRO J 499 39.81 -4.70 -4.67
C PRO J 499 40.28 -3.39 -5.27
N SER J 500 40.06 -2.26 -4.60
CA SER J 500 40.47 -0.98 -5.15
C SER J 500 41.99 -0.82 -5.21
N LYS J 501 42.73 -1.60 -4.44
CA LYS J 501 44.18 -1.59 -4.49
C LYS J 501 44.75 -2.60 -5.48
N ILE J 502 43.89 -3.41 -6.11
CA ILE J 502 44.37 -4.51 -6.96
C ILE J 502 45.12 -3.95 -8.18
N THR J 503 44.58 -2.89 -8.78
CA THR J 503 45.28 -2.22 -9.87
C THR J 503 46.62 -1.67 -9.38
N LYS J 504 46.64 -1.09 -8.17
CA LYS J 504 47.89 -0.65 -7.58
C LYS J 504 48.80 -1.83 -7.30
N PHE J 505 48.21 -2.95 -6.87
CA PHE J 505 48.97 -4.20 -6.76
C PHE J 505 49.49 -4.63 -8.11
N GLU J 506 48.65 -4.49 -9.14
CA GLU J 506 49.10 -4.75 -10.51
C GLU J 506 50.17 -3.74 -10.91
N LYS J 507 50.05 -2.49 -10.44
CA LYS J 507 51.07 -1.49 -10.75
C LYS J 507 52.36 -1.70 -9.97
N GLU J 508 52.36 -2.57 -8.95
CA GLU J 508 53.55 -2.69 -8.12
C GLU J 508 54.14 -4.10 -8.09
N PHE J 509 53.30 -5.13 -8.02
CA PHE J 509 53.82 -6.50 -7.96
C PHE J 509 54.51 -6.89 -9.25
N SER J 510 54.02 -6.40 -10.40
CA SER J 510 54.71 -6.61 -11.66
C SER J 510 56.07 -5.95 -11.66
N GLN J 511 56.22 -4.84 -10.94
CA GLN J 511 57.53 -4.22 -10.79
C GLN J 511 58.40 -5.02 -9.82
N HIS J 512 57.79 -5.75 -8.89
CA HIS J 512 58.57 -6.47 -7.88
C HIS J 512 59.25 -7.69 -8.49
N ILE J 513 58.52 -8.45 -9.31
CA ILE J 513 59.11 -9.64 -9.94
C ILE J 513 60.03 -9.27 -11.09
N LYS J 514 59.88 -8.08 -11.66
CA LYS J 514 60.74 -7.64 -12.74
C LYS J 514 62.06 -7.07 -12.24
N THR J 515 62.20 -6.85 -10.93
CA THR J 515 63.40 -6.26 -10.37
C THR J 515 64.13 -7.20 -9.42
N SER J 516 63.43 -7.78 -8.45
CA SER J 516 64.08 -8.58 -7.41
C SER J 516 63.89 -10.08 -7.55
N HIS J 517 62.93 -10.52 -8.37
CA HIS J 517 62.64 -11.95 -8.54
C HIS J 517 62.53 -12.30 -10.02
N ARG J 518 63.50 -11.84 -10.82
CA ARG J 518 63.47 -12.11 -12.24
C ARG J 518 63.85 -13.55 -12.58
N ASP J 519 64.48 -14.26 -11.65
CA ASP J 519 64.84 -15.66 -11.91
C ASP J 519 63.60 -16.54 -11.99
N ILE J 520 62.55 -16.20 -11.24
CA ILE J 520 61.28 -16.93 -11.34
C ILE J 520 60.66 -16.73 -12.72
N LEU J 521 60.71 -15.49 -13.23
CA LEU J 521 60.19 -15.22 -14.57
C LEU J 521 61.00 -15.94 -15.65
N ASP J 522 62.32 -16.00 -15.47
CA ASP J 522 63.15 -16.75 -16.41
C ASP J 522 62.83 -18.25 -16.37
N THR J 523 62.54 -18.77 -15.17
CA THR J 523 62.16 -20.18 -15.04
C THR J 523 60.81 -20.44 -15.73
N ILE J 524 59.86 -19.51 -15.58
CA ILE J 524 58.57 -19.64 -16.24
C ILE J 524 58.72 -19.59 -17.75
N ALA J 525 59.56 -18.66 -18.24
CA ALA J 525 59.78 -18.52 -19.68
C ALA J 525 60.46 -19.75 -20.27
N LYS J 526 61.43 -20.32 -19.56
CA LYS J 526 62.13 -21.49 -20.10
C LYS J 526 61.27 -22.74 -20.01
N GLU J 527 60.55 -22.93 -18.89
CA GLU J 527 59.73 -24.12 -18.74
C GLU J 527 58.47 -24.04 -19.58
N GLY J 528 57.85 -22.86 -19.67
CA GLY J 528 56.63 -22.68 -20.42
C GLY J 528 55.37 -23.00 -19.66
N GLN J 529 55.46 -23.43 -18.41
CA GLN J 529 54.29 -23.75 -17.62
C GLN J 529 54.58 -23.46 -16.15
N ILE J 530 53.51 -23.41 -15.36
CA ILE J 530 53.62 -23.10 -13.93
C ILE J 530 53.79 -24.44 -13.21
N SER J 531 55.03 -24.83 -12.99
CA SER J 531 55.31 -26.04 -12.23
C SER J 531 54.97 -25.83 -10.75
N PRO J 532 54.65 -26.90 -10.02
CA PRO J 532 54.33 -26.75 -8.59
C PRO J 532 55.44 -26.15 -7.75
N ASP J 533 56.71 -26.42 -8.09
CA ASP J 533 57.81 -25.75 -7.40
C ASP J 533 57.81 -24.25 -7.70
N THR J 534 57.59 -23.88 -8.96
CA THR J 534 57.46 -22.47 -9.31
C THR J 534 56.20 -21.86 -8.72
N ASP J 535 55.14 -22.67 -8.58
CA ASP J 535 53.93 -22.19 -7.92
C ASP J 535 54.20 -21.87 -6.46
N ALA J 536 54.97 -22.71 -5.77
CA ALA J 536 55.32 -22.45 -4.38
C ALA J 536 56.22 -21.23 -4.24
N LYS J 537 57.19 -21.08 -5.17
CA LYS J 537 58.07 -19.91 -5.14
C LYS J 537 57.30 -18.62 -5.39
N LEU J 538 56.35 -18.66 -6.34
CA LEU J 538 55.51 -17.49 -6.59
C LEU J 538 54.61 -17.18 -5.41
N LYS J 539 54.12 -18.22 -4.72
CA LYS J 539 53.31 -18.00 -3.52
C LYS J 539 54.14 -17.35 -2.42
N LYS J 540 55.40 -17.77 -2.27
CA LYS J 540 56.28 -17.16 -1.27
C LYS J 540 56.56 -15.70 -1.62
N VAL J 541 56.78 -15.41 -2.90
CA VAL J 541 57.02 -14.04 -3.34
C VAL J 541 55.80 -13.17 -3.10
N VAL J 542 54.61 -13.71 -3.38
CA VAL J 542 53.36 -12.97 -3.17
C VAL J 542 53.14 -12.68 -1.70
N THR J 543 53.36 -13.67 -0.84
CA THR J 543 53.17 -13.45 0.60
C THR J 543 54.18 -12.46 1.16
N ASP J 544 55.43 -12.51 0.69
CA ASP J 544 56.42 -11.52 1.10
C ASP J 544 56.04 -10.13 0.62
N PHE J 545 55.53 -10.02 -0.61
CA PHE J 545 55.13 -8.72 -1.14
C PHE J 545 53.92 -8.17 -0.39
N LEU J 546 52.96 -9.02 -0.07
CA LEU J 546 51.79 -8.59 0.69
C LEU J 546 52.16 -8.24 2.12
N SER J 547 53.19 -8.89 2.68
CA SER J 547 53.73 -8.44 3.95
C SER J 547 54.35 -7.05 3.83
N THR J 548 55.05 -6.80 2.71
CA THR J 548 55.56 -5.47 2.44
C THR J 548 54.44 -4.50 2.08
N PHE J 549 53.40 -4.99 1.42
CA PHE J 549 52.27 -4.15 0.98
C PHE J 549 51.47 -3.64 2.17
N ILE K 49 -8.39 -12.40 -104.00
CA ILE K 49 -6.94 -12.53 -103.96
C ILE K 49 -6.42 -12.18 -102.56
N SER K 50 -6.94 -11.09 -101.99
CA SER K 50 -6.53 -10.69 -100.64
C SER K 50 -7.04 -11.66 -99.59
N ALA K 51 -8.29 -12.12 -99.74
CA ALA K 51 -8.87 -13.04 -98.76
C ALA K 51 -8.16 -14.39 -98.77
N VAL K 52 -7.75 -14.85 -99.96
CA VAL K 52 -6.97 -16.08 -100.04
C VAL K 52 -5.59 -15.89 -99.41
N LEU K 53 -5.02 -14.70 -99.55
CA LEU K 53 -3.73 -14.41 -98.92
C LEU K 53 -3.84 -14.42 -97.40
N GLU K 54 -4.89 -13.81 -96.85
CA GLU K 54 -5.06 -13.83 -95.40
C GLU K 54 -5.45 -15.20 -94.88
N GLU K 55 -6.13 -16.01 -95.71
CA GLU K 55 -6.38 -17.39 -95.35
C GLU K 55 -5.09 -18.19 -95.31
N LYS K 56 -4.17 -17.93 -96.25
CA LYS K 56 -2.87 -18.58 -96.22
C LYS K 56 -2.05 -18.15 -95.02
N ILE K 57 -2.13 -16.87 -94.66
CA ILE K 57 -1.43 -16.35 -93.49
C ILE K 57 -1.96 -17.01 -92.22
N LEU K 58 -3.28 -17.14 -92.11
CA LEU K 58 -3.88 -17.82 -90.96
C LEU K 58 -3.51 -19.31 -90.93
N GLY K 59 -3.49 -19.95 -92.11
CA GLY K 59 -3.13 -21.36 -92.18
C GLY K 59 -1.66 -21.64 -92.00
N ALA K 60 -0.80 -20.62 -92.04
CA ALA K 60 0.61 -20.82 -91.74
C ALA K 60 0.82 -21.20 -90.27
N ALA K 61 -0.07 -20.76 -89.38
CA ALA K 61 -0.13 -21.04 -87.97
C ALA K 61 -1.12 -22.18 -87.70
N PRO K 62 -0.86 -23.02 -86.69
CA PRO K 62 -1.79 -24.12 -86.40
C PRO K 62 -3.12 -23.62 -85.85
N LYS K 63 -4.15 -24.42 -86.08
CA LYS K 63 -5.51 -24.09 -85.67
C LYS K 63 -5.72 -24.56 -84.24
N GLU K 64 -6.11 -23.64 -83.36
CA GLU K 64 -6.35 -23.95 -81.96
C GLU K 64 -7.68 -23.35 -81.52
N ASN K 65 -8.50 -24.16 -80.87
CA ASN K 65 -9.78 -23.70 -80.31
C ASN K 65 -9.49 -23.11 -78.94
N LEU K 66 -9.16 -21.82 -78.91
CA LEU K 66 -8.72 -21.17 -77.68
C LEU K 66 -9.83 -20.97 -76.66
N GLU K 67 -11.09 -21.21 -77.04
CA GLU K 67 -12.17 -21.08 -76.06
C GLU K 67 -12.12 -22.20 -75.04
N GLU K 68 -11.86 -23.43 -75.47
CA GLU K 68 -11.85 -24.59 -74.59
C GLU K 68 -10.47 -25.20 -74.41
N THR K 69 -9.45 -24.66 -75.07
CA THR K 69 -8.11 -25.22 -75.02
C THR K 69 -7.11 -24.11 -74.78
N GLY K 70 -6.03 -24.43 -74.09
CA GLY K 70 -5.03 -23.44 -73.75
C GLY K 70 -3.63 -24.02 -73.86
N ARG K 71 -2.68 -23.12 -74.10
CA ARG K 71 -1.27 -23.46 -74.18
C ARG K 71 -0.55 -22.87 -72.98
N VAL K 72 0.30 -23.67 -72.33
CA VAL K 72 0.97 -23.23 -71.12
C VAL K 72 2.04 -22.21 -71.48
N LEU K 73 1.85 -20.95 -71.05
CA LEU K 73 2.87 -19.93 -71.24
C LEU K 73 4.03 -20.14 -70.28
N SER K 74 3.75 -20.58 -69.05
CA SER K 74 4.78 -20.79 -68.05
C SER K 74 4.23 -21.74 -67.00
N ILE K 75 4.98 -22.79 -66.69
CA ILE K 75 4.60 -23.78 -65.69
C ILE K 75 5.67 -23.81 -64.61
N GLY K 76 5.26 -23.72 -63.36
CA GLY K 76 6.22 -23.78 -62.27
C GLY K 76 5.61 -23.63 -60.90
N ASP K 77 6.14 -24.41 -59.93
CA ASP K 77 5.72 -24.39 -58.53
C ASP K 77 4.24 -24.70 -58.36
N GLY K 78 3.70 -25.58 -59.21
CA GLY K 78 2.31 -25.94 -59.12
C GLY K 78 1.33 -24.91 -59.63
N ILE K 79 1.82 -23.84 -60.25
CA ILE K 79 0.98 -22.78 -60.78
C ILE K 79 1.37 -22.54 -62.24
N ALA K 80 0.41 -22.71 -63.14
CA ALA K 80 0.64 -22.59 -64.57
C ALA K 80 -0.23 -21.46 -65.11
N ARG K 81 0.38 -20.56 -65.88
CA ARG K 81 -0.36 -19.55 -66.61
C ARG K 81 -0.53 -20.02 -68.05
N VAL K 82 -1.76 -19.98 -68.55
CA VAL K 82 -2.06 -20.52 -69.87
C VAL K 82 -2.67 -19.42 -70.74
N TYR K 83 -2.28 -19.43 -72.01
CA TYR K 83 -2.89 -18.59 -73.04
C TYR K 83 -4.04 -19.36 -73.65
N GLY K 84 -5.24 -18.80 -73.59
CA GLY K 84 -6.41 -19.51 -74.07
C GLY K 84 -7.43 -19.69 -72.96
N LEU K 85 -8.29 -20.69 -73.11
CA LEU K 85 -9.40 -20.97 -72.21
C LEU K 85 -10.29 -19.74 -72.04
N LYS K 86 -10.87 -19.30 -73.16
CA LYS K 86 -11.68 -18.10 -73.15
C LYS K 86 -13.02 -18.31 -72.48
N ASN K 87 -13.53 -19.54 -72.45
CA ASN K 87 -14.82 -19.83 -71.83
C ASN K 87 -14.68 -20.47 -70.46
N ILE K 88 -13.48 -20.42 -69.86
CA ILE K 88 -13.27 -20.98 -68.53
C ILE K 88 -14.07 -20.18 -67.51
N GLN K 89 -14.48 -20.85 -66.44
CA GLN K 89 -15.14 -20.21 -65.32
C GLN K 89 -14.19 -20.13 -64.14
N ALA K 90 -14.55 -19.33 -63.16
CA ALA K 90 -13.78 -19.26 -61.93
C ALA K 90 -13.93 -20.57 -61.16
N GLU K 91 -12.82 -21.00 -60.53
CA GLU K 91 -12.73 -22.22 -59.73
C GLU K 91 -13.01 -23.48 -60.54
N GLU K 92 -12.88 -23.43 -61.87
CA GLU K 92 -13.24 -24.55 -62.73
C GLU K 92 -12.06 -25.50 -62.89
N MET K 93 -12.34 -26.79 -62.82
CA MET K 93 -11.29 -27.80 -62.98
C MET K 93 -10.90 -27.92 -64.45
N VAL K 94 -9.59 -28.11 -64.67
CA VAL K 94 -9.04 -28.30 -66.00
C VAL K 94 -8.17 -29.56 -65.98
N GLU K 95 -7.94 -30.11 -67.17
CA GLU K 95 -7.08 -31.28 -67.34
C GLU K 95 -5.90 -30.91 -68.21
N PHE K 96 -4.73 -31.42 -67.86
CA PHE K 96 -3.52 -31.19 -68.63
C PHE K 96 -3.28 -32.37 -69.58
N SER K 97 -2.21 -32.27 -70.37
CA SER K 97 -1.89 -33.31 -71.33
C SER K 97 -1.39 -34.57 -70.64
N SER K 98 -0.70 -34.42 -69.51
CA SER K 98 -0.13 -35.56 -68.80
C SER K 98 -1.16 -36.29 -67.93
N GLY K 99 -2.38 -35.79 -67.83
CA GLY K 99 -3.41 -36.40 -67.02
C GLY K 99 -3.64 -35.73 -65.68
N LEU K 100 -2.88 -34.69 -65.36
CA LEU K 100 -3.04 -33.99 -64.10
C LEU K 100 -4.30 -33.12 -64.12
N LYS K 101 -4.66 -32.61 -62.95
CA LYS K 101 -5.81 -31.73 -62.79
C LYS K 101 -5.33 -30.36 -62.31
N GLY K 102 -6.15 -29.35 -62.56
CA GLY K 102 -5.85 -28.01 -62.12
C GLY K 102 -7.13 -27.25 -61.84
N MET K 103 -6.99 -26.11 -61.18
CA MET K 103 -8.14 -25.26 -60.87
C MET K 103 -7.84 -23.84 -61.34
N ALA K 104 -8.74 -23.30 -62.17
CA ALA K 104 -8.56 -21.96 -62.71
C ALA K 104 -8.92 -20.94 -61.63
N LEU K 105 -7.89 -20.38 -60.98
CA LEU K 105 -8.14 -19.42 -59.91
C LEU K 105 -8.13 -17.98 -60.41
N ASN K 106 -7.14 -17.59 -61.20
CA ASN K 106 -7.00 -16.22 -61.66
C ASN K 106 -7.50 -16.11 -63.10
N LEU K 107 -8.47 -15.23 -63.33
CA LEU K 107 -8.98 -14.95 -64.67
C LEU K 107 -8.48 -13.57 -65.08
N GLU K 108 -7.28 -13.53 -65.64
CA GLU K 108 -6.64 -12.31 -66.10
C GLU K 108 -6.98 -12.06 -67.56
N PRO K 109 -6.91 -10.80 -68.02
CA PRO K 109 -7.21 -10.52 -69.44
C PRO K 109 -6.30 -11.21 -70.43
N ASP K 110 -5.04 -11.41 -70.09
CA ASP K 110 -4.09 -12.02 -71.01
C ASP K 110 -4.01 -13.53 -70.86
N ASN K 111 -3.92 -14.02 -69.62
CA ASN K 111 -3.71 -15.43 -69.35
C ASN K 111 -4.68 -15.89 -68.27
N VAL K 112 -4.61 -17.18 -67.96
CA VAL K 112 -5.40 -17.78 -66.88
C VAL K 112 -4.43 -18.45 -65.92
N GLY K 113 -4.50 -18.08 -64.64
CA GLY K 113 -3.65 -18.67 -63.63
C GLY K 113 -4.31 -19.88 -62.98
N ILE K 114 -3.67 -21.03 -63.12
CA ILE K 114 -4.24 -22.32 -62.73
C ILE K 114 -3.33 -22.96 -61.70
N VAL K 115 -3.89 -23.37 -60.57
CA VAL K 115 -3.14 -24.09 -59.55
C VAL K 115 -3.22 -25.58 -59.84
N VAL K 116 -2.07 -26.24 -59.89
CA VAL K 116 -1.97 -27.59 -60.41
C VAL K 116 -2.10 -28.59 -59.26
N PHE K 117 -2.99 -29.57 -59.43
CA PHE K 117 -3.21 -30.61 -58.43
C PHE K 117 -2.22 -31.76 -58.65
N GLY K 118 -0.95 -31.46 -58.40
CA GLY K 118 0.09 -32.47 -58.54
C GLY K 118 1.43 -31.82 -58.79
N ASN K 119 2.41 -32.66 -59.11
CA ASN K 119 3.74 -32.19 -59.40
C ASN K 119 3.78 -31.50 -60.76
N ASP K 120 4.52 -30.41 -60.85
CA ASP K 120 4.58 -29.63 -62.09
C ASP K 120 5.64 -30.14 -63.07
N LYS K 121 6.38 -31.20 -62.71
CA LYS K 121 7.41 -31.72 -63.60
C LYS K 121 6.83 -32.40 -64.82
N HIS K 122 5.59 -32.88 -64.76
CA HIS K 122 4.96 -33.54 -65.89
C HIS K 122 4.35 -32.57 -66.89
N ILE K 123 4.40 -31.27 -66.62
CA ILE K 123 3.79 -30.26 -67.49
C ILE K 123 4.90 -29.41 -68.10
N LYS K 124 4.91 -29.32 -69.42
CA LYS K 124 5.86 -28.52 -70.16
C LYS K 124 5.18 -27.27 -70.71
N GLU K 125 5.98 -26.24 -70.96
CA GLU K 125 5.47 -25.03 -71.59
C GLU K 125 5.05 -25.33 -73.01
N GLY K 126 3.81 -24.98 -73.35
CA GLY K 126 3.25 -25.31 -74.63
C GLY K 126 2.36 -26.54 -74.64
N ASP K 127 2.08 -27.12 -73.48
CA ASP K 127 1.20 -28.27 -73.41
C ASP K 127 -0.26 -27.84 -73.55
N ILE K 128 -1.12 -28.83 -73.78
CA ILE K 128 -2.53 -28.60 -74.05
C ILE K 128 -3.30 -28.74 -72.74
N VAL K 129 -4.07 -27.71 -72.39
CA VAL K 129 -4.94 -27.71 -71.23
C VAL K 129 -6.37 -27.57 -71.72
N LYS K 130 -7.25 -28.45 -71.26
CA LYS K 130 -8.64 -28.44 -71.69
C LYS K 130 -9.57 -28.36 -70.49
N ARG K 131 -10.69 -27.66 -70.68
CA ARG K 131 -11.66 -27.49 -69.61
C ARG K 131 -12.42 -28.78 -69.36
N THR K 132 -12.67 -29.06 -68.08
CA THR K 132 -13.59 -30.13 -67.70
C THR K 132 -15.04 -29.67 -67.74
N GLY K 133 -15.27 -28.36 -67.81
CA GLY K 133 -16.61 -27.82 -67.92
C GLY K 133 -17.36 -27.68 -66.62
N ALA K 134 -16.77 -28.06 -65.49
CA ALA K 134 -17.47 -28.03 -64.21
C ALA K 134 -16.54 -27.52 -63.13
N ILE K 135 -17.15 -26.92 -62.10
CA ILE K 135 -16.40 -26.49 -60.93
C ILE K 135 -15.87 -27.70 -60.17
N VAL K 136 -14.84 -27.48 -59.36
CA VAL K 136 -14.12 -28.57 -58.70
C VAL K 136 -15.04 -29.30 -57.72
N ASP K 137 -15.11 -30.62 -57.85
CA ASP K 137 -15.99 -31.44 -57.05
C ASP K 137 -15.30 -32.74 -56.72
N VAL K 138 -15.80 -33.42 -55.68
CA VAL K 138 -15.21 -34.66 -55.20
C VAL K 138 -16.32 -35.69 -55.09
N PRO K 139 -15.98 -36.99 -55.15
CA PRO K 139 -17.00 -38.01 -54.87
C PRO K 139 -17.46 -37.96 -53.42
N VAL K 140 -18.75 -38.25 -53.22
CA VAL K 140 -19.30 -38.35 -51.88
C VAL K 140 -20.13 -39.62 -51.80
N GLY K 141 -20.36 -40.08 -50.57
CA GLY K 141 -21.15 -41.27 -50.35
C GLY K 141 -20.61 -42.05 -49.17
N GLU K 142 -21.31 -43.13 -48.87
CA GLU K 142 -20.88 -44.06 -47.84
C GLU K 142 -19.92 -45.11 -48.35
N GLU K 143 -19.61 -45.09 -49.65
CA GLU K 143 -18.56 -45.94 -50.19
C GLU K 143 -17.17 -45.44 -49.84
N LEU K 144 -17.06 -44.20 -49.38
CA LEU K 144 -15.80 -43.63 -48.95
C LEU K 144 -15.42 -44.05 -47.53
N LEU K 145 -16.33 -44.65 -46.78
CA LEU K 145 -16.03 -45.08 -45.43
C LEU K 145 -15.04 -46.24 -45.46
N GLY K 146 -13.99 -46.14 -44.67
CA GLY K 146 -12.95 -47.14 -44.67
C GLY K 146 -11.88 -46.94 -45.73
N ARG K 147 -11.97 -45.87 -46.50
CA ARG K 147 -11.05 -45.62 -47.61
C ARG K 147 -10.16 -44.44 -47.31
N VAL K 148 -8.91 -44.52 -47.76
CA VAL K 148 -7.96 -43.42 -47.67
C VAL K 148 -7.85 -42.80 -49.06
N VAL K 149 -8.27 -41.54 -49.18
CA VAL K 149 -8.27 -40.84 -50.46
C VAL K 149 -7.44 -39.58 -50.33
N ASP K 150 -7.10 -39.01 -51.47
CA ASP K 150 -6.37 -37.74 -51.51
C ASP K 150 -7.38 -36.59 -51.55
N ALA K 151 -6.89 -35.39 -51.85
CA ALA K 151 -7.77 -34.22 -51.92
C ALA K 151 -8.72 -34.28 -53.10
N LEU K 152 -8.39 -35.04 -54.14
CA LEU K 152 -9.25 -35.16 -55.31
C LEU K 152 -10.23 -36.33 -55.20
N GLY K 153 -10.16 -37.10 -54.13
CA GLY K 153 -11.00 -38.26 -53.96
C GLY K 153 -10.47 -39.54 -54.57
N ASN K 154 -9.29 -39.49 -55.19
CA ASN K 154 -8.70 -40.70 -55.77
C ASN K 154 -8.21 -41.61 -54.64
N PRO K 155 -8.46 -42.92 -54.73
CA PRO K 155 -8.02 -43.82 -53.65
C PRO K 155 -6.51 -44.02 -53.68
N ILE K 156 -5.89 -43.91 -52.51
CA ILE K 156 -4.46 -44.08 -52.37
C ILE K 156 -4.09 -45.26 -51.49
N ASP K 157 -5.07 -45.93 -50.88
CA ASP K 157 -4.79 -47.05 -50.00
C ASP K 157 -4.49 -48.34 -50.74
N GLY K 158 -4.69 -48.37 -52.05
CA GLY K 158 -4.42 -49.58 -52.82
C GLY K 158 -5.50 -50.63 -52.77
N LYS K 159 -6.65 -50.33 -52.17
CA LYS K 159 -7.73 -51.29 -52.03
C LYS K 159 -8.70 -51.24 -53.19
N GLY K 160 -8.46 -50.42 -54.21
CA GLY K 160 -9.29 -50.37 -55.38
C GLY K 160 -10.05 -49.07 -55.53
N PRO K 161 -10.72 -48.90 -56.66
CA PRO K 161 -11.50 -47.67 -56.88
C PRO K 161 -12.73 -47.62 -56.00
N ILE K 162 -13.19 -46.41 -55.77
CA ILE K 162 -14.40 -46.17 -54.98
C ILE K 162 -15.60 -46.27 -55.91
N GLY K 163 -16.75 -46.62 -55.34
CA GLY K 163 -17.94 -46.79 -56.14
C GLY K 163 -18.98 -45.71 -55.89
N SER K 164 -18.53 -44.46 -55.75
CA SER K 164 -19.45 -43.37 -55.48
C SER K 164 -20.24 -43.02 -56.74
N LYS K 165 -21.54 -42.83 -56.57
CA LYS K 165 -22.42 -42.43 -57.67
C LYS K 165 -22.68 -40.93 -57.69
N THR K 166 -22.43 -40.24 -56.59
CA THR K 166 -22.71 -38.81 -56.49
C THR K 166 -21.40 -38.04 -56.31
N ARG K 167 -21.35 -36.86 -56.90
CA ARG K 167 -20.24 -35.93 -56.75
C ARG K 167 -20.77 -34.61 -56.23
N GLN K 168 -20.08 -34.04 -55.25
CA GLN K 168 -20.49 -32.80 -54.63
C GLN K 168 -19.38 -31.76 -54.79
N ARG K 169 -19.78 -30.54 -55.09
CA ARG K 169 -18.85 -29.43 -55.23
C ARG K 169 -18.18 -29.11 -53.90
N VAL K 170 -16.94 -28.62 -53.97
CA VAL K 170 -16.23 -28.31 -52.75
C VAL K 170 -16.58 -26.91 -52.23
N GLY K 171 -16.94 -25.99 -53.11
CA GLY K 171 -17.33 -24.65 -52.71
C GLY K 171 -18.82 -24.44 -52.61
N VAL K 172 -19.48 -25.18 -51.73
CA VAL K 172 -20.92 -25.03 -51.53
C VAL K 172 -21.15 -24.00 -50.44
N LYS K 173 -22.18 -23.17 -50.62
CA LYS K 173 -22.54 -22.18 -49.62
C LYS K 173 -23.06 -22.85 -48.35
N ALA K 174 -22.75 -22.23 -47.22
CA ALA K 174 -23.15 -22.74 -45.93
C ALA K 174 -24.66 -22.64 -45.74
N PRO K 175 -25.25 -23.48 -44.88
CA PRO K 175 -26.68 -23.36 -44.60
C PRO K 175 -27.04 -22.07 -43.90
N GLY K 176 -28.27 -21.63 -44.11
CA GLY K 176 -28.74 -20.36 -43.58
C GLY K 176 -29.22 -20.45 -42.16
N ILE K 177 -30.06 -19.48 -41.77
CA ILE K 177 -30.51 -19.36 -40.40
C ILE K 177 -31.71 -20.27 -40.13
N ILE K 178 -32.72 -20.19 -41.00
CA ILE K 178 -33.88 -21.06 -40.85
C ILE K 178 -33.56 -22.55 -40.94
N PRO K 179 -32.73 -23.06 -41.91
CA PRO K 179 -32.53 -24.50 -41.97
C PRO K 179 -31.72 -25.13 -40.84
N ARG K 180 -31.33 -24.36 -39.82
CA ARG K 180 -30.55 -24.91 -38.73
C ARG K 180 -31.21 -24.59 -37.40
N VAL K 181 -30.95 -25.46 -36.41
CA VAL K 181 -31.49 -25.27 -35.07
C VAL K 181 -30.34 -25.20 -34.08
N SER K 182 -30.67 -25.02 -32.80
CA SER K 182 -29.64 -24.86 -31.78
C SER K 182 -28.93 -26.18 -31.51
N VAL K 183 -27.67 -26.07 -31.09
CA VAL K 183 -26.83 -27.23 -30.84
C VAL K 183 -27.14 -27.75 -29.44
N ARG K 184 -27.72 -28.94 -29.36
CA ARG K 184 -28.07 -29.55 -28.08
C ARG K 184 -27.67 -31.00 -27.93
N GLU K 185 -27.47 -31.72 -29.02
CA GLU K 185 -27.07 -33.13 -28.93
C GLU K 185 -25.59 -33.21 -28.54
N PRO K 186 -25.24 -33.94 -27.49
CA PRO K 186 -23.83 -34.02 -27.08
C PRO K 186 -23.02 -34.87 -28.05
N MET K 187 -21.88 -34.32 -28.47
CA MET K 187 -20.90 -35.06 -29.25
C MET K 187 -19.80 -35.47 -28.26
N GLN K 188 -19.80 -36.73 -27.88
CA GLN K 188 -18.99 -37.21 -26.76
C GLN K 188 -17.59 -37.54 -27.26
N THR K 189 -16.61 -36.77 -26.78
CA THR K 189 -15.22 -36.99 -27.18
C THR K 189 -14.67 -38.28 -26.57
N GLY K 190 -15.06 -38.57 -25.33
CA GLY K 190 -14.49 -39.68 -24.60
C GLY K 190 -13.42 -39.29 -23.60
N MET K 191 -13.02 -38.03 -23.60
CA MET K 191 -12.07 -37.51 -22.62
C MET K 191 -12.85 -36.82 -21.51
N LYS K 192 -12.42 -37.05 -20.26
CA LYS K 192 -13.11 -36.48 -19.12
C LYS K 192 -13.02 -34.96 -19.11
N ALA K 193 -11.84 -34.42 -19.39
CA ALA K 193 -11.66 -32.97 -19.37
C ALA K 193 -12.41 -32.29 -20.50
N VAL K 194 -12.62 -32.99 -21.61
CA VAL K 194 -13.37 -32.40 -22.72
C VAL K 194 -14.87 -32.52 -22.47
N ASP K 195 -15.33 -33.71 -22.06
CA ASP K 195 -16.76 -33.91 -21.87
C ASP K 195 -17.30 -33.19 -20.63
N SER K 196 -16.45 -32.75 -19.72
CA SER K 196 -16.90 -32.05 -18.53
C SER K 196 -16.70 -30.54 -18.60
N LEU K 197 -15.49 -30.11 -18.95
CA LEU K 197 -15.13 -28.70 -18.83
C LEU K 197 -15.38 -27.91 -20.10
N VAL K 198 -15.08 -28.49 -21.26
CA VAL K 198 -15.28 -27.83 -22.54
C VAL K 198 -16.13 -28.73 -23.43
N PRO K 199 -17.42 -28.89 -23.17
CA PRO K 199 -18.22 -29.87 -23.92
C PRO K 199 -18.45 -29.45 -25.37
N ILE K 200 -18.51 -30.45 -26.23
CA ILE K 200 -18.68 -30.27 -27.67
C ILE K 200 -20.01 -30.87 -28.06
N GLY K 201 -20.87 -30.08 -28.69
CA GLY K 201 -22.14 -30.55 -29.18
C GLY K 201 -22.10 -30.88 -30.67
N ARG K 202 -23.19 -31.47 -31.15
CA ARG K 202 -23.29 -31.86 -32.54
C ARG K 202 -23.71 -30.67 -33.38
N GLY K 203 -22.86 -30.26 -34.32
CA GLY K 203 -23.05 -29.04 -35.04
C GLY K 203 -22.24 -27.86 -34.53
N GLN K 204 -21.14 -28.11 -33.83
CA GLN K 204 -20.34 -27.09 -33.19
C GLN K 204 -18.93 -27.13 -33.72
N ARG K 205 -18.32 -25.97 -33.90
CA ARG K 205 -16.93 -25.84 -34.31
C ARG K 205 -16.09 -25.60 -33.06
N GLU K 206 -15.33 -26.61 -32.64
CA GLU K 206 -14.49 -26.53 -31.46
C GLU K 206 -13.03 -26.65 -31.89
N LEU K 207 -12.23 -25.65 -31.53
CA LEU K 207 -10.86 -25.57 -31.98
C LEU K 207 -9.94 -26.32 -31.02
N ILE K 208 -9.00 -27.08 -31.55
CA ILE K 208 -7.95 -27.71 -30.76
C ILE K 208 -6.66 -26.97 -31.10
N ILE K 209 -6.26 -26.04 -30.24
CA ILE K 209 -5.13 -25.17 -30.50
C ILE K 209 -4.02 -25.49 -29.51
N GLY K 210 -2.79 -25.54 -30.01
CA GLY K 210 -1.67 -25.86 -29.15
C GLY K 210 -0.38 -25.79 -29.93
N ASP K 211 0.72 -26.04 -29.23
CA ASP K 211 2.03 -26.02 -29.84
C ASP K 211 2.33 -27.37 -30.48
N ARG K 212 3.59 -27.57 -30.90
CA ARG K 212 3.97 -28.84 -31.48
C ARG K 212 4.08 -29.90 -30.39
N GLN K 213 3.65 -31.12 -30.73
CA GLN K 213 3.75 -32.31 -29.87
C GLN K 213 3.07 -32.10 -28.52
N THR K 214 1.80 -31.69 -28.56
CA THR K 214 1.03 -31.47 -27.34
C THR K 214 -0.14 -32.43 -27.17
N GLY K 215 -0.56 -33.12 -28.22
CA GLY K 215 -1.64 -34.06 -28.15
C GLY K 215 -2.91 -33.68 -28.90
N LYS K 216 -2.82 -32.78 -29.88
CA LYS K 216 -4.01 -32.39 -30.63
C LYS K 216 -4.51 -33.52 -31.52
N THR K 217 -3.59 -34.21 -32.20
CA THR K 217 -3.97 -35.36 -33.00
C THR K 217 -4.51 -36.48 -32.12
N ALA K 218 -3.93 -36.66 -30.93
CA ALA K 218 -4.37 -37.71 -30.02
C ALA K 218 -5.80 -37.46 -29.54
N ILE K 219 -6.14 -36.19 -29.28
CA ILE K 219 -7.51 -35.84 -28.88
C ILE K 219 -8.49 -36.13 -30.01
N ALA K 220 -8.12 -35.77 -31.23
CA ALA K 220 -9.01 -36.01 -32.38
C ALA K 220 -9.19 -37.50 -32.65
N ILE K 221 -8.12 -38.28 -32.56
CA ILE K 221 -8.20 -39.72 -32.81
C ILE K 221 -9.03 -40.41 -31.73
N ASP K 222 -8.89 -39.96 -30.47
CA ASP K 222 -9.73 -40.51 -29.41
C ASP K 222 -11.20 -40.17 -29.62
N ALA K 223 -11.49 -38.98 -30.14
CA ALA K 223 -12.87 -38.63 -30.46
C ALA K 223 -13.44 -39.52 -31.56
N ILE K 224 -12.61 -39.84 -32.55
CA ILE K 224 -13.04 -40.76 -33.61
C ILE K 224 -13.28 -42.17 -33.05
N ILE K 225 -12.36 -42.64 -32.20
CA ILE K 225 -12.44 -43.99 -31.66
C ILE K 225 -13.65 -44.15 -30.73
N ASN K 226 -14.01 -43.09 -30.00
CA ASN K 226 -15.12 -43.16 -29.05
C ASN K 226 -16.47 -43.46 -29.71
N GLN K 227 -16.64 -43.14 -30.99
CA GLN K 227 -17.93 -43.33 -31.65
C GLN K 227 -18.23 -44.77 -31.99
N LYS K 228 -17.28 -45.68 -31.75
CA LYS K 228 -17.49 -47.10 -32.06
C LYS K 228 -18.61 -47.68 -31.22
N ARG K 229 -18.70 -47.29 -29.95
CA ARG K 229 -19.74 -47.81 -29.07
C ARG K 229 -21.12 -47.28 -29.43
N PHE K 230 -21.21 -46.17 -30.16
CA PHE K 230 -22.48 -45.63 -30.61
C PHE K 230 -22.89 -46.15 -31.97
N ASN K 231 -21.93 -46.33 -32.87
CA ASN K 231 -22.22 -46.82 -34.20
C ASN K 231 -22.62 -48.29 -34.20
N ASP K 232 -22.18 -49.05 -33.20
CA ASP K 232 -22.59 -50.45 -33.10
C ASP K 232 -24.02 -50.60 -32.60
N ALA K 233 -24.49 -49.64 -31.80
CA ALA K 233 -25.82 -49.72 -31.22
C ALA K 233 -26.90 -49.46 -32.27
N GLN K 234 -28.16 -49.59 -31.85
CA GLN K 234 -29.29 -49.44 -32.76
C GLN K 234 -29.85 -48.04 -32.80
N ASP K 235 -29.40 -47.13 -31.94
CA ASP K 235 -29.90 -45.76 -31.93
C ASP K 235 -29.33 -45.00 -33.11
N GLU K 236 -30.20 -44.47 -33.96
CA GLU K 236 -29.75 -43.75 -35.14
C GLU K 236 -29.27 -42.34 -34.81
N LYS K 237 -29.79 -41.74 -33.74
CA LYS K 237 -29.36 -40.39 -33.38
C LYS K 237 -28.05 -40.36 -32.61
N LYS K 238 -27.50 -41.52 -32.26
CA LYS K 238 -26.20 -41.58 -31.59
C LYS K 238 -25.06 -41.89 -32.54
N LYS K 239 -25.34 -42.38 -33.73
CA LYS K 239 -24.29 -42.75 -34.65
C LYS K 239 -23.61 -41.52 -35.24
N LEU K 240 -22.28 -41.56 -35.31
CA LEU K 240 -21.48 -40.46 -35.84
C LEU K 240 -20.46 -41.03 -36.79
N TYR K 241 -20.38 -40.45 -38.00
CA TYR K 241 -19.42 -40.86 -39.02
C TYR K 241 -18.29 -39.86 -39.07
N CYS K 242 -17.06 -40.34 -39.17
CA CYS K 242 -15.92 -39.47 -38.97
C CYS K 242 -15.18 -39.22 -40.27
N VAL K 243 -14.64 -38.01 -40.40
CA VAL K 243 -13.75 -37.63 -41.50
C VAL K 243 -12.49 -37.04 -40.88
N TYR K 244 -11.34 -37.53 -41.28
CA TYR K 244 -10.05 -37.03 -40.78
C TYR K 244 -9.27 -36.49 -41.97
N VAL K 245 -9.07 -35.17 -42.00
CA VAL K 245 -8.35 -34.52 -43.07
C VAL K 245 -6.95 -34.20 -42.55
N ALA K 246 -5.96 -34.91 -43.07
CA ALA K 246 -4.57 -34.67 -42.74
C ALA K 246 -3.97 -33.72 -43.76
N ILE K 247 -3.57 -32.53 -43.32
CA ILE K 247 -3.09 -31.47 -44.20
C ILE K 247 -1.63 -31.18 -43.85
N GLY K 248 -0.75 -31.42 -44.80
CA GLY K 248 0.65 -31.07 -44.64
C GLY K 248 1.43 -31.91 -43.65
N GLN K 249 0.93 -33.09 -43.32
CA GLN K 249 1.61 -33.97 -42.39
C GLN K 249 2.58 -34.88 -43.12
N LYS K 250 3.36 -35.63 -42.35
CA LYS K 250 4.20 -36.66 -42.94
C LYS K 250 3.34 -37.86 -43.33
N ARG K 251 3.65 -38.44 -44.48
CA ARG K 251 2.85 -39.54 -45.00
C ARG K 251 2.98 -40.80 -44.14
N SER K 252 4.11 -40.96 -43.45
CA SER K 252 4.26 -42.08 -42.53
C SER K 252 3.35 -41.91 -41.32
N THR K 253 3.15 -40.67 -40.86
CA THR K 253 2.26 -40.44 -39.73
C THR K 253 0.81 -40.72 -40.10
N VAL K 254 0.42 -40.37 -41.32
CA VAL K 254 -0.94 -40.67 -41.79
C VAL K 254 -1.13 -42.17 -41.92
N ALA K 255 -0.09 -42.88 -42.38
CA ALA K 255 -0.18 -44.33 -42.46
C ALA K 255 -0.32 -44.97 -41.09
N GLN K 256 0.38 -44.43 -40.09
CA GLN K 256 0.25 -44.93 -38.72
C GLN K 256 -1.13 -44.61 -38.13
N ILE K 257 -1.69 -43.46 -38.47
CA ILE K 257 -3.04 -43.12 -38.01
C ILE K 257 -4.06 -44.08 -38.60
N VAL K 258 -3.93 -44.38 -39.89
CA VAL K 258 -4.85 -45.32 -40.56
C VAL K 258 -4.71 -46.72 -39.96
N LYS K 259 -3.48 -47.12 -39.64
CA LYS K 259 -3.27 -48.40 -38.97
C LYS K 259 -3.91 -48.42 -37.59
N ARG K 260 -3.81 -47.32 -36.84
CA ARG K 260 -4.41 -47.25 -35.52
C ARG K 260 -5.93 -47.30 -35.57
N LEU K 261 -6.53 -46.61 -36.55
CA LEU K 261 -7.98 -46.65 -36.66
C LEU K 261 -8.48 -48.00 -37.19
N THR K 262 -7.66 -48.69 -37.99
CA THR K 262 -8.04 -50.02 -38.45
C THR K 262 -7.96 -51.02 -37.31
N ASP K 263 -6.99 -50.86 -36.42
CA ASP K 263 -6.79 -51.79 -35.32
C ASP K 263 -7.91 -51.69 -34.28
N THR K 264 -8.54 -50.51 -34.15
CA THR K 264 -9.57 -50.29 -33.15
C THR K 264 -10.98 -50.36 -33.74
N ASP K 265 -11.12 -50.84 -34.97
CA ASP K 265 -12.40 -51.01 -35.68
C ASP K 265 -13.15 -49.70 -35.87
N ALA K 266 -12.46 -48.57 -35.84
CA ALA K 266 -13.08 -47.27 -36.10
C ALA K 266 -12.98 -46.86 -37.56
N MET K 267 -12.36 -47.69 -38.40
CA MET K 267 -12.20 -47.35 -39.80
C MET K 267 -13.51 -47.52 -40.58
N ARG K 268 -14.43 -48.35 -40.10
CA ARG K 268 -15.66 -48.65 -40.83
C ARG K 268 -16.54 -47.44 -41.04
N TYR K 269 -16.41 -46.40 -40.21
CA TYR K 269 -17.20 -45.19 -40.35
C TYR K 269 -16.32 -43.96 -40.54
N THR K 270 -15.06 -44.15 -40.93
CA THR K 270 -14.08 -43.08 -41.02
C THR K 270 -13.60 -42.94 -42.46
N ILE K 271 -13.51 -41.70 -42.93
CA ILE K 271 -12.88 -41.36 -44.19
C ILE K 271 -11.62 -40.58 -43.89
N VAL K 272 -10.50 -40.98 -44.51
CA VAL K 272 -9.23 -40.30 -44.33
C VAL K 272 -8.88 -39.61 -45.62
N VAL K 273 -8.72 -38.28 -45.56
CA VAL K 273 -8.31 -37.46 -46.69
C VAL K 273 -6.94 -36.91 -46.36
N SER K 274 -5.91 -37.33 -47.11
CA SER K 274 -4.55 -36.96 -46.80
C SER K 274 -3.95 -36.10 -47.90
N ALA K 275 -3.43 -34.94 -47.53
CA ALA K 275 -2.65 -34.08 -48.41
C ALA K 275 -1.33 -33.84 -47.67
N THR K 276 -0.34 -34.68 -47.95
CA THR K 276 0.88 -34.72 -47.16
C THR K 276 1.81 -33.58 -47.55
N ALA K 277 3.03 -33.59 -47.00
CA ALA K 277 3.99 -32.53 -47.28
C ALA K 277 4.55 -32.63 -48.69
N SER K 278 4.73 -33.85 -49.21
CA SER K 278 5.21 -34.02 -50.57
C SER K 278 4.16 -33.67 -51.60
N ASP K 279 2.89 -33.62 -51.21
CA ASP K 279 1.85 -33.20 -52.12
C ASP K 279 1.94 -31.69 -52.35
N ALA K 280 1.40 -31.25 -53.49
CA ALA K 280 1.48 -29.86 -53.87
C ALA K 280 0.62 -29.00 -52.93
N ALA K 281 0.98 -27.72 -52.86
CA ALA K 281 0.19 -26.77 -52.10
C ALA K 281 -1.27 -26.66 -52.54
N PRO K 282 -1.65 -26.75 -53.82
CA PRO K 282 -3.08 -26.82 -54.14
C PRO K 282 -3.81 -28.03 -53.53
N LEU K 283 -3.13 -29.16 -53.39
CA LEU K 283 -3.78 -30.30 -52.76
C LEU K 283 -4.01 -30.07 -51.27
N GLN K 284 -3.07 -29.39 -50.62
CA GLN K 284 -3.25 -29.06 -49.21
C GLN K 284 -4.32 -27.99 -49.02
N TYR K 285 -4.46 -27.08 -49.99
CA TYR K 285 -5.52 -26.10 -49.96
C TYR K 285 -6.89 -26.74 -50.19
N LEU K 286 -6.95 -27.78 -51.03
CA LEU K 286 -8.22 -28.38 -51.41
C LEU K 286 -8.71 -29.44 -50.42
N ALA K 287 -7.80 -30.11 -49.72
CA ALA K 287 -8.19 -31.23 -48.87
C ALA K 287 -9.21 -30.90 -47.77
N PRO K 288 -9.15 -29.78 -47.05
CA PRO K 288 -10.25 -29.49 -46.11
C PRO K 288 -11.61 -29.32 -46.76
N TYR K 289 -11.67 -28.75 -47.97
CA TYR K 289 -12.95 -28.59 -48.64
C TYR K 289 -13.47 -29.90 -49.19
N SER K 290 -12.58 -30.79 -49.62
CA SER K 290 -12.98 -32.12 -50.04
C SER K 290 -13.55 -32.91 -48.88
N GLY K 291 -12.87 -32.87 -47.73
CA GLY K 291 -13.39 -33.55 -46.55
C GLY K 291 -14.67 -32.93 -46.03
N CYS K 292 -14.81 -31.61 -46.13
CA CYS K 292 -16.04 -30.95 -45.72
C CYS K 292 -17.20 -31.35 -46.60
N ALA K 293 -16.97 -31.52 -47.90
CA ALA K 293 -18.04 -31.97 -48.80
C ALA K 293 -18.45 -33.40 -48.49
N MET K 294 -17.47 -34.25 -48.17
CA MET K 294 -17.79 -35.62 -47.75
C MET K 294 -18.61 -35.64 -46.47
N GLY K 295 -18.26 -34.78 -45.51
CA GLY K 295 -19.05 -34.69 -44.29
C GLY K 295 -20.43 -34.09 -44.52
N GLU K 296 -20.52 -33.10 -45.39
CA GLU K 296 -21.80 -32.46 -45.69
C GLU K 296 -22.76 -33.38 -46.40
N PHE K 297 -22.26 -34.42 -47.09
CA PHE K 297 -23.16 -35.43 -47.62
C PHE K 297 -23.89 -36.16 -46.50
N PHE K 298 -23.18 -36.50 -45.42
CA PHE K 298 -23.83 -37.13 -44.27
C PHE K 298 -24.74 -36.15 -43.56
N ARG K 299 -24.34 -34.87 -43.50
CA ARG K 299 -25.15 -33.87 -42.83
C ARG K 299 -26.49 -33.66 -43.53
N ASP K 300 -26.48 -33.62 -44.86
CA ASP K 300 -27.70 -33.35 -45.61
C ASP K 300 -28.55 -34.59 -45.83
N ASN K 301 -28.06 -35.77 -45.46
CA ASN K 301 -28.80 -37.01 -45.61
C ASN K 301 -29.43 -37.47 -44.31
N GLY K 302 -29.46 -36.63 -43.29
CA GLY K 302 -30.00 -36.98 -42.01
C GLY K 302 -29.04 -37.65 -41.05
N LYS K 303 -27.82 -37.94 -41.49
CA LYS K 303 -26.82 -38.55 -40.62
C LYS K 303 -26.04 -37.47 -39.88
N HIS K 304 -25.22 -37.91 -38.94
CA HIS K 304 -24.36 -37.03 -38.16
C HIS K 304 -22.91 -37.33 -38.48
N ALA K 305 -22.11 -36.28 -38.65
CA ALA K 305 -20.72 -36.42 -39.03
C ALA K 305 -19.83 -35.55 -38.17
N LEU K 306 -18.62 -36.04 -37.92
CA LEU K 306 -17.58 -35.28 -37.23
C LEU K 306 -16.36 -35.20 -38.13
N ILE K 307 -15.84 -34.00 -38.33
CA ILE K 307 -14.71 -33.79 -39.22
C ILE K 307 -13.57 -33.13 -38.45
N ILE K 308 -12.35 -33.59 -38.70
CA ILE K 308 -11.15 -33.06 -38.09
C ILE K 308 -10.26 -32.52 -39.18
N TYR K 309 -9.83 -31.27 -39.04
CA TYR K 309 -8.86 -30.64 -39.94
C TYR K 309 -7.54 -30.54 -39.20
N ASP K 310 -6.61 -31.44 -39.50
CA ASP K 310 -5.32 -31.52 -38.82
C ASP K 310 -4.22 -31.30 -39.85
N ASP K 311 -3.75 -30.07 -40.02
CA ASP K 311 -4.25 -28.90 -39.29
C ASP K 311 -4.46 -27.72 -40.23
N LEU K 312 -5.22 -26.73 -39.77
CA LEU K 312 -5.59 -25.61 -40.63
C LEU K 312 -4.46 -24.61 -40.84
N SER K 313 -3.42 -24.64 -40.01
CA SER K 313 -2.28 -23.76 -40.24
C SER K 313 -1.50 -24.16 -41.48
N LYS K 314 -1.44 -25.46 -41.77
CA LYS K 314 -0.76 -25.92 -42.99
C LYS K 314 -1.55 -25.53 -44.23
N GLN K 315 -2.88 -25.54 -44.15
CA GLN K 315 -3.70 -25.08 -45.27
C GLN K 315 -3.50 -23.59 -45.50
N ALA K 316 -3.40 -22.81 -44.41
CA ALA K 316 -3.17 -21.38 -44.56
C ALA K 316 -1.80 -21.08 -45.16
N VAL K 317 -0.79 -21.88 -44.81
CA VAL K 317 0.53 -21.74 -45.43
C VAL K 317 0.47 -22.07 -46.92
N ALA K 318 -0.24 -23.14 -47.28
CA ALA K 318 -0.36 -23.52 -48.70
C ALA K 318 -1.09 -22.46 -49.50
N TYR K 319 -2.16 -21.90 -48.94
CA TYR K 319 -2.89 -20.84 -49.62
C TYR K 319 -2.08 -19.56 -49.70
N ARG K 320 -1.23 -19.29 -48.70
CA ARG K 320 -0.35 -18.14 -48.77
C ARG K 320 0.66 -18.27 -49.91
N GLN K 321 1.22 -19.46 -50.09
CA GLN K 321 2.17 -19.68 -51.18
C GLN K 321 1.50 -19.56 -52.54
N MET K 322 0.31 -20.14 -52.69
CA MET K 322 -0.42 -20.01 -53.95
C MET K 322 -0.78 -18.56 -54.25
N SER K 323 -1.21 -17.82 -53.23
CA SER K 323 -1.59 -16.43 -53.43
C SER K 323 -0.39 -15.56 -53.74
N LEU K 324 0.77 -15.86 -53.16
CA LEU K 324 1.98 -15.10 -53.46
C LEU K 324 2.48 -15.38 -54.87
N LEU K 325 2.39 -16.64 -55.30
CA LEU K 325 2.82 -16.99 -56.65
C LEU K 325 1.80 -16.63 -57.72
N LEU K 326 0.61 -16.19 -57.34
CA LEU K 326 -0.38 -15.69 -58.28
C LEU K 326 -0.40 -14.17 -58.35
N ARG K 327 0.60 -13.52 -57.74
CA ARG K 327 0.76 -12.06 -57.77
C ARG K 327 -0.45 -11.33 -57.19
N ARG K 328 -0.97 -11.87 -56.09
CA ARG K 328 -2.06 -11.24 -55.36
C ARG K 328 -1.50 -10.33 -54.26
N PRO K 329 -2.21 -9.27 -53.90
CA PRO K 329 -1.72 -8.35 -52.86
C PRO K 329 -1.71 -9.01 -51.50
N PRO K 330 -0.55 -9.07 -50.85
CA PRO K 330 -0.46 -9.70 -49.54
C PRO K 330 -0.86 -8.74 -48.42
N GLY K 331 -0.87 -9.26 -47.20
CA GLY K 331 -1.19 -8.48 -46.03
C GLY K 331 -0.25 -8.76 -44.88
N ARG K 332 -0.79 -9.05 -43.70
CA ARG K 332 0.05 -9.35 -42.56
C ARG K 332 0.65 -10.73 -42.69
N GLU K 333 1.97 -10.83 -42.45
CA GLU K 333 2.75 -12.07 -42.58
C GLU K 333 2.65 -12.66 -43.98
N ALA K 334 2.52 -11.79 -44.98
CA ALA K 334 2.39 -12.14 -46.41
C ALA K 334 1.16 -12.99 -46.71
N TYR K 335 0.20 -13.06 -45.80
CA TYR K 335 -1.06 -13.73 -46.08
C TYR K 335 -1.94 -12.82 -46.93
N PRO K 336 -2.79 -13.40 -47.78
CA PRO K 336 -3.68 -12.56 -48.60
C PRO K 336 -4.80 -11.92 -47.80
N GLY K 337 -5.66 -11.16 -48.48
CA GLY K 337 -6.74 -10.46 -47.84
C GLY K 337 -8.01 -11.26 -47.64
N ASP K 338 -7.98 -12.56 -47.92
CA ASP K 338 -9.18 -13.39 -47.76
C ASP K 338 -8.85 -14.74 -47.13
N VAL K 339 -7.81 -14.80 -46.30
CA VAL K 339 -7.57 -16.00 -45.51
C VAL K 339 -8.65 -16.18 -44.45
N PHE K 340 -9.13 -15.06 -43.89
CA PHE K 340 -10.28 -15.14 -42.99
C PHE K 340 -11.52 -15.62 -43.71
N TYR K 341 -11.74 -15.12 -44.93
CA TYR K 341 -12.87 -15.59 -45.74
C TYR K 341 -12.71 -17.04 -46.13
N LEU K 342 -11.46 -17.49 -46.31
CA LEU K 342 -11.19 -18.89 -46.62
C LEU K 342 -11.58 -19.80 -45.46
N HIS K 343 -11.12 -19.48 -44.25
CA HIS K 343 -11.42 -20.33 -43.11
C HIS K 343 -12.86 -20.17 -42.64
N SER K 344 -13.47 -19.01 -42.85
CA SER K 344 -14.85 -18.82 -42.41
C SER K 344 -15.81 -19.57 -43.32
N ARG K 345 -15.58 -19.55 -44.63
CA ARG K 345 -16.45 -20.33 -45.51
C ARG K 345 -16.18 -21.83 -45.38
N LEU K 346 -15.01 -22.22 -44.88
CA LEU K 346 -14.79 -23.63 -44.56
C LEU K 346 -15.54 -24.05 -43.31
N LEU K 347 -15.46 -23.26 -42.25
CA LEU K 347 -15.97 -23.65 -40.95
C LEU K 347 -17.42 -23.25 -40.70
N GLU K 348 -18.05 -22.49 -41.59
CA GLU K 348 -19.47 -22.21 -41.43
C GLU K 348 -20.35 -23.32 -41.96
N ARG K 349 -19.77 -24.35 -42.57
CA ARG K 349 -20.54 -25.48 -43.08
C ARG K 349 -20.82 -26.52 -42.01
N ALA K 350 -20.18 -26.43 -40.85
CA ALA K 350 -20.52 -27.29 -39.72
C ALA K 350 -21.74 -26.72 -39.03
N ALA K 351 -22.84 -27.46 -39.04
CA ALA K 351 -24.10 -26.95 -38.52
C ALA K 351 -24.97 -28.10 -38.03
N LYS K 352 -25.96 -27.75 -37.22
CA LYS K 352 -26.99 -28.69 -36.78
C LYS K 352 -28.25 -28.38 -37.58
N MET K 353 -28.60 -29.25 -38.51
CA MET K 353 -29.73 -28.98 -39.38
C MET K 353 -31.05 -29.14 -38.63
N SER K 354 -32.07 -28.46 -39.14
CA SER K 354 -33.39 -28.52 -38.53
C SER K 354 -34.04 -29.87 -38.81
N GLU K 355 -35.09 -30.16 -38.03
CA GLU K 355 -35.79 -31.43 -38.19
C GLU K 355 -36.56 -31.49 -39.50
N SER K 356 -36.99 -30.35 -40.03
CA SER K 356 -37.60 -30.32 -41.34
C SER K 356 -36.58 -30.41 -42.46
N ASN K 357 -35.32 -30.12 -42.17
CA ASN K 357 -34.24 -30.23 -43.15
C ASN K 357 -33.48 -31.53 -43.03
N GLY K 358 -33.98 -32.49 -42.24
CA GLY K 358 -33.38 -33.80 -42.09
C GLY K 358 -32.94 -34.10 -40.67
N GLY K 359 -32.52 -33.09 -39.93
CA GLY K 359 -32.06 -33.28 -38.57
C GLY K 359 -30.62 -33.71 -38.42
N GLY K 360 -29.87 -33.78 -39.52
CA GLY K 360 -28.48 -34.18 -39.46
C GLY K 360 -27.58 -33.07 -38.96
N SER K 361 -26.31 -33.42 -38.79
CA SER K 361 -25.35 -32.46 -38.26
C SER K 361 -23.95 -32.76 -38.76
N LEU K 362 -23.12 -31.71 -38.78
CA LEU K 362 -21.70 -31.82 -39.07
C LEU K 362 -20.95 -31.08 -37.98
N THR K 363 -20.00 -31.77 -37.35
CA THR K 363 -19.23 -31.24 -36.24
C THR K 363 -17.77 -31.08 -36.67
N ALA K 364 -17.23 -29.88 -36.50
CA ALA K 364 -15.88 -29.58 -36.94
C ALA K 364 -14.94 -29.48 -35.76
N LEU K 365 -13.77 -30.09 -35.88
CA LEU K 365 -12.70 -29.98 -34.88
C LEU K 365 -11.44 -29.50 -35.61
N PRO K 366 -11.33 -28.21 -35.89
CA PRO K 366 -10.10 -27.69 -36.50
C PRO K 366 -8.94 -27.75 -35.52
N VAL K 367 -7.75 -27.91 -36.07
CA VAL K 367 -6.52 -27.97 -35.29
C VAL K 367 -5.64 -26.81 -35.71
N ILE K 368 -5.09 -26.10 -34.72
CA ILE K 368 -4.16 -25.00 -34.98
C ILE K 368 -2.87 -25.30 -34.24
N GLU K 369 -1.76 -25.25 -34.97
CA GLU K 369 -0.43 -25.38 -34.39
C GLU K 369 0.17 -23.99 -34.23
N THR K 370 0.48 -23.62 -32.99
CA THR K 370 1.06 -22.32 -32.70
C THR K 370 2.55 -22.46 -32.38
N GLN K 371 3.26 -21.35 -32.49
CA GLN K 371 4.70 -21.31 -32.27
C GLN K 371 4.97 -20.55 -30.97
N ALA K 372 5.52 -21.25 -29.98
CA ALA K 372 5.85 -20.71 -28.66
C ALA K 372 4.63 -20.11 -27.96
N GLY K 373 3.45 -20.68 -28.21
CA GLY K 373 2.25 -20.20 -27.57
C GLY K 373 1.76 -18.84 -28.04
N ASP K 374 2.14 -18.43 -29.25
CA ASP K 374 1.75 -17.13 -29.77
C ASP K 374 0.30 -17.21 -30.25
N VAL K 375 -0.62 -16.95 -29.31
CA VAL K 375 -2.04 -16.95 -29.64
C VAL K 375 -2.41 -15.75 -30.51
N SER K 376 -1.70 -14.63 -30.35
CA SER K 376 -2.04 -13.39 -31.03
C SER K 376 -1.56 -13.33 -32.48
N ALA K 377 -1.11 -14.44 -33.05
CA ALA K 377 -0.75 -14.46 -34.46
C ALA K 377 -2.02 -14.36 -35.32
N TYR K 378 -1.81 -14.06 -36.61
CA TYR K 378 -2.92 -13.66 -37.48
C TYR K 378 -3.88 -14.82 -37.74
N ILE K 379 -3.36 -15.96 -38.18
CA ILE K 379 -4.19 -17.12 -38.48
C ILE K 379 -4.84 -17.71 -37.21
N PRO K 380 -4.14 -17.88 -36.08
CA PRO K 380 -4.86 -18.28 -34.85
C PRO K 380 -5.92 -17.29 -34.39
N THR K 381 -5.71 -15.98 -34.59
CA THR K 381 -6.74 -15.00 -34.23
C THR K 381 -7.98 -15.16 -35.09
N ASN K 382 -7.80 -15.41 -36.39
CA ASN K 382 -8.95 -15.61 -37.28
C ASN K 382 -9.73 -16.86 -36.91
N VAL K 383 -9.02 -17.98 -36.68
CA VAL K 383 -9.69 -19.23 -36.40
C VAL K 383 -10.39 -19.19 -35.04
N ILE K 384 -9.78 -18.52 -34.06
CA ILE K 384 -10.43 -18.34 -32.76
C ILE K 384 -11.70 -17.51 -32.90
N SER K 385 -11.64 -16.44 -33.70
CA SER K 385 -12.82 -15.61 -33.91
C SER K 385 -13.91 -16.30 -34.72
N ILE K 386 -13.57 -17.35 -35.47
CA ILE K 386 -14.57 -18.04 -36.28
C ILE K 386 -15.30 -19.09 -35.46
N THR K 387 -14.56 -19.94 -34.74
CA THR K 387 -15.13 -21.11 -34.10
C THR K 387 -15.97 -20.73 -32.89
N ASP K 388 -16.68 -21.73 -32.37
CA ASP K 388 -17.53 -21.57 -31.20
C ASP K 388 -16.81 -21.81 -29.89
N GLY K 389 -15.52 -22.11 -29.92
CA GLY K 389 -14.77 -22.36 -28.71
C GLY K 389 -13.42 -22.92 -29.06
N GLN K 390 -12.56 -23.02 -28.04
CA GLN K 390 -11.21 -23.51 -28.23
C GLN K 390 -10.83 -24.42 -27.07
N ILE K 391 -9.97 -25.38 -27.36
CA ILE K 391 -9.37 -26.28 -26.40
C ILE K 391 -7.88 -26.02 -26.46
N PHE K 392 -7.33 -25.47 -25.39
CA PHE K 392 -5.94 -25.07 -25.35
C PHE K 392 -5.09 -26.18 -24.76
N LEU K 393 -4.07 -26.61 -25.49
CA LEU K 393 -3.11 -27.57 -25.00
C LEU K 393 -1.80 -26.83 -24.69
N GLU K 394 -1.26 -27.08 -23.50
CA GLU K 394 -0.14 -26.31 -22.99
C GLU K 394 1.14 -27.14 -23.04
N THR K 395 2.22 -26.53 -23.53
CA THR K 395 3.51 -27.20 -23.54
C THR K 395 4.04 -27.41 -22.13
N GLU K 396 3.82 -26.43 -21.25
CA GLU K 396 4.27 -26.55 -19.86
C GLU K 396 3.56 -27.71 -19.16
N LEU K 397 2.25 -27.83 -19.36
CA LEU K 397 1.51 -28.93 -18.76
C LEU K 397 1.87 -30.26 -19.40
N PHE K 398 2.22 -30.26 -20.68
CA PHE K 398 2.59 -31.51 -21.34
C PHE K 398 3.94 -32.02 -20.84
N TYR K 399 4.89 -31.10 -20.60
CA TYR K 399 6.19 -31.50 -20.07
C TYR K 399 6.17 -31.82 -18.58
N LYS K 400 5.08 -31.49 -17.88
CA LYS K 400 4.91 -31.92 -16.50
C LYS K 400 4.33 -33.32 -16.40
N GLY K 401 4.04 -33.97 -17.52
CA GLY K 401 3.39 -35.25 -17.53
C GLY K 401 1.88 -35.19 -17.41
N ILE K 402 1.30 -34.00 -17.33
CA ILE K 402 -0.14 -33.85 -17.23
C ILE K 402 -0.72 -34.08 -18.62
N ARG K 403 -1.17 -35.30 -18.89
CA ARG K 403 -1.73 -35.64 -20.18
C ARG K 403 -3.15 -36.15 -20.00
N PRO K 404 -4.14 -35.55 -20.70
CA PRO K 404 -4.06 -34.48 -21.70
C PRO K 404 -3.79 -33.09 -21.09
N ALA K 405 -2.97 -32.30 -21.78
CA ALA K 405 -2.50 -31.03 -21.24
C ALA K 405 -3.48 -29.89 -21.49
N ILE K 406 -4.73 -30.08 -21.10
CA ILE K 406 -5.77 -29.10 -21.40
C ILE K 406 -5.71 -27.98 -20.38
N ASN K 407 -5.58 -26.74 -20.86
CA ASN K 407 -5.61 -25.58 -20.00
C ASN K 407 -7.07 -25.22 -19.75
N VAL K 408 -7.52 -25.43 -18.50
CA VAL K 408 -8.93 -25.25 -18.17
C VAL K 408 -9.30 -23.77 -18.21
N GLY K 409 -8.42 -22.90 -17.74
CA GLY K 409 -8.73 -21.47 -17.71
C GLY K 409 -8.74 -20.82 -19.07
N LEU K 410 -8.12 -21.44 -20.07
CA LEU K 410 -8.09 -20.91 -21.42
C LEU K 410 -9.06 -21.62 -22.35
N SER K 411 -9.59 -22.77 -21.96
CA SER K 411 -10.51 -23.52 -22.81
C SER K 411 -11.93 -22.98 -22.63
N VAL K 412 -12.54 -22.56 -23.73
CA VAL K 412 -13.87 -21.98 -23.74
C VAL K 412 -14.76 -22.82 -24.65
N SER K 413 -16.04 -22.94 -24.27
CA SER K 413 -17.05 -23.54 -25.15
C SER K 413 -18.31 -22.69 -25.03
N ARG K 414 -18.69 -22.02 -26.13
CA ARG K 414 -19.81 -21.10 -26.07
C ARG K 414 -21.15 -21.83 -26.00
N VAL K 415 -21.22 -23.07 -26.50
CA VAL K 415 -22.44 -23.85 -26.34
C VAL K 415 -22.63 -24.22 -24.89
N GLY K 416 -21.57 -24.72 -24.25
CA GLY K 416 -21.60 -24.92 -22.81
C GLY K 416 -22.44 -26.10 -22.39
N SER K 417 -23.13 -25.94 -21.26
CA SER K 417 -23.87 -27.03 -20.63
C SER K 417 -25.09 -27.46 -21.44
N ALA K 418 -25.49 -26.69 -22.46
CA ALA K 418 -26.53 -27.15 -23.36
C ALA K 418 -26.10 -28.36 -24.17
N ALA K 419 -24.80 -28.58 -24.33
CA ALA K 419 -24.26 -29.70 -25.07
C ALA K 419 -23.88 -30.87 -24.18
N GLN K 420 -24.55 -31.01 -23.03
CA GLN K 420 -24.25 -32.04 -22.06
C GLN K 420 -25.53 -32.78 -21.70
N THR K 421 -25.37 -34.01 -21.24
CA THR K 421 -26.48 -34.74 -20.65
C THR K 421 -26.82 -34.17 -19.29
N ARG K 422 -27.94 -34.62 -18.72
CA ARG K 422 -28.41 -34.08 -17.45
C ARG K 422 -27.43 -34.40 -16.32
N ALA K 423 -26.98 -35.67 -16.25
CA ALA K 423 -26.08 -36.08 -15.18
C ALA K 423 -24.72 -35.41 -15.31
N MET K 424 -24.19 -35.34 -16.54
CA MET K 424 -22.89 -34.71 -16.75
C MET K 424 -22.94 -33.22 -16.44
N LYS K 425 -24.00 -32.53 -16.88
CA LYS K 425 -24.13 -31.10 -16.56
C LYS K 425 -24.27 -30.87 -15.07
N GLN K 426 -25.01 -31.75 -14.39
CA GLN K 426 -25.22 -31.65 -12.95
C GLN K 426 -23.89 -31.76 -12.20
N VAL K 427 -23.04 -32.70 -12.58
CA VAL K 427 -21.77 -32.84 -11.86
C VAL K 427 -20.73 -31.83 -12.36
N ALA K 428 -20.73 -31.48 -13.64
CA ALA K 428 -19.67 -30.62 -14.17
C ALA K 428 -19.84 -29.18 -13.76
N GLY K 429 -21.05 -28.73 -13.43
CA GLY K 429 -21.18 -27.39 -12.88
C GLY K 429 -20.49 -27.22 -11.54
N SER K 430 -20.65 -28.22 -10.66
CA SER K 430 -19.94 -28.20 -9.39
C SER K 430 -18.45 -28.42 -9.57
N MET K 431 -18.07 -29.28 -10.52
CA MET K 431 -16.65 -29.53 -10.77
C MET K 431 -15.95 -28.29 -11.34
N LYS K 432 -16.63 -27.56 -12.23
CA LYS K 432 -16.05 -26.34 -12.78
C LYS K 432 -15.93 -25.26 -11.73
N LEU K 433 -16.94 -25.16 -10.83
CA LEU K 433 -16.85 -24.18 -9.75
C LEU K 433 -15.71 -24.50 -8.79
N GLU K 434 -15.54 -25.78 -8.44
CA GLU K 434 -14.48 -26.17 -7.53
C GLU K 434 -13.10 -26.00 -8.16
N LEU K 435 -12.98 -26.28 -9.46
CA LEU K 435 -11.71 -26.05 -10.14
C LEU K 435 -11.39 -24.57 -10.28
N ALA K 436 -12.41 -23.73 -10.47
CA ALA K 436 -12.18 -22.29 -10.49
C ALA K 436 -11.74 -21.78 -9.12
N GLN K 437 -12.33 -22.31 -8.05
CA GLN K 437 -11.89 -21.95 -6.70
C GLN K 437 -10.46 -22.41 -6.45
N TYR K 438 -10.13 -23.63 -6.90
CA TYR K 438 -8.77 -24.14 -6.73
C TYR K 438 -7.77 -23.31 -7.52
N ARG K 439 -8.14 -22.89 -8.74
CA ARG K 439 -7.26 -22.04 -9.53
C ARG K 439 -7.08 -20.67 -8.90
N GLU K 440 -8.12 -20.16 -8.23
CA GLU K 440 -7.98 -18.89 -7.54
C GLU K 440 -7.04 -18.99 -6.34
N VAL K 441 -7.16 -20.07 -5.56
CA VAL K 441 -6.43 -20.14 -4.29
C VAL K 441 -5.08 -20.85 -4.38
N ALA K 442 -4.76 -21.50 -5.51
CA ALA K 442 -3.48 -22.18 -5.62
C ALA K 442 -2.37 -21.32 -6.20
N ALA K 443 -2.69 -20.10 -6.66
CA ALA K 443 -1.63 -19.23 -7.16
C ALA K 443 -0.78 -18.69 -6.02
N PHE K 444 -1.41 -18.32 -4.91
CA PHE K 444 -0.72 -17.74 -3.77
C PHE K 444 -0.41 -18.76 -2.68
N ALA K 445 -0.68 -20.04 -2.93
CA ALA K 445 -0.50 -21.10 -1.95
C ALA K 445 0.23 -22.28 -2.58
N GLN K 446 1.31 -22.00 -3.30
CA GLN K 446 2.10 -23.05 -3.93
C GLN K 446 2.77 -23.94 -2.87
N PHE K 447 3.32 -23.33 -1.83
CA PHE K 447 3.97 -24.10 -0.77
C PHE K 447 3.70 -23.53 0.61
N GLY K 448 2.61 -22.77 0.78
CA GLY K 448 2.30 -22.21 2.07
C GLY K 448 1.73 -23.26 3.02
N SER K 449 2.14 -23.16 4.28
CA SER K 449 1.68 -24.08 5.32
C SER K 449 0.74 -23.42 6.33
N ASP K 450 1.06 -22.20 6.77
CA ASP K 450 0.20 -21.49 7.71
C ASP K 450 -0.94 -20.86 6.92
N LEU K 451 -1.95 -21.68 6.63
CA LEU K 451 -3.10 -21.29 5.85
C LEU K 451 -4.38 -21.74 6.55
N ASP K 452 -5.51 -21.20 6.10
CA ASP K 452 -6.79 -21.57 6.66
C ASP K 452 -7.16 -22.99 6.25
N ALA K 453 -8.06 -23.60 7.03
CA ALA K 453 -8.53 -24.95 6.72
C ALA K 453 -9.34 -24.98 5.44
N SER K 454 -10.05 -23.90 5.13
CA SER K 454 -10.80 -23.82 3.87
C SER K 454 -9.87 -23.82 2.67
N THR K 455 -8.75 -23.08 2.77
CA THR K 455 -7.78 -23.04 1.68
C THR K 455 -7.13 -24.41 1.47
N GLN K 456 -6.82 -25.12 2.56
CA GLN K 456 -6.25 -26.45 2.44
C GLN K 456 -7.28 -27.43 1.89
N GLN K 457 -8.54 -27.27 2.23
CA GLN K 457 -9.60 -28.10 1.66
C GLN K 457 -9.74 -27.86 0.17
N LEU K 458 -9.70 -26.60 -0.26
CA LEU K 458 -9.77 -26.27 -1.68
C LEU K 458 -8.56 -26.81 -2.43
N LEU K 459 -7.38 -26.72 -1.82
CA LEU K 459 -6.18 -27.26 -2.44
C LEU K 459 -6.27 -28.78 -2.60
N SER K 460 -6.75 -29.47 -1.56
CA SER K 460 -6.88 -30.93 -1.64
C SER K 460 -7.93 -31.34 -2.67
N ARG K 461 -9.07 -30.63 -2.70
CA ARG K 461 -10.11 -30.94 -3.67
C ARG K 461 -9.64 -30.69 -5.10
N GLY K 462 -8.91 -29.59 -5.31
CA GLY K 462 -8.39 -29.31 -6.64
C GLY K 462 -7.34 -30.31 -7.10
N VAL K 463 -6.51 -30.79 -6.16
CA VAL K 463 -5.53 -31.83 -6.50
C VAL K 463 -6.24 -33.12 -6.89
N ARG K 464 -7.31 -33.48 -6.16
CA ARG K 464 -8.08 -34.67 -6.53
C ARG K 464 -8.73 -34.52 -7.90
N LEU K 465 -9.29 -33.34 -8.19
CA LEU K 465 -9.96 -33.14 -9.48
C LEU K 465 -8.95 -33.11 -10.63
N THR K 466 -7.78 -32.49 -10.41
CA THR K 466 -6.77 -32.44 -11.45
C THR K 466 -6.21 -33.82 -11.74
N GLU K 467 -5.98 -34.63 -10.70
CA GLU K 467 -5.56 -36.01 -10.92
C GLU K 467 -6.66 -36.84 -11.55
N LEU K 468 -7.92 -36.46 -11.33
CA LEU K 468 -9.04 -37.17 -11.94
C LEU K 468 -9.10 -36.92 -13.44
N LEU K 469 -8.80 -35.68 -13.86
CA LEU K 469 -8.91 -35.31 -15.27
C LEU K 469 -7.83 -35.95 -16.15
N LYS K 470 -6.78 -36.52 -15.57
CA LYS K 470 -5.75 -37.15 -16.37
C LYS K 470 -6.27 -38.45 -16.99
N GLN K 471 -5.81 -38.73 -18.20
CA GLN K 471 -6.33 -39.85 -18.97
C GLN K 471 -5.26 -40.34 -19.92
N GLY K 472 -5.25 -41.64 -20.17
CA GLY K 472 -4.30 -42.24 -21.08
C GLY K 472 -4.66 -42.00 -22.53
N GLN K 473 -3.83 -42.56 -23.41
CA GLN K 473 -4.00 -42.41 -24.84
C GLN K 473 -4.78 -43.58 -25.41
N TYR K 474 -5.64 -43.28 -26.39
CA TYR K 474 -6.49 -44.24 -27.11
C TYR K 474 -7.48 -44.95 -26.19
N VAL K 475 -7.85 -44.35 -25.06
CA VAL K 475 -8.82 -44.96 -24.15
C VAL K 475 -9.97 -44.00 -23.89
N PRO K 476 -10.96 -43.91 -24.77
CA PRO K 476 -12.24 -43.29 -24.38
C PRO K 476 -12.99 -44.20 -23.42
N MET K 477 -13.83 -43.60 -22.58
CA MET K 477 -14.36 -44.36 -21.45
C MET K 477 -15.85 -44.13 -21.21
N ALA K 478 -16.60 -43.75 -22.25
CA ALA K 478 -18.06 -43.58 -22.23
C ALA K 478 -18.56 -42.51 -21.27
N ILE K 479 -19.84 -42.13 -21.40
CA ILE K 479 -20.35 -41.04 -20.58
C ILE K 479 -20.69 -41.51 -19.17
N GLU K 480 -21.07 -42.78 -19.01
CA GLU K 480 -21.52 -43.28 -17.71
C GLU K 480 -20.36 -43.39 -16.73
N ASP K 481 -19.23 -43.94 -17.18
CA ASP K 481 -18.06 -44.07 -16.30
C ASP K 481 -17.45 -42.70 -16.01
N GLN K 482 -17.50 -41.79 -16.97
CA GLN K 482 -17.00 -40.43 -16.72
C GLN K 482 -17.84 -39.69 -15.70
N VAL K 483 -19.17 -39.81 -15.82
CA VAL K 483 -20.06 -39.18 -14.85
C VAL K 483 -19.86 -39.76 -13.47
N ALA K 484 -19.71 -41.09 -13.38
CA ALA K 484 -19.51 -41.74 -12.09
C ALA K 484 -18.21 -41.32 -11.42
N ILE K 485 -17.12 -41.25 -12.19
CA ILE K 485 -15.83 -40.98 -11.57
C ILE K 485 -15.71 -39.52 -11.14
N ILE K 486 -16.30 -38.58 -11.89
CA ILE K 486 -16.22 -37.20 -11.43
C ILE K 486 -17.31 -36.87 -10.42
N TYR K 487 -18.37 -37.69 -10.34
CA TYR K 487 -19.28 -37.59 -9.21
C TYR K 487 -18.60 -38.01 -7.92
N CYS K 488 -17.79 -39.08 -7.98
CA CYS K 488 -16.99 -39.45 -6.83
C CYS K 488 -15.95 -38.39 -6.50
N GLY K 489 -15.44 -37.69 -7.52
CA GLY K 489 -14.48 -36.64 -7.28
C GLY K 489 -15.06 -35.43 -6.56
N VAL K 490 -16.27 -35.01 -6.95
CA VAL K 490 -16.82 -33.78 -6.41
C VAL K 490 -17.54 -33.95 -5.07
N ARG K 491 -17.90 -35.16 -4.69
CA ARG K 491 -18.61 -35.40 -3.45
C ARG K 491 -17.67 -35.68 -2.28
N GLY K 492 -16.37 -35.44 -2.46
CA GLY K 492 -15.43 -35.68 -1.39
C GLY K 492 -15.10 -37.13 -1.13
N HIS K 493 -15.44 -38.02 -2.06
CA HIS K 493 -15.19 -39.44 -1.84
C HIS K 493 -13.71 -39.80 -1.96
N LEU K 494 -12.93 -39.01 -2.70
CA LEU K 494 -11.53 -39.31 -2.96
C LEU K 494 -10.58 -38.53 -2.08
N ASP K 495 -11.09 -37.83 -1.06
CA ASP K 495 -10.23 -37.07 -0.17
C ASP K 495 -9.45 -37.95 0.79
N LYS K 496 -9.85 -39.21 0.94
CA LYS K 496 -9.20 -40.12 1.87
C LYS K 496 -8.25 -41.08 1.18
N VAL K 497 -7.96 -40.86 -0.11
CA VAL K 497 -7.03 -41.70 -0.84
C VAL K 497 -5.93 -40.83 -1.44
N GLU K 498 -4.80 -41.46 -1.72
CA GLU K 498 -3.67 -40.75 -2.31
C GLU K 498 -3.98 -40.39 -3.76
N PRO K 499 -3.50 -39.23 -4.23
CA PRO K 499 -3.70 -38.88 -5.65
C PRO K 499 -3.04 -39.85 -6.61
N SER K 500 -1.90 -40.44 -6.24
CA SER K 500 -1.20 -41.35 -7.14
C SER K 500 -1.97 -42.66 -7.36
N LYS K 501 -2.88 -43.02 -6.45
CA LYS K 501 -3.72 -44.19 -6.61
C LYS K 501 -5.09 -43.86 -7.18
N ILE K 502 -5.34 -42.58 -7.53
CA ILE K 502 -6.65 -42.18 -8.04
C ILE K 502 -6.96 -42.88 -9.36
N THR K 503 -5.96 -42.98 -10.25
CA THR K 503 -6.15 -43.74 -11.47
C THR K 503 -6.38 -45.21 -11.19
N LYS K 504 -5.74 -45.75 -10.14
CA LYS K 504 -6.00 -47.13 -9.76
C LYS K 504 -7.42 -47.28 -9.22
N PHE K 505 -7.96 -46.23 -8.59
CA PHE K 505 -9.36 -46.24 -8.21
C PHE K 505 -10.26 -46.32 -9.44
N GLU K 506 -9.87 -45.58 -10.51
CA GLU K 506 -10.57 -45.69 -11.78
C GLU K 506 -10.44 -47.09 -12.35
N LYS K 507 -9.30 -47.76 -12.11
CA LYS K 507 -9.10 -49.10 -12.62
C LYS K 507 -9.97 -50.13 -11.90
N GLU K 508 -10.45 -49.80 -10.70
CA GLU K 508 -11.09 -50.83 -9.89
C GLU K 508 -12.54 -50.51 -9.55
N PHE K 509 -12.82 -49.28 -9.10
CA PHE K 509 -14.14 -48.96 -8.55
C PHE K 509 -15.24 -49.07 -9.60
N SER K 510 -14.96 -48.63 -10.83
CA SER K 510 -15.95 -48.77 -11.90
C SER K 510 -16.23 -50.24 -12.18
N GLN K 511 -15.18 -51.08 -12.13
CA GLN K 511 -15.39 -52.51 -12.28
C GLN K 511 -16.24 -53.07 -11.16
N HIS K 512 -16.11 -52.48 -9.95
CA HIS K 512 -16.94 -52.91 -8.83
C HIS K 512 -18.41 -52.60 -9.09
N ILE K 513 -18.70 -51.41 -9.65
CA ILE K 513 -20.09 -51.08 -9.93
C ILE K 513 -20.55 -51.72 -11.23
N LYS K 514 -19.63 -52.36 -11.97
CA LYS K 514 -19.99 -53.20 -13.10
C LYS K 514 -20.24 -54.65 -12.71
N THR K 515 -20.00 -55.01 -11.45
CA THR K 515 -20.15 -56.40 -11.01
C THR K 515 -20.92 -56.56 -9.71
N SER K 516 -21.25 -55.50 -9.00
CA SER K 516 -21.90 -55.64 -7.71
C SER K 516 -23.18 -54.82 -7.62
N HIS K 517 -23.22 -53.65 -8.24
CA HIS K 517 -24.33 -52.70 -8.10
C HIS K 517 -24.81 -52.24 -9.46
N ARG K 518 -25.06 -53.19 -10.36
CA ARG K 518 -25.56 -52.87 -11.69
C ARG K 518 -26.97 -52.30 -11.64
N ASP K 519 -27.73 -52.63 -10.60
CA ASP K 519 -29.08 -52.07 -10.45
C ASP K 519 -29.05 -50.57 -10.20
N ILE K 520 -28.03 -50.08 -9.48
CA ILE K 520 -27.89 -48.64 -9.26
C ILE K 520 -27.61 -47.93 -10.58
N LEU K 521 -26.74 -48.50 -11.41
CA LEU K 521 -26.46 -47.92 -12.73
C LEU K 521 -27.69 -47.97 -13.61
N ASP K 522 -28.48 -49.03 -13.50
CA ASP K 522 -29.71 -49.13 -14.29
C ASP K 522 -30.73 -48.08 -13.88
N THR K 523 -30.85 -47.82 -12.57
CA THR K 523 -31.76 -46.77 -12.12
C THR K 523 -31.27 -45.38 -12.51
N ILE K 524 -29.95 -45.19 -12.51
CA ILE K 524 -29.39 -43.91 -12.97
C ILE K 524 -29.66 -43.71 -14.45
N ALA K 525 -29.48 -44.77 -15.25
CA ALA K 525 -29.77 -44.68 -16.68
C ALA K 525 -31.25 -44.50 -16.95
N LYS K 526 -32.12 -45.08 -16.11
CA LYS K 526 -33.55 -44.92 -16.29
C LYS K 526 -34.00 -43.50 -15.95
N GLU K 527 -33.54 -42.98 -14.81
CA GLU K 527 -33.94 -41.62 -14.42
C GLU K 527 -33.22 -40.56 -15.22
N GLY K 528 -31.95 -40.81 -15.58
CA GLY K 528 -31.14 -39.85 -16.30
C GLY K 528 -30.36 -38.90 -15.42
N GLN K 529 -30.74 -38.78 -14.15
CA GLN K 529 -30.03 -37.91 -13.21
C GLN K 529 -29.62 -38.72 -11.99
N ILE K 530 -29.18 -38.04 -10.94
CA ILE K 530 -28.78 -38.70 -9.70
C ILE K 530 -29.71 -38.20 -8.60
N SER K 531 -30.67 -39.04 -8.21
CA SER K 531 -31.58 -38.72 -7.13
C SER K 531 -30.87 -38.83 -5.79
N PRO K 532 -31.39 -38.17 -4.74
CA PRO K 532 -30.82 -38.35 -3.39
C PRO K 532 -30.84 -39.78 -2.89
N ASP K 533 -31.81 -40.60 -3.31
CA ASP K 533 -31.79 -42.01 -2.98
C ASP K 533 -30.60 -42.71 -3.65
N THR K 534 -30.36 -42.41 -4.93
CA THR K 534 -29.18 -42.94 -5.59
C THR K 534 -27.90 -42.31 -5.02
N ASP K 535 -27.98 -41.09 -4.52
CA ASP K 535 -26.84 -40.47 -3.84
C ASP K 535 -26.49 -41.26 -2.58
N ALA K 536 -27.50 -41.67 -1.80
CA ALA K 536 -27.24 -42.49 -0.63
C ALA K 536 -26.72 -43.87 -1.00
N LYS K 537 -27.27 -44.46 -2.06
CA LYS K 537 -26.80 -45.76 -2.52
C LYS K 537 -25.34 -45.70 -2.96
N LEU K 538 -24.98 -44.67 -3.73
CA LEU K 538 -23.61 -44.54 -4.20
C LEU K 538 -22.65 -44.21 -3.05
N LYS K 539 -23.12 -43.44 -2.06
CA LYS K 539 -22.29 -43.17 -0.89
C LYS K 539 -22.00 -44.45 -0.12
N LYS K 540 -22.99 -45.32 0.03
CA LYS K 540 -22.78 -46.60 0.70
C LYS K 540 -21.83 -47.50 -0.10
N VAL K 541 -21.97 -47.50 -1.44
CA VAL K 541 -21.09 -48.32 -2.27
C VAL K 541 -19.65 -47.83 -2.20
N VAL K 542 -19.45 -46.50 -2.22
CA VAL K 542 -18.12 -45.93 -2.13
C VAL K 542 -17.49 -46.24 -0.77
N THR K 543 -18.27 -46.12 0.30
CA THR K 543 -17.76 -46.42 1.63
C THR K 543 -17.40 -47.90 1.78
N ASP K 544 -18.23 -48.78 1.19
CA ASP K 544 -17.93 -50.20 1.23
C ASP K 544 -16.68 -50.54 0.43
N PHE K 545 -16.50 -49.91 -0.73
CA PHE K 545 -15.31 -50.18 -1.54
C PHE K 545 -14.06 -49.61 -0.90
N LEU K 546 -14.15 -48.43 -0.28
CA LEU K 546 -13.00 -47.83 0.38
C LEU K 546 -12.66 -48.54 1.68
N SER K 547 -13.62 -49.25 2.28
CA SER K 547 -13.30 -50.08 3.44
C SER K 547 -12.37 -51.23 3.06
N THR K 548 -12.58 -51.82 1.90
CA THR K 548 -11.74 -52.91 1.41
C THR K 548 -10.61 -52.43 0.50
N PHE K 549 -10.50 -51.12 0.28
CA PHE K 549 -9.47 -50.59 -0.61
C PHE K 549 -8.11 -50.58 0.07
N SER L 56 22.77 30.61 -70.84
CA SER L 56 21.66 30.98 -71.72
C SER L 56 20.40 31.27 -70.90
N ASN L 57 19.24 31.06 -71.53
CA ASN L 57 17.95 31.37 -70.92
C ASN L 57 17.09 30.11 -70.95
N GLY L 58 16.47 29.80 -69.81
CA GLY L 58 15.62 28.65 -69.68
C GLY L 58 14.18 29.03 -69.36
N GLN L 59 13.32 28.03 -69.40
CA GLN L 59 11.89 28.24 -69.15
C GLN L 59 11.40 27.20 -68.15
N ILE L 60 10.52 27.64 -67.25
CA ILE L 60 9.97 26.75 -66.23
C ILE L 60 9.04 25.75 -66.89
N THR L 61 9.29 24.46 -66.67
CA THR L 61 8.44 23.43 -67.24
C THR L 61 7.65 22.65 -66.20
N ALA L 62 8.00 22.76 -64.92
CA ALA L 62 7.22 22.11 -63.87
C ALA L 62 7.48 22.81 -62.54
N VAL L 63 6.44 22.92 -61.72
CA VAL L 63 6.56 23.41 -60.35
C VAL L 63 5.78 22.46 -59.45
N ILE L 64 6.47 21.78 -58.55
CA ILE L 64 5.85 20.90 -57.57
C ILE L 64 6.51 21.17 -56.23
N GLY L 65 5.76 21.76 -55.30
CA GLY L 65 6.33 22.11 -54.01
C GLY L 65 7.39 23.19 -54.16
N ALA L 66 8.57 22.92 -53.60
CA ALA L 66 9.72 23.79 -53.74
C ALA L 66 10.66 23.32 -54.85
N VAL L 67 10.23 22.35 -55.65
CA VAL L 67 11.05 21.78 -56.71
C VAL L 67 10.56 22.32 -58.05
N VAL L 68 11.44 23.00 -58.77
CA VAL L 68 11.13 23.63 -60.04
C VAL L 68 11.99 22.97 -61.11
N ASP L 69 11.35 22.41 -62.13
CA ASP L 69 12.06 21.89 -63.29
C ASP L 69 12.06 22.96 -64.37
N VAL L 70 13.24 23.28 -64.87
CA VAL L 70 13.42 24.31 -65.90
C VAL L 70 14.15 23.69 -67.08
N GLN L 71 13.72 24.06 -68.29
CA GLN L 71 14.28 23.53 -69.52
C GLN L 71 15.06 24.63 -70.23
N PHE L 72 16.32 24.36 -70.52
CA PHE L 72 17.20 25.30 -71.20
C PHE L 72 17.37 24.92 -72.65
N GLU L 73 17.48 25.94 -73.51
CA GLU L 73 17.48 25.69 -74.95
C GLU L 73 18.87 25.34 -75.48
N ASP L 74 19.87 26.18 -75.22
CA ASP L 74 21.19 25.97 -75.79
C ASP L 74 22.12 25.21 -74.85
N GLN L 75 22.41 25.78 -73.69
CA GLN L 75 23.41 25.22 -72.77
C GLN L 75 22.79 25.02 -71.40
N LEU L 76 23.22 23.96 -70.73
CA LEU L 76 22.71 23.64 -69.41
C LEU L 76 23.58 24.26 -68.33
N PRO L 77 23.01 24.88 -67.30
CA PRO L 77 23.82 25.29 -66.17
C PRO L 77 24.31 24.08 -65.39
N PRO L 78 25.47 24.18 -64.76
CA PRO L 78 25.99 23.04 -63.99
C PRO L 78 25.20 22.81 -62.72
N ILE L 79 25.52 21.68 -62.08
CA ILE L 79 24.96 21.38 -60.77
C ILE L 79 25.42 22.43 -59.78
N LEU L 80 24.52 22.83 -58.87
CA LEU L 80 24.68 23.84 -57.83
C LEU L 80 24.78 25.26 -58.38
N ASN L 81 24.46 25.47 -59.65
CA ASN L 81 24.46 26.80 -60.22
C ASN L 81 23.19 27.54 -59.83
N ALA L 82 23.32 28.83 -59.56
CA ALA L 82 22.19 29.66 -59.16
C ALA L 82 21.52 30.24 -60.39
N LEU L 83 20.20 30.12 -60.46
CA LEU L 83 19.39 30.64 -61.55
C LEU L 83 18.44 31.68 -61.00
N GLU L 84 18.36 32.83 -61.66
CA GLU L 84 17.46 33.89 -61.24
C GLU L 84 16.22 33.87 -62.12
N VAL L 85 15.05 33.84 -61.48
CA VAL L 85 13.79 33.81 -62.21
C VAL L 85 13.46 35.21 -62.70
N GLN L 86 13.19 35.35 -63.99
CA GLN L 86 12.84 36.63 -64.57
C GLN L 86 11.35 36.91 -64.42
N GLY L 87 11.02 38.18 -64.23
CA GLY L 87 9.65 38.55 -63.96
C GLY L 87 9.23 38.41 -62.53
N ARG L 88 10.13 37.98 -61.65
CA ARG L 88 9.84 37.78 -60.24
C ARG L 88 10.45 38.92 -59.44
N SER L 89 9.65 39.49 -58.53
CA SER L 89 10.12 40.67 -57.80
C SER L 89 11.17 40.34 -56.75
N PRO L 90 10.90 39.51 -55.70
CA PRO L 90 11.86 39.44 -54.60
C PRO L 90 12.97 38.42 -54.80
N ARG L 91 13.55 38.36 -56.01
CA ARG L 91 14.76 37.60 -56.34
C ARG L 91 14.62 36.12 -55.99
N LEU L 92 13.74 35.46 -56.72
CA LEU L 92 13.65 34.00 -56.60
C LEU L 92 14.87 33.36 -57.23
N ILE L 93 15.61 32.60 -56.44
CA ILE L 93 16.84 31.96 -56.88
C ILE L 93 16.67 30.46 -56.76
N LEU L 94 16.98 29.74 -57.84
CA LEU L 94 16.86 28.29 -57.90
C LEU L 94 18.24 27.69 -58.02
N GLU L 95 18.51 26.66 -57.22
CA GLU L 95 19.80 25.99 -57.25
C GLU L 95 19.64 24.65 -57.94
N VAL L 96 20.45 24.40 -58.97
CA VAL L 96 20.34 23.16 -59.73
C VAL L 96 20.82 21.99 -58.89
N ALA L 97 19.99 20.95 -58.81
CA ALA L 97 20.31 19.77 -58.03
C ALA L 97 20.70 18.58 -58.88
N GLN L 98 20.11 18.43 -60.06
CA GLN L 98 20.41 17.31 -60.94
C GLN L 98 20.00 17.66 -62.35
N HIS L 99 20.68 17.04 -63.31
CA HIS L 99 20.33 17.16 -64.73
C HIS L 99 19.35 16.04 -65.05
N LEU L 100 18.10 16.42 -65.36
CA LEU L 100 17.09 15.41 -65.64
C LEU L 100 17.29 14.77 -67.01
N GLY L 101 17.87 15.50 -67.94
CA GLY L 101 18.00 15.06 -69.31
C GLY L 101 17.03 15.77 -70.22
N GLU L 102 17.29 15.61 -71.53
CA GLU L 102 16.55 16.28 -72.60
C GLU L 102 16.56 17.80 -72.41
N ASN L 103 17.72 18.32 -71.99
CA ASN L 103 17.96 19.74 -71.76
C ASN L 103 17.03 20.33 -70.71
N THR L 104 16.63 19.53 -69.74
CA THR L 104 15.85 19.98 -68.59
C THR L 104 16.62 19.65 -67.32
N VAL L 105 16.68 20.61 -66.40
CA VAL L 105 17.34 20.42 -65.12
C VAL L 105 16.31 20.64 -64.01
N ARG L 106 16.61 20.09 -62.85
CA ARG L 106 15.73 20.15 -61.69
C ARG L 106 16.39 20.97 -60.60
N THR L 107 15.65 21.90 -60.02
CA THR L 107 16.19 22.88 -59.10
C THR L 107 15.37 22.90 -57.82
N ILE L 108 16.01 23.31 -56.74
CA ILE L 108 15.34 23.59 -55.47
C ILE L 108 15.29 25.10 -55.30
N ALA L 109 14.11 25.61 -54.95
CA ALA L 109 13.92 27.05 -54.83
C ALA L 109 14.35 27.55 -53.45
N MET L 110 15.01 28.70 -53.44
CA MET L 110 15.42 29.33 -52.20
C MET L 110 14.33 30.19 -51.58
N ASP L 111 13.15 30.23 -52.19
CA ASP L 111 12.02 30.96 -51.65
C ASP L 111 10.75 30.23 -52.08
N GLY L 112 9.61 30.89 -51.96
CA GLY L 112 8.35 30.25 -52.32
C GLY L 112 8.19 30.13 -53.83
N THR L 113 7.49 29.08 -54.24
CA THR L 113 7.21 28.83 -55.64
C THR L 113 5.80 29.24 -56.05
N GLU L 114 5.10 30.01 -55.22
CA GLU L 114 3.79 30.49 -55.58
C GLU L 114 3.89 31.56 -56.67
N GLY L 115 2.89 31.59 -57.54
CA GLY L 115 2.89 32.55 -58.62
C GLY L 115 3.78 32.21 -59.79
N LEU L 116 4.38 31.02 -59.80
CA LEU L 116 5.22 30.58 -60.92
C LEU L 116 4.34 29.92 -61.97
N VAL L 117 4.41 30.40 -63.20
CA VAL L 117 3.68 29.83 -64.31
C VAL L 117 4.66 29.02 -65.15
N ARG L 118 4.12 28.08 -65.92
CA ARG L 118 4.95 27.29 -66.81
C ARG L 118 5.40 28.13 -67.99
N GLY L 119 6.64 27.91 -68.42
CA GLY L 119 7.22 28.71 -69.48
C GLY L 119 7.79 30.04 -69.05
N GLN L 120 7.84 30.31 -67.74
CA GLN L 120 8.40 31.56 -67.26
C GLN L 120 9.91 31.56 -67.42
N ASN L 121 10.47 32.70 -67.84
CA ASN L 121 11.88 32.78 -68.14
C ASN L 121 12.73 32.75 -66.88
N VAL L 122 13.85 32.04 -66.95
CA VAL L 122 14.82 31.96 -65.87
C VAL L 122 16.20 32.14 -66.49
N LEU L 123 17.09 32.83 -65.79
CA LEU L 123 18.38 33.24 -66.32
C LEU L 123 19.48 32.57 -65.53
N ASP L 124 20.46 31.99 -66.23
CA ASP L 124 21.60 31.37 -65.57
C ASP L 124 22.61 32.44 -65.21
N THR L 125 23.05 32.43 -63.94
CA THR L 125 24.03 33.39 -63.45
C THR L 125 25.46 32.95 -63.71
N GLY L 126 25.69 31.72 -64.16
CA GLY L 126 27.02 31.26 -64.47
C GLY L 126 27.89 30.94 -63.29
N ALA L 127 27.32 30.91 -62.08
CA ALA L 127 28.07 30.66 -60.86
C ALA L 127 27.11 30.14 -59.81
N PRO L 128 27.60 29.47 -58.77
CA PRO L 128 26.72 29.11 -57.65
C PRO L 128 26.28 30.32 -56.85
N ILE L 129 25.55 30.07 -55.75
CA ILE L 129 25.09 31.16 -54.90
C ILE L 129 26.31 31.79 -54.25
N LYS L 130 26.60 33.04 -54.60
CA LYS L 130 27.73 33.77 -54.06
C LYS L 130 27.24 34.71 -52.97
N ILE L 131 27.96 34.72 -51.85
CA ILE L 131 27.55 35.43 -50.65
C ILE L 131 28.68 36.38 -50.28
N PRO L 132 28.37 37.60 -49.81
CA PRO L 132 29.44 38.54 -49.44
C PRO L 132 30.20 38.08 -48.22
N VAL L 133 31.53 38.12 -48.30
CA VAL L 133 32.39 37.73 -47.19
C VAL L 133 33.41 38.84 -46.93
N GLY L 134 33.73 39.05 -45.67
CA GLY L 134 34.71 40.05 -45.31
C GLY L 134 34.39 40.73 -44.00
N PRO L 135 35.15 41.77 -43.65
CA PRO L 135 34.83 42.56 -42.46
C PRO L 135 33.52 43.31 -42.57
N GLU L 136 33.02 43.56 -43.77
CA GLU L 136 31.79 44.31 -43.96
C GLU L 136 30.54 43.50 -43.64
N THR L 137 30.66 42.19 -43.45
CA THR L 137 29.52 41.37 -43.09
C THR L 137 29.32 41.28 -41.58
N LEU L 138 30.24 41.83 -40.79
CA LEU L 138 30.12 41.78 -39.34
C LEU L 138 29.05 42.76 -38.88
N GLY L 139 28.19 42.31 -37.97
CA GLY L 139 27.10 43.12 -37.49
C GLY L 139 25.89 43.16 -38.41
N ARG L 140 25.94 42.48 -39.54
CA ARG L 140 24.86 42.48 -40.51
C ARG L 140 24.12 41.14 -40.46
N ILE L 141 22.85 41.17 -40.82
CA ILE L 141 22.01 39.97 -40.90
C ILE L 141 21.80 39.64 -42.37
N MET L 142 21.99 38.38 -42.73
CA MET L 142 21.86 37.93 -44.10
C MET L 142 20.91 36.74 -44.18
N ASN L 143 20.28 36.59 -45.33
CA ASN L 143 19.43 35.43 -45.59
C ASN L 143 20.27 34.35 -46.26
N VAL L 144 19.62 33.35 -46.85
CA VAL L 144 20.33 32.20 -47.43
C VAL L 144 21.16 32.64 -48.63
N ILE L 145 20.66 33.59 -49.42
CA ILE L 145 21.33 33.99 -50.65
C ILE L 145 22.24 35.19 -50.40
N GLY L 146 22.47 35.51 -49.13
CA GLY L 146 23.42 36.52 -48.77
C GLY L 146 22.92 37.95 -48.84
N GLU L 147 21.65 38.16 -49.16
CA GLU L 147 21.12 39.51 -49.16
C GLU L 147 20.96 40.02 -47.74
N PRO L 148 21.22 41.30 -47.49
CA PRO L 148 21.00 41.85 -46.14
C PRO L 148 19.51 41.95 -45.83
N ILE L 149 19.14 41.52 -44.63
CA ILE L 149 17.76 41.55 -44.17
C ILE L 149 17.59 42.35 -42.90
N ASP L 150 18.60 43.12 -42.50
CA ASP L 150 18.51 43.93 -41.29
C ASP L 150 18.06 45.36 -41.56
N GLU L 151 17.77 45.69 -42.83
CA GLU L 151 17.32 47.02 -43.25
C GLU L 151 18.32 48.11 -42.87
N ARG L 152 19.59 47.88 -43.19
CA ARG L 152 20.64 48.86 -42.97
C ARG L 152 21.37 49.22 -44.26
N GLY L 153 20.83 48.85 -45.42
CA GLY L 153 21.47 49.10 -46.67
C GLY L 153 22.23 47.88 -47.18
N PRO L 154 22.76 47.97 -48.39
CA PRO L 154 23.49 46.83 -48.96
C PRO L 154 24.81 46.62 -48.26
N ILE L 155 25.30 45.38 -48.34
CA ILE L 155 26.61 45.03 -47.80
C ILE L 155 27.63 45.37 -48.89
N VAL L 156 28.34 46.48 -48.71
CA VAL L 156 29.28 46.97 -49.71
C VAL L 156 30.63 46.31 -49.42
N THR L 157 30.90 45.23 -50.14
CA THR L 157 32.17 44.53 -50.00
C THR L 157 32.71 44.21 -51.39
N ASP L 158 33.97 43.83 -51.42
CA ASP L 158 34.64 43.45 -52.65
C ASP L 158 34.82 41.95 -52.79
N LYS L 159 34.64 41.20 -51.72
CA LYS L 159 34.94 39.77 -51.70
C LYS L 159 33.64 38.97 -51.62
N PHE L 160 33.49 38.01 -52.53
CA PHE L 160 32.37 37.09 -52.52
C PHE L 160 32.90 35.67 -52.53
N ALA L 161 32.09 34.75 -52.05
CA ALA L 161 32.47 33.34 -52.05
C ALA L 161 31.26 32.48 -52.32
N ALA L 162 31.46 31.33 -52.96
CA ALA L 162 30.39 30.40 -53.20
C ALA L 162 30.05 29.64 -51.92
N ILE L 163 28.76 29.38 -51.70
CA ILE L 163 28.33 28.66 -50.50
C ILE L 163 28.63 27.18 -50.57
N HIS L 164 29.05 26.67 -51.72
CA HIS L 164 29.46 25.28 -51.87
C HIS L 164 30.95 25.24 -52.11
N ALA L 165 31.69 24.55 -51.24
CA ALA L 165 33.12 24.41 -51.36
C ALA L 165 33.53 23.02 -50.92
N ASP L 166 34.67 22.56 -51.41
CA ASP L 166 35.17 21.25 -51.04
C ASP L 166 35.74 21.29 -49.63
N ALA L 167 35.74 20.13 -48.98
CA ALA L 167 36.25 20.03 -47.63
C ALA L 167 37.78 20.16 -47.64
N PRO L 168 38.37 20.62 -46.53
CA PRO L 168 39.83 20.60 -46.41
C PRO L 168 40.37 19.18 -46.43
N GLU L 169 41.56 19.03 -47.00
CA GLU L 169 42.16 17.72 -47.24
C GLU L 169 42.72 17.13 -45.95
N PHE L 170 43.15 15.87 -46.04
CA PHE L 170 43.68 15.15 -44.88
C PHE L 170 44.98 15.76 -44.37
N VAL L 171 45.75 16.43 -45.24
CA VAL L 171 46.99 17.05 -44.81
C VAL L 171 46.76 18.41 -44.16
N GLU L 172 45.59 19.01 -44.33
CA GLU L 172 45.26 20.29 -43.70
C GLU L 172 44.49 20.07 -42.40
N MET L 173 45.08 19.29 -41.50
CA MET L 173 44.45 18.94 -40.24
C MET L 173 45.36 19.27 -39.08
N SER L 174 44.77 19.77 -38.00
CA SER L 174 45.47 20.03 -36.76
C SER L 174 44.94 19.10 -35.69
N VAL L 175 45.84 18.64 -34.82
CA VAL L 175 45.49 17.68 -33.78
C VAL L 175 45.66 18.28 -32.39
N GLN L 176 45.66 19.61 -32.29
CA GLN L 176 45.78 20.25 -30.99
C GLN L 176 44.46 20.16 -30.22
N GLN L 177 44.55 19.77 -28.95
CA GLN L 177 43.39 19.56 -28.09
C GLN L 177 43.62 20.33 -26.79
N GLU L 178 43.15 21.57 -26.76
CA GLU L 178 43.26 22.42 -25.58
C GLU L 178 41.87 22.72 -25.04
N ILE L 179 41.70 22.58 -23.73
CA ILE L 179 40.38 22.63 -23.12
C ILE L 179 39.86 24.06 -23.12
N LEU L 180 38.61 24.23 -23.54
CA LEU L 180 37.91 25.51 -23.46
C LEU L 180 37.04 25.50 -22.21
N VAL L 181 37.27 26.44 -21.32
CA VAL L 181 36.52 26.52 -20.06
C VAL L 181 35.25 27.31 -20.30
N THR L 182 34.11 26.70 -20.01
CA THR L 182 32.82 27.31 -20.29
C THR L 182 32.17 27.91 -19.05
N GLY L 183 32.60 27.52 -17.86
CA GLY L 183 31.96 27.96 -16.64
C GLY L 183 30.75 27.16 -16.22
N ILE L 184 30.50 26.04 -16.89
CA ILE L 184 29.36 25.17 -16.59
C ILE L 184 29.91 23.88 -15.99
N LYS L 185 29.44 23.53 -14.80
CA LYS L 185 30.04 22.43 -14.04
C LYS L 185 29.88 21.09 -14.74
N VAL L 186 28.67 20.81 -15.25
CA VAL L 186 28.46 19.53 -15.91
C VAL L 186 29.23 19.46 -17.23
N VAL L 187 29.40 20.59 -17.91
CA VAL L 187 30.20 20.63 -19.12
C VAL L 187 31.67 20.52 -18.78
N ASP L 188 32.17 21.40 -17.92
CA ASP L 188 33.61 21.44 -17.64
C ASP L 188 34.13 20.24 -16.88
N LEU L 189 33.25 19.40 -16.33
CA LEU L 189 33.70 18.20 -15.63
C LEU L 189 33.57 16.95 -16.47
N LEU L 190 32.35 16.67 -16.96
CA LEU L 190 32.11 15.36 -17.56
C LEU L 190 32.43 15.32 -19.05
N ALA L 191 32.05 16.35 -19.80
CA ALA L 191 32.30 16.42 -21.24
C ALA L 191 32.90 17.78 -21.57
N PRO L 192 34.19 17.98 -21.29
CA PRO L 192 34.80 19.30 -21.50
C PRO L 192 34.93 19.65 -22.97
N TYR L 193 34.88 20.95 -23.25
CA TYR L 193 34.98 21.45 -24.61
C TYR L 193 36.43 21.75 -24.97
N ALA L 194 36.71 21.75 -26.27
CA ALA L 194 38.06 21.94 -26.78
C ALA L 194 38.15 23.26 -27.54
N LYS L 195 39.30 23.93 -27.41
CA LYS L 195 39.51 25.18 -28.12
C LYS L 195 39.77 24.90 -29.59
N GLY L 196 38.71 24.98 -30.40
CA GLY L 196 38.82 24.65 -31.81
C GLY L 196 38.34 23.24 -32.01
N GLY L 197 37.10 23.09 -32.44
CA GLY L 197 36.50 21.78 -32.50
C GLY L 197 35.00 21.86 -32.46
N LYS L 198 34.37 20.71 -32.65
CA LYS L 198 32.93 20.63 -32.85
C LYS L 198 32.24 20.23 -31.55
N ILE L 199 31.21 20.97 -31.18
CA ILE L 199 30.43 20.74 -29.97
C ILE L 199 28.97 20.60 -30.39
N GLY L 200 28.32 19.55 -29.93
CA GLY L 200 26.94 19.33 -30.28
C GLY L 200 26.01 19.19 -29.10
N LEU L 201 25.01 20.06 -29.02
CA LEU L 201 24.02 20.04 -27.94
C LEU L 201 22.79 19.30 -28.44
N PHE L 202 22.67 18.03 -28.09
CA PHE L 202 21.54 17.20 -28.46
C PHE L 202 20.41 17.41 -27.47
N GLY L 203 19.20 17.62 -27.98
CA GLY L 203 18.07 17.78 -27.08
C GLY L 203 16.75 17.73 -27.83
N GLY L 204 15.70 17.41 -27.10
CA GLY L 204 14.37 17.30 -27.65
C GLY L 204 13.62 18.62 -27.62
N ALA L 205 12.30 18.52 -27.54
CA ALA L 205 11.42 19.69 -27.59
C ALA L 205 11.22 20.21 -26.16
N GLY L 206 11.75 21.41 -25.89
CA GLY L 206 11.54 22.05 -24.61
C GLY L 206 12.50 21.66 -23.51
N VAL L 207 13.56 20.92 -23.81
CA VAL L 207 14.50 20.52 -22.76
C VAL L 207 15.60 21.54 -22.54
N GLY L 208 15.75 22.51 -23.43
CA GLY L 208 16.72 23.58 -23.26
C GLY L 208 17.98 23.39 -24.07
N LYS L 209 18.00 24.01 -25.24
CA LYS L 209 19.15 24.10 -26.12
C LYS L 209 19.45 25.53 -26.52
N THR L 210 18.41 26.33 -26.73
CA THR L 210 18.62 27.76 -26.98
C THR L 210 19.19 28.44 -25.74
N VAL L 211 18.74 28.05 -24.56
CA VAL L 211 19.27 28.59 -23.31
C VAL L 211 20.74 28.24 -23.16
N LEU L 212 21.10 27.00 -23.49
CA LEU L 212 22.50 26.60 -23.42
C LEU L 212 23.34 27.28 -24.52
N ILE L 213 22.75 27.52 -25.68
CA ILE L 213 23.42 28.27 -26.74
C ILE L 213 23.70 29.70 -26.28
N MET L 214 22.70 30.35 -25.70
CA MET L 214 22.87 31.73 -25.25
C MET L 214 23.82 31.83 -24.08
N GLU L 215 23.84 30.82 -23.22
CA GLU L 215 24.80 30.81 -22.11
C GLU L 215 26.23 30.65 -22.61
N LEU L 216 26.43 29.82 -23.63
CA LEU L 216 27.77 29.67 -24.20
C LEU L 216 28.22 30.95 -24.90
N ILE L 217 27.28 31.63 -25.58
CA ILE L 217 27.60 32.91 -26.21
C ILE L 217 27.95 33.96 -25.16
N ASN L 218 27.22 33.98 -24.05
CA ASN L 218 27.51 34.93 -22.98
C ASN L 218 28.85 34.63 -22.32
N ASN L 219 29.18 33.36 -22.11
CA ASN L 219 30.37 33.00 -21.36
C ASN L 219 31.64 32.93 -22.20
N VAL L 220 31.52 32.72 -23.51
CA VAL L 220 32.67 32.50 -24.38
C VAL L 220 32.83 33.60 -25.42
N ALA L 221 31.74 33.93 -26.12
CA ALA L 221 31.85 34.80 -27.29
C ALA L 221 32.18 36.24 -26.94
N LYS L 222 31.72 36.72 -25.78
CA LYS L 222 32.02 38.09 -25.40
C LYS L 222 33.49 38.26 -25.03
N ALA L 223 34.01 37.35 -24.22
CA ALA L 223 35.43 37.35 -23.88
C ALA L 223 36.20 36.38 -24.77
N HIS L 224 36.12 36.62 -26.08
CA HIS L 224 36.78 35.78 -27.07
C HIS L 224 37.89 36.52 -27.80
N GLY L 225 37.57 37.65 -28.42
CA GLY L 225 38.59 38.45 -29.08
C GLY L 225 38.66 38.26 -30.57
N GLY L 226 38.53 37.02 -31.05
CA GLY L 226 38.70 36.78 -32.47
C GLY L 226 37.57 37.28 -33.35
N TYR L 227 36.43 36.59 -33.35
CA TYR L 227 35.31 36.82 -34.25
C TYR L 227 34.17 35.90 -33.81
N SER L 228 33.01 36.08 -34.43
CA SER L 228 31.88 35.20 -34.16
C SER L 228 30.96 35.18 -35.37
N VAL L 229 30.33 34.04 -35.60
CA VAL L 229 29.29 33.90 -36.61
C VAL L 229 28.15 33.11 -36.00
N PHE L 230 26.92 33.62 -36.11
CA PHE L 230 25.73 32.88 -35.72
C PHE L 230 24.96 32.49 -36.96
N ALA L 231 24.49 31.25 -37.00
CA ALA L 231 23.71 30.73 -38.11
C ALA L 231 22.40 30.16 -37.56
N GLY L 232 21.32 30.93 -37.67
CA GLY L 232 20.02 30.44 -37.29
C GLY L 232 19.42 29.61 -38.40
N VAL L 233 19.19 28.32 -38.15
CA VAL L 233 18.74 27.38 -39.16
C VAL L 233 17.42 26.78 -38.69
N GLY L 234 16.31 27.23 -39.27
CA GLY L 234 15.02 26.62 -39.03
C GLY L 234 14.47 26.77 -37.63
N GLU L 235 14.72 27.88 -36.97
CA GLU L 235 14.28 28.10 -35.61
C GLU L 235 13.28 29.26 -35.57
N ARG L 236 12.92 29.69 -34.37
CA ARG L 236 11.94 30.75 -34.24
C ARG L 236 12.54 32.10 -34.60
N THR L 237 11.80 32.88 -35.39
CA THR L 237 12.25 34.22 -35.75
C THR L 237 12.26 35.15 -34.54
N ARG L 238 11.45 34.84 -33.53
CA ARG L 238 11.49 35.58 -32.27
C ARG L 238 12.84 35.39 -31.58
N GLU L 239 13.39 34.18 -31.63
CA GLU L 239 14.71 33.94 -31.06
C GLU L 239 15.78 34.74 -31.78
N GLY L 240 15.70 34.82 -33.11
CA GLY L 240 16.68 35.58 -33.87
C GLY L 240 16.60 37.06 -33.60
N ASN L 241 15.38 37.58 -33.45
CA ASN L 241 15.20 38.99 -33.08
C ASN L 241 15.76 39.26 -31.68
N ASP L 242 15.51 38.34 -30.74
CA ASP L 242 15.99 38.54 -29.38
C ASP L 242 17.51 38.45 -29.29
N LEU L 243 18.12 37.53 -30.05
CA LEU L 243 19.57 37.42 -30.06
C LEU L 243 20.20 38.64 -30.72
N TYR L 244 19.59 39.16 -31.78
CA TYR L 244 20.12 40.35 -32.44
C TYR L 244 20.11 41.54 -31.49
N HIS L 245 18.99 41.74 -30.78
CA HIS L 245 18.92 42.86 -29.85
C HIS L 245 19.80 42.63 -28.62
N GLU L 246 20.02 41.37 -28.24
CA GLU L 246 20.95 41.08 -27.16
C GLU L 246 22.37 41.47 -27.53
N MET L 247 22.79 41.16 -28.76
CA MET L 247 24.13 41.54 -29.21
C MET L 247 24.25 43.05 -29.42
N ILE L 248 23.13 43.73 -29.71
CA ILE L 248 23.14 45.18 -29.75
C ILE L 248 23.41 45.75 -28.36
N GLU L 249 22.69 45.24 -27.35
CA GLU L 249 22.83 45.78 -26.00
C GLU L 249 24.18 45.44 -25.39
N SER L 250 24.72 44.27 -25.67
CA SER L 250 25.98 43.85 -25.09
C SER L 250 27.20 44.44 -25.80
N GLY L 251 27.00 45.17 -26.89
CA GLY L 251 28.09 45.84 -27.58
C GLY L 251 28.85 45.01 -28.57
N VAL L 252 28.45 43.75 -28.81
CA VAL L 252 29.14 42.92 -29.78
C VAL L 252 28.83 43.37 -31.20
N ILE L 253 27.65 43.97 -31.42
CA ILE L 253 27.31 44.61 -32.69
C ILE L 253 27.24 46.11 -32.45
N SER L 254 27.88 46.87 -33.32
CA SER L 254 27.83 48.33 -33.28
C SER L 254 27.08 48.82 -34.51
N LEU L 255 25.90 49.39 -34.31
CA LEU L 255 25.16 49.99 -35.41
C LEU L 255 25.71 51.35 -35.83
N LYS L 256 26.49 51.99 -34.97
CA LYS L 256 26.96 53.34 -35.26
C LYS L 256 28.33 53.36 -35.93
N ASP L 257 29.15 52.33 -35.73
CA ASP L 257 30.48 52.31 -36.30
C ASP L 257 30.91 50.86 -36.50
N LYS L 258 32.20 50.68 -36.77
CA LYS L 258 32.80 49.38 -37.00
C LYS L 258 33.07 48.66 -35.68
N THR L 259 33.95 47.64 -35.75
CA THR L 259 34.34 46.79 -34.63
C THR L 259 33.18 45.95 -34.10
N SER L 260 32.28 45.53 -34.99
CA SER L 260 31.38 44.44 -34.70
C SER L 260 32.14 43.13 -34.77
N LYS L 261 31.75 42.18 -33.93
CA LYS L 261 32.47 40.93 -33.83
C LYS L 261 31.67 39.72 -34.27
N VAL L 262 30.36 39.84 -34.48
CA VAL L 262 29.53 38.71 -34.83
C VAL L 262 28.74 39.03 -36.09
N ALA L 263 28.74 38.09 -37.03
CA ALA L 263 27.93 38.15 -38.23
C ALA L 263 26.81 37.13 -38.13
N LEU L 264 25.59 37.52 -38.50
CA LEU L 264 24.42 36.67 -38.33
C LEU L 264 23.84 36.30 -39.69
N VAL L 265 23.54 35.01 -39.87
CA VAL L 265 22.84 34.51 -41.04
C VAL L 265 21.62 33.75 -40.55
N TYR L 266 20.43 34.12 -41.03
CA TYR L 266 19.19 33.55 -40.53
C TYR L 266 18.35 33.03 -41.67
N GLY L 267 18.04 31.73 -41.62
CA GLY L 267 16.96 31.16 -42.40
C GLY L 267 16.13 30.28 -41.50
N GLN L 268 14.88 30.66 -41.25
CA GLN L 268 14.12 30.14 -40.13
C GLN L 268 13.03 29.17 -40.59
N MET L 269 12.21 28.73 -39.66
CA MET L 269 11.24 27.66 -39.91
C MET L 269 10.06 28.11 -40.76
N ASN L 270 9.87 29.41 -40.95
CA ASN L 270 8.85 29.90 -41.87
C ASN L 270 9.32 29.83 -43.32
N GLU L 271 10.62 29.67 -43.55
CA GLU L 271 11.15 29.59 -44.90
C GLU L 271 10.79 28.26 -45.55
N PRO L 272 10.74 28.21 -46.87
CA PRO L 272 10.52 26.95 -47.57
C PRO L 272 11.70 26.00 -47.37
N PRO L 273 11.50 24.69 -47.57
CA PRO L 273 12.58 23.74 -47.30
C PRO L 273 13.83 23.91 -48.14
N GLY L 274 13.74 24.58 -49.30
CA GLY L 274 14.93 24.87 -50.05
C GLY L 274 15.83 25.88 -49.35
N ALA L 275 15.23 26.86 -48.68
CA ALA L 275 16.02 27.88 -48.01
C ALA L 275 16.65 27.34 -46.72
N ARG L 276 15.93 26.48 -46.00
CA ARG L 276 16.46 25.95 -44.76
C ARG L 276 17.57 24.94 -44.98
N ALA L 277 17.70 24.39 -46.17
CA ALA L 277 18.73 23.39 -46.46
C ALA L 277 20.03 23.99 -46.95
N ARG L 278 20.11 25.32 -47.08
CA ARG L 278 21.32 25.96 -47.59
C ARG L 278 21.81 27.11 -46.72
N VAL L 279 21.05 27.55 -45.72
CA VAL L 279 21.47 28.69 -44.90
C VAL L 279 22.64 28.31 -44.00
N ALA L 280 22.72 27.04 -43.59
CA ALA L 280 23.86 26.58 -42.81
C ALA L 280 25.15 26.67 -43.61
N LEU L 281 25.09 26.38 -44.91
CA LEU L 281 26.24 26.54 -45.77
C LEU L 281 26.64 28.00 -45.93
N THR L 282 25.67 28.92 -45.88
CA THR L 282 25.98 30.34 -45.93
C THR L 282 26.75 30.79 -44.68
N GLY L 283 26.30 30.35 -43.51
CA GLY L 283 27.05 30.62 -42.29
C GLY L 283 28.42 29.96 -42.25
N LEU L 284 28.52 28.76 -42.83
CA LEU L 284 29.80 28.10 -42.99
C LEU L 284 30.74 28.91 -43.87
N THR L 285 30.21 29.49 -44.94
CA THR L 285 31.02 30.27 -45.86
C THR L 285 31.59 31.52 -45.20
N VAL L 286 30.78 32.16 -44.35
CA VAL L 286 31.28 33.32 -43.59
C VAL L 286 32.40 32.88 -42.64
N ALA L 287 32.20 31.76 -41.94
CA ALA L 287 33.23 31.29 -41.03
C ALA L 287 34.48 30.80 -41.75
N GLU L 288 34.33 30.22 -42.94
CA GLU L 288 35.49 29.74 -43.69
C GLU L 288 36.34 30.89 -44.22
N TYR L 289 35.69 31.99 -44.61
CA TYR L 289 36.46 33.16 -45.01
C TYR L 289 37.17 33.78 -43.81
N PHE L 290 36.50 33.84 -42.66
CA PHE L 290 37.15 34.38 -41.47
C PHE L 290 38.28 33.50 -40.96
N ARG L 291 38.25 32.21 -41.28
CA ARG L 291 39.31 31.29 -40.87
C ARG L 291 40.48 31.27 -41.85
N ASP L 292 40.21 31.08 -43.14
CA ASP L 292 41.29 30.88 -44.10
C ASP L 292 41.89 32.19 -44.55
N GLN L 293 41.09 33.06 -45.16
CA GLN L 293 41.61 34.27 -45.78
C GLN L 293 42.04 35.33 -44.78
N GLU L 294 41.66 35.20 -43.51
CA GLU L 294 42.09 36.13 -42.50
C GLU L 294 42.96 35.52 -41.40
N GLY L 295 42.93 34.21 -41.23
CA GLY L 295 43.73 33.56 -40.20
C GLY L 295 43.29 33.90 -38.79
N GLN L 296 41.99 33.98 -38.56
CA GLN L 296 41.43 34.38 -37.27
C GLN L 296 40.84 33.19 -36.54
N ASP L 297 40.60 33.37 -35.25
CA ASP L 297 39.85 32.40 -34.45
C ASP L 297 38.38 32.76 -34.53
N VAL L 298 37.57 31.82 -35.01
CA VAL L 298 36.17 32.05 -35.31
C VAL L 298 35.32 31.21 -34.38
N LEU L 299 34.22 31.78 -33.92
CA LEU L 299 33.18 31.05 -33.20
C LEU L 299 31.97 30.93 -34.11
N LEU L 300 31.53 29.70 -34.35
CA LEU L 300 30.39 29.44 -35.24
C LEU L 300 29.31 28.75 -34.44
N PHE L 301 28.18 29.42 -34.26
CA PHE L 301 27.04 28.85 -33.56
C PHE L 301 25.92 28.56 -34.56
N ILE L 302 25.44 27.33 -34.57
CA ILE L 302 24.38 26.90 -35.47
C ILE L 302 23.22 26.37 -34.64
N ASP L 303 22.01 26.82 -34.96
CA ASP L 303 20.82 26.41 -34.23
C ASP L 303 19.66 26.37 -35.23
N ASN L 304 19.28 25.18 -35.70
CA ASN L 304 19.95 23.92 -35.36
C ASN L 304 20.15 23.06 -36.61
N ILE L 305 21.04 22.06 -36.48
CA ILE L 305 21.46 21.24 -37.60
C ILE L 305 20.32 20.36 -38.13
N PHE L 306 19.44 19.89 -37.24
CA PHE L 306 18.38 18.98 -37.65
C PHE L 306 17.41 19.63 -38.64
N ARG L 307 17.25 20.95 -38.57
CA ARG L 307 16.40 21.62 -39.54
C ARG L 307 17.01 21.58 -40.93
N PHE L 308 18.34 21.60 -41.03
CA PHE L 308 19.00 21.43 -42.32
C PHE L 308 18.79 20.03 -42.86
N THR L 309 18.98 19.02 -42.01
CA THR L 309 18.84 17.64 -42.50
C THR L 309 17.39 17.20 -42.62
N GLN L 310 16.43 17.95 -42.07
CA GLN L 310 15.03 17.67 -42.28
C GLN L 310 14.51 18.35 -43.53
N ALA L 311 14.96 19.58 -43.78
CA ALA L 311 14.60 20.26 -45.02
C ALA L 311 15.17 19.56 -46.23
N GLY L 312 16.32 18.88 -46.08
CA GLY L 312 16.80 18.02 -47.14
C GLY L 312 15.90 16.83 -47.40
N SER L 313 15.24 16.32 -46.36
CA SER L 313 14.35 15.19 -46.52
C SER L 313 12.96 15.58 -47.00
N GLU L 314 12.56 16.83 -46.78
CA GLU L 314 11.24 17.28 -47.23
C GLU L 314 11.17 17.36 -48.75
N VAL L 315 12.30 17.66 -49.41
CA VAL L 315 12.35 17.75 -50.86
C VAL L 315 12.80 16.46 -51.51
N SER L 316 13.13 15.44 -50.72
CA SER L 316 13.67 14.21 -51.29
C SER L 316 12.60 13.42 -52.04
N ALA L 317 11.35 13.46 -51.57
CA ALA L 317 10.28 12.77 -52.29
C ALA L 317 9.94 13.47 -53.60
N LEU L 318 10.05 14.80 -53.63
CA LEU L 318 9.78 15.58 -54.82
C LEU L 318 10.91 15.53 -55.84
N LEU L 319 12.07 14.99 -55.48
CA LEU L 319 13.17 14.78 -56.41
C LEU L 319 13.13 13.40 -57.05
N GLY L 320 12.06 12.63 -56.82
CA GLY L 320 11.96 11.30 -57.39
C GLY L 320 12.93 10.29 -56.83
N ARG L 321 13.22 10.36 -55.54
CA ARG L 321 14.13 9.45 -54.88
C ARG L 321 13.37 8.41 -54.08
N ILE L 322 13.91 7.21 -54.01
CA ILE L 322 13.38 6.19 -53.09
C ILE L 322 13.68 6.62 -51.66
N PRO L 323 12.69 6.64 -50.77
CA PRO L 323 12.96 7.03 -49.38
C PRO L 323 13.81 6.01 -48.65
N SER L 324 14.58 6.49 -47.68
CA SER L 324 15.41 5.65 -46.84
C SER L 324 14.57 5.11 -45.68
N ALA L 325 15.23 4.52 -44.68
CA ALA L 325 14.53 3.98 -43.53
C ALA L 325 13.89 5.09 -42.71
N VAL L 326 12.67 4.81 -42.22
CA VAL L 326 11.79 5.75 -41.52
C VAL L 326 11.58 6.99 -42.39
N GLY L 327 11.42 6.77 -43.69
CA GLY L 327 11.04 7.83 -44.62
C GLY L 327 12.02 8.97 -44.77
N TYR L 328 13.32 8.68 -44.71
CA TYR L 328 14.35 9.71 -44.83
C TYR L 328 14.92 9.74 -46.24
N GLN L 329 15.72 10.75 -46.49
CA GLN L 329 16.45 10.84 -47.75
C GLN L 329 17.55 9.80 -47.79
N PRO L 330 17.77 9.13 -48.94
CA PRO L 330 18.83 8.12 -49.01
C PRO L 330 20.23 8.69 -49.05
N THR L 331 20.37 10.01 -49.20
CA THR L 331 21.68 10.67 -49.18
C THR L 331 21.85 11.56 -47.96
N LEU L 332 21.26 11.15 -46.83
CA LEU L 332 21.35 11.95 -45.60
C LEU L 332 22.78 11.94 -45.05
N ALA L 333 23.42 10.77 -45.03
CA ALA L 333 24.77 10.64 -44.49
C ALA L 333 25.77 11.43 -45.32
N THR L 334 25.68 11.33 -46.65
CA THR L 334 26.66 11.98 -47.52
C THR L 334 26.47 13.49 -47.54
N ASP L 335 25.22 13.95 -47.50
CA ASP L 335 24.97 15.40 -47.43
C ASP L 335 25.44 15.98 -46.11
N MET L 336 25.19 15.26 -45.01
CA MET L 336 25.67 15.73 -43.70
C MET L 336 27.19 15.67 -43.63
N GLY L 337 27.79 14.67 -44.27
CA GLY L 337 29.24 14.59 -44.28
C GLY L 337 29.89 15.75 -45.02
N THR L 338 29.37 16.06 -46.21
CA THR L 338 29.93 17.16 -46.98
C THR L 338 29.69 18.51 -46.31
N MET L 339 28.59 18.64 -45.56
CA MET L 339 28.36 19.88 -44.82
C MET L 339 29.28 20.00 -43.62
N GLN L 340 29.40 18.92 -42.83
CA GLN L 340 30.11 19.00 -41.56
C GLN L 340 31.62 19.03 -41.71
N GLU L 341 32.15 18.45 -42.79
CA GLU L 341 33.59 18.44 -42.96
C GLU L 341 34.16 19.81 -43.31
N ARG L 342 33.31 20.74 -43.75
CA ARG L 342 33.77 22.11 -43.96
C ARG L 342 33.98 22.85 -42.65
N ILE L 343 33.25 22.46 -41.61
CA ILE L 343 33.45 23.03 -40.28
C ILE L 343 34.60 22.30 -39.63
N THR L 344 35.77 22.94 -39.56
CA THR L 344 36.94 22.29 -39.00
C THR L 344 37.92 23.37 -38.57
N THR L 345 38.90 22.95 -37.77
CA THR L 345 40.04 23.79 -37.42
C THR L 345 41.21 23.36 -38.31
N THR L 346 41.72 24.29 -39.09
CA THR L 346 42.76 24.04 -40.06
C THR L 346 44.07 24.62 -39.54
N LYS L 347 45.13 24.48 -40.33
CA LYS L 347 46.39 25.10 -39.99
C LYS L 347 46.39 26.60 -40.29
N LYS L 348 45.49 27.07 -41.15
CA LYS L 348 45.38 28.51 -41.42
C LYS L 348 44.64 29.23 -40.32
N GLY L 349 43.68 28.59 -39.67
CA GLY L 349 42.91 29.25 -38.64
C GLY L 349 42.08 28.26 -37.86
N SER L 350 41.49 28.74 -36.78
CA SER L 350 40.77 27.91 -35.84
C SER L 350 39.30 28.28 -35.84
N ILE L 351 38.43 27.26 -35.79
CA ILE L 351 37.00 27.44 -35.67
C ILE L 351 36.50 26.58 -34.51
N THR L 352 35.86 27.21 -33.54
CA THR L 352 35.14 26.51 -32.48
C THR L 352 33.66 26.59 -32.82
N SER L 353 33.04 25.44 -33.06
CA SER L 353 31.67 25.39 -33.52
C SER L 353 30.79 24.75 -32.46
N VAL L 354 29.67 25.39 -32.16
CA VAL L 354 28.64 24.86 -31.28
C VAL L 354 27.37 24.72 -32.10
N GLN L 355 26.86 23.50 -32.20
CA GLN L 355 25.69 23.20 -33.01
C GLN L 355 24.63 22.56 -32.13
N ALA L 356 23.41 23.07 -32.20
CA ALA L 356 22.30 22.39 -31.57
C ALA L 356 21.75 21.32 -32.50
N ILE L 357 21.27 20.22 -31.91
CA ILE L 357 20.69 19.11 -32.66
C ILE L 357 19.37 18.74 -32.00
N TYR L 358 18.32 18.62 -32.80
CA TYR L 358 17.00 18.24 -32.33
C TYR L 358 16.79 16.75 -32.56
N VAL L 359 16.26 16.06 -31.57
CA VAL L 359 15.91 14.64 -31.69
C VAL L 359 14.40 14.54 -31.86
N PRO L 360 13.91 14.00 -32.96
CA PRO L 360 12.45 13.89 -33.13
C PRO L 360 11.86 12.81 -32.23
N ALA L 361 10.79 13.18 -31.53
CA ALA L 361 10.05 12.32 -30.59
C ALA L 361 10.96 11.74 -29.51
N ASP L 362 11.95 12.52 -29.08
CA ASP L 362 12.89 12.17 -28.01
C ASP L 362 13.58 10.84 -28.28
N ASP L 363 14.02 10.64 -29.52
CA ASP L 363 14.63 9.38 -29.93
C ASP L 363 16.06 9.63 -30.36
N LEU L 364 16.99 8.85 -29.81
CA LEU L 364 18.40 8.95 -30.16
C LEU L 364 18.83 7.97 -31.25
N THR L 365 18.01 6.97 -31.55
CA THR L 365 18.31 6.03 -32.62
C THR L 365 17.73 6.48 -33.96
N ASP L 366 17.18 7.68 -34.02
CA ASP L 366 16.76 8.25 -35.29
C ASP L 366 17.99 8.45 -36.18
N PRO L 367 17.88 8.21 -37.50
CA PRO L 367 19.07 8.25 -38.36
C PRO L 367 19.77 9.60 -38.42
N ALA L 368 19.06 10.71 -38.29
CA ALA L 368 19.72 12.02 -38.39
C ALA L 368 20.59 12.34 -37.18
N PRO L 369 20.14 12.18 -35.92
CA PRO L 369 21.09 12.36 -34.81
C PRO L 369 22.14 11.25 -34.73
N ALA L 370 21.81 10.03 -35.13
CA ALA L 370 22.78 8.96 -35.12
C ALA L 370 23.89 9.19 -36.13
N THR L 371 23.57 9.86 -37.25
CA THR L 371 24.62 10.25 -38.18
C THR L 371 25.44 11.41 -37.63
N THR L 372 24.77 12.36 -36.97
CA THR L 372 25.48 13.53 -36.46
C THR L 372 26.41 13.23 -35.29
N PHE L 373 26.21 12.09 -34.62
CA PHE L 373 27.04 11.75 -33.46
C PHE L 373 28.50 11.54 -33.84
N ALA L 374 28.75 10.90 -34.98
CA ALA L 374 30.11 10.56 -35.38
C ALA L 374 30.88 11.72 -35.98
N HIS L 375 30.25 12.88 -36.17
CA HIS L 375 30.89 14.04 -36.77
C HIS L 375 31.29 15.10 -35.75
N LEU L 376 31.26 14.78 -34.46
CA LEU L 376 31.45 15.77 -33.41
C LEU L 376 32.53 15.32 -32.44
N ASP L 377 33.17 16.31 -31.82
CA ASP L 377 34.17 16.04 -30.78
C ASP L 377 33.52 15.93 -29.41
N ALA L 378 32.85 16.99 -28.97
CA ALA L 378 32.16 17.01 -27.70
C ALA L 378 30.66 16.93 -27.92
N THR L 379 29.99 16.06 -27.18
CA THR L 379 28.54 15.92 -27.23
C THR L 379 27.96 16.26 -25.87
N THR L 380 26.86 17.00 -25.87
CA THR L 380 26.12 17.35 -24.66
C THR L 380 24.67 16.92 -24.90
N VAL L 381 24.30 15.78 -24.35
CA VAL L 381 22.97 15.23 -24.56
C VAL L 381 22.06 15.72 -23.45
N LEU L 382 20.95 16.34 -23.82
CA LEU L 382 19.97 16.84 -22.88
C LEU L 382 18.78 15.90 -22.84
N SER L 383 18.32 15.55 -21.65
CA SER L 383 17.25 14.58 -21.45
C SER L 383 16.01 15.25 -20.91
N ARG L 384 14.84 14.78 -21.35
CA ARG L 384 13.58 15.31 -20.84
C ARG L 384 13.34 14.89 -19.40
N ALA L 385 13.74 13.66 -19.05
CA ALA L 385 13.49 13.15 -17.71
C ALA L 385 14.25 13.95 -16.66
N ILE L 386 15.46 14.40 -16.98
CA ILE L 386 16.21 15.25 -16.07
C ILE L 386 15.54 16.61 -15.92
N ALA L 387 14.98 17.12 -17.01
CA ALA L 387 14.25 18.39 -16.93
C ALA L 387 12.96 18.27 -16.15
N GLU L 388 12.37 17.07 -16.12
CA GLU L 388 11.19 16.83 -15.29
C GLU L 388 11.54 16.86 -13.81
N LEU L 389 12.78 16.58 -13.46
CA LEU L 389 13.26 16.59 -12.09
C LEU L 389 13.68 17.96 -11.62
N GLY L 390 13.60 18.97 -12.48
CA GLY L 390 13.96 20.33 -12.12
C GLY L 390 15.44 20.65 -12.21
N ILE L 391 16.26 19.73 -12.69
CA ILE L 391 17.69 19.96 -12.81
C ILE L 391 17.95 20.67 -14.13
N TYR L 392 18.56 21.86 -14.05
CA TYR L 392 18.85 22.67 -15.21
C TYR L 392 20.31 23.12 -15.16
N PRO L 393 21.09 22.91 -16.22
CA PRO L 393 20.76 22.31 -17.53
C PRO L 393 20.56 20.80 -17.46
N ALA L 394 19.63 20.28 -18.25
CA ALA L 394 19.24 18.88 -18.12
C ALA L 394 20.19 17.96 -18.86
N VAL L 395 21.48 18.10 -18.62
CA VAL L 395 22.49 17.34 -19.34
C VAL L 395 22.53 15.92 -18.79
N ASP L 396 22.47 14.95 -19.68
CA ASP L 396 22.63 13.56 -19.28
C ASP L 396 24.10 13.32 -18.95
N PRO L 397 24.43 12.95 -17.72
CA PRO L 397 25.85 12.75 -17.38
C PRO L 397 26.42 11.46 -17.92
N LEU L 398 25.58 10.45 -18.17
CA LEU L 398 26.04 9.16 -18.66
C LEU L 398 25.82 9.00 -20.15
N ASP L 399 25.54 10.09 -20.87
CA ASP L 399 25.37 10.04 -22.31
C ASP L 399 26.16 11.12 -23.03
N SER L 400 27.00 11.86 -22.33
CA SER L 400 27.78 12.94 -22.92
C SER L 400 29.25 12.56 -22.94
N THR L 401 29.86 12.66 -24.11
CA THR L 401 31.27 12.33 -24.30
C THR L 401 31.97 13.52 -24.94
N SER L 402 33.30 13.57 -24.78
CA SER L 402 34.03 14.73 -25.25
C SER L 402 35.27 14.42 -26.08
N ARG L 403 35.89 13.26 -25.82
CA ARG L 403 37.16 12.79 -26.39
C ARG L 403 38.35 13.62 -25.91
N ILE L 404 38.09 14.71 -25.19
CA ILE L 404 39.10 15.45 -24.45
C ILE L 404 39.17 14.92 -23.02
N LEU L 405 38.18 14.14 -22.60
CA LEU L 405 38.19 13.50 -21.29
C LEU L 405 39.20 12.37 -21.34
N ASP L 406 40.46 12.74 -21.12
CA ASP L 406 41.60 11.85 -21.14
C ASP L 406 42.51 12.31 -20.01
N PRO L 407 43.06 11.39 -19.22
CA PRO L 407 43.92 11.81 -18.10
C PRO L 407 45.20 12.51 -18.53
N ASN L 408 45.61 12.35 -19.78
CA ASN L 408 46.81 13.00 -20.30
C ASN L 408 46.53 14.33 -20.96
N ILE L 409 45.27 14.81 -20.93
CA ILE L 409 44.92 16.06 -21.59
C ILE L 409 44.39 17.07 -20.59
N ILE L 410 43.37 16.68 -19.83
CA ILE L 410 42.69 17.59 -18.91
C ILE L 410 43.13 17.40 -17.47
N GLY L 411 44.12 16.56 -17.22
CA GLY L 411 44.61 16.37 -15.88
C GLY L 411 44.14 15.06 -15.28
N GLU L 412 44.97 14.51 -14.40
CA GLU L 412 44.65 13.22 -13.79
C GLU L 412 43.53 13.37 -12.75
N GLU L 413 43.59 14.43 -11.95
CA GLU L 413 42.56 14.65 -10.92
C GLU L 413 41.21 14.93 -11.55
N HIS L 414 41.18 15.75 -12.59
CA HIS L 414 39.93 16.06 -13.29
C HIS L 414 39.32 14.81 -13.93
N TYR L 415 40.15 13.97 -14.54
CA TYR L 415 39.64 12.74 -15.14
C TYR L 415 39.14 11.76 -14.10
N ASN L 416 39.87 11.64 -12.98
CA ASN L 416 39.47 10.69 -11.93
C ASN L 416 38.18 11.13 -11.25
N ILE L 417 38.01 12.44 -11.03
CA ILE L 417 36.77 12.94 -10.44
C ILE L 417 35.60 12.70 -11.39
N ALA L 418 35.80 12.96 -12.69
CA ALA L 418 34.70 12.77 -13.65
C ALA L 418 34.28 11.31 -13.77
N ARG L 419 35.26 10.40 -13.80
CA ARG L 419 34.93 8.97 -13.86
C ARG L 419 34.30 8.47 -12.57
N GLY L 420 34.70 9.03 -11.42
CA GLY L 420 34.06 8.66 -10.17
C GLY L 420 32.61 9.12 -10.10
N VAL L 421 32.34 10.33 -10.59
CA VAL L 421 30.97 10.83 -10.66
C VAL L 421 30.12 9.96 -11.57
N GLN L 422 30.68 9.57 -12.72
CA GLN L 422 29.93 8.73 -13.65
C GLN L 422 29.67 7.33 -13.09
N LYS L 423 30.61 6.79 -12.31
CA LYS L 423 30.39 5.49 -11.70
C LYS L 423 29.33 5.56 -10.61
N ILE L 424 29.33 6.65 -9.83
CA ILE L 424 28.33 6.82 -8.78
C ILE L 424 26.93 6.95 -9.37
N LEU L 425 26.80 7.73 -10.45
CA LEU L 425 25.50 7.89 -11.08
C LEU L 425 25.04 6.63 -11.79
N GLN L 426 25.97 5.82 -12.33
CA GLN L 426 25.58 4.55 -12.91
C GLN L 426 25.12 3.56 -11.84
N ASP L 427 25.78 3.56 -10.68
CA ASP L 427 25.35 2.70 -9.59
C ASP L 427 23.97 3.11 -9.07
N TYR L 428 23.73 4.42 -9.00
CA TYR L 428 22.41 4.90 -8.58
C TYR L 428 21.33 4.52 -9.59
N LYS L 429 21.65 4.59 -10.89
CA LYS L 429 20.70 4.18 -11.91
C LYS L 429 20.39 2.69 -11.82
N SER L 430 21.40 1.88 -11.49
CA SER L 430 21.16 0.45 -11.32
C SER L 430 20.32 0.16 -10.07
N LEU L 431 20.50 0.94 -9.02
CA LEU L 431 19.73 0.76 -7.80
C LEU L 431 18.30 1.25 -7.90
N GLN L 432 18.01 2.13 -8.86
CA GLN L 432 16.69 2.76 -8.94
C GLN L 432 15.57 1.76 -9.20
N ASP L 433 15.88 0.63 -9.83
CA ASP L 433 14.87 -0.40 -10.08
C ASP L 433 14.39 -1.04 -8.78
N ILE L 434 15.33 -1.35 -7.87
CA ILE L 434 14.96 -1.92 -6.58
C ILE L 434 14.33 -0.85 -5.69
N ILE L 435 14.79 0.40 -5.81
CA ILE L 435 14.24 1.50 -5.00
C ILE L 435 12.77 1.74 -5.34
N ALA L 436 12.42 1.66 -6.62
CA ALA L 436 11.06 1.96 -7.05
C ALA L 436 10.04 0.94 -6.56
N ILE L 437 10.47 -0.26 -6.18
CA ILE L 437 9.56 -1.31 -5.71
C ILE L 437 9.66 -1.49 -4.20
N LEU L 438 10.84 -1.85 -3.70
CA LEU L 438 11.00 -2.19 -2.29
C LEU L 438 11.34 -0.99 -1.41
N GLY L 439 11.57 0.19 -1.99
CA GLY L 439 11.87 1.37 -1.20
C GLY L 439 13.30 1.37 -0.69
N MET L 440 13.58 2.38 0.13
CA MET L 440 14.92 2.57 0.68
C MET L 440 15.23 1.67 1.87
N ASP L 441 14.23 0.96 2.41
CA ASP L 441 14.44 0.16 3.60
C ASP L 441 15.28 -1.08 3.32
N GLU L 442 15.07 -1.70 2.14
CA GLU L 442 15.79 -2.92 1.80
C GLU L 442 17.24 -2.66 1.41
N LEU L 443 17.63 -1.41 1.19
CA LEU L 443 19.00 -1.12 0.79
C LEU L 443 19.96 -1.24 1.97
N SER L 444 21.19 -1.63 1.66
CA SER L 444 22.23 -1.69 2.67
C SER L 444 22.78 -0.30 2.95
N GLU L 445 23.74 -0.22 3.88
CA GLU L 445 24.27 1.08 4.28
C GLU L 445 25.12 1.70 3.17
N GLU L 446 25.90 0.87 2.45
CA GLU L 446 26.68 1.39 1.33
C GLU L 446 25.77 1.83 0.20
N ASP L 447 24.64 1.15 -0.01
CA ASP L 447 23.70 1.57 -1.04
C ASP L 447 23.04 2.88 -0.68
N LYS L 448 22.76 3.09 0.61
CA LYS L 448 22.19 4.36 1.06
C LYS L 448 23.19 5.50 0.90
N LEU L 449 24.48 5.22 1.17
CA LEU L 449 25.52 6.23 0.92
C LEU L 449 25.66 6.55 -0.57
N ILE L 450 25.54 5.52 -1.41
CA ILE L 450 25.61 5.72 -2.85
C ILE L 450 24.45 6.59 -3.33
N VAL L 451 23.23 6.29 -2.84
CA VAL L 451 22.06 7.06 -3.23
C VAL L 451 22.16 8.50 -2.74
N SER L 452 22.60 8.71 -1.50
CA SER L 452 22.67 10.06 -0.96
C SER L 452 23.72 10.91 -1.68
N ARG L 453 24.90 10.34 -1.94
CA ARG L 453 25.93 11.08 -2.65
C ARG L 453 25.54 11.32 -4.10
N ALA L 454 24.85 10.37 -4.73
CA ALA L 454 24.42 10.54 -6.11
C ALA L 454 23.36 11.61 -6.23
N ARG L 455 22.44 11.69 -5.26
CA ARG L 455 21.45 12.76 -5.29
C ARG L 455 22.09 14.12 -5.05
N LYS L 456 23.09 14.18 -4.16
CA LYS L 456 23.84 15.42 -3.98
C LYS L 456 24.60 15.81 -5.25
N ILE L 457 25.16 14.81 -5.95
CA ILE L 457 25.86 15.06 -7.20
C ILE L 457 24.91 15.58 -8.27
N GLN L 458 23.71 14.98 -8.37
CA GLN L 458 22.73 15.41 -9.35
C GLN L 458 22.24 16.83 -9.07
N ARG L 459 22.05 17.18 -7.79
CA ARG L 459 21.67 18.55 -7.47
C ARG L 459 22.80 19.53 -7.79
N PHE L 460 24.04 19.15 -7.48
CA PHE L 460 25.17 20.04 -7.70
C PHE L 460 25.52 20.18 -9.17
N LEU L 461 25.07 19.25 -10.03
CA LEU L 461 25.28 19.42 -11.46
C LEU L 461 24.44 20.56 -12.02
N SER L 462 23.29 20.83 -11.41
CA SER L 462 22.49 21.97 -11.81
C SER L 462 23.19 23.28 -11.47
N GLN L 463 22.94 24.30 -12.29
CA GLN L 463 23.62 25.55 -12.14
C GLN L 463 22.71 26.64 -12.67
N PRO L 464 22.53 27.74 -11.93
CA PRO L 464 21.74 28.85 -12.45
C PRO L 464 22.50 29.59 -13.56
N PHE L 465 21.84 29.79 -14.68
CA PHE L 465 22.42 30.46 -15.83
C PHE L 465 22.04 31.93 -15.85
N GLN L 466 22.94 32.75 -16.38
CA GLN L 466 22.67 34.19 -16.46
C GLN L 466 21.58 34.49 -17.47
N VAL L 467 21.49 33.72 -18.55
CA VAL L 467 20.47 33.96 -19.57
C VAL L 467 19.11 33.41 -19.15
N ALA L 468 19.08 32.51 -18.17
CA ALA L 468 17.85 31.86 -17.73
C ALA L 468 17.23 32.55 -16.52
N GLU L 469 17.80 33.67 -16.09
CA GLU L 469 17.30 34.35 -14.89
C GLU L 469 15.88 34.87 -15.08
N VAL L 470 15.56 35.33 -16.29
CA VAL L 470 14.21 35.83 -16.58
C VAL L 470 13.19 34.71 -16.47
N PHE L 471 13.60 33.46 -16.71
CA PHE L 471 12.70 32.33 -16.49
C PHE L 471 12.49 32.06 -15.01
N THR L 472 13.55 32.18 -14.21
CA THR L 472 13.51 31.72 -12.82
C THR L 472 13.64 32.86 -11.82
N GLY L 473 14.70 33.66 -11.91
CA GLY L 473 14.98 34.69 -10.93
C GLY L 473 16.26 34.47 -10.15
N HIS L 474 16.87 33.29 -10.24
CA HIS L 474 18.15 33.05 -9.60
C HIS L 474 19.25 33.78 -10.36
N ALA L 475 20.21 34.33 -9.62
CA ALA L 475 21.35 34.98 -10.25
C ALA L 475 22.24 33.93 -10.91
N GLY L 476 22.63 34.20 -12.16
CA GLY L 476 23.47 33.26 -12.87
C GLY L 476 24.88 33.25 -12.30
N LYS L 477 25.46 32.05 -12.22
CA LYS L 477 26.75 31.85 -11.60
C LYS L 477 27.73 31.30 -12.63
N LEU L 478 28.93 31.86 -12.66
CA LEU L 478 30.03 31.38 -13.49
C LEU L 478 31.01 30.66 -12.58
N VAL L 479 31.18 29.36 -12.81
CA VAL L 479 31.94 28.50 -11.91
C VAL L 479 33.28 28.19 -12.56
N PRO L 480 34.41 28.60 -11.96
CA PRO L 480 35.71 28.18 -12.47
C PRO L 480 35.89 26.68 -12.34
N ILE L 481 36.68 26.10 -13.24
CA ILE L 481 36.81 24.65 -13.31
C ILE L 481 37.54 24.10 -12.10
N LYS L 482 38.43 24.90 -11.49
CA LYS L 482 39.08 24.45 -10.26
C LYS L 482 38.09 24.38 -9.10
N ASP L 483 37.15 25.32 -9.06
CA ASP L 483 36.08 25.24 -8.06
C ASP L 483 35.15 24.07 -8.33
N THR L 484 34.96 23.72 -9.61
CA THR L 484 34.13 22.57 -9.96
C THR L 484 34.77 21.27 -9.48
N ILE L 485 36.05 21.07 -9.79
CA ILE L 485 36.70 19.82 -9.40
C ILE L 485 36.91 19.76 -7.89
N LYS L 486 37.08 20.90 -7.23
CA LYS L 486 37.18 20.91 -5.77
C LYS L 486 35.85 20.56 -5.12
N GLY L 487 34.74 21.09 -5.65
CA GLY L 487 33.44 20.78 -5.08
C GLY L 487 33.03 19.34 -5.28
N PHE L 488 33.31 18.79 -6.47
CA PHE L 488 32.94 17.40 -6.71
C PHE L 488 33.89 16.44 -6.00
N LYS L 489 35.13 16.85 -5.74
CA LYS L 489 36.01 16.03 -4.92
C LYS L 489 35.56 16.03 -3.48
N MET L 490 35.03 17.16 -3.00
CA MET L 490 34.47 17.21 -1.65
C MET L 490 33.25 16.32 -1.52
N ILE L 491 32.39 16.31 -2.53
CA ILE L 491 31.20 15.46 -2.48
C ILE L 491 31.58 13.98 -2.57
N LEU L 492 32.54 13.64 -3.44
CA LEU L 492 32.93 12.24 -3.58
C LEU L 492 33.68 11.71 -2.37
N ASN L 493 34.34 12.58 -1.61
CA ASN L 493 35.07 12.15 -0.42
C ASN L 493 34.18 12.03 0.80
N GLY L 494 32.89 12.37 0.70
CA GLY L 494 32.01 12.26 1.83
C GLY L 494 32.19 13.35 2.86
N GLU L 495 32.81 14.47 2.50
CA GLU L 495 33.00 15.57 3.42
C GLU L 495 31.73 16.39 3.63
N LEU L 496 30.68 16.16 2.83
CA LEU L 496 29.47 16.95 2.92
C LEU L 496 28.24 16.06 3.07
N ASP L 497 28.40 14.88 3.67
CA ASP L 497 27.28 13.98 3.87
C ASP L 497 26.30 14.49 4.92
N HIS L 498 26.74 15.41 5.78
CA HIS L 498 25.89 15.95 6.84
C HIS L 498 25.01 17.09 6.37
N LEU L 499 25.09 17.48 5.11
CA LEU L 499 24.29 18.57 4.59
C LEU L 499 23.07 18.05 3.84
N PRO L 500 21.95 18.75 3.88
CA PRO L 500 20.79 18.35 3.08
C PRO L 500 21.05 18.57 1.59
N GLU L 501 20.37 17.77 0.78
CA GLU L 501 20.59 17.82 -0.67
C GLU L 501 19.98 19.06 -1.31
N VAL L 502 19.00 19.69 -0.66
CA VAL L 502 18.40 20.90 -1.21
C VAL L 502 19.39 22.04 -1.21
N ALA L 503 20.37 22.02 -0.30
CA ALA L 503 21.43 23.02 -0.30
C ALA L 503 22.36 22.89 -1.51
N PHE L 504 22.35 21.74 -2.16
CA PHE L 504 23.17 21.52 -3.35
C PHE L 504 22.49 21.97 -4.63
N TYR L 505 21.27 22.46 -4.54
CA TYR L 505 20.44 22.74 -5.71
C TYR L 505 20.54 24.21 -6.09
N MET L 506 20.85 24.46 -7.37
CA MET L 506 20.91 25.81 -7.95
C MET L 506 21.90 26.72 -7.24
N VAL L 507 23.14 26.24 -7.12
CA VAL L 507 24.24 27.01 -6.54
C VAL L 507 25.48 26.75 -7.37
N GLY L 508 26.32 27.76 -7.51
CA GLY L 508 27.48 27.64 -8.34
C GLY L 508 28.65 26.90 -7.71
N PRO L 509 29.29 27.51 -6.72
CA PRO L 509 30.42 26.86 -6.05
C PRO L 509 30.00 26.09 -4.81
N ILE L 510 30.95 25.36 -4.25
CA ILE L 510 30.68 24.58 -3.05
C ILE L 510 30.57 25.49 -1.82
N GLU L 511 31.09 26.72 -1.90
CA GLU L 511 30.91 27.68 -0.82
C GLU L 511 29.45 28.11 -0.71
N GLU L 512 28.77 28.22 -1.85
CA GLU L 512 27.34 28.50 -1.82
C GLU L 512 26.54 27.32 -1.29
N VAL L 513 27.07 26.10 -1.43
CA VAL L 513 26.44 24.93 -0.84
C VAL L 513 26.51 25.02 0.69
N VAL L 514 27.69 25.36 1.20
CA VAL L 514 27.85 25.50 2.65
C VAL L 514 27.01 26.65 3.20
N ALA L 515 26.98 27.78 2.48
CA ALA L 515 26.19 28.93 2.91
C ALA L 515 24.69 28.62 2.89
N LYS L 516 24.21 27.92 1.87
CA LYS L 516 22.80 27.58 1.80
C LYS L 516 22.43 26.54 2.84
N ALA L 517 23.35 25.61 3.16
CA ALA L 517 23.09 24.65 4.22
C ALA L 517 23.05 25.31 5.59
N GLU L 518 23.94 26.29 5.83
CA GLU L 518 23.91 27.00 7.10
C GLU L 518 22.71 27.92 7.20
N LYS L 519 22.18 28.39 6.08
CA LYS L 519 20.99 29.22 6.10
C LYS L 519 19.76 28.42 6.53
N ILE L 520 19.69 27.15 6.15
CA ILE L 520 18.58 26.29 6.52
C ILE L 520 18.64 25.94 8.01
N SER M 56 18.13 -27.01 -78.15
CA SER M 56 18.70 -27.39 -76.86
C SER M 56 19.85 -26.47 -76.49
N ASN M 57 20.05 -25.42 -77.28
CA ASN M 57 21.11 -24.45 -77.04
C ASN M 57 20.49 -23.06 -76.94
N GLY M 58 20.81 -22.36 -75.85
CA GLY M 58 20.30 -21.03 -75.61
C GLY M 58 21.41 -20.01 -75.44
N GLN M 59 21.00 -18.76 -75.27
CA GLN M 59 21.93 -17.65 -75.12
C GLN M 59 21.57 -16.84 -73.89
N ILE M 60 22.60 -16.32 -73.21
CA ILE M 60 22.39 -15.54 -72.01
C ILE M 60 21.80 -14.19 -72.39
N THR M 61 20.65 -13.87 -71.81
CA THR M 61 20.01 -12.59 -72.05
C THR M 61 20.37 -11.55 -70.98
N ALA M 62 20.21 -11.91 -69.71
CA ALA M 62 20.45 -10.99 -68.61
C ALA M 62 21.27 -11.65 -67.52
N VAL M 63 22.12 -10.86 -66.87
CA VAL M 63 22.92 -11.30 -65.72
C VAL M 63 22.73 -10.28 -64.61
N ILE M 64 21.96 -10.65 -63.58
CA ILE M 64 21.71 -9.78 -62.42
C ILE M 64 22.06 -10.61 -61.18
N GLY M 65 23.23 -10.34 -60.60
CA GLY M 65 23.68 -11.12 -59.46
C GLY M 65 23.88 -12.58 -59.82
N ALA M 66 23.36 -13.46 -58.98
CA ALA M 66 23.38 -14.89 -59.25
C ALA M 66 22.18 -15.35 -60.07
N VAL M 67 21.42 -14.42 -60.63
CA VAL M 67 20.24 -14.74 -61.42
C VAL M 67 20.57 -14.49 -62.89
N VAL M 68 20.44 -15.54 -63.70
CA VAL M 68 20.76 -15.47 -65.12
C VAL M 68 19.50 -15.79 -65.91
N ASP M 69 19.11 -14.89 -66.80
CA ASP M 69 17.98 -15.09 -67.70
C ASP M 69 18.56 -15.53 -69.04
N VAL M 70 18.17 -16.71 -69.51
CA VAL M 70 18.72 -17.32 -70.71
C VAL M 70 17.60 -17.63 -71.68
N GLN M 71 17.78 -17.28 -72.94
CA GLN M 71 16.75 -17.41 -73.96
C GLN M 71 17.08 -18.56 -74.89
N PHE M 72 16.13 -19.47 -75.05
CA PHE M 72 16.29 -20.63 -75.92
C PHE M 72 15.51 -20.41 -77.21
N GLU M 73 15.87 -21.20 -78.23
CA GLU M 73 15.28 -21.05 -79.56
C GLU M 73 14.29 -22.16 -79.89
N ASP M 74 14.70 -23.43 -79.79
CA ASP M 74 13.87 -24.54 -80.25
C ASP M 74 13.11 -25.22 -79.12
N GLN M 75 13.83 -25.78 -78.14
CA GLN M 75 13.22 -26.56 -77.07
C GLN M 75 13.51 -25.90 -75.74
N LEU M 76 12.47 -25.62 -74.98
CA LEU M 76 12.64 -24.99 -73.67
C LEU M 76 12.89 -26.05 -72.61
N PRO M 77 13.92 -25.91 -71.78
CA PRO M 77 14.15 -26.88 -70.73
C PRO M 77 13.11 -26.77 -69.64
N PRO M 78 12.76 -27.86 -68.97
CA PRO M 78 11.77 -27.80 -67.88
C PRO M 78 12.34 -27.19 -66.62
N ILE M 79 11.49 -27.05 -65.61
CA ILE M 79 11.93 -26.57 -64.30
C ILE M 79 12.90 -27.57 -63.69
N LEU M 80 13.86 -27.05 -62.92
CA LEU M 80 14.90 -27.77 -62.18
C LEU M 80 15.92 -28.46 -63.09
N ASN M 81 15.91 -28.17 -64.39
CA ASN M 81 16.93 -28.69 -65.28
C ASN M 81 18.22 -27.90 -65.12
N ALA M 82 19.33 -28.52 -65.50
CA ALA M 82 20.65 -27.93 -65.38
C ALA M 82 21.15 -27.51 -66.76
N LEU M 83 21.66 -26.29 -66.85
CA LEU M 83 22.21 -25.72 -68.07
C LEU M 83 23.66 -25.35 -67.83
N GLU M 84 24.54 -25.78 -68.71
CA GLU M 84 25.97 -25.53 -68.55
C GLU M 84 26.42 -24.38 -69.44
N VAL M 85 27.13 -23.42 -68.86
CA VAL M 85 27.67 -22.30 -69.60
C VAL M 85 28.95 -22.76 -70.31
N GLN M 86 29.06 -22.46 -71.61
CA GLN M 86 30.07 -23.04 -72.46
C GLN M 86 31.39 -22.27 -72.48
N GLY M 87 31.46 -21.11 -71.83
CA GLY M 87 32.69 -20.34 -71.80
C GLY M 87 33.41 -20.29 -70.48
N ARG M 88 32.94 -21.03 -69.48
CA ARG M 88 33.49 -20.98 -68.13
C ARG M 88 34.46 -22.14 -67.94
N SER M 89 35.67 -21.84 -67.47
CA SER M 89 36.66 -22.90 -67.30
C SER M 89 36.36 -23.71 -66.03
N PRO M 90 36.03 -23.09 -64.86
CA PRO M 90 35.25 -23.83 -63.86
C PRO M 90 33.78 -23.75 -64.23
N ARG M 91 33.20 -24.87 -64.65
CA ARG M 91 31.94 -24.83 -65.39
C ARG M 91 30.79 -24.35 -64.50
N LEU M 92 29.96 -23.51 -65.09
CA LEU M 92 28.87 -22.87 -64.38
C LEU M 92 27.57 -23.55 -64.75
N ILE M 93 26.90 -24.13 -63.76
CA ILE M 93 25.63 -24.82 -63.95
C ILE M 93 24.53 -23.93 -63.43
N LEU M 94 23.53 -23.68 -64.26
CA LEU M 94 22.38 -22.87 -63.90
C LEU M 94 21.17 -23.77 -63.78
N GLU M 95 20.41 -23.63 -62.69
CA GLU M 95 19.21 -24.42 -62.47
C GLU M 95 17.99 -23.57 -62.80
N VAL M 96 17.13 -24.09 -63.67
CA VAL M 96 15.96 -23.35 -64.12
C VAL M 96 14.95 -23.27 -62.98
N ALA M 97 14.65 -22.05 -62.53
CA ALA M 97 13.70 -21.86 -61.44
C ALA M 97 12.30 -21.60 -61.93
N GLN M 98 12.15 -20.85 -63.03
CA GLN M 98 10.82 -20.53 -63.55
C GLN M 98 10.93 -20.23 -65.03
N HIS M 99 9.79 -20.35 -65.70
CA HIS M 99 9.67 -19.93 -67.10
C HIS M 99 9.13 -18.51 -67.15
N LEU M 100 9.82 -17.65 -67.88
CA LEU M 100 9.41 -16.25 -68.00
C LEU M 100 8.57 -16.00 -69.25
N GLY M 101 8.31 -17.01 -70.06
CA GLY M 101 7.71 -16.79 -71.36
C GLY M 101 8.72 -16.25 -72.34
N GLU M 102 8.25 -16.03 -73.57
CA GLU M 102 9.06 -15.48 -74.68
C GLU M 102 10.29 -16.34 -74.96
N ASN M 103 10.17 -17.64 -74.69
CA ASN M 103 11.24 -18.63 -74.87
C ASN M 103 12.50 -18.30 -74.07
N THR M 104 12.36 -17.63 -72.93
CA THR M 104 13.48 -17.40 -72.03
C THR M 104 13.09 -17.84 -70.63
N VAL M 105 14.08 -18.33 -69.89
CA VAL M 105 13.86 -18.89 -68.56
C VAL M 105 14.81 -18.21 -67.58
N ARG M 106 14.36 -18.13 -66.32
CA ARG M 106 15.14 -17.54 -65.25
C ARG M 106 15.80 -18.65 -64.45
N THR M 107 17.11 -18.53 -64.23
CA THR M 107 17.91 -19.58 -63.62
C THR M 107 18.71 -19.01 -62.46
N ILE M 108 18.99 -19.87 -61.48
CA ILE M 108 19.88 -19.52 -60.38
C ILE M 108 21.23 -20.18 -60.63
N ALA M 109 22.31 -19.46 -60.29
CA ALA M 109 23.65 -19.91 -60.57
C ALA M 109 24.22 -20.71 -59.39
N MET M 110 24.99 -21.75 -59.71
CA MET M 110 25.65 -22.57 -58.71
C MET M 110 27.09 -22.15 -58.46
N ASP M 111 27.57 -21.09 -59.10
CA ASP M 111 28.94 -20.63 -58.92
C ASP M 111 28.97 -19.13 -59.20
N GLY M 112 30.18 -18.58 -59.25
CA GLY M 112 30.34 -17.15 -59.45
C GLY M 112 29.90 -16.69 -60.83
N THR M 113 29.58 -15.41 -60.91
CA THR M 113 28.98 -14.83 -62.10
C THR M 113 29.82 -13.72 -62.73
N GLU M 114 30.97 -13.39 -62.16
CA GLU M 114 31.81 -12.33 -62.71
C GLU M 114 32.43 -12.77 -64.03
N GLY M 115 32.35 -11.90 -65.03
CA GLY M 115 32.94 -12.16 -66.33
C GLY M 115 31.97 -12.64 -67.39
N LEU M 116 30.74 -12.96 -67.02
CA LEU M 116 29.75 -13.40 -67.99
C LEU M 116 29.36 -12.24 -68.91
N VAL M 117 29.11 -12.57 -70.18
CA VAL M 117 28.69 -11.59 -71.18
C VAL M 117 27.34 -12.03 -71.73
N ARG M 118 26.54 -11.05 -72.17
CA ARG M 118 25.25 -11.36 -72.77
C ARG M 118 25.43 -12.06 -74.11
N GLY M 119 24.53 -12.99 -74.40
CA GLY M 119 24.61 -13.78 -75.62
C GLY M 119 25.50 -14.98 -75.54
N GLN M 120 26.02 -15.30 -74.37
CA GLN M 120 26.91 -16.46 -74.21
C GLN M 120 26.11 -17.75 -74.34
N ASN M 121 26.74 -18.76 -74.95
CA ASN M 121 26.04 -20.00 -75.26
C ASN M 121 25.88 -20.87 -74.03
N VAL M 122 24.67 -21.36 -73.81
CA VAL M 122 24.34 -22.26 -72.71
C VAL M 122 23.76 -23.54 -73.30
N LEU M 123 24.26 -24.68 -72.85
CA LEU M 123 23.82 -25.98 -73.34
C LEU M 123 22.91 -26.63 -72.31
N ASP M 124 21.71 -27.00 -72.73
CA ASP M 124 20.76 -27.67 -71.86
C ASP M 124 21.07 -29.15 -71.80
N THR M 125 21.16 -29.68 -70.59
CA THR M 125 21.49 -31.09 -70.38
C THR M 125 20.30 -32.01 -70.56
N GLY M 126 19.08 -31.48 -70.60
CA GLY M 126 17.91 -32.32 -70.73
C GLY M 126 17.54 -33.08 -69.48
N ALA M 127 18.11 -32.73 -68.34
CA ALA M 127 17.90 -33.44 -67.09
C ALA M 127 18.25 -32.49 -65.95
N PRO M 128 17.81 -32.80 -64.72
CA PRO M 128 18.30 -32.01 -63.57
C PRO M 128 19.77 -32.21 -63.28
N ILE M 129 20.26 -31.62 -62.19
CA ILE M 129 21.67 -31.73 -61.84
C ILE M 129 21.97 -33.17 -61.47
N LYS M 130 22.65 -33.89 -62.35
CA LYS M 130 22.97 -35.29 -62.15
C LYS M 130 24.34 -35.40 -61.49
N ILE M 131 24.36 -35.84 -60.24
CA ILE M 131 25.59 -35.96 -59.47
C ILE M 131 26.03 -37.41 -59.51
N PRO M 132 27.34 -37.70 -59.41
CA PRO M 132 27.79 -39.09 -59.36
C PRO M 132 27.41 -39.75 -58.04
N VAL M 133 26.90 -40.98 -58.13
CA VAL M 133 26.52 -41.75 -56.95
C VAL M 133 27.13 -43.14 -57.08
N GLY M 134 27.30 -43.80 -55.94
CA GLY M 134 27.85 -45.12 -55.90
C GLY M 134 28.77 -45.34 -54.72
N PRO M 135 29.40 -46.51 -54.66
CA PRO M 135 30.44 -46.72 -53.63
C PRO M 135 31.69 -45.91 -53.85
N GLU M 136 31.88 -45.34 -55.05
CA GLU M 136 33.09 -44.57 -55.34
C GLU M 136 33.07 -43.19 -54.68
N THR M 137 31.90 -42.69 -54.28
CA THR M 137 31.81 -41.39 -53.63
C THR M 137 32.02 -41.47 -52.12
N LEU M 138 32.25 -42.66 -51.59
CA LEU M 138 32.57 -42.79 -50.17
C LEU M 138 33.98 -42.30 -49.89
N GLY M 139 34.13 -41.47 -48.87
CA GLY M 139 35.42 -40.91 -48.54
C GLY M 139 35.85 -39.75 -49.40
N ARG M 140 34.98 -39.25 -50.27
CA ARG M 140 35.27 -38.14 -51.16
C ARG M 140 34.49 -36.91 -50.72
N ILE M 141 34.92 -35.76 -51.21
CA ILE M 141 34.22 -34.50 -50.97
C ILE M 141 33.74 -33.97 -52.32
N MET M 142 32.46 -33.67 -52.41
CA MET M 142 31.85 -33.17 -53.62
C MET M 142 31.21 -31.80 -53.35
N ASN M 143 31.15 -30.99 -54.39
CA ASN M 143 30.41 -29.73 -54.32
C ASN M 143 28.97 -30.00 -54.73
N VAL M 144 28.22 -28.94 -55.03
CA VAL M 144 26.81 -29.07 -55.39
C VAL M 144 26.63 -29.89 -56.66
N ILE M 145 27.49 -29.67 -57.65
CA ILE M 145 27.32 -30.24 -58.97
C ILE M 145 28.13 -31.53 -59.15
N GLY M 146 28.66 -32.08 -58.07
CA GLY M 146 29.34 -33.37 -58.13
C GLY M 146 30.82 -33.34 -58.43
N GLU M 147 31.41 -32.17 -58.60
CA GLU M 147 32.84 -32.12 -58.86
C GLU M 147 33.61 -32.38 -57.57
N PRO M 148 34.69 -33.18 -57.62
CA PRO M 148 35.50 -33.40 -56.42
C PRO M 148 36.30 -32.16 -56.09
N ILE M 149 36.25 -31.75 -54.82
CA ILE M 149 36.95 -30.57 -54.35
C ILE M 149 37.96 -30.90 -53.26
N ASP M 150 38.30 -32.18 -53.10
CA ASP M 150 39.30 -32.60 -52.12
C ASP M 150 40.65 -32.89 -52.75
N GLU M 151 40.82 -32.57 -54.04
CA GLU M 151 42.08 -32.73 -54.79
C GLU M 151 42.57 -34.18 -54.80
N ARG M 152 41.64 -35.13 -54.77
CA ARG M 152 41.97 -36.55 -54.73
C ARG M 152 41.78 -37.22 -56.08
N GLY M 153 41.61 -36.44 -57.14
CA GLY M 153 41.42 -37.00 -58.47
C GLY M 153 39.96 -37.03 -58.86
N PRO M 154 39.68 -37.53 -60.07
CA PRO M 154 38.29 -37.59 -60.53
C PRO M 154 37.53 -38.73 -59.86
N ILE M 155 36.20 -38.55 -59.81
CA ILE M 155 35.29 -39.55 -59.25
C ILE M 155 34.86 -40.44 -60.40
N VAL M 156 35.51 -41.58 -60.57
CA VAL M 156 35.24 -42.49 -61.67
C VAL M 156 34.13 -43.44 -61.22
N THR M 157 32.92 -43.24 -61.74
CA THR M 157 31.77 -44.05 -61.39
C THR M 157 31.00 -44.39 -62.66
N ASP M 158 29.96 -45.21 -62.49
CA ASP M 158 29.07 -45.56 -63.58
C ASP M 158 27.63 -45.10 -63.37
N LYS M 159 27.31 -44.55 -62.21
CA LYS M 159 25.95 -44.18 -61.85
C LYS M 159 25.87 -42.69 -61.58
N PHE M 160 24.94 -42.03 -62.26
CA PHE M 160 24.63 -40.62 -62.04
C PHE M 160 23.15 -40.48 -61.74
N ALA M 161 22.81 -39.64 -60.78
CA ALA M 161 21.43 -39.48 -60.35
C ALA M 161 21.07 -38.01 -60.20
N ALA M 162 19.87 -37.65 -60.63
CA ALA M 162 19.39 -36.29 -60.49
C ALA M 162 19.04 -35.98 -59.04
N ILE M 163 19.25 -34.74 -58.64
CA ILE M 163 19.08 -34.35 -57.24
C ILE M 163 17.64 -33.97 -56.94
N HIS M 164 16.75 -34.13 -57.90
CA HIS M 164 15.32 -33.88 -57.70
C HIS M 164 14.56 -35.15 -58.08
N ALA M 165 14.09 -35.87 -57.07
CA ALA M 165 13.32 -37.09 -57.26
C ALA M 165 12.04 -37.02 -56.45
N ASP M 166 11.17 -38.01 -56.64
CA ASP M 166 9.88 -38.04 -55.97
C ASP M 166 9.97 -38.79 -54.65
N ALA M 167 9.07 -38.43 -53.73
CA ALA M 167 8.97 -39.09 -52.45
C ALA M 167 8.34 -40.47 -52.62
N PRO M 168 8.61 -41.39 -51.69
CA PRO M 168 7.94 -42.70 -51.73
C PRO M 168 6.44 -42.57 -51.51
N GLU M 169 5.69 -43.49 -52.09
CA GLU M 169 4.24 -43.41 -52.12
C GLU M 169 3.66 -43.87 -50.78
N PHE M 170 2.32 -43.83 -50.70
CA PHE M 170 1.64 -44.22 -49.47
C PHE M 170 1.66 -45.72 -49.25
N VAL M 171 1.77 -46.51 -50.33
CA VAL M 171 1.83 -47.96 -50.20
C VAL M 171 3.24 -48.48 -49.98
N GLU M 172 4.26 -47.64 -50.19
CA GLU M 172 5.64 -48.05 -50.01
C GLU M 172 6.15 -47.82 -48.59
N MET M 173 5.32 -47.32 -47.69
CA MET M 173 5.75 -46.99 -46.34
C MET M 173 5.29 -48.06 -45.35
N SER M 174 6.18 -48.40 -44.43
CA SER M 174 5.88 -49.42 -43.43
C SER M 174 5.05 -48.84 -42.30
N VAL M 175 4.04 -49.61 -41.87
CA VAL M 175 3.16 -49.14 -40.81
C VAL M 175 3.80 -49.26 -39.43
N GLN M 176 4.87 -50.04 -39.30
CA GLN M 176 5.54 -50.22 -38.02
C GLN M 176 6.62 -49.15 -37.86
N GLN M 177 6.59 -48.44 -36.75
CA GLN M 177 7.55 -47.38 -36.47
C GLN M 177 8.77 -48.00 -35.79
N GLU M 178 9.62 -48.61 -36.61
CA GLU M 178 10.81 -49.28 -36.11
C GLU M 178 11.86 -48.26 -35.67
N ILE M 179 12.68 -48.65 -34.69
CA ILE M 179 13.77 -47.82 -34.20
C ILE M 179 15.08 -48.29 -34.79
N LEU M 180 15.97 -47.34 -35.04
CA LEU M 180 17.32 -47.62 -35.55
C LEU M 180 18.25 -47.69 -34.35
N VAL M 181 18.61 -48.90 -33.96
CA VAL M 181 19.51 -49.10 -32.83
C VAL M 181 20.93 -48.75 -33.26
N THR M 182 21.59 -47.91 -32.48
CA THR M 182 22.88 -47.37 -32.85
C THR M 182 24.02 -47.79 -31.93
N GLY M 183 23.76 -48.64 -30.95
CA GLY M 183 24.82 -49.16 -30.10
C GLY M 183 25.31 -48.22 -29.04
N ILE M 184 24.75 -47.03 -28.93
CA ILE M 184 25.09 -46.10 -27.86
C ILE M 184 24.06 -46.27 -26.75
N LYS M 185 24.54 -46.60 -25.56
CA LYS M 185 23.65 -47.06 -24.49
C LYS M 185 22.69 -45.96 -24.04
N VAL M 186 23.18 -44.73 -23.89
CA VAL M 186 22.31 -43.64 -23.50
C VAL M 186 21.32 -43.32 -24.61
N VAL M 187 21.77 -43.38 -25.86
CA VAL M 187 20.87 -43.12 -26.98
C VAL M 187 19.87 -44.26 -27.14
N ASP M 188 20.33 -45.51 -27.05
CA ASP M 188 19.42 -46.63 -27.24
C ASP M 188 18.44 -46.81 -26.08
N LEU M 189 18.71 -46.22 -24.91
CA LEU M 189 17.82 -46.39 -23.76
C LEU M 189 16.87 -45.20 -23.59
N LEU M 190 17.41 -44.00 -23.47
CA LEU M 190 16.60 -42.86 -23.04
C LEU M 190 16.04 -42.06 -24.20
N ALA M 191 16.77 -41.90 -25.29
CA ALA M 191 16.32 -41.14 -26.45
C ALA M 191 16.54 -41.96 -27.72
N PRO M 192 15.73 -42.99 -27.97
CA PRO M 192 15.99 -43.89 -29.09
C PRO M 192 15.83 -43.22 -30.44
N TYR M 193 16.60 -43.71 -31.41
CA TYR M 193 16.56 -43.20 -32.77
C TYR M 193 15.60 -44.03 -33.60
N ALA M 194 14.58 -43.37 -34.15
CA ALA M 194 13.60 -44.04 -35.01
C ALA M 194 14.09 -44.05 -36.45
N LYS M 195 13.81 -45.15 -37.15
CA LYS M 195 14.14 -45.24 -38.57
C LYS M 195 13.28 -44.26 -39.36
N GLY M 196 13.92 -43.46 -40.19
CA GLY M 196 13.21 -42.46 -40.96
C GLY M 196 12.86 -41.21 -40.20
N GLY M 197 13.22 -41.11 -38.93
CA GLY M 197 12.87 -39.97 -38.13
C GLY M 197 13.77 -38.78 -38.35
N LYS M 198 13.43 -37.69 -37.67
CA LYS M 198 14.22 -36.48 -37.67
C LYS M 198 14.90 -36.36 -36.32
N ILE M 199 16.21 -36.22 -36.33
CA ILE M 199 17.02 -36.30 -35.12
C ILE M 199 17.79 -34.99 -34.95
N GLY M 200 17.65 -34.38 -33.78
CA GLY M 200 18.40 -33.17 -33.48
C GLY M 200 19.56 -33.44 -32.54
N LEU M 201 20.78 -33.27 -33.05
CA LEU M 201 21.99 -33.48 -32.27
C LEU M 201 22.50 -32.13 -31.79
N PHE M 202 22.39 -31.87 -30.49
CA PHE M 202 22.85 -30.63 -29.90
C PHE M 202 24.26 -30.81 -29.34
N GLY M 203 24.87 -29.69 -28.98
CA GLY M 203 26.23 -29.68 -28.46
C GLY M 203 27.01 -28.50 -28.99
N GLY M 204 27.92 -27.99 -28.17
CA GLY M 204 28.70 -26.83 -28.55
C GLY M 204 30.19 -27.12 -28.67
N ALA M 205 31.01 -26.20 -28.18
CA ALA M 205 32.45 -26.35 -28.24
C ALA M 205 32.95 -27.05 -26.98
N GLY M 206 33.93 -27.93 -27.16
CA GLY M 206 34.50 -28.69 -26.07
C GLY M 206 33.81 -30.01 -25.79
N VAL M 207 32.62 -30.21 -26.30
CA VAL M 207 31.91 -31.48 -26.18
C VAL M 207 32.21 -32.31 -27.41
N GLY M 208 32.19 -33.64 -27.25
CA GLY M 208 32.49 -34.52 -28.36
C GLY M 208 31.33 -34.71 -29.32
N LYS M 209 30.82 -33.61 -29.87
CA LYS M 209 29.75 -33.70 -30.87
C LYS M 209 30.26 -34.32 -32.17
N THR M 210 31.46 -33.92 -32.60
CA THR M 210 32.07 -34.51 -33.78
C THR M 210 32.37 -35.99 -33.55
N VAL M 211 32.89 -36.32 -32.36
CA VAL M 211 33.19 -37.71 -32.04
C VAL M 211 31.91 -38.54 -31.98
N LEU M 212 30.82 -37.95 -31.48
CA LEU M 212 29.53 -38.65 -31.46
C LEU M 212 29.02 -38.88 -32.87
N ILE M 213 29.18 -37.90 -33.76
CA ILE M 213 28.75 -38.04 -35.15
C ILE M 213 29.53 -39.16 -35.83
N MET M 214 30.84 -39.20 -35.62
CA MET M 214 31.65 -40.26 -36.21
C MET M 214 31.36 -41.61 -35.58
N GLU M 215 31.02 -41.64 -34.29
CA GLU M 215 30.62 -42.89 -33.66
C GLU M 215 29.30 -43.39 -34.22
N LEU M 216 28.38 -42.46 -34.51
CA LEU M 216 27.13 -42.84 -35.17
C LEU M 216 27.39 -43.43 -36.55
N ILE M 217 28.32 -42.82 -37.30
CA ILE M 217 28.66 -43.32 -38.64
C ILE M 217 29.27 -44.71 -38.56
N ASN M 218 30.22 -44.90 -37.64
CA ASN M 218 30.92 -46.18 -37.52
C ASN M 218 29.99 -47.28 -37.02
N ASN M 219 29.14 -46.97 -36.04
CA ASN M 219 28.26 -47.98 -35.47
C ASN M 219 27.17 -48.40 -36.44
N VAL M 220 26.65 -47.46 -37.22
CA VAL M 220 25.64 -47.82 -38.22
C VAL M 220 26.26 -48.62 -39.35
N ALA M 221 27.48 -48.25 -39.77
CA ALA M 221 28.15 -49.02 -40.82
C ALA M 221 28.55 -50.40 -40.35
N LYS M 222 28.78 -50.58 -39.04
CA LYS M 222 29.18 -51.87 -38.52
C LYS M 222 27.99 -52.77 -38.17
N ALA M 223 27.07 -52.27 -37.35
CA ALA M 223 25.95 -53.07 -36.87
C ALA M 223 24.94 -53.33 -37.98
N HIS M 224 24.67 -52.33 -38.81
CA HIS M 224 23.62 -52.44 -39.82
C HIS M 224 24.15 -52.57 -41.25
N GLY M 225 25.39 -52.20 -41.51
CA GLY M 225 25.93 -52.28 -42.85
C GLY M 225 25.52 -51.13 -43.75
N GLY M 226 24.86 -50.11 -43.22
CA GLY M 226 24.44 -48.96 -44.01
C GLY M 226 25.43 -47.81 -43.87
N TYR M 227 25.67 -47.12 -44.98
CA TYR M 227 26.66 -46.05 -45.01
C TYR M 227 26.05 -44.77 -44.45
N SER M 228 26.77 -43.67 -44.57
CA SER M 228 26.31 -42.37 -44.09
C SER M 228 26.71 -41.31 -45.10
N VAL M 229 25.98 -40.20 -45.08
CA VAL M 229 26.28 -39.06 -45.94
C VAL M 229 26.29 -37.81 -45.08
N PHE M 230 27.36 -37.03 -45.17
CA PHE M 230 27.45 -35.74 -44.50
C PHE M 230 27.25 -34.64 -45.52
N ALA M 231 26.43 -33.64 -45.19
CA ALA M 231 26.15 -32.52 -46.08
C ALA M 231 26.37 -31.23 -45.30
N GLY M 232 27.47 -30.55 -45.58
CA GLY M 232 27.80 -29.30 -44.95
C GLY M 232 27.15 -28.11 -45.62
N VAL M 233 25.85 -27.92 -45.37
CA VAL M 233 25.09 -26.86 -46.01
C VAL M 233 25.50 -25.50 -45.47
N GLY M 234 26.28 -24.76 -46.24
CA GLY M 234 26.74 -23.44 -45.82
C GLY M 234 27.66 -23.45 -44.62
N GLU M 235 28.57 -24.42 -44.55
CA GLU M 235 29.45 -24.57 -43.41
C GLU M 235 30.73 -23.78 -43.60
N ARG M 236 31.36 -23.40 -42.49
CA ARG M 236 32.64 -22.71 -42.54
C ARG M 236 33.74 -23.61 -43.06
N THR M 237 34.74 -22.99 -43.71
CA THR M 237 35.83 -23.76 -44.29
C THR M 237 36.74 -24.32 -43.20
N ARG M 238 36.94 -23.57 -42.10
CA ARG M 238 37.77 -24.06 -41.00
C ARG M 238 37.11 -25.24 -40.31
N GLU M 239 35.81 -25.16 -40.07
CA GLU M 239 35.10 -26.28 -39.44
C GLU M 239 35.03 -27.48 -40.36
N GLY M 240 34.87 -27.25 -41.67
CA GLY M 240 34.88 -28.35 -42.62
C GLY M 240 36.23 -29.02 -42.73
N ASN M 241 37.30 -28.23 -42.66
CA ASN M 241 38.65 -28.81 -42.70
C ASN M 241 38.94 -29.60 -41.43
N ASP M 242 38.49 -29.10 -40.29
CA ASP M 242 38.67 -29.84 -39.03
C ASP M 242 37.90 -31.15 -39.04
N LEU M 243 36.66 -31.13 -39.55
CA LEU M 243 35.86 -32.34 -39.63
C LEU M 243 36.48 -33.35 -40.58
N TYR M 244 36.99 -32.88 -41.73
CA TYR M 244 37.60 -33.79 -42.70
C TYR M 244 38.87 -34.42 -42.16
N HIS M 245 39.70 -33.64 -41.46
CA HIS M 245 40.93 -34.21 -40.90
C HIS M 245 40.63 -35.14 -39.73
N GLU M 246 39.61 -34.83 -38.93
CA GLU M 246 39.22 -35.75 -37.86
C GLU M 246 38.66 -37.05 -38.41
N MET M 247 37.94 -36.97 -39.53
CA MET M 247 37.45 -38.18 -40.18
C MET M 247 38.58 -39.00 -40.78
N ILE M 248 39.64 -38.35 -41.27
CA ILE M 248 40.79 -39.08 -41.74
C ILE M 248 41.54 -39.74 -40.58
N GLU M 249 41.70 -39.00 -39.47
CA GLU M 249 42.48 -39.49 -38.34
C GLU M 249 41.80 -40.67 -37.64
N SER M 250 40.48 -40.62 -37.52
CA SER M 250 39.77 -41.67 -36.79
C SER M 250 39.47 -42.90 -37.64
N GLY M 251 39.82 -42.89 -38.93
CA GLY M 251 39.74 -44.07 -39.74
C GLY M 251 38.43 -44.31 -40.45
N VAL M 252 37.44 -43.44 -40.26
CA VAL M 252 36.18 -43.59 -40.98
C VAL M 252 36.37 -43.28 -42.46
N ILE M 253 37.06 -42.18 -42.75
CA ILE M 253 37.53 -41.91 -44.11
C ILE M 253 38.92 -42.49 -44.26
N SER M 254 39.08 -43.43 -45.17
CA SER M 254 40.34 -44.12 -45.38
C SER M 254 40.81 -43.91 -46.81
N LEU M 255 42.06 -43.50 -46.97
CA LEU M 255 42.65 -43.27 -48.28
C LEU M 255 43.31 -44.54 -48.78
N LYS M 256 43.03 -44.90 -50.03
CA LYS M 256 43.59 -46.04 -50.77
C LYS M 256 43.20 -47.40 -50.21
N ASP M 257 42.28 -47.46 -49.24
CA ASP M 257 41.84 -48.73 -48.70
C ASP M 257 40.40 -49.07 -49.03
N LYS M 258 39.62 -48.11 -49.53
CA LYS M 258 38.22 -48.30 -49.96
C LYS M 258 37.33 -48.80 -48.83
N THR M 259 37.68 -48.47 -47.58
CA THR M 259 36.89 -48.82 -46.42
C THR M 259 36.18 -47.60 -45.84
N SER M 260 35.88 -46.63 -46.68
CA SER M 260 35.23 -45.41 -46.23
C SER M 260 33.77 -45.68 -45.89
N LYS M 261 33.26 -44.95 -44.90
CA LYS M 261 31.90 -45.13 -44.42
C LYS M 261 31.01 -43.91 -44.60
N VAL M 262 31.55 -42.79 -45.04
CA VAL M 262 30.77 -41.56 -45.16
C VAL M 262 31.13 -40.88 -46.48
N ALA M 263 30.11 -40.36 -47.16
CA ALA M 263 30.30 -39.54 -48.35
C ALA M 263 30.03 -38.09 -47.98
N LEU M 264 30.95 -37.20 -48.33
CA LEU M 264 30.89 -35.80 -47.93
C LEU M 264 30.47 -34.93 -49.09
N VAL M 265 29.52 -34.03 -48.84
CA VAL M 265 29.13 -32.98 -49.76
C VAL M 265 29.27 -31.66 -49.01
N TYR M 266 30.00 -30.72 -49.59
CA TYR M 266 30.31 -29.45 -48.93
C TYR M 266 29.81 -28.28 -49.75
N GLY M 267 29.35 -27.24 -49.06
CA GLY M 267 29.07 -25.96 -49.67
C GLY M 267 29.64 -24.83 -48.82
N GLN M 268 30.54 -24.05 -49.38
CA GLN M 268 31.21 -23.00 -48.62
C GLN M 268 30.28 -21.81 -48.39
N MET M 269 30.67 -20.94 -47.46
CA MET M 269 29.92 -19.72 -47.22
C MET M 269 30.14 -18.68 -48.30
N ASN M 270 31.23 -18.76 -49.06
CA ASN M 270 31.45 -17.86 -50.17
C ASN M 270 30.75 -18.31 -51.44
N GLU M 271 30.05 -19.43 -51.41
CA GLU M 271 29.27 -19.88 -52.55
C GLU M 271 28.02 -19.02 -52.70
N PRO M 272 27.46 -18.96 -53.91
CA PRO M 272 26.21 -18.23 -54.13
C PRO M 272 25.05 -18.90 -53.40
N PRO M 273 23.97 -18.15 -53.14
CA PRO M 273 22.82 -18.73 -52.41
C PRO M 273 22.18 -19.92 -53.11
N GLY M 274 22.19 -19.96 -54.44
CA GLY M 274 21.66 -21.12 -55.14
C GLY M 274 22.46 -22.38 -54.89
N ALA M 275 23.78 -22.24 -54.76
CA ALA M 275 24.64 -23.41 -54.55
C ALA M 275 24.39 -24.04 -53.18
N ARG M 276 24.24 -23.22 -52.16
CA ARG M 276 24.03 -23.73 -50.81
C ARG M 276 22.62 -24.26 -50.59
N ALA M 277 21.66 -23.92 -51.45
CA ALA M 277 20.30 -24.39 -51.31
C ALA M 277 20.08 -25.76 -51.95
N ARG M 278 21.11 -26.34 -52.57
CA ARG M 278 20.99 -27.64 -53.22
C ARG M 278 22.04 -28.64 -52.74
N VAL M 279 22.86 -28.26 -51.74
CA VAL M 279 23.85 -29.19 -51.19
C VAL M 279 23.15 -30.34 -50.47
N ALA M 280 22.11 -30.03 -49.69
CA ALA M 280 21.35 -31.07 -49.00
C ALA M 280 20.66 -32.01 -49.98
N LEU M 281 20.25 -31.50 -51.15
CA LEU M 281 19.67 -32.36 -52.18
C LEU M 281 20.71 -33.31 -52.77
N THR M 282 21.96 -32.85 -52.89
CA THR M 282 23.03 -33.72 -53.36
C THR M 282 23.35 -34.81 -52.35
N GLY M 283 23.44 -34.44 -51.07
CA GLY M 283 23.65 -35.43 -50.03
C GLY M 283 22.50 -36.41 -49.91
N LEU M 284 21.27 -35.92 -50.05
CA LEU M 284 20.10 -36.78 -50.01
C LEU M 284 20.08 -37.72 -51.21
N THR M 285 20.58 -37.27 -52.36
CA THR M 285 20.64 -38.13 -53.54
C THR M 285 21.64 -39.27 -53.36
N VAL M 286 22.79 -38.97 -52.75
CA VAL M 286 23.76 -40.03 -52.44
C VAL M 286 23.18 -41.02 -51.44
N ALA M 287 22.50 -40.50 -50.41
CA ALA M 287 21.86 -41.37 -49.42
C ALA M 287 20.73 -42.19 -50.05
N GLU M 288 20.01 -41.61 -51.00
CA GLU M 288 18.94 -42.33 -51.67
C GLU M 288 19.48 -43.43 -52.57
N TYR M 289 20.65 -43.23 -53.18
CA TYR M 289 21.26 -44.33 -53.91
C TYR M 289 21.64 -45.47 -52.97
N PHE M 290 22.19 -45.13 -51.80
CA PHE M 290 22.55 -46.17 -50.84
C PHE M 290 21.33 -46.88 -50.26
N ARG M 291 20.18 -46.21 -50.22
CA ARG M 291 18.98 -46.84 -49.71
C ARG M 291 18.29 -47.69 -50.76
N ASP M 292 18.07 -47.14 -51.95
CA ASP M 292 17.29 -47.84 -52.97
C ASP M 292 18.08 -48.98 -53.59
N GLN M 293 19.29 -48.69 -54.06
CA GLN M 293 20.05 -49.65 -54.84
C GLN M 293 20.85 -50.62 -53.98
N GLU M 294 20.84 -50.46 -52.66
CA GLU M 294 21.55 -51.38 -51.77
C GLU M 294 20.70 -51.91 -50.63
N GLY M 295 19.54 -51.33 -50.36
CA GLY M 295 18.70 -51.79 -49.27
C GLY M 295 19.29 -51.59 -47.89
N GLN M 296 19.86 -50.42 -47.62
CA GLN M 296 20.56 -50.16 -46.39
C GLN M 296 19.87 -49.04 -45.60
N ASP M 297 20.08 -49.05 -44.30
CA ASP M 297 19.64 -47.97 -43.42
C ASP M 297 20.76 -46.94 -43.37
N VAL M 298 20.50 -45.76 -43.92
CA VAL M 298 21.56 -44.79 -44.21
C VAL M 298 21.34 -43.55 -43.35
N LEU M 299 22.39 -43.13 -42.65
CA LEU M 299 22.37 -41.87 -41.93
C LEU M 299 22.62 -40.72 -42.89
N LEU M 300 21.94 -39.60 -42.65
CA LEU M 300 22.17 -38.38 -43.42
C LEU M 300 22.36 -37.24 -42.43
N PHE M 301 23.60 -36.81 -42.26
CA PHE M 301 23.91 -35.68 -41.39
C PHE M 301 23.83 -34.38 -42.17
N ILE M 302 23.03 -33.45 -41.68
CA ILE M 302 22.85 -32.15 -42.32
C ILE M 302 23.28 -31.08 -41.35
N ASP M 303 24.19 -30.20 -41.79
CA ASP M 303 24.72 -29.11 -40.97
C ASP M 303 24.54 -27.81 -41.72
N ASN M 304 23.37 -27.16 -41.58
CA ASN M 304 22.22 -27.66 -40.83
C ASN M 304 20.93 -27.34 -41.58
N ILE M 305 19.79 -27.61 -40.93
CA ILE M 305 18.50 -27.25 -41.50
C ILE M 305 18.32 -25.73 -41.51
N PHE M 306 18.86 -25.05 -40.49
CA PHE M 306 18.74 -23.59 -40.41
C PHE M 306 19.44 -22.91 -41.59
N ARG M 307 20.64 -23.36 -41.94
CA ARG M 307 21.34 -22.76 -43.07
C ARG M 307 20.73 -23.17 -44.40
N PHE M 308 20.10 -24.35 -44.45
CA PHE M 308 19.35 -24.74 -45.64
C PHE M 308 18.13 -23.84 -45.84
N THR M 309 17.43 -23.53 -44.75
CA THR M 309 16.31 -22.59 -44.79
C THR M 309 16.78 -21.20 -45.15
N GLN M 310 17.95 -20.80 -44.63
CA GLN M 310 18.52 -19.49 -44.96
C GLN M 310 18.86 -19.39 -46.43
N ALA M 311 19.44 -20.44 -47.00
CA ALA M 311 19.78 -20.42 -48.42
C ALA M 311 18.54 -20.44 -49.29
N GLY M 312 17.49 -21.18 -48.87
CA GLY M 312 16.24 -21.14 -49.59
C GLY M 312 15.56 -19.78 -49.52
N SER M 313 15.67 -19.10 -48.39
CA SER M 313 15.13 -17.76 -48.25
C SER M 313 15.90 -16.76 -49.11
N GLU M 314 17.22 -16.94 -49.22
CA GLU M 314 18.01 -16.05 -50.07
C GLU M 314 17.71 -16.29 -51.55
N VAL M 315 17.45 -17.54 -51.93
CA VAL M 315 17.07 -17.84 -53.31
C VAL M 315 15.71 -17.21 -53.63
N SER M 316 14.74 -17.35 -52.71
CA SER M 316 13.43 -16.73 -52.92
C SER M 316 13.51 -15.21 -52.95
N ALA M 317 14.43 -14.63 -52.18
CA ALA M 317 14.61 -13.17 -52.23
C ALA M 317 15.24 -12.74 -53.55
N LEU M 318 16.16 -13.53 -54.08
CA LEU M 318 16.77 -13.20 -55.37
C LEU M 318 15.78 -13.33 -56.51
N LEU M 319 14.91 -14.34 -56.46
CA LEU M 319 13.91 -14.52 -57.50
C LEU M 319 12.83 -13.44 -57.44
N GLY M 320 12.57 -12.90 -56.25
CA GLY M 320 11.69 -11.77 -56.11
C GLY M 320 10.21 -12.07 -56.04
N ARG M 321 9.81 -13.35 -56.16
CA ARG M 321 8.40 -13.68 -56.10
C ARG M 321 7.89 -13.76 -54.67
N ILE M 322 8.46 -14.67 -53.89
CA ILE M 322 8.06 -14.82 -52.49
C ILE M 322 8.83 -13.81 -51.64
N PRO M 323 8.15 -12.99 -50.83
CA PRO M 323 8.85 -12.04 -49.97
C PRO M 323 9.65 -12.74 -48.88
N SER M 324 10.54 -11.97 -48.26
CA SER M 324 11.45 -12.50 -47.26
C SER M 324 10.76 -12.87 -45.95
N ALA M 325 9.50 -12.49 -45.77
CA ALA M 325 8.79 -12.86 -44.55
C ALA M 325 8.50 -14.36 -44.50
N VAL M 326 8.40 -15.01 -45.66
CA VAL M 326 8.12 -16.44 -45.74
C VAL M 326 9.33 -17.11 -46.38
N GLY M 327 9.99 -17.98 -45.64
CA GLY M 327 11.07 -18.75 -46.23
C GLY M 327 11.10 -20.22 -45.85
N TYR M 328 10.90 -21.08 -46.86
CA TYR M 328 11.18 -22.52 -46.80
C TYR M 328 10.48 -23.20 -45.62
N GLN M 329 9.15 -23.25 -45.74
CA GLN M 329 8.33 -23.96 -44.78
C GLN M 329 8.63 -25.45 -44.82
N PRO M 330 8.44 -26.16 -43.69
CA PRO M 330 8.62 -27.63 -43.70
C PRO M 330 7.65 -28.34 -44.63
N THR M 331 6.45 -27.82 -44.82
CA THR M 331 5.51 -28.26 -45.85
C THR M 331 5.92 -27.64 -47.18
N LEU M 332 4.99 -27.61 -48.15
CA LEU M 332 5.21 -26.94 -49.44
C LEU M 332 6.37 -27.60 -50.20
N ALA M 333 6.05 -28.78 -50.75
CA ALA M 333 6.96 -29.70 -51.43
C ALA M 333 7.98 -29.06 -52.37
N THR M 334 7.64 -27.89 -52.94
CA THR M 334 8.63 -27.10 -53.66
C THR M 334 9.77 -26.67 -52.75
N ASP M 335 9.46 -26.23 -51.53
CA ASP M 335 10.50 -25.72 -50.64
C ASP M 335 11.22 -26.84 -49.89
N MET M 336 10.52 -27.53 -48.99
CA MET M 336 11.14 -28.55 -48.17
C MET M 336 10.32 -29.82 -48.01
N GLY M 337 9.08 -29.85 -48.47
CA GLY M 337 8.25 -31.03 -48.24
C GLY M 337 8.74 -32.24 -48.98
N THR M 338 9.27 -32.05 -50.20
CA THR M 338 9.85 -33.17 -50.94
C THR M 338 11.11 -33.68 -50.25
N MET M 339 11.96 -32.78 -49.75
CA MET M 339 13.17 -33.20 -49.06
C MET M 339 12.84 -33.95 -47.76
N GLN M 340 11.85 -33.47 -47.01
CA GLN M 340 11.48 -34.13 -45.77
C GLN M 340 10.81 -35.47 -46.02
N GLU M 341 9.98 -35.56 -47.06
CA GLU M 341 9.30 -36.81 -47.35
C GLU M 341 10.17 -37.82 -48.09
N ARG M 342 11.29 -37.38 -48.66
CA ARG M 342 12.24 -38.34 -49.20
C ARG M 342 13.17 -38.89 -48.13
N ILE M 343 13.14 -38.32 -46.94
CA ILE M 343 13.82 -38.88 -45.78
C ILE M 343 12.74 -39.64 -45.01
N THR M 344 12.62 -40.93 -45.28
CA THR M 344 11.62 -41.76 -44.66
C THR M 344 12.10 -43.21 -44.69
N THR M 345 11.32 -44.09 -44.07
CA THR M 345 11.58 -45.51 -44.09
C THR M 345 10.59 -46.19 -45.04
N THR M 346 11.12 -46.97 -45.97
CA THR M 346 10.30 -47.69 -46.93
C THR M 346 10.55 -49.19 -46.75
N LYS M 347 9.98 -49.99 -47.65
CA LYS M 347 10.18 -51.43 -47.61
C LYS M 347 11.55 -51.85 -48.11
N LYS M 348 12.28 -50.97 -48.78
CA LYS M 348 13.62 -51.27 -49.26
C LYS M 348 14.70 -50.85 -48.28
N GLY M 349 14.60 -49.65 -47.73
CA GLY M 349 15.56 -49.16 -46.79
C GLY M 349 15.00 -48.00 -45.99
N SER M 350 15.91 -47.20 -45.44
CA SER M 350 15.50 -46.03 -44.66
C SER M 350 16.59 -44.98 -44.71
N ILE M 351 16.18 -43.72 -44.66
CA ILE M 351 17.08 -42.58 -44.50
C ILE M 351 16.76 -41.95 -43.15
N THR M 352 17.76 -41.87 -42.28
CA THR M 352 17.59 -41.30 -40.95
C THR M 352 18.34 -39.98 -40.91
N SER M 353 17.60 -38.88 -40.77
CA SER M 353 18.18 -37.55 -40.81
C SER M 353 18.65 -37.12 -39.42
N VAL M 354 19.90 -36.70 -39.32
CA VAL M 354 20.46 -36.14 -38.10
C VAL M 354 20.90 -34.73 -38.41
N GLN M 355 20.28 -33.75 -37.76
CA GLN M 355 20.62 -32.34 -37.96
C GLN M 355 21.60 -31.90 -36.87
N ALA M 356 22.76 -31.42 -37.28
CA ALA M 356 23.77 -30.95 -36.33
C ALA M 356 23.42 -29.51 -35.93
N ILE M 357 23.08 -29.31 -34.66
CA ILE M 357 22.70 -28.02 -34.13
C ILE M 357 23.75 -27.57 -33.14
N TYR M 358 24.25 -26.35 -33.30
CA TYR M 358 25.29 -25.81 -32.45
C TYR M 358 24.69 -24.81 -31.47
N VAL M 359 24.97 -25.00 -30.19
CA VAL M 359 24.50 -24.08 -29.16
C VAL M 359 25.69 -23.57 -28.34
N ALA M 374 12.35 -28.47 -34.54
CA ALA M 374 11.00 -27.98 -34.83
C ALA M 374 10.09 -29.14 -35.24
N HIS M 375 10.69 -30.20 -35.79
CA HIS M 375 9.94 -31.39 -36.18
C HIS M 375 10.72 -32.65 -35.87
N LEU M 376 11.54 -32.62 -34.82
CA LEU M 376 12.46 -33.70 -34.53
C LEU M 376 11.73 -34.88 -33.90
N ASP M 377 11.94 -36.08 -34.44
CA ASP M 377 11.41 -37.28 -33.82
C ASP M 377 12.17 -37.62 -32.55
N ALA M 378 13.48 -37.40 -32.55
CA ALA M 378 14.32 -37.65 -31.39
C ALA M 378 15.28 -36.50 -31.22
N THR M 379 15.79 -36.34 -29.99
CA THR M 379 16.71 -35.26 -29.69
C THR M 379 17.72 -35.73 -28.67
N THR M 380 19.00 -35.58 -29.00
CA THR M 380 20.10 -35.90 -28.09
C THR M 380 20.83 -34.62 -27.75
N VAL M 381 20.71 -34.17 -26.51
CA VAL M 381 21.30 -32.92 -26.06
C VAL M 381 22.63 -33.22 -25.38
N LEU M 382 23.69 -32.55 -25.82
CA LEU M 382 25.01 -32.70 -25.25
C LEU M 382 25.32 -31.52 -24.36
N SER M 383 25.76 -31.79 -23.14
CA SER M 383 26.00 -30.76 -22.15
C SER M 383 27.46 -30.76 -21.72
N ARG M 384 27.97 -29.57 -21.41
CA ARG M 384 29.34 -29.45 -20.92
C ARG M 384 29.48 -30.05 -19.52
N ALA M 385 28.43 -29.96 -18.70
CA ALA M 385 28.48 -30.45 -17.33
C ALA M 385 28.63 -31.97 -17.27
N ILE M 386 28.02 -32.68 -18.21
CA ILE M 386 28.16 -34.14 -18.24
C ILE M 386 29.58 -34.53 -18.60
N ALA M 387 30.21 -33.77 -19.50
CA ALA M 387 31.61 -34.01 -19.81
C ALA M 387 32.51 -33.62 -18.65
N GLU M 388 32.10 -32.64 -17.85
CA GLU M 388 32.87 -32.27 -16.66
C GLU M 388 32.82 -33.36 -15.60
N LEU M 389 31.80 -34.22 -15.62
CA LEU M 389 31.72 -35.34 -14.70
C LEU M 389 32.44 -36.57 -15.22
N GLY M 390 33.08 -36.48 -16.39
CA GLY M 390 33.83 -37.60 -16.94
C GLY M 390 33.02 -38.61 -17.70
N ILE M 391 31.78 -38.31 -18.06
CA ILE M 391 30.91 -39.24 -18.76
C ILE M 391 31.01 -38.96 -20.26
N TYR M 392 31.50 -39.95 -21.01
CA TYR M 392 31.59 -39.86 -22.46
C TYR M 392 30.73 -40.96 -23.07
N PRO M 393 29.73 -40.66 -23.90
CA PRO M 393 29.35 -39.33 -24.43
C PRO M 393 28.64 -38.44 -23.42
N ALA M 394 28.77 -37.13 -23.56
CA ALA M 394 28.18 -36.20 -22.61
C ALA M 394 26.73 -35.92 -22.94
N VAL M 395 25.92 -36.96 -23.06
CA VAL M 395 24.50 -36.83 -23.34
C VAL M 395 23.75 -36.61 -22.04
N ASP M 396 22.96 -35.54 -21.98
CA ASP M 396 22.15 -35.28 -20.81
C ASP M 396 20.99 -36.26 -20.78
N PRO M 397 20.86 -37.11 -19.76
CA PRO M 397 19.79 -38.13 -19.79
C PRO M 397 18.40 -37.57 -19.59
N LEU M 398 18.26 -36.39 -18.99
CA LEU M 398 16.95 -35.85 -18.70
C LEU M 398 16.46 -34.89 -19.78
N ASP M 399 17.37 -34.18 -20.45
CA ASP M 399 16.99 -33.24 -21.48
C ASP M 399 16.91 -33.88 -22.87
N SER M 400 17.30 -35.15 -23.00
CA SER M 400 17.21 -35.86 -24.26
C SER M 400 15.86 -36.56 -24.32
N THR M 401 14.93 -36.00 -25.07
CA THR M 401 13.59 -36.54 -25.20
C THR M 401 13.44 -37.26 -26.54
N SER M 402 12.31 -37.97 -26.68
CA SER M 402 11.99 -38.67 -27.91
C SER M 402 10.49 -38.86 -27.99
N ARG M 403 9.93 -38.63 -29.18
CA ARG M 403 8.53 -38.96 -29.44
C ARG M 403 8.29 -40.47 -29.41
N ILE M 404 9.33 -41.26 -29.63
CA ILE M 404 9.20 -42.72 -29.69
C ILE M 404 9.01 -43.37 -28.33
N LEU M 405 9.17 -42.61 -27.24
CA LEU M 405 9.03 -43.16 -25.88
C LEU M 405 7.56 -43.36 -25.56
N ASP M 406 7.00 -44.44 -26.09
CA ASP M 406 5.63 -44.83 -25.81
C ASP M 406 5.58 -46.34 -25.64
N PRO M 407 4.69 -46.84 -24.76
CA PRO M 407 4.57 -48.30 -24.61
C PRO M 407 4.04 -49.00 -25.85
N ASN M 408 3.36 -48.30 -26.74
CA ASN M 408 2.72 -48.90 -27.90
C ASN M 408 3.66 -49.08 -29.08
N ILE M 409 4.90 -48.60 -28.99
CA ILE M 409 5.82 -48.65 -30.12
C ILE M 409 7.05 -49.48 -29.77
N ILE M 410 7.78 -49.05 -28.75
CA ILE M 410 9.06 -49.68 -28.41
C ILE M 410 8.91 -50.81 -27.41
N GLY M 411 7.69 -51.16 -27.04
CA GLY M 411 7.45 -52.20 -26.07
C GLY M 411 7.26 -51.63 -24.67
N GLU M 412 6.56 -52.40 -23.84
CA GLU M 412 6.24 -51.94 -22.49
C GLU M 412 7.45 -51.99 -21.57
N GLU M 413 8.28 -53.02 -21.72
CA GLU M 413 9.42 -53.18 -20.81
C GLU M 413 10.49 -52.12 -21.06
N HIS M 414 10.70 -51.73 -22.32
CA HIS M 414 11.65 -50.69 -22.65
C HIS M 414 11.21 -49.34 -22.10
N TYR M 415 9.92 -49.01 -22.25
CA TYR M 415 9.40 -47.76 -21.70
C TYR M 415 9.44 -47.77 -20.18
N ASN M 416 9.15 -48.92 -19.56
CA ASN M 416 9.16 -49.01 -18.10
C ASN M 416 10.58 -48.83 -17.55
N ILE M 417 11.57 -49.45 -18.19
CA ILE M 417 12.96 -49.30 -17.75
C ILE M 417 13.43 -47.87 -17.95
N ALA M 418 13.10 -47.27 -19.11
CA ALA M 418 13.51 -45.90 -19.38
C ALA M 418 12.86 -44.91 -18.41
N ARG M 419 11.58 -45.13 -18.09
CA ARG M 419 10.89 -44.26 -17.14
C ARG M 419 11.45 -44.42 -15.74
N GLY M 420 11.81 -45.66 -15.36
CA GLY M 420 12.43 -45.87 -14.06
C GLY M 420 13.79 -45.24 -13.93
N VAL M 421 14.61 -45.31 -14.99
CA VAL M 421 15.91 -44.67 -14.99
C VAL M 421 15.78 -43.16 -14.91
N GLN M 422 14.84 -42.59 -15.68
CA GLN M 422 14.62 -41.15 -15.63
C GLN M 422 14.11 -40.69 -14.26
N LYS M 423 13.20 -41.47 -13.66
CA LYS M 423 12.69 -41.13 -12.34
C LYS M 423 13.79 -41.22 -11.29
N ILE M 424 14.64 -42.24 -11.39
CA ILE M 424 15.75 -42.40 -10.46
C ILE M 424 16.74 -41.25 -10.59
N LEU M 425 17.00 -40.80 -11.83
CA LEU M 425 17.93 -39.69 -12.04
C LEU M 425 17.35 -38.37 -11.51
N GLN M 426 16.04 -38.16 -11.69
CA GLN M 426 15.42 -36.94 -11.16
C GLN M 426 15.41 -36.94 -9.62
N ASP M 427 15.11 -38.09 -9.03
CA ASP M 427 15.19 -38.21 -7.58
C ASP M 427 16.61 -38.06 -7.08
N TYR M 428 17.59 -38.53 -7.85
CA TYR M 428 18.99 -38.37 -7.48
C TYR M 428 19.40 -36.90 -7.50
N LYS M 429 18.91 -36.14 -8.47
CA LYS M 429 19.20 -34.71 -8.51
C LYS M 429 18.57 -34.00 -7.31
N SER M 430 17.35 -34.39 -6.95
CA SER M 430 16.72 -33.82 -5.75
C SER M 430 17.48 -34.22 -4.49
N LEU M 431 17.96 -35.46 -4.42
CA LEU M 431 18.73 -35.90 -3.25
C LEU M 431 20.07 -35.19 -3.16
N GLN M 432 20.70 -34.93 -4.31
CA GLN M 432 21.94 -34.15 -4.31
C GLN M 432 21.70 -32.73 -3.85
N ASP M 433 20.57 -32.13 -4.24
CA ASP M 433 20.21 -30.82 -3.73
C ASP M 433 19.98 -30.85 -2.22
N ILE M 434 19.32 -31.88 -1.72
CA ILE M 434 19.08 -32.02 -0.29
C ILE M 434 20.39 -32.20 0.47
N ILE M 435 21.30 -33.01 -0.08
CA ILE M 435 22.61 -33.21 0.53
C ILE M 435 23.41 -31.92 0.57
N ALA M 436 23.37 -31.15 -0.52
CA ALA M 436 24.05 -29.87 -0.56
C ALA M 436 23.44 -28.87 0.42
N ILE M 437 22.14 -29.00 0.71
CA ILE M 437 21.50 -28.08 1.64
C ILE M 437 21.84 -28.43 3.09
N LEU M 438 21.58 -29.68 3.49
CA LEU M 438 21.71 -30.07 4.90
C LEU M 438 22.84 -31.05 5.15
N GLY M 439 22.98 -32.10 4.34
CA GLY M 439 23.98 -33.10 4.59
C GLY M 439 23.61 -34.43 3.97
N MET M 440 24.56 -35.36 4.04
CA MET M 440 24.46 -36.64 3.33
C MET M 440 23.61 -37.67 4.05
N ASP M 441 23.11 -37.37 5.25
CA ASP M 441 22.27 -38.31 5.99
C ASP M 441 20.82 -37.83 5.90
N GLU M 442 19.99 -38.59 5.19
CA GLU M 442 18.59 -38.23 5.01
C GLU M 442 17.80 -39.49 4.66
N LEU M 443 16.68 -39.69 5.37
CA LEU M 443 15.71 -40.76 5.11
C LEU M 443 16.36 -42.14 5.17
N SER M 444 17.19 -42.35 6.19
CA SER M 444 17.86 -43.62 6.52
C SER M 444 18.75 -44.01 5.32
N GLU M 445 18.88 -45.30 5.02
CA GLU M 445 19.74 -45.77 3.95
C GLU M 445 19.02 -45.95 2.62
N GLU M 446 17.71 -45.68 2.57
CA GLU M 446 16.99 -45.78 1.31
C GLU M 446 17.47 -44.75 0.30
N ASP M 447 17.69 -43.52 0.76
CA ASP M 447 18.22 -42.48 -0.13
C ASP M 447 19.65 -42.79 -0.54
N LYS M 448 20.44 -43.39 0.36
CA LYS M 448 21.79 -43.79 0.02
C LYS M 448 21.79 -44.89 -1.04
N LEU M 449 20.85 -45.84 -0.93
CA LEU M 449 20.72 -46.89 -1.93
C LEU M 449 20.28 -46.32 -3.28
N ILE M 450 19.36 -45.35 -3.25
CA ILE M 450 18.92 -44.68 -4.47
C ILE M 450 20.09 -43.93 -5.12
N VAL M 451 20.88 -43.22 -4.32
CA VAL M 451 22.04 -42.48 -4.82
C VAL M 451 23.07 -43.44 -5.41
N SER M 452 23.32 -44.57 -4.74
CA SER M 452 24.29 -45.53 -5.24
C SER M 452 23.85 -46.16 -6.56
N ARG M 453 22.56 -46.51 -6.67
CA ARG M 453 22.06 -47.07 -7.92
C ARG M 453 22.07 -46.04 -9.04
N ALA M 454 21.75 -44.78 -8.72
CA ALA M 454 21.77 -43.72 -9.72
C ALA M 454 23.18 -43.43 -10.20
N ARG M 455 24.16 -43.44 -9.30
CA ARG M 455 25.54 -43.22 -9.70
C ARG M 455 26.06 -44.39 -10.52
N LYS M 456 25.62 -45.62 -10.23
CA LYS M 456 25.99 -46.75 -11.08
C LYS M 456 25.35 -46.64 -12.45
N ILE M 457 24.13 -46.10 -12.52
CA ILE M 457 23.49 -45.84 -13.82
C ILE M 457 24.26 -44.80 -14.60
N GLN M 458 24.66 -43.71 -13.93
CA GLN M 458 25.39 -42.64 -14.62
C GLN M 458 26.75 -43.11 -15.11
N ARG M 459 27.43 -43.96 -14.34
CA ARG M 459 28.67 -44.55 -14.82
C ARG M 459 28.41 -45.49 -16.01
N PHE M 460 27.32 -46.26 -15.95
CA PHE M 460 27.04 -47.21 -17.02
C PHE M 460 26.54 -46.53 -18.29
N LEU M 461 26.09 -45.27 -18.21
CA LEU M 461 25.72 -44.54 -19.40
C LEU M 461 26.94 -44.21 -20.26
N SER M 462 28.11 -44.06 -19.65
CA SER M 462 29.32 -43.81 -20.40
C SER M 462 29.74 -45.05 -21.18
N GLN M 463 30.45 -44.82 -22.29
CA GLN M 463 30.81 -45.91 -23.19
C GLN M 463 32.04 -45.51 -23.99
N PRO M 464 33.01 -46.40 -24.16
CA PRO M 464 34.14 -46.08 -25.04
C PRO M 464 33.71 -46.04 -26.51
N PHE M 465 34.45 -45.24 -27.28
CA PHE M 465 34.15 -45.02 -28.69
C PHE M 465 35.16 -45.75 -29.56
N GLN M 466 34.66 -46.37 -30.62
CA GLN M 466 35.55 -46.99 -31.60
C GLN M 466 36.40 -45.94 -32.31
N VAL M 467 35.81 -44.79 -32.65
CA VAL M 467 36.53 -43.76 -33.39
C VAL M 467 37.51 -42.99 -32.53
N ALA M 468 37.42 -43.09 -31.21
CA ALA M 468 38.27 -42.34 -30.30
C ALA M 468 39.14 -43.25 -29.45
N GLU M 469 39.44 -44.45 -29.97
CA GLU M 469 40.26 -45.40 -29.23
C GLU M 469 41.75 -45.08 -29.28
N VAL M 470 42.17 -44.15 -30.14
CA VAL M 470 43.55 -43.73 -30.19
C VAL M 470 43.81 -42.41 -29.46
N PHE M 471 42.76 -41.62 -29.21
CA PHE M 471 42.91 -40.39 -28.44
C PHE M 471 42.65 -40.58 -26.95
N THR M 472 41.90 -41.62 -26.58
CA THR M 472 41.64 -41.92 -25.18
C THR M 472 42.27 -43.21 -24.70
N GLY M 473 42.63 -44.12 -25.61
CA GLY M 473 43.26 -45.37 -25.24
C GLY M 473 42.31 -46.48 -24.84
N HIS M 474 41.02 -46.22 -24.80
CA HIS M 474 40.02 -47.22 -24.42
C HIS M 474 39.41 -47.81 -25.68
N ALA M 475 39.38 -49.14 -25.76
CA ALA M 475 38.83 -49.82 -26.92
C ALA M 475 37.30 -49.69 -26.91
N GLY M 476 36.75 -49.13 -27.99
CA GLY M 476 35.33 -48.95 -28.07
C GLY M 476 34.59 -50.25 -28.35
N LYS M 477 33.38 -50.34 -27.84
CA LYS M 477 32.57 -51.55 -27.97
C LYS M 477 31.19 -51.19 -28.51
N LEU M 478 30.57 -52.17 -29.18
CA LEU M 478 29.24 -52.03 -29.74
C LEU M 478 28.28 -52.84 -28.89
N VAL M 479 27.29 -52.17 -28.33
CA VAL M 479 26.36 -52.77 -27.36
C VAL M 479 25.00 -52.92 -28.03
N PRO M 480 24.50 -54.14 -28.24
CA PRO M 480 23.14 -54.30 -28.75
C PRO M 480 22.10 -53.83 -27.74
N ILE M 481 20.89 -53.58 -28.26
CA ILE M 481 19.82 -53.01 -27.45
C ILE M 481 19.35 -53.98 -26.37
N LYS M 482 19.38 -55.28 -26.64
CA LYS M 482 18.99 -56.26 -25.63
C LYS M 482 19.99 -56.27 -24.48
N ASP M 483 21.28 -56.07 -24.76
CA ASP M 483 22.27 -56.01 -23.70
C ASP M 483 22.08 -54.78 -22.82
N THR M 484 21.75 -53.64 -23.42
CA THR M 484 21.49 -52.43 -22.63
C THR M 484 20.24 -52.60 -21.77
N ILE M 485 19.19 -53.20 -22.34
CA ILE M 485 17.95 -53.41 -21.60
C ILE M 485 18.19 -54.35 -20.42
N LYS M 486 18.91 -55.46 -20.66
CA LYS M 486 19.19 -56.41 -19.61
C LYS M 486 20.07 -55.81 -18.51
N GLY M 487 21.10 -55.04 -18.91
CA GLY M 487 21.98 -54.45 -17.91
C GLY M 487 21.29 -53.41 -17.05
N PHE M 488 20.50 -52.53 -17.66
CA PHE M 488 19.80 -51.52 -16.88
C PHE M 488 18.67 -52.14 -16.05
N LYS M 489 18.06 -53.22 -16.53
CA LYS M 489 17.08 -53.93 -15.73
C LYS M 489 17.73 -54.57 -14.50
N MET M 490 18.93 -55.11 -14.66
CA MET M 490 19.62 -55.69 -13.50
C MET M 490 20.07 -54.61 -12.52
N ILE M 491 20.43 -53.42 -13.01
CA ILE M 491 20.78 -52.34 -12.09
C ILE M 491 19.54 -51.84 -11.34
N LEU M 492 18.41 -51.72 -12.05
CA LEU M 492 17.17 -51.27 -11.41
C LEU M 492 16.67 -52.28 -10.38
N ASN M 493 16.79 -53.57 -10.70
CA ASN M 493 16.37 -54.62 -9.77
C ASN M 493 17.37 -54.84 -8.64
N GLY M 494 18.55 -54.23 -8.70
CA GLY M 494 19.53 -54.40 -7.65
C GLY M 494 20.30 -55.70 -7.70
N GLU M 495 20.28 -56.41 -8.82
CA GLU M 495 21.02 -57.65 -8.95
C GLU M 495 22.53 -57.43 -8.96
N LEU M 496 22.97 -56.24 -9.33
CA LEU M 496 24.39 -55.88 -9.34
C LEU M 496 24.68 -54.77 -8.34
N ASP M 497 23.88 -54.69 -7.27
CA ASP M 497 24.01 -53.60 -6.32
C ASP M 497 25.20 -53.75 -5.38
N HIS M 498 25.76 -54.95 -5.26
CA HIS M 498 26.92 -55.16 -4.40
C HIS M 498 28.23 -54.83 -5.07
N LEU M 499 28.23 -54.56 -6.38
CA LEU M 499 29.44 -54.23 -7.11
C LEU M 499 29.84 -52.79 -6.85
N PRO M 500 31.13 -52.47 -6.91
CA PRO M 500 31.57 -51.08 -6.70
C PRO M 500 31.13 -50.17 -7.84
N GLU M 501 31.03 -48.87 -7.51
CA GLU M 501 30.57 -47.88 -8.48
C GLU M 501 31.56 -47.70 -9.61
N VAL M 502 32.86 -47.62 -9.29
CA VAL M 502 33.88 -47.37 -10.30
C VAL M 502 34.07 -48.52 -11.28
N ALA M 503 33.53 -49.70 -10.97
CA ALA M 503 33.54 -50.82 -11.90
C ALA M 503 32.53 -50.67 -13.03
N PHE M 504 31.64 -49.67 -12.95
CA PHE M 504 30.62 -49.43 -13.95
C PHE M 504 31.05 -48.40 -14.99
N TYR M 505 32.31 -47.99 -14.99
CA TYR M 505 32.79 -46.86 -15.78
C TYR M 505 33.50 -47.36 -17.03
N MET M 506 33.08 -46.83 -18.19
CA MET M 506 33.65 -47.13 -19.51
C MET M 506 33.62 -48.63 -19.81
N VAL M 507 32.41 -49.17 -19.87
CA VAL M 507 32.18 -50.59 -20.11
C VAL M 507 31.01 -50.72 -21.08
N GLY M 508 31.18 -51.56 -22.09
CA GLY M 508 30.15 -51.73 -23.08
C GLY M 508 28.97 -52.57 -22.62
N PRO M 509 29.18 -53.87 -22.46
CA PRO M 509 28.10 -54.75 -22.01
C PRO M 509 28.03 -54.75 -20.48
N ILE M 510 27.13 -55.57 -19.95
CA ILE M 510 27.01 -55.73 -18.51
C ILE M 510 27.87 -56.87 -17.98
N GLU M 511 28.20 -57.86 -18.82
CA GLU M 511 29.17 -58.87 -18.44
C GLU M 511 30.55 -58.28 -18.27
N GLU M 512 30.85 -57.21 -19.02
CA GLU M 512 32.10 -56.49 -18.83
C GLU M 512 32.11 -55.75 -17.50
N VAL M 513 30.94 -55.31 -17.02
CA VAL M 513 30.85 -54.71 -15.69
C VAL M 513 31.14 -55.76 -14.61
N VAL M 514 30.60 -56.97 -14.79
CA VAL M 514 30.85 -58.04 -13.84
C VAL M 514 32.32 -58.43 -13.83
N ALA M 515 32.93 -58.51 -15.01
CA ALA M 515 34.36 -58.81 -15.10
C ALA M 515 35.20 -57.68 -14.50
N LYS M 516 34.80 -56.42 -14.72
CA LYS M 516 35.52 -55.29 -14.15
C LYS M 516 35.42 -55.30 -12.63
N ALA M 517 34.25 -55.63 -12.09
CA ALA M 517 34.09 -55.69 -10.64
C ALA M 517 34.87 -56.86 -10.04
N GLU M 518 34.92 -57.99 -10.74
CA GLU M 518 35.72 -59.12 -10.27
C GLU M 518 37.21 -58.79 -10.28
N LYS M 519 37.67 -58.07 -11.31
CA LYS M 519 39.07 -57.68 -11.37
C LYS M 519 39.39 -56.64 -10.30
N ILE M 520 38.45 -55.76 -9.99
CA ILE M 520 38.64 -54.80 -8.91
C ILE M 520 38.73 -55.51 -7.57
N ALA M 521 37.84 -56.48 -7.33
CA ALA M 521 37.85 -57.23 -6.07
C ALA M 521 39.10 -58.08 -5.91
N GLU M 522 39.59 -58.66 -7.02
CA GLU M 522 40.82 -59.45 -6.94
C GLU M 522 42.04 -58.56 -6.74
N SER M 523 42.05 -57.38 -7.36
CA SER M 523 43.20 -56.48 -7.21
C SER M 523 43.23 -55.83 -5.85
N GLN M 524 42.08 -55.38 -5.35
CA GLN M 524 42.00 -54.70 -4.06
C GLN M 524 41.99 -55.70 -2.92
N SER N 56 -28.02 1.39 -68.49
CA SER N 56 -27.73 0.69 -69.74
C SER N 56 -27.46 -0.79 -69.49
N ASN N 57 -26.70 -1.40 -70.40
CA ASN N 57 -26.30 -2.80 -70.27
C ASN N 57 -24.79 -2.89 -70.34
N GLY N 58 -24.19 -3.59 -69.39
CA GLY N 58 -22.77 -3.78 -69.35
C GLY N 58 -22.42 -5.26 -69.42
N GLN N 59 -21.14 -5.53 -69.63
CA GLN N 59 -20.64 -6.89 -69.74
C GLN N 59 -19.47 -7.09 -68.80
N ILE N 60 -19.46 -8.21 -68.10
CA ILE N 60 -18.37 -8.55 -67.20
C ILE N 60 -17.12 -8.82 -68.01
N THR N 61 -16.02 -8.14 -67.67
CA THR N 61 -14.77 -8.34 -68.36
C THR N 61 -13.69 -8.96 -67.49
N ALA N 62 -13.86 -8.98 -66.17
CA ALA N 62 -12.89 -9.65 -65.32
C ALA N 62 -13.55 -10.09 -64.02
N VAL N 63 -13.10 -11.23 -63.50
CA VAL N 63 -13.58 -11.78 -62.23
C VAL N 63 -12.35 -12.28 -61.46
N ILE N 64 -12.02 -11.61 -60.35
CA ILE N 64 -10.97 -12.06 -59.45
C ILE N 64 -11.52 -11.97 -58.04
N GLY N 65 -11.74 -13.11 -57.40
CA GLY N 65 -12.27 -13.13 -56.04
C GLY N 65 -13.67 -12.56 -56.01
N ALA N 66 -13.88 -11.58 -55.14
CA ALA N 66 -15.13 -10.86 -55.05
C ALA N 66 -15.11 -9.56 -55.82
N VAL N 67 -14.09 -9.35 -56.65
CA VAL N 67 -13.93 -8.13 -57.43
C VAL N 67 -14.30 -8.43 -58.88
N VAL N 68 -15.29 -7.70 -59.40
CA VAL N 68 -15.80 -7.90 -60.75
C VAL N 68 -15.60 -6.61 -61.52
N ASP N 69 -14.90 -6.70 -62.66
CA ASP N 69 -14.75 -5.58 -63.57
C ASP N 69 -15.80 -5.72 -64.66
N VAL N 70 -16.62 -4.68 -64.83
CA VAL N 70 -17.74 -4.68 -65.77
C VAL N 70 -17.56 -3.49 -66.71
N GLN N 71 -17.64 -3.75 -68.02
CA GLN N 71 -17.49 -2.71 -69.02
C GLN N 71 -18.86 -2.33 -69.57
N PHE N 72 -19.19 -1.05 -69.49
CA PHE N 72 -20.41 -0.50 -70.07
C PHE N 72 -20.03 0.22 -71.36
N GLU N 73 -20.64 -0.19 -72.47
CA GLU N 73 -20.42 0.51 -73.74
C GLU N 73 -21.45 1.60 -73.94
N ASP N 74 -21.61 2.44 -72.92
CA ASP N 74 -22.65 3.46 -72.83
C ASP N 74 -22.29 4.35 -71.65
N GLN N 75 -23.26 5.16 -71.22
CA GLN N 75 -23.11 5.97 -70.01
C GLN N 75 -22.85 5.09 -68.80
N LEU N 76 -21.80 5.42 -68.05
CA LEU N 76 -21.38 4.62 -66.91
C LEU N 76 -22.29 4.85 -65.70
N PRO N 77 -22.51 3.81 -64.89
CA PRO N 77 -23.17 4.02 -63.61
C PRO N 77 -22.24 4.74 -62.65
N PRO N 78 -22.79 5.53 -61.74
CA PRO N 78 -21.93 6.28 -60.81
C PRO N 78 -21.33 5.38 -59.73
N ILE N 79 -20.55 5.98 -58.82
CA ILE N 79 -20.00 5.23 -57.71
C ILE N 79 -21.12 4.90 -56.72
N LEU N 80 -20.97 3.77 -56.01
CA LEU N 80 -21.94 3.27 -55.02
C LEU N 80 -23.29 2.98 -55.66
N ASN N 81 -23.29 2.52 -56.90
CA ASN N 81 -24.49 2.20 -57.63
C ASN N 81 -24.67 0.68 -57.69
N ALA N 82 -25.91 0.24 -57.72
CA ALA N 82 -26.23 -1.18 -57.66
C ALA N 82 -26.42 -1.75 -59.05
N LEU N 83 -25.79 -2.89 -59.33
CA LEU N 83 -25.90 -3.58 -60.59
C LEU N 83 -26.35 -5.00 -60.34
N GLU N 84 -27.21 -5.52 -61.21
CA GLU N 84 -27.72 -6.89 -61.09
C GLU N 84 -27.23 -7.72 -62.26
N VAL N 85 -26.66 -8.88 -61.97
CA VAL N 85 -26.24 -9.81 -63.00
C VAL N 85 -27.46 -10.52 -63.56
N GLN N 86 -27.61 -10.53 -64.88
CA GLN N 86 -28.81 -10.96 -65.54
C GLN N 86 -28.83 -12.44 -65.90
N GLY N 87 -27.91 -13.23 -65.36
CA GLY N 87 -27.89 -14.65 -65.64
C GLY N 87 -28.06 -15.53 -64.42
N ARG N 88 -27.64 -15.03 -63.26
CA ARG N 88 -27.71 -15.82 -62.03
C ARG N 88 -29.14 -15.92 -61.52
N SER N 89 -29.53 -17.12 -61.13
CA SER N 89 -30.88 -17.33 -60.58
C SER N 89 -30.99 -16.79 -59.16
N PRO N 90 -30.02 -16.97 -58.26
CA PRO N 90 -29.99 -16.09 -57.08
C PRO N 90 -29.62 -14.67 -57.49
N ARG N 91 -30.21 -13.71 -56.80
CA ARG N 91 -30.05 -12.31 -57.16
C ARG N 91 -28.66 -11.84 -56.72
N LEU N 92 -27.75 -11.70 -57.67
CA LEU N 92 -26.40 -11.23 -57.41
C LEU N 92 -26.32 -9.73 -57.65
N ILE N 93 -25.79 -9.00 -56.68
CA ILE N 93 -25.75 -7.55 -56.70
C ILE N 93 -24.29 -7.11 -56.61
N LEU N 94 -23.88 -6.23 -57.52
CA LEU N 94 -22.55 -5.64 -57.54
C LEU N 94 -22.65 -4.16 -57.21
N GLU N 95 -21.68 -3.65 -56.45
CA GLU N 95 -21.67 -2.25 -56.06
C GLU N 95 -20.40 -1.59 -56.58
N VAL N 96 -20.57 -0.47 -57.27
CA VAL N 96 -19.46 0.20 -57.94
C VAL N 96 -18.56 0.87 -56.91
N ALA N 97 -17.25 0.68 -57.05
CA ALA N 97 -16.25 1.26 -56.17
C ALA N 97 -15.47 2.39 -56.79
N GLN N 98 -15.06 2.25 -58.06
CA GLN N 98 -14.25 3.28 -58.70
C GLN N 98 -14.40 3.19 -60.21
N HIS N 99 -14.03 4.28 -60.88
CA HIS N 99 -14.02 4.35 -62.34
C HIS N 99 -12.59 4.15 -62.82
N LEU N 100 -12.32 3.00 -63.41
CA LEU N 100 -10.98 2.66 -63.84
C LEU N 100 -10.58 3.33 -65.15
N GLY N 101 -11.52 3.91 -65.87
CA GLY N 101 -11.27 4.46 -67.19
C GLY N 101 -11.62 3.47 -68.28
N GLU N 102 -11.66 4.00 -69.51
CA GLU N 102 -11.99 3.25 -70.72
C GLU N 102 -13.36 2.58 -70.62
N ASN N 103 -14.32 3.30 -70.02
CA ASN N 103 -15.71 2.87 -69.86
C ASN N 103 -15.83 1.55 -69.10
N THR N 104 -14.96 1.33 -68.13
CA THR N 104 -15.00 0.15 -67.28
C THR N 104 -15.13 0.60 -65.83
N VAL N 105 -15.85 -0.20 -65.04
CA VAL N 105 -16.01 0.06 -63.62
C VAL N 105 -15.57 -1.18 -62.86
N ARG N 106 -15.18 -0.95 -61.61
CA ARG N 106 -14.79 -2.03 -60.70
C ARG N 106 -15.84 -2.14 -59.60
N THR N 107 -16.29 -3.35 -59.32
CA THR N 107 -17.39 -3.58 -58.42
C THR N 107 -17.01 -4.63 -57.39
N ILE N 108 -17.69 -4.57 -56.25
CA ILE N 108 -17.60 -5.60 -55.21
C ILE N 108 -18.91 -6.36 -55.19
N ALA N 109 -18.83 -7.68 -55.08
CA ALA N 109 -19.99 -8.55 -55.11
C ALA N 109 -20.56 -8.74 -53.71
N MET N 110 -21.88 -8.77 -53.63
CA MET N 110 -22.58 -9.06 -52.39
C MET N 110 -22.84 -10.54 -52.18
N ASP N 111 -22.44 -11.39 -53.11
CA ASP N 111 -22.57 -12.83 -52.97
C ASP N 111 -21.36 -13.48 -53.64
N GLY N 112 -21.37 -14.81 -53.72
CA GLY N 112 -20.25 -15.51 -54.30
C GLY N 112 -20.20 -15.37 -55.81
N THR N 113 -18.99 -15.48 -56.35
CA THR N 113 -18.73 -15.39 -57.79
C THR N 113 -18.13 -16.72 -58.22
N GLU N 114 -18.99 -17.64 -58.65
CA GLU N 114 -18.57 -18.99 -59.02
C GLU N 114 -18.69 -19.26 -60.51
N GLY N 115 -19.87 -19.03 -61.08
CA GLY N 115 -20.09 -19.31 -62.48
C GLY N 115 -20.28 -18.05 -63.31
N LEU N 116 -19.58 -16.98 -62.94
CA LEU N 116 -19.61 -15.75 -63.71
C LEU N 116 -18.72 -15.89 -64.94
N VAL N 117 -19.28 -15.57 -66.09
CA VAL N 117 -18.57 -15.70 -67.37
C VAL N 117 -18.26 -14.31 -67.89
N ARG N 118 -17.12 -14.18 -68.57
CA ARG N 118 -16.76 -12.92 -69.21
C ARG N 118 -17.76 -12.59 -70.30
N GLY N 119 -18.22 -11.34 -70.31
CA GLY N 119 -19.22 -10.91 -71.26
C GLY N 119 -20.65 -11.13 -70.83
N GLN N 120 -20.87 -11.58 -69.60
CA GLN N 120 -22.23 -11.78 -69.11
C GLN N 120 -22.93 -10.45 -68.89
N ASN N 121 -24.21 -10.40 -69.24
CA ASN N 121 -24.95 -9.15 -69.18
C ASN N 121 -25.18 -8.71 -67.74
N VAL N 122 -25.02 -7.42 -67.50
CA VAL N 122 -25.20 -6.80 -66.20
C VAL N 122 -26.06 -5.56 -66.40
N LEU N 123 -27.15 -5.47 -65.65
CA LEU N 123 -28.07 -4.34 -65.74
C LEU N 123 -27.87 -3.43 -64.54
N ASP N 124 -27.63 -2.15 -64.80
CA ASP N 124 -27.57 -1.18 -63.72
C ASP N 124 -28.97 -0.81 -63.29
N THR N 125 -29.16 -0.66 -61.97
CA THR N 125 -30.46 -0.34 -61.43
C THR N 125 -30.75 1.15 -61.39
N GLY N 126 -29.76 1.99 -61.69
CA GLY N 126 -29.95 3.43 -61.67
C GLY N 126 -29.95 4.04 -60.29
N ALA N 127 -29.60 3.26 -59.27
CA ALA N 127 -29.66 3.71 -57.89
C ALA N 127 -28.74 2.82 -57.07
N PRO N 128 -28.41 3.21 -55.83
CA PRO N 128 -27.74 2.27 -54.92
C PRO N 128 -28.63 1.11 -54.52
N ILE N 129 -28.13 0.21 -53.67
CA ILE N 129 -28.88 -0.95 -53.24
C ILE N 129 -30.13 -0.52 -52.49
N LYS N 130 -31.30 -0.78 -53.08
CA LYS N 130 -32.58 -0.39 -52.51
C LYS N 130 -33.19 -1.57 -51.78
N ILE N 131 -33.66 -1.33 -50.56
CA ILE N 131 -34.24 -2.37 -49.72
C ILE N 131 -35.69 -1.99 -49.44
N PRO N 132 -36.57 -2.96 -49.17
CA PRO N 132 -37.92 -2.61 -48.72
C PRO N 132 -37.90 -2.10 -47.29
N VAL N 133 -38.66 -1.04 -47.04
CA VAL N 133 -38.74 -0.45 -45.71
C VAL N 133 -40.21 -0.27 -45.35
N GLY N 134 -40.49 -0.31 -44.04
CA GLY N 134 -41.83 -0.12 -43.57
C GLY N 134 -42.16 -1.00 -42.40
N PRO N 135 -43.42 -0.93 -41.94
CA PRO N 135 -43.86 -1.83 -40.86
C PRO N 135 -43.89 -3.29 -41.27
N GLU N 136 -43.91 -3.59 -42.56
CA GLU N 136 -43.89 -4.98 -43.01
C GLU N 136 -42.52 -5.62 -42.84
N THR N 137 -41.48 -4.84 -42.56
CA THR N 137 -40.17 -5.36 -42.26
C THR N 137 -40.03 -5.81 -40.81
N LEU N 138 -40.96 -5.44 -39.95
CA LEU N 138 -40.88 -5.79 -38.54
C LEU N 138 -41.20 -7.27 -38.36
N GLY N 139 -40.35 -7.98 -37.64
CA GLY N 139 -40.50 -9.40 -37.47
C GLY N 139 -39.94 -10.23 -38.59
N ARG N 140 -39.36 -9.61 -39.61
CA ARG N 140 -38.81 -10.31 -40.76
C ARG N 140 -37.30 -10.13 -40.79
N ILE N 141 -36.60 -11.10 -41.34
CA ILE N 141 -35.16 -11.04 -41.55
C ILE N 141 -34.93 -10.84 -43.04
N MET N 142 -34.22 -9.77 -43.38
CA MET N 142 -33.83 -9.48 -44.74
C MET N 142 -32.32 -9.45 -44.83
N ASN N 143 -31.77 -9.81 -45.98
CA ASN N 143 -30.33 -9.77 -46.15
C ASN N 143 -29.86 -8.35 -46.46
N VAL N 144 -28.62 -8.21 -46.93
CA VAL N 144 -28.07 -6.90 -47.25
C VAL N 144 -28.84 -6.23 -48.38
N ILE N 145 -29.32 -7.01 -49.34
CA ILE N 145 -30.01 -6.47 -50.51
C ILE N 145 -31.52 -6.48 -50.33
N GLY N 146 -32.01 -6.75 -49.11
CA GLY N 146 -33.42 -6.66 -48.83
C GLY N 146 -34.24 -7.87 -49.16
N GLU N 147 -33.63 -8.95 -49.63
CA GLU N 147 -34.37 -10.17 -49.91
C GLU N 147 -34.75 -10.84 -48.59
N PRO N 148 -35.99 -11.33 -48.47
CA PRO N 148 -36.41 -12.00 -47.22
C PRO N 148 -35.69 -13.33 -47.06
N ILE N 149 -34.97 -13.47 -45.94
CA ILE N 149 -34.17 -14.64 -45.67
C ILE N 149 -34.76 -15.52 -44.56
N ASP N 150 -35.88 -15.08 -43.97
CA ASP N 150 -36.56 -15.84 -42.92
C ASP N 150 -37.55 -16.86 -43.47
N GLU N 151 -37.69 -16.95 -44.79
CA GLU N 151 -38.52 -17.95 -45.47
C GLU N 151 -39.98 -17.86 -45.04
N ARG N 152 -40.50 -16.64 -45.03
CA ARG N 152 -41.91 -16.40 -44.75
C ARG N 152 -42.62 -15.68 -45.89
N GLY N 153 -42.01 -15.63 -47.07
CA GLY N 153 -42.62 -15.03 -48.21
C GLY N 153 -42.08 -13.63 -48.49
N PRO N 154 -42.66 -12.95 -49.47
CA PRO N 154 -42.22 -11.59 -49.79
C PRO N 154 -42.63 -10.59 -48.72
N ILE N 155 -41.93 -9.47 -48.70
CA ILE N 155 -42.20 -8.43 -47.70
C ILE N 155 -43.27 -7.45 -48.17
N VAL N 156 -43.60 -7.43 -49.46
CA VAL N 156 -44.68 -6.69 -50.13
C VAL N 156 -44.87 -5.26 -49.65
N THR N 157 -43.80 -4.59 -49.25
CA THR N 157 -43.88 -3.18 -48.92
C THR N 157 -44.03 -2.35 -50.19
N ASP N 158 -44.55 -1.14 -50.02
CA ASP N 158 -44.62 -0.20 -51.12
C ASP N 158 -43.42 0.74 -51.15
N LYS N 159 -42.70 0.86 -50.04
CA LYS N 159 -41.64 1.84 -49.89
C LYS N 159 -40.28 1.17 -49.99
N PHE N 160 -39.40 1.73 -50.81
CA PHE N 160 -38.04 1.24 -50.97
C PHE N 160 -37.06 2.38 -50.72
N ALA N 161 -35.94 2.07 -50.09
CA ALA N 161 -34.95 3.09 -49.76
C ALA N 161 -33.56 2.59 -50.06
N ALA N 162 -32.71 3.48 -50.58
CA ALA N 162 -31.33 3.13 -50.89
C ALA N 162 -30.48 3.16 -49.63
N ILE N 163 -29.54 2.21 -49.53
CA ILE N 163 -28.77 2.05 -48.31
C ILE N 163 -27.67 3.10 -48.16
N HIS N 164 -27.38 3.87 -49.19
CA HIS N 164 -26.37 4.91 -49.14
C HIS N 164 -27.05 6.27 -49.17
N ALA N 165 -26.77 7.09 -48.15
CA ALA N 165 -27.38 8.40 -48.04
C ALA N 165 -26.45 9.31 -47.26
N ASP N 166 -26.66 10.61 -47.40
CA ASP N 166 -25.84 11.58 -46.71
C ASP N 166 -26.32 11.76 -45.27
N ALA N 167 -25.41 12.24 -44.43
CA ALA N 167 -25.75 12.62 -43.08
C ALA N 167 -26.61 13.88 -43.09
N PRO N 168 -27.42 14.09 -42.04
CA PRO N 168 -28.21 15.34 -41.97
C PRO N 168 -27.31 16.57 -41.90
N GLU N 169 -27.83 17.68 -42.42
CA GLU N 169 -27.07 18.90 -42.56
C GLU N 169 -26.91 19.60 -41.22
N PHE N 170 -26.23 20.76 -41.26
CA PHE N 170 -25.97 21.52 -40.05
C PHE N 170 -27.24 22.14 -39.48
N VAL N 171 -28.16 22.56 -40.34
CA VAL N 171 -29.41 23.15 -39.87
C VAL N 171 -30.30 22.09 -39.23
N GLU N 172 -30.30 20.88 -39.78
CA GLU N 172 -31.20 19.83 -39.32
C GLU N 172 -30.81 19.24 -37.98
N MET N 173 -29.62 19.55 -37.45
CA MET N 173 -29.14 18.94 -36.22
C MET N 173 -29.92 19.47 -35.02
N SER N 174 -30.12 18.58 -34.05
CA SER N 174 -30.80 18.94 -32.81
C SER N 174 -29.83 19.66 -31.89
N VAL N 175 -30.20 20.86 -31.46
CA VAL N 175 -29.30 21.68 -30.65
C VAL N 175 -29.16 21.11 -29.24
N GLN N 176 -30.29 20.77 -28.61
CA GLN N 176 -30.28 20.33 -27.23
C GLN N 176 -30.26 18.81 -27.15
N GLN N 177 -29.67 18.29 -26.07
CA GLN N 177 -29.57 16.86 -25.84
C GLN N 177 -30.69 16.40 -24.92
N GLU N 178 -31.05 15.13 -25.04
CA GLU N 178 -32.13 14.54 -24.27
C GLU N 178 -31.70 13.12 -23.88
N ILE N 179 -32.36 12.58 -22.86
CA ILE N 179 -32.02 11.28 -22.29
C ILE N 179 -33.08 10.27 -22.70
N LEU N 180 -32.64 9.13 -23.23
CA LEU N 180 -33.52 8.02 -23.51
C LEU N 180 -33.65 7.17 -22.24
N VAL N 181 -34.89 6.94 -21.81
CA VAL N 181 -35.12 6.40 -20.47
C VAL N 181 -34.79 4.91 -20.43
N THR N 182 -35.47 4.11 -21.24
CA THR N 182 -35.33 2.66 -21.42
C THR N 182 -35.77 1.83 -20.22
N GLY N 183 -36.15 2.46 -19.09
CA GLY N 183 -36.78 1.75 -18.00
C GLY N 183 -35.89 0.82 -17.20
N ILE N 184 -34.58 0.89 -17.35
CA ILE N 184 -33.66 0.02 -16.62
C ILE N 184 -32.91 0.87 -15.61
N LYS N 185 -32.93 0.45 -14.34
CA LYS N 185 -32.53 1.31 -13.23
C LYS N 185 -31.05 1.65 -13.28
N VAL N 186 -30.19 0.64 -13.49
CA VAL N 186 -28.74 0.89 -13.49
C VAL N 186 -28.36 1.74 -14.70
N VAL N 187 -28.97 1.48 -15.85
CA VAL N 187 -28.71 2.28 -17.04
C VAL N 187 -29.23 3.70 -16.86
N ASP N 188 -30.44 3.85 -16.31
CA ASP N 188 -31.01 5.18 -16.12
C ASP N 188 -30.20 6.01 -15.13
N LEU N 189 -29.71 5.38 -14.07
CA LEU N 189 -29.04 6.14 -13.03
C LEU N 189 -27.60 6.46 -13.39
N LEU N 190 -26.78 5.42 -13.59
CA LEU N 190 -25.34 5.61 -13.63
C LEU N 190 -24.81 5.98 -15.01
N ALA N 191 -25.32 5.38 -16.07
CA ALA N 191 -24.86 5.63 -17.43
C ALA N 191 -26.05 5.88 -18.34
N PRO N 192 -26.70 7.05 -18.23
CA PRO N 192 -27.91 7.28 -19.01
C PRO N 192 -27.63 7.40 -20.50
N TYR N 193 -28.51 6.80 -21.29
CA TYR N 193 -28.39 6.88 -22.74
C TYR N 193 -28.93 8.23 -23.22
N ALA N 194 -28.47 8.64 -24.40
CA ALA N 194 -28.92 9.88 -25.01
C ALA N 194 -29.63 9.57 -26.33
N LYS N 195 -30.71 10.29 -26.59
CA LYS N 195 -31.41 10.15 -27.86
C LYS N 195 -30.52 10.63 -29.00
N GLY N 196 -30.50 9.85 -30.08
CA GLY N 196 -29.61 10.17 -31.18
C GLY N 196 -28.15 9.99 -30.82
N GLY N 197 -27.82 8.94 -30.08
CA GLY N 197 -26.46 8.71 -29.65
C GLY N 197 -26.06 7.27 -29.85
N LYS N 198 -24.78 7.02 -29.67
CA LYS N 198 -24.19 5.69 -29.80
C LYS N 198 -23.63 5.28 -28.45
N ILE N 199 -23.97 4.07 -28.01
CA ILE N 199 -23.66 3.66 -26.65
C ILE N 199 -22.43 2.78 -26.62
N GLY N 200 -22.47 1.63 -27.26
CA GLY N 200 -21.33 0.75 -27.14
C GLY N 200 -21.51 -0.23 -26.01
N LEU N 201 -21.72 -1.49 -26.34
CA LEU N 201 -22.06 -2.52 -25.37
C LEU N 201 -20.86 -3.45 -25.23
N PHE N 202 -20.37 -3.60 -24.00
CA PHE N 202 -19.18 -4.38 -23.73
C PHE N 202 -19.53 -5.67 -23.02
N GLY N 203 -18.81 -6.73 -23.32
CA GLY N 203 -19.03 -8.01 -22.68
C GLY N 203 -19.91 -8.93 -23.49
N GLY N 204 -19.58 -10.22 -23.48
CA GLY N 204 -20.37 -11.20 -24.22
C GLY N 204 -20.53 -12.49 -23.45
N ALA N 205 -20.95 -13.54 -24.17
CA ALA N 205 -21.18 -14.90 -23.64
C ALA N 205 -22.27 -14.81 -22.57
N GLY N 206 -22.09 -15.41 -21.39
CA GLY N 206 -23.14 -15.47 -20.41
C GLY N 206 -23.19 -14.30 -19.45
N VAL N 207 -23.60 -13.13 -19.95
CA VAL N 207 -23.77 -11.96 -19.10
C VAL N 207 -25.16 -11.39 -19.33
N GLY N 208 -26.00 -12.15 -20.01
CA GLY N 208 -27.35 -11.69 -20.31
C GLY N 208 -27.42 -10.55 -21.31
N LYS N 209 -26.57 -10.59 -22.34
CA LYS N 209 -26.60 -9.54 -23.36
C LYS N 209 -27.86 -9.64 -24.22
N THR N 210 -28.26 -10.86 -24.57
CA THR N 210 -29.47 -11.07 -25.37
C THR N 210 -30.72 -10.62 -24.62
N VAL N 211 -30.80 -10.96 -23.33
CA VAL N 211 -31.93 -10.53 -22.51
C VAL N 211 -31.94 -9.02 -22.37
N LEU N 212 -30.76 -8.42 -22.26
CA LEU N 212 -30.68 -6.97 -22.10
C LEU N 212 -31.15 -6.25 -23.35
N ILE N 213 -30.73 -6.71 -24.53
CA ILE N 213 -31.15 -6.02 -25.75
C ILE N 213 -32.61 -6.29 -26.06
N MET N 214 -33.13 -7.48 -25.74
CA MET N 214 -34.55 -7.73 -25.94
C MET N 214 -35.41 -6.92 -24.98
N GLU N 215 -34.91 -6.67 -23.77
CA GLU N 215 -35.63 -5.81 -22.85
C GLU N 215 -35.56 -4.35 -23.26
N LEU N 216 -34.45 -3.95 -23.88
CA LEU N 216 -34.37 -2.60 -24.44
C LEU N 216 -35.38 -2.43 -25.57
N ILE N 217 -35.53 -3.44 -26.43
CA ILE N 217 -36.54 -3.40 -27.49
C ILE N 217 -37.93 -3.32 -26.89
N ASN N 218 -38.19 -4.14 -25.88
CA ASN N 218 -39.51 -4.18 -25.26
C ASN N 218 -39.84 -2.87 -24.56
N ASN N 219 -38.89 -2.28 -23.85
CA ASN N 219 -39.16 -1.06 -23.10
C ASN N 219 -39.27 0.16 -24.01
N VAL N 220 -38.50 0.20 -25.10
CA VAL N 220 -38.59 1.33 -26.02
C VAL N 220 -39.91 1.30 -26.77
N ALA N 221 -40.36 0.11 -27.18
CA ALA N 221 -41.64 0.01 -27.87
C ALA N 221 -42.81 0.22 -26.94
N LYS N 222 -42.71 -0.25 -25.69
CA LYS N 222 -43.82 -0.13 -24.77
C LYS N 222 -43.97 1.30 -24.24
N ALA N 223 -42.86 1.96 -23.92
CA ALA N 223 -42.94 3.30 -23.36
C ALA N 223 -42.92 4.38 -24.42
N HIS N 224 -41.83 4.46 -25.19
CA HIS N 224 -41.69 5.52 -26.19
C HIS N 224 -42.51 5.26 -27.44
N GLY N 225 -42.75 3.98 -27.77
CA GLY N 225 -43.52 3.63 -28.94
C GLY N 225 -42.71 3.39 -30.20
N GLY N 226 -41.41 3.65 -30.16
CA GLY N 226 -40.59 3.44 -31.34
C GLY N 226 -40.16 2.00 -31.49
N TYR N 227 -39.93 1.59 -32.74
CA TYR N 227 -39.54 0.24 -33.05
C TYR N 227 -38.03 0.08 -32.92
N SER N 228 -37.53 -1.09 -33.26
CA SER N 228 -36.11 -1.39 -33.13
C SER N 228 -35.65 -2.14 -34.37
N VAL N 229 -34.35 -2.06 -34.64
CA VAL N 229 -33.73 -2.77 -35.75
C VAL N 229 -32.46 -3.44 -35.22
N PHE N 230 -32.34 -4.74 -35.45
CA PHE N 230 -31.10 -5.45 -35.15
C PHE N 230 -30.34 -5.65 -36.46
N ALA N 231 -29.08 -5.24 -36.48
CA ALA N 231 -28.20 -5.44 -37.62
C ALA N 231 -27.09 -6.39 -37.18
N GLY N 232 -27.19 -7.64 -37.59
CA GLY N 232 -26.16 -8.61 -37.28
C GLY N 232 -25.02 -8.57 -38.27
N VAL N 233 -23.93 -7.92 -37.91
CA VAL N 233 -22.82 -7.68 -38.80
C VAL N 233 -21.75 -8.74 -38.53
N GLY N 234 -21.56 -9.65 -39.47
CA GLY N 234 -20.57 -10.69 -39.32
C GLY N 234 -20.89 -11.71 -38.24
N GLU N 235 -22.16 -11.83 -37.85
CA GLU N 235 -22.54 -12.71 -36.77
C GLU N 235 -22.56 -14.16 -37.25
N ARG N 236 -22.27 -15.07 -36.33
CA ARG N 236 -22.36 -16.49 -36.63
C ARG N 236 -23.80 -16.89 -36.91
N THR N 237 -23.96 -17.86 -37.81
CA THR N 237 -25.30 -18.30 -38.19
C THR N 237 -26.01 -19.03 -37.06
N ARG N 238 -25.25 -19.77 -36.24
CA ARG N 238 -25.83 -20.42 -35.08
C ARG N 238 -26.35 -19.39 -34.07
N GLU N 239 -25.57 -18.33 -33.82
CA GLU N 239 -26.00 -17.31 -32.89
C GLU N 239 -27.15 -16.47 -33.45
N GLY N 240 -27.19 -16.29 -34.76
CA GLY N 240 -28.31 -15.60 -35.37
C GLY N 240 -29.60 -16.38 -35.28
N ASN N 241 -29.52 -17.70 -35.43
CA ASN N 241 -30.71 -18.54 -35.26
C ASN N 241 -31.16 -18.55 -33.80
N ASP N 242 -30.21 -18.59 -32.87
CA ASP N 242 -30.54 -18.57 -31.45
C ASP N 242 -31.21 -17.25 -31.06
N LEU N 243 -30.72 -16.13 -31.59
CA LEU N 243 -31.31 -14.84 -31.25
C LEU N 243 -32.68 -14.66 -31.89
N TYR N 244 -32.86 -15.16 -33.11
CA TYR N 244 -34.16 -15.08 -33.78
C TYR N 244 -35.22 -15.85 -33.02
N HIS N 245 -34.88 -17.06 -32.56
CA HIS N 245 -35.86 -17.85 -31.83
C HIS N 245 -36.07 -17.33 -30.41
N GLU N 246 -35.05 -16.69 -29.83
CA GLU N 246 -35.24 -16.05 -28.53
C GLU N 246 -36.15 -14.84 -28.63
N MET N 247 -36.06 -14.10 -29.74
CA MET N 247 -36.95 -12.95 -29.92
C MET N 247 -38.38 -13.39 -30.21
N ILE N 248 -38.56 -14.50 -30.92
CA ILE N 248 -39.90 -15.07 -31.08
C ILE N 248 -40.45 -15.52 -29.74
N GLU N 249 -39.62 -16.21 -28.94
CA GLU N 249 -40.06 -16.74 -27.66
C GLU N 249 -40.39 -15.65 -26.65
N SER N 250 -39.67 -14.53 -26.71
CA SER N 250 -39.85 -13.46 -25.76
C SER N 250 -40.97 -12.50 -26.13
N GLY N 251 -41.62 -12.71 -27.27
CA GLY N 251 -42.70 -11.84 -27.70
C GLY N 251 -42.26 -10.61 -28.46
N VAL N 252 -40.96 -10.41 -28.65
CA VAL N 252 -40.48 -9.30 -29.46
C VAL N 252 -40.87 -9.50 -30.92
N ILE N 253 -40.78 -10.73 -31.41
CA ILE N 253 -41.20 -11.09 -32.76
C ILE N 253 -42.43 -11.97 -32.67
N SER N 254 -43.48 -11.59 -33.38
CA SER N 254 -44.73 -12.35 -33.42
C SER N 254 -44.91 -12.90 -34.82
N LEU N 255 -45.05 -14.23 -34.92
CA LEU N 255 -45.25 -14.88 -36.20
C LEU N 255 -46.72 -15.03 -36.56
N LYS N 256 -47.63 -14.55 -35.72
CA LYS N 256 -49.06 -14.71 -35.95
C LYS N 256 -49.75 -13.39 -36.31
N ASP N 257 -49.59 -12.37 -35.47
CA ASP N 257 -50.19 -11.06 -35.72
C ASP N 257 -49.11 -10.06 -36.07
N LYS N 258 -49.50 -8.79 -36.19
CA LYS N 258 -48.61 -7.71 -36.60
C LYS N 258 -48.15 -6.86 -35.43
N THR N 259 -47.87 -7.50 -34.29
CA THR N 259 -47.40 -6.79 -33.10
C THR N 259 -45.90 -6.99 -32.87
N SER N 260 -45.17 -7.48 -33.88
CA SER N 260 -43.73 -7.60 -33.75
C SER N 260 -43.08 -6.22 -33.74
N LYS N 261 -41.98 -6.11 -33.00
CA LYS N 261 -41.38 -4.82 -32.69
C LYS N 261 -40.00 -4.61 -33.28
N VAL N 262 -39.36 -5.64 -33.83
CA VAL N 262 -37.99 -5.53 -34.28
C VAL N 262 -37.86 -6.04 -35.70
N ALA N 263 -36.85 -5.54 -36.40
CA ALA N 263 -36.47 -5.98 -37.73
C ALA N 263 -35.02 -6.43 -37.71
N LEU N 264 -34.74 -7.53 -38.39
CA LEU N 264 -33.42 -8.17 -38.34
C LEU N 264 -32.75 -8.10 -39.70
N VAL N 265 -31.41 -8.11 -39.70
CA VAL N 265 -30.65 -8.06 -40.94
C VAL N 265 -29.75 -9.28 -41.08
N TYR N 266 -28.87 -9.52 -40.11
CA TYR N 266 -28.09 -10.76 -39.99
C TYR N 266 -27.22 -11.02 -41.23
N GLY N 267 -26.22 -10.17 -41.42
CA GLY N 267 -25.18 -10.49 -42.37
C GLY N 267 -24.23 -11.53 -41.81
N GLN N 268 -24.21 -12.72 -42.41
CA GLN N 268 -23.51 -13.85 -41.81
C GLN N 268 -22.01 -13.71 -41.95
N MET N 269 -21.29 -14.62 -41.28
CA MET N 269 -19.84 -14.60 -41.29
C MET N 269 -19.24 -15.25 -42.53
N ASN N 270 -20.05 -16.00 -43.28
CA ASN N 270 -19.59 -16.62 -44.52
C ASN N 270 -19.87 -15.74 -45.73
N GLU N 271 -20.42 -14.55 -45.53
CA GLU N 271 -20.71 -13.64 -46.62
C GLU N 271 -19.42 -13.05 -47.18
N PRO N 272 -19.46 -12.53 -48.41
CA PRO N 272 -18.34 -11.73 -48.91
C PRO N 272 -18.20 -10.45 -48.12
N PRO N 273 -17.00 -9.87 -48.07
CA PRO N 273 -16.79 -8.66 -47.24
C PRO N 273 -17.64 -7.46 -47.62
N GLY N 274 -18.08 -7.36 -48.87
CA GLY N 274 -18.95 -6.27 -49.26
C GLY N 274 -20.31 -6.33 -48.60
N ALA N 275 -20.88 -7.54 -48.50
CA ALA N 275 -22.18 -7.70 -47.85
C ALA N 275 -22.10 -7.42 -46.36
N ARG N 276 -21.01 -7.86 -45.71
CA ARG N 276 -20.85 -7.60 -44.29
C ARG N 276 -20.55 -6.13 -44.01
N ALA N 277 -19.99 -5.42 -44.97
CA ALA N 277 -19.77 -3.99 -44.80
C ALA N 277 -21.05 -3.19 -44.98
N ARG N 278 -21.93 -3.62 -45.88
CA ARG N 278 -23.15 -2.88 -46.16
C ARG N 278 -24.35 -3.31 -45.33
N VAL N 279 -24.21 -4.37 -44.51
CA VAL N 279 -25.33 -4.83 -43.70
C VAL N 279 -25.70 -3.80 -42.64
N ALA N 280 -24.70 -3.13 -42.06
CA ALA N 280 -24.97 -2.07 -41.09
C ALA N 280 -25.68 -0.88 -41.73
N LEU N 281 -25.38 -0.62 -43.00
CA LEU N 281 -26.08 0.44 -43.73
C LEU N 281 -27.52 0.03 -44.05
N THR N 282 -27.75 -1.25 -44.30
CA THR N 282 -29.10 -1.75 -44.54
C THR N 282 -29.98 -1.60 -43.30
N GLY N 283 -29.44 -2.00 -42.15
CA GLY N 283 -30.19 -1.83 -40.90
C GLY N 283 -30.39 -0.37 -40.54
N LEU N 284 -29.38 0.46 -40.82
CA LEU N 284 -29.51 1.90 -40.61
C LEU N 284 -30.54 2.51 -41.53
N THR N 285 -30.73 1.95 -42.73
CA THR N 285 -31.74 2.45 -43.65
C THR N 285 -33.15 2.14 -43.17
N VAL N 286 -33.34 0.93 -42.63
CA VAL N 286 -34.63 0.60 -42.03
C VAL N 286 -34.93 1.51 -40.84
N ALA N 287 -33.90 1.74 -39.99
CA ALA N 287 -34.07 2.65 -38.87
C ALA N 287 -34.32 4.08 -39.32
N GLU N 288 -33.72 4.51 -40.43
CA GLU N 288 -33.93 5.86 -40.92
C GLU N 288 -35.34 6.05 -41.48
N TYR N 289 -35.91 4.99 -42.07
CA TYR N 289 -37.32 5.08 -42.46
C TYR N 289 -38.22 5.21 -41.25
N PHE N 290 -37.93 4.44 -40.20
CA PHE N 290 -38.74 4.53 -38.98
C PHE N 290 -38.61 5.90 -38.32
N ARG N 291 -37.47 6.56 -38.49
CA ARG N 291 -37.29 7.90 -37.92
C ARG N 291 -37.95 8.97 -38.75
N ASP N 292 -37.60 9.04 -40.05
CA ASP N 292 -38.01 10.18 -40.86
C ASP N 292 -39.48 10.12 -41.23
N GLN N 293 -39.98 8.95 -41.59
CA GLN N 293 -41.35 8.82 -42.09
C GLN N 293 -42.37 8.49 -41.01
N GLU N 294 -41.94 8.34 -39.75
CA GLU N 294 -42.86 8.06 -38.67
C GLU N 294 -42.64 8.94 -37.44
N GLY N 295 -41.52 9.65 -37.35
CA GLY N 295 -41.23 10.48 -36.19
C GLY N 295 -41.01 9.70 -34.91
N GLN N 296 -40.29 8.58 -34.99
CA GLN N 296 -40.10 7.70 -33.86
C GLN N 296 -38.70 7.85 -33.28
N ASP N 297 -38.53 7.31 -32.07
CA ASP N 297 -37.22 7.20 -31.43
C ASP N 297 -36.78 5.75 -31.63
N VAL N 298 -36.15 5.49 -32.76
CA VAL N 298 -35.79 4.14 -33.17
C VAL N 298 -34.58 3.67 -32.39
N LEU N 299 -34.49 2.36 -32.20
CA LEU N 299 -33.30 1.71 -31.68
C LEU N 299 -32.62 0.93 -32.79
N LEU N 300 -31.31 1.06 -32.88
CA LEU N 300 -30.52 0.30 -33.83
C LEU N 300 -29.51 -0.53 -33.06
N PHE N 301 -29.47 -1.82 -33.33
CA PHE N 301 -28.51 -2.71 -32.68
C PHE N 301 -27.54 -3.22 -33.72
N ILE N 302 -26.25 -3.04 -33.46
CA ILE N 302 -25.19 -3.48 -34.34
C ILE N 302 -24.34 -4.49 -33.58
N ASP N 303 -24.21 -5.69 -34.13
CA ASP N 303 -23.46 -6.76 -33.49
C ASP N 303 -22.84 -7.60 -34.61
N ASN N 304 -21.53 -7.49 -34.81
CA ASN N 304 -20.65 -6.65 -34.00
C ASN N 304 -20.23 -5.43 -34.79
N ILE N 305 -19.74 -4.39 -34.12
CA ILE N 305 -19.23 -3.22 -34.84
C ILE N 305 -17.76 -3.37 -35.21
N PHE N 306 -17.05 -4.31 -34.60
CA PHE N 306 -15.70 -4.63 -35.02
C PHE N 306 -15.69 -5.44 -36.30
N ARG N 307 -16.71 -6.27 -36.52
CA ARG N 307 -16.84 -7.00 -37.77
C ARG N 307 -17.14 -6.06 -38.94
N PHE N 308 -17.80 -4.94 -38.66
CA PHE N 308 -17.99 -3.91 -39.68
C PHE N 308 -16.66 -3.32 -40.11
N THR N 309 -15.80 -3.00 -39.12
CA THR N 309 -14.47 -2.50 -39.45
C THR N 309 -13.62 -3.55 -40.19
N GLN N 310 -13.68 -4.81 -39.76
CA GLN N 310 -12.90 -5.87 -40.39
C GLN N 310 -13.36 -6.13 -41.82
N ALA N 311 -14.67 -6.06 -42.07
CA ALA N 311 -15.17 -6.21 -43.43
C ALA N 311 -14.77 -5.04 -44.31
N GLY N 312 -14.79 -3.82 -43.76
CA GLY N 312 -14.31 -2.68 -44.52
C GLY N 312 -12.83 -2.77 -44.83
N SER N 313 -12.03 -3.30 -43.90
CA SER N 313 -10.62 -3.50 -44.14
C SER N 313 -10.37 -4.54 -45.22
N GLU N 314 -11.19 -5.60 -45.24
CA GLU N 314 -11.04 -6.62 -46.27
C GLU N 314 -11.47 -6.09 -47.63
N VAL N 315 -12.50 -5.24 -47.69
CA VAL N 315 -12.92 -4.64 -48.94
C VAL N 315 -11.83 -3.74 -49.50
N SER N 316 -11.22 -2.90 -48.65
CA SER N 316 -10.14 -2.04 -49.11
C SER N 316 -8.89 -2.81 -49.51
N ALA N 317 -8.61 -3.93 -48.83
CA ALA N 317 -7.45 -4.73 -49.21
C ALA N 317 -7.69 -5.48 -50.51
N LEU N 318 -8.95 -5.83 -50.81
CA LEU N 318 -9.25 -6.45 -52.09
C LEU N 318 -9.18 -5.47 -53.25
N LEU N 319 -9.28 -4.18 -52.97
CA LEU N 319 -9.17 -3.15 -54.00
C LEU N 319 -7.73 -2.74 -54.27
N GLY N 320 -6.76 -3.30 -53.54
CA GLY N 320 -5.37 -2.99 -53.77
C GLY N 320 -4.88 -1.71 -53.14
N ARG N 321 -5.64 -1.09 -52.25
CA ARG N 321 -5.21 0.15 -51.63
C ARG N 321 -4.10 -0.12 -50.60
N ILE N 322 -3.33 0.92 -50.31
CA ILE N 322 -2.25 0.84 -49.34
C ILE N 322 -2.84 0.89 -47.94
N PRO N 323 -2.61 -0.13 -47.11
CA PRO N 323 -3.19 -0.11 -45.76
C PRO N 323 -2.50 0.90 -44.86
N SER N 324 -3.25 1.37 -43.88
CA SER N 324 -2.79 2.37 -42.91
C SER N 324 -2.09 1.66 -41.75
N ALA N 325 -1.92 2.38 -40.65
CA ALA N 325 -1.26 1.83 -39.46
C ALA N 325 -2.04 0.66 -38.89
N VAL N 326 -1.30 -0.33 -38.37
CA VAL N 326 -1.77 -1.59 -37.80
C VAL N 326 -2.72 -2.30 -38.77
N GLY N 327 -2.40 -2.24 -40.06
CA GLY N 327 -3.07 -3.05 -41.05
C GLY N 327 -4.45 -2.61 -41.46
N TYR N 328 -4.96 -1.50 -40.96
CA TYR N 328 -6.31 -1.08 -41.28
C TYR N 328 -6.33 -0.27 -42.58
N GLN N 329 -7.54 -0.01 -43.07
CA GLN N 329 -7.71 0.77 -44.28
C GLN N 329 -7.38 2.24 -44.01
N PRO N 330 -6.86 2.97 -45.01
CA PRO N 330 -6.57 4.40 -44.79
C PRO N 330 -7.82 5.24 -44.65
N THR N 331 -8.98 4.75 -45.06
CA THR N 331 -10.24 5.47 -44.97
C THR N 331 -11.07 5.00 -43.78
N LEU N 332 -10.43 4.51 -42.73
CA LEU N 332 -11.15 3.97 -41.58
C LEU N 332 -11.93 5.03 -40.83
N ALA N 333 -11.32 6.21 -40.64
CA ALA N 333 -11.97 7.28 -39.88
C ALA N 333 -13.17 7.83 -40.62
N THR N 334 -13.05 8.03 -41.93
CA THR N 334 -14.15 8.60 -42.69
C THR N 334 -15.25 7.56 -42.98
N ASP N 335 -14.89 6.28 -43.11
CA ASP N 335 -15.92 5.24 -43.26
C ASP N 335 -16.73 5.09 -41.98
N MET N 336 -16.06 5.09 -40.83
CA MET N 336 -16.77 5.10 -39.56
C MET N 336 -17.60 6.36 -39.41
N GLY N 337 -17.06 7.51 -39.84
CA GLY N 337 -17.80 8.75 -39.73
C GLY N 337 -19.06 8.78 -40.58
N THR N 338 -18.98 8.26 -41.81
CA THR N 338 -20.15 8.26 -42.67
C THR N 338 -21.21 7.28 -42.18
N MET N 339 -20.79 6.17 -41.56
CA MET N 339 -21.77 5.24 -41.00
C MET N 339 -22.43 5.81 -39.76
N GLN N 340 -21.65 6.45 -38.89
CA GLN N 340 -22.14 6.87 -37.58
C GLN N 340 -22.80 8.24 -37.56
N GLU N 341 -22.55 9.08 -38.55
CA GLU N 341 -23.18 10.40 -38.53
C GLU N 341 -24.63 10.36 -39.01
N ARG N 342 -25.06 9.28 -39.64
CA ARG N 342 -26.47 9.06 -39.91
C ARG N 342 -27.24 8.61 -38.67
N ILE N 343 -26.53 8.21 -37.61
CA ILE N 343 -27.15 7.85 -36.34
C ILE N 343 -27.10 9.10 -35.47
N THR N 344 -28.17 9.88 -35.51
CA THR N 344 -28.24 11.12 -34.76
C THR N 344 -29.70 11.46 -34.51
N THR N 345 -29.93 12.56 -33.81
CA THR N 345 -31.28 13.05 -33.56
C THR N 345 -31.54 14.26 -34.45
N THR N 346 -32.62 14.20 -35.20
CA THR N 346 -33.02 15.26 -36.11
C THR N 346 -34.34 15.87 -35.65
N LYS N 347 -34.85 16.81 -36.44
CA LYS N 347 -36.11 17.46 -36.11
C LYS N 347 -37.32 16.56 -36.31
N LYS N 348 -37.18 15.43 -36.99
CA LYS N 348 -38.28 14.50 -37.17
C LYS N 348 -38.29 13.41 -36.10
N GLY N 349 -37.16 12.80 -35.85
CA GLY N 349 -37.05 11.76 -34.85
C GLY N 349 -35.63 11.60 -34.40
N SER N 350 -35.31 10.40 -33.91
CA SER N 350 -33.96 10.10 -33.46
C SER N 350 -33.70 8.61 -33.64
N ILE N 351 -32.42 8.28 -33.80
CA ILE N 351 -31.97 6.90 -33.85
C ILE N 351 -30.89 6.73 -32.79
N THR N 352 -31.15 5.84 -31.83
CA THR N 352 -30.20 5.54 -30.78
C THR N 352 -29.60 4.17 -31.07
N SER N 353 -28.28 4.09 -31.09
CA SER N 353 -27.60 2.88 -31.50
C SER N 353 -26.88 2.25 -30.33
N VAL N 354 -27.19 0.99 -30.05
CA VAL N 354 -26.45 0.17 -29.09
C VAL N 354 -25.61 -0.80 -29.92
N GLN N 355 -24.29 -0.71 -29.77
CA GLN N 355 -23.37 -1.43 -30.61
C GLN N 355 -22.49 -2.35 -29.77
N ALA N 356 -22.45 -3.63 -30.12
CA ALA N 356 -21.53 -4.54 -29.45
C ALA N 356 -20.12 -4.29 -29.93
N ILE N 357 -19.19 -4.14 -29.00
CA ILE N 357 -17.83 -3.73 -29.30
C ILE N 357 -16.87 -4.83 -28.87
N TYR N 358 -16.05 -5.29 -29.79
CA TYR N 358 -14.96 -6.21 -29.51
C TYR N 358 -13.64 -5.46 -29.58
N VAL N 359 -12.80 -5.64 -28.58
CA VAL N 359 -11.51 -4.97 -28.50
C VAL N 359 -10.42 -5.97 -28.85
N PRO N 360 -9.73 -5.81 -29.97
CA PRO N 360 -8.70 -6.79 -30.36
C PRO N 360 -7.47 -6.73 -29.47
N ALA N 361 -7.06 -7.89 -28.96
CA ALA N 361 -5.88 -8.08 -28.12
C ALA N 361 -5.93 -7.26 -26.83
N ASP N 362 -7.13 -6.91 -26.37
CA ASP N 362 -7.36 -6.11 -25.16
C ASP N 362 -6.60 -4.79 -25.18
N ASP N 363 -6.56 -4.15 -26.35
CA ASP N 363 -5.82 -2.90 -26.56
C ASP N 363 -6.83 -1.82 -26.90
N LEU N 364 -7.05 -0.89 -25.97
CA LEU N 364 -7.97 0.21 -26.21
C LEU N 364 -7.35 1.32 -27.06
N THR N 365 -6.05 1.29 -27.30
CA THR N 365 -5.39 2.22 -28.19
C THR N 365 -5.27 1.70 -29.61
N ASP N 366 -5.84 0.53 -29.89
CA ASP N 366 -5.90 0.01 -31.24
C ASP N 366 -6.74 0.95 -32.10
N PRO N 367 -6.39 1.12 -33.38
CA PRO N 367 -7.10 2.11 -34.22
C PRO N 367 -8.60 1.89 -34.38
N ALA N 368 -9.07 0.64 -34.39
CA ALA N 368 -10.51 0.43 -34.56
C ALA N 368 -11.31 0.76 -33.30
N PRO N 369 -10.94 0.32 -32.08
CA PRO N 369 -11.64 0.86 -30.90
C PRO N 369 -11.46 2.34 -30.70
N ALA N 370 -10.29 2.90 -31.01
CA ALA N 370 -10.08 4.34 -30.81
C ALA N 370 -10.91 5.17 -31.77
N THR N 371 -11.13 4.66 -32.99
CA THR N 371 -12.01 5.35 -33.92
C THR N 371 -13.47 5.21 -33.50
N THR N 372 -13.83 4.05 -32.94
CA THR N 372 -15.21 3.84 -32.49
C THR N 372 -15.53 4.73 -31.29
N PHE N 373 -14.59 4.90 -30.36
CA PHE N 373 -14.84 5.65 -29.14
C PHE N 373 -15.03 7.14 -29.37
N ALA N 374 -14.68 7.66 -30.54
CA ALA N 374 -14.87 9.08 -30.80
C ALA N 374 -16.35 9.43 -30.97
N HIS N 375 -17.13 8.50 -31.52
CA HIS N 375 -18.55 8.72 -31.75
C HIS N 375 -19.43 8.19 -30.63
N LEU N 376 -18.84 7.60 -29.60
CA LEU N 376 -19.62 7.01 -28.52
C LEU N 376 -20.06 8.09 -27.54
N ASP N 377 -21.33 8.03 -27.15
CA ASP N 377 -21.90 8.97 -26.19
C ASP N 377 -22.13 8.36 -24.82
N ALA N 378 -21.94 7.06 -24.67
CA ALA N 378 -22.18 6.38 -23.41
C ALA N 378 -21.32 5.12 -23.39
N THR N 379 -21.60 4.23 -22.45
CA THR N 379 -20.89 2.97 -22.27
C THR N 379 -21.70 2.08 -21.34
N THR N 380 -21.91 0.81 -21.73
CA THR N 380 -22.57 -0.16 -20.87
C THR N 380 -21.70 -1.41 -20.82
N VAL N 381 -21.06 -1.65 -19.69
CA VAL N 381 -20.16 -2.78 -19.53
C VAL N 381 -20.90 -3.89 -18.79
N LEU N 382 -21.02 -5.04 -19.43
CA LEU N 382 -21.61 -6.22 -18.79
C LEU N 382 -20.50 -7.03 -18.14
N SER N 383 -20.57 -7.19 -16.83
CA SER N 383 -19.50 -7.78 -16.05
C SER N 383 -19.85 -9.22 -15.70
N ARG N 384 -18.89 -10.12 -15.88
CA ARG N 384 -19.09 -11.52 -15.48
C ARG N 384 -19.15 -11.65 -13.96
N ALA N 385 -18.37 -10.84 -13.25
CA ALA N 385 -18.33 -10.93 -11.79
C ALA N 385 -19.66 -10.53 -11.16
N ILE N 386 -20.33 -9.53 -11.75
CA ILE N 386 -21.64 -9.12 -11.24
C ILE N 386 -22.67 -10.20 -11.51
N ALA N 387 -22.56 -10.88 -12.66
CA ALA N 387 -23.45 -12.01 -12.93
C ALA N 387 -23.20 -13.16 -11.97
N GLU N 388 -21.96 -13.31 -11.49
CA GLU N 388 -21.69 -14.32 -10.46
C GLU N 388 -22.32 -13.96 -9.12
N LEU N 389 -22.61 -12.68 -8.88
CA LEU N 389 -23.26 -12.25 -7.65
C LEU N 389 -24.77 -12.38 -7.72
N GLY N 390 -25.32 -12.83 -8.84
CA GLY N 390 -26.75 -12.98 -9.00
C GLY N 390 -27.49 -11.71 -9.37
N ILE N 391 -26.79 -10.60 -9.56
CA ILE N 391 -27.43 -9.35 -9.93
C ILE N 391 -27.67 -9.34 -11.43
N TYR N 392 -28.92 -9.16 -11.83
CA TYR N 392 -29.27 -9.09 -13.24
C TYR N 392 -30.13 -7.85 -13.46
N PRO N 393 -29.81 -7.00 -14.44
CA PRO N 393 -28.75 -7.12 -15.45
C PRO N 393 -27.35 -6.87 -14.90
N ALA N 394 -26.36 -7.57 -15.44
CA ALA N 394 -25.01 -7.53 -14.89
C ALA N 394 -24.24 -6.34 -15.40
N VAL N 395 -24.81 -5.15 -15.28
CA VAL N 395 -24.16 -3.93 -15.72
C VAL N 395 -23.21 -3.45 -14.63
N ASP N 396 -21.96 -3.23 -14.99
CA ASP N 396 -20.99 -2.71 -14.05
C ASP N 396 -21.29 -1.24 -13.78
N PRO N 397 -21.59 -0.85 -12.55
CA PRO N 397 -21.99 0.55 -12.30
C PRO N 397 -20.83 1.52 -12.35
N LEU N 398 -19.60 1.06 -12.22
CA LEU N 398 -18.44 1.92 -12.24
C LEU N 398 -17.75 1.96 -13.59
N ASP N 399 -17.69 0.82 -14.29
CA ASP N 399 -17.11 0.81 -15.64
C ASP N 399 -18.00 1.51 -16.65
N SER N 400 -19.31 1.40 -16.49
CA SER N 400 -20.23 2.07 -17.40
C SER N 400 -20.23 3.57 -17.14
N THR N 401 -20.15 4.35 -18.21
CA THR N 401 -20.10 5.80 -18.11
C THR N 401 -20.94 6.42 -19.21
N SER N 402 -21.24 7.70 -19.06
CA SER N 402 -22.03 8.43 -20.02
C SER N 402 -21.55 9.86 -20.07
N ARG N 403 -21.70 10.49 -21.23
CA ARG N 403 -21.27 11.87 -21.41
C ARG N 403 -22.34 12.88 -21.06
N ILE N 404 -23.57 12.44 -20.78
CA ILE N 404 -24.64 13.34 -20.40
C ILE N 404 -24.81 13.42 -18.89
N LEU N 405 -23.87 12.88 -18.13
CA LEU N 405 -23.83 13.07 -16.67
C LEU N 405 -23.36 14.49 -16.41
N ASP N 406 -24.31 15.42 -16.44
CA ASP N 406 -24.02 16.83 -16.32
C ASP N 406 -25.25 17.48 -15.70
N PRO N 407 -25.08 18.48 -14.83
CA PRO N 407 -26.26 19.16 -14.27
C PRO N 407 -26.82 20.24 -15.20
N ASN N 408 -26.88 19.94 -16.49
CA ASN N 408 -27.62 20.75 -17.46
C ASN N 408 -28.47 19.92 -18.40
N ILE N 409 -28.18 18.62 -18.54
CA ILE N 409 -28.93 17.75 -19.44
C ILE N 409 -29.89 16.85 -18.67
N ILE N 410 -29.41 16.22 -17.59
CA ILE N 410 -30.24 15.33 -16.79
C ILE N 410 -30.79 15.99 -15.53
N GLY N 411 -30.23 17.11 -15.10
CA GLY N 411 -30.71 17.80 -13.93
C GLY N 411 -29.74 17.69 -12.76
N GLU N 412 -29.93 18.59 -11.78
CA GLU N 412 -29.05 18.62 -10.63
C GLU N 412 -29.27 17.41 -9.71
N GLU N 413 -30.53 17.04 -9.48
CA GLU N 413 -30.83 15.95 -8.57
C GLU N 413 -30.34 14.61 -9.10
N HIS N 414 -30.56 14.36 -10.39
CA HIS N 414 -30.07 13.12 -11.02
C HIS N 414 -28.56 13.04 -10.96
N TYR N 415 -27.88 14.16 -11.23
CA TYR N 415 -26.41 14.15 -11.22
C TYR N 415 -25.87 13.92 -9.82
N ASN N 416 -26.47 14.58 -8.81
CA ASN N 416 -25.99 14.43 -7.44
C ASN N 416 -26.22 13.03 -6.91
N ILE N 417 -27.37 12.43 -7.23
CA ILE N 417 -27.67 11.08 -6.76
C ILE N 417 -26.77 10.06 -7.43
N ALA N 418 -26.52 10.22 -8.74
CA ALA N 418 -25.63 9.31 -9.45
C ALA N 418 -24.20 9.42 -8.93
N ARG N 419 -23.74 10.63 -8.63
CA ARG N 419 -22.41 10.80 -8.05
C ARG N 419 -22.34 10.21 -6.65
N GLY N 420 -23.40 10.35 -5.86
CA GLY N 420 -23.42 9.75 -4.53
C GLY N 420 -23.41 8.24 -4.56
N VAL N 421 -24.15 7.65 -5.50
CA VAL N 421 -24.15 6.19 -5.65
C VAL N 421 -22.78 5.70 -6.10
N GLN N 422 -22.15 6.43 -7.05
CA GLN N 422 -20.81 6.06 -7.50
C GLN N 422 -19.79 6.16 -6.39
N LYS N 423 -19.88 7.22 -5.55
CA LYS N 423 -18.94 7.38 -4.46
C LYS N 423 -19.10 6.27 -3.41
N ILE N 424 -20.35 5.90 -3.10
CA ILE N 424 -20.57 4.83 -2.13
C ILE N 424 -20.06 3.49 -2.65
N LEU N 425 -20.29 3.21 -3.93
CA LEU N 425 -19.80 1.96 -4.50
C LEU N 425 -18.27 1.95 -4.61
N GLN N 426 -17.66 3.10 -4.85
CA GLN N 426 -16.19 3.17 -4.83
C GLN N 426 -15.64 2.92 -3.44
N ASP N 427 -16.31 3.46 -2.41
CA ASP N 427 -15.91 3.18 -1.03
C ASP N 427 -16.07 1.69 -0.70
N TYR N 428 -17.14 1.08 -1.20
CA TYR N 428 -17.35 -0.35 -1.00
C TYR N 428 -16.24 -1.17 -1.64
N LYS N 429 -15.85 -0.81 -2.87
CA LYS N 429 -14.78 -1.55 -3.54
C LYS N 429 -13.44 -1.36 -2.84
N SER N 430 -13.19 -0.18 -2.29
CA SER N 430 -11.99 0.03 -1.49
C SER N 430 -12.00 -0.83 -0.23
N LEU N 431 -13.16 -0.92 0.43
CA LEU N 431 -13.27 -1.68 1.67
C LEU N 431 -13.36 -3.19 1.46
N GLN N 432 -13.63 -3.64 0.23
CA GLN N 432 -13.75 -5.07 -0.03
C GLN N 432 -12.43 -5.80 0.20
N ASP N 433 -11.31 -5.19 -0.18
CA ASP N 433 -10.01 -5.79 0.05
C ASP N 433 -9.70 -5.86 1.54
N ILE N 434 -10.04 -4.82 2.30
CA ILE N 434 -9.80 -4.80 3.74
C ILE N 434 -10.64 -5.89 4.43
N ILE N 435 -11.90 -6.03 4.02
CA ILE N 435 -12.76 -7.06 4.59
C ILE N 435 -12.24 -8.45 4.23
N ALA N 436 -11.72 -8.62 3.01
CA ALA N 436 -11.23 -9.93 2.59
C ALA N 436 -9.96 -10.32 3.35
N ILE N 437 -9.09 -9.37 3.65
CA ILE N 437 -7.83 -9.72 4.29
C ILE N 437 -7.92 -9.73 5.82
N LEU N 438 -8.81 -8.96 6.42
CA LEU N 438 -8.90 -8.88 7.87
C LEU N 438 -10.23 -9.33 8.42
N GLY N 439 -11.33 -8.83 7.89
CA GLY N 439 -12.65 -9.15 8.39
C GLY N 439 -13.53 -7.92 8.39
N MET N 440 -14.70 -8.05 9.01
CA MET N 440 -15.69 -6.98 9.04
C MET N 440 -15.98 -6.45 10.43
N ASP N 441 -15.51 -7.13 11.48
CA ASP N 441 -15.83 -6.71 12.84
C ASP N 441 -15.01 -5.48 13.26
N GLU N 442 -13.79 -5.35 12.77
CA GLU N 442 -12.92 -4.25 13.19
C GLU N 442 -13.23 -2.94 12.49
N LEU N 443 -14.14 -2.94 11.52
CA LEU N 443 -14.53 -1.71 10.85
C LEU N 443 -15.31 -0.80 11.80
N SER N 444 -15.24 0.50 11.52
CA SER N 444 -15.93 1.47 12.35
C SER N 444 -17.43 1.45 12.05
N GLU N 445 -18.19 2.21 12.85
CA GLU N 445 -19.64 2.30 12.65
C GLU N 445 -19.96 2.99 11.34
N GLU N 446 -19.17 4.00 10.96
CA GLU N 446 -19.35 4.66 9.66
C GLU N 446 -19.08 3.69 8.51
N ASP N 447 -18.04 2.88 8.64
CA ASP N 447 -17.71 1.91 7.59
C ASP N 447 -18.77 0.82 7.49
N LYS N 448 -19.34 0.41 8.62
CA LYS N 448 -20.40 -0.59 8.59
C LYS N 448 -21.69 -0.03 8.00
N LEU N 449 -21.97 1.25 8.27
CA LEU N 449 -23.12 1.90 7.64
C LEU N 449 -22.90 2.05 6.14
N ILE N 450 -21.67 2.38 5.73
CA ILE N 450 -21.37 2.53 4.31
C ILE N 450 -21.48 1.20 3.58
N VAL N 451 -20.94 0.13 4.15
CA VAL N 451 -20.99 -1.17 3.48
C VAL N 451 -22.41 -1.74 3.46
N SER N 452 -23.23 -1.40 4.47
CA SER N 452 -24.62 -1.84 4.44
C SER N 452 -25.43 -1.09 3.38
N ARG N 453 -25.24 0.23 3.30
CA ARG N 453 -25.92 1.01 2.27
C ARG N 453 -25.44 0.63 0.87
N ALA N 454 -24.15 0.29 0.73
CA ALA N 454 -23.63 -0.11 -0.57
C ALA N 454 -24.19 -1.45 -1.00
N ARG N 455 -24.34 -2.39 -0.06
CA ARG N 455 -24.95 -3.67 -0.40
C ARG N 455 -26.41 -3.50 -0.80
N LYS N 456 -27.13 -2.61 -0.12
CA LYS N 456 -28.51 -2.34 -0.51
C LYS N 456 -28.60 -1.60 -1.84
N ILE N 457 -27.63 -0.73 -2.13
CA ILE N 457 -27.61 -0.03 -3.42
C ILE N 457 -27.34 -1.00 -4.55
N GLN N 458 -26.34 -1.87 -4.38
CA GLN N 458 -26.04 -2.81 -5.46
C GLN N 458 -27.05 -3.93 -5.56
N ARG N 459 -27.85 -4.16 -4.52
CA ARG N 459 -28.97 -5.07 -4.63
C ARG N 459 -30.13 -4.43 -5.36
N PHE N 460 -30.34 -3.13 -5.16
CA PHE N 460 -31.42 -2.41 -5.81
C PHE N 460 -31.16 -2.19 -7.30
N LEU N 461 -29.92 -2.35 -7.75
CA LEU N 461 -29.63 -2.24 -9.17
C LEU N 461 -30.18 -3.41 -9.97
N SER N 462 -30.37 -4.56 -9.34
CA SER N 462 -30.99 -5.69 -10.04
C SER N 462 -32.46 -5.40 -10.32
N GLN N 463 -32.97 -6.02 -11.37
CA GLN N 463 -34.32 -5.70 -11.83
C GLN N 463 -34.87 -6.87 -12.63
N PRO N 464 -36.13 -7.25 -12.44
CA PRO N 464 -36.71 -8.30 -13.29
C PRO N 464 -37.05 -7.78 -14.67
N PHE N 465 -36.82 -8.63 -15.67
CA PHE N 465 -37.09 -8.30 -17.06
C PHE N 465 -38.30 -9.06 -17.56
N GLN N 466 -39.14 -8.37 -18.34
CA GLN N 466 -40.34 -9.01 -18.88
C GLN N 466 -40.00 -10.09 -19.88
N VAL N 467 -38.98 -9.86 -20.72
CA VAL N 467 -38.64 -10.83 -21.76
C VAL N 467 -38.04 -12.11 -21.19
N ALA N 468 -37.59 -12.08 -19.93
CA ALA N 468 -37.13 -13.28 -19.26
C ALA N 468 -38.10 -13.77 -18.20
N GLU N 469 -39.31 -13.22 -18.17
CA GLU N 469 -40.24 -13.54 -17.08
C GLU N 469 -40.76 -14.97 -17.14
N VAL N 470 -40.68 -15.62 -18.31
CA VAL N 470 -40.99 -17.04 -18.38
C VAL N 470 -39.89 -17.86 -17.71
N PHE N 471 -38.63 -17.52 -17.98
CA PHE N 471 -37.49 -18.26 -17.46
C PHE N 471 -37.18 -17.93 -16.00
N THR N 472 -37.75 -16.87 -15.45
CA THR N 472 -37.44 -16.45 -14.08
C THR N 472 -38.61 -16.58 -13.13
N GLY N 473 -39.84 -16.37 -13.59
CA GLY N 473 -40.99 -16.38 -12.74
C GLY N 473 -41.32 -15.06 -12.08
N HIS N 474 -40.49 -14.04 -12.29
CA HIS N 474 -40.73 -12.71 -11.74
C HIS N 474 -41.29 -11.81 -12.83
N ALA N 475 -42.34 -11.07 -12.50
CA ALA N 475 -42.94 -10.15 -13.46
C ALA N 475 -41.99 -8.99 -13.73
N GLY N 476 -41.80 -8.68 -15.00
CA GLY N 476 -40.89 -7.59 -15.36
C GLY N 476 -41.46 -6.23 -15.02
N LYS N 477 -40.56 -5.30 -14.74
CA LYS N 477 -40.91 -3.94 -14.34
C LYS N 477 -40.24 -2.94 -15.25
N LEU N 478 -40.97 -1.90 -15.61
CA LEU N 478 -40.42 -0.75 -16.32
C LEU N 478 -40.43 0.40 -15.33
N VAL N 479 -39.30 0.63 -14.68
CA VAL N 479 -39.21 1.67 -13.66
C VAL N 479 -39.00 3.01 -14.33
N PRO N 480 -39.86 3.99 -14.10
CA PRO N 480 -39.61 5.34 -14.62
C PRO N 480 -38.40 5.98 -13.96
N ILE N 481 -37.86 6.99 -14.63
CA ILE N 481 -36.61 7.59 -14.19
C ILE N 481 -36.78 8.31 -12.86
N LYS N 482 -37.94 8.94 -12.63
CA LYS N 482 -38.19 9.60 -11.35
C LYS N 482 -38.32 8.59 -10.21
N ASP N 483 -38.80 7.39 -10.50
CA ASP N 483 -38.87 6.36 -9.47
C ASP N 483 -37.49 5.86 -9.08
N THR N 484 -36.59 5.71 -10.04
CA THR N 484 -35.22 5.34 -9.72
C THR N 484 -34.51 6.44 -8.95
N ILE N 485 -34.76 7.69 -9.34
CA ILE N 485 -34.16 8.84 -8.66
C ILE N 485 -34.64 8.92 -7.21
N LYS N 486 -35.96 8.77 -7.00
CA LYS N 486 -36.51 8.82 -5.66
C LYS N 486 -36.03 7.63 -4.83
N GLY N 487 -35.97 6.44 -5.43
CA GLY N 487 -35.54 5.26 -4.69
C GLY N 487 -34.10 5.33 -4.24
N PHE N 488 -33.21 5.74 -5.14
CA PHE N 488 -31.80 5.84 -4.74
C PHE N 488 -31.54 7.02 -3.81
N LYS N 489 -32.34 8.07 -3.90
CA LYS N 489 -32.24 9.15 -2.92
C LYS N 489 -32.65 8.66 -1.53
N MET N 490 -33.67 7.80 -1.46
CA MET N 490 -34.09 7.23 -0.18
C MET N 490 -33.01 6.32 0.40
N ILE N 491 -32.37 5.50 -0.43
CA ILE N 491 -31.34 4.61 0.07
C ILE N 491 -30.08 5.38 0.47
N LEU N 492 -29.74 6.43 -0.30
CA LEU N 492 -28.54 7.21 -0.01
C LEU N 492 -28.65 7.94 1.33
N ASN N 493 -29.83 8.44 1.66
CA ASN N 493 -30.02 9.19 2.89
C ASN N 493 -30.20 8.31 4.12
N GLY N 494 -30.17 6.99 3.96
CA GLY N 494 -30.35 6.10 5.09
C GLY N 494 -31.77 6.00 5.59
N GLU N 495 -32.75 6.33 4.76
CA GLU N 495 -34.15 6.23 5.15
C GLU N 495 -34.66 4.80 5.17
N LEU N 496 -33.89 3.85 4.65
CA LEU N 496 -34.26 2.44 4.65
C LEU N 496 -33.17 1.60 5.30
N ASP N 497 -32.60 2.10 6.40
CA ASP N 497 -31.55 1.37 7.08
C ASP N 497 -32.09 0.16 7.83
N HIS N 498 -33.35 0.19 8.24
CA HIS N 498 -33.92 -0.89 9.01
C HIS N 498 -34.39 -2.05 8.15
N LEU N 499 -34.51 -1.87 6.84
CA LEU N 499 -34.96 -2.95 5.97
C LEU N 499 -33.82 -3.92 5.69
N PRO N 500 -34.11 -5.19 5.49
CA PRO N 500 -33.07 -6.15 5.11
C PRO N 500 -32.62 -5.95 3.67
N GLU N 501 -31.43 -6.49 3.37
CA GLU N 501 -30.86 -6.34 2.03
C GLU N 501 -31.62 -7.15 1.00
N VAL N 502 -32.15 -8.32 1.38
CA VAL N 502 -32.84 -9.19 0.43
C VAL N 502 -34.13 -8.58 -0.08
N ALA N 503 -34.68 -7.57 0.62
CA ALA N 503 -35.86 -6.89 0.13
C ALA N 503 -35.57 -6.00 -1.09
N PHE N 504 -34.30 -5.69 -1.33
CA PHE N 504 -33.92 -4.87 -2.47
C PHE N 504 -33.62 -5.69 -3.72
N TYR N 505 -33.56 -7.01 -3.62
CA TYR N 505 -33.11 -7.85 -4.72
C TYR N 505 -34.25 -8.15 -5.68
N MET N 506 -33.98 -7.97 -6.98
CA MET N 506 -34.90 -8.33 -8.08
C MET N 506 -36.26 -7.64 -7.92
N VAL N 507 -36.21 -6.35 -7.64
CA VAL N 507 -37.40 -5.55 -7.40
C VAL N 507 -37.27 -4.23 -8.16
N GLY N 508 -38.30 -3.86 -8.91
CA GLY N 508 -38.23 -2.65 -9.70
C GLY N 508 -38.28 -1.36 -8.91
N PRO N 509 -39.45 -1.00 -8.41
CA PRO N 509 -39.57 0.27 -7.67
C PRO N 509 -39.09 0.15 -6.24
N ILE N 510 -39.27 1.21 -5.46
CA ILE N 510 -38.95 1.20 -4.05
C ILE N 510 -40.17 0.94 -3.17
N GLU N 511 -41.37 1.17 -3.69
CA GLU N 511 -42.57 0.77 -2.96
C GLU N 511 -42.68 -0.75 -2.90
N GLU N 512 -42.23 -1.43 -3.95
CA GLU N 512 -42.18 -2.89 -3.90
C GLU N 512 -41.03 -3.38 -3.05
N VAL N 513 -40.02 -2.55 -2.80
CA VAL N 513 -38.97 -2.91 -1.84
C VAL N 513 -39.54 -2.95 -0.43
N VAL N 514 -40.28 -1.91 -0.04
CA VAL N 514 -40.83 -1.86 1.31
C VAL N 514 -41.96 -2.86 1.45
N ALA N 515 -42.67 -3.18 0.36
CA ALA N 515 -43.68 -4.22 0.41
C ALA N 515 -43.07 -5.61 0.59
N LYS N 516 -41.96 -5.87 -0.09
CA LYS N 516 -41.25 -7.14 0.09
C LYS N 516 -40.65 -7.23 1.50
N ALA N 517 -40.19 -6.11 2.04
CA ALA N 517 -39.67 -6.12 3.41
C ALA N 517 -40.78 -6.37 4.42
N GLU N 518 -41.98 -5.81 4.17
CA GLU N 518 -43.12 -6.10 5.03
C GLU N 518 -43.53 -7.55 4.97
N LYS N 519 -43.50 -8.14 3.76
CA LYS N 519 -43.84 -9.56 3.63
C LYS N 519 -42.79 -10.44 4.29
N ILE N 520 -41.52 -10.04 4.23
CA ILE N 520 -40.47 -10.80 4.93
C ILE N 520 -40.66 -10.74 6.43
N ALA N 521 -41.00 -9.54 6.95
CA ALA N 521 -41.23 -9.41 8.39
C ALA N 521 -42.44 -10.20 8.85
N GLU N 522 -43.51 -10.21 8.05
CA GLU N 522 -44.70 -10.96 8.42
C GLU N 522 -44.47 -12.46 8.33
N SER N 523 -43.71 -12.91 7.32
CA SER N 523 -43.41 -14.32 7.20
C SER N 523 -42.41 -14.81 8.24
N GLN N 524 -41.65 -13.90 8.83
CA GLN N 524 -40.67 -14.26 9.85
C GLN N 524 -41.36 -14.59 11.17
N THR O 24 13.18 -3.79 -28.15
CA THR O 24 12.59 -4.94 -28.82
C THR O 24 11.37 -5.45 -28.07
N LEU O 25 10.50 -6.17 -28.77
CA LEU O 25 9.29 -6.69 -28.15
C LEU O 25 9.59 -7.83 -27.18
N LYS O 26 10.61 -8.63 -27.48
CA LYS O 26 10.94 -9.77 -26.63
C LYS O 26 11.49 -9.33 -25.28
N ALA O 27 12.29 -8.26 -25.27
CA ALA O 27 12.84 -7.74 -24.03
C ALA O 27 11.73 -7.19 -23.12
N VAL O 28 10.76 -6.48 -23.70
CA VAL O 28 9.64 -5.97 -22.92
C VAL O 28 8.79 -7.12 -22.39
N SER O 29 8.60 -8.16 -23.20
CA SER O 29 7.84 -9.33 -22.76
C SER O 29 8.53 -10.07 -21.61
N ILE O 30 9.86 -10.20 -21.69
CA ILE O 30 10.61 -10.85 -20.62
C ILE O 30 10.56 -10.03 -19.34
N ARG O 31 10.72 -8.70 -19.46
CA ARG O 31 10.64 -7.84 -18.28
C ARG O 31 9.25 -7.86 -17.66
N LEU O 32 8.20 -7.85 -18.51
CA LEU O 32 6.84 -7.89 -18.01
C LEU O 32 6.55 -9.21 -17.30
N LYS O 33 7.05 -10.32 -17.84
CA LYS O 33 6.87 -11.62 -17.17
C LYS O 33 7.62 -11.66 -15.83
N SER O 34 8.80 -11.06 -15.78
CA SER O 34 9.57 -11.04 -14.53
C SER O 34 8.87 -10.23 -13.45
N VAL O 35 8.35 -9.05 -13.81
CA VAL O 35 7.63 -8.23 -12.84
C VAL O 35 6.32 -8.90 -12.42
N LYS O 36 5.65 -9.62 -13.33
CA LYS O 36 4.46 -10.37 -12.97
C LYS O 36 4.78 -11.48 -12.00
N ASN O 37 5.90 -12.17 -12.18
CA ASN O 37 6.33 -13.19 -11.23
C ASN O 37 6.66 -12.58 -9.87
N ILE O 38 7.28 -11.40 -9.87
CA ILE O 38 7.57 -10.71 -8.61
C ILE O 38 6.30 -10.33 -7.89
N GLN O 39 5.29 -9.85 -8.64
CA GLN O 39 4.02 -9.49 -8.04
C GLN O 39 3.29 -10.71 -7.48
N LYS O 40 3.38 -11.85 -8.17
CA LYS O 40 2.79 -13.09 -7.65
C LYS O 40 3.46 -13.53 -6.35
N ILE O 41 4.80 -13.42 -6.30
CA ILE O 41 5.53 -13.81 -5.09
C ILE O 41 5.15 -12.90 -3.92
N THR O 42 5.10 -11.58 -4.17
CA THR O 42 4.76 -10.65 -3.10
C THR O 42 3.32 -10.81 -2.64
N GLN O 43 2.41 -11.13 -3.56
CA GLN O 43 1.03 -11.36 -3.16
C GLN O 43 0.88 -12.67 -2.38
N SER O 44 1.66 -13.69 -2.74
CA SER O 44 1.64 -14.93 -1.99
C SER O 44 2.19 -14.72 -0.57
N MET O 45 3.27 -13.95 -0.45
CA MET O 45 3.79 -13.63 0.87
C MET O 45 2.84 -12.73 1.65
N LYS O 46 2.08 -11.88 0.96
CA LYS O 46 1.08 -11.07 1.63
C LYS O 46 -0.03 -11.95 2.21
N MET O 47 -0.47 -12.96 1.45
CA MET O 47 -1.51 -13.85 1.96
C MET O 47 -1.02 -14.68 3.15
N VAL O 48 0.23 -15.16 3.08
CA VAL O 48 0.81 -15.90 4.19
C VAL O 48 0.93 -15.00 5.43
N SER O 49 1.41 -13.76 5.23
CA SER O 49 1.52 -12.84 6.35
C SER O 49 0.17 -12.42 6.89
N ALA O 50 -0.86 -12.37 6.04
CA ALA O 50 -2.20 -12.05 6.51
C ALA O 50 -2.76 -13.17 7.38
N ALA O 51 -2.52 -14.42 7.00
CA ALA O 51 -2.96 -15.54 7.83
C ALA O 51 -2.22 -15.57 9.17
N LYS O 52 -0.90 -15.34 9.13
CA LYS O 52 -0.12 -15.32 10.37
C LYS O 52 -0.52 -14.14 11.25
N TYR O 53 -0.85 -13.00 10.65
CA TYR O 53 -1.27 -11.86 11.45
C TYR O 53 -2.65 -12.09 12.07
N THR O 54 -3.54 -12.77 11.35
CA THR O 54 -4.85 -13.08 11.92
C THR O 54 -4.71 -14.04 13.11
N LYS O 55 -3.85 -15.05 12.97
CA LYS O 55 -3.59 -15.96 14.08
C LYS O 55 -2.93 -15.24 15.25
N ALA O 56 -1.99 -14.33 14.95
CA ALA O 56 -1.30 -13.61 16.01
C ALA O 56 -2.23 -12.64 16.72
N GLU O 57 -3.15 -12.02 16.00
CA GLU O 57 -4.13 -11.14 16.65
C GLU O 57 -5.13 -11.93 17.48
N ARG O 58 -5.49 -13.13 17.01
CA ARG O 58 -6.37 -14.00 17.79
C ARG O 58 -5.73 -14.42 19.10
N GLU O 59 -4.41 -14.70 19.07
CA GLU O 59 -3.72 -15.01 20.32
C GLU O 59 -3.47 -13.77 21.16
N LEU O 60 -3.27 -12.61 20.54
CA LEU O 60 -2.99 -11.39 21.29
C LEU O 60 -4.23 -10.90 22.04
N ARG O 61 -5.41 -11.19 21.51
CA ARG O 61 -6.65 -10.83 22.22
C ARG O 61 -6.75 -11.53 23.56
N VAL O 62 -6.17 -12.73 23.68
CA VAL O 62 -6.09 -13.42 24.96
C VAL O 62 -4.88 -12.96 25.76
N ALA O 63 -3.73 -12.82 25.12
CA ALA O 63 -2.48 -12.55 25.82
C ALA O 63 -2.34 -11.11 26.31
N LYS O 64 -3.21 -10.20 25.88
CA LYS O 64 -3.07 -8.82 26.32
C LYS O 64 -3.56 -8.58 27.75
N PRO O 65 -4.73 -9.08 28.18
CA PRO O 65 -5.07 -8.93 29.61
C PRO O 65 -4.11 -9.66 30.54
N TYR O 66 -3.49 -10.75 30.09
CA TYR O 66 -2.48 -11.43 30.90
C TYR O 66 -1.27 -10.53 31.14
N GLY O 67 -0.83 -9.81 30.10
CA GLY O 67 0.23 -8.84 30.28
C GLY O 67 -0.19 -7.64 31.11
N GLN O 68 -1.45 -7.21 30.98
CA GLN O 68 -1.95 -6.12 31.82
C GLN O 68 -2.00 -6.53 33.29
N GLY O 69 -2.38 -7.78 33.56
CA GLY O 69 -2.36 -8.28 34.92
C GLY O 69 -0.95 -8.39 35.47
N ALA O 70 0.01 -8.77 34.62
CA ALA O 70 1.40 -8.82 35.05
C ALA O 70 1.95 -7.44 35.36
N MET O 71 1.59 -6.45 34.54
CA MET O 71 2.04 -5.08 34.78
C MET O 71 1.26 -4.38 35.88
N LYS O 72 0.17 -4.98 36.35
CA LYS O 72 -0.63 -4.35 37.40
C LYS O 72 0.15 -4.23 38.70
N PHE O 73 0.99 -5.21 39.02
CA PHE O 73 1.79 -5.16 40.24
C PHE O 73 2.80 -4.02 40.19
N TYR O 74 3.49 -3.85 39.06
CA TYR O 74 4.45 -2.77 38.93
C TYR O 74 3.77 -1.42 38.83
N GLU O 75 2.55 -1.39 38.29
CA GLU O 75 1.79 -0.14 38.26
C GLU O 75 1.35 0.27 39.66
N LYS O 76 0.94 -0.71 40.48
CA LYS O 76 0.51 -0.40 41.84
C LYS O 76 1.69 -0.02 42.73
N THR O 77 2.80 -0.75 42.63
CA THR O 77 3.95 -0.44 43.46
C THR O 77 4.69 0.81 42.99
N GLU O 78 4.47 1.23 41.73
CA GLU O 78 5.07 2.44 41.15
C GLU O 78 6.60 2.41 41.23
N LEU O 79 7.17 1.28 40.83
CA LEU O 79 8.62 1.13 40.82
C LEU O 79 9.21 1.92 39.65
N LYS O 80 10.02 2.93 39.98
CA LYS O 80 10.62 3.79 38.95
C LYS O 80 12.10 3.98 39.23
N GLY O 81 12.75 4.85 38.45
CA GLY O 81 14.16 5.11 38.61
C GLY O 81 14.77 5.81 37.41
N GLN O 88 22.48 -1.28 33.52
CA GLN O 88 21.12 -1.78 33.34
C GLN O 88 21.11 -3.06 32.53
N LEU O 89 19.91 -3.47 32.12
CA LEU O 89 19.73 -4.67 31.31
C LEU O 89 18.83 -4.35 30.12
N ILE O 90 19.11 -4.95 28.97
CA ILE O 90 18.30 -4.79 27.77
C ILE O 90 17.95 -6.16 27.23
N ILE O 91 16.67 -6.39 27.00
CA ILE O 91 16.19 -7.60 26.34
C ILE O 91 15.60 -7.18 25.01
N ALA O 92 16.28 -7.50 23.92
CA ALA O 92 15.88 -7.08 22.59
C ALA O 92 15.07 -8.21 21.95
N ILE O 93 13.79 -7.98 21.74
CA ILE O 93 12.90 -8.96 21.14
C ILE O 93 12.92 -8.77 19.63
N SER O 94 13.15 -9.86 18.90
CA SER O 94 13.24 -9.82 17.45
C SER O 94 12.89 -11.21 16.92
N SER O 95 13.23 -11.47 15.66
CA SER O 95 13.02 -12.76 15.04
C SER O 95 14.25 -13.10 14.21
N ASP O 96 14.12 -14.10 13.35
CA ASP O 96 15.23 -14.49 12.47
C ASP O 96 15.00 -13.98 11.05
N ASP O 120 28.43 -0.65 28.52
CA ASP O 120 28.34 -1.15 29.89
C ASP O 120 27.05 -1.92 30.10
N THR O 121 25.97 -1.46 29.46
CA THR O 121 24.69 -2.11 29.59
C THR O 121 24.68 -3.44 28.82
N MET O 122 24.23 -4.51 29.47
CA MET O 122 24.24 -5.83 28.88
C MET O 122 22.95 -6.04 28.08
N VAL O 123 23.11 -6.43 26.82
CA VAL O 123 22.00 -6.61 25.90
C VAL O 123 21.91 -8.09 25.52
N ILE O 124 20.72 -8.66 25.69
CA ILE O 124 20.45 -10.05 25.36
C ILE O 124 19.42 -10.08 24.25
N CYS O 125 19.75 -10.76 23.15
CA CYS O 125 18.93 -10.77 21.96
C CYS O 125 18.06 -12.01 21.91
N VAL O 126 16.84 -11.86 21.42
CA VAL O 126 15.93 -12.97 21.13
C VAL O 126 15.66 -12.92 19.64
N GLY O 127 16.45 -13.64 18.86
CA GLY O 127 16.30 -13.62 17.42
C GLY O 127 17.61 -13.40 16.68
N ASP O 128 17.64 -13.79 15.41
CA ASP O 128 18.85 -13.69 14.61
C ASP O 128 19.05 -12.30 14.00
N LYS O 129 18.02 -11.45 14.00
CA LYS O 129 18.12 -10.14 13.36
C LYS O 129 19.11 -9.24 14.09
N ILE O 130 19.12 -9.28 15.42
CA ILE O 130 20.03 -8.44 16.19
C ILE O 130 21.47 -8.90 16.00
N ARG O 131 21.69 -10.21 15.91
CA ARG O 131 23.02 -10.72 15.62
C ARG O 131 23.47 -10.36 14.21
N ASN O 132 22.54 -10.32 13.25
CA ASN O 132 22.88 -9.84 11.92
C ASN O 132 23.24 -8.36 11.95
N ILE O 133 22.52 -7.56 12.73
CA ILE O 133 22.87 -6.15 12.90
C ILE O 133 24.18 -6.02 13.68
N LEU O 134 24.29 -6.74 14.79
CA LEU O 134 25.49 -6.68 15.61
C LEU O 134 26.43 -7.84 15.29
N LEU O 142 26.40 -9.75 22.66
CA LEU O 142 25.69 -10.96 22.26
C LEU O 142 25.78 -12.03 23.34
N ALA O 143 25.09 -11.79 24.46
CA ALA O 143 25.07 -12.77 25.54
C ALA O 143 24.32 -14.04 25.12
N MET O 144 23.21 -13.89 24.41
CA MET O 144 22.45 -15.03 23.93
C MET O 144 21.79 -14.65 22.61
N VAL O 145 21.80 -15.58 21.66
CA VAL O 145 21.16 -15.41 20.36
C VAL O 145 20.22 -16.59 20.14
N CYS O 146 18.96 -16.30 19.83
CA CYS O 146 17.97 -17.34 19.59
C CYS O 146 17.89 -17.60 18.09
N ASN O 147 18.13 -18.84 17.68
CA ASN O 147 18.10 -19.25 16.29
C ASN O 147 16.92 -20.18 16.05
N ASP O 148 16.58 -20.34 14.76
CA ASP O 148 15.41 -21.11 14.30
C ASP O 148 14.13 -20.64 14.96
N PHE O 149 13.96 -19.32 15.04
CA PHE O 149 12.81 -18.70 15.67
C PHE O 149 12.07 -17.85 14.65
N GLY O 150 10.76 -17.71 14.86
CA GLY O 150 9.90 -16.94 13.98
C GLY O 150 9.08 -17.78 13.01
N ARG O 151 9.45 -19.04 12.80
CA ARG O 151 8.66 -19.93 11.97
C ARG O 151 7.42 -20.45 12.69
N ARG O 152 7.38 -20.33 14.02
CA ARG O 152 6.29 -20.80 14.86
C ARG O 152 5.84 -19.70 15.79
N PRO O 153 4.56 -19.68 16.17
CA PRO O 153 4.10 -18.67 17.12
C PRO O 153 4.74 -18.87 18.48
N PRO O 154 4.98 -17.80 19.23
CA PRO O 154 5.60 -17.94 20.55
C PRO O 154 4.64 -18.57 21.56
N VAL O 155 5.23 -19.21 22.56
CA VAL O 155 4.50 -19.84 23.66
C VAL O 155 5.15 -19.40 24.97
N PHE O 156 4.56 -19.84 26.08
CA PHE O 156 5.13 -19.49 27.38
C PHE O 156 6.41 -20.26 27.68
N GLU O 157 6.62 -21.40 27.02
CA GLU O 157 7.87 -22.14 27.22
C GLU O 157 9.06 -21.35 26.72
N ASP O 158 8.90 -20.63 25.59
CA ASP O 158 9.97 -19.81 25.07
C ASP O 158 10.30 -18.65 26.00
N ALA O 159 9.27 -17.99 26.54
CA ALA O 159 9.48 -16.92 27.51
C ALA O 159 10.09 -17.44 28.81
N THR O 160 9.71 -18.65 29.21
CA THR O 160 10.31 -19.27 30.39
C THR O 160 11.78 -19.58 30.17
N LYS O 161 12.13 -20.08 28.98
CA LYS O 161 13.54 -20.35 28.67
C LYS O 161 14.35 -19.06 28.64
N VAL O 162 13.78 -17.99 28.08
CA VAL O 162 14.51 -16.72 28.00
C VAL O 162 14.71 -16.13 29.39
N ALA O 163 13.66 -16.14 30.22
CA ALA O 163 13.78 -15.59 31.56
C ALA O 163 14.71 -16.43 32.42
N ARG O 164 14.68 -17.76 32.25
CA ARG O 164 15.61 -18.62 32.97
C ARG O 164 17.05 -18.33 32.57
N ALA O 165 17.30 -18.12 31.27
CA ALA O 165 18.65 -17.82 30.82
C ALA O 165 19.13 -16.47 31.32
N VAL O 166 18.22 -15.49 31.42
CA VAL O 166 18.59 -14.18 31.93
C VAL O 166 18.93 -14.26 33.42
N LEU O 167 18.06 -14.89 34.20
CA LEU O 167 18.25 -14.89 35.65
C LEU O 167 19.35 -15.85 36.11
N GLU O 168 19.55 -16.96 35.41
CA GLU O 168 20.62 -17.90 35.75
C GLU O 168 21.94 -17.54 35.10
N SER O 169 22.01 -16.41 34.37
CA SER O 169 23.28 -15.99 33.79
C SER O 169 24.34 -15.59 34.82
N GLY O 170 23.95 -15.31 36.07
CA GLY O 170 24.90 -14.91 37.08
C GLY O 170 25.29 -13.46 37.05
N MET O 171 24.64 -12.64 36.21
CA MET O 171 24.93 -11.22 36.12
C MET O 171 23.86 -10.44 36.88
N GLU O 172 24.29 -9.67 37.87
CA GLU O 172 23.37 -8.85 38.63
C GLU O 172 22.90 -7.66 37.81
N PHE O 173 21.66 -7.25 38.04
CA PHE O 173 21.09 -6.10 37.38
C PHE O 173 20.12 -5.42 38.32
N THR O 174 20.08 -4.08 38.26
CA THR O 174 19.14 -3.31 39.07
C THR O 174 17.86 -3.02 38.30
N ASN O 175 17.98 -2.35 37.16
CA ASN O 175 16.85 -2.03 36.31
C ASN O 175 17.09 -2.59 34.91
N GLY O 176 15.99 -2.84 34.20
CA GLY O 176 16.10 -3.37 32.86
C GLY O 176 14.91 -2.94 32.03
N LYS O 177 15.04 -3.15 30.73
CA LYS O 177 13.96 -2.85 29.80
C LYS O 177 13.88 -3.96 28.75
N ILE O 178 12.69 -4.14 28.20
CA ILE O 178 12.44 -5.13 27.17
C ILE O 178 12.10 -4.36 25.89
N VAL O 179 13.10 -4.17 25.04
CA VAL O 179 12.92 -3.47 23.77
C VAL O 179 12.12 -4.36 22.84
N TYR O 180 10.85 -4.02 22.62
CA TYR O 180 9.96 -4.82 21.80
C TYR O 180 9.03 -3.91 21.02
N ASN O 181 8.51 -4.42 19.90
CA ASN O 181 7.63 -3.64 19.03
C ASN O 181 6.18 -3.90 19.46
N ALA O 182 5.62 -2.95 20.21
CA ALA O 182 4.24 -3.07 20.62
C ALA O 182 3.31 -2.83 19.44
N PHE O 183 2.12 -3.43 19.52
CA PHE O 183 1.14 -3.39 18.44
C PHE O 183 0.22 -2.20 18.65
N ARG O 184 0.33 -1.20 17.79
CA ARG O 184 -0.55 -0.04 17.85
C ARG O 184 -1.80 -0.26 16.99
N SER O 185 -1.61 -0.50 15.70
CA SER O 185 -2.72 -0.80 14.80
C SER O 185 -2.21 -1.78 13.74
N VAL O 186 -3.01 -1.99 12.70
CA VAL O 186 -2.64 -2.92 11.64
C VAL O 186 -1.46 -2.37 10.84
N VAL O 187 -1.44 -1.05 10.61
CA VAL O 187 -0.37 -0.44 9.83
C VAL O 187 0.68 0.25 10.68
N SER O 188 0.48 0.34 12.00
CA SER O 188 1.39 1.06 12.88
C SER O 188 1.83 0.17 14.01
N PHE O 189 3.14 0.12 14.26
CA PHE O 189 3.71 -0.56 15.41
C PHE O 189 4.81 0.32 16.00
N ARG O 190 4.89 0.36 17.32
CA ARG O 190 5.78 1.29 18.01
C ARG O 190 6.80 0.51 18.83
N THR O 191 8.08 0.80 18.61
CA THR O 191 9.13 0.18 19.39
C THR O 191 9.21 0.86 20.74
N THR O 192 8.95 0.10 21.80
CA THR O 192 8.92 0.64 23.15
C THR O 192 9.61 -0.34 24.09
N ASP O 193 9.54 -0.07 25.39
CA ASP O 193 10.20 -0.87 26.40
C ASP O 193 9.30 -1.01 27.63
N ILE O 194 9.51 -2.08 28.37
CA ILE O 194 8.78 -2.37 29.60
C ILE O 194 9.79 -2.47 30.74
N PRO O 195 9.62 -1.71 31.82
CA PRO O 195 10.58 -1.79 32.94
C PRO O 195 10.56 -3.16 33.61
N VAL O 196 11.76 -3.63 33.97
CA VAL O 196 11.95 -4.92 34.60
C VAL O 196 12.86 -4.73 35.81
N PHE O 197 12.42 -5.20 36.97
CA PHE O 197 13.15 -5.04 38.22
C PHE O 197 13.51 -6.41 38.78
N SER O 198 14.66 -6.48 39.44
CA SER O 198 15.15 -7.72 40.01
C SER O 198 14.62 -7.89 41.43
N LYS O 199 15.09 -8.93 42.12
CA LYS O 199 14.69 -9.15 43.50
C LYS O 199 15.18 -8.04 44.41
N ASN O 200 16.44 -7.64 44.25
CA ASN O 200 17.02 -6.61 45.13
C ASN O 200 16.42 -5.24 44.85
N ALA O 201 16.04 -4.97 43.60
CA ALA O 201 15.37 -3.71 43.28
C ALA O 201 13.95 -3.67 43.79
N ILE O 202 13.35 -4.83 44.10
CA ILE O 202 12.00 -4.87 44.63
C ILE O 202 12.00 -4.88 46.15
N GLU O 203 12.91 -5.63 46.77
CA GLU O 203 12.99 -5.68 48.23
C GLU O 203 13.41 -4.35 48.83
N SER O 204 14.15 -3.53 48.08
CA SER O 204 14.60 -2.23 48.57
C SER O 204 13.61 -1.11 48.26
N ALA O 205 12.46 -1.43 47.68
CA ALA O 205 11.50 -0.40 47.32
C ALA O 205 10.78 0.12 48.55
N ASP O 206 10.18 1.30 48.41
CA ASP O 206 9.46 1.93 49.51
C ASP O 206 8.10 1.29 49.73
N SER O 207 7.41 0.90 48.65
CA SER O 207 6.07 0.36 48.76
C SER O 207 6.05 -1.13 49.09
N ILE O 208 7.20 -1.82 48.98
CA ILE O 208 7.23 -3.25 49.24
C ILE O 208 7.07 -3.57 50.72
N ALA O 209 7.24 -2.57 51.59
CA ALA O 209 6.97 -2.78 53.01
C ALA O 209 5.47 -2.86 53.29
N ALA O 210 4.64 -2.37 52.38
CA ALA O 210 3.19 -2.46 52.55
C ALA O 210 2.62 -3.78 52.04
N TYR O 211 3.45 -4.63 51.44
CA TYR O 211 3.00 -5.88 50.86
C TYR O 211 3.34 -7.02 51.82
N ASP O 212 2.31 -7.74 52.25
CA ASP O 212 2.41 -8.67 53.36
C ASP O 212 3.01 -10.01 52.91
N SER O 213 3.49 -10.77 53.92
CA SER O 213 3.89 -12.16 53.78
C SER O 213 5.04 -12.35 52.80
N LEU O 214 5.98 -11.40 52.82
CA LEU O 214 7.08 -11.39 51.86
C LEU O 214 8.37 -11.81 52.56
N ASP O 215 8.86 -12.99 52.23
CA ASP O 215 10.20 -13.41 52.57
C ASP O 215 11.07 -13.32 51.32
N SER O 216 12.30 -13.82 51.41
CA SER O 216 13.19 -13.80 50.25
C SER O 216 12.73 -14.79 49.19
N ASP O 217 12.24 -15.96 49.61
CA ASP O 217 11.86 -17.00 48.65
C ASP O 217 10.63 -16.60 47.84
N VAL O 218 9.65 -15.96 48.50
CA VAL O 218 8.43 -15.58 47.80
C VAL O 218 8.72 -14.50 46.76
N ILE O 219 9.51 -13.49 47.12
CA ILE O 219 9.82 -12.41 46.20
C ILE O 219 10.70 -12.90 45.06
N GLN O 220 11.63 -13.83 45.36
CA GLN O 220 12.46 -14.41 44.31
C GLN O 220 11.62 -15.19 43.32
N SER O 221 10.70 -16.02 43.83
CA SER O 221 9.82 -16.78 42.95
C SER O 221 8.86 -15.86 42.17
N TYR O 222 8.43 -14.78 42.81
CA TYR O 222 7.51 -13.86 42.17
C TYR O 222 8.17 -13.13 41.02
N VAL O 223 9.40 -12.65 41.20
CA VAL O 223 10.04 -11.89 40.12
C VAL O 223 10.46 -12.82 38.99
N GLU O 224 10.76 -14.10 39.30
CA GLU O 224 11.05 -15.05 38.24
C GLU O 224 9.86 -15.29 37.34
N TYR O 225 8.68 -15.49 37.95
CA TYR O 225 7.49 -15.68 37.12
C TYR O 225 6.99 -14.38 36.51
N SER O 226 7.15 -13.25 37.19
CA SER O 226 6.71 -11.99 36.62
C SER O 226 7.57 -11.60 35.43
N LEU O 227 8.88 -11.89 35.48
CA LEU O 227 9.72 -11.68 34.32
C LEU O 227 9.30 -12.59 33.18
N ALA O 228 8.97 -13.85 33.48
CA ALA O 228 8.53 -14.77 32.43
C ALA O 228 7.21 -14.31 31.80
N SER O 229 6.29 -13.81 32.60
CA SER O 229 5.01 -13.33 32.06
C SER O 229 5.20 -12.08 31.20
N LEU O 230 6.07 -11.17 31.64
CA LEU O 230 6.31 -9.96 30.86
C LEU O 230 7.00 -10.27 29.54
N ILE O 231 7.94 -11.22 29.55
CA ILE O 231 8.59 -11.62 28.31
C ILE O 231 7.59 -12.29 27.36
N TYR O 232 6.66 -13.06 27.90
CA TYR O 232 5.62 -13.65 27.07
C TYR O 232 4.71 -12.58 26.45
N TYR O 233 4.31 -11.58 27.22
CA TYR O 233 3.45 -10.53 26.70
C TYR O 233 4.16 -9.70 25.64
N THR O 234 5.43 -9.41 25.85
CA THR O 234 6.19 -8.69 24.83
C THR O 234 6.41 -9.54 23.59
N MET O 235 6.59 -10.85 23.75
CA MET O 235 6.76 -11.72 22.60
C MET O 235 5.50 -11.78 21.75
N LYS O 236 4.33 -11.84 22.39
CA LYS O 236 3.08 -11.86 21.63
C LYS O 236 2.85 -10.55 20.89
N GLU O 237 3.09 -9.41 21.56
CA GLU O 237 2.90 -8.14 20.88
C GLU O 237 3.92 -7.91 19.77
N ASN O 238 5.17 -8.34 19.98
CA ASN O 238 6.18 -8.22 18.95
C ASN O 238 5.86 -9.09 17.75
N ALA O 239 5.38 -10.32 17.98
CA ALA O 239 5.03 -11.20 16.88
C ALA O 239 3.85 -10.66 16.07
N THR O 240 2.85 -10.10 16.75
CA THR O 240 1.73 -9.50 16.05
C THR O 240 2.16 -8.26 15.27
N SER O 241 3.04 -7.45 15.86
CA SER O 241 3.52 -6.26 15.17
C SER O 241 4.36 -6.61 13.95
N GLU O 242 5.21 -7.64 14.08
CA GLU O 242 6.06 -8.04 12.96
C GLU O 242 5.25 -8.62 11.81
N GLN O 243 4.22 -9.42 12.12
CA GLN O 243 3.40 -9.97 11.05
C GLN O 243 2.57 -8.90 10.36
N SER O 244 2.07 -7.92 11.14
CA SER O 244 1.35 -6.82 10.53
C SER O 244 2.25 -5.98 9.64
N SER O 245 3.49 -5.72 10.09
CA SER O 245 4.42 -4.92 9.30
C SER O 245 4.82 -5.64 8.02
N ARG O 246 5.05 -6.95 8.08
CA ARG O 246 5.41 -7.71 6.89
C ARG O 246 4.25 -7.75 5.90
N MET O 247 3.01 -7.87 6.40
CA MET O 247 1.85 -7.86 5.51
C MET O 247 1.69 -6.51 4.82
N THR O 248 1.89 -5.41 5.54
CA THR O 248 1.78 -4.10 4.92
C THR O 248 2.89 -3.84 3.92
N ALA O 249 4.11 -4.30 4.22
CA ALA O 249 5.23 -4.13 3.30
C ALA O 249 5.03 -4.92 2.01
N MET O 250 4.53 -6.16 2.13
CA MET O 250 4.25 -6.94 0.91
C MET O 250 3.06 -6.38 0.14
N ASP O 251 2.10 -5.77 0.83
CA ASP O 251 1.00 -5.10 0.13
C ASP O 251 1.49 -3.91 -0.67
N ASN O 252 2.39 -3.10 -0.09
CA ASN O 252 2.95 -1.96 -0.81
C ASN O 252 3.81 -2.41 -2.00
N ALA O 253 4.55 -3.50 -1.82
CA ALA O 253 5.35 -4.03 -2.92
C ALA O 253 4.47 -4.53 -4.06
N SER O 254 3.35 -5.17 -3.74
CA SER O 254 2.44 -5.64 -4.78
C SER O 254 1.77 -4.48 -5.51
N LYS O 255 1.45 -3.39 -4.79
CA LYS O 255 0.87 -2.22 -5.46
C LYS O 255 1.87 -1.54 -6.38
N ASN O 256 3.14 -1.44 -5.95
CA ASN O 256 4.16 -0.86 -6.81
C ASN O 256 4.44 -1.74 -8.03
N ALA O 257 4.45 -3.06 -7.84
CA ALA O 257 4.60 -3.97 -8.96
C ALA O 257 3.41 -3.90 -9.91
N GLY O 258 2.21 -3.66 -9.39
CA GLY O 258 1.06 -3.50 -10.26
C GLY O 258 1.12 -2.24 -11.11
N GLU O 259 1.62 -1.14 -10.53
CA GLU O 259 1.79 0.08 -11.31
C GLU O 259 2.86 -0.09 -12.40
N MET O 260 3.96 -0.79 -12.06
CA MET O 260 4.99 -1.05 -13.05
C MET O 260 4.47 -1.99 -14.14
N ILE O 261 3.61 -2.94 -13.79
CA ILE O 261 3.01 -3.83 -14.78
C ILE O 261 2.12 -3.05 -15.73
N ASP O 262 1.36 -2.08 -15.20
CA ASP O 262 0.49 -1.26 -16.07
C ASP O 262 1.31 -0.43 -17.05
N LYS O 263 2.40 0.19 -16.58
CA LYS O 263 3.24 0.97 -17.48
C LYS O 263 3.94 0.09 -18.53
N LEU O 264 4.41 -1.08 -18.12
CA LEU O 264 5.04 -1.99 -19.07
C LEU O 264 4.02 -2.56 -20.05
N THR O 265 2.75 -2.68 -19.65
CA THR O 265 1.72 -3.15 -20.56
C THR O 265 1.41 -2.11 -21.62
N MET O 266 1.37 -0.84 -21.24
CA MET O 266 1.18 0.22 -22.23
C MET O 266 2.35 0.30 -23.21
N THR O 267 3.58 0.16 -22.69
CA THR O 267 4.75 0.13 -23.56
C THR O 267 4.74 -1.08 -24.49
N PHE O 268 4.29 -2.24 -23.97
CA PHE O 268 4.21 -3.44 -24.79
C PHE O 268 3.20 -3.29 -25.92
N ASN O 269 2.04 -2.68 -25.64
CA ASN O 269 1.05 -2.46 -26.69
C ASN O 269 1.55 -1.48 -27.75
N ARG O 270 2.23 -0.42 -27.31
CA ARG O 270 2.79 0.55 -28.26
C ARG O 270 3.88 -0.08 -29.12
N THR O 271 4.73 -0.91 -28.51
CA THR O 271 5.79 -1.58 -29.24
C THR O 271 5.22 -2.61 -30.22
N ARG O 272 4.15 -3.30 -29.83
CA ARG O 272 3.53 -4.30 -30.70
C ARG O 272 2.91 -3.62 -31.93
N GLN O 273 2.24 -2.48 -31.73
CA GLN O 273 1.68 -1.75 -32.86
C GLN O 273 2.76 -1.24 -33.80
N ALA O 274 3.87 -0.74 -33.24
CA ALA O 274 4.96 -0.25 -34.07
C ALA O 274 5.64 -1.37 -34.86
N VAL O 275 5.78 -2.55 -34.25
CA VAL O 275 6.39 -3.68 -34.93
C VAL O 275 5.52 -4.16 -36.09
N ILE O 276 4.20 -4.25 -35.87
CA ILE O 276 3.28 -4.66 -36.93
C ILE O 276 3.29 -3.66 -38.07
N THR O 277 3.26 -2.36 -37.75
CA THR O 277 3.30 -1.33 -38.79
C THR O 277 4.60 -1.37 -39.58
N ARG O 278 5.73 -1.54 -38.88
CA ARG O 278 7.03 -1.57 -39.55
C ARG O 278 7.18 -2.78 -40.47
N GLU O 279 6.73 -3.95 -40.02
CA GLU O 279 6.81 -5.14 -40.86
C GLU O 279 5.87 -5.06 -42.05
N LEU O 280 4.70 -4.45 -41.87
CA LEU O 280 3.78 -4.27 -43.00
C LEU O 280 4.36 -3.31 -44.03
N ILE O 281 4.99 -2.23 -43.58
CA ILE O 281 5.61 -1.28 -44.51
C ILE O 281 6.78 -1.92 -45.24
N GLU O 282 7.57 -2.75 -44.54
CA GLU O 282 8.68 -3.44 -45.19
C GLU O 282 8.20 -4.43 -46.25
N ILE O 283 7.10 -5.14 -45.97
CA ILE O 283 6.56 -6.07 -46.96
C ILE O 283 5.98 -5.32 -48.16
N ILE O 284 5.33 -4.16 -47.89
CA ILE O 284 4.78 -3.34 -48.97
C ILE O 284 5.90 -2.81 -49.86
N SER O 285 6.98 -2.32 -49.25
CA SER O 285 8.11 -1.81 -50.03
C SER O 285 8.82 -2.92 -50.78
N GLY O 286 8.90 -4.11 -50.20
CA GLY O 286 9.49 -5.24 -50.92
C GLY O 286 8.66 -5.69 -52.11
N ALA O 287 7.33 -5.68 -51.96
CA ALA O 287 6.45 -6.10 -53.05
C ALA O 287 6.31 -5.05 -54.13
N SER O 288 6.37 -3.76 -53.76
CA SER O 288 6.17 -2.69 -54.73
C SER O 288 7.40 -2.43 -55.58
N ALA O 289 8.54 -3.06 -55.28
CA ALA O 289 9.75 -2.88 -56.07
C ALA O 289 9.81 -3.78 -57.30
N LEU O 290 8.83 -4.65 -57.48
CA LEU O 290 8.82 -5.56 -58.62
C LEU O 290 8.36 -4.85 -59.88
N GLN P 34 -17.47 -7.79 45.32
CA GLN P 34 -17.09 -6.50 44.74
C GLN P 34 -15.58 -6.37 44.68
N MET P 35 -14.91 -7.46 44.37
CA MET P 35 -13.45 -7.49 44.27
C MET P 35 -13.07 -7.73 42.81
N ALA P 36 -12.21 -6.87 42.27
CA ALA P 36 -11.80 -6.95 40.87
C ALA P 36 -10.83 -8.10 40.66
N PHE P 37 -11.33 -9.26 40.26
CA PHE P 37 -10.55 -10.49 40.22
C PHE P 37 -10.20 -10.82 38.78
N THR P 38 -8.95 -10.60 38.41
CA THR P 38 -8.45 -10.92 37.09
C THR P 38 -7.78 -12.28 37.13
N PHE P 39 -8.25 -13.20 36.29
CA PHE P 39 -7.77 -14.58 36.29
C PHE P 39 -7.47 -14.94 34.85
N ALA P 40 -6.19 -14.93 34.49
CA ALA P 40 -5.76 -15.11 33.11
C ALA P 40 -4.71 -16.21 33.04
N ALA P 41 -4.39 -16.61 31.82
CA ALA P 41 -3.42 -17.63 31.54
C ALA P 41 -2.93 -17.45 30.11
N PRO P 42 -1.78 -18.04 29.75
CA PRO P 42 -1.39 -18.05 28.33
C PRO P 42 -2.41 -18.68 27.42
N SER P 43 -3.14 -19.69 27.89
CA SER P 43 -4.12 -20.35 27.03
C SER P 43 -5.43 -19.58 26.99
N GLN P 44 -5.99 -19.26 28.16
CA GLN P 44 -7.32 -18.66 28.24
C GLN P 44 -7.30 -17.46 29.18
N VAL P 45 -8.35 -16.64 29.05
CA VAL P 45 -8.64 -15.58 30.01
C VAL P 45 -9.99 -15.89 30.63
N PHE P 46 -10.02 -16.02 31.95
CA PHE P 46 -11.22 -16.43 32.66
C PHE P 46 -12.05 -15.24 33.12
N TYR P 47 -11.46 -14.37 33.92
CA TYR P 47 -12.13 -13.17 34.38
C TYR P 47 -11.22 -11.98 34.11
N ASN P 48 -11.82 -10.88 33.67
CA ASN P 48 -11.07 -9.65 33.39
C ASN P 48 -11.79 -8.52 34.11
N ASN P 49 -11.26 -8.15 35.28
CA ASN P 49 -11.86 -7.15 36.18
C ASN P 49 -13.29 -7.54 36.59
N ALA P 50 -13.56 -8.83 36.69
CA ALA P 50 -14.87 -9.29 37.13
C ALA P 50 -15.03 -9.07 38.63
N ASN P 51 -16.22 -8.67 39.03
CA ASN P 51 -16.52 -8.48 40.45
C ASN P 51 -16.80 -9.83 41.09
N ILE P 52 -15.97 -10.23 42.04
CA ILE P 52 -16.03 -11.53 42.67
C ILE P 52 -16.08 -11.31 44.17
N ARG P 53 -16.92 -12.09 44.86
CA ARG P 53 -17.03 -11.94 46.31
C ARG P 53 -15.78 -12.46 47.02
N GLN P 54 -15.33 -13.65 46.66
CA GLN P 54 -14.24 -14.30 47.39
C GLN P 54 -13.53 -15.28 46.47
N VAL P 55 -12.21 -15.41 46.67
CA VAL P 55 -11.38 -16.34 45.91
C VAL P 55 -10.53 -17.14 46.89
N ASP P 56 -10.56 -18.47 46.79
CA ASP P 56 -9.78 -19.34 47.68
C ASP P 56 -8.54 -19.83 46.92
N VAL P 57 -7.42 -19.15 47.14
CA VAL P 57 -6.18 -19.38 46.42
C VAL P 57 -5.32 -20.41 47.15
N PRO P 58 -4.87 -21.48 46.49
CA PRO P 58 -3.86 -22.34 47.10
C PRO P 58 -2.45 -21.88 46.80
N SER P 59 -1.73 -21.39 47.80
CA SER P 59 -0.47 -20.72 47.58
C SER P 59 0.68 -21.54 48.14
N PHE P 60 1.88 -21.01 48.01
CA PHE P 60 3.06 -21.60 48.64
C PHE P 60 3.17 -21.22 50.11
N SER P 61 2.52 -20.13 50.51
CA SER P 61 2.42 -19.74 51.91
C SER P 61 1.12 -20.22 52.54
N GLY P 62 0.57 -21.32 52.04
CA GLY P 62 -0.66 -21.88 52.54
C GLY P 62 -1.87 -21.38 51.78
N SER P 63 -2.87 -22.24 51.69
CA SER P 63 -4.12 -21.91 50.98
C SER P 63 -4.87 -20.84 51.75
N PHE P 64 -4.92 -19.64 51.22
CA PHE P 64 -5.60 -18.54 51.89
C PHE P 64 -6.73 -18.00 51.03
N GLY P 65 -7.71 -17.40 51.70
CA GLY P 65 -8.86 -16.83 51.03
C GLY P 65 -8.71 -15.33 50.89
N ILE P 66 -9.34 -14.78 49.85
CA ILE P 66 -9.23 -13.37 49.51
C ILE P 66 -10.63 -12.79 49.43
N LEU P 67 -10.83 -11.67 50.11
CA LEU P 67 -12.10 -10.94 50.12
C LEU P 67 -11.81 -9.50 49.68
N PRO P 68 -12.81 -8.62 49.52
CA PRO P 68 -12.49 -7.22 49.25
C PRO P 68 -11.66 -6.59 50.37
N ALA P 69 -10.67 -5.79 49.96
CA ALA P 69 -9.71 -5.14 50.85
C ALA P 69 -9.02 -6.15 51.77
N HIS P 70 -8.64 -7.29 51.21
CA HIS P 70 -8.07 -8.39 51.98
C HIS P 70 -6.77 -8.02 52.64
N VAL P 71 -5.70 -7.95 51.85
CA VAL P 71 -4.40 -7.45 52.31
C VAL P 71 -3.56 -7.26 51.06
N ALA P 72 -2.51 -6.46 51.18
CA ALA P 72 -1.73 -6.10 50.00
C ALA P 72 -0.66 -7.13 49.66
N THR P 73 -0.86 -8.40 50.04
CA THR P 73 0.22 -9.38 49.91
C THR P 73 0.43 -9.80 48.46
N LEU P 74 1.56 -10.46 48.24
CA LEU P 74 1.84 -11.23 47.04
C LEU P 74 1.86 -12.70 47.43
N ALA P 75 1.72 -13.56 46.42
CA ALA P 75 1.74 -14.98 46.70
C ALA P 75 2.22 -15.74 45.49
N VAL P 76 2.66 -16.97 45.74
CA VAL P 76 3.14 -17.88 44.71
C VAL P 76 2.26 -19.12 44.75
N LEU P 77 1.62 -19.43 43.63
CA LEU P 77 0.67 -20.52 43.57
C LEU P 77 1.35 -21.87 43.68
N LYS P 78 0.55 -22.85 44.11
CA LYS P 78 0.91 -24.25 44.19
C LYS P 78 -0.10 -25.04 43.37
N PRO P 79 0.21 -26.28 42.98
CA PRO P 79 -0.81 -27.12 42.34
C PRO P 79 -2.01 -27.32 43.23
N GLY P 80 -3.15 -26.75 42.84
CA GLY P 80 -4.30 -26.77 43.71
C GLY P 80 -5.52 -26.24 43.01
N VAL P 81 -6.55 -25.95 43.81
CA VAL P 81 -7.86 -25.58 43.30
C VAL P 81 -8.18 -24.15 43.73
N VAL P 82 -8.53 -23.31 42.78
CA VAL P 82 -9.03 -21.97 43.07
C VAL P 82 -10.55 -22.04 43.06
N THR P 83 -11.17 -21.56 44.13
CA THR P 83 -12.62 -21.51 44.25
C THR P 83 -13.07 -20.05 44.12
N VAL P 84 -13.92 -19.78 43.14
CA VAL P 84 -14.34 -18.43 42.80
C VAL P 84 -15.81 -18.28 43.14
N TYR P 85 -16.14 -17.24 43.91
CA TYR P 85 -17.50 -16.95 44.35
C TYR P 85 -18.03 -15.76 43.56
N GLN P 86 -18.83 -16.02 42.54
CA GLN P 86 -19.36 -14.94 41.72
C GLN P 86 -20.45 -14.19 42.47
N GLU P 87 -20.81 -13.01 41.93
CA GLU P 87 -21.74 -12.11 42.61
C GLU P 87 -23.14 -12.69 42.73
N ASP P 88 -23.52 -13.63 41.86
CA ASP P 88 -24.83 -14.25 41.96
C ASP P 88 -24.86 -15.38 42.98
N GLY P 89 -23.74 -15.69 43.62
CA GLY P 89 -23.65 -16.79 44.55
C GLY P 89 -23.14 -18.08 43.95
N SER P 90 -22.90 -18.11 42.64
CA SER P 90 -22.40 -19.32 42.01
C SER P 90 -20.93 -19.55 42.37
N THR P 91 -20.57 -20.82 42.55
CA THR P 91 -19.23 -21.22 42.94
C THR P 91 -18.61 -22.01 41.81
N LYS P 92 -17.44 -21.57 41.34
CA LYS P 92 -16.73 -22.22 40.26
C LYS P 92 -15.33 -22.61 40.74
N LYS P 93 -14.76 -23.62 40.11
CA LYS P 93 -13.47 -24.14 40.54
C LYS P 93 -12.52 -24.26 39.36
N TYR P 94 -11.25 -23.93 39.59
CA TYR P 94 -10.22 -23.92 38.56
C TYR P 94 -8.93 -24.50 39.11
N PHE P 95 -8.44 -25.56 38.51
CA PHE P 95 -7.14 -26.11 38.90
C PHE P 95 -6.06 -25.22 38.34
N VAL P 96 -5.09 -24.86 39.18
CA VAL P 96 -3.95 -24.03 38.79
C VAL P 96 -2.67 -24.80 39.12
N SER P 97 -1.75 -24.83 38.16
CA SER P 97 -0.48 -25.51 38.39
C SER P 97 0.46 -24.61 39.17
N SER P 98 0.79 -23.45 38.61
CA SER P 98 1.57 -22.44 39.32
C SER P 98 1.32 -21.10 38.67
N GLY P 99 1.61 -20.03 39.40
CA GLY P 99 1.44 -18.70 38.87
C GLY P 99 1.86 -17.61 39.84
N THR P 100 1.19 -16.47 39.79
CA THR P 100 1.42 -15.40 40.74
C THR P 100 0.09 -14.81 41.16
N VAL P 101 -0.04 -14.53 42.46
CA VAL P 101 -1.24 -13.91 43.01
C VAL P 101 -0.85 -12.53 43.51
N THR P 102 -1.60 -11.52 43.12
CA THR P 102 -1.29 -10.14 43.46
C THR P 102 -2.55 -9.45 43.93
N VAL P 103 -2.73 -9.37 45.24
CA VAL P 103 -3.82 -8.61 45.83
C VAL P 103 -3.30 -7.22 46.15
N ASN P 104 -3.89 -6.21 45.54
CA ASN P 104 -3.38 -4.85 45.67
C ASN P 104 -4.22 -4.08 46.68
N ASP P 105 -3.90 -2.79 46.82
CA ASP P 105 -4.58 -1.95 47.79
C ASP P 105 -6.01 -1.62 47.37
N ASP P 106 -6.28 -1.61 46.07
CA ASP P 106 -7.59 -1.29 45.55
C ASP P 106 -8.51 -2.52 45.45
N SER P 107 -8.23 -3.55 46.24
CA SER P 107 -9.01 -4.80 46.26
C SER P 107 -9.04 -5.47 44.90
N SER P 108 -7.93 -5.39 44.17
CA SER P 108 -7.81 -5.99 42.85
C SER P 108 -6.89 -7.18 42.93
N VAL P 109 -7.34 -8.32 42.40
CA VAL P 109 -6.62 -9.58 42.48
C VAL P 109 -6.28 -10.02 41.06
N GLN P 110 -5.02 -10.36 40.81
CA GLN P 110 -4.56 -10.78 39.50
C GLN P 110 -3.88 -12.13 39.65
N VAL P 111 -4.66 -13.20 39.63
CA VAL P 111 -4.10 -14.55 39.62
C VAL P 111 -3.79 -14.91 38.17
N LEU P 112 -2.53 -15.23 37.89
CA LEU P 112 -2.07 -15.48 36.53
C LEU P 112 -1.35 -16.82 36.51
N ALA P 113 -2.08 -17.89 36.28
CA ALA P 113 -1.44 -19.19 36.19
C ALA P 113 -0.87 -19.40 34.80
N GLU P 114 0.00 -20.40 34.67
CA GLU P 114 0.42 -20.80 33.34
C GLU P 114 -0.63 -21.67 32.66
N GLU P 115 -1.09 -22.72 33.33
CA GLU P 115 -2.11 -23.61 32.76
C GLU P 115 -3.24 -23.77 33.78
N ALA P 116 -4.18 -22.85 33.74
CA ALA P 116 -5.37 -22.90 34.58
C ALA P 116 -6.51 -23.51 33.77
N VAL P 117 -7.10 -24.58 34.29
CA VAL P 117 -8.22 -25.25 33.62
C VAL P 117 -9.40 -25.25 34.58
N PRO P 118 -10.61 -25.43 34.08
CA PRO P 118 -11.71 -25.77 34.97
C PRO P 118 -11.53 -27.16 35.55
N VAL P 119 -11.93 -27.32 36.81
CA VAL P 119 -11.77 -28.59 37.51
C VAL P 119 -12.67 -29.65 36.88
N GLU P 120 -13.80 -29.23 36.32
CA GLU P 120 -14.66 -30.15 35.58
C GLU P 120 -13.97 -30.73 34.35
N ASN P 121 -12.93 -30.08 33.84
CA ASN P 121 -12.14 -30.61 32.74
C ASN P 121 -10.88 -31.27 33.28
N LEU P 122 -11.08 -32.35 34.03
CA LEU P 122 -9.97 -33.09 34.62
C LEU P 122 -10.23 -34.59 34.46
N ASP P 123 -9.14 -35.36 34.46
CA ASP P 123 -9.20 -36.81 34.37
C ASP P 123 -8.64 -37.42 35.65
N LEU P 124 -9.47 -38.20 36.34
CA LEU P 124 -9.04 -38.84 37.57
C LEU P 124 -8.10 -40.01 37.30
N GLN P 125 -8.38 -40.79 36.25
CA GLN P 125 -7.55 -41.95 35.95
C GLN P 125 -6.16 -41.53 35.49
N ALA P 126 -6.08 -40.48 34.66
CA ALA P 126 -4.79 -39.95 34.27
C ALA P 126 -4.06 -39.34 35.47
N ALA P 127 -4.80 -38.78 36.42
CA ALA P 127 -4.20 -38.28 37.64
C ALA P 127 -3.57 -39.40 38.45
N ARG P 128 -4.26 -40.53 38.58
CA ARG P 128 -3.73 -41.65 39.33
C ARG P 128 -2.54 -42.27 38.61
N ASP P 129 -2.59 -42.32 37.27
CA ASP P 129 -1.45 -42.81 36.51
C ASP P 129 -0.25 -41.88 36.65
N ILE P 130 -0.49 -40.57 36.66
CA ILE P 130 0.58 -39.59 36.85
C ILE P 130 1.21 -39.75 38.22
N LEU P 131 0.37 -39.91 39.25
CA LEU P 131 0.89 -40.08 40.61
C LEU P 131 1.68 -41.38 40.75
N SER P 132 1.19 -42.47 40.13
CA SER P 132 1.88 -43.74 40.19
C SER P 132 3.22 -43.69 39.45
N LYS P 133 3.24 -43.03 38.28
CA LYS P 133 4.50 -42.85 37.56
C LYS P 133 5.44 -41.93 38.30
N ALA P 134 4.90 -40.95 39.03
CA ALA P 134 5.73 -40.06 39.84
C ALA P 134 6.40 -40.82 40.97
N GLN P 135 5.64 -41.69 41.66
CA GLN P 135 6.23 -42.50 42.72
C GLN P 135 7.23 -43.49 42.16
N SER P 136 6.99 -44.02 40.95
CA SER P 136 7.96 -44.88 40.30
C SER P 136 9.25 -44.14 39.99
N ASP P 137 9.13 -42.88 39.53
CA ASP P 137 10.31 -42.08 39.26
C ASP P 137 11.05 -41.71 40.55
N VAL P 138 10.32 -41.51 41.64
CA VAL P 138 10.95 -41.26 42.93
C VAL P 138 11.74 -42.49 43.38
N THR P 139 11.15 -43.68 43.24
CA THR P 139 11.83 -44.91 43.61
C THR P 139 13.06 -45.16 42.72
N SER P 140 12.92 -44.93 41.42
CA SER P 140 13.99 -45.21 40.47
C SER P 140 15.00 -44.07 40.33
N ALA P 141 14.79 -42.96 41.06
CA ALA P 141 15.74 -41.86 41.00
C ALA P 141 17.10 -42.26 41.57
N GLY P 142 17.10 -42.94 42.71
CA GLY P 142 18.34 -43.36 43.33
C GLY P 142 19.14 -42.21 43.90
N ALA P 143 20.27 -41.90 43.28
CA ALA P 143 21.13 -40.81 43.70
C ALA P 143 21.04 -39.60 42.79
N ASP P 144 20.06 -39.58 41.88
CA ASP P 144 19.88 -38.46 40.96
C ASP P 144 18.99 -37.43 41.66
N MET P 145 19.60 -36.34 42.12
CA MET P 145 18.85 -35.34 42.88
C MET P 145 17.92 -34.53 41.97
N LEU P 146 18.30 -34.34 40.70
CA LEU P 146 17.46 -33.60 39.78
C LEU P 146 16.18 -34.37 39.48
N LYS P 147 16.32 -35.66 39.14
CA LYS P 147 15.15 -36.49 38.91
C LYS P 147 14.37 -36.73 40.21
N LEU P 148 15.05 -36.67 41.36
CA LEU P 148 14.35 -36.73 42.64
C LEU P 148 13.44 -35.51 42.82
N ALA P 149 13.94 -34.33 42.50
CA ALA P 149 13.12 -33.13 42.58
C ALA P 149 11.97 -33.17 41.58
N GLU P 150 12.24 -33.69 40.38
CA GLU P 150 11.18 -33.86 39.39
C GLU P 150 10.12 -34.84 39.88
N GLY P 151 10.54 -35.94 40.51
CA GLY P 151 9.59 -36.89 41.05
C GLY P 151 8.78 -36.32 42.19
N GLN P 152 9.40 -35.52 43.05
CA GLN P 152 8.68 -34.89 44.16
C GLN P 152 7.64 -33.90 43.63
N ILE P 153 8.02 -33.10 42.64
CA ILE P 153 7.09 -32.14 42.05
C ILE P 153 5.93 -32.85 41.37
N ALA P 154 6.23 -33.92 40.64
CA ALA P 154 5.18 -34.68 39.98
C ALA P 154 4.30 -35.41 40.99
N VAL P 155 4.86 -35.77 42.15
CA VAL P 155 4.05 -36.35 43.23
C VAL P 155 3.07 -35.32 43.75
N GLU P 156 3.52 -34.08 43.95
CA GLU P 156 2.63 -33.03 44.44
C GLU P 156 1.52 -32.74 43.44
N VAL P 157 1.86 -32.67 42.15
CA VAL P 157 0.85 -32.43 41.11
C VAL P 157 -0.12 -33.60 41.04
N GLY P 158 0.39 -34.83 41.14
CA GLY P 158 -0.48 -35.99 41.12
C GLY P 158 -1.45 -36.03 42.30
N GLU P 159 -0.96 -35.68 43.49
CA GLU P 159 -1.83 -35.62 44.66
C GLU P 159 -2.89 -34.54 44.51
N ALA P 160 -2.49 -33.37 44.01
CA ALA P 160 -3.43 -32.26 43.83
C ALA P 160 -4.46 -32.59 42.76
N LEU P 161 -4.05 -33.25 41.68
CA LEU P 161 -4.98 -33.63 40.62
C LEU P 161 -5.98 -34.67 41.10
N VAL P 162 -5.51 -35.65 41.89
CA VAL P 162 -6.42 -36.66 42.42
C VAL P 162 -7.41 -36.02 43.39
N LYS P 163 -6.93 -35.12 44.25
CA LYS P 163 -7.83 -34.47 45.20
C LYS P 163 -8.81 -33.53 44.51
N ALA P 164 -8.40 -32.90 43.41
CA ALA P 164 -9.32 -32.02 42.69
C ALA P 164 -10.35 -32.81 41.91
N ALA P 165 -9.93 -33.91 41.28
CA ALA P 165 -10.88 -34.75 40.54
C ALA P 165 -11.86 -35.42 41.48
N GLU P 166 -11.40 -35.92 42.62
CA GLU P 166 -12.31 -36.47 43.61
C GLU P 166 -13.16 -35.39 44.26
N GLY P 167 -12.58 -34.21 44.48
CA GLY P 167 -13.31 -33.11 45.09
C GLY P 167 -14.25 -32.43 44.13
N SER Q 11 11.51 -24.41 49.77
CA SER Q 11 11.51 -25.86 49.90
C SER Q 11 12.70 -26.47 49.17
N GLY Q 12 12.58 -27.75 48.81
CA GLY Q 12 13.65 -28.40 48.08
C GLY Q 12 13.79 -27.96 46.64
N ARG Q 13 12.78 -27.27 46.10
CA ARG Q 13 12.85 -26.78 44.73
C ARG Q 13 13.96 -25.75 44.57
N ARG Q 14 13.97 -24.72 45.41
CA ARG Q 14 15.04 -23.73 45.32
C ARG Q 14 16.34 -24.26 45.90
N GLY Q 15 16.27 -25.22 46.83
CA GLY Q 15 17.46 -25.79 47.42
C GLY Q 15 18.25 -26.67 46.49
N ARG Q 16 17.61 -27.24 45.46
CA ARG Q 16 18.27 -28.10 44.49
C ARG Q 16 18.73 -27.33 43.26
N HIS Q 17 19.04 -26.04 43.43
CA HIS Q 17 19.55 -25.17 42.36
C HIS Q 17 18.59 -25.09 41.18
N VAL Q 18 17.28 -25.11 41.47
CA VAL Q 18 16.24 -25.08 40.47
C VAL Q 18 15.38 -23.84 40.72
N ASP Q 19 15.21 -23.01 39.70
CA ASP Q 19 14.39 -21.82 39.80
C ASP Q 19 12.91 -22.22 39.82
N PHE Q 20 12.05 -21.22 40.04
CA PHE Q 20 10.62 -21.50 40.03
C PHE Q 20 10.11 -21.76 38.62
N GLY Q 21 10.72 -21.13 37.60
CA GLY Q 21 10.24 -21.30 36.24
C GLY Q 21 10.34 -22.73 35.75
N ALA Q 22 11.42 -23.43 36.11
CA ALA Q 22 11.53 -24.84 35.81
C ALA Q 22 10.48 -25.65 36.56
N SER Q 23 10.12 -25.22 37.77
CA SER Q 23 9.09 -25.91 38.52
C SER Q 23 7.73 -25.75 37.85
N VAL Q 24 7.44 -24.56 37.33
CA VAL Q 24 6.17 -24.38 36.62
C VAL Q 24 6.16 -25.19 35.34
N ASP Q 25 7.31 -25.29 34.67
CA ASP Q 25 7.40 -26.11 33.47
C ASP Q 25 7.14 -27.59 33.77
N PHE Q 26 7.71 -28.08 34.88
CA PHE Q 26 7.45 -29.46 35.30
C PHE Q 26 6.00 -29.64 35.72
N GLU Q 27 5.42 -28.63 36.36
CA GLU Q 27 4.04 -28.76 36.82
C GLU Q 27 3.05 -28.73 35.65
N VAL Q 28 3.27 -27.85 34.68
CA VAL Q 28 2.37 -27.76 33.54
C VAL Q 28 2.55 -28.96 32.61
N HIS Q 29 3.79 -29.45 32.45
CA HIS Q 29 4.01 -30.67 31.68
C HIS Q 29 3.29 -31.86 32.30
N MET Q 30 3.16 -31.87 33.63
CA MET Q 30 2.33 -32.86 34.30
C MET Q 30 0.90 -32.41 34.46
N MET Q 31 0.54 -31.25 33.92
CA MET Q 31 -0.84 -30.76 33.98
C MET Q 31 -1.61 -31.03 32.69
N ARG Q 32 -0.99 -30.84 31.53
CA ARG Q 32 -1.68 -31.02 30.26
C ARG Q 32 -2.04 -32.47 29.97
N ARG Q 33 -1.49 -33.42 30.71
CA ARG Q 33 -1.81 -34.82 30.51
C ARG Q 33 -3.07 -35.27 31.24
N ALA Q 34 -3.63 -34.43 32.10
CA ALA Q 34 -4.81 -34.81 32.87
C ALA Q 34 -6.10 -34.39 32.16
N LEU Q 35 -6.22 -34.72 30.88
CA LEU Q 35 -7.42 -34.41 30.10
C LEU Q 35 -7.47 -35.41 28.94
N LYS Q 36 -8.34 -36.42 29.07
CA LYS Q 36 -8.33 -37.51 28.09
C LYS Q 36 -8.91 -37.14 26.74
N PRO Q 37 -10.23 -36.79 26.60
CA PRO Q 37 -10.89 -37.01 25.30
C PRO Q 37 -10.46 -36.12 24.14
N GLU Q 38 -10.55 -34.80 24.31
CA GLU Q 38 -10.24 -33.88 23.21
C GLU Q 38 -9.38 -32.69 23.58
N LEU Q 39 -9.35 -32.27 24.84
CA LEU Q 39 -8.64 -31.05 25.21
C LEU Q 39 -7.13 -31.23 25.33
N ARG Q 40 -6.64 -32.47 25.30
CA ARG Q 40 -5.20 -32.70 25.38
C ARG Q 40 -4.48 -32.14 24.15
N ASN Q 41 -5.04 -32.36 22.95
CA ASN Q 41 -4.42 -31.84 21.74
C ASN Q 41 -4.64 -30.35 21.57
N GLU Q 42 -5.78 -29.83 22.02
CA GLU Q 42 -6.05 -28.41 21.88
C GLU Q 42 -5.17 -27.58 22.82
N ALA Q 43 -4.97 -28.06 24.05
CA ALA Q 43 -4.21 -27.28 25.02
C ALA Q 43 -2.72 -27.29 24.73
N ILE Q 44 -2.21 -28.36 24.12
CA ILE Q 44 -0.78 -28.46 23.83
C ILE Q 44 -0.46 -27.55 22.64
N LYS Q 45 0.49 -26.64 22.84
CA LYS Q 45 0.96 -25.75 21.78
C LYS Q 45 2.45 -25.97 21.51
N ARG Q 46 2.91 -27.21 21.67
CA ARG Q 46 4.28 -27.68 21.44
C ARG Q 46 5.23 -26.91 22.37
N GLU Q 47 6.45 -26.66 21.92
CA GLU Q 47 7.43 -25.94 22.72
C GLU Q 47 7.85 -24.64 22.02
N PRO R 58 -20.77 49.51 74.08
CA PRO R 58 -20.08 49.33 72.80
C PRO R 58 -20.01 47.87 72.39
N ARG R 59 -19.66 47.61 71.13
CA ARG R 59 -19.57 46.24 70.67
C ARG R 59 -18.34 45.56 71.28
N PRO R 60 -18.47 44.33 71.74
CA PRO R 60 -17.30 43.61 72.26
C PRO R 60 -16.28 43.32 71.17
N LEU R 61 -15.01 43.41 71.54
CA LEU R 61 -13.90 43.19 70.64
C LEU R 61 -13.11 41.97 71.08
N ARG R 62 -12.52 41.28 70.10
CA ARG R 62 -11.76 40.09 70.41
C ARG R 62 -10.28 40.40 70.27
N PRO R 63 -9.53 40.52 71.36
CA PRO R 63 -8.09 40.74 71.24
C PRO R 63 -7.36 39.51 70.74
N VAL R 64 -6.23 39.75 70.08
CA VAL R 64 -5.42 38.66 69.57
C VAL R 64 -4.74 37.91 70.71
N ASN R 65 -4.25 38.65 71.69
CA ASN R 65 -3.50 38.06 72.78
C ASN R 65 -4.24 38.18 74.10
N PRO R 66 -4.22 37.15 74.93
CA PRO R 66 -4.89 37.23 76.23
C PRO R 66 -4.16 38.10 77.21
N GLY R 67 -4.64 38.15 78.45
CA GLY R 67 -4.03 38.99 79.46
C GLY R 67 -2.63 38.53 79.82
N LYS R 68 -1.79 39.49 80.18
CA LYS R 68 -0.40 39.20 80.46
C LYS R 68 -0.25 38.42 81.75
N VAL R 69 0.63 37.44 81.74
CA VAL R 69 0.78 36.49 82.83
C VAL R 69 2.25 36.36 83.17
N ARG R 70 2.60 36.56 84.42
CA ARG R 70 3.95 36.29 84.90
C ARG R 70 3.97 34.98 85.69
N VAL R 71 5.10 34.28 85.61
CA VAL R 71 5.35 33.02 86.30
C VAL R 71 4.25 32.02 85.99
N GLY R 72 4.08 31.71 84.71
CA GLY R 72 3.19 30.63 84.32
C GLY R 72 1.70 30.90 84.42
N PHE R 73 1.22 31.30 85.59
CA PHE R 73 -0.22 31.48 85.81
C PHE R 73 -0.60 32.76 86.52
N VAL R 74 0.29 33.38 87.29
CA VAL R 74 -0.09 34.56 88.07
C VAL R 74 -0.33 35.73 87.13
N PRO R 75 -1.43 36.46 87.29
CA PRO R 75 -1.70 37.60 86.40
C PRO R 75 -0.73 38.73 86.59
N GLU R 76 -0.45 39.44 85.50
CA GLU R 76 0.49 40.55 85.58
C GLU R 76 -0.10 41.74 86.31
N GLU R 77 -1.42 41.85 86.36
CA GLU R 77 -2.04 42.98 87.05
C GLU R 77 -1.79 42.92 88.55
N TRP R 78 -1.59 41.71 89.10
CA TRP R 78 -1.24 41.58 90.50
C TRP R 78 0.14 42.17 90.78
N PHE R 79 1.09 41.95 89.87
CA PHE R 79 2.44 42.47 90.07
C PHE R 79 2.54 43.97 89.80
N THR R 80 1.79 44.48 88.82
CA THR R 80 1.80 45.90 88.56
C THR R 80 0.91 46.69 89.50
N PHE R 81 0.13 46.03 90.35
CA PHE R 81 -0.68 46.75 91.32
C PHE R 81 0.17 47.40 92.40
N PHE R 82 1.34 46.84 92.70
CA PHE R 82 2.18 47.31 93.79
C PHE R 82 3.22 48.34 93.35
N TYR R 83 3.28 48.67 92.06
CA TYR R 83 4.37 49.47 91.54
C TYR R 83 4.34 50.91 92.03
N ASN R 84 3.20 51.38 92.53
CA ASN R 84 3.16 52.73 93.09
C ASN R 84 3.92 52.80 94.41
N LYS R 85 4.01 51.69 95.14
CA LYS R 85 4.57 51.69 96.48
C LYS R 85 5.83 50.85 96.61
N THR R 86 5.80 49.58 96.19
CA THR R 86 6.84 48.63 96.54
C THR R 86 7.73 48.23 95.37
N GLY R 87 7.66 48.94 94.26
CA GLY R 87 8.61 48.67 93.18
C GLY R 87 8.31 47.40 92.43
N VAL R 88 9.37 46.68 92.07
CA VAL R 88 9.26 45.51 91.21
C VAL R 88 9.43 44.23 92.01
N THR R 89 10.26 44.26 93.05
CA THR R 89 10.43 43.12 93.94
C THR R 89 9.45 43.13 95.11
N GLY R 90 8.52 44.08 95.14
CA GLY R 90 7.49 44.11 96.14
C GLY R 90 6.58 42.89 96.15
N PRO R 91 5.87 42.64 95.05
CA PRO R 91 5.05 41.42 94.97
C PRO R 91 5.82 40.12 95.10
N TYR R 92 7.04 40.06 94.57
CA TYR R 92 7.81 38.82 94.63
C TYR R 92 8.22 38.50 96.06
N VAL R 93 8.62 39.52 96.82
CA VAL R 93 8.96 39.28 98.22
C VAL R 93 7.72 39.08 99.08
N LEU R 94 6.55 39.59 98.65
CA LEU R 94 5.32 39.28 99.35
C LEU R 94 4.94 37.82 99.18
N GLY R 95 5.07 37.29 97.97
CA GLY R 95 4.84 35.87 97.75
C GLY R 95 5.88 35.00 98.43
N ALA R 96 7.13 35.46 98.48
CA ALA R 96 8.17 34.71 99.18
C ALA R 96 7.92 34.69 100.69
N GLY R 97 7.54 35.82 101.27
CA GLY R 97 7.20 35.84 102.67
C GLY R 97 5.96 35.05 102.99
N ALA R 98 4.99 35.01 102.07
CA ALA R 98 3.79 34.21 102.27
C ALA R 98 4.11 32.73 102.27
N LEU R 99 4.91 32.27 101.32
CA LEU R 99 5.26 30.86 101.27
C LEU R 99 6.14 30.46 102.46
N THR R 100 7.04 31.35 102.88
CA THR R 100 7.85 31.07 104.05
C THR R 100 7.00 31.04 105.31
N PHE R 101 5.98 31.91 105.40
CA PHE R 101 5.13 31.90 106.59
C PHE R 101 4.23 30.67 106.62
N LEU R 102 3.74 30.23 105.46
CA LEU R 102 2.95 29.00 105.44
C LEU R 102 3.80 27.80 105.82
N LEU R 103 5.02 27.72 105.33
CA LEU R 103 5.88 26.63 105.73
C LEU R 103 6.48 26.82 107.13
N SER R 104 6.39 28.02 107.70
CA SER R 104 6.94 28.26 109.03
C SER R 104 5.98 27.77 110.10
N LYS R 105 4.79 28.34 110.14
CA LYS R 105 3.78 27.95 111.10
C LYS R 105 3.08 26.65 110.71
N GLU R 106 3.53 26.00 109.64
CA GLU R 106 3.00 24.72 109.16
C GLU R 106 1.51 24.79 108.86
N ILE R 107 1.04 25.96 108.42
CA ILE R 107 -0.30 26.05 107.84
C ILE R 107 -0.38 25.22 106.58
N TYR R 108 0.63 25.35 105.72
CA TYR R 108 0.80 24.45 104.58
C TYR R 108 1.69 23.31 105.02
N VAL R 109 1.11 22.14 105.21
CA VAL R 109 1.85 20.99 105.69
C VAL R 109 2.44 20.24 104.50
N VAL R 110 3.74 19.98 104.55
CA VAL R 110 4.40 19.25 103.47
C VAL R 110 4.04 17.78 103.64
N GLU R 111 3.01 17.35 102.92
CA GLU R 111 2.51 15.99 103.00
C GLU R 111 2.98 15.18 101.80
N HIS R 112 2.42 13.98 101.65
CA HIS R 112 2.73 13.12 100.51
C HIS R 112 2.21 13.67 99.19
N GLU R 113 1.36 14.69 99.22
CA GLU R 113 0.83 15.27 98.00
C GLU R 113 1.61 16.50 97.52
N PHE R 114 2.49 17.05 98.35
CA PHE R 114 3.34 18.14 97.89
C PHE R 114 4.31 17.67 96.83
N TYR R 115 4.85 16.46 96.98
CA TYR R 115 5.77 15.93 95.98
C TYR R 115 5.02 15.47 94.73
N THR R 116 3.75 15.08 94.88
CA THR R 116 2.92 14.88 93.70
C THR R 116 2.69 16.19 92.96
N GLY R 117 2.45 17.28 93.69
CA GLY R 117 2.31 18.57 93.06
C GLY R 117 3.58 19.06 92.40
N VAL R 118 4.73 18.76 93.01
CA VAL R 118 6.01 19.13 92.41
C VAL R 118 6.25 18.36 91.12
N ALA R 119 6.00 17.05 91.15
CA ALA R 119 6.21 16.22 89.96
C ALA R 119 5.25 16.62 88.84
N ILE R 120 4.02 17.00 89.19
CA ILE R 120 3.08 17.52 88.21
C ILE R 120 3.58 18.83 87.64
N ALA R 121 4.14 19.70 88.47
CA ALA R 121 4.66 20.99 87.99
C ALA R 121 5.83 20.80 87.04
N ILE R 122 6.73 19.86 87.35
CA ILE R 122 7.87 19.60 86.47
C ILE R 122 7.39 18.99 85.15
N MET R 123 6.47 18.02 85.22
CA MET R 123 5.94 17.40 84.02
C MET R 123 5.16 18.40 83.18
N GLY R 124 4.38 19.27 83.83
CA GLY R 124 3.62 20.25 83.09
C GLY R 124 4.49 21.28 82.40
N THR R 125 5.56 21.73 83.08
CA THR R 125 6.49 22.66 82.44
C THR R 125 7.21 22.03 81.26
N TYR R 126 7.62 20.77 81.41
CA TYR R 126 8.34 20.10 80.32
C TYR R 126 7.41 19.82 79.14
N GLY R 127 6.18 19.36 79.42
CA GLY R 127 5.24 19.08 78.34
C GLY R 127 4.78 20.33 77.61
N VAL R 128 4.53 21.42 78.35
CA VAL R 128 4.08 22.65 77.72
C VAL R 128 5.20 23.25 76.89
N LYS R 129 6.42 23.30 77.43
CA LYS R 129 7.54 23.84 76.67
C LYS R 129 7.91 22.98 75.47
N LYS R 130 7.54 21.70 75.46
CA LYS R 130 7.84 20.85 74.32
C LYS R 130 6.73 20.80 73.29
N PHE R 131 5.47 20.97 73.69
CA PHE R 131 4.35 20.79 72.78
C PHE R 131 3.44 22.00 72.65
N GLY R 132 3.76 23.13 73.29
CA GLY R 132 2.89 24.28 73.21
C GLY R 132 2.87 24.90 71.83
N LYS R 133 4.03 24.96 71.18
CA LYS R 133 4.08 25.52 69.83
C LYS R 133 3.33 24.65 68.83
N GLN R 134 3.49 23.33 68.93
CA GLN R 134 2.82 22.42 68.01
C GLN R 134 1.31 22.47 68.17
N ILE R 135 0.82 22.49 69.41
CA ILE R 135 -0.62 22.51 69.65
C ILE R 135 -1.23 23.86 69.28
N ALA R 136 -0.53 24.96 69.58
CA ALA R 136 -1.03 26.26 69.19
C ALA R 136 -1.03 26.41 67.67
N ASP R 137 -0.04 25.84 66.99
CA ASP R 137 -0.03 25.90 65.52
C ASP R 137 -1.17 25.09 64.94
N TYR R 138 -1.44 23.91 65.49
CA TYR R 138 -2.55 23.07 65.02
C TYR R 138 -3.89 23.78 65.21
N ALA R 139 -4.07 24.42 66.36
CA ALA R 139 -5.33 25.12 66.62
C ALA R 139 -5.47 26.34 65.72
N ASP R 140 -4.41 27.13 65.57
CA ASP R 140 -4.52 28.33 64.74
C ASP R 140 -4.63 27.99 63.26
N LYS R 141 -4.12 26.83 62.85
CA LYS R 141 -4.36 26.34 61.49
C LYS R 141 -5.83 26.05 61.28
N GLY R 142 -6.48 25.42 62.28
CA GLY R 142 -7.90 25.16 62.16
C GLY R 142 -8.75 26.43 62.15
N ILE R 143 -8.40 27.40 62.98
CA ILE R 143 -9.17 28.65 63.03
C ILE R 143 -8.99 29.43 61.74
N GLY R 144 -7.77 29.41 61.18
CA GLY R 144 -7.57 30.04 59.89
C GLY R 144 -8.33 29.36 58.77
N GLU R 145 -8.41 28.03 58.81
CA GLU R 145 -9.20 27.31 57.81
C GLU R 145 -10.68 27.65 57.89
N ILE R 146 -11.20 27.78 59.12
CA ILE R 146 -12.61 28.15 59.29
C ILE R 146 -12.86 29.57 58.80
N GLU R 147 -11.99 30.51 59.19
CA GLU R 147 -12.16 31.90 58.75
C GLU R 147 -11.98 32.03 57.24
N GLN R 148 -11.08 31.25 56.66
CA GLN R 148 -10.90 31.23 55.21
C GLN R 148 -12.15 30.70 54.53
N SER R 149 -12.78 29.67 55.09
CA SER R 149 -13.99 29.13 54.49
C SER R 149 -15.14 30.13 54.57
N PHE R 150 -15.22 30.89 55.67
CA PHE R 150 -16.26 31.91 55.75
C PHE R 150 -16.02 33.06 54.77
N LYS R 151 -14.76 33.46 54.60
CA LYS R 151 -14.45 34.51 53.63
C LYS R 151 -14.70 34.04 52.21
N GLU R 152 -14.38 32.78 51.91
CA GLU R 152 -14.66 32.22 50.59
C GLU R 152 -16.16 32.15 50.33
N TYR R 153 -16.95 31.85 51.37
CA TYR R 153 -18.40 31.86 51.22
C TYR R 153 -18.91 33.25 50.87
N GLN R 154 -18.40 34.28 51.54
CA GLN R 154 -18.87 35.64 51.27
C GLN R 154 -18.49 36.09 49.86
N ASP R 155 -17.27 35.77 49.42
CA ASP R 155 -16.86 36.13 48.08
C ASP R 155 -17.67 35.38 47.02
N SER R 156 -17.95 34.10 47.26
CA SER R 156 -18.73 33.33 46.30
C SER R 156 -20.16 33.83 46.22
N SER R 157 -20.73 34.28 47.34
CA SER R 157 -22.08 34.83 47.30
C SER R 157 -22.12 36.15 46.53
N LYS R 158 -21.09 36.98 46.68
CA LYS R 158 -21.03 38.21 45.89
C LYS R 158 -20.90 37.91 44.40
N ILE R 159 -20.06 36.94 44.05
CA ILE R 159 -19.87 36.56 42.65
C ILE R 159 -21.16 36.00 42.07
N GLY R 160 -21.85 35.15 42.83
CA GLY R 160 -23.10 34.56 42.35
C GLY R 160 -24.19 35.60 42.16
N PHE R 161 -24.25 36.61 43.02
CA PHE R 161 -25.25 37.66 42.85
C PHE R 161 -24.96 38.51 41.61
N GLU R 162 -23.67 38.83 41.39
CA GLU R 162 -23.33 39.62 40.21
C GLU R 162 -23.58 38.85 38.92
N GLU R 163 -23.26 37.55 38.91
CA GLU R 163 -23.54 36.72 37.74
C GLU R 163 -25.03 36.59 37.48
N ALA R 164 -25.84 36.51 38.55
CA ALA R 164 -27.28 36.46 38.38
C ALA R 164 -27.82 37.75 37.77
N ILE R 165 -27.24 38.89 38.16
CA ILE R 165 -27.66 40.17 37.58
C ILE R 165 -27.32 40.21 36.09
N THR R 166 -26.12 39.79 35.72
CA THR R 166 -25.73 39.79 34.31
C THR R 166 -26.57 38.80 33.49
N LEU R 167 -26.98 37.69 34.09
CA LEU R 167 -27.83 36.75 33.38
C LEU R 167 -29.23 37.31 33.16
N GLU R 168 -29.73 38.11 34.11
CA GLU R 168 -31.00 38.80 33.88
C GLU R 168 -30.88 39.81 32.75
N GLU R 169 -29.75 40.50 32.68
CA GLU R 169 -29.51 41.42 31.57
C GLU R 169 -29.48 40.69 30.22
N ARG R 170 -28.85 39.51 30.19
CA ARG R 170 -28.84 38.70 28.98
C ARG R 170 -30.25 38.24 28.61
N ALA R 171 -31.08 37.94 29.61
CA ALA R 171 -32.46 37.55 29.33
C ALA R 171 -33.26 38.70 28.72
N GLN R 172 -33.02 39.93 29.21
CA GLN R 172 -33.68 41.10 28.62
C GLN R 172 -33.24 41.32 27.18
N LYS R 173 -31.94 41.14 26.91
CA LYS R 173 -31.44 41.23 25.54
C LYS R 173 -32.01 40.12 24.65
N SER R 174 -32.27 38.94 25.23
CA SER R 174 -32.92 37.89 24.49
C SER R 174 -34.36 38.26 24.11
N ALA R 175 -35.04 38.97 25.02
CA ALA R 175 -36.40 39.45 24.68
C ALA R 175 -36.37 40.47 23.54
N GLU R 176 -35.38 41.36 23.56
CA GLU R 176 -35.24 42.32 22.46
C GLU R 176 -34.95 41.62 21.12
N ALA R 177 -34.09 40.61 21.15
CA ALA R 177 -33.83 39.85 19.93
C ALA R 177 -35.02 38.99 19.51
N GLN R 178 -35.91 38.67 20.44
CA GLN R 178 -37.16 38.03 20.06
C GLN R 178 -38.04 38.97 19.24
N ILE R 179 -38.03 40.25 19.62
CA ILE R 179 -38.73 41.26 18.80
C ILE R 179 -38.13 41.33 17.40
N MET R 180 -36.79 41.26 17.32
CA MET R 180 -36.12 41.20 16.02
C MET R 180 -36.52 39.97 15.23
N LEU R 181 -36.72 38.84 15.93
CA LEU R 181 -37.15 37.62 15.26
C LEU R 181 -38.52 37.79 14.63
N PHE R 182 -39.46 38.40 15.35
CA PHE R 182 -40.81 38.58 14.81
C PHE R 182 -40.82 39.52 13.61
N GLN R 183 -40.01 40.58 13.66
CA GLN R 183 -39.87 41.46 12.51
C GLN R 183 -39.27 40.72 11.32
N ALA R 184 -38.28 39.86 11.56
CA ALA R 184 -37.70 39.05 10.50
C ALA R 184 -38.71 38.03 9.97
N LYS R 185 -39.62 37.57 10.83
CA LYS R 185 -40.65 36.64 10.39
C LYS R 185 -41.59 37.31 9.39
N ARG R 186 -42.07 38.52 9.71
CA ARG R 186 -42.98 39.18 8.79
C ARG R 186 -42.27 39.66 7.53
N GLU R 187 -40.98 39.98 7.63
CA GLU R 187 -40.19 40.29 6.44
C GLU R 187 -40.05 39.06 5.55
N ASN R 188 -39.83 37.89 6.15
CA ASN R 188 -39.68 36.67 5.36
C ASN R 188 -40.97 36.28 4.67
N VAL R 189 -42.11 36.53 5.32
CA VAL R 189 -43.39 36.25 4.68
C VAL R 189 -43.62 37.16 3.47
N GLN R 190 -43.29 38.45 3.61
CA GLN R 190 -43.40 39.35 2.47
C GLN R 190 -42.44 38.96 1.35
N PHE R 191 -41.23 38.49 1.70
CA PHE R 191 -40.29 38.04 0.69
C PHE R 191 -40.82 36.82 -0.06
N GLN R 192 -41.43 35.88 0.65
CA GLN R 192 -41.98 34.69 0.00
C GLN R 192 -43.16 35.06 -0.92
N LEU R 193 -44.03 35.96 -0.47
CA LEU R 193 -45.16 36.39 -1.30
C LEU R 193 -44.69 37.12 -2.55
N GLU R 194 -43.69 38.01 -2.41
CA GLU R 194 -43.17 38.71 -3.57
C GLU R 194 -42.47 37.75 -4.53
N ALA R 195 -41.72 36.79 -4.00
CA ALA R 195 -41.06 35.81 -4.87
C ALA R 195 -42.07 34.98 -5.66
N ALA R 196 -43.20 34.61 -5.02
CA ALA R 196 -44.26 33.93 -5.75
C ALA R 196 -44.87 34.81 -6.83
N TYR R 197 -44.91 36.12 -6.60
CA TYR R 197 -45.38 37.03 -7.64
C TYR R 197 -44.41 37.11 -8.80
N ARG R 198 -43.12 37.00 -8.52
CA ARG R 198 -42.14 37.04 -9.60
C ARG R 198 -42.22 35.80 -10.46
N ALA R 199 -42.41 34.63 -9.83
CA ALA R 199 -42.58 33.37 -10.55
C ALA R 199 -43.80 33.38 -11.45
N ARG R 200 -44.94 33.90 -10.95
CA ARG R 200 -46.10 34.01 -11.82
C ARG R 200 -45.91 35.05 -12.93
N LEU R 201 -45.11 36.09 -12.69
CA LEU R 201 -44.77 36.97 -13.80
C LEU R 201 -43.89 36.25 -14.82
N HIS R 202 -42.94 35.46 -14.34
CA HIS R 202 -42.05 34.69 -15.22
C HIS R 202 -42.84 33.66 -16.02
N HIS R 203 -43.81 33.02 -15.37
CA HIS R 203 -44.63 32.02 -16.06
C HIS R 203 -45.46 32.65 -17.17
N VAL R 204 -46.01 33.85 -16.90
CA VAL R 204 -46.78 34.54 -17.94
C VAL R 204 -45.89 34.94 -19.11
N ASN R 205 -44.70 35.49 -18.83
CA ASN R 205 -43.78 35.88 -19.90
C ASN R 205 -43.29 34.69 -20.70
N ASN R 206 -43.03 33.56 -20.03
CA ASN R 206 -42.60 32.36 -20.73
C ASN R 206 -43.70 31.81 -21.64
N GLU R 207 -44.96 31.87 -21.19
CA GLU R 207 -46.07 31.43 -22.03
C GLU R 207 -46.23 32.33 -23.25
N ILE R 208 -46.09 33.64 -23.06
CA ILE R 208 -46.20 34.57 -24.20
C ILE R 208 -45.08 34.32 -25.20
N LYS R 209 -43.85 34.08 -24.71
CA LYS R 209 -42.74 33.77 -25.59
C LYS R 209 -42.98 32.45 -26.33
N LYS R 210 -43.61 31.48 -25.66
CA LYS R 210 -43.92 30.21 -26.32
C LYS R 210 -44.97 30.39 -27.42
N ARG R 211 -45.96 31.27 -27.19
CA ARG R 211 -46.94 31.56 -28.24
C ARG R 211 -46.29 32.24 -29.43
N LEU R 212 -45.36 33.17 -29.17
CA LEU R 212 -44.65 33.84 -30.27
C LEU R 212 -43.78 32.86 -31.05
N ASP R 213 -43.12 31.94 -30.35
CA ASP R 213 -42.31 30.94 -31.02
C ASP R 213 -43.18 29.98 -31.85
N TYR R 214 -44.39 29.67 -31.36
CA TYR R 214 -45.30 28.84 -32.13
C TYR R 214 -45.75 29.53 -33.41
N HIS R 215 -46.05 30.84 -33.32
CA HIS R 215 -46.43 31.59 -34.52
C HIS R 215 -45.28 31.67 -35.51
N LEU R 216 -44.05 31.88 -35.01
CA LEU R 216 -42.88 31.93 -35.88
C LEU R 216 -42.65 30.59 -36.58
N GLU R 217 -42.75 29.50 -35.83
CA GLU R 217 -42.53 28.17 -36.42
C GLU R 217 -43.63 27.82 -37.42
N THR R 218 -44.88 28.19 -37.13
CA THR R 218 -45.97 27.92 -38.06
C THR R 218 -45.81 28.70 -39.35
N GLU R 219 -45.44 29.98 -39.25
CA GLU R 219 -45.25 30.79 -40.45
C GLU R 219 -44.04 30.32 -41.26
N ARG R 220 -42.96 29.92 -40.57
CA ARG R 220 -41.78 29.44 -41.27
C ARG R 220 -42.03 28.11 -41.95
N ALA R 221 -42.81 27.23 -41.32
CA ALA R 221 -43.15 25.96 -41.94
C ALA R 221 -44.04 26.16 -43.16
N GLN R 222 -45.03 27.05 -43.06
CA GLN R 222 -45.89 27.34 -44.22
C GLN R 222 -45.11 27.98 -45.35
N ARG R 223 -44.16 28.87 -45.02
CA ARG R 223 -43.31 29.48 -46.04
C ARG R 223 -42.42 28.44 -46.72
N GLN R 224 -41.87 27.51 -45.94
CA GLN R 224 -41.02 26.46 -46.51
C GLN R 224 -41.83 25.55 -47.42
N ILE R 225 -43.05 25.18 -47.00
CA ILE R 225 -43.90 24.34 -47.83
C ILE R 225 -44.31 25.08 -49.10
N LYS R 226 -44.62 26.38 -48.99
CA LYS R 226 -44.96 27.18 -50.16
C LYS R 226 -43.79 27.27 -51.13
N GLN R 227 -42.58 27.46 -50.61
CA GLN R 227 -41.40 27.50 -51.47
C GLN R 227 -41.15 26.17 -52.16
N LYS R 228 -41.35 25.06 -51.44
CA LYS R 228 -41.06 23.75 -52.01
C LYS R 228 -42.03 23.39 -53.12
N ASN R 229 -43.33 23.61 -52.91
CA ASN R 229 -44.29 23.28 -53.97
C ASN R 229 -44.23 24.28 -55.11
N MET R 230 -43.85 25.53 -54.84
CA MET R 230 -43.64 26.48 -55.93
C MET R 230 -42.46 26.08 -56.80
N VAL R 231 -41.37 25.62 -56.18
CA VAL R 231 -40.21 25.17 -56.95
C VAL R 231 -40.55 23.95 -57.78
N ASP R 232 -41.25 22.98 -57.19
CA ASP R 232 -41.63 21.77 -57.93
C ASP R 232 -42.58 22.08 -59.08
N TRP R 233 -43.55 22.98 -58.86
CA TRP R 233 -44.46 23.37 -59.92
C TRP R 233 -43.75 24.15 -61.01
N ILE R 234 -42.76 24.97 -60.63
CA ILE R 234 -41.98 25.70 -61.62
C ILE R 234 -41.16 24.74 -62.47
N VAL R 235 -40.58 23.72 -61.85
CA VAL R 235 -39.81 22.71 -62.61
C VAL R 235 -40.72 21.98 -63.59
N ARG R 236 -41.92 21.57 -63.12
CA ARG R 236 -42.85 20.86 -63.98
C ARG R 236 -43.35 21.74 -65.12
N ASN R 237 -43.63 23.01 -64.83
CA ASN R 237 -44.12 23.90 -65.88
C ASN R 237 -43.03 24.29 -66.87
N VAL R 238 -41.78 24.42 -66.40
CA VAL R 238 -40.67 24.67 -67.30
C VAL R 238 -40.46 23.48 -68.23
N MET R 239 -40.58 22.26 -67.69
CA MET R 239 -40.56 21.06 -68.55
C MET R 239 -41.75 21.01 -69.49
N LYS R 240 -42.84 21.70 -69.16
CA LYS R 240 -44.00 21.81 -70.03
C LYS R 240 -43.99 23.09 -70.87
N SER R 241 -42.99 23.95 -70.70
CA SER R 241 -42.96 25.25 -71.37
C SER R 241 -42.28 25.21 -72.73
N ILE R 242 -41.71 24.08 -73.12
CA ILE R 242 -40.90 24.03 -74.34
C ILE R 242 -41.80 23.87 -75.55
N THR R 243 -41.69 24.80 -76.50
CA THR R 243 -42.37 24.75 -77.78
C THR R 243 -41.32 24.67 -78.90
N PRO R 244 -41.63 23.99 -80.01
CA PRO R 244 -40.62 23.84 -81.08
C PRO R 244 -40.16 25.15 -81.70
N GLU R 245 -41.04 26.14 -81.82
CA GLU R 245 -40.61 27.44 -82.35
C GLU R 245 -39.64 28.14 -81.42
N GLN R 246 -39.91 28.09 -80.11
CA GLN R 246 -38.98 28.67 -79.14
C GLN R 246 -37.70 27.84 -79.05
N GLU R 247 -37.79 26.53 -79.28
CA GLU R 247 -36.58 25.70 -79.34
C GLU R 247 -35.69 26.09 -80.51
N ARG R 248 -36.31 26.35 -81.67
CA ARG R 248 -35.53 26.82 -82.82
C ARG R 248 -34.93 28.20 -82.56
N LEU R 249 -35.69 29.07 -81.89
CA LEU R 249 -35.17 30.40 -81.55
C LEU R 249 -33.99 30.31 -80.58
N MET R 250 -34.08 29.40 -79.59
CA MET R 250 -32.98 29.24 -78.65
C MET R 250 -31.76 28.60 -79.31
N LEU R 251 -31.98 27.66 -80.24
CA LEU R 251 -30.87 27.09 -80.99
C LEU R 251 -30.18 28.13 -81.86
N SER R 252 -30.97 29.00 -82.51
CA SER R 252 -30.40 30.07 -83.32
C SER R 252 -29.64 31.06 -82.45
N LYS R 253 -30.16 31.35 -81.25
CA LYS R 253 -29.45 32.25 -80.33
C LYS R 253 -28.15 31.64 -79.84
N CYS R 254 -28.15 30.33 -79.57
CA CYS R 254 -26.92 29.64 -79.16
C CYS R 254 -25.89 29.63 -80.29
N ILE R 255 -26.35 29.44 -81.53
CA ILE R 255 -25.44 29.49 -82.68
C ILE R 255 -24.87 30.89 -82.85
N SER R 256 -25.71 31.92 -82.65
CA SER R 256 -25.23 33.30 -82.74
C SER R 256 -24.22 33.61 -81.64
N ASP R 257 -24.45 33.10 -80.43
CA ASP R 257 -23.49 33.29 -79.34
C ASP R 257 -22.18 32.56 -79.61
N LEU R 258 -22.27 31.36 -80.19
CA LEU R 258 -21.07 30.62 -80.56
C LEU R 258 -20.29 31.35 -81.66
N LYS R 259 -21.01 31.94 -82.61
CA LYS R 259 -20.35 32.73 -83.65
C LYS R 259 -19.73 34.00 -83.07
N ALA R 260 -20.39 34.61 -82.10
CA ALA R 260 -19.83 35.79 -81.44
C ALA R 260 -18.56 35.44 -80.66
N MET R 261 -18.54 34.26 -80.03
CA MET R 261 -17.31 33.80 -79.39
C MET R 261 -16.24 33.47 -80.41
N SER R 262 -16.64 33.01 -81.60
CA SER R 262 -15.67 32.76 -82.67
C SER R 262 -15.04 34.06 -83.16
N ILE R 263 -15.81 35.15 -83.19
CA ILE R 263 -15.26 36.45 -83.54
C ILE R 263 -14.23 36.89 -82.51
N LYS R 264 -14.54 36.72 -81.22
CA LYS R 264 -13.63 37.08 -80.14
C LYS R 264 -12.53 36.01 -80.06
N ALA R 265 -11.53 36.17 -80.92
CA ALA R 265 -10.41 35.23 -80.98
C ALA R 265 -9.23 35.74 -80.16
N LYS S 23 -30.03 44.75 -73.76
CA LYS S 23 -29.29 43.77 -72.97
C LYS S 23 -29.46 42.37 -73.53
N ALA S 24 -28.42 41.55 -73.39
CA ALA S 24 -28.45 40.17 -73.88
C ALA S 24 -29.08 39.26 -72.82
N VAL S 25 -30.40 39.37 -72.71
CA VAL S 25 -31.15 38.58 -71.75
C VAL S 25 -31.30 37.16 -72.28
N ASP S 26 -30.92 36.19 -71.46
CA ASP S 26 -31.03 34.79 -71.86
C ASP S 26 -32.51 34.39 -71.92
N PRO S 27 -32.89 33.57 -72.91
CA PRO S 27 -34.30 33.12 -72.98
C PRO S 27 -34.73 32.28 -71.80
N ILE S 28 -33.82 31.51 -71.21
CA ILE S 28 -34.18 30.66 -70.07
C ILE S 28 -34.47 31.51 -68.85
N GLN S 29 -33.66 32.54 -68.60
CA GLN S 29 -33.90 33.43 -67.47
C GLN S 29 -35.20 34.19 -67.63
N LYS S 30 -35.48 34.68 -68.84
CA LYS S 30 -36.73 35.39 -69.09
C LYS S 30 -37.92 34.46 -68.95
N LEU S 31 -37.79 33.22 -69.43
CA LEU S 31 -38.87 32.24 -69.27
C LEU S 31 -39.10 31.90 -67.81
N PHE S 32 -38.03 31.78 -67.02
CA PHE S 32 -38.16 31.52 -65.60
C PHE S 32 -38.85 32.69 -64.89
N LEU S 33 -38.50 33.92 -65.25
CA LEU S 33 -39.15 35.08 -64.66
C LEU S 33 -40.63 35.15 -65.05
N ASP S 34 -40.95 34.79 -66.30
CA ASP S 34 -42.34 34.77 -66.73
C ASP S 34 -43.14 33.71 -65.99
N LYS S 35 -42.54 32.55 -65.74
CA LYS S 35 -43.24 31.50 -65.00
C LYS S 35 -43.43 31.89 -63.54
N ILE S 36 -42.45 32.58 -62.96
CA ILE S 36 -42.58 33.06 -61.58
C ILE S 36 -43.70 34.09 -61.48
N LYS S 37 -43.76 35.03 -62.42
CA LYS S 37 -44.83 36.02 -62.44
C LYS S 37 -46.19 35.36 -62.68
N GLU S 38 -46.22 34.33 -63.52
CA GLU S 38 -47.46 33.59 -63.75
C GLU S 38 -47.91 32.89 -62.47
N TYR S 39 -46.98 32.27 -61.74
CA TYR S 39 -47.34 31.61 -60.48
C TYR S 39 -47.79 32.61 -59.44
N ASP S 40 -47.17 33.79 -59.40
CA ASP S 40 -47.58 34.82 -58.45
C ASP S 40 -48.98 35.33 -58.76
N GLN S 41 -49.30 35.52 -60.05
CA GLN S 41 -50.64 35.94 -60.43
C GLN S 41 -51.66 34.86 -60.13
N LYS S 42 -51.31 33.59 -60.35
CA LYS S 42 -52.23 32.51 -60.05
C LYS S 42 -52.42 32.34 -58.55
N SER S 43 -51.35 32.57 -57.77
CA SER S 43 -51.46 32.50 -56.32
C SER S 43 -52.33 33.62 -55.78
N LYS S 44 -52.23 34.81 -56.39
CA LYS S 44 -53.16 35.89 -56.06
C LYS S 44 -54.59 35.52 -56.48
N ALA S 45 -54.73 34.83 -57.61
CA ALA S 45 -56.04 34.35 -58.01
C ALA S 45 -56.55 33.25 -57.08
N ALA S 46 -55.65 32.45 -56.52
CA ALA S 46 -55.99 31.41 -55.57
C ALA S 46 -56.00 31.91 -54.13
N GLY S 47 -55.75 33.19 -53.91
CA GLY S 47 -55.74 33.72 -52.56
C GLY S 47 -54.54 33.36 -51.73
N GLY S 48 -53.43 32.98 -52.38
CA GLY S 48 -52.23 32.58 -51.66
C GLY S 48 -52.19 31.13 -51.23
N LYS S 49 -53.16 30.32 -51.64
CA LYS S 49 -53.16 28.92 -51.29
C LYS S 49 -52.11 28.15 -52.11
N LEU S 50 -51.84 26.93 -51.68
CA LEU S 50 -50.89 26.08 -52.39
C LEU S 50 -51.46 25.66 -53.73
N LEU S 51 -50.66 25.81 -54.79
CA LEU S 51 -51.12 25.57 -56.16
C LEU S 51 -50.49 24.28 -56.67
N GLU S 52 -51.32 23.26 -56.86
CA GLU S 52 -50.94 21.98 -57.47
C GLU S 52 -49.81 21.29 -56.72
N ALA S 53 -49.86 21.36 -55.39
CA ALA S 53 -48.85 20.70 -54.58
C ALA S 53 -49.04 19.19 -54.63
N SER S 54 -47.92 18.47 -54.49
CA SER S 54 -47.97 17.01 -54.48
C SER S 54 -48.51 16.50 -53.16
N THR S 55 -48.83 15.20 -53.14
CA THR S 55 -49.43 14.60 -51.95
C THR S 55 -48.42 14.47 -50.82
N GLU S 56 -47.16 14.14 -51.16
CA GLU S 56 -46.16 13.88 -50.13
C GLU S 56 -45.78 15.16 -49.39
N ILE S 57 -45.74 16.30 -50.09
CA ILE S 57 -45.47 17.58 -49.44
C ILE S 57 -46.60 17.96 -48.51
N GLN S 58 -47.85 17.72 -48.92
CA GLN S 58 -48.99 17.97 -48.06
C GLN S 58 -48.97 17.08 -46.82
N ARG S 59 -48.60 15.80 -47.00
CA ARG S 59 -48.49 14.89 -45.87
C ARG S 59 -47.40 15.31 -44.90
N GLU S 60 -46.25 15.73 -45.43
CA GLU S 60 -45.16 16.17 -44.57
C GLU S 60 -45.51 17.46 -43.84
N LEU S 61 -46.23 18.37 -44.51
CA LEU S 61 -46.70 19.59 -43.87
C LEU S 61 -47.68 19.28 -42.74
N ASP S 62 -48.60 18.35 -42.97
CA ASP S 62 -49.55 17.98 -41.92
C ASP S 62 -48.85 17.28 -40.76
N ALA S 63 -47.87 16.44 -41.06
CA ALA S 63 -47.11 15.77 -40.01
C ALA S 63 -46.31 16.75 -39.16
N GLU S 64 -45.67 17.72 -39.82
CA GLU S 64 -44.89 18.72 -39.08
C GLU S 64 -45.79 19.62 -38.25
N LEU S 65 -46.95 20.00 -38.80
CA LEU S 65 -47.89 20.83 -38.05
C LEU S 65 -48.44 20.09 -36.84
N ASP S 66 -48.73 18.79 -36.99
CA ASP S 66 -49.19 18.00 -35.85
C ASP S 66 -48.09 17.83 -34.81
N LYS S 67 -46.85 17.61 -35.26
CA LYS S 67 -45.73 17.45 -34.33
C LYS S 67 -45.46 18.73 -33.55
N LEU S 68 -45.54 19.89 -34.22
CA LEU S 68 -45.35 21.15 -33.52
C LEU S 68 -46.52 21.47 -32.60
N LYS S 69 -47.74 21.10 -33.00
CA LYS S 69 -48.90 21.29 -32.13
C LYS S 69 -48.80 20.44 -30.87
N LYS S 70 -48.32 19.21 -31.01
CA LYS S 70 -48.13 18.36 -29.83
C LYS S 70 -46.95 18.84 -28.99
N MET S 71 -45.90 19.35 -29.63
CA MET S 71 -44.74 19.83 -28.90
C MET S 71 -45.04 21.12 -28.15
N TYR S 72 -45.74 22.04 -28.80
CA TYR S 72 -46.06 23.34 -28.20
C TYR S 72 -47.37 23.31 -27.43
N GLY S 73 -48.01 22.15 -27.29
CA GLY S 73 -49.24 22.03 -26.54
C GLY S 73 -50.44 22.73 -27.14
N GLY S 74 -50.55 22.72 -28.48
CA GLY S 74 -51.72 23.29 -29.12
C GLY S 74 -52.97 22.45 -29.03
N ASP S 75 -52.83 21.18 -28.65
CA ASP S 75 -54.00 20.33 -28.47
C ASP S 75 -54.77 20.69 -27.21
N THR S 76 -54.08 21.20 -26.19
CA THR S 76 -54.75 21.55 -24.94
C THR S 76 -55.56 22.83 -25.10
N ALA S 77 -55.02 23.82 -25.79
CA ALA S 77 -55.72 25.08 -26.00
C ALA S 77 -55.19 25.72 -27.27
N ASP S 78 -55.98 26.66 -27.81
CA ASP S 78 -55.60 27.36 -29.02
C ASP S 78 -54.48 28.36 -28.72
N LEU S 79 -53.34 28.18 -29.40
CA LEU S 79 -52.17 29.02 -29.15
C LEU S 79 -52.21 30.34 -29.89
N SER S 80 -53.12 30.51 -30.85
CA SER S 80 -53.22 31.75 -31.60
C SER S 80 -53.89 32.87 -30.82
N LYS S 81 -54.47 32.57 -29.66
CA LYS S 81 -55.13 33.56 -28.82
C LYS S 81 -54.33 33.79 -27.55
N PHE S 82 -54.76 34.77 -26.77
CA PHE S 82 -54.08 35.10 -25.53
C PHE S 82 -54.44 34.08 -24.47
N PRO S 83 -53.47 33.36 -23.91
CA PRO S 83 -53.79 32.35 -22.89
C PRO S 83 -54.17 33.00 -21.56
N SER S 84 -54.94 32.26 -20.78
CA SER S 84 -55.34 32.68 -19.44
C SER S 84 -54.48 31.98 -18.39
N PHE S 85 -54.30 32.64 -17.25
CA PHE S 85 -53.41 32.15 -16.21
C PHE S 85 -54.11 32.17 -14.86
N HIS S 86 -53.72 31.24 -14.00
CA HIS S 86 -54.24 31.14 -12.64
C HIS S 86 -53.08 31.04 -11.66
N PHE S 87 -53.08 31.93 -10.67
CA PHE S 87 -52.03 32.05 -9.66
C PHE S 87 -52.24 30.99 -8.60
N GLU S 88 -51.34 30.02 -8.51
CA GLU S 88 -51.59 28.85 -7.67
C GLU S 88 -51.49 29.26 -6.22
N ASP S 89 -52.60 29.11 -5.49
CA ASP S 89 -52.78 29.74 -4.19
C ASP S 89 -51.73 29.29 -3.19
N PRO S 90 -50.94 30.19 -2.61
CA PRO S 90 -49.76 29.78 -1.85
C PRO S 90 -50.05 29.47 -0.39
N VAL S 91 -49.39 28.42 0.09
CA VAL S 91 -49.44 28.04 1.50
C VAL S 91 -48.01 28.18 2.03
N VAL S 92 -47.81 29.14 2.93
CA VAL S 92 -46.48 29.40 3.47
C VAL S 92 -46.14 28.35 4.51
N ASP S 93 -44.87 28.31 4.90
CA ASP S 93 -44.44 27.40 5.95
C ASP S 93 -45.06 27.82 7.29
N PRO S 94 -45.30 26.85 8.19
CA PRO S 94 -45.86 27.21 9.51
C PRO S 94 -44.92 28.07 10.32
N ILE S 95 -45.31 29.33 10.52
CA ILE S 95 -44.54 30.25 11.35
C ILE S 95 -44.51 29.74 12.78
N ASN S 96 -45.65 29.29 13.29
CA ASN S 96 -45.71 28.70 14.61
C ASN S 96 -45.18 27.27 14.58
N MET S 97 -44.94 26.73 15.77
CA MET S 97 -44.40 25.38 15.91
C MET S 97 -45.52 24.35 16.04
N ALA T 2 -37.97 45.74 -10.54
CA ALA T 2 -37.99 46.07 -9.13
C ALA T 2 -36.83 45.42 -8.39
N SER T 3 -37.05 44.19 -7.93
CA SER T 3 -36.06 43.40 -7.18
C SER T 3 -35.61 44.08 -5.90
N LYS T 4 -36.47 44.91 -5.31
CA LYS T 4 -36.07 45.67 -4.12
C LYS T 4 -36.22 44.84 -2.86
N ARG T 5 -37.44 44.43 -2.54
CA ARG T 5 -37.71 43.67 -1.33
C ARG T 5 -37.68 42.16 -1.57
N ILE T 6 -36.98 41.70 -2.60
CA ILE T 6 -36.80 40.28 -2.84
C ILE T 6 -35.31 39.97 -2.99
N ALA T 7 -34.61 40.72 -3.85
CA ALA T 7 -33.24 40.41 -4.18
C ALA T 7 -32.22 41.15 -3.33
N ARG T 8 -32.48 42.42 -3.00
CA ARG T 8 -31.48 43.28 -2.38
C ARG T 8 -31.93 43.77 -1.02
N SER T 9 -32.49 42.88 -0.19
CA SER T 9 -32.84 43.23 1.17
C SER T 9 -32.80 41.98 2.03
N SER T 10 -32.62 42.19 3.33
CA SER T 10 -32.55 41.11 4.31
C SER T 10 -32.77 41.70 5.70
N ILE T 11 -32.60 40.87 6.72
CA ILE T 11 -32.68 41.27 8.12
C ILE T 11 -31.34 40.96 8.77
N ASP T 12 -30.87 41.88 9.62
CA ASP T 12 -29.56 41.74 10.26
C ASP T 12 -29.57 40.56 11.22
N TRP T 13 -28.86 39.50 10.86
CA TRP T 13 -28.74 38.32 11.71
C TRP T 13 -27.63 38.46 12.74
N ALA T 14 -26.81 39.51 12.65
CA ALA T 14 -25.68 39.66 13.55
C ALA T 14 -26.14 39.87 15.00
N LYS T 15 -27.15 40.73 15.19
CA LYS T 15 -27.71 40.92 16.51
C LYS T 15 -28.60 39.76 16.94
N MET T 16 -29.01 38.92 16.01
CA MET T 16 -29.85 37.78 16.36
C MET T 16 -29.04 36.68 17.04
N ALA T 17 -27.80 36.47 16.60
CA ALA T 17 -26.99 35.38 17.13
C ALA T 17 -26.35 35.72 18.48
N GLU T 18 -26.50 36.95 18.95
CA GLU T 18 -25.89 37.38 20.21
C GLU T 18 -26.76 37.12 21.41
N SER T 19 -27.91 36.48 21.24
CA SER T 19 -28.82 36.29 22.36
C SER T 19 -29.24 34.83 22.51
N VAL T 20 -29.28 34.11 21.40
CA VAL T 20 -29.83 32.75 21.35
C VAL T 20 -28.92 31.78 22.12
N PRO T 21 -29.46 31.05 23.11
CA PRO T 21 -28.66 30.13 23.93
C PRO T 21 -28.45 28.76 23.31
N GLU T 22 -28.10 28.74 22.02
CA GLU T 22 -27.71 27.55 21.27
C GLU T 22 -28.78 26.47 21.28
N SER T 23 -28.65 25.51 22.21
CA SER T 23 -29.57 24.39 22.28
C SER T 23 -30.98 24.83 22.67
N GLN T 24 -31.10 25.91 23.44
CA GLN T 24 -32.42 26.44 23.76
C GLN T 24 -33.13 26.96 22.51
N LYS T 25 -32.40 27.63 21.63
CA LYS T 25 -32.99 28.21 20.43
C LYS T 25 -32.35 27.64 19.17
N ALA T 26 -32.22 26.32 19.10
CA ALA T 26 -31.67 25.66 17.92
C ALA T 26 -32.55 25.82 16.68
N MET T 27 -33.82 26.20 16.86
CA MET T 27 -34.68 26.49 15.73
C MET T 27 -34.21 27.72 14.94
N TYR T 28 -33.38 28.57 15.55
CA TYR T 28 -32.75 29.65 14.81
C TYR T 28 -31.85 29.12 13.70
N ASN T 29 -31.21 27.97 13.93
CA ASN T 29 -30.47 27.32 12.87
C ASN T 29 -31.38 26.93 11.71
N GLN T 30 -32.63 26.58 12.01
CA GLN T 30 -33.61 26.41 10.95
C GLN T 30 -34.04 27.76 10.38
N PHE T 31 -34.23 28.75 11.26
CA PHE T 31 -34.78 30.03 10.81
C PHE T 31 -33.80 30.77 9.91
N LYS T 32 -32.51 30.69 10.22
CA LYS T 32 -31.50 31.26 9.33
C LYS T 32 -31.38 30.46 8.04
N ALA T 33 -31.79 29.19 8.04
CA ALA T 33 -31.65 28.34 6.87
C ALA T 33 -32.92 28.32 6.01
N LYS T 34 -34.09 28.16 6.65
CA LYS T 34 -35.34 28.10 5.89
C LYS T 34 -35.62 29.42 5.19
N SER T 35 -35.39 30.54 5.88
CA SER T 35 -35.51 31.84 5.25
C SER T 35 -34.47 32.02 4.16
N ASP T 36 -33.30 31.40 4.32
CA ASP T 36 -32.29 31.41 3.26
C ASP T 36 -32.80 30.69 2.02
N GLY T 37 -33.67 29.69 2.21
CA GLY T 37 -34.34 29.10 1.06
C GLY T 37 -35.23 30.10 0.34
N TYR T 38 -35.93 30.94 1.10
CA TYR T 38 -36.68 32.05 0.52
C TYR T 38 -35.76 33.15 0.02
N ILE T 39 -34.48 33.11 0.36
CA ILE T 39 -33.49 33.95 -0.32
C ILE T 39 -32.96 33.23 -1.57
N ARG T 40 -32.88 31.90 -1.54
CA ARG T 40 -32.34 31.18 -2.69
C ARG T 40 -33.25 31.25 -3.89
N LYS T 41 -34.56 31.06 -3.68
CA LYS T 41 -35.51 31.32 -4.75
C LYS T 41 -35.60 32.79 -5.09
N ALA T 42 -35.24 33.67 -4.14
CA ALA T 42 -35.15 35.10 -4.43
C ALA T 42 -33.94 35.42 -5.30
N LEU T 43 -32.95 34.52 -5.35
CA LEU T 43 -31.87 34.70 -6.32
C LEU T 43 -32.41 34.57 -7.74
N SER T 44 -33.35 33.64 -7.94
CA SER T 44 -34.12 33.57 -9.17
C SER T 44 -35.28 34.55 -9.08
N TYR T 45 -36.25 34.41 -9.99
CA TYR T 45 -37.53 35.10 -9.96
C TYR T 45 -37.40 36.62 -9.96
N PRO T 46 -37.06 37.26 -11.07
CA PRO T 46 -37.17 38.71 -11.11
C PRO T 46 -38.50 39.13 -11.67
N GLU T 47 -38.76 40.43 -11.73
CA GLU T 47 -40.01 40.95 -12.25
C GLU T 47 -40.17 40.62 -13.73
N GLN T 48 -39.30 41.17 -14.58
CA GLN T 48 -39.24 40.87 -16.00
C GLN T 48 -38.00 40.04 -16.27
N PRO T 49 -38.12 38.73 -16.47
CA PRO T 49 -36.92 37.91 -16.67
C PRO T 49 -36.31 38.05 -18.06
N SER T 50 -37.13 38.36 -19.07
CA SER T 50 -36.63 38.56 -20.42
C SER T 50 -37.54 39.49 -21.20
N PRO T 51 -37.11 40.72 -21.47
CA PRO T 51 -37.90 41.60 -22.35
C PRO T 51 -37.99 41.02 -23.75
N ILE T 52 -39.14 41.23 -24.39
CA ILE T 52 -39.43 40.65 -25.70
C ILE T 52 -39.02 41.64 -26.77
N ASN T 53 -38.11 41.23 -27.64
CA ASN T 53 -37.67 42.04 -28.78
C ASN T 53 -38.73 41.92 -29.86
N TRP T 54 -39.67 42.86 -29.86
CA TRP T 54 -40.76 42.82 -30.83
C TRP T 54 -40.25 43.16 -32.24
N GLU T 55 -39.17 43.93 -32.34
CA GLU T 55 -38.59 44.23 -33.64
C GLU T 55 -38.03 42.99 -34.31
N HIS T 56 -37.45 42.08 -33.52
CA HIS T 56 -36.93 40.83 -34.07
C HIS T 56 -38.05 39.96 -34.64
N TYR T 57 -39.19 39.91 -33.93
CA TYR T 57 -40.32 39.14 -34.44
C TYR T 57 -41.00 39.84 -35.62
N ARG T 58 -40.95 41.17 -35.67
CA ARG T 58 -41.43 41.89 -36.84
C ARG T 58 -40.58 41.59 -38.07
N LYS T 59 -39.26 41.52 -37.88
CA LYS T 59 -38.38 41.18 -39.00
C LYS T 59 -38.48 39.72 -39.40
N SER T 60 -38.74 38.83 -38.43
CA SER T 60 -38.78 37.40 -38.70
C SER T 60 -40.14 36.91 -39.17
N LEU T 61 -41.15 37.77 -39.20
CA LEU T 61 -42.49 37.40 -39.66
C LEU T 61 -42.91 38.31 -40.80
N THR T 62 -43.53 37.71 -41.82
CA THR T 62 -44.03 38.48 -42.96
C THR T 62 -45.15 39.42 -42.53
N ASN T 63 -46.06 38.95 -41.69
CA ASN T 63 -47.15 39.78 -41.19
C ASN T 63 -46.85 40.18 -39.76
N PRO T 64 -46.49 41.44 -39.49
CA PRO T 64 -46.18 41.86 -38.13
C PRO T 64 -47.38 42.25 -37.28
N ALA T 65 -48.60 42.05 -37.79
CA ALA T 65 -49.79 42.42 -37.02
C ALA T 65 -49.98 41.53 -35.80
N MET T 66 -49.58 40.25 -35.90
CA MET T 66 -49.63 39.36 -34.74
C MET T 66 -48.66 39.81 -33.66
N VAL T 67 -47.48 40.29 -34.07
CA VAL T 67 -46.49 40.79 -33.11
C VAL T 67 -47.02 42.01 -32.37
N ASP T 68 -47.66 42.93 -33.11
CA ASP T 68 -48.23 44.11 -32.50
C ASP T 68 -49.40 43.77 -31.59
N ALA T 69 -50.22 42.80 -31.99
CA ALA T 69 -51.34 42.37 -31.15
C ALA T 69 -50.86 41.72 -29.86
N PHE T 70 -49.82 40.87 -29.94
CA PHE T 70 -49.28 40.25 -28.74
C PHE T 70 -48.58 41.25 -27.85
N LYS T 71 -47.91 42.26 -28.44
CA LYS T 71 -47.32 43.32 -27.65
C LYS T 71 -48.38 44.15 -26.93
N LYS T 72 -49.50 44.44 -27.61
CA LYS T 72 -50.59 45.17 -26.99
C LYS T 72 -51.24 44.37 -25.87
N GLN T 73 -51.41 43.06 -26.08
CA GLN T 73 -51.96 42.20 -25.04
C GLN T 73 -51.03 42.09 -23.84
N TYR T 74 -49.71 42.04 -24.10
CA TYR T 74 -48.75 41.97 -23.01
C TYR T 74 -48.72 43.26 -22.21
N GLU T 75 -48.82 44.41 -22.89
CA GLU T 75 -48.84 45.69 -22.18
C GLU T 75 -50.17 45.92 -21.46
N ALA T 76 -51.26 45.34 -21.96
CA ALA T 76 -52.57 45.52 -21.35
C ALA T 76 -52.78 44.67 -20.09
N LEU T 77 -51.89 43.72 -19.82
CA LEU T 77 -52.00 42.84 -18.68
C LEU T 77 -50.87 43.14 -17.70
N LYS T 78 -51.23 43.43 -16.45
CA LYS T 78 -50.28 43.64 -15.38
C LYS T 78 -50.71 42.82 -14.18
N VAL T 79 -49.82 41.98 -13.69
CA VAL T 79 -50.11 41.19 -12.50
C VAL T 79 -49.82 42.03 -11.25
N PRO T 80 -50.78 42.17 -10.31
CA PRO T 80 -50.47 42.86 -9.04
C PRO T 80 -49.88 41.94 -7.97
N TYR T 81 -49.61 42.51 -6.80
CA TYR T 81 -48.98 41.75 -5.72
C TYR T 81 -49.98 40.77 -5.11
N PRO T 82 -49.53 39.59 -4.67
CA PRO T 82 -50.47 38.57 -4.20
C PRO T 82 -51.15 38.96 -2.90
N GLU T 83 -52.32 38.37 -2.67
CA GLU T 83 -53.09 38.68 -1.49
C GLU T 83 -52.42 38.11 -0.25
N ASP T 84 -52.69 38.74 0.89
CA ASP T 84 -52.11 38.34 2.17
C ASP T 84 -53.22 38.13 3.20
N LYS T 85 -53.08 37.05 3.97
CA LYS T 85 -53.97 36.77 5.09
C LYS T 85 -53.19 36.38 6.34
N VAL T 86 -51.85 36.45 6.30
CA VAL T 86 -51.02 36.11 7.45
C VAL T 86 -50.61 37.34 8.24
N SER T 87 -50.96 38.54 7.77
CA SER T 87 -50.57 39.77 8.47
C SER T 87 -51.23 39.87 9.84
N SER T 88 -52.53 39.55 9.91
CA SER T 88 -53.24 39.62 11.18
C SER T 88 -52.72 38.58 12.17
N GLN T 89 -52.35 37.40 11.67
CA GLN T 89 -51.79 36.37 12.52
C GLN T 89 -50.44 36.78 13.10
N ILE T 90 -49.60 37.40 12.26
CA ILE T 90 -48.29 37.85 12.72
C ILE T 90 -48.44 39.01 13.71
N ASP T 91 -49.42 39.90 13.47
CA ASP T 91 -49.68 40.98 14.41
C ASP T 91 -50.20 40.45 15.74
N ALA T 92 -51.03 39.41 15.71
CA ALA T 92 -51.49 38.78 16.95
C ALA T 92 -50.34 38.12 17.70
N GLN T 93 -49.45 37.44 16.97
CA GLN T 93 -48.27 36.85 17.59
C GLN T 93 -47.36 37.93 18.16
N GLU T 94 -47.23 39.06 17.47
CA GLU T 94 -46.42 40.17 17.95
C GLU T 94 -47.01 40.76 19.23
N ALA T 95 -48.33 40.91 19.28
CA ALA T 95 -48.97 41.44 20.48
C ALA T 95 -48.83 40.49 21.67
N GLU T 96 -48.99 39.19 21.42
CA GLU T 96 -48.77 38.21 22.48
C GLU T 96 -47.32 38.20 22.94
N ALA T 97 -46.39 38.38 22.00
CA ALA T 97 -44.98 38.47 22.35
C ALA T 97 -44.72 39.71 23.20
N LYS T 98 -45.36 40.83 22.87
CA LYS T 98 -45.20 42.05 23.65
C LYS T 98 -45.71 41.89 25.07
N LYS T 99 -46.85 41.21 25.22
CA LYS T 99 -47.38 40.96 26.58
C LYS T 99 -46.47 40.04 27.38
N GLU T 100 -45.96 38.97 26.75
CA GLU T 100 -45.05 38.07 27.45
C GLU T 100 -43.73 38.72 27.76
N ILE T 101 -43.24 39.60 26.89
CA ILE T 101 -42.00 40.32 27.15
C ILE T 101 -42.19 41.30 28.30
N THR T 102 -43.35 41.96 28.36
CA THR T 102 -43.64 42.85 29.47
C THR T 102 -43.70 42.10 30.80
N LYS T 103 -44.33 40.91 30.78
CA LYS T 103 -44.37 40.09 31.99
C LYS T 103 -42.98 39.61 32.39
N PHE T 104 -42.18 39.19 31.41
CA PHE T 104 -40.83 38.71 31.71
C PHE T 104 -39.93 39.83 32.19
N ILE T 105 -40.11 41.04 31.66
CA ILE T 105 -39.34 42.19 32.12
C ILE T 105 -39.72 42.54 33.55
N GLN T 106 -41.01 42.45 33.88
CA GLN T 106 -41.46 42.70 35.26
C GLN T 106 -40.86 41.67 36.22
N GLU T 107 -40.83 40.40 35.82
CA GLU T 107 -40.22 39.37 36.66
C GLU T 107 -38.71 39.58 36.79
N SER T 108 -38.07 40.01 35.71
CA SER T 108 -36.64 40.31 35.77
C SER T 108 -36.36 41.49 36.69
N ARG T 109 -37.23 42.51 36.65
CA ARG T 109 -37.07 43.66 37.55
C ARG T 109 -37.23 43.24 39.01
N GLY T 110 -38.20 42.36 39.29
CA GLY T 110 -38.37 41.86 40.65
C GLY T 110 -37.20 41.03 41.11
N ARG T 111 -36.66 40.18 40.23
CA ARG T 111 -35.51 39.36 40.59
C ARG T 111 -34.25 40.22 40.76
N ILE T 112 -34.10 41.26 39.94
CA ILE T 112 -32.98 42.18 40.09
C ILE T 112 -33.06 42.93 41.41
N GLU T 113 -34.26 43.39 41.78
CA GLU T 113 -34.45 44.06 43.06
C GLU T 113 -34.15 43.14 44.23
N ASN T 114 -34.57 41.87 44.14
CA ASN T 114 -34.27 40.91 45.19
C ASN T 114 -32.78 40.65 45.30
N TYR T 115 -32.09 40.48 44.16
CA TYR T 115 -30.66 40.23 44.19
C TYR T 115 -29.88 41.42 44.70
N LYS T 116 -30.31 42.63 44.34
CA LYS T 116 -29.64 43.83 44.84
C LYS T 116 -29.87 44.02 46.34
N ALA T 117 -31.06 43.67 46.82
CA ALA T 117 -31.32 43.72 48.26
C ALA T 117 -30.46 42.71 49.01
N GLU T 118 -30.33 41.49 48.47
CA GLU T 118 -29.50 40.48 49.11
C GLU T 118 -28.03 40.85 49.08
N LEU T 119 -27.56 41.42 47.97
CA LEU T 119 -26.17 41.87 47.88
C LEU T 119 -25.89 43.00 48.86
N GLY T 120 -26.84 43.94 49.00
CA GLY T 120 -26.65 45.02 49.95
C GLY T 120 -26.67 44.54 51.39
N LYS T 121 -27.54 43.57 51.70
CA LYS T 121 -27.60 43.02 53.04
C LYS T 121 -26.32 42.28 53.39
N LEU T 122 -25.78 41.51 52.45
CA LEU T 122 -24.53 40.80 52.71
C LEU T 122 -23.34 41.76 52.79
N GLY T 123 -23.40 42.86 52.04
CA GLY T 123 -22.36 43.86 52.18
C GLY T 123 -22.39 44.55 53.54
N GLN T 124 -23.59 44.77 54.07
CA GLN T 124 -23.76 45.47 55.33
C GLN T 124 -23.65 44.55 56.55
N MET T 125 -23.44 43.26 56.35
CA MET T 125 -23.30 42.35 57.48
C MET T 125 -22.00 42.60 58.23
N ILE T 126 -22.03 42.32 59.52
CA ILE T 126 -20.83 42.44 60.36
C ILE T 126 -19.84 41.36 59.96
N PRO T 127 -18.54 41.66 59.86
CA PRO T 127 -17.57 40.65 59.44
C PRO T 127 -17.46 39.51 60.44
N PHE T 128 -17.13 38.32 59.93
CA PHE T 128 -17.10 37.13 60.77
C PHE T 128 -16.00 37.17 61.83
N GLU T 129 -15.01 38.03 61.68
CA GLU T 129 -13.98 38.13 62.69
C GLU T 129 -14.49 38.78 63.97
N HIS T 130 -15.40 39.74 63.84
CA HIS T 130 -15.98 40.45 64.98
C HIS T 130 -17.37 39.94 65.32
N MET T 131 -17.76 38.79 64.77
CA MET T 131 -19.13 38.29 64.91
C MET T 131 -19.23 37.39 66.13
N THR T 132 -20.10 37.76 67.06
CA THR T 132 -20.46 36.86 68.15
C THR T 132 -21.36 35.75 67.63
N LEU T 133 -21.51 34.69 68.43
CA LEU T 133 -22.27 33.55 67.94
C LEU T 133 -23.77 33.81 67.90
N GLU T 134 -24.25 34.92 68.43
CA GLU T 134 -25.65 35.30 68.30
C GLU T 134 -25.92 36.23 67.14
N ASP T 135 -24.97 37.12 66.82
CA ASP T 135 -25.12 37.93 65.61
C ASP T 135 -25.07 37.08 64.35
N PHE T 136 -24.28 36.01 64.37
CA PHE T 136 -24.30 35.06 63.28
C PHE T 136 -25.65 34.37 63.18
N PHE T 137 -26.24 34.03 64.32
CA PHE T 137 -27.55 33.39 64.29
C PHE T 137 -28.66 34.37 63.99
N GLU T 138 -28.44 35.67 64.21
CA GLU T 138 -29.43 36.64 63.75
C GLU T 138 -29.37 36.82 62.24
N ALA T 139 -28.16 36.89 61.69
CA ALA T 139 -28.01 37.05 60.25
C ALA T 139 -28.28 35.76 59.48
N PHE T 140 -28.26 34.62 60.15
CA PHE T 140 -28.55 33.33 59.52
C PHE T 140 -29.57 32.62 60.40
N PRO T 141 -30.85 32.82 60.14
CA PRO T 141 -31.86 32.46 61.12
C PRO T 141 -32.26 30.99 61.11
N GLU T 142 -31.45 30.12 60.53
CA GLU T 142 -31.70 28.68 60.64
C GLU T 142 -31.54 28.22 62.09
N LYS T 143 -30.47 28.66 62.75
CA LYS T 143 -30.21 28.48 64.20
C LYS T 143 -30.21 27.00 64.56
N VAL T 144 -30.53 26.72 65.83
CA VAL T 144 -30.89 25.39 66.29
C VAL T 144 -31.87 25.59 67.44
N LEU T 145 -33.08 25.03 67.32
CA LEU T 145 -34.17 25.35 68.22
C LEU T 145 -34.62 24.10 68.96
N ASN T 146 -35.44 24.32 69.99
CA ASN T 146 -36.00 23.20 70.75
C ASN T 146 -36.93 22.31 69.92
N PRO T 147 -37.90 22.84 69.12
CA PRO T 147 -38.65 21.94 68.22
C PRO T 147 -37.95 21.77 66.87
N ASP T 148 -36.71 21.30 66.90
CA ASP T 148 -35.91 21.12 65.70
C ASP T 148 -35.20 19.78 65.79
N PRO T 149 -34.89 19.15 64.67
CA PRO T 149 -34.06 17.94 64.67
C PRO T 149 -32.70 18.20 65.28
N PRO T 150 -32.39 17.53 66.38
CA PRO T 150 -31.16 17.83 67.12
C PRO T 150 -30.00 16.94 66.76
N SER T 151 -28.82 17.26 67.31
CA SER T 151 -27.60 16.47 67.31
C SER T 151 -26.55 17.13 68.21
N PRO T 152 -25.64 16.36 68.80
CA PRO T 152 -24.52 17.00 69.51
C PRO T 152 -23.59 17.76 68.60
N ASN T 153 -23.47 17.30 67.36
CA ASN T 153 -22.83 18.02 66.27
C ASN T 153 -23.95 18.46 65.36
N VAL T 154 -24.46 19.67 65.59
CA VAL T 154 -25.63 20.11 64.85
C VAL T 154 -25.17 20.46 63.45
N LYS T 155 -25.25 19.49 62.56
CA LYS T 155 -24.63 19.54 61.25
C LYS T 155 -25.71 19.60 60.17
N LYS T 156 -25.29 19.53 58.91
CA LYS T 156 -26.23 19.50 57.80
C LYS T 156 -26.71 18.10 57.47
N LYS T 157 -26.05 17.05 57.98
CA LYS T 157 -26.62 15.72 57.81
C LYS T 157 -26.43 14.76 58.99
N PRO T 158 -26.77 15.12 60.26
CA PRO T 158 -26.72 14.10 61.31
C PRO T 158 -28.07 13.48 61.65
N PHE T 159 -29.16 14.02 61.11
CA PHE T 159 -30.50 13.56 61.43
C PHE T 159 -31.23 13.11 60.17
N LYS T 160 -32.20 12.23 60.38
CA LYS T 160 -33.04 11.63 59.32
C LYS T 160 -32.10 10.91 58.36
N ASN T 161 -32.24 11.10 57.04
CA ASN T 161 -31.36 10.50 56.03
C ASN T 161 -31.33 8.98 56.15
N ASN T 162 -32.49 8.38 56.38
CA ASN T 162 -32.59 6.94 56.54
C ASN T 162 -33.83 6.39 55.86
N SER U 4 -2.72 10.40 106.09
CA SER U 4 -2.77 9.08 106.72
C SER U 4 -3.08 8.00 105.68
N LEU U 5 -2.30 7.99 104.60
CA LEU U 5 -2.34 6.98 103.54
C LEU U 5 -3.67 6.98 102.80
N PHE U 6 -4.73 6.52 103.46
CA PHE U 6 -6.05 6.45 102.86
C PHE U 6 -6.85 7.74 103.04
N SER U 7 -6.22 8.79 103.57
CA SER U 7 -6.93 10.03 103.84
C SER U 7 -7.34 10.78 102.58
N VAL U 8 -6.84 10.38 101.41
CA VAL U 8 -7.33 10.95 100.15
C VAL U 8 -8.77 10.52 99.91
N PHE U 9 -9.15 9.33 100.36
CA PHE U 9 -10.47 8.76 100.09
C PHE U 9 -11.42 8.95 101.24
N ASP U 10 -11.33 10.09 101.93
CA ASP U 10 -12.26 10.44 103.00
C ASP U 10 -13.02 11.68 102.55
N PRO U 11 -14.20 11.49 101.94
CA PRO U 11 -15.00 12.65 101.52
C PRO U 11 -15.55 13.47 102.67
N THR U 12 -15.59 12.92 103.89
CA THR U 12 -16.08 13.66 105.05
C THR U 12 -14.99 14.63 105.49
N SER U 13 -14.97 15.80 104.85
CA SER U 13 -13.87 16.74 104.98
C SER U 13 -14.20 17.92 105.90
N SER U 14 -15.20 18.70 105.55
CA SER U 14 -15.60 19.87 106.33
C SER U 14 -17.10 20.08 106.12
N PHE U 15 -17.57 21.29 106.44
CA PHE U 15 -18.98 21.62 106.16
C PHE U 15 -19.25 21.65 104.66
N LEU U 16 -18.31 22.18 103.88
CA LEU U 16 -18.32 22.05 102.43
C LEU U 16 -17.55 20.77 102.09
N SER U 17 -18.27 19.72 101.72
CA SER U 17 -17.66 18.41 101.62
C SER U 17 -16.91 18.26 100.31
N ASN U 18 -16.35 17.07 100.09
CA ASN U 18 -15.61 16.79 98.87
C ASN U 18 -16.50 16.43 97.69
N TRP U 19 -17.82 16.45 97.86
CA TRP U 19 -18.72 16.22 96.72
C TRP U 19 -18.67 17.37 95.72
N LEU U 20 -18.04 18.49 96.07
CA LEU U 20 -17.78 19.57 95.13
C LEU U 20 -16.75 19.18 94.07
N SER U 21 -16.15 18.00 94.16
CA SER U 21 -15.29 17.52 93.10
C SER U 21 -16.05 17.15 91.84
N MET U 22 -17.38 17.10 91.91
CA MET U 22 -18.17 16.86 90.70
C MET U 22 -18.57 18.12 89.96
N LEU U 23 -18.46 19.28 90.60
CA LEU U 23 -18.67 20.54 89.90
C LEU U 23 -17.43 21.01 89.18
N ILE U 24 -16.32 20.29 89.32
CA ILE U 24 -15.10 20.64 88.58
C ILE U 24 -15.27 20.57 87.06
N PRO U 25 -15.93 19.56 86.47
CA PRO U 25 -16.12 19.59 85.00
C PRO U 25 -16.91 20.77 84.49
N LEU U 26 -17.69 21.44 85.33
CA LEU U 26 -18.35 22.67 84.86
C LEU U 26 -17.36 23.80 84.70
N LEU U 27 -16.25 23.77 85.45
CA LEU U 27 -15.24 24.81 85.32
C LEU U 27 -14.37 24.57 84.08
N PHE U 28 -14.09 23.32 83.76
CA PHE U 28 -13.15 22.98 82.70
C PHE U 28 -13.82 22.68 81.37
N MET U 29 -15.10 22.99 81.23
CA MET U 29 -15.79 22.84 79.96
C MET U 29 -15.77 24.17 79.23
N VAL U 30 -15.43 24.11 77.94
CA VAL U 30 -15.18 25.32 77.16
C VAL U 30 -16.50 26.02 76.88
N MET U 31 -16.53 27.33 77.11
CA MET U 31 -17.67 28.16 76.81
C MET U 31 -17.43 28.89 75.51
N SER U 32 -18.45 28.93 74.65
CA SER U 32 -18.34 29.46 73.29
C SER U 32 -19.05 30.79 73.19
N PHE U 33 -18.33 31.82 72.81
CA PHE U 33 -18.89 33.15 72.61
C PHE U 33 -18.73 33.64 71.18
N TRP U 34 -17.52 33.64 70.65
CA TRP U 34 -17.30 34.18 69.32
C TRP U 34 -17.60 33.13 68.26
N LEU U 35 -17.82 33.61 67.03
CA LEU U 35 -18.18 32.71 65.95
C LEU U 35 -17.01 31.85 65.53
N ILE U 36 -15.85 32.44 65.36
CA ILE U 36 -14.62 31.69 65.10
C ILE U 36 -14.05 31.27 66.45
N PRO U 37 -13.87 29.99 66.70
CA PRO U 37 -13.56 29.53 68.05
C PRO U 37 -12.14 29.90 68.47
N SER U 38 -11.90 29.79 69.78
CA SER U 38 -10.55 29.97 70.28
C SER U 38 -9.78 28.67 70.15
N ARG U 39 -8.54 28.68 70.62
CA ARG U 39 -7.75 27.45 70.62
C ARG U 39 -8.33 26.34 71.50
N PRO U 40 -8.72 26.57 72.77
CA PRO U 40 -9.21 25.41 73.54
C PRO U 40 -10.57 24.92 73.09
N GLN U 41 -11.45 25.82 72.65
CA GLN U 41 -12.75 25.40 72.14
C GLN U 41 -12.60 24.56 70.88
N PHE U 42 -11.72 24.98 69.98
CA PHE U 42 -11.49 24.21 68.77
C PHE U 42 -10.86 22.87 69.08
N LEU U 43 -9.92 22.83 70.03
CA LEU U 43 -9.29 21.56 70.38
C LEU U 43 -10.28 20.61 71.05
N ALA U 44 -11.12 21.13 71.93
CA ALA U 44 -12.14 20.30 72.57
C ALA U 44 -13.15 19.80 71.55
N LYS U 45 -13.58 20.66 70.63
CA LYS U 45 -14.53 20.23 69.62
C LYS U 45 -13.93 19.24 68.65
N SER U 46 -12.63 19.39 68.33
CA SER U 46 -11.99 18.45 67.43
C SER U 46 -11.85 17.08 68.06
N VAL U 47 -11.52 17.02 69.35
CA VAL U 47 -11.44 15.73 70.02
C VAL U 47 -12.82 15.08 70.12
N LEU U 48 -13.84 15.87 70.45
CA LEU U 48 -15.20 15.33 70.53
C LEU U 48 -15.71 14.86 69.17
N MET U 49 -15.41 15.61 68.11
CA MET U 49 -15.83 15.19 66.78
C MET U 49 -15.09 13.93 66.35
N GLY U 50 -13.82 13.81 66.71
CA GLY U 50 -13.09 12.59 66.38
C GLY U 50 -13.64 11.36 67.08
N LEU U 51 -13.99 11.51 68.37
CA LEU U 51 -14.55 10.38 69.09
C LEU U 51 -15.97 10.08 68.64
N ASN U 52 -16.73 11.11 68.25
CA ASN U 52 -18.07 10.89 67.73
C ASN U 52 -18.01 10.12 66.41
N ARG U 53 -17.06 10.46 65.55
CA ARG U 53 -16.89 9.72 64.31
C ARG U 53 -16.44 8.28 64.56
N GLU U 54 -15.62 8.06 65.61
CA GLU U 54 -15.19 6.71 65.91
C GLU U 54 -16.33 5.88 66.49
N MET U 55 -17.19 6.48 67.31
CA MET U 55 -18.28 5.74 67.92
C MET U 55 -19.46 5.54 66.98
N SER U 56 -19.58 6.38 65.95
CA SER U 56 -20.68 6.20 65.00
C SER U 56 -20.54 4.92 64.20
N LEU U 57 -19.31 4.43 64.01
CA LEU U 57 -19.10 3.16 63.34
C LEU U 57 -19.66 2.01 64.16
N LEU U 58 -19.47 2.04 65.47
CA LEU U 58 -19.95 0.97 66.33
C LEU U 58 -21.42 1.14 66.72
N MET U 59 -21.99 2.33 66.54
CA MET U 59 -23.33 2.58 67.03
C MET U 59 -24.40 2.06 66.07
N GLY U 60 -24.43 2.59 64.85
CA GLY U 60 -25.46 2.25 63.91
C GLY U 60 -26.50 3.35 63.79
N PRO U 61 -27.43 3.20 62.84
CA PRO U 61 -28.41 4.28 62.59
C PRO U 61 -29.59 4.27 63.55
N ALA U 62 -29.85 3.16 64.24
CA ALA U 62 -30.96 3.05 65.17
C ALA U 62 -30.62 3.51 66.58
N SER U 63 -29.57 4.31 66.72
CA SER U 63 -29.03 4.75 68.00
C SER U 63 -28.75 6.24 67.96
N PHE U 64 -29.77 7.02 67.57
CA PHE U 64 -29.61 8.47 67.43
C PHE U 64 -29.23 9.14 68.75
N GLY U 65 -29.70 8.61 69.88
CA GLY U 65 -29.35 9.19 71.15
C GLY U 65 -27.98 8.85 71.68
N ALA U 66 -27.31 7.86 71.07
CA ALA U 66 -26.01 7.42 71.57
C ALA U 66 -24.86 8.28 71.10
N ASN U 67 -25.13 9.31 70.29
CA ASN U 67 -24.07 10.22 69.89
C ASN U 67 -23.57 11.04 71.07
N ILE U 68 -24.48 11.55 71.88
CA ILE U 68 -24.13 12.47 72.95
C ILE U 68 -24.15 11.80 74.33
N LEU U 69 -24.89 10.71 74.48
CA LEU U 69 -25.06 10.08 75.78
C LEU U 69 -23.78 9.39 76.25
N VAL U 70 -22.89 9.04 75.33
CA VAL U 70 -21.65 8.36 75.69
C VAL U 70 -20.52 9.37 75.67
N ILE U 71 -20.69 10.44 74.90
CA ILE U 71 -19.67 11.50 74.90
C ILE U 71 -19.69 12.25 76.22
N ALA U 72 -20.89 12.54 76.74
CA ALA U 72 -20.97 13.20 78.04
C ALA U 72 -20.43 12.31 79.15
N LEU U 73 -20.65 11.00 79.05
CA LEU U 73 -20.07 10.09 80.03
C LEU U 73 -18.55 10.02 79.92
N PHE U 74 -18.03 10.10 78.69
CA PHE U 74 -16.58 10.11 78.51
C PHE U 74 -15.97 11.35 79.12
N LEU U 75 -16.57 12.52 78.89
CA LEU U 75 -16.01 13.74 79.46
C LEU U 75 -16.15 13.80 80.97
N PHE U 76 -17.24 13.25 81.51
CA PHE U 76 -17.41 13.20 82.95
C PHE U 76 -16.33 12.34 83.61
N ILE U 77 -16.10 11.15 83.04
CA ILE U 77 -15.10 10.24 83.60
C ILE U 77 -13.70 10.80 83.39
N LEU U 78 -13.44 11.39 82.21
CA LEU U 78 -12.12 11.91 81.91
C LEU U 78 -11.75 13.07 82.81
N PHE U 79 -12.67 14.01 83.04
CA PHE U 79 -12.34 15.16 83.88
C PHE U 79 -12.16 14.76 85.33
N ASN U 80 -12.97 13.83 85.83
CA ASN U 80 -12.77 13.39 87.22
C ASN U 80 -11.50 12.58 87.38
N ASN U 81 -11.10 11.81 86.37
CA ASN U 81 -9.86 11.07 86.46
C ASN U 81 -8.64 11.94 86.27
N PHE U 82 -8.73 12.96 85.43
CA PHE U 82 -7.57 13.76 85.07
C PHE U 82 -7.32 14.88 86.06
N ILE U 83 -8.32 15.70 86.33
CA ILE U 83 -8.15 16.78 87.29
C ILE U 83 -8.16 16.28 88.74
N GLY U 84 -8.52 15.02 88.96
CA GLY U 84 -8.40 14.46 90.28
C GLY U 84 -6.98 14.09 90.68
N LEU U 85 -6.10 13.89 89.70
CA LEU U 85 -4.73 13.51 90.01
C LEU U 85 -3.89 14.66 90.52
N PHE U 86 -4.35 15.89 90.33
CA PHE U 86 -3.71 17.04 90.95
C PHE U 86 -3.86 16.92 92.47
N PRO U 87 -2.88 17.45 93.25
CA PRO U 87 -2.64 16.90 94.59
C PRO U 87 -3.78 16.94 95.59
N TYR U 88 -4.28 18.11 95.94
CA TYR U 88 -5.27 18.20 97.00
C TYR U 88 -6.69 18.06 96.49
N ILE U 89 -6.88 17.89 95.19
CA ILE U 89 -8.21 17.76 94.61
C ILE U 89 -8.74 16.36 94.85
N PHE U 90 -9.96 16.27 95.37
CA PHE U 90 -10.61 15.00 95.61
C PHE U 90 -10.99 14.33 94.29
N THR U 91 -10.77 13.02 94.20
CA THR U 91 -11.08 12.24 93.01
C THR U 91 -12.42 11.54 93.21
N ALA U 92 -13.43 11.98 92.45
CA ALA U 92 -14.77 11.42 92.62
C ALA U 92 -14.85 9.98 92.12
N THR U 93 -14.28 9.71 90.95
CA THR U 93 -14.38 8.38 90.36
C THR U 93 -13.47 7.35 91.02
N SER U 94 -12.72 7.73 92.05
CA SER U 94 -12.02 6.72 92.85
C SER U 94 -13.03 5.88 93.64
N HIS U 95 -14.09 6.50 94.12
CA HIS U 95 -15.09 5.78 94.90
C HIS U 95 -15.97 4.92 94.01
N LEU U 96 -16.36 3.75 94.51
CA LEU U 96 -17.20 2.85 93.74
C LEU U 96 -18.62 3.37 93.59
N ALA U 97 -19.03 4.34 94.42
CA ALA U 97 -20.39 4.84 94.34
C ALA U 97 -20.64 5.63 93.07
N VAL U 98 -19.69 6.48 92.67
CA VAL U 98 -19.88 7.31 91.49
C VAL U 98 -19.80 6.47 90.22
N THR U 99 -18.84 5.54 90.16
CA THR U 99 -18.72 4.68 88.98
C THR U 99 -19.92 3.75 88.86
N LEU U 100 -20.44 3.25 89.98
CA LEU U 100 -21.67 2.47 89.95
C LEU U 100 -22.85 3.33 89.52
N SER U 101 -22.89 4.58 89.97
CA SER U 101 -23.93 5.50 89.55
C SER U 101 -23.89 5.80 88.07
N LEU U 102 -22.72 5.68 87.44
CA LEU U 102 -22.63 5.89 86.00
C LEU U 102 -22.91 4.63 85.20
N ALA U 103 -22.50 3.47 85.71
CA ALA U 103 -22.56 2.23 84.94
C ALA U 103 -23.90 1.52 85.05
N VAL U 104 -24.49 1.46 86.26
CA VAL U 104 -25.73 0.69 86.44
C VAL U 104 -26.91 1.23 85.65
N PRO U 105 -27.25 2.54 85.70
CA PRO U 105 -28.49 2.97 85.00
C PRO U 105 -28.47 2.79 83.50
N LEU U 106 -27.32 3.02 82.86
CA LEU U 106 -27.27 2.84 81.41
C LEU U 106 -27.29 1.36 81.04
N TRP U 107 -26.69 0.51 81.86
CA TRP U 107 -26.77 -0.93 81.61
C TRP U 107 -28.20 -1.44 81.77
N ILE U 108 -28.92 -0.93 82.77
CA ILE U 108 -30.33 -1.27 82.90
C ILE U 108 -31.12 -0.77 81.70
N SER U 109 -30.83 0.46 81.26
CA SER U 109 -31.49 1.02 80.07
C SER U 109 -31.17 0.24 78.80
N PHE U 110 -30.10 -0.56 78.81
CA PHE U 110 -29.86 -1.44 77.67
C PHE U 110 -30.59 -2.77 77.82
N ILE U 111 -30.48 -3.40 78.98
CA ILE U 111 -31.02 -4.75 79.16
C ILE U 111 -32.54 -4.73 79.14
N LEU U 112 -33.17 -3.83 79.90
CA LEU U 112 -34.62 -3.77 79.96
C LEU U 112 -35.24 -3.38 78.63
N TYR U 113 -34.64 -2.41 77.95
CA TYR U 113 -35.17 -1.98 76.66
C TYR U 113 -35.00 -3.05 75.59
N THR U 114 -33.90 -3.83 75.64
CA THR U 114 -33.76 -4.91 74.68
C THR U 114 -34.76 -6.03 74.95
N TRP U 115 -35.04 -6.32 76.23
CA TRP U 115 -36.02 -7.36 76.55
C TRP U 115 -37.43 -6.93 76.18
N ILE U 116 -37.76 -5.66 76.40
CA ILE U 116 -39.10 -5.17 76.07
C ILE U 116 -39.28 -5.08 74.55
N LYS U 117 -38.28 -4.54 73.85
CA LYS U 117 -38.44 -4.29 72.42
C LYS U 117 -38.41 -5.59 71.62
N GLU U 118 -37.31 -6.33 71.70
CA GLU U 118 -37.12 -7.54 70.92
C GLU U 118 -36.86 -8.71 71.86
N THR U 119 -37.93 -9.45 72.19
CA THR U 119 -37.80 -10.54 73.14
C THR U 119 -37.32 -11.82 72.47
N THR U 120 -38.03 -12.26 71.43
CA THR U 120 -37.65 -13.49 70.73
C THR U 120 -36.34 -13.33 69.98
N ASN U 121 -36.06 -12.12 69.47
CA ASN U 121 -34.77 -11.86 68.85
C ASN U 121 -33.64 -11.97 69.86
N ALA U 122 -33.87 -11.49 71.09
CA ALA U 122 -32.86 -11.64 72.14
C ALA U 122 -32.68 -13.10 72.52
N LEU U 123 -33.77 -13.87 72.58
CA LEU U 123 -33.68 -15.29 72.92
C LEU U 123 -32.92 -16.07 71.86
N ALA U 124 -33.12 -15.72 70.59
CA ALA U 124 -32.29 -16.30 69.54
C ALA U 124 -30.87 -15.77 69.59
N HIS U 125 -30.68 -14.54 70.09
CA HIS U 125 -29.35 -13.96 70.24
C HIS U 125 -28.57 -14.60 71.38
N LEU U 126 -29.26 -15.31 72.28
CA LEU U 126 -28.56 -16.03 73.34
C LEU U 126 -27.68 -17.13 72.77
N VAL U 127 -28.17 -17.86 71.77
CA VAL U 127 -27.39 -18.89 71.11
C VAL U 127 -26.47 -18.23 70.09
N PRO U 128 -25.16 -18.46 70.17
CA PRO U 128 -24.23 -17.78 69.25
C PRO U 128 -24.06 -18.47 67.90
N LEU U 129 -25.17 -18.90 67.31
CA LEU U 129 -25.27 -19.29 65.89
C LEU U 129 -24.31 -20.43 65.53
N GLY U 130 -24.53 -21.59 66.14
CA GLY U 130 -23.75 -22.75 65.77
C GLY U 130 -23.39 -23.69 66.91
N THR U 131 -23.60 -23.26 68.15
CA THR U 131 -23.33 -24.13 69.29
C THR U 131 -24.39 -25.23 69.37
N PRO U 132 -24.00 -26.43 69.80
CA PRO U 132 -24.96 -27.54 69.87
C PRO U 132 -26.03 -27.34 70.92
N ALA U 133 -27.15 -28.04 70.71
CA ALA U 133 -28.26 -28.01 71.66
C ALA U 133 -27.91 -28.51 73.07
N PRO U 134 -27.10 -29.56 73.29
CA PRO U 134 -26.71 -29.87 74.68
C PRO U 134 -25.92 -28.74 75.36
N LEU U 135 -25.15 -27.97 74.60
CA LEU U 135 -24.45 -26.82 75.16
C LEU U 135 -25.30 -25.55 75.13
N MET U 136 -26.50 -25.61 74.58
CA MET U 136 -27.36 -24.43 74.52
C MET U 136 -27.78 -23.88 75.89
N PRO U 137 -28.26 -24.69 76.86
CA PRO U 137 -28.55 -24.09 78.19
C PRO U 137 -27.34 -23.52 78.89
N PHE U 138 -26.16 -24.11 78.68
CA PHE U 138 -24.93 -23.55 79.24
C PHE U 138 -24.62 -22.20 78.61
N MET U 139 -24.80 -22.06 77.29
CA MET U 139 -24.58 -20.79 76.64
C MET U 139 -25.59 -19.74 77.09
N VAL U 140 -26.82 -20.16 77.38
CA VAL U 140 -27.82 -19.24 77.91
C VAL U 140 -27.40 -18.74 79.28
N LEU U 141 -26.93 -19.64 80.15
CA LEU U 141 -26.46 -19.23 81.48
C LEU U 141 -25.23 -18.35 81.38
N MET U 142 -24.32 -18.66 80.47
CA MET U 142 -23.13 -17.84 80.26
C MET U 142 -23.51 -16.43 79.80
N GLU U 143 -24.47 -16.33 78.89
CA GLU U 143 -24.90 -15.02 78.40
C GLU U 143 -25.60 -14.22 79.49
N ILE U 144 -26.42 -14.89 80.31
CA ILE U 144 -27.12 -14.20 81.39
C ILE U 144 -26.15 -13.67 82.42
N ILE U 145 -25.19 -14.51 82.83
CA ILE U 145 -24.21 -14.10 83.83
C ILE U 145 -23.30 -13.01 83.28
N SER U 146 -22.84 -13.16 82.03
CA SER U 146 -21.96 -12.16 81.43
C SER U 146 -22.66 -10.82 81.27
N ASN U 147 -23.96 -10.81 81.00
CA ASN U 147 -24.67 -9.55 80.97
C ASN U 147 -24.93 -9.01 82.37
N MET U 148 -25.02 -9.90 83.38
CA MET U 148 -25.33 -9.44 84.73
C MET U 148 -24.13 -8.76 85.38
N ILE U 149 -22.91 -9.23 85.10
CA ILE U 149 -21.72 -8.67 85.70
C ILE U 149 -21.12 -7.61 84.78
N ARG U 150 -21.89 -7.15 83.79
CA ARG U 150 -21.43 -6.01 83.00
C ARG U 150 -21.25 -4.72 83.82
N PRO U 151 -22.25 -4.23 84.58
CA PRO U 151 -22.02 -2.96 85.29
C PRO U 151 -21.10 -3.07 86.49
N ILE U 152 -20.92 -4.28 87.03
CA ILE U 152 -19.92 -4.45 88.08
C ILE U 152 -18.52 -4.34 87.49
N THR U 153 -18.30 -4.93 86.32
CA THR U 153 -16.99 -4.88 85.69
C THR U 153 -16.67 -3.54 85.06
N LEU U 154 -17.63 -2.63 84.98
CA LEU U 154 -17.30 -1.24 84.62
C LEU U 154 -16.99 -0.39 85.84
N SER U 155 -17.81 -0.51 86.89
CA SER U 155 -17.60 0.28 88.09
C SER U 155 -16.31 -0.13 88.81
N VAL U 156 -16.05 -1.43 88.91
CA VAL U 156 -14.83 -1.91 89.54
C VAL U 156 -13.61 -1.50 88.73
N ARG U 157 -13.67 -1.66 87.41
CA ARG U 157 -12.52 -1.34 86.57
C ARG U 157 -12.18 0.14 86.58
N LEU U 158 -13.14 1.00 86.90
CA LEU U 158 -12.80 2.41 87.01
C LEU U 158 -12.41 2.83 88.42
N ALA U 159 -13.19 2.41 89.42
CA ALA U 159 -12.94 2.84 90.79
C ALA U 159 -11.68 2.18 91.36
N ALA U 160 -11.55 0.86 91.21
CA ALA U 160 -10.40 0.17 91.78
C ALA U 160 -9.11 0.56 91.08
N ASN U 161 -9.18 0.86 89.79
CA ASN U 161 -8.00 1.31 89.08
C ASN U 161 -7.58 2.70 89.54
N MET U 162 -8.54 3.61 89.77
CA MET U 162 -8.17 4.93 90.25
C MET U 162 -7.67 4.91 91.69
N ILE U 163 -8.26 4.04 92.52
CA ILE U 163 -7.81 3.90 93.90
C ILE U 163 -6.39 3.36 93.93
N ALA U 164 -6.10 2.32 93.14
CA ALA U 164 -4.75 1.77 93.10
C ALA U 164 -3.76 2.75 92.49
N GLY U 165 -4.22 3.56 91.53
CA GLY U 165 -3.34 4.52 90.90
C GLY U 165 -2.96 5.67 91.81
N HIS U 166 -3.83 6.01 92.75
CA HIS U 166 -3.46 7.07 93.68
C HIS U 166 -2.81 6.56 94.96
N LEU U 167 -3.10 5.31 95.35
CA LEU U 167 -2.39 4.74 96.49
C LEU U 167 -0.93 4.45 96.16
N LEU U 168 -0.64 4.11 94.90
CA LEU U 168 0.75 3.92 94.53
C LEU U 168 1.52 5.23 94.51
N LEU U 169 0.84 6.36 94.28
CA LEU U 169 1.49 7.65 94.41
C LEU U 169 1.64 8.05 95.87
N THR U 170 0.64 7.73 96.71
CA THR U 170 0.71 8.10 98.12
C THR U 170 1.81 7.34 98.84
N LEU U 171 2.05 6.08 98.47
CA LEU U 171 3.15 5.33 99.05
C LEU U 171 4.49 5.96 98.72
N LEU U 172 4.65 6.46 97.50
CA LEU U 172 5.89 7.12 97.12
C LEU U 172 6.01 8.50 97.77
N GLY U 173 4.89 9.19 97.97
CA GLY U 173 4.93 10.49 98.62
C GLY U 173 5.30 10.39 100.08
N ALA U 174 4.82 9.35 100.77
CA ALA U 174 5.10 9.22 102.20
C ALA U 174 6.57 8.92 102.47
N GLN U 175 7.25 8.28 101.52
CA GLN U 175 8.67 7.99 101.64
C GLN U 175 9.55 9.14 101.18
N GLY U 176 8.95 10.23 100.71
CA GLY U 176 9.70 11.36 100.22
C GLY U 176 10.15 12.31 101.31
N THR U 177 11.18 11.94 102.06
CA THR U 177 11.69 12.79 103.13
C THR U 177 12.33 14.05 102.56
N LEU U 178 12.24 15.14 103.33
CA LEU U 178 12.76 16.43 102.90
C LEU U 178 14.19 16.68 103.37
N GLU U 179 14.62 16.05 104.46
CA GLU U 179 15.99 16.22 104.92
C GLU U 179 17.00 15.66 103.91
N ASN U 180 16.70 14.51 103.32
CA ASN U 180 17.60 13.87 102.37
C ASN U 180 17.17 14.29 100.97
N LEU U 181 18.01 15.09 100.30
CA LEU U 181 17.66 15.56 98.97
C LEU U 181 17.75 14.45 97.94
N TYR U 182 18.62 13.47 98.16
CA TYR U 182 18.76 12.36 97.20
C TYR U 182 17.49 11.53 97.14
N VAL U 183 16.91 11.21 98.30
CA VAL U 183 15.69 10.44 98.35
C VAL U 183 14.53 11.24 97.76
N THR U 184 14.52 12.55 98.00
CA THR U 184 13.49 13.40 97.44
C THR U 184 13.56 13.43 95.92
N SER U 185 14.77 13.50 95.35
CA SER U 185 14.92 13.53 93.91
C SER U 185 14.54 12.19 93.29
N ILE U 186 14.85 11.08 93.97
CA ILE U 186 14.42 9.78 93.50
C ILE U 186 12.90 9.67 93.52
N VAL U 187 12.28 10.16 94.60
CA VAL U 187 10.83 10.10 94.74
C VAL U 187 10.16 10.93 93.66
N VAL U 188 10.66 12.15 93.43
CA VAL U 188 10.07 13.03 92.42
C VAL U 188 10.24 12.44 91.01
N PHE U 189 11.40 11.85 90.71
CA PHE U 189 11.57 11.25 89.39
C PHE U 189 10.68 10.04 89.20
N SER U 190 10.56 9.19 90.24
CA SER U 190 9.68 8.04 90.13
C SER U 190 8.22 8.45 90.07
N GLN U 191 7.86 9.56 90.73
CA GLN U 191 6.49 10.04 90.64
C GLN U 191 6.21 10.69 89.30
N ILE U 192 7.23 11.22 88.63
CA ILE U 192 7.04 11.73 87.27
C ILE U 192 6.75 10.58 86.31
N ILE U 193 7.50 9.49 86.44
CA ILE U 193 7.20 8.29 85.65
C ILE U 193 5.80 7.76 85.97
N LEU U 194 5.49 7.68 87.26
CA LEU U 194 4.21 7.14 87.67
C LEU U 194 3.04 8.05 87.28
N LEU U 195 3.23 9.36 87.31
CA LEU U 195 2.15 10.27 86.96
C LEU U 195 1.92 10.31 85.47
N MET U 196 2.97 10.15 84.65
CA MET U 196 2.74 9.99 83.22
C MET U 196 1.96 8.71 82.93
N LEU U 197 2.28 7.63 83.66
CA LEU U 197 1.50 6.41 83.54
C LEU U 197 0.07 6.62 83.99
N GLU U 198 -0.14 7.38 85.06
CA GLU U 198 -1.49 7.55 85.59
C GLU U 198 -2.33 8.45 84.70
N PHE U 199 -1.73 9.47 84.08
CA PHE U 199 -2.48 10.28 83.12
C PHE U 199 -2.87 9.46 81.89
N SER U 200 -1.95 8.62 81.40
CA SER U 200 -2.30 7.75 80.28
C SER U 200 -3.36 6.74 80.66
N VAL U 201 -3.27 6.18 81.87
CA VAL U 201 -4.27 5.22 82.33
C VAL U 201 -5.61 5.91 82.52
N ALA U 202 -5.62 7.17 82.95
CA ALA U 202 -6.86 7.91 83.14
C ALA U 202 -7.59 8.11 81.81
N ILE U 203 -6.86 8.54 80.77
CA ILE U 203 -7.50 8.75 79.47
C ILE U 203 -7.91 7.42 78.84
N ILE U 204 -7.07 6.39 79.00
CA ILE U 204 -7.39 5.07 78.46
C ILE U 204 -8.64 4.50 79.13
N GLN U 205 -8.76 4.67 80.44
CA GLN U 205 -9.93 4.13 81.15
C GLN U 205 -11.20 4.88 80.82
N SER U 206 -11.12 6.19 80.57
CA SER U 206 -12.31 6.90 80.11
C SER U 206 -12.70 6.47 78.69
N TYR U 207 -11.72 6.26 77.83
CA TYR U 207 -12.02 5.77 76.48
C TYR U 207 -12.54 4.33 76.51
N VAL U 208 -12.07 3.52 77.46
CA VAL U 208 -12.56 2.16 77.63
C VAL U 208 -14.02 2.17 78.02
N PHE U 209 -14.39 3.07 78.94
CA PHE U 209 -15.79 3.17 79.36
C PHE U 209 -16.68 3.65 78.24
N MET U 210 -16.22 4.63 77.44
CA MET U 210 -17.02 5.09 76.31
C MET U 210 -17.19 3.99 75.27
N THR U 211 -16.11 3.25 74.97
CA THR U 211 -16.21 2.17 73.99
C THR U 211 -17.14 1.07 74.48
N LEU U 212 -17.07 0.72 75.76
CA LEU U 212 -17.90 -0.36 76.27
C LEU U 212 -19.36 0.05 76.39
N MET U 213 -19.63 1.31 76.73
CA MET U 213 -21.01 1.76 76.75
C MET U 213 -21.60 1.85 75.34
N THR U 214 -20.78 2.21 74.36
CA THR U 214 -21.25 2.22 72.97
C THR U 214 -21.56 0.81 72.48
N LEU U 215 -20.68 -0.15 72.79
CA LEU U 215 -20.91 -1.54 72.38
C LEU U 215 -22.12 -2.13 73.07
N TYR U 216 -22.35 -1.76 74.34
CA TYR U 216 -23.53 -2.28 75.02
C TYR U 216 -24.81 -1.60 74.54
N ALA U 217 -24.72 -0.33 74.14
CA ALA U 217 -25.88 0.36 73.58
C ALA U 217 -26.28 -0.25 72.25
N SER U 218 -25.30 -0.51 71.37
CA SER U 218 -25.61 -1.08 70.07
C SER U 218 -26.02 -2.54 70.15
N GLU U 219 -25.60 -3.26 71.19
CA GLU U 219 -25.91 -4.67 71.32
C GLU U 219 -26.65 -4.96 72.62
N ALA V 17 18.98 16.96 -84.18
CA ALA V 17 18.75 15.53 -84.36
C ALA V 17 17.81 15.29 -85.54
N THR V 18 16.50 15.19 -85.24
CA THR V 18 15.49 14.94 -86.25
C THR V 18 14.96 16.27 -86.78
N GLN V 19 14.92 16.39 -88.11
CA GLN V 19 14.45 17.59 -88.77
C GLN V 19 12.99 17.41 -89.18
N LEU V 20 12.12 18.26 -88.67
CA LEU V 20 10.68 18.16 -88.90
C LEU V 20 10.08 19.55 -88.65
N VAL V 21 8.76 19.60 -88.46
CA VAL V 21 8.06 20.84 -88.16
C VAL V 21 8.10 21.11 -86.66
N LYS V 22 8.94 20.34 -85.94
CA LYS V 22 9.20 20.49 -84.51
C LYS V 22 7.91 20.32 -83.69
N ALA V 23 7.39 19.09 -83.75
CA ALA V 23 6.22 18.64 -83.02
C ALA V 23 4.99 19.52 -83.25
N PRO V 24 4.31 19.38 -84.39
CA PRO V 24 3.06 20.12 -84.61
C PRO V 24 2.00 19.83 -83.57
N ILE V 25 2.02 18.65 -82.97
CA ILE V 25 1.17 18.33 -81.83
C ILE V 25 2.04 18.01 -80.62
N GLN V 26 1.41 17.72 -79.49
CA GLN V 26 2.10 17.29 -78.28
C GLN V 26 1.68 15.84 -78.04
N VAL V 27 2.41 14.90 -78.65
CA VAL V 27 2.12 13.48 -78.55
C VAL V 27 3.22 12.81 -77.74
N PHE V 28 2.82 12.03 -76.75
CA PHE V 28 3.73 11.47 -75.75
C PHE V 28 3.76 9.95 -75.85
N GLY V 29 4.54 9.34 -74.96
CA GLY V 29 4.67 7.90 -74.90
C GLY V 29 5.74 7.37 -75.84
N ILE V 30 6.03 6.08 -75.69
CA ILE V 30 6.96 5.41 -76.58
C ILE V 30 6.35 5.30 -77.98
N GLU V 31 5.04 5.08 -78.06
CA GLU V 31 4.35 5.10 -79.35
C GLU V 31 4.36 6.48 -79.97
N GLY V 32 4.32 7.53 -79.14
CA GLY V 32 4.50 8.88 -79.66
C GLY V 32 5.91 9.12 -80.18
N ARG V 33 6.91 8.51 -79.53
CA ARG V 33 8.29 8.61 -80.02
C ARG V 33 8.43 7.94 -81.38
N TYR V 34 7.81 6.76 -81.54
CA TYR V 34 7.85 6.07 -82.83
C TYR V 34 7.12 6.86 -83.92
N ALA V 35 5.97 7.44 -83.58
CA ALA V 35 5.21 8.20 -84.56
C ALA V 35 5.94 9.47 -84.98
N THR V 36 6.60 10.15 -84.04
CA THR V 36 7.35 11.35 -84.38
C THR V 36 8.59 11.01 -85.21
N ALA V 37 9.23 9.87 -84.92
CA ALA V 37 10.36 9.44 -85.75
C ALA V 37 9.92 9.10 -87.16
N LEU V 38 8.77 8.44 -87.31
CA LEU V 38 8.23 8.14 -88.63
C LEU V 38 7.82 9.40 -89.36
N TYR V 39 7.25 10.37 -88.65
CA TYR V 39 6.90 11.65 -89.27
C TYR V 39 8.14 12.40 -89.73
N SER V 40 9.20 12.39 -88.92
CA SER V 40 10.45 13.05 -89.32
C SER V 40 11.06 12.36 -90.54
N ALA V 41 11.04 11.02 -90.57
CA ALA V 41 11.58 10.30 -91.70
C ALA V 41 10.77 10.55 -92.97
N ALA V 42 9.44 10.62 -92.84
CA ALA V 42 8.57 10.81 -93.99
C ALA V 42 8.40 12.28 -94.38
N VAL V 43 8.92 13.21 -93.58
CA VAL V 43 8.92 14.61 -93.99
C VAL V 43 10.30 15.06 -94.49
N LYS V 44 11.37 14.35 -94.11
CA LYS V 44 12.65 14.59 -94.77
C LYS V 44 12.58 14.19 -96.24
N GLN V 45 11.93 13.07 -96.53
CA GLN V 45 11.57 12.70 -97.88
C GLN V 45 10.17 13.19 -98.20
N LYS V 46 9.78 13.08 -99.46
CA LYS V 46 8.45 13.50 -99.89
C LYS V 46 7.52 12.29 -99.97
N LYS V 47 7.36 11.60 -98.85
CA LYS V 47 6.56 10.39 -98.80
C LYS V 47 5.57 10.42 -97.64
N LEU V 48 5.16 11.61 -97.22
CA LEU V 48 4.30 11.72 -96.05
C LEU V 48 2.88 11.27 -96.35
N GLU V 49 2.34 11.68 -97.50
CA GLU V 49 0.97 11.30 -97.85
C GLU V 49 0.88 9.82 -98.19
N ALA V 50 1.92 9.28 -98.82
CA ALA V 50 1.94 7.86 -99.14
C ALA V 50 1.97 7.00 -97.88
N VAL V 51 2.81 7.36 -96.91
CA VAL V 51 2.91 6.57 -95.69
C VAL V 51 1.65 6.76 -94.84
N GLU V 52 0.99 7.92 -94.95
CA GLU V 52 -0.27 8.11 -94.25
C GLU V 52 -1.36 7.21 -94.81
N LYS V 53 -1.45 7.11 -96.14
CA LYS V 53 -2.52 6.32 -96.73
C LYS V 53 -2.25 4.82 -96.61
N ASP V 54 -0.98 4.37 -96.63
CA ASP V 54 -0.79 2.93 -96.43
C ASP V 54 -0.92 2.54 -94.98
N LEU V 55 -0.67 3.45 -94.03
CA LEU V 55 -0.97 3.15 -92.63
C LEU V 55 -2.47 3.11 -92.39
N VAL V 56 -3.23 3.97 -93.08
CA VAL V 56 -4.69 3.91 -93.00
C VAL V 56 -5.20 2.59 -93.58
N GLN V 57 -4.64 2.17 -94.73
CA GLN V 57 -5.04 0.90 -95.32
C GLN V 57 -4.64 -0.29 -94.45
N LEU V 58 -3.47 -0.20 -93.80
CA LEU V 58 -3.05 -1.27 -92.90
C LEU V 58 -3.96 -1.37 -91.68
N ASN V 59 -4.35 -0.22 -91.12
CA ASN V 59 -5.27 -0.21 -89.99
C ASN V 59 -6.65 -0.72 -90.40
N ALA V 60 -7.09 -0.39 -91.61
CA ALA V 60 -8.36 -0.89 -92.11
C ALA V 60 -8.32 -2.40 -92.32
N SER V 61 -7.19 -2.92 -92.81
CA SER V 61 -7.06 -4.35 -93.01
C SER V 61 -6.99 -5.10 -91.68
N LEU V 62 -6.34 -4.51 -90.67
CA LEU V 62 -6.30 -5.14 -89.36
C LEU V 62 -7.66 -5.14 -88.70
N LYS V 63 -8.42 -4.05 -88.84
CA LYS V 63 -9.77 -4.02 -88.27
C LYS V 63 -10.74 -4.90 -89.05
N LYS V 64 -10.46 -5.13 -90.34
CA LYS V 64 -11.32 -5.99 -91.14
C LYS V 64 -11.22 -7.45 -90.69
N PHE V 65 -10.01 -7.95 -90.50
CA PHE V 65 -9.78 -9.32 -90.07
C PHE V 65 -9.12 -9.32 -88.70
N PRO V 66 -9.88 -9.56 -87.63
CA PRO V 66 -9.27 -9.60 -86.28
C PRO V 66 -8.32 -10.78 -86.09
N ARG V 67 -8.39 -11.80 -86.95
CA ARG V 67 -7.45 -12.92 -86.85
C ARG V 67 -6.02 -12.49 -87.15
N LEU V 68 -5.85 -11.51 -88.03
CA LEU V 68 -4.51 -10.97 -88.29
C LEU V 68 -3.98 -10.24 -87.05
N GLY V 69 -4.83 -9.48 -86.38
CA GLY V 69 -4.42 -8.80 -85.16
C GLY V 69 -4.08 -9.78 -84.04
N GLU V 70 -4.85 -10.87 -83.94
CA GLU V 70 -4.52 -11.91 -82.97
C GLU V 70 -3.23 -12.63 -83.32
N LEU V 71 -2.93 -12.77 -84.62
CA LEU V 71 -1.67 -13.37 -85.03
C LEU V 71 -0.49 -12.46 -84.67
N LEU V 72 -0.65 -11.15 -84.88
CA LEU V 72 0.43 -10.22 -84.55
C LEU V 72 0.61 -10.10 -83.04
N LYS V 73 -0.48 -10.01 -82.29
CA LYS V 73 -0.43 -9.88 -80.84
C LYS V 73 -0.48 -11.23 -80.14
N ASN V 74 0.39 -12.14 -80.55
CA ASN V 74 0.50 -13.45 -79.91
C ASN V 74 1.93 -13.65 -79.46
N PRO V 75 2.21 -13.69 -78.14
CA PRO V 75 3.58 -13.88 -77.68
C PRO V 75 4.13 -15.26 -77.95
N THR V 76 3.28 -16.26 -78.24
CA THR V 76 3.75 -17.60 -78.56
C THR V 76 4.51 -17.63 -79.88
N LEU V 77 4.02 -16.91 -80.89
CA LEU V 77 4.62 -16.94 -82.21
C LEU V 77 5.92 -16.15 -82.24
N SER V 78 6.85 -16.63 -83.07
CA SER V 78 8.14 -15.97 -83.21
C SER V 78 8.01 -14.68 -84.01
N ARG V 79 8.99 -13.80 -83.84
CA ARG V 79 8.96 -12.51 -84.54
C ARG V 79 9.26 -12.63 -86.01
N GLN V 80 9.95 -13.69 -86.44
CA GLN V 80 10.20 -13.90 -87.87
C GLN V 80 8.90 -14.20 -88.61
N LEU V 81 8.01 -14.98 -87.99
CA LEU V 81 6.70 -15.23 -88.59
C LEU V 81 5.87 -13.97 -88.64
N LYS V 82 5.98 -13.12 -87.61
CA LYS V 82 5.25 -11.86 -87.58
C LYS V 82 5.70 -10.91 -88.68
N LYS V 83 7.02 -10.78 -88.87
CA LYS V 83 7.51 -9.87 -89.90
C LYS V 83 7.29 -10.42 -91.30
N ASP V 84 7.28 -11.76 -91.45
CA ASP V 84 6.90 -12.35 -92.73
C ASP V 84 5.44 -12.07 -93.05
N ALA V 85 4.56 -12.18 -92.05
CA ALA V 85 3.15 -11.87 -92.27
C ALA V 85 2.93 -10.39 -92.54
N ILE V 86 3.71 -9.53 -91.87
CA ILE V 86 3.61 -8.08 -92.10
C ILE V 86 4.04 -7.74 -93.52
N GLY V 87 5.16 -8.30 -93.96
CA GLY V 87 5.61 -8.05 -95.32
C GLY V 87 4.67 -8.63 -96.36
N SER V 88 4.07 -9.79 -96.06
CA SER V 88 3.11 -10.39 -96.98
C SER V 88 1.86 -9.53 -97.14
N MET V 89 1.36 -8.96 -96.03
CA MET V 89 0.18 -8.11 -96.14
C MET V 89 0.52 -6.68 -96.55
N LEU V 90 1.78 -6.30 -96.56
CA LEU V 90 2.18 -5.01 -97.10
C LEU V 90 2.52 -5.06 -98.58
N LYS V 91 2.84 -6.24 -99.11
CA LYS V 91 3.03 -6.38 -100.55
C LYS V 91 1.75 -6.13 -101.32
N GLU V 92 0.62 -6.63 -100.82
CA GLU V 92 -0.64 -6.45 -101.52
C GLU V 92 -1.20 -5.04 -101.41
N GLN V 93 -0.74 -4.26 -100.42
CA GLN V 93 -1.17 -2.88 -100.31
C GLN V 93 -0.32 -1.93 -101.14
N LYS V 94 0.74 -2.45 -101.78
CA LYS V 94 1.71 -1.67 -102.55
C LYS V 94 2.31 -0.55 -101.69
N ALA V 95 2.96 -0.96 -100.61
CA ALA V 95 3.50 -0.03 -99.63
C ALA V 95 4.82 0.56 -100.12
N VAL V 96 5.35 1.49 -99.34
CA VAL V 96 6.63 2.13 -99.65
C VAL V 96 7.68 1.58 -98.70
N ASP V 97 8.94 1.97 -98.93
CA ASP V 97 10.05 1.49 -98.11
C ASP V 97 9.98 2.03 -96.69
N LEU V 98 9.41 3.23 -96.50
CA LEU V 98 9.41 3.85 -95.18
C LEU V 98 8.50 3.10 -94.21
N THR V 99 7.30 2.73 -94.66
CA THR V 99 6.40 2.01 -93.77
C THR V 99 6.84 0.57 -93.56
N SER V 100 7.54 -0.01 -94.53
CA SER V 100 8.13 -1.34 -94.34
C SER V 100 9.23 -1.29 -93.29
N ASN V 101 10.08 -0.26 -93.34
CA ASN V 101 11.11 -0.11 -92.32
C ASN V 101 10.52 0.23 -90.96
N PHE V 102 9.42 0.99 -90.94
CA PHE V 102 8.75 1.31 -89.68
C PHE V 102 8.15 0.06 -89.04
N LEU V 103 7.52 -0.79 -89.84
CA LEU V 103 6.95 -2.02 -89.29
C LEU V 103 8.02 -3.02 -88.91
N ASP V 104 9.14 -3.05 -89.63
CA ASP V 104 10.26 -3.90 -89.24
C ASP V 104 10.87 -3.43 -87.93
N LEU V 105 10.95 -2.12 -87.71
CA LEU V 105 11.45 -1.60 -86.45
C LEU V 105 10.48 -1.91 -85.31
N LEU V 106 9.17 -1.85 -85.58
CA LEU V 106 8.19 -2.18 -84.56
C LEU V 106 8.25 -3.65 -84.15
N THR V 107 8.41 -4.55 -85.13
CA THR V 107 8.50 -5.97 -84.79
C THR V 107 9.88 -6.39 -84.33
N GLU V 108 10.90 -5.55 -84.50
CA GLU V 108 12.22 -5.88 -84.01
C GLU V 108 12.30 -5.73 -82.49
N ASN V 109 11.66 -4.70 -81.96
CA ASN V 109 11.68 -4.42 -80.53
C ASN V 109 10.50 -5.03 -79.80
N ASN V 110 9.74 -5.92 -80.47
CA ASN V 110 8.54 -6.57 -79.92
C ASN V 110 7.52 -5.54 -79.46
N ARG V 111 7.38 -4.46 -80.22
CA ARG V 111 6.41 -3.42 -79.91
C ARG V 111 5.31 -3.34 -80.96
N LEU V 112 5.15 -4.39 -81.77
CA LEU V 112 4.09 -4.42 -82.76
C LEU V 112 2.73 -4.73 -82.15
N LYS V 113 2.68 -5.13 -80.88
CA LYS V 113 1.40 -5.32 -80.21
C LYS V 113 0.67 -4.00 -80.04
N MET V 114 1.39 -2.89 -79.97
CA MET V 114 0.80 -1.56 -79.93
C MET V 114 0.78 -0.91 -81.31
N VAL V 115 0.67 -1.71 -82.37
CA VAL V 115 0.62 -1.15 -83.72
C VAL V 115 -0.66 -0.34 -83.97
N ASP V 116 -1.71 -0.57 -83.17
CA ASP V 116 -2.89 0.28 -83.28
C ASP V 116 -2.63 1.66 -82.69
N GLY V 117 -1.73 1.75 -81.72
CA GLY V 117 -1.49 3.04 -81.07
C GLY V 117 -0.72 4.01 -81.96
N VAL V 118 0.36 3.53 -82.57
CA VAL V 118 1.24 4.39 -83.36
C VAL V 118 0.49 4.95 -84.57
N ILE V 119 -0.30 4.12 -85.24
CA ILE V 119 -1.11 4.58 -86.36
C ILE V 119 -2.11 5.63 -85.88
N ASN V 120 -2.72 5.38 -84.71
CA ASN V 120 -3.60 6.39 -84.13
C ASN V 120 -2.81 7.63 -83.75
N ALA V 121 -1.58 7.44 -83.25
CA ALA V 121 -0.70 8.57 -83.02
C ALA V 121 -0.32 9.23 -84.34
N PHE V 122 -0.15 8.44 -85.39
CA PHE V 122 0.09 9.01 -86.70
C PHE V 122 -1.18 9.65 -87.24
N LYS V 123 -2.35 9.20 -86.80
CA LYS V 123 -3.57 9.91 -87.14
C LYS V 123 -3.72 11.18 -86.33
N THR V 124 -3.03 11.28 -85.18
CA THR V 124 -3.06 12.52 -84.43
C THR V 124 -2.24 13.60 -85.12
N ILE V 125 -1.16 13.20 -85.79
CA ILE V 125 -0.47 14.06 -86.74
C ILE V 125 -1.29 14.05 -88.02
N MET V 126 -0.99 14.97 -88.95
CA MET V 126 -1.75 15.27 -90.16
C MET V 126 -3.13 15.85 -89.86
N ALA V 127 -3.43 16.13 -88.59
CA ALA V 127 -4.54 16.99 -88.23
C ALA V 127 -4.07 18.41 -87.99
N ALA V 128 -3.02 18.59 -87.18
CA ALA V 128 -2.40 19.90 -87.06
C ALA V 128 -1.56 20.24 -88.28
N HIS V 129 -1.00 19.21 -88.94
CA HIS V 129 -0.24 19.44 -90.16
C HIS V 129 -1.15 19.94 -91.28
N ARG V 130 -2.36 19.39 -91.37
CA ARG V 130 -3.35 19.85 -92.33
C ARG V 130 -4.27 20.92 -91.77
N GLY V 131 -4.07 21.32 -90.52
CA GLY V 131 -4.88 22.36 -89.91
C GLY V 131 -6.23 21.90 -89.41
N GLU V 132 -6.53 20.61 -89.49
CA GLU V 132 -7.83 20.10 -89.07
C GLU V 132 -7.91 20.06 -87.55
N VAL V 133 -8.84 20.81 -86.99
CA VAL V 133 -9.11 20.78 -85.56
C VAL V 133 -10.42 20.00 -85.34
N ILE V 134 -10.40 19.12 -84.34
CA ILE V 134 -11.55 18.26 -84.07
C ILE V 134 -12.58 19.03 -83.27
N CYS V 135 -13.81 19.10 -83.79
CA CYS V 135 -14.91 19.74 -83.11
C CYS V 135 -16.03 18.72 -82.93
N GLU V 136 -16.65 18.75 -81.76
CA GLU V 136 -17.74 17.83 -81.43
C GLU V 136 -18.95 18.65 -81.02
N VAL V 137 -20.07 18.44 -81.71
CA VAL V 137 -21.32 19.15 -81.44
C VAL V 137 -22.38 18.10 -81.12
N THR V 138 -22.99 18.23 -79.95
CA THR V 138 -24.03 17.31 -79.49
C THR V 138 -25.33 18.09 -79.32
N SER V 139 -26.41 17.56 -79.89
CA SER V 139 -27.72 18.18 -79.84
C SER V 139 -28.71 17.25 -79.16
N ALA V 140 -29.85 17.82 -78.75
CA ALA V 140 -30.92 17.01 -78.21
C ALA V 140 -31.51 16.08 -79.28
N LYS V 141 -31.72 16.60 -80.48
CA LYS V 141 -32.18 15.85 -81.63
C LYS V 141 -31.34 16.22 -82.84
N PRO V 142 -31.13 15.28 -83.77
CA PRO V 142 -30.40 15.63 -84.99
C PRO V 142 -31.19 16.59 -85.86
N LEU V 143 -30.50 17.58 -86.39
CA LEU V 143 -31.11 18.64 -87.19
C LEU V 143 -30.36 18.79 -88.51
N ASP V 144 -31.06 19.36 -89.48
CA ASP V 144 -30.50 19.57 -90.81
C ASP V 144 -31.15 20.82 -91.40
N GLU V 145 -31.01 20.99 -92.72
CA GLU V 145 -31.57 22.12 -93.49
C GLU V 145 -31.05 23.45 -92.95
N ALA V 146 -31.83 24.09 -92.08
CA ALA V 146 -31.40 25.35 -91.46
C ALA V 146 -30.21 25.17 -90.54
N ALA V 147 -29.98 23.95 -90.05
CA ALA V 147 -28.80 23.64 -89.24
C ALA V 147 -27.61 23.33 -90.15
N ARG V 148 -26.57 22.73 -89.56
CA ARG V 148 -25.39 22.22 -90.24
C ARG V 148 -24.58 23.32 -90.91
N LYS V 149 -25.13 23.92 -91.98
CA LYS V 149 -24.37 24.91 -92.76
C LYS V 149 -24.08 26.17 -91.94
N ASP V 150 -25.05 26.64 -91.16
CA ASP V 150 -24.80 27.80 -90.31
C ASP V 150 -23.84 27.48 -89.19
N LEU V 151 -23.87 26.23 -88.69
CA LEU V 151 -22.88 25.79 -87.72
C LEU V 151 -21.48 25.79 -88.31
N GLU V 152 -21.35 25.36 -89.57
CA GLU V 152 -20.06 25.40 -90.24
C GLU V 152 -19.59 26.83 -90.46
N VAL V 153 -20.51 27.74 -90.78
CA VAL V 153 -20.15 29.15 -90.94
C VAL V 153 -19.69 29.74 -89.61
N ALA V 154 -20.38 29.41 -88.52
CA ALA V 154 -19.98 29.90 -87.20
C ALA V 154 -18.65 29.33 -86.76
N LEU V 155 -18.40 28.05 -87.06
CA LEU V 155 -17.13 27.43 -86.69
C LEU V 155 -15.98 27.85 -87.59
N LYS V 156 -16.26 28.36 -88.79
CA LYS V 156 -15.19 28.77 -89.68
C LYS V 156 -14.47 30.01 -89.16
N GLY V 157 -15.17 30.89 -88.46
CA GLY V 157 -14.55 32.08 -87.90
C GLY V 157 -13.81 31.86 -86.61
N PHE V 158 -13.80 30.64 -86.09
CA PHE V 158 -13.14 30.32 -84.83
C PHE V 158 -11.67 29.95 -85.01
N LEU V 159 -11.14 30.03 -86.23
CA LEU V 159 -9.79 29.57 -86.52
C LEU V 159 -8.97 30.67 -87.18
N LYS V 160 -7.67 30.64 -86.92
CA LYS V 160 -6.73 31.41 -87.70
C LYS V 160 -6.65 30.86 -89.12
N PRO V 161 -6.27 31.68 -90.10
CA PRO V 161 -6.19 31.18 -91.48
C PRO V 161 -5.14 30.09 -91.63
N GLY V 162 -5.47 29.11 -92.48
CA GLY V 162 -4.64 27.94 -92.66
C GLY V 162 -5.10 26.71 -91.90
N GLN V 163 -6.26 26.77 -91.25
CA GLN V 163 -6.77 25.67 -90.45
C GLN V 163 -8.19 25.34 -90.90
N ASN V 164 -8.58 24.07 -90.71
CA ASN V 164 -9.87 23.57 -91.12
C ASN V 164 -10.59 22.94 -89.94
N ILE V 165 -11.86 22.59 -90.16
CA ILE V 165 -12.72 22.05 -89.11
C ILE V 165 -13.12 20.64 -89.49
N LYS V 166 -12.89 19.68 -88.59
CA LYS V 166 -13.38 18.32 -88.73
C LYS V 166 -14.47 18.13 -87.67
N LEU V 167 -15.72 18.06 -88.11
CA LEU V 167 -16.87 18.12 -87.22
C LEU V 167 -17.51 16.75 -87.05
N THR V 168 -17.79 16.40 -85.80
CA THR V 168 -18.50 15.17 -85.46
C THR V 168 -19.78 15.54 -84.73
N LEU V 169 -20.91 15.01 -85.20
CA LEU V 169 -22.22 15.35 -84.68
C LEU V 169 -22.78 14.18 -83.87
N LYS V 170 -23.36 14.50 -82.73
CA LYS V 170 -23.95 13.51 -81.83
C LYS V 170 -25.32 13.97 -81.40
N THR V 171 -26.17 13.00 -81.03
CA THR V 171 -27.50 13.27 -80.54
C THR V 171 -27.71 12.61 -79.19
N ASP V 172 -28.37 13.32 -78.27
CA ASP V 172 -28.67 12.80 -76.95
C ASP V 172 -29.88 13.51 -76.38
N PRO V 173 -31.00 12.82 -76.20
CA PRO V 173 -32.20 13.48 -75.65
C PRO V 173 -32.13 13.79 -74.18
N ALA V 174 -31.10 13.30 -73.46
CA ALA V 174 -30.99 13.53 -72.04
C ALA V 174 -30.57 14.95 -71.69
N ILE V 175 -30.17 15.76 -72.68
CA ILE V 175 -29.72 17.12 -72.44
C ILE V 175 -30.89 18.09 -72.63
N ILE V 176 -32.10 17.52 -72.81
CA ILE V 176 -33.35 18.24 -72.97
C ILE V 176 -33.33 19.12 -74.21
N GLY V 177 -32.53 20.19 -74.17
CA GLY V 177 -32.38 21.07 -75.31
C GLY V 177 -31.02 21.73 -75.36
N GLY V 178 -30.85 22.69 -76.26
CA GLY V 178 -29.60 23.41 -76.36
C GLY V 178 -28.55 22.71 -77.20
N LEU V 179 -27.28 22.98 -76.90
CA LEU V 179 -26.18 22.43 -77.69
C LEU V 179 -24.95 22.28 -76.81
N VAL V 180 -24.19 21.22 -77.04
CA VAL V 180 -22.93 20.98 -76.36
C VAL V 180 -21.83 21.02 -77.40
N VAL V 181 -20.96 22.03 -77.32
CA VAL V 181 -19.91 22.25 -78.30
C VAL V 181 -18.57 22.11 -77.61
N SER V 182 -17.69 21.29 -78.18
CA SER V 182 -16.35 21.10 -77.66
C SER V 182 -15.35 21.25 -78.79
N ILE V 183 -14.30 22.03 -78.55
CA ILE V 183 -13.20 22.18 -79.49
C ILE V 183 -11.97 21.57 -78.85
N GLY V 184 -10.85 21.56 -79.58
CA GLY V 184 -9.64 20.95 -79.06
C GLY V 184 -8.94 21.70 -77.96
N ASP V 185 -9.43 22.88 -77.58
CA ASP V 185 -8.76 23.68 -76.57
C ASP V 185 -9.73 24.14 -75.49
N ARG V 186 -11.01 24.26 -75.82
CA ARG V 186 -11.98 24.85 -74.90
C ARG V 186 -13.32 24.14 -75.05
N PHE V 187 -14.15 24.32 -74.03
CA PHE V 187 -15.46 23.70 -73.94
C PHE V 187 -16.49 24.74 -73.54
N VAL V 188 -17.69 24.64 -74.10
CA VAL V 188 -18.81 25.50 -73.75
C VAL V 188 -20.04 24.62 -73.56
N ASP V 189 -20.74 24.82 -72.44
CA ASP V 189 -21.91 24.02 -72.08
C ASP V 189 -23.20 24.82 -72.20
N MET V 190 -23.31 25.63 -73.25
CA MET V 190 -24.49 26.47 -73.47
C MET V 190 -25.63 25.60 -73.99
N SER V 191 -26.22 24.84 -73.07
CA SER V 191 -27.35 23.98 -73.37
C SER V 191 -28.49 24.27 -72.41
N ILE V 192 -29.71 23.94 -72.86
CA ILE V 192 -30.89 24.24 -72.06
C ILE V 192 -30.95 23.36 -70.82
N GLY V 193 -30.60 22.08 -70.96
CA GLY V 193 -30.71 21.14 -69.85
C GLY V 193 -29.79 21.50 -68.69
N THR V 194 -28.53 21.80 -69.00
CA THR V 194 -27.60 22.20 -67.95
C THR V 194 -27.97 23.57 -67.36
N LYS V 195 -28.51 24.46 -68.19
CA LYS V 195 -28.91 25.78 -67.71
C LYS V 195 -30.04 25.69 -66.69
N ILE V 196 -31.07 24.91 -67.02
CA ILE V 196 -32.18 24.78 -66.07
C ILE V 196 -31.76 23.93 -64.87
N LYS V 197 -30.79 23.02 -65.05
CA LYS V 197 -30.31 22.22 -63.93
C LYS V 197 -29.59 23.07 -62.90
N ARG V 198 -28.70 23.95 -63.37
CA ARG V 198 -27.99 24.82 -62.42
C ARG V 198 -28.91 25.91 -61.87
N TYR V 199 -29.94 26.32 -62.63
CA TYR V 199 -30.88 27.28 -62.09
C TYR V 199 -31.74 26.67 -60.98
N THR V 200 -32.20 25.44 -61.18
CA THR V 200 -32.96 24.75 -60.14
C THR V 200 -32.08 24.43 -58.94
N ALA V 201 -30.81 24.09 -59.17
CA ALA V 201 -29.88 23.87 -58.07
C ALA V 201 -29.64 25.14 -57.28
N ALA V 202 -29.54 26.29 -57.97
CA ALA V 202 -29.38 27.57 -57.30
C ALA V 202 -30.64 27.92 -56.50
N LEU V 203 -31.81 27.66 -57.06
CA LEU V 203 -33.06 27.95 -56.36
C LEU V 203 -33.23 27.06 -55.13
N LYS V 204 -32.80 25.80 -55.22
CA LYS V 204 -32.91 24.91 -54.06
C LYS V 204 -31.90 25.27 -52.98
N THR V 205 -30.67 25.62 -53.38
CA THR V 205 -29.64 25.94 -52.39
C THR V 205 -29.79 27.34 -51.80
N ALA V 206 -30.58 28.22 -52.43
CA ALA V 206 -30.80 29.57 -51.90
C ALA V 206 -32.18 29.76 -51.31
N VAL V 207 -33.22 29.34 -52.01
CA VAL V 207 -34.60 29.51 -51.55
C VAL V 207 -35.16 28.12 -51.23
N UNK W 1 -27.84 32.10 71.80
CA UNK W 1 -27.19 30.85 71.45
C UNK W 1 -26.88 30.06 72.70
N UNK W 2 -27.46 30.50 73.83
CA UNK W 2 -27.26 29.90 75.14
C UNK W 2 -25.79 29.89 75.54
N UNK W 3 -25.24 31.09 75.68
CA UNK W 3 -23.84 31.22 76.04
C UNK W 3 -23.60 30.71 77.46
N UNK W 4 -24.38 31.19 78.43
CA UNK W 4 -24.21 30.85 79.83
C UNK W 4 -24.51 29.37 80.06
N UNK W 5 -24.04 28.85 81.20
CA UNK W 5 -24.26 27.44 81.49
C UNK W 5 -25.70 27.15 81.90
N UNK W 6 -26.34 28.12 82.56
CA UNK W 6 -27.76 27.98 82.87
C UNK W 6 -28.61 28.00 81.61
N UNK W 7 -28.30 28.91 80.68
CA UNK W 7 -29.04 28.98 79.43
C UNK W 7 -28.82 27.75 78.57
N UNK W 8 -27.69 27.07 78.73
CA UNK W 8 -27.52 25.80 78.03
C UNK W 8 -28.25 24.68 78.74
N UNK W 9 -28.37 24.72 80.06
CA UNK W 9 -29.08 23.65 80.76
C UNK W 9 -30.58 23.74 80.57
N UNK W 10 -31.09 24.96 80.36
CA UNK W 10 -32.52 25.14 80.16
C UNK W 10 -32.93 24.81 78.74
N UNK W 11 -32.40 25.56 77.77
CA UNK W 11 -32.72 25.33 76.36
C UNK W 11 -31.87 24.19 75.80
N UNK W 12 -32.05 23.01 76.38
CA UNK W 12 -31.21 21.86 76.05
C UNK W 12 -31.88 20.87 75.12
N UNK W 13 -33.04 21.24 74.54
CA UNK W 13 -33.83 20.40 73.64
C UNK W 13 -34.19 19.07 74.29
N UNK W 14 -34.84 19.15 75.46
CA UNK W 14 -35.12 17.95 76.25
C UNK W 14 -36.22 17.11 75.62
N UNK W 15 -37.31 17.76 75.19
CA UNK W 15 -38.46 17.02 74.69
C UNK W 15 -38.18 16.42 73.31
N UNK W 16 -37.48 17.16 72.45
CA UNK W 16 -37.18 16.65 71.11
C UNK W 16 -36.23 15.48 71.12
N UNK W 17 -35.49 15.29 72.21
CA UNK W 17 -34.68 14.10 72.39
C UNK W 17 -35.37 13.05 73.25
N UNK W 18 -36.36 13.45 74.05
CA UNK W 18 -37.07 12.48 74.88
C UNK W 18 -38.07 11.67 74.06
N UNK W 19 -38.70 12.30 73.06
CA UNK W 19 -39.65 11.58 72.22
C UNK W 19 -38.94 10.55 71.35
N UNK W 20 -37.88 10.96 70.68
CA UNK W 20 -37.07 10.06 69.88
C UNK W 20 -35.95 9.48 70.76
N UNK W 21 -34.96 8.86 70.14
CA UNK W 21 -33.67 8.52 70.74
C UNK W 21 -33.75 7.52 71.89
N UNK W 22 -32.60 7.31 72.55
CA UNK W 22 -32.48 6.40 73.68
C UNK W 22 -32.20 7.14 74.99
N UNK W 23 -32.39 8.46 75.02
CA UNK W 23 -32.24 9.20 76.27
C UNK W 23 -33.44 8.98 77.20
N UNK W 24 -34.63 8.77 76.63
CA UNK W 24 -35.81 8.51 77.46
C UNK W 24 -35.66 7.20 78.22
N UNK W 25 -35.16 6.15 77.55
CA UNK W 25 -34.97 4.88 78.22
C UNK W 25 -33.89 4.97 79.29
N UNK W 26 -32.87 5.82 79.06
CA UNK W 26 -31.87 6.05 80.08
C UNK W 26 -32.48 6.75 81.29
N UNK W 27 -33.38 7.71 81.06
CA UNK W 27 -34.00 8.42 82.18
C UNK W 27 -34.91 7.51 83.00
N UNK W 28 -35.65 6.62 82.31
CA UNK W 28 -36.49 5.68 83.03
C UNK W 28 -35.66 4.70 83.86
N UNK W 29 -34.57 4.19 83.28
CA UNK W 29 -33.70 3.30 84.05
C UNK W 29 -32.88 4.05 85.10
N UNK W 30 -32.67 5.36 84.92
CA UNK W 30 -32.09 6.16 85.98
C UNK W 30 -33.01 6.20 87.18
N UNK W 31 -34.32 6.36 86.95
CA UNK W 31 -35.28 6.32 88.05
C UNK W 31 -35.32 4.95 88.71
N UNK W 32 -35.29 3.88 87.90
CA UNK W 32 -35.28 2.52 88.46
C UNK W 32 -34.01 2.28 89.29
N UNK W 33 -32.86 2.70 88.78
CA UNK W 33 -31.62 2.53 89.51
C UNK W 33 -31.54 3.46 90.71
N UNK W 34 -32.24 4.59 90.68
CA UNK W 34 -32.34 5.44 91.86
C UNK W 34 -33.08 4.73 92.98
N UNK W 35 -34.12 3.99 92.62
CA UNK W 35 -34.80 3.16 93.62
C UNK W 35 -33.89 2.06 94.16
N UNK W 36 -33.12 1.43 93.27
CA UNK W 36 -32.19 0.39 93.71
C UNK W 36 -31.06 0.95 94.57
N UNK W 37 -30.55 2.14 94.23
CA UNK W 37 -29.47 2.74 95.00
C UNK W 37 -29.98 3.25 96.34
N UNK W 38 -31.24 3.69 96.41
CA UNK W 38 -31.83 4.04 97.70
C UNK W 38 -31.93 2.81 98.59
N UNK W 39 -32.30 1.66 98.00
CA UNK W 39 -32.33 0.42 98.76
C UNK W 39 -30.93 0.01 99.23
N UNK W 40 -29.92 0.23 98.37
CA UNK W 40 -28.55 -0.10 98.75
C UNK W 40 -28.04 0.81 99.86
N UNK W 41 -28.39 2.10 99.81
CA UNK W 41 -27.98 3.02 100.86
C UNK W 41 -28.68 2.71 102.17
N UNK W 42 -29.97 2.33 102.11
CA UNK W 42 -30.69 1.99 103.32
C UNK W 42 -30.25 0.65 103.90
N UNK W 43 -29.71 -0.24 103.06
CA UNK W 43 -29.27 -1.55 103.55
C UNK W 43 -28.04 -1.41 104.44
N UNK W 44 -27.10 -0.55 104.08
CA UNK W 44 -25.89 -0.36 104.88
C UNK W 44 -25.38 1.07 104.76
N PRO X 8 -24.04 8.47 101.86
CA PRO X 8 -24.91 9.40 101.15
C PRO X 8 -25.07 9.02 99.68
N TRP X 9 -25.37 7.75 99.42
CA TRP X 9 -25.39 7.25 98.05
C TRP X 9 -26.52 7.87 97.24
N ILE X 10 -27.62 8.25 97.90
CA ILE X 10 -28.74 8.85 97.18
C ILE X 10 -28.37 10.23 96.67
N MET X 11 -27.76 11.06 97.52
CA MET X 11 -27.34 12.37 97.08
C MET X 11 -26.19 12.28 96.09
N VAL X 12 -25.32 11.29 96.24
CA VAL X 12 -24.26 11.07 95.26
C VAL X 12 -24.86 10.72 93.91
N PHE X 13 -25.85 9.82 93.89
CA PHE X 13 -26.50 9.42 92.64
C PHE X 13 -27.21 10.60 91.97
N LEU X 14 -27.92 11.41 92.76
CA LEU X 14 -28.65 12.52 92.17
C LEU X 14 -27.71 13.61 91.66
N VAL X 15 -26.65 13.91 92.40
CA VAL X 15 -25.71 14.93 91.95
C VAL X 15 -24.90 14.44 90.75
N SER X 16 -24.52 13.16 90.74
CA SER X 16 -23.77 12.63 89.60
C SER X 16 -24.60 12.63 88.34
N MET X 17 -25.89 12.29 88.44
CA MET X 17 -26.72 12.28 87.24
C MET X 17 -27.09 13.68 86.79
N ALA X 18 -27.27 14.62 87.73
CA ALA X 18 -27.52 16.00 87.34
C ALA X 18 -26.29 16.59 86.65
N LEU X 19 -25.10 16.20 87.10
CA LEU X 19 -23.88 16.69 86.46
C LEU X 19 -23.66 16.02 85.11
N LEU X 20 -24.01 14.75 84.97
CA LEU X 20 -23.89 14.08 83.68
C LEU X 20 -24.87 14.67 82.67
N TRP X 21 -26.06 15.05 83.12
CA TRP X 21 -26.97 15.76 82.24
C TRP X 21 -26.48 17.18 81.95
N ALA X 22 -25.81 17.81 82.91
CA ALA X 22 -25.26 19.13 82.64
C ALA X 22 -24.12 19.06 81.64
N ILE X 23 -23.31 18.00 81.70
CA ILE X 23 -22.25 17.83 80.70
C ILE X 23 -22.86 17.53 79.34
N MET X 24 -23.96 16.78 79.32
CA MET X 24 -24.66 16.50 78.08
C MET X 24 -25.17 17.78 77.42
N THR X 25 -25.78 18.66 78.19
CA THR X 25 -26.24 19.91 77.59
C THR X 25 -25.12 20.92 77.38
N MET X 26 -23.92 20.68 77.90
CA MET X 26 -22.80 21.52 77.51
C MET X 26 -22.21 21.09 76.17
N VAL X 27 -22.14 19.78 75.94
CA VAL X 27 -21.66 19.26 74.66
C VAL X 27 -22.66 19.54 73.55
N PHE X 28 -23.96 19.56 73.86
CA PHE X 28 -24.98 19.75 72.85
C PHE X 28 -24.86 21.10 72.15
N PHE X 29 -24.35 22.11 72.84
CA PHE X 29 -24.15 23.40 72.23
C PHE X 29 -22.72 23.64 71.82
N LEU X 30 -21.89 22.60 71.81
CA LEU X 30 -20.49 22.71 71.40
C LEU X 30 -20.40 22.25 69.95
N TYR X 31 -20.65 23.15 69.02
CA TYR X 31 -20.48 22.86 67.61
C TYR X 31 -20.17 24.16 66.89
N GLN X 32 -19.53 24.05 65.73
CA GLN X 32 -19.17 25.22 64.95
C GLN X 32 -20.10 25.33 63.76
N PRO X 33 -20.97 26.33 63.72
CA PRO X 33 -21.89 26.44 62.58
C PRO X 33 -21.20 26.93 61.33
N ARG X 34 -20.95 26.03 60.39
CA ARG X 34 -20.21 26.36 59.18
C ARG X 34 -21.18 26.87 58.12
N SER X 35 -21.09 28.15 57.80
CA SER X 35 -21.90 28.75 56.75
C SER X 35 -21.15 28.67 55.41
N VAL X 36 -21.10 27.45 54.88
CA VAL X 36 -20.44 27.20 53.61
C VAL X 36 -21.50 26.87 52.57
N SER X 37 -22.69 27.46 52.75
CA SER X 37 -23.78 27.28 51.79
C SER X 37 -23.46 28.11 50.55
N SER X 38 -22.89 27.48 49.53
CA SER X 38 -22.54 28.19 48.31
C SER X 38 -23.79 28.55 47.51
N ALA X 39 -23.75 29.72 46.87
CA ALA X 39 -24.85 30.20 46.03
C ALA X 39 -24.55 30.03 44.55
N LYS X 40 -23.90 28.93 44.18
CA LYS X 40 -23.60 28.67 42.77
C LYS X 40 -24.83 28.22 42.00
N GLY X 41 -25.86 27.75 42.69
CA GLY X 41 -27.09 27.35 42.00
C GLY X 41 -27.78 28.49 41.30
N PHE X 42 -27.66 29.71 41.84
CA PHE X 42 -28.23 30.88 41.20
C PHE X 42 -27.54 31.23 39.88
N SER X 43 -26.36 30.65 39.62
CA SER X 43 -25.74 30.83 38.31
C SER X 43 -26.47 30.05 37.22
N ASP X 44 -27.36 29.12 37.58
CA ASP X 44 -28.15 28.39 36.60
C ASP X 44 -29.64 28.44 36.87
N ARG X 45 -30.09 29.16 37.90
CA ARG X 45 -31.52 29.23 38.18
C ARG X 45 -32.25 30.11 37.18
N THR X 46 -31.60 31.16 36.68
CA THR X 46 -32.26 32.07 35.75
C THR X 46 -32.39 31.42 34.38
N VAL X 47 -33.60 31.46 33.82
CA VAL X 47 -33.89 30.89 32.51
C VAL X 47 -34.36 32.03 31.61
N TYR X 48 -33.79 32.11 30.42
CA TYR X 48 -34.14 33.15 29.48
C TYR X 48 -35.56 32.95 28.96
N LEU X 49 -36.13 34.02 28.43
CA LEU X 49 -37.49 33.96 27.89
C LEU X 49 -37.51 33.17 26.59
N ASN X 50 -38.44 32.22 26.52
CA ASN X 50 -38.58 31.41 25.32
C ASN X 50 -39.28 32.19 24.22
N TRP X 51 -38.80 32.03 23.00
CA TRP X 51 -39.34 32.74 21.85
C TRP X 51 -40.47 31.92 21.26
N LYS X 52 -40.92 32.29 20.06
CA LYS X 52 -41.93 31.55 19.34
C LYS X 52 -41.34 31.06 18.02
N TRP X 53 -41.43 29.76 17.78
CA TRP X 53 -40.93 29.14 16.57
C TRP X 53 -42.05 28.34 15.95
N PHE Y 3 -32.82 28.30 84.58
CA PHE Y 3 -33.64 28.69 83.44
C PHE Y 3 -32.93 29.75 82.62
N GLY Y 4 -33.03 29.66 81.30
CA GLY Y 4 -32.24 30.51 80.42
C GLY Y 4 -33.09 31.53 79.71
N ASP Y 5 -32.70 32.80 79.86
CA ASP Y 5 -33.30 34.00 79.31
C ASP Y 5 -32.32 35.11 79.63
N TYR Y 6 -32.31 36.16 78.83
CA TYR Y 6 -31.45 37.28 79.16
C TYR Y 6 -32.02 37.98 80.39
N PRO Y 7 -31.17 38.64 81.18
CA PRO Y 7 -31.69 39.41 82.31
C PRO Y 7 -32.54 40.57 81.83
N ALA Y 8 -33.48 40.97 82.69
CA ALA Y 8 -34.51 41.94 82.33
C ALA Y 8 -33.94 43.31 82.00
N GLU Y 9 -32.76 43.64 82.51
CA GLU Y 9 -32.15 44.92 82.18
C GLU Y 9 -31.53 44.95 80.80
N TYR Y 10 -31.35 43.80 80.16
CA TYR Y 10 -30.74 43.75 78.84
C TYR Y 10 -31.69 44.27 77.78
N ASN Y 11 -31.22 45.23 76.99
CA ASN Y 11 -32.00 45.82 75.90
C ASN Y 11 -31.22 45.66 74.60
N PRO Y 12 -31.58 44.71 73.74
CA PRO Y 12 -30.82 44.51 72.50
C PRO Y 12 -30.88 45.69 71.53
N LYS Y 13 -31.86 46.57 71.68
CA LYS Y 13 -31.95 47.77 70.84
C LYS Y 13 -31.19 48.96 71.43
N VAL Y 14 -30.60 48.79 72.61
CA VAL Y 14 -29.84 49.85 73.27
C VAL Y 14 -28.40 49.41 73.53
N HIS Y 15 -28.22 48.20 74.06
CA HIS Y 15 -26.92 47.74 74.51
C HIS Y 15 -26.16 46.95 73.45
N GLY Y 16 -26.70 46.83 72.24
CA GLY Y 16 -26.04 46.06 71.22
C GLY Y 16 -26.09 44.57 71.49
N PRO Y 17 -25.11 43.82 71.01
CA PRO Y 17 -25.09 42.38 71.21
C PRO Y 17 -24.86 42.03 72.68
N TYR Y 18 -25.26 40.81 73.04
CA TYR Y 18 -25.27 40.41 74.43
C TYR Y 18 -23.87 40.04 74.87
N ASP Y 19 -23.35 40.80 75.84
CA ASP Y 19 -22.03 40.56 76.44
C ASP Y 19 -22.26 40.08 77.86
N PRO Y 20 -22.19 38.77 78.13
CA PRO Y 20 -22.62 38.27 79.44
C PRO Y 20 -21.73 38.69 80.59
N ALA Y 21 -20.50 39.11 80.32
CA ALA Y 21 -19.65 39.64 81.37
C ALA Y 21 -20.02 41.05 81.79
N ARG Y 22 -20.88 41.73 81.03
CA ARG Y 22 -21.22 43.11 81.34
C ARG Y 22 -22.49 43.15 82.19
N PHE Y 23 -22.49 44.04 83.17
CA PHE Y 23 -23.66 44.26 84.01
C PHE Y 23 -24.51 45.36 83.38
N TYR Y 24 -25.74 45.02 82.99
CA TYR Y 24 -26.58 45.93 82.23
C TYR Y 24 -27.51 46.76 83.11
N GLY Y 25 -27.41 46.66 84.42
CA GLY Y 25 -28.27 47.43 85.31
C GLY Y 25 -27.82 48.87 85.44
N LYS Y 26 -28.35 49.52 86.48
CA LYS Y 26 -28.00 50.91 86.74
C LYS Y 26 -26.55 51.02 87.16
N ALA Y 27 -25.92 52.13 86.79
CA ALA Y 27 -24.49 52.33 87.01
C ALA Y 27 -24.18 52.55 88.47
N ASP Y 28 -23.88 51.48 89.19
CA ASP Y 28 -23.44 51.56 90.57
C ASP Y 28 -21.92 51.73 90.61
N VAL Y 29 -21.45 52.29 91.72
CA VAL Y 29 -20.00 52.51 91.87
C VAL Y 29 -19.30 51.17 92.08
N PRO Y 30 -18.26 50.86 91.31
CA PRO Y 30 -17.52 49.62 91.54
C PRO Y 30 -16.77 49.67 92.86
N LEU Y 31 -16.60 48.49 93.47
CA LEU Y 31 -16.05 48.40 94.82
C LEU Y 31 -14.60 48.85 94.89
N GLY Y 32 -13.90 48.90 93.76
CA GLY Y 32 -12.51 49.33 93.78
C GLY Y 32 -12.34 50.79 94.18
N GLN Y 33 -13.22 51.66 93.69
CA GLN Y 33 -13.08 53.09 93.88
C GLN Y 33 -14.00 53.65 94.96
N VAL Y 34 -14.60 52.79 95.78
CA VAL Y 34 -15.39 53.27 96.92
C VAL Y 34 -14.44 53.80 97.98
N LYS Y 35 -14.72 55.01 98.47
CA LYS Y 35 -13.80 55.72 99.35
C LYS Y 35 -13.80 55.20 100.79
N LEU Y 36 -14.52 54.10 101.08
CA LEU Y 36 -14.51 53.35 102.34
C LEU Y 36 -15.19 54.11 103.48
N GLY Y 37 -15.58 55.37 103.25
CA GLY Y 37 -16.41 56.08 104.19
C GLY Y 37 -17.87 55.82 103.86
N GLU Y 38 -18.11 55.37 102.63
CA GLU Y 38 -19.43 54.97 102.16
C GLU Y 38 -19.48 53.49 101.81
N LEU Y 39 -18.54 52.70 102.35
CA LEU Y 39 -18.47 51.28 102.02
C LEU Y 39 -19.66 50.51 102.58
N SER Y 40 -20.12 50.88 103.78
CA SER Y 40 -21.31 50.25 104.34
C SER Y 40 -22.56 50.61 103.53
N GLN Y 41 -22.62 51.84 103.04
CA GLN Y 41 -23.73 52.23 102.16
C GLN Y 41 -23.66 51.49 100.83
N TRP Y 42 -22.45 51.27 100.31
CA TRP Y 42 -22.30 50.49 99.09
C TRP Y 42 -22.71 49.03 99.30
N LEU Y 43 -22.35 48.46 100.44
CA LEU Y 43 -22.75 47.07 100.73
C LEU Y 43 -24.26 46.95 100.92
N GLY Y 44 -24.88 47.94 101.59
CA GLY Y 44 -26.31 47.92 101.72
C GLY Y 44 -27.06 48.21 100.44
N ARG Y 45 -26.43 48.90 99.49
CA ARG Y 45 -27.09 49.21 98.23
C ARG Y 45 -27.25 47.95 97.38
N ARG Y 46 -26.21 47.13 97.31
CA ARG Y 46 -26.27 45.89 96.56
C ARG Y 46 -27.11 44.87 97.32
N ASN Y 47 -28.06 44.25 96.64
CA ASN Y 47 -28.90 43.24 97.26
C ASN Y 47 -28.14 41.93 97.43
N LYS Y 48 -28.51 41.17 98.45
CA LYS Y 48 -27.85 39.92 98.76
C LYS Y 48 -28.68 38.71 98.36
N ASN Y 49 -29.51 38.87 97.33
CA ASN Y 49 -30.33 37.75 96.87
C ASN Y 49 -29.44 36.68 96.25
N PRO Y 50 -29.77 35.40 96.44
CA PRO Y 50 -28.97 34.33 95.82
C PRO Y 50 -28.96 34.39 94.30
N GLN Y 51 -30.04 34.90 93.69
CA GLN Y 51 -30.04 35.07 92.24
C GLN Y 51 -29.08 36.18 91.82
N ALA Y 52 -29.01 37.26 92.60
CA ALA Y 52 -28.05 38.32 92.28
C ALA Y 52 -26.62 37.87 92.54
N VAL Y 53 -26.41 37.05 93.57
CA VAL Y 53 -25.09 36.52 93.85
C VAL Y 53 -24.64 35.60 92.73
N ALA Y 54 -25.53 34.72 92.27
CA ALA Y 54 -25.19 33.85 91.15
C ALA Y 54 -24.98 34.65 89.87
N ALA Y 55 -25.66 35.79 89.73
CA ALA Y 55 -25.41 36.65 88.58
C ALA Y 55 -24.06 37.32 88.67
N ALA Y 56 -23.66 37.76 89.87
CA ALA Y 56 -22.36 38.41 90.00
C ALA Y 56 -21.22 37.42 89.83
N VAL Y 57 -21.41 36.18 90.30
CA VAL Y 57 -20.43 35.12 90.07
C VAL Y 57 -20.32 34.82 88.58
N SER Y 58 -21.46 34.75 87.89
CA SER Y 58 -21.43 34.45 86.46
C SER Y 58 -20.82 35.60 85.66
N ARG Y 59 -21.07 36.84 86.07
CA ARG Y 59 -20.44 37.97 85.40
C ARG Y 59 -18.93 37.96 85.61
N GLY Y 60 -18.47 37.63 86.82
CA GLY Y 60 -17.04 37.54 87.05
C GLY Y 60 -16.40 36.41 86.27
N TRP Y 61 -17.08 35.28 86.19
CA TRP Y 61 -16.54 34.15 85.45
C TRP Y 61 -16.48 34.44 83.97
N TRP Y 62 -17.41 35.24 83.46
CA TRP Y 62 -17.32 35.63 82.06
C TRP Y 62 -16.27 36.70 81.82
N ARG Y 63 -15.99 37.55 82.81
CA ARG Y 63 -14.85 38.47 82.69
C ARG Y 63 -13.54 37.71 82.60
N TRP Y 64 -13.39 36.66 83.42
CA TRP Y 64 -12.20 35.83 83.36
C TRP Y 64 -12.12 35.06 82.05
N GLN Y 65 -13.26 34.58 81.55
CA GLN Y 65 -13.28 33.93 80.25
C GLN Y 65 -12.87 34.90 79.15
N HIS Y 66 -13.36 36.14 79.23
CA HIS Y 66 -13.02 37.14 78.24
C HIS Y 66 -11.57 37.58 78.31
N LYS Y 67 -10.93 37.43 79.47
CA LYS Y 67 -9.54 37.88 79.56
C LYS Y 67 -8.55 36.79 79.21
N TYR Y 68 -8.84 35.53 79.52
CA TYR Y 68 -7.83 34.48 79.39
C TYR Y 68 -8.18 33.35 78.45
N VAL Y 69 -9.43 33.19 78.03
CA VAL Y 69 -9.84 32.05 77.20
C VAL Y 69 -10.43 32.50 75.87
N LEU Y 70 -11.41 33.40 75.91
CA LEU Y 70 -12.08 33.83 74.69
C LEU Y 70 -11.21 34.54 73.64
N PRO Y 71 -10.10 35.20 73.96
CA PRO Y 71 -9.20 35.66 72.89
C PRO Y 71 -8.66 34.50 72.06
N ARG Y 72 -8.36 34.82 70.79
CA ARG Y 72 -8.08 33.78 69.80
C ARG Y 72 -6.83 33.01 70.14
N LYS Y 73 -5.72 33.70 70.37
CA LYS Y 73 -4.47 33.02 70.68
C LYS Y 73 -4.28 32.88 72.19
N GLY Y 74 -5.27 32.32 72.87
CA GLY Y 74 -5.17 32.11 74.29
C GLY Y 74 -4.20 31.01 74.64
N GLY Y 75 -3.73 31.04 75.90
CA GLY Y 75 -2.71 30.14 76.36
C GLY Y 75 -3.22 29.13 77.38
N ILE Y 76 -2.26 28.47 78.03
CA ILE Y 76 -2.60 27.51 79.08
C ILE Y 76 -2.56 28.14 80.45
N ALA Y 77 -2.26 29.43 80.53
CA ALA Y 77 -2.40 30.16 81.80
C ALA Y 77 -3.78 30.08 82.44
N PRO Y 78 -4.90 30.18 81.73
CA PRO Y 78 -6.19 29.98 82.41
C PRO Y 78 -6.37 28.60 83.01
N TYR Y 79 -5.84 27.57 82.36
CA TYR Y 79 -6.02 26.22 82.88
C TYR Y 79 -5.16 25.97 84.11
N ILE Y 80 -3.95 26.54 84.13
CA ILE Y 80 -3.13 26.43 85.34
C ILE Y 80 -3.75 27.23 86.46
N GLN Y 81 -4.39 28.36 86.15
CA GLN Y 81 -5.09 29.12 87.18
C GLN Y 81 -6.24 28.32 87.77
N LEU Y 82 -6.95 27.57 86.93
CA LEU Y 82 -8.03 26.73 87.46
C LEU Y 82 -7.47 25.60 88.32
N ILE Y 83 -6.38 24.97 87.90
CA ILE Y 83 -5.81 23.86 88.68
C ILE Y 83 -5.30 24.36 90.03
N VAL Y 84 -4.62 25.49 90.05
CA VAL Y 84 -4.09 26.01 91.30
C VAL Y 84 -5.22 26.52 92.19
N GLY Y 85 -6.22 27.17 91.60
CA GLY Y 85 -7.35 27.65 92.37
C GLY Y 85 -8.18 26.52 92.95
N CYS Y 86 -8.32 25.41 92.22
CA CYS Y 86 -9.03 24.25 92.74
C CYS Y 86 -8.22 23.52 93.79
N SER Y 87 -6.90 23.45 93.63
CA SER Y 87 -6.06 22.76 94.61
C SER Y 87 -5.97 23.54 95.91
N ILE Y 88 -5.92 24.87 95.85
CA ILE Y 88 -5.94 25.68 97.05
C ILE Y 88 -7.28 25.57 97.76
N PHE Y 89 -8.38 25.63 96.99
CA PHE Y 89 -9.70 25.50 97.59
C PHE Y 89 -9.91 24.13 98.22
N PHE Y 90 -9.47 23.07 97.56
CA PHE Y 90 -9.61 21.75 98.13
C PHE Y 90 -8.61 21.48 99.24
N TYR Y 91 -7.55 22.28 99.36
CA TYR Y 91 -6.73 22.17 100.56
C TYR Y 91 -7.39 22.87 101.73
N ALA Y 92 -8.04 24.01 101.48
CA ALA Y 92 -8.75 24.70 102.57
C ALA Y 92 -9.95 23.89 103.03
N ILE Y 93 -10.54 23.10 102.14
CA ILE Y 93 -11.60 22.18 102.54
C ILE Y 93 -11.04 21.08 103.45
N ASN Y 94 -9.88 20.53 103.10
CA ASN Y 94 -9.26 19.47 103.87
C ASN Y 94 -8.26 20.01 104.86
N TYR Y 95 -8.55 21.17 105.45
CA TYR Y 95 -7.62 21.84 106.36
C TYR Y 95 -7.28 20.94 107.54
N GLY Y 96 -8.30 20.32 108.14
CA GLY Y 96 -8.05 19.46 109.28
C GLY Y 96 -7.32 18.18 108.93
N LYS Y 97 -7.64 17.60 107.76
CA LYS Y 97 -7.04 16.34 107.35
C LYS Y 97 -5.55 16.47 107.06
N MET Y 98 -5.09 17.67 106.72
CA MET Y 98 -3.67 17.90 106.49
C MET Y 98 -2.97 18.47 107.72
N VAL Y 99 -3.67 19.27 108.53
CA VAL Y 99 -3.08 19.80 109.75
C VAL Y 99 -2.82 18.68 110.75
N ALA Y 100 -3.72 17.69 110.82
CA ALA Y 100 -3.56 16.61 111.78
C ALA Y 100 -2.40 15.67 111.46
N HIS Y 101 -1.62 15.92 110.42
CA HIS Y 101 -0.44 15.13 110.09
C HIS Y 101 0.77 16.04 109.90
N ARG Y 102 0.94 16.97 110.83
CA ARG Y 102 2.07 17.91 110.79
C ARG Y 102 3.36 17.21 111.17
N GLN Y 103 4.47 17.89 110.87
CA GLN Y 103 5.81 17.40 111.20
C GLN Y 103 6.34 17.98 112.50
N ARG Y 104 6.08 19.26 112.76
CA ARG Y 104 6.55 19.92 113.97
C ARG Y 104 5.38 20.16 114.92
N LYS Y 105 5.72 20.38 116.20
CA LYS Y 105 4.72 20.52 117.24
C LYS Y 105 4.42 21.98 117.57
N TYR Y 106 5.43 22.75 117.94
CA TYR Y 106 5.19 24.09 118.48
C TYR Y 106 4.93 25.11 117.39
N HIS Y 107 5.92 25.32 116.51
CA HIS Y 107 5.91 26.26 115.37
C HIS Y 107 5.23 27.61 115.61
N LEU Z 27 18.59 37.00 85.78
CA LEU Z 27 18.35 37.10 87.22
C LEU Z 27 19.24 38.16 87.83
N ALA Z 28 20.17 38.68 87.03
CA ALA Z 28 21.07 39.73 87.50
C ALA Z 28 20.31 41.03 87.77
N THR Z 29 19.31 41.33 86.94
CA THR Z 29 18.47 42.51 87.17
C THR Z 29 17.65 42.37 88.42
N PHE Z 30 17.21 41.15 88.75
CA PHE Z 30 16.54 40.90 90.03
C PHE Z 30 17.48 41.19 91.19
N LEU Z 31 18.75 40.80 91.06
CA LEU Z 31 19.74 41.13 92.08
C LEU Z 31 19.97 42.64 92.16
N LYS Z 32 19.92 43.32 91.02
CA LYS Z 32 20.04 44.78 91.00
C LYS Z 32 18.86 45.43 91.71
N TYR Z 33 17.65 44.95 91.46
CA TYR Z 33 16.48 45.47 92.15
C TYR Z 33 16.52 45.14 93.63
N ALA Z 34 17.07 43.98 93.99
CA ALA Z 34 17.22 43.63 95.40
C ALA Z 34 18.17 44.58 96.11
N LYS Z 35 19.26 44.96 95.43
CA LYS Z 35 20.17 45.96 96.00
C LYS Z 35 19.50 47.31 96.15
N VAL Z 36 18.70 47.71 95.15
CA VAL Z 36 18.06 49.02 95.20
C VAL Z 36 16.95 49.06 96.24
N GLU Z 37 16.14 48.01 96.33
CA GLU Z 37 14.88 48.06 97.06
C GLU Z 37 14.88 47.31 98.38
N LEU Z 38 15.69 46.27 98.55
CA LEU Z 38 15.71 45.49 99.78
C LEU Z 38 16.86 45.89 100.70
N THR Z 39 17.20 47.17 100.73
CA THR Z 39 18.24 47.74 101.55
C THR Z 39 17.63 48.54 102.71
N PRO Z 40 18.31 48.61 103.85
CA PRO Z 40 17.79 49.38 104.99
C PRO Z 40 17.70 50.87 104.67
N PRO Z 41 16.83 51.60 105.36
CA PRO Z 41 16.63 53.01 105.02
C PRO Z 41 17.83 53.88 105.40
N GLY Z 42 17.83 55.08 104.84
CA GLY Z 42 18.86 56.05 105.12
C GLY Z 42 18.80 56.56 106.54
N PRO Z 43 19.97 56.82 107.14
CA PRO Z 43 20.00 57.29 108.53
C PRO Z 43 19.46 58.69 108.71
N ALA Z 44 19.39 59.50 107.65
CA ALA Z 44 18.98 60.89 107.76
C ALA Z 44 17.48 61.09 107.64
N ASP Z 45 16.72 60.06 107.30
CA ASP Z 45 15.27 60.19 107.15
C ASP Z 45 14.52 59.85 108.42
N VAL Z 46 15.22 59.63 109.54
CA VAL Z 46 14.54 59.35 110.80
C VAL Z 46 13.66 60.50 111.28
N PRO Z 47 14.08 61.78 111.24
CA PRO Z 47 13.11 62.84 111.53
C PRO Z 47 11.98 62.93 110.51
N LYS Z 48 12.22 62.52 109.27
CA LYS Z 48 11.18 62.57 108.24
C LYS Z 48 10.09 61.55 108.51
N ILE Z 49 10.48 60.30 108.80
CA ILE Z 49 9.50 59.23 108.94
C ILE Z 49 8.66 59.42 110.19
N GLN Z 50 9.23 60.00 111.25
CA GLN Z 50 8.43 60.35 112.42
C GLN Z 50 7.38 61.38 112.07
N GLU Z 51 7.74 62.35 111.22
CA GLU Z 51 6.75 63.29 110.70
C GLU Z 51 5.71 62.56 109.87
N GLY Z 52 6.11 61.49 109.18
CA GLY Z 52 5.14 60.61 108.55
C GLY Z 52 4.36 59.80 109.57
N ILE Z 53 5.04 59.31 110.61
CA ILE Z 53 4.37 58.45 111.59
C ILE Z 53 3.33 59.25 112.38
N GLN Z 54 3.70 60.47 112.79
CA GLN Z 54 2.73 61.33 113.45
C GLN Z 54 1.60 61.74 112.51
N ASN Z 55 1.90 61.79 111.19
CA ASN Z 55 0.84 62.02 110.22
C ASN Z 55 -0.13 60.84 110.19
N LEU Z 56 0.39 59.62 110.37
CA LEU Z 56 -0.48 58.47 110.55
C LEU Z 56 -1.29 58.61 111.84
N ILE Z 57 -0.67 59.16 112.88
CA ILE Z 57 -1.43 59.49 114.09
C ILE Z 57 -2.45 60.57 113.79
N HIS Z 58 -2.07 61.53 112.94
CA HIS Z 58 -3.02 62.52 112.45
C HIS Z 58 -4.08 61.89 111.57
N SER Z 59 -3.78 60.74 110.97
CA SER Z 59 -4.77 59.94 110.26
C SER Z 59 -5.45 58.92 111.16
N ALA Z 60 -5.00 58.77 112.40
CA ALA Z 60 -5.64 57.85 113.33
C ALA Z 60 -6.69 58.53 114.20
N LYS Z 61 -6.80 59.85 114.14
CA LYS Z 61 -7.73 60.60 114.98
C LYS Z 61 -8.74 61.41 114.19
N THR Z 62 -8.33 62.03 113.09
CA THR Z 62 -9.18 62.96 112.35
C THR Z 62 -9.82 62.33 111.12
N GLY Z 63 -9.02 61.74 110.24
CA GLY Z 63 -9.54 61.21 109.00
C GLY Z 63 -8.47 60.55 108.15
N LYS Z 64 -8.45 60.88 106.87
CA LYS Z 64 -7.47 60.39 105.88
C LYS Z 64 -7.51 58.88 105.69
N TRP Z 65 -8.57 58.22 106.17
CA TRP Z 65 -8.77 56.79 105.94
C TRP Z 65 -10.18 56.45 105.50
N LYS Z 66 -11.16 57.29 105.79
CA LYS Z 66 -12.51 57.15 105.25
C LYS Z 66 -12.65 57.90 103.94
N GLN Z 67 -11.53 58.38 103.42
CA GLN Z 67 -11.36 59.00 102.11
C GLN Z 67 -10.40 58.16 101.28
N VAL Z 68 -10.39 56.83 101.49
CA VAL Z 68 -9.44 55.89 100.88
C VAL Z 68 -10.20 54.90 99.98
N SER Z 69 -9.95 54.97 98.67
CA SER Z 69 -10.55 54.03 97.70
C SER Z 69 -10.27 52.59 98.10
N VAL Z 70 -11.23 51.67 97.94
CA VAL Z 70 -10.94 50.30 98.43
C VAL Z 70 -9.78 49.66 97.68
N ARG Z 71 -9.51 50.06 96.42
CA ARG Z 71 -8.33 49.52 95.75
C ARG Z 71 -7.09 49.94 96.51
N GLU Z 72 -6.97 51.24 96.78
CA GLU Z 72 -5.88 51.76 97.58
C GLU Z 72 -5.87 51.12 98.96
N ALA Z 73 -7.04 51.07 99.63
CA ALA Z 73 -7.10 50.44 100.95
C ALA Z 73 -6.67 48.99 100.91
N TRP Z 74 -7.13 48.25 99.89
CA TRP Z 74 -6.74 46.88 99.68
C TRP Z 74 -5.26 46.76 99.70
N LEU Z 75 -4.63 47.57 98.85
CA LEU Z 75 -3.18 47.64 98.69
C LEU Z 75 -2.48 48.03 99.98
N ASN Z 76 -2.97 49.05 100.69
CA ASN Z 76 -2.27 49.44 101.90
C ASN Z 76 -2.24 48.25 102.85
N THR Z 77 -3.37 47.55 103.01
CA THR Z 77 -3.38 46.30 103.78
C THR Z 77 -2.41 45.29 103.24
N LEU Z 78 -2.40 45.11 101.92
CA LEU Z 78 -1.52 44.15 101.29
C LEU Z 78 -0.07 44.41 101.66
N ILE Z 79 0.37 45.67 101.46
CA ILE Z 79 1.71 46.12 101.84
C ILE Z 79 2.01 45.72 103.27
N VAL Z 80 1.10 46.06 104.18
CA VAL Z 80 1.35 45.78 105.60
C VAL Z 80 1.57 44.28 105.83
N THR Z 81 0.69 43.42 105.28
CA THR Z 81 0.90 41.97 105.31
C THR Z 81 2.29 41.57 104.86
N GLU Z 82 2.86 42.32 103.92
CA GLU Z 82 4.25 42.08 103.51
C GLU Z 82 5.23 42.39 104.64
N ILE Z 83 4.99 43.48 105.38
CA ILE Z 83 5.84 43.80 106.53
C ILE Z 83 5.76 42.71 107.58
N ALA Z 84 4.55 42.23 107.86
CA ALA Z 84 4.38 41.14 108.82
C ALA Z 84 5.01 39.84 108.33
N MET Z 85 5.01 39.62 107.03
CA MET Z 85 5.69 38.43 106.50
C MET Z 85 7.21 38.57 106.58
N TRP Z 86 7.73 39.79 106.47
CA TRP Z 86 9.15 40.01 106.74
C TRP Z 86 9.47 39.76 108.19
N PHE Z 87 8.53 40.07 109.09
CA PHE Z 87 8.71 39.76 110.50
C PHE Z 87 8.80 38.25 110.73
N PHE Z 88 7.97 37.48 110.04
CA PHE Z 88 8.03 36.03 110.21
C PHE Z 88 9.23 35.42 109.51
N VAL Z 89 9.72 36.04 108.44
CA VAL Z 89 10.99 35.62 107.85
C VAL Z 89 12.12 35.85 108.84
N GLY Z 90 12.12 37.01 109.50
CA GLY Z 90 13.10 37.26 110.55
C GLY Z 90 12.97 36.31 111.72
N GLU Z 91 11.75 35.90 112.03
CA GLU Z 91 11.57 34.87 113.05
C GLU Z 91 12.14 33.54 112.59
N CYS Z 92 12.03 33.23 111.30
CA CYS Z 92 12.66 32.02 110.77
C CYS Z 92 14.18 32.12 110.83
N ILE Z 93 14.71 33.31 110.56
CA ILE Z 93 16.15 33.53 110.66
C ILE Z 93 16.62 33.35 112.10
N GLY Z 94 15.89 33.92 113.04
CA GLY Z 94 16.26 33.81 114.45
C GLY Z 94 16.15 32.41 114.99
N LYS Z 95 15.15 31.65 114.53
CA LYS Z 95 14.99 30.28 114.99
C LYS Z 95 15.74 29.27 114.15
N GLY Z 96 16.40 29.71 113.08
CA GLY Z 96 17.16 28.79 112.25
C GLY Z 96 16.34 28.15 111.15
N SER Z 97 15.86 26.93 111.39
CA SER Z 97 15.12 26.19 110.39
C SER Z 97 13.76 26.83 110.12
N VAL Z 98 13.22 26.53 108.94
CA VAL Z 98 11.96 27.14 108.52
C VAL Z 98 10.77 26.39 109.09
N ILE Z 99 10.76 25.06 108.93
CA ILE Z 99 9.61 24.25 109.32
C ILE Z 99 9.63 24.10 110.84
N GLY Z 100 8.88 24.94 111.53
CA GLY Z 100 8.76 24.81 112.96
C GLY Z 100 10.01 25.25 113.70
N TYR Z 101 10.03 24.94 115.00
CA TYR Z 101 11.14 25.26 115.88
C TYR Z 101 12.08 24.10 116.08
N ARG Z 102 12.06 23.13 115.16
CA ARG Z 102 12.96 21.97 115.16
C ARG Z 102 12.91 21.16 116.45
N PHE AA 3 12.01 44.85 82.68
CA PHE AA 3 10.79 45.29 83.34
C PHE AA 3 10.74 46.81 83.43
N ALA AA 4 9.92 47.30 84.36
CA ALA AA 4 9.79 48.72 84.61
C ALA AA 4 11.04 49.25 85.31
N PRO AA 5 11.30 50.55 85.24
CA PRO AA 5 12.42 51.12 85.99
C PRO AA 5 12.19 50.96 87.48
N PRO AA 6 13.25 50.77 88.25
CA PRO AA 6 13.09 50.52 89.69
C PRO AA 6 12.57 51.73 90.43
N VAL AA 7 11.87 51.46 91.53
CA VAL AA 7 11.26 52.49 92.37
C VAL AA 7 11.82 52.34 93.77
N ASN AA 8 12.35 53.44 94.31
CA ASN AA 8 12.77 53.44 95.70
C ASN AA 8 11.54 53.38 96.61
N VAL AA 9 11.56 52.45 97.56
CA VAL AA 9 10.43 52.27 98.45
C VAL AA 9 10.33 53.47 99.40
N SER AA 10 9.14 53.64 99.97
CA SER AA 10 8.95 54.69 100.95
C SER AA 10 9.80 54.42 102.17
N PRO AA 11 10.43 55.45 102.75
CA PRO AA 11 11.31 55.24 103.91
C PRO AA 11 10.59 54.66 105.11
N LEU AA 12 9.32 55.02 105.32
CA LEU AA 12 8.53 54.43 106.40
C LEU AA 12 8.33 52.94 106.17
N ILE AA 13 8.09 52.53 104.92
CA ILE AA 13 7.92 51.11 104.62
C ILE AA 13 9.21 50.35 104.89
N ARG AA 14 10.35 50.89 104.46
CA ARG AA 14 11.62 50.22 104.69
C ARG AA 14 11.96 50.15 106.17
N ALA AA 15 11.69 51.24 106.90
CA ALA AA 15 12.00 51.26 108.33
C ALA AA 15 11.13 50.27 109.09
N GLY AA 16 9.84 50.22 108.78
CA GLY AA 16 8.97 49.26 109.43
C GLY AA 16 9.29 47.83 109.06
N ARG AA 17 9.69 47.59 107.81
CA ARG AA 17 10.02 46.24 107.36
C ARG AA 17 11.26 45.72 108.05
N TYR AA 18 12.32 46.52 108.10
CA TYR AA 18 13.53 46.07 108.78
C TYR AA 18 13.39 46.10 110.29
N GLY AA 19 12.55 46.99 110.83
CA GLY AA 19 12.23 46.92 112.24
C GLY AA 19 11.50 45.65 112.61
N ALA AA 20 10.57 45.23 111.76
CA ALA AA 20 9.89 43.95 111.95
C ALA AA 20 10.84 42.78 111.77
N LEU AA 21 11.82 42.91 110.88
CA LEU AA 21 12.81 41.86 110.71
C LEU AA 21 13.66 41.69 111.97
N VAL AA 22 14.09 42.80 112.56
CA VAL AA 22 14.90 42.76 113.78
C VAL AA 22 14.09 42.21 114.95
N VAL AA 23 12.85 42.69 115.09
CA VAL AA 23 11.95 42.20 116.14
C VAL AA 23 11.70 40.71 115.96
N GLY AA 24 11.59 40.26 114.70
CA GLY AA 24 11.40 38.85 114.45
C GLY AA 24 12.59 38.01 114.86
N ILE AA 25 13.80 38.52 114.61
CA ILE AA 25 15.00 37.77 114.98
C ILE AA 25 15.12 37.61 116.49
N VAL AA 26 14.90 38.71 117.22
CA VAL AA 26 15.02 38.63 118.68
C VAL AA 26 13.86 37.86 119.30
N TYR AA 27 12.66 37.93 118.71
CA TYR AA 27 11.54 37.16 119.23
C TYR AA 27 11.71 35.68 118.94
N GLY AA 28 12.29 35.34 117.78
CA GLY AA 28 12.55 33.95 117.48
C GLY AA 28 13.62 33.36 118.38
N SER AA 29 14.67 34.15 118.67
CA SER AA 29 15.69 33.68 119.60
C SER AA 29 15.14 33.50 121.01
N TYR AA 30 14.31 34.45 121.47
CA TYR AA 30 13.75 34.35 122.80
C TYR AA 30 12.79 33.18 122.93
N ARG AA 31 11.93 32.96 121.92
CA ARG AA 31 10.97 31.87 122.01
C ARG AA 31 11.63 30.51 121.87
N PHE AA 32 12.66 30.41 121.02
CA PHE AA 32 13.40 29.15 120.90
C PHE AA 32 14.14 28.82 122.19
N GLY AA 33 14.76 29.83 122.83
CA GLY AA 33 15.37 29.60 124.12
C GLY AA 33 14.36 29.26 125.19
N SER AA 34 13.16 29.83 125.11
CA SER AA 34 12.12 29.50 126.09
C SER AA 34 11.61 28.08 125.91
N LEU AA 35 11.32 27.68 124.68
CA LEU AA 35 10.73 26.37 124.45
C LEU AA 35 11.75 25.25 124.49
N GLN AA 36 13.05 25.57 124.41
CA GLN AA 36 14.06 24.51 124.54
C GLN AA 36 14.04 23.89 125.93
N LYS AA 37 13.91 24.73 126.96
CA LYS AA 37 13.80 24.20 128.32
C LYS AA 37 12.52 23.40 128.51
N ARG AA 38 11.42 23.87 127.92
CA ARG AA 38 10.15 23.15 127.99
C ARG AA 38 10.25 21.79 127.30
N GLU AA 39 10.91 21.74 126.15
CA GLU AA 39 11.11 20.47 125.45
C GLU AA 39 12.03 19.55 126.25
N ASN AA 40 13.05 20.12 126.91
CA ASN AA 40 13.93 19.32 127.74
C ASN AA 40 13.19 18.73 128.93
N GLU AA 41 12.34 19.53 129.59
CA GLU AA 41 11.55 19.03 130.69
C GLU AA 41 10.55 17.97 130.24
N TRP AA 42 9.94 18.20 129.06
CA TRP AA 42 9.01 17.21 128.50
C TRP AA 42 9.72 15.90 128.20
N ARG AA 43 10.95 15.97 127.66
CA ARG AA 43 11.71 14.77 127.40
C ARG AA 43 12.13 14.08 128.70
N VAL AA 44 12.40 14.86 129.75
CA VAL AA 44 12.79 14.29 131.04
C VAL AA 44 11.65 13.45 131.61
N GLU AA 45 10.43 14.01 131.61
CA GLU AA 45 9.29 13.25 132.14
C GLU AA 45 8.87 12.13 131.18
N GLU AA 46 9.04 12.34 129.87
CA GLU AA 46 8.64 11.31 128.91
C GLU AA 46 9.57 10.12 128.93
N ALA AA 47 10.83 10.31 129.36
CA ALA AA 47 11.73 9.18 129.49
C ALA AA 47 11.24 8.21 130.56
N ARG AA 48 10.84 8.74 131.72
CA ARG AA 48 10.27 7.89 132.77
C ARG AA 48 8.94 7.29 132.34
N ARG AA 49 8.11 8.10 131.66
CA ARG AA 49 6.83 7.57 131.17
C ARG AA 49 7.04 6.49 130.12
N LYS AA 50 8.05 6.65 129.26
CA LYS AA 50 8.37 5.63 128.28
C LYS AA 50 8.84 4.35 128.94
N VAL AA 51 9.66 4.48 129.99
CA VAL AA 51 10.18 3.30 130.69
C VAL AA 51 9.04 2.52 131.34
N ILE AA 52 8.15 3.23 132.04
CA ILE AA 52 7.01 2.58 132.69
C ILE AA 52 6.07 1.95 131.66
N ARG AA 53 5.77 2.70 130.59
CA ARG AA 53 4.90 2.17 129.54
C ARG AA 53 5.53 0.98 128.84
N ASP AA 54 6.84 1.03 128.57
CA ASP AA 54 7.52 -0.07 127.90
C ASP AA 54 7.52 -1.32 128.76
N ALA AA 55 7.75 -1.18 130.07
CA ALA AA 55 7.76 -2.34 130.96
C ALA AA 55 6.38 -2.97 131.06
N LEU AA 56 5.35 -2.15 131.26
CA LEU AA 56 3.99 -2.69 131.39
C LEU AA 56 3.50 -3.28 130.07
N ASN AA 57 3.77 -2.60 128.95
CA ASN AA 57 3.30 -3.09 127.66
C ASN AA 57 4.04 -4.35 127.24
N ALA AA 58 5.34 -4.45 127.54
CA ALA AA 58 6.08 -5.66 127.19
C ALA AA 58 5.61 -6.85 128.01
N GLU AA 59 5.32 -6.63 129.30
CA GLU AA 59 4.78 -7.72 130.11
C GLU AA 59 3.40 -8.16 129.61
N ASN AA 60 2.54 -7.19 129.28
CA ASN AA 60 1.21 -7.50 128.78
C ASN AA 60 1.28 -8.18 127.41
N LYS AA 61 2.17 -7.70 126.54
CA LYS AA 61 2.35 -8.30 125.22
C LYS AA 61 2.88 -9.72 125.33
N ALA AA 62 3.84 -9.96 126.23
CA ALA AA 62 4.40 -11.30 126.38
C ALA AA 62 3.36 -12.28 126.91
N LYS AA 63 2.56 -11.86 127.90
CA LYS AA 63 1.53 -12.76 128.42
C LYS AA 63 0.43 -13.00 127.38
N ALA AA 64 0.04 -11.97 126.63
CA ALA AA 64 -0.96 -12.13 125.58
C ALA AA 64 -0.44 -13.00 124.45
N THR AA 65 0.84 -12.88 124.13
CA THR AA 65 1.45 -13.74 123.11
C THR AA 65 1.48 -15.19 123.58
N ARG AA 66 1.79 -15.42 124.86
CA ARG AA 66 1.77 -16.78 125.39
C ARG AA 66 0.38 -17.39 125.35
N GLU AA 67 -0.63 -16.60 125.73
CA GLU AA 67 -2.01 -17.11 125.70
C GLU AA 67 -2.48 -17.36 124.28
N GLU AA 68 -2.10 -16.48 123.34
CA GLU AA 68 -2.50 -16.65 121.95
C GLU AA 68 -1.85 -17.88 121.33
N MET AA 69 -0.57 -18.12 121.62
CA MET AA 69 0.10 -19.30 121.10
C MET AA 69 -0.49 -20.58 121.70
N LEU AA 70 -0.87 -20.53 122.98
CA LEU AA 70 -1.54 -21.68 123.58
C LEU AA 70 -2.92 -21.93 122.97
N TYR AA 71 -3.64 -20.86 122.66
CA TYR AA 71 -4.95 -21.01 122.03
C TYR AA 71 -4.83 -21.56 120.61
N LEU AA 72 -3.83 -21.10 119.86
CA LEU AA 72 -3.64 -21.61 118.50
C LEU AA 72 -3.13 -23.04 118.49
N ALA AA 73 -2.31 -23.41 119.48
CA ALA AA 73 -1.92 -24.81 119.59
C ALA AA 73 -3.11 -25.69 119.96
N LYS AA 74 -4.04 -25.15 120.76
CA LYS AA 74 -5.27 -25.87 121.06
C LYS AA 74 -6.13 -26.05 119.81
N GLU AA 75 -6.22 -25.01 118.98
CA GLU AA 75 -7.00 -25.10 117.75
C GLU AA 75 -6.39 -26.10 116.78
N THR AA 76 -5.07 -26.06 116.62
CA THR AA 76 -4.40 -26.95 115.68
C THR AA 76 -4.23 -28.37 116.23
N GLY AA 77 -4.32 -28.54 117.54
CA GLY AA 77 -4.18 -29.86 118.14
C GLY AA 77 -2.75 -30.34 118.33
N VAL AA 78 -1.76 -29.53 118.00
CA VAL AA 78 -0.38 -29.93 118.19
C VAL AA 78 0.07 -29.64 119.61
PG ATP BA . -13.50 15.84 -26.76
O1G ATP BA . -14.79 15.06 -26.78
O2G ATP BA . -13.46 16.97 -27.74
O3G ATP BA . -12.31 14.93 -26.76
PB ATP BA . -12.71 17.90 -24.92
O1B ATP BA . -11.32 17.54 -24.59
O2B ATP BA . -12.92 18.90 -26.00
O3B ATP BA . -13.46 16.56 -25.31
PA ATP BA . -14.85 19.16 -23.41
O1A ATP BA . -15.87 18.57 -24.29
O2A ATP BA . -14.61 20.61 -23.48
O3A ATP BA . -13.48 18.35 -23.58
O5' ATP BA . -15.22 18.81 -21.89
C5' ATP BA . -15.74 17.52 -21.53
C4' ATP BA . -16.76 17.64 -20.43
O4' ATP BA . -16.17 18.31 -19.28
C3' ATP BA . -18.03 18.42 -20.75
O3' ATP BA . -19.19 17.77 -20.27
C2' ATP BA . -17.79 19.78 -20.12
O2' ATP BA . -19.02 20.33 -19.68
C1' ATP BA . -16.98 19.39 -18.89
N9 ATP BA . -16.13 20.48 -18.39
C8 ATP BA . -14.97 20.97 -18.95
N7 ATP BA . -14.44 21.95 -18.28
C5 ATP BA . -15.28 22.13 -17.20
C6 ATP BA . -15.26 23.01 -16.11
N6 ATP BA . -14.31 23.93 -15.92
N1 ATP BA . -16.26 22.91 -15.20
C2 ATP BA . -17.21 21.99 -15.39
N3 ATP BA . -17.34 21.10 -16.37
C4 ATP BA . -16.32 21.22 -17.25
MG MG CA . -13.21 18.96 -27.78
PG ATP DA . 32.70 5.21 -31.82
O1G ATP DA . 32.68 6.67 -31.45
O2G ATP DA . 33.77 4.88 -32.81
O3G ATP DA . 31.35 4.67 -32.19
PB ATP DA . 34.24 3.26 -30.31
O1B ATP DA . 33.61 1.93 -30.31
O2B ATP DA . 35.32 3.52 -31.28
O3B ATP DA . 33.13 4.40 -30.49
PA ATP DA . 36.17 4.33 -28.43
O1A ATP DA . 36.28 5.58 -29.23
O2A ATP DA . 37.31 3.39 -28.49
O3A ATP DA . 34.83 3.58 -28.84
O5' ATP DA . 35.90 4.74 -26.90
C5' ATP DA . 35.20 5.96 -26.63
C4' ATP DA . 35.79 6.68 -25.44
O4' ATP DA . 36.07 5.75 -24.37
C3' ATP DA . 37.10 7.44 -25.69
O3' ATP DA . 37.14 8.67 -25.01
C2' ATP DA . 38.15 6.45 -25.20
O2' ATP DA . 39.27 7.17 -24.72
C1' ATP DA . 37.42 5.83 -24.01
N9 ATP DA . 37.90 4.47 -23.69
C8 ATP DA . 37.84 3.35 -24.46
N7 ATP DA . 38.35 2.29 -23.90
C5 ATP DA . 38.79 2.75 -22.67
C6 ATP DA . 39.43 2.11 -21.59
N6 ATP DA . 39.75 0.81 -21.58
N1 ATP DA . 39.73 2.86 -20.50
C2 ATP DA . 39.41 4.15 -20.51
N3 ATP DA . 38.80 4.87 -21.45
C4 ATP DA . 38.52 4.09 -22.52
MG MG EA . 35.33 3.79 -33.05
PG ATP FA . 2.41 -32.73 -33.92
O1G ATP FA . 3.74 -33.40 -34.11
O2G ATP FA . 1.36 -33.24 -34.88
O3G ATP FA . 2.46 -31.24 -33.82
PB ATP FA . 0.39 -33.27 -31.92
O1B ATP FA . 0.02 -31.92 -31.47
O2B ATP FA . -0.42 -33.90 -32.99
O3B ATP FA . 1.89 -33.26 -32.48
PA ATP FA . 0.50 -35.85 -30.61
O1A ATP FA . 1.33 -36.32 -31.75
O2A ATP FA . -0.86 -36.40 -30.50
O3A ATP FA . 0.47 -34.25 -30.65
O5' ATP FA . 1.28 -36.08 -29.22
C5' ATP FA . 2.70 -36.20 -29.21
C4' ATP FA . 3.15 -37.38 -28.41
O4' ATP FA . 2.48 -37.39 -27.12
C3' ATP FA . 2.90 -38.76 -29.02
O3' ATP FA . 3.99 -39.63 -28.84
C2' ATP FA . 1.63 -39.22 -28.32
O2' ATP FA . 1.63 -40.63 -28.19
C1' ATP FA . 1.83 -38.62 -26.93
N9 ATP FA . 0.55 -38.36 -26.23
C8 ATP FA . -0.43 -37.46 -26.57
N7 ATP FA . -1.45 -37.46 -25.75
C5 ATP FA . -1.12 -38.41 -24.81
C6 ATP FA . -1.79 -38.89 -23.66
N6 ATP FA . -2.98 -38.43 -23.27
N1 ATP FA . -1.19 -39.84 -22.93
C2 ATP FA . 0.01 -40.29 -23.33
N3 ATP FA . 0.74 -39.93 -24.38
C4 ATP FA . 0.11 -38.98 -25.09
MG MG GA . -0.39 -34.14 -34.82
PG ATP HA . 13.02 23.73 -28.92
O1G ATP HA . 11.51 23.60 -28.89
O2G ATP HA . 13.52 25.02 -29.52
O3G ATP HA . 13.69 22.50 -29.46
PB ATP HA . 14.85 24.01 -26.70
O1B ATP HA . 15.49 22.70 -26.43
O2B ATP HA . 15.60 25.00 -27.51
O3B ATP HA . 13.42 23.79 -27.35
PA ATP HA . 14.48 26.22 -24.87
O1A ATP HA . 13.48 26.97 -25.67
O2A ATP HA . 15.88 26.71 -24.88
O3A ATP HA . 14.44 24.69 -25.29
O5' ATP HA . 13.99 26.15 -23.34
C5' ATP HA . 12.83 25.39 -22.98
C4' ATP HA . 12.38 25.80 -21.60
O4' ATP HA . 13.06 24.98 -20.61
C3' ATP HA . 12.69 27.22 -21.19
O3' ATP HA . 11.76 28.14 -21.72
C2' ATP HA . 12.69 27.13 -19.67
O2' ATP HA . 11.35 27.08 -19.20
C1' ATP HA . 13.32 25.76 -19.45
N9 ATP HA . 14.78 25.81 -19.26
C8 ATP HA . 15.76 25.33 -20.09
N7 ATP HA . 16.97 25.53 -19.65
C5 ATP HA . 16.79 26.17 -18.44
C6 ATP HA . 17.69 26.66 -17.47
N6 ATP HA . 19.01 26.55 -17.59
N1 ATP HA . 17.18 27.25 -16.37
C2 ATP HA . 15.85 27.36 -16.27
N3 ATP HA . 14.90 26.94 -17.11
C4 ATP HA . 15.45 26.36 -18.19
MG MG IA . 15.26 26.23 -29.12
C1 CDL JA . 4.29 28.96 75.91
O1 CDL JA . 5.00 27.71 76.03
CA2 CDL JA . 4.96 30.03 76.72
OA2 CDL JA . 5.41 29.51 77.99
PA1 CDL JA . 6.91 29.08 78.21
OA3 CDL JA . 7.78 30.33 78.10
OA4 CDL JA . 7.28 27.98 77.29
OA5 CDL JA . 6.87 28.61 79.72
CA3 CDL JA . 5.83 29.05 80.62
CA4 CDL JA . 6.01 28.33 81.92
OA6 CDL JA . 7.34 28.65 82.44
CA5 CDL JA . 7.45 29.70 83.27
OA7 CDL JA . 7.32 30.84 82.92
C11 CDL JA . 7.74 29.26 84.67
C12 CDL JA . 6.50 29.10 85.54
C13 CDL JA . 6.03 27.66 85.65
C14 CDL JA . 4.54 27.50 85.77
C15 CDL JA . 4.02 27.47 87.20
C16 CDL JA . 4.42 26.23 87.97
C17 CDL JA . 3.52 25.94 89.16
C18 CDL JA . 4.23 25.30 90.34
C19 CDL JA . 3.44 25.33 91.62
C20 CDL JA . 2.86 26.69 91.98
C21 CDL JA . 2.54 26.87 93.44
CA6 CDL JA . 5.94 26.84 81.75
OA8 CDL JA . 4.95 26.32 82.66
CA7 CDL JA . 3.75 26.03 82.15
OA9 CDL JA . 3.10 26.80 81.49
C31 CDL JA . 3.35 24.63 82.48
C32 CDL JA . 3.12 24.38 83.96
C33 CDL JA . 1.98 23.40 84.21
C34 CDL JA . 2.00 22.71 85.55
C35 CDL JA . 1.05 23.29 86.57
C36 CDL JA . 0.79 22.36 87.75
C37 CDL JA . 0.21 23.06 88.95
C38 CDL JA . -0.10 22.15 90.12
C39 CDL JA . 0.08 22.82 91.46
C40 CDL JA . -0.74 22.22 92.58
C41 CDL JA . -0.43 22.80 93.94
CB2 CDL JA . 2.83 28.74 76.25
OB2 CDL JA . 2.07 28.86 75.05
PB2 CDL JA . 0.69 29.63 75.03
OB3 CDL JA . 0.55 30.28 76.39
OB4 CDL JA . 0.58 30.53 73.87
OB5 CDL JA . -0.32 28.43 74.90
CB3 CDL JA . 0.10 27.15 74.41
CB4 CDL JA . -0.99 26.16 74.70
OB6 CDL JA . -0.38 24.84 74.65
CB5 CDL JA . -0.82 23.94 75.55
OB7 CDL JA . -1.61 24.19 76.41
C51 CDL JA . -0.20 22.60 75.32
C52 CDL JA . -0.64 21.57 76.35
C53 CDL JA . -1.99 20.96 76.05
C54 CDL JA . -3.05 21.22 77.11
C55 CDL JA . -2.95 20.32 78.33
C56 CDL JA . -4.15 20.36 79.24
C57 CDL JA . -3.84 20.67 80.69
C58 CDL JA . -4.98 20.41 81.65
C59 CDL JA . -6.31 20.94 81.17
C60 CDL JA . -7.47 20.64 82.10
C61 CDL JA . -7.98 19.21 82.08
C62 CDL JA . -8.44 18.74 80.72
C63 CDL JA . -8.68 17.25 80.62
C64 CDL JA . -8.20 16.63 79.33
C65 CDL JA . -6.69 16.47 79.26
C66 CDL JA . -6.16 16.15 77.87
C67 CDL JA . -6.83 14.96 77.23
CB6 CDL JA . -2.08 26.21 73.66
OB8 CDL JA . -3.25 25.53 74.17
CB7 CDL JA . -4.27 26.28 74.58
OB9 CDL JA . -4.18 27.46 74.77
C71 CDL JA . -5.52 25.47 74.77
C72 CDL JA . -5.41 24.43 75.88
C73 CDL JA . -5.84 23.06 75.42
C74 CDL JA . -6.55 22.23 76.48
C75 CDL JA . -7.33 21.05 75.93
C76 CDL JA . -6.50 20.06 75.15
C77 CDL JA . -7.29 18.92 74.54
C78 CDL JA . -6.48 17.99 73.66
C79 CDL JA . -5.64 18.70 72.62
C80 CDL JA . -5.41 17.91 71.34
C81 CDL JA . -4.87 16.51 71.57
C1 CDL KA . -9.42 44.95 85.77
O1 CDL KA . -8.85 43.68 85.46
CA2 CDL KA . -8.93 45.49 87.10
OA2 CDL KA . -8.68 44.44 88.06
PA1 CDL KA . -7.25 43.80 88.20
OA3 CDL KA . -7.36 42.34 87.74
OA4 CDL KA . -6.29 44.63 87.45
OA5 CDL KA . -6.93 43.83 89.75
CA3 CDL KA . -5.66 43.35 90.26
CA4 CDL KA . -5.72 43.32 91.76
OA6 CDL KA . -4.54 42.57 92.21
CA5 CDL KA . -4.36 42.39 93.53
OA7 CDL KA . -4.36 43.29 94.33
C11 CDL KA . -4.15 40.95 93.87
C12 CDL KA . -3.07 40.72 94.92
C13 CDL KA . -3.36 39.54 95.82
C14 CDL KA . -2.13 38.93 96.48
C15 CDL KA . -1.13 38.33 95.52
C16 CDL KA . 0.23 38.99 95.55
C17 CDL KA . 1.17 38.58 94.43
C18 CDL KA . 1.59 37.13 94.48
C19 CDL KA . 2.89 36.85 93.75
C20 CDL KA . 3.53 35.52 94.10
C21 CDL KA . 4.81 35.23 93.36
C22 CDL KA . 5.87 34.57 94.21
CA6 CDL KA . -6.92 42.57 92.25
OA8 CDL KA . -8.09 43.46 92.33
CA7 CDL KA . -8.79 43.49 93.48
OA9 CDL KA . -9.14 44.51 94.01
C31 CDL KA . -9.08 42.11 94.01
C32 CDL KA . -10.09 41.31 93.20
C33 CDL KA . -9.55 39.98 92.73
C34 CDL KA . -10.33 39.35 91.59
C35 CDL KA . -10.29 37.85 91.59
C36 CDL KA . -11.29 37.20 92.51
C37 CDL KA . -11.27 35.69 92.49
C38 CDL KA . -9.91 35.07 92.68
C39 CDL KA . -9.94 33.57 92.93
C40 CDL KA . -8.63 33.02 93.46
C41 CDL KA . -8.46 31.53 93.25
C42 CDL KA . -7.23 30.94 93.92
CB2 CDL KA . -10.93 44.87 85.64
OB2 CDL KA . -11.33 43.51 85.82
PB2 CDL KA . -12.20 43.07 87.06
OB3 CDL KA . -11.45 43.47 88.33
OB4 CDL KA . -13.57 43.63 86.96
OB5 CDL KA . -12.18 41.50 86.92
CB3 CDL KA . -11.06 40.82 86.33
CB4 CDL KA . -11.32 39.34 86.44
OB6 CDL KA . -11.49 39.01 87.85
CB5 CDL KA . -12.75 38.81 88.29
OB7 CDL KA . -13.45 39.68 88.71
C51 CDL KA . -13.13 37.37 88.18
C52 CDL KA . -12.03 36.42 88.65
C53 CDL KA . -12.27 35.00 88.19
C54 CDL KA . -13.01 34.13 89.17
C55 CDL KA . -13.31 32.74 88.64
C56 CDL KA . -12.11 32.04 88.05
C57 CDL KA . -11.06 31.67 89.06
C58 CDL KA . -10.03 30.73 88.52
C59 CDL KA . -9.40 29.85 89.58
CB6 CDL KA . -10.14 38.53 85.95
OB8 CDL KA . -8.91 39.21 86.32
CB7 CDL KA . -8.27 38.75 87.41
OB9 CDL KA . -7.92 39.44 88.32
C71 CDL KA . -7.99 37.27 87.31
C72 CDL KA . -8.15 36.56 88.64
C73 CDL KA . -7.96 35.07 88.52
C74 CDL KA . -6.55 34.62 88.85
C75 CDL KA . -6.46 33.22 89.42
C76 CDL KA . -5.09 32.88 89.95
C77 CDL KA . -5.07 31.73 90.92
C78 CDL KA . -3.68 31.21 91.23
C79 CDL KA . -2.79 32.24 91.88
C80 CDL KA . -2.26 31.85 93.25
#